data_9IF4
#
_entry.id   9IF4
#
_cell.length_a   1.00
_cell.length_b   1.00
_cell.length_c   1.00
_cell.angle_alpha   90.00
_cell.angle_beta   90.00
_cell.angle_gamma   90.00
#
_symmetry.space_group_name_H-M   'P 1'
#
loop_
_entity.id
_entity.type
_entity.pdbx_description
1 polymer 'ATP-dependent Clp protease ATP-binding subunit ClpC1'
2 polymer 'ATP-dependent Clp protease proteolytic subunit 2'
3 polymer 'ATP-dependent Clp protease proteolytic subunit 1'
4 polymer 'activator Bz-Leu-Leu'
5 polymer 'Unknown peptide'
6 non-polymer "ADENOSINE-5'-DIPHOSPHATE"
7 non-polymer "ADENOSINE-5'-TRIPHOSPHATE"
#
loop_
_entity_poly.entity_id
_entity_poly.type
_entity_poly.pdbx_seq_one_letter_code
_entity_poly.pdbx_strand_id
1 'polypeptide(L)'
;SLVLDQFGRNLTAAAMEGKLDPVIGREKEIERVMQVLSRRTKNNPVLIGEPGVGKTAVVEGLAQAIVHGEVPETLKDKQL
YTLDLGSLVAGSRYRGDFEERLKKVLKEINTRGDIILFIDELHTLVGAGAAEGAIDAASILKPKLARGELQTIGATTLDE
YRKYIEKDAALERRFQPVQVGEPTVEHTIEILKGLRDRYEAHHRVSITDAAMVAAATLADRYINDRFLPDKAIDLIDEAG
ARMRIRRMTAPPDLREFDEKIAEARREKESAIDAQDFEKAASLRDREKTLVAQRAEREKQWRSGDLDVVAEVDDEQIAEV
LGNWTGIPVFKLTEAETTRLLRMEEELHKRIIGQEDAVKAVSKAIRRTRAGLKDPKRPSGSFIFAGPSGVGKTELSKALA
NFLFGDDDALIQIDMGEFHDRFTASRLFGAPPGYVGYEEGGQLTEKVRRKPFSVVLFDEIEKAHQEIYNSLLQVLEDGRL
TDGQGRTVDFKNTVLIFTSNLGTSDISKPVGLGFSKGGGENDYERMKQKVNDELKKHFRPEFLNRIDDIIVFHQLTREEI
IRMVDLMISRVAGQLKSKDMALVLTDAAKALLAKRGFDPVLGARPLRRTIQREIEDQLSEKILFEEVGPGQVVTVDVDNW
DGEGPGEDAVFTFTGTRK
;
A,B,C,D,E,F
2 'polypeptide(L)'
;ILPSFIEHSSFGVKESNPYNKLFEERIIFLGVQVDDASANDIMAQLLVLESLDPDRDITMYINSPGGGFTSLMAIYDTMQ
YVRADIQTVCLGQAASAAAVLLAAGTPGKRMALPNARVLIHQPSLSGVIQGQFSDLEIQAAEIERMRTLMETTLARHTGK
DAGVIRKDTDRDKILTAEEAKDYGIIDTVLEYRKLSAQTA
;
G,H,I,J,L,M,K
3 'polypeptide(L)'
;LSLTDSVYERLLSERIIFLGSEVNDEIANRLCAQILLLAAEDASKDISLYINSPGGSISAGMAIYDTMVLAPCDIATYAM
GMAASMGEFLLAAGTKGKRYALPHARILMHQPLGGVTGSAADIAIQAEQFAVIKKEMFRLNAEFTGQPIERIEADSDRDR
WFTAAEALEYGFVDHIITR
;
N,O,P,Q,R,S,T
4 'polypeptide(L)' (S0R)L U,V,W,Y,Z,a,b
5 'polypeptide(L)'
;(UNK)(UNK)(UNK)(UNK)(UNK)(UNK)(UNK)(UNK)(UNK)(UNK)(UNK)(UNK)(UNK)(UNK)(UNK)(UNK)
(UNK)(UNK)(UNK)(UNK)(UNK)(UNK)(UNK)(UNK)(UNK)(UNK)
;
X
#
loop_
_chem_comp.id
_chem_comp.type
_chem_comp.name
_chem_comp.formula
ADP non-polymer ADENOSINE-5'-DIPHOSPHATE 'C10 H15 N5 O10 P2'
ATP non-polymer ADENOSINE-5'-TRIPHOSPHATE 'C10 H16 N5 O13 P3'
#
# COMPACT_ATOMS: atom_id res chain seq x y z
N SER A 1 -30.80 -24.59 72.57
CA SER A 1 -30.23 -23.50 71.79
C SER A 1 -28.73 -23.35 72.06
N LEU A 2 -28.18 -24.23 72.89
CA LEU A 2 -26.76 -24.15 73.22
C LEU A 2 -25.90 -24.37 71.99
N VAL A 3 -26.27 -25.32 71.13
CA VAL A 3 -25.50 -25.58 69.92
C VAL A 3 -25.47 -24.35 69.03
N LEU A 4 -26.58 -23.61 68.97
CA LEU A 4 -26.68 -22.44 68.12
C LEU A 4 -26.20 -21.17 68.83
N ASP A 5 -26.37 -21.10 70.15
CA ASP A 5 -25.97 -19.90 70.87
C ASP A 5 -24.46 -19.66 70.83
N GLN A 6 -23.67 -20.68 70.53
CA GLN A 6 -22.23 -20.53 70.45
C GLN A 6 -21.75 -20.10 69.08
N PHE A 7 -22.64 -20.01 68.09
CA PHE A 7 -22.28 -19.57 66.75
C PHE A 7 -22.98 -18.29 66.31
N GLY A 8 -24.09 -17.93 66.93
CA GLY A 8 -24.83 -16.75 66.52
C GLY A 8 -25.64 -16.17 67.66
N ARG A 9 -26.38 -15.11 67.36
CA ARG A 9 -27.16 -14.38 68.34
C ARG A 9 -28.64 -14.48 67.98
N ASN A 10 -29.47 -14.80 68.96
CA ASN A 10 -30.91 -14.92 68.76
C ASN A 10 -31.51 -13.53 68.60
N LEU A 11 -31.69 -13.10 67.36
CA LEU A 11 -32.20 -11.75 67.11
C LEU A 11 -33.61 -11.59 67.65
N THR A 12 -34.43 -12.64 67.55
CA THR A 12 -35.79 -12.55 68.09
C THR A 12 -35.76 -12.30 69.59
N ALA A 13 -34.88 -13.00 70.31
CA ALA A 13 -34.75 -12.77 71.74
C ALA A 13 -34.29 -11.35 72.03
N ALA A 14 -33.34 -10.84 71.23
CA ALA A 14 -32.87 -9.48 71.43
C ALA A 14 -34.01 -8.48 71.25
N ALA A 15 -34.83 -8.67 70.22
CA ALA A 15 -35.98 -7.81 70.03
C ALA A 15 -36.96 -7.93 71.19
N MET A 16 -37.17 -9.16 71.68
CA MET A 16 -38.02 -9.34 72.85
C MET A 16 -37.50 -8.54 74.03
N GLU A 17 -36.19 -8.45 74.17
CA GLU A 17 -35.57 -7.64 75.21
C GLU A 17 -35.36 -6.19 74.79
N GLY A 18 -35.71 -5.84 73.55
CA GLY A 18 -35.62 -4.47 73.11
C GLY A 18 -34.24 -3.95 72.84
N LYS A 19 -33.26 -4.84 72.65
CA LYS A 19 -31.89 -4.41 72.39
C LYS A 19 -31.70 -3.93 70.96
N LEU A 20 -32.44 -4.49 70.00
CA LEU A 20 -32.27 -4.11 68.61
C LEU A 20 -32.77 -2.69 68.39
N ASP A 21 -32.12 -1.99 67.47
CA ASP A 21 -32.48 -0.61 67.16
C ASP A 21 -33.69 -0.56 66.24
N PRO A 22 -34.43 0.55 66.24
CA PRO A 22 -35.57 0.68 65.34
C PRO A 22 -35.13 0.67 63.88
N VAL A 23 -36.03 0.19 63.02
CA VAL A 23 -35.85 0.21 61.58
C VAL A 23 -36.91 1.11 60.99
N ILE A 24 -36.50 2.12 60.24
CA ILE A 24 -37.39 3.16 59.75
C ILE A 24 -37.39 3.12 58.22
N GLY A 25 -38.58 3.13 57.64
CA GLY A 25 -38.72 3.20 56.19
C GLY A 25 -38.22 1.98 55.46
N ARG A 26 -38.49 0.78 55.98
CA ARG A 26 -38.13 -0.46 55.31
C ARG A 26 -39.30 -1.43 55.31
N GLU A 27 -40.53 -0.91 55.24
CA GLU A 27 -41.69 -1.79 55.23
C GLU A 27 -41.72 -2.64 53.97
N LYS A 28 -41.34 -2.07 52.82
CA LYS A 28 -41.40 -2.79 51.57
C LYS A 28 -40.47 -4.00 51.57
N GLU A 29 -39.21 -3.79 51.97
CA GLU A 29 -38.26 -4.90 51.98
C GLU A 29 -38.68 -5.97 52.97
N ILE A 30 -39.16 -5.57 54.14
CA ILE A 30 -39.57 -6.55 55.14
C ILE A 30 -40.75 -7.36 54.63
N GLU A 31 -41.71 -6.69 53.98
CA GLU A 31 -42.85 -7.41 53.42
C GLU A 31 -42.40 -8.38 52.33
N ARG A 32 -41.47 -7.96 51.47
CA ARG A 32 -40.98 -8.85 50.43
C ARG A 32 -40.28 -10.06 51.02
N VAL A 33 -39.47 -9.85 52.06
CA VAL A 33 -38.81 -10.97 52.73
C VAL A 33 -39.85 -11.90 53.32
N MET A 34 -40.92 -11.35 53.91
CA MET A 34 -41.99 -12.18 54.44
C MET A 34 -42.63 -13.00 53.33
N GLN A 35 -42.86 -12.39 52.17
CA GLN A 35 -43.44 -13.12 51.06
C GLN A 35 -42.54 -14.28 50.64
N VAL A 36 -41.23 -14.02 50.53
CA VAL A 36 -40.32 -15.07 50.09
C VAL A 36 -40.28 -16.20 51.13
N LEU A 37 -40.25 -15.85 52.42
CA LEU A 37 -40.20 -16.87 53.46
C LEU A 37 -41.51 -17.65 53.56
N SER A 38 -42.61 -17.12 53.04
CA SER A 38 -43.90 -17.78 53.14
C SER A 38 -44.09 -18.86 52.09
N ARG A 39 -43.18 -18.99 51.14
CA ARG A 39 -43.32 -19.96 50.06
C ARG A 39 -43.25 -21.38 50.62
N ARG A 40 -43.46 -22.35 49.74
CA ARG A 40 -43.40 -23.76 50.13
C ARG A 40 -42.03 -24.38 49.86
N THR A 41 -41.40 -24.03 48.75
CA THR A 41 -40.09 -24.54 48.40
C THR A 41 -39.19 -23.40 47.96
N LYS A 42 -37.90 -23.53 48.24
CA LYS A 42 -36.92 -22.50 47.88
C LYS A 42 -37.29 -21.16 48.51
N ASN A 43 -37.75 -21.21 49.76
CA ASN A 43 -38.12 -20.00 50.50
C ASN A 43 -36.90 -19.46 51.27
N ASN A 44 -35.90 -19.03 50.50
CA ASN A 44 -34.62 -18.58 51.04
C ASN A 44 -34.26 -17.23 50.45
N PRO A 45 -34.76 -16.14 51.03
CA PRO A 45 -34.43 -14.82 50.49
C PRO A 45 -32.95 -14.49 50.68
N VAL A 46 -32.43 -13.72 49.73
CA VAL A 46 -31.05 -13.25 49.77
C VAL A 46 -31.06 -11.75 49.54
N LEU A 47 -30.66 -10.98 50.56
CA LEU A 47 -30.66 -9.53 50.48
C LEU A 47 -29.44 -9.07 49.68
N ILE A 48 -29.69 -8.47 48.52
CA ILE A 48 -28.64 -7.94 47.66
C ILE A 48 -28.55 -6.45 47.89
N GLY A 49 -27.34 -5.96 48.17
CA GLY A 49 -27.15 -4.53 48.37
C GLY A 49 -25.74 -4.25 48.81
N GLU A 50 -25.29 -3.03 48.52
CA GLU A 50 -23.94 -2.63 48.86
C GLU A 50 -23.77 -2.59 50.38
N PRO A 51 -22.55 -2.74 50.87
CA PRO A 51 -22.35 -2.79 52.33
C PRO A 51 -22.79 -1.50 53.00
N GLY A 52 -23.38 -1.65 54.18
CA GLY A 52 -23.81 -0.52 54.97
C GLY A 52 -25.16 0.04 54.61
N VAL A 53 -25.88 -0.56 53.67
CA VAL A 53 -27.16 0.00 53.25
C VAL A 53 -28.27 -0.33 54.23
N GLY A 54 -28.16 -1.45 54.96
CA GLY A 54 -29.16 -1.79 55.96
C GLY A 54 -29.76 -3.17 55.80
N LYS A 55 -29.03 -4.10 55.16
CA LYS A 55 -29.53 -5.46 55.03
C LYS A 55 -29.73 -6.10 56.39
N THR A 56 -28.69 -6.07 57.22
CA THR A 56 -28.84 -6.56 58.59
C THR A 56 -29.95 -5.81 59.31
N ALA A 57 -30.07 -4.51 59.03
CA ALA A 57 -31.16 -3.74 59.63
C ALA A 57 -32.51 -4.26 59.17
N VAL A 58 -32.61 -4.67 57.91
CA VAL A 58 -33.86 -5.26 57.42
C VAL A 58 -34.17 -6.53 58.19
N VAL A 59 -33.15 -7.37 58.43
CA VAL A 59 -33.37 -8.60 59.17
C VAL A 59 -33.80 -8.30 60.60
N GLU A 60 -33.19 -7.30 61.23
CA GLU A 60 -33.60 -6.93 62.58
C GLU A 60 -35.04 -6.43 62.58
N GLY A 61 -35.43 -5.69 61.55
CA GLY A 61 -36.81 -5.27 61.44
C GLY A 61 -37.77 -6.44 61.32
N LEU A 62 -37.37 -7.45 60.55
CA LEU A 62 -38.17 -8.67 60.45
C LEU A 62 -38.29 -9.35 61.81
N ALA A 63 -37.20 -9.38 62.57
CA ALA A 63 -37.25 -9.96 63.91
C ALA A 63 -38.19 -9.19 64.81
N GLN A 64 -38.15 -7.86 64.75
CA GLN A 64 -39.07 -7.06 65.54
C GLN A 64 -40.52 -7.31 65.13
N ALA A 65 -40.77 -7.44 63.83
CA ALA A 65 -42.11 -7.76 63.37
C ALA A 65 -42.57 -9.10 63.92
N ILE A 66 -41.69 -10.10 63.90
CA ILE A 66 -42.03 -11.40 64.48
C ILE A 66 -42.39 -11.23 65.95
N VAL A 67 -41.61 -10.44 66.68
CA VAL A 67 -41.87 -10.25 68.10
C VAL A 67 -43.25 -9.63 68.31
N HIS A 68 -43.57 -8.60 67.53
CA HIS A 68 -44.84 -7.91 67.70
C HIS A 68 -46.02 -8.76 67.26
N GLY A 69 -45.78 -9.82 66.50
CA GLY A 69 -46.85 -10.71 66.08
C GLY A 69 -47.59 -10.30 64.84
N GLU A 70 -47.09 -9.32 64.08
CA GLU A 70 -47.75 -8.90 62.86
C GLU A 70 -47.41 -9.76 61.66
N VAL A 71 -46.50 -10.72 61.81
CA VAL A 71 -46.07 -11.56 60.70
C VAL A 71 -47.19 -12.53 60.34
N PRO A 72 -47.18 -13.12 59.14
CA PRO A 72 -48.22 -14.09 58.80
C PRO A 72 -48.20 -15.28 59.74
N GLU A 73 -49.21 -16.14 59.58
CA GLU A 73 -49.34 -17.29 60.47
C GLU A 73 -48.14 -18.22 60.40
N THR A 74 -47.52 -18.32 59.22
CA THR A 74 -46.40 -19.25 59.07
C THR A 74 -45.18 -18.79 59.86
N LEU A 75 -44.97 -17.49 60.00
CA LEU A 75 -43.78 -16.95 60.65
C LEU A 75 -43.99 -16.66 62.13
N LYS A 76 -45.15 -17.00 62.70
CA LYS A 76 -45.38 -16.73 64.11
C LYS A 76 -44.41 -17.52 64.97
N ASP A 77 -43.84 -16.86 65.98
CA ASP A 77 -43.03 -17.52 67.00
C ASP A 77 -41.66 -17.93 66.45
N LYS A 78 -41.43 -17.74 65.17
CA LYS A 78 -40.16 -18.16 64.57
C LYS A 78 -39.00 -17.41 65.21
N GLN A 79 -37.90 -18.12 65.41
CA GLN A 79 -36.70 -17.57 66.04
C GLN A 79 -35.64 -17.30 64.97
N LEU A 80 -35.13 -16.08 64.94
CA LEU A 80 -34.09 -15.69 64.00
C LEU A 80 -32.73 -15.83 64.66
N TYR A 81 -31.88 -16.66 64.07
CA TYR A 81 -30.53 -16.89 64.57
C TYR A 81 -29.54 -16.50 63.50
N THR A 82 -28.63 -15.59 63.82
CA THR A 82 -27.55 -15.29 62.91
C THR A 82 -26.58 -16.46 62.87
N LEU A 83 -25.75 -16.49 61.83
CA LEU A 83 -24.78 -17.56 61.67
C LEU A 83 -23.71 -17.10 60.70
N ASP A 84 -22.46 -17.14 61.15
CA ASP A 84 -21.31 -16.75 60.33
C ASP A 84 -20.49 -18.00 60.03
N LEU A 85 -20.25 -18.27 58.74
CA LEU A 85 -19.46 -19.43 58.36
C LEU A 85 -18.03 -19.33 58.87
N GLY A 86 -17.53 -18.12 59.11
CA GLY A 86 -16.17 -17.98 59.62
C GLY A 86 -15.96 -18.71 60.92
N SER A 87 -16.92 -18.59 61.84
CA SER A 87 -16.80 -19.30 63.12
C SER A 87 -16.80 -20.80 62.90
N LEU A 88 -17.66 -21.31 62.01
CA LEU A 88 -17.69 -22.74 61.76
C LEU A 88 -16.37 -23.24 61.19
N VAL A 89 -15.79 -22.51 60.25
CA VAL A 89 -14.56 -22.98 59.62
C VAL A 89 -13.36 -22.67 60.50
N ALA A 90 -13.40 -21.60 61.28
CA ALA A 90 -12.28 -21.25 62.14
C ALA A 90 -11.97 -22.39 63.10
N GLY A 91 -10.68 -22.70 63.23
CA GLY A 91 -10.24 -23.79 64.07
C GLY A 91 -10.28 -25.16 63.42
N SER A 92 -10.75 -25.25 62.19
CA SER A 92 -10.82 -26.52 61.49
C SER A 92 -9.50 -26.79 60.79
N ARG A 93 -8.92 -27.97 61.06
CA ARG A 93 -7.64 -28.34 60.47
C ARG A 93 -7.59 -29.76 59.93
N TYR A 94 -8.62 -30.57 60.14
CA TYR A 94 -8.57 -31.99 59.81
C TYR A 94 -9.66 -32.32 58.79
N ARG A 95 -9.83 -33.62 58.53
CA ARG A 95 -10.67 -34.05 57.43
C ARG A 95 -12.11 -33.61 57.59
N GLY A 96 -12.68 -33.81 58.78
CA GLY A 96 -14.10 -33.54 58.98
C GLY A 96 -14.40 -32.57 60.10
N ASP A 97 -13.48 -31.65 60.38
CA ASP A 97 -13.70 -30.72 61.48
C ASP A 97 -14.92 -29.84 61.21
N PHE A 98 -15.05 -29.33 59.98
CA PHE A 98 -16.13 -28.39 59.70
C PHE A 98 -17.46 -29.11 59.44
N GLU A 99 -17.40 -30.26 58.76
CA GLU A 99 -18.61 -31.04 58.54
C GLU A 99 -19.28 -31.38 59.86
N GLU A 100 -18.48 -31.71 60.88
CA GLU A 100 -19.04 -32.11 62.17
C GLU A 100 -19.88 -31.00 62.75
N ARG A 101 -19.33 -29.78 62.83
CA ARG A 101 -20.06 -28.67 63.41
C ARG A 101 -21.26 -28.27 62.56
N LEU A 102 -21.10 -28.27 61.24
CA LEU A 102 -22.23 -27.91 60.39
C LEU A 102 -23.38 -28.89 60.54
N LYS A 103 -23.07 -30.19 60.56
CA LYS A 103 -24.10 -31.20 60.77
C LYS A 103 -24.72 -31.08 62.15
N LYS A 104 -23.91 -30.74 63.16
CA LYS A 104 -24.43 -30.56 64.51
C LYS A 104 -25.45 -29.43 64.53
N VAL A 105 -25.12 -28.31 63.89
CA VAL A 105 -26.04 -27.18 63.85
C VAL A 105 -27.31 -27.55 63.08
N LEU A 106 -27.16 -28.24 61.96
CA LEU A 106 -28.33 -28.64 61.18
C LEU A 106 -29.23 -29.56 61.99
N LYS A 107 -28.65 -30.50 62.73
CA LYS A 107 -29.44 -31.40 63.55
C LYS A 107 -30.17 -30.64 64.65
N GLU A 108 -29.50 -29.67 65.28
CA GLU A 108 -30.18 -28.86 66.28
C GLU A 108 -31.34 -28.10 65.67
N ILE A 109 -31.14 -27.51 64.48
CA ILE A 109 -32.22 -26.79 63.82
C ILE A 109 -33.39 -27.71 63.52
N ASN A 110 -33.09 -28.91 63.01
CA ASN A 110 -34.17 -29.86 62.71
C ASN A 110 -34.93 -30.23 63.97
N THR A 111 -34.21 -30.48 65.07
CA THR A 111 -34.88 -30.83 66.32
C THR A 111 -35.79 -29.69 66.79
N ARG A 112 -35.27 -28.46 66.78
CA ARG A 112 -36.07 -27.33 67.23
C ARG A 112 -37.22 -27.04 66.27
N GLY A 113 -36.92 -27.01 64.97
CA GLY A 113 -37.93 -26.84 63.94
C GLY A 113 -38.28 -25.41 63.59
N ASP A 114 -38.32 -24.52 64.59
CA ASP A 114 -38.78 -23.15 64.43
C ASP A 114 -37.63 -22.17 64.34
N ILE A 115 -36.53 -22.54 63.68
CA ILE A 115 -35.33 -21.71 63.58
C ILE A 115 -35.20 -21.21 62.16
N ILE A 116 -34.92 -19.92 62.00
CA ILE A 116 -34.62 -19.31 60.71
C ILE A 116 -33.21 -18.74 60.80
N LEU A 117 -32.34 -19.16 59.89
CA LEU A 117 -30.95 -18.77 59.90
C LEU A 117 -30.72 -17.57 59.00
N PHE A 118 -30.00 -16.57 59.52
CA PHE A 118 -29.55 -15.43 58.75
C PHE A 118 -28.05 -15.58 58.54
N ILE A 119 -27.65 -15.85 57.30
CA ILE A 119 -26.26 -16.10 56.97
C ILE A 119 -25.67 -14.90 56.24
N ASP A 120 -25.07 -13.99 56.97
CA ASP A 120 -24.38 -12.87 56.34
C ASP A 120 -23.18 -13.39 55.55
N GLU A 121 -22.88 -12.69 54.45
CA GLU A 121 -21.81 -13.11 53.55
C GLU A 121 -22.10 -14.49 52.98
N LEU A 122 -23.30 -14.63 52.41
CA LEU A 122 -23.71 -15.91 51.85
C LEU A 122 -22.82 -16.35 50.70
N HIS A 123 -22.12 -15.42 50.06
CA HIS A 123 -21.27 -15.78 48.94
C HIS A 123 -20.12 -16.69 49.36
N THR A 124 -19.77 -16.69 50.65
CA THR A 124 -18.74 -17.60 51.16
C THR A 124 -19.26 -19.01 51.35
N LEU A 125 -20.56 -19.24 51.18
CA LEU A 125 -21.10 -20.59 51.32
C LEU A 125 -20.51 -21.55 50.31
N VAL A 126 -20.34 -21.10 49.07
CA VAL A 126 -19.82 -21.94 48.00
C VAL A 126 -18.39 -22.37 48.32
N ILE A 135 -17.12 -31.67 48.95
CA ILE A 135 -18.10 -31.60 50.02
C ILE A 135 -17.82 -30.38 50.87
N ASP A 136 -18.74 -29.42 50.86
CA ASP A 136 -18.60 -28.18 51.61
C ASP A 136 -19.97 -27.78 52.14
N ALA A 137 -20.08 -26.54 52.62
CA ALA A 137 -21.34 -26.07 53.16
C ALA A 137 -22.43 -26.06 52.09
N ALA A 138 -22.09 -25.59 50.89
CA ALA A 138 -23.08 -25.51 49.83
C ALA A 138 -23.62 -26.89 49.47
N SER A 139 -22.71 -27.87 49.32
CA SER A 139 -23.13 -29.22 48.98
C SER A 139 -23.99 -29.82 50.07
N ILE A 140 -23.61 -29.59 51.33
CA ILE A 140 -24.38 -30.14 52.45
C ILE A 140 -25.78 -29.54 52.49
N LEU A 141 -25.88 -28.22 52.28
CA LEU A 141 -27.17 -27.55 52.41
C LEU A 141 -28.05 -27.67 51.18
N LYS A 142 -27.48 -28.01 50.03
CA LYS A 142 -28.29 -28.05 48.80
C LYS A 142 -29.48 -28.99 48.89
N PRO A 143 -29.34 -30.25 49.31
CA PRO A 143 -30.51 -31.14 49.31
C PRO A 143 -31.63 -30.64 50.21
N LYS A 144 -31.31 -29.88 51.25
CA LYS A 144 -32.31 -29.41 52.19
C LYS A 144 -32.97 -28.11 51.73
N LEU A 145 -32.19 -27.20 51.11
CA LEU A 145 -32.75 -25.93 50.68
C LEU A 145 -33.82 -26.12 49.62
N ALA A 146 -33.60 -27.05 48.69
CA ALA A 146 -34.54 -27.22 47.59
C ALA A 146 -35.93 -27.58 48.09
N ARG A 147 -36.03 -28.43 49.10
CA ARG A 147 -37.31 -28.87 49.62
C ARG A 147 -37.90 -27.89 50.62
N GLY A 148 -37.20 -26.81 50.95
CA GLY A 148 -37.73 -25.82 51.87
C GLY A 148 -37.73 -26.26 53.32
N GLU A 149 -36.93 -27.25 53.69
CA GLU A 149 -36.88 -27.71 55.07
C GLU A 149 -35.90 -26.90 55.92
N LEU A 150 -35.16 -25.96 55.32
CA LEU A 150 -34.20 -25.14 56.06
C LEU A 150 -34.32 -23.71 55.52
N GLN A 151 -35.17 -22.92 56.16
CA GLN A 151 -35.33 -21.52 55.77
C GLN A 151 -34.06 -20.75 56.11
N THR A 152 -33.56 -20.00 55.13
CA THR A 152 -32.32 -19.25 55.30
C THR A 152 -32.49 -17.86 54.72
N ILE A 153 -31.83 -16.88 55.33
CA ILE A 153 -31.81 -15.51 54.83
C ILE A 153 -30.35 -15.15 54.59
N GLY A 154 -30.03 -14.84 53.33
CA GLY A 154 -28.68 -14.46 52.97
C GLY A 154 -28.50 -12.95 52.98
N ALA A 155 -27.26 -12.54 52.76
CA ALA A 155 -26.95 -11.11 52.65
C ALA A 155 -25.62 -10.98 51.94
N THR A 156 -25.64 -10.42 50.73
CA THR A 156 -24.45 -10.26 49.92
C THR A 156 -24.59 -9.02 49.07
N THR A 157 -23.48 -8.54 48.55
CA THR A 157 -23.51 -7.43 47.62
C THR A 157 -23.75 -7.94 46.20
N LEU A 158 -24.11 -7.02 45.31
CA LEU A 158 -24.53 -7.42 43.97
C LEU A 158 -23.41 -8.14 43.22
N ASP A 159 -22.19 -7.60 43.28
CA ASP A 159 -21.08 -8.19 42.54
C ASP A 159 -20.75 -9.59 43.07
N GLU A 160 -20.68 -9.72 44.40
CA GLU A 160 -20.36 -11.02 44.98
C GLU A 160 -21.45 -12.03 44.68
N TYR A 161 -22.72 -11.62 44.77
CA TYR A 161 -23.81 -12.54 44.42
C TYR A 161 -23.71 -12.96 42.96
N ARG A 162 -23.42 -12.02 42.06
CA ARG A 162 -23.34 -12.35 40.65
C ARG A 162 -22.19 -13.30 40.36
N LYS A 163 -21.03 -13.08 40.98
CA LYS A 163 -19.84 -13.82 40.61
C LYS A 163 -19.58 -15.05 41.46
N TYR A 164 -20.37 -15.29 42.51
CA TYR A 164 -20.26 -16.51 43.29
C TYR A 164 -21.53 -17.35 43.27
N ILE A 165 -22.67 -16.76 43.62
CA ILE A 165 -23.90 -17.52 43.74
C ILE A 165 -24.56 -17.74 42.38
N GLU A 166 -24.58 -16.71 41.54
CA GLU A 166 -25.28 -16.82 40.28
C GLU A 166 -24.68 -17.89 39.39
N LYS A 167 -23.35 -17.98 39.35
CA LYS A 167 -22.68 -18.89 38.42
C LYS A 167 -22.86 -20.35 38.80
N ASP A 168 -23.38 -20.66 39.98
CA ASP A 168 -23.69 -22.03 40.38
C ASP A 168 -25.20 -22.20 40.27
N ALA A 169 -25.65 -22.74 39.13
CA ALA A 169 -27.08 -22.79 38.85
C ALA A 169 -27.82 -23.58 39.92
N ALA A 170 -27.26 -24.70 40.35
CA ALA A 170 -27.92 -25.51 41.37
C ALA A 170 -28.15 -24.71 42.65
N LEU A 171 -27.13 -23.97 43.09
CA LEU A 171 -27.29 -23.12 44.26
C LEU A 171 -28.04 -21.84 43.94
N GLU A 172 -27.90 -21.32 42.71
CA GLU A 172 -28.60 -20.10 42.35
C GLU A 172 -30.10 -20.27 42.42
N ARG A 173 -30.61 -21.41 41.93
CA ARG A 173 -32.04 -21.58 41.89
C ARG A 173 -32.68 -21.75 43.25
N ARG A 174 -31.90 -21.92 44.30
CA ARG A 174 -32.42 -22.13 45.64
C ARG A 174 -32.52 -20.85 46.45
N PHE A 175 -32.17 -19.70 45.87
CA PHE A 175 -32.16 -18.43 46.60
C PHE A 175 -32.90 -17.38 45.78
N GLN A 176 -33.84 -16.69 46.44
CA GLN A 176 -34.63 -15.64 45.78
C GLN A 176 -34.01 -14.29 46.09
N PRO A 177 -33.56 -13.53 45.10
CA PRO A 177 -32.94 -12.23 45.41
C PRO A 177 -33.97 -11.20 45.84
N VAL A 178 -33.57 -10.36 46.80
CA VAL A 178 -34.38 -9.25 47.30
C VAL A 178 -33.49 -8.03 47.31
N GLN A 179 -33.86 -7.02 46.53
CA GLN A 179 -33.01 -5.85 46.36
C GLN A 179 -33.21 -4.86 47.50
N VAL A 180 -32.11 -4.40 48.08
CA VAL A 180 -32.12 -3.43 49.17
C VAL A 180 -31.34 -2.22 48.68
N GLY A 181 -32.06 -1.19 48.23
CA GLY A 181 -31.40 -0.01 47.70
C GLY A 181 -30.91 0.92 48.79
N GLU A 182 -29.91 1.72 48.43
CA GLU A 182 -29.33 2.66 49.37
C GLU A 182 -30.35 3.74 49.74
N PRO A 183 -30.56 4.03 51.02
CA PRO A 183 -31.51 5.10 51.38
C PRO A 183 -31.10 6.43 50.78
N THR A 184 -32.10 7.22 50.40
CA THR A 184 -31.86 8.57 49.90
C THR A 184 -31.60 9.52 51.07
N VAL A 185 -31.11 10.71 50.75
CA VAL A 185 -30.74 11.67 51.79
C VAL A 185 -31.92 11.94 52.71
N GLU A 186 -33.12 12.08 52.13
CA GLU A 186 -34.32 12.25 52.96
C GLU A 186 -34.57 11.01 53.80
N HIS A 187 -34.43 9.83 53.19
CA HIS A 187 -34.58 8.59 53.95
C HIS A 187 -33.53 8.51 55.05
N THR A 188 -32.29 8.92 54.76
CA THR A 188 -31.25 8.91 55.77
C THR A 188 -31.59 9.84 56.92
N ILE A 189 -32.13 11.02 56.60
CA ILE A 189 -32.50 11.96 57.66
C ILE A 189 -33.62 11.39 58.52
N GLU A 190 -34.60 10.74 57.90
CA GLU A 190 -35.66 10.11 58.67
C GLU A 190 -35.10 9.01 59.56
N ILE A 191 -34.19 8.21 59.04
CA ILE A 191 -33.58 7.14 59.84
C ILE A 191 -32.85 7.75 61.04
N LEU A 192 -32.07 8.81 60.79
CA LEU A 192 -31.34 9.45 61.88
C LEU A 192 -32.29 9.99 62.93
N LYS A 193 -33.37 10.65 62.50
CA LYS A 193 -34.36 11.13 63.46
C LYS A 193 -34.95 9.97 64.26
N GLY A 194 -35.07 8.80 63.64
CA GLY A 194 -35.53 7.63 64.37
C GLY A 194 -34.55 7.19 65.44
N LEU A 195 -33.26 7.24 65.14
CA LEU A 195 -32.22 6.80 66.05
C LEU A 195 -31.78 7.86 67.04
N ARG A 196 -32.35 9.07 66.97
CA ARG A 196 -31.81 10.18 67.74
C ARG A 196 -31.91 9.91 69.23
N ASP A 197 -33.00 9.32 69.69
CA ASP A 197 -33.21 9.15 71.13
C ASP A 197 -32.16 8.24 71.73
N ARG A 198 -31.86 7.11 71.08
CA ARG A 198 -30.91 6.15 71.64
C ARG A 198 -29.52 6.76 71.73
N TYR A 199 -29.07 7.43 70.67
CA TYR A 199 -27.75 8.06 70.69
C TYR A 199 -27.70 9.18 71.72
N GLU A 200 -28.76 9.98 71.81
CA GLU A 200 -28.82 11.02 72.83
C GLU A 200 -28.64 10.41 74.22
N ALA A 201 -29.38 9.34 74.51
CA ALA A 201 -29.29 8.71 75.82
C ALA A 201 -27.89 8.15 76.07
N HIS A 202 -27.31 7.49 75.06
CA HIS A 202 -26.01 6.87 75.26
C HIS A 202 -24.92 7.90 75.51
N HIS A 203 -24.87 8.93 74.67
CA HIS A 203 -23.83 9.95 74.80
C HIS A 203 -24.16 11.02 75.83
N ARG A 204 -25.40 11.05 76.34
CA ARG A 204 -25.81 12.07 77.30
C ARG A 204 -25.63 13.47 76.72
N VAL A 205 -25.98 13.62 75.45
CA VAL A 205 -25.94 14.91 74.76
C VAL A 205 -27.23 15.06 73.96
N SER A 206 -27.48 16.29 73.51
CA SER A 206 -28.64 16.62 72.70
C SER A 206 -28.20 16.91 71.27
N ILE A 207 -28.96 16.41 70.31
CA ILE A 207 -28.63 16.55 68.89
C ILE A 207 -29.75 17.31 68.21
N THR A 208 -29.39 18.35 67.46
CA THR A 208 -30.36 19.17 66.75
C THR A 208 -30.62 18.60 65.36
N ASP A 209 -31.86 18.76 64.90
CA ASP A 209 -32.21 18.27 63.57
C ASP A 209 -31.34 18.90 62.50
N ALA A 210 -30.91 20.15 62.70
CA ALA A 210 -29.99 20.76 61.76
C ALA A 210 -28.70 19.97 61.68
N ALA A 211 -28.20 19.50 62.83
CA ALA A 211 -27.00 18.68 62.83
C ALA A 211 -27.22 17.40 62.02
N MET A 212 -28.39 16.78 62.15
CA MET A 212 -28.66 15.55 61.42
C MET A 212 -28.69 15.80 59.92
N VAL A 213 -29.37 16.87 59.50
CA VAL A 213 -29.42 17.20 58.08
C VAL A 213 -28.02 17.47 57.55
N ALA A 214 -27.24 18.24 58.30
CA ALA A 214 -25.88 18.54 57.86
C ALA A 214 -25.04 17.28 57.76
N ALA A 215 -25.15 16.39 58.75
CA ALA A 215 -24.39 15.14 58.71
C ALA A 215 -24.75 14.34 57.47
N ALA A 216 -26.05 14.14 57.22
CA ALA A 216 -26.46 13.34 56.08
C ALA A 216 -25.96 13.96 54.77
N THR A 217 -26.21 15.26 54.58
CA THR A 217 -25.86 15.88 53.31
C THR A 217 -24.34 15.91 53.11
N LEU A 218 -23.58 16.26 54.14
CA LEU A 218 -22.13 16.32 53.99
C LEU A 218 -21.53 14.94 53.75
N ALA A 219 -22.02 13.92 54.47
CA ALA A 219 -21.52 12.58 54.24
C ALA A 219 -21.84 12.10 52.83
N ASP A 220 -23.05 12.41 52.33
CA ASP A 220 -23.37 12.06 50.95
C ASP A 220 -22.44 12.77 49.98
N ARG A 221 -22.16 14.05 50.23
CA ARG A 221 -21.38 14.84 49.28
C ARG A 221 -19.92 14.39 49.25
N TYR A 222 -19.31 14.20 50.41
CA TYR A 222 -17.86 14.10 50.53
C TYR A 222 -17.34 12.68 50.60
N ILE A 223 -17.98 11.81 51.38
CA ILE A 223 -17.52 10.43 51.54
C ILE A 223 -18.07 9.63 50.37
N ASN A 224 -17.22 9.36 49.39
CA ASN A 224 -17.64 8.73 48.14
C ASN A 224 -17.45 7.21 48.15
N ASP A 225 -16.99 6.63 49.25
CA ASP A 225 -16.74 5.20 49.32
C ASP A 225 -17.59 4.46 50.35
N ARG A 226 -18.18 5.15 51.32
CA ARG A 226 -19.15 4.54 52.22
C ARG A 226 -20.55 4.77 51.66
N PHE A 227 -21.58 4.43 52.44
CA PHE A 227 -22.96 4.55 52.00
C PHE A 227 -23.78 5.22 53.09
N LEU A 228 -24.81 5.96 52.66
CA LEU A 228 -25.49 6.98 53.45
C LEU A 228 -25.83 6.53 54.87
N PRO A 229 -26.69 5.53 55.05
CA PRO A 229 -27.18 5.23 56.40
C PRO A 229 -26.07 4.90 57.38
N ASP A 230 -24.97 4.31 56.90
CA ASP A 230 -23.86 3.97 57.78
C ASP A 230 -22.98 5.17 58.08
N LYS A 231 -22.59 5.91 57.04
CA LYS A 231 -21.63 7.00 57.23
C LYS A 231 -22.26 8.15 58.01
N ALA A 232 -23.54 8.45 57.77
CA ALA A 232 -24.19 9.50 58.54
C ALA A 232 -24.21 9.17 60.03
N ILE A 233 -24.62 7.94 60.35
CA ILE A 233 -24.66 7.52 61.75
C ILE A 233 -23.26 7.53 62.33
N ASP A 234 -22.26 7.14 61.54
CA ASP A 234 -20.88 7.18 62.02
C ASP A 234 -20.46 8.59 62.37
N LEU A 235 -20.83 9.56 61.53
CA LEU A 235 -20.48 10.95 61.82
C LEU A 235 -21.16 11.41 63.10
N ILE A 236 -22.44 11.08 63.27
CA ILE A 236 -23.14 11.47 64.50
C ILE A 236 -22.45 10.86 65.71
N ASP A 237 -22.12 9.57 65.63
CA ASP A 237 -21.51 8.89 66.77
C ASP A 237 -20.13 9.46 67.09
N GLU A 238 -19.33 9.75 66.06
CA GLU A 238 -18.01 10.32 66.30
C GLU A 238 -18.12 11.70 66.93
N ALA A 239 -19.08 12.51 66.47
CA ALA A 239 -19.27 13.81 67.09
C ALA A 239 -19.69 13.67 68.54
N GLY A 240 -20.59 12.73 68.84
CA GLY A 240 -20.97 12.49 70.21
C GLY A 240 -19.79 12.10 71.09
N ALA A 241 -18.94 11.20 70.57
CA ALA A 241 -17.76 10.79 71.33
C ALA A 241 -16.81 11.96 71.56
N ARG A 242 -16.60 12.79 70.53
CA ARG A 242 -15.71 13.93 70.69
C ARG A 242 -16.25 14.90 71.73
N MET A 243 -17.57 15.11 71.76
CA MET A 243 -18.16 15.92 72.82
C MET A 243 -17.95 15.24 74.17
N ARG A 244 -18.06 13.91 74.22
CA ARG A 244 -17.93 13.20 75.48
C ARG A 244 -16.53 13.39 76.07
N ILE A 245 -15.48 13.30 75.25
CA ILE A 245 -14.14 13.39 75.79
C ILE A 245 -13.88 14.76 76.43
N ARG A 246 -14.68 15.76 76.10
CA ARG A 246 -14.53 17.07 76.71
C ARG A 246 -15.26 17.13 78.04
N ALA A 310 -24.42 19.94 77.29
CA ALA A 310 -23.78 19.94 75.98
C ALA A 310 -24.80 19.72 74.88
N GLU A 311 -24.42 20.04 73.64
CA GLU A 311 -25.32 19.91 72.52
C GLU A 311 -24.49 19.82 71.24
N VAL A 312 -25.02 19.11 70.25
CA VAL A 312 -24.32 18.83 69.00
C VAL A 312 -24.99 19.65 67.90
N ASP A 313 -24.17 20.38 67.15
CA ASP A 313 -24.65 21.29 66.11
C ASP A 313 -23.95 20.97 64.80
N ASP A 314 -24.37 21.66 63.74
CA ASP A 314 -23.77 21.46 62.42
C ASP A 314 -22.27 21.72 62.46
N GLU A 315 -21.84 22.70 63.27
CA GLU A 315 -20.42 23.04 63.30
C GLU A 315 -19.58 21.86 63.76
N GLN A 316 -20.04 21.14 64.78
CA GLN A 316 -19.29 19.99 65.26
C GLN A 316 -19.21 18.90 64.21
N ILE A 317 -20.31 18.64 63.50
CA ILE A 317 -20.29 17.63 62.45
C ILE A 317 -19.31 18.02 61.36
N ALA A 318 -19.32 19.31 60.97
CA ALA A 318 -18.38 19.77 59.96
C ALA A 318 -16.95 19.60 60.44
N GLU A 319 -16.68 19.90 61.71
CA GLU A 319 -15.34 19.72 62.25
C GLU A 319 -14.93 18.25 62.18
N VAL A 320 -15.82 17.34 62.56
CA VAL A 320 -15.49 15.91 62.52
C VAL A 320 -15.19 15.48 61.10
N LEU A 321 -16.03 15.88 60.15
CA LEU A 321 -15.81 15.49 58.76
C LEU A 321 -14.49 16.05 58.24
N GLY A 322 -14.21 17.32 58.51
CA GLY A 322 -12.95 17.90 58.10
C GLY A 322 -11.76 17.16 58.69
N ASN A 323 -11.89 16.72 59.94
CA ASN A 323 -10.84 15.91 60.54
C ASN A 323 -10.67 14.60 59.80
N TRP A 324 -11.78 13.97 59.40
CA TRP A 324 -11.69 12.71 58.67
C TRP A 324 -10.96 12.90 57.34
N THR A 325 -11.55 13.68 56.45
CA THR A 325 -10.96 13.96 55.15
C THR A 325 -10.39 15.37 55.16
N GLY A 326 -9.15 15.52 54.71
CA GLY A 326 -8.48 16.80 54.79
C GLY A 326 -9.26 17.90 54.10
N ILE A 327 -9.89 18.76 54.88
CA ILE A 327 -10.71 19.86 54.37
C ILE A 327 -10.82 20.90 55.47
N PRO A 328 -10.64 22.18 55.16
CA PRO A 328 -10.80 23.21 56.20
C PRO A 328 -12.20 23.18 56.79
N VAL A 329 -12.27 23.42 58.10
CA VAL A 329 -13.56 23.34 58.81
C VAL A 329 -14.48 24.46 58.34
N PHE A 330 -13.93 25.65 58.09
CA PHE A 330 -14.78 26.77 57.66
C PHE A 330 -15.41 26.52 56.30
N LYS A 331 -14.78 25.69 55.47
CA LYS A 331 -15.34 25.39 54.16
C LYS A 331 -16.53 24.45 54.27
N LEU A 332 -16.43 23.43 55.13
CA LEU A 332 -17.54 22.51 55.33
C LEU A 332 -18.74 23.23 55.94
N THR A 333 -18.49 24.11 56.91
CA THR A 333 -19.56 24.81 57.61
C THR A 333 -20.39 25.64 56.63
N GLU A 336 -23.56 28.33 49.75
CA GLU A 336 -22.28 28.34 49.07
C GLU A 336 -22.11 29.60 48.22
N THR A 337 -23.20 30.34 48.03
CA THR A 337 -23.12 31.57 47.26
C THR A 337 -22.15 32.56 47.89
N THR A 338 -22.20 32.70 49.22
CA THR A 338 -21.26 33.58 49.90
C THR A 338 -19.83 33.08 49.75
N ARG A 339 -19.63 31.77 49.93
CA ARG A 339 -18.29 31.20 49.78
C ARG A 339 -17.81 31.30 48.34
N LEU A 340 -18.71 31.09 47.38
CA LEU A 340 -18.36 31.19 45.97
C LEU A 340 -18.19 32.64 45.51
N LEU A 341 -18.62 33.61 46.33
CA LEU A 341 -18.44 35.01 45.96
C LEU A 341 -16.99 35.46 46.10
N ARG A 342 -16.18 34.74 46.87
CA ARG A 342 -14.77 35.06 47.06
C ARG A 342 -13.88 34.38 46.02
N MET A 343 -14.44 34.04 44.85
CA MET A 343 -13.68 33.30 43.84
C MET A 343 -12.44 34.08 43.42
N GLU A 344 -12.61 35.34 43.03
CA GLU A 344 -11.48 36.12 42.55
C GLU A 344 -10.46 36.35 43.66
N GLU A 345 -10.95 36.65 44.87
CA GLU A 345 -10.05 36.93 45.98
C GLU A 345 -9.19 35.71 46.30
N GLU A 346 -9.79 34.52 46.28
CA GLU A 346 -9.02 33.31 46.58
C GLU A 346 -8.10 32.95 45.42
N LEU A 347 -8.56 33.11 44.18
CA LEU A 347 -7.73 32.75 43.05
C LEU A 347 -6.50 33.63 42.95
N HIS A 348 -6.65 34.93 43.21
CA HIS A 348 -5.52 35.83 43.10
C HIS A 348 -4.42 35.48 44.10
N LYS A 349 -4.78 34.84 45.22
CA LYS A 349 -3.77 34.43 46.17
C LYS A 349 -2.79 33.43 45.56
N ARG A 350 -3.30 32.48 44.78
CA ARG A 350 -2.47 31.43 44.20
C ARG A 350 -1.87 31.81 42.86
N ILE A 351 -2.54 32.67 42.09
CA ILE A 351 -2.09 33.07 40.77
C ILE A 351 -2.10 34.58 40.69
N ILE A 352 -1.19 35.13 39.89
CA ILE A 352 -1.09 36.57 39.69
C ILE A 352 -1.08 36.85 38.20
N GLY A 353 -1.51 38.06 37.84
CA GLY A 353 -1.61 38.44 36.45
C GLY A 353 -2.82 37.83 35.78
N GLN A 354 -2.95 38.11 34.48
CA GLN A 354 -4.04 37.59 33.68
C GLN A 354 -5.38 37.84 34.37
N GLU A 355 -5.56 39.06 34.86
CA GLU A 355 -6.73 39.37 35.67
C GLU A 355 -8.02 39.14 34.89
N ASP A 356 -8.04 39.52 33.61
CA ASP A 356 -9.26 39.36 32.83
C ASP A 356 -9.67 37.90 32.73
N ALA A 357 -8.70 37.01 32.49
CA ALA A 357 -9.02 35.60 32.34
C ALA A 357 -9.60 35.03 33.63
N VAL A 358 -8.98 35.34 34.77
CA VAL A 358 -9.47 34.81 36.03
C VAL A 358 -10.84 35.39 36.36
N LYS A 359 -11.06 36.67 36.05
CA LYS A 359 -12.39 37.25 36.26
C LYS A 359 -13.43 36.56 35.41
N ALA A 360 -13.12 36.29 34.14
CA ALA A 360 -14.06 35.59 33.29
C ALA A 360 -14.36 34.20 33.83
N VAL A 361 -13.33 33.48 34.26
CA VAL A 361 -13.54 32.13 34.79
C VAL A 361 -14.41 32.18 36.04
N SER A 362 -14.11 33.13 36.93
CA SER A 362 -14.90 33.25 38.15
C SER A 362 -16.35 33.55 37.84
N LYS A 363 -16.60 34.47 36.90
CA LYS A 363 -17.98 34.80 36.54
C LYS A 363 -18.70 33.57 35.98
N ALA A 364 -18.05 32.88 35.03
CA ALA A 364 -18.69 31.75 34.38
C ALA A 364 -19.00 30.64 35.38
N ILE A 365 -18.07 30.38 36.29
CA ILE A 365 -18.33 29.34 37.29
C ILE A 365 -19.39 29.79 38.28
N ARG A 366 -19.36 31.06 38.68
CA ARG A 366 -20.29 31.55 39.69
C ARG A 366 -21.72 31.45 39.21
N ARG A 367 -21.98 31.87 37.97
CA ARG A 367 -23.35 31.79 37.48
C ARG A 367 -23.80 30.33 37.36
N THR A 368 -22.90 29.45 36.92
CA THR A 368 -23.22 28.03 36.82
C THR A 368 -22.83 27.30 38.10
N PRO A 378 -21.95 18.96 31.66
CA PRO A 378 -20.93 19.11 32.69
C PRO A 378 -21.04 20.44 33.43
N SER A 379 -20.29 20.57 34.54
CA SER A 379 -20.33 21.81 35.31
C SER A 379 -19.81 22.98 34.49
N GLY A 380 -18.71 22.77 33.77
CA GLY A 380 -18.14 23.83 32.96
C GLY A 380 -17.08 23.32 31.99
N SER A 381 -16.92 24.04 30.88
CA SER A 381 -15.92 23.71 29.88
C SER A 381 -15.26 25.00 29.40
N PHE A 382 -13.95 24.96 29.22
CA PHE A 382 -13.20 26.13 28.80
C PHE A 382 -12.11 25.73 27.82
N ILE A 383 -11.70 26.68 27.00
CA ILE A 383 -10.56 26.54 26.11
C ILE A 383 -9.56 27.62 26.48
N PHE A 384 -8.33 27.21 26.79
CA PHE A 384 -7.28 28.14 27.17
C PHE A 384 -6.26 28.26 26.04
N GLY A 391 -0.87 31.16 34.62
CA GLY A 391 -0.87 30.55 33.30
C GLY A 391 -1.98 29.54 33.12
N LYS A 392 -2.00 28.88 31.97
CA LYS A 392 -3.03 27.89 31.70
C LYS A 392 -3.01 26.79 32.75
N THR A 393 -1.90 26.06 32.84
CA THR A 393 -1.81 24.99 33.83
C THR A 393 -1.91 25.55 35.24
N GLU A 394 -1.26 26.68 35.50
CA GLU A 394 -1.33 27.28 36.83
C GLU A 394 -2.76 27.69 37.16
N LEU A 395 -3.46 28.30 36.20
CA LEU A 395 -4.84 28.70 36.45
C LEU A 395 -5.72 27.49 36.73
N SER A 396 -5.54 26.41 35.95
CA SER A 396 -6.32 25.21 36.19
C SER A 396 -6.04 24.63 37.57
N LYS A 397 -4.77 24.60 37.97
CA LYS A 397 -4.43 24.09 39.29
C LYS A 397 -5.06 24.94 40.38
N ALA A 398 -4.97 26.27 40.26
CA ALA A 398 -5.57 27.14 41.26
C ALA A 398 -7.08 26.97 41.31
N LEU A 399 -7.72 26.82 40.16
CA LEU A 399 -9.16 26.63 40.12
C LEU A 399 -9.54 25.32 40.80
N ALA A 400 -8.80 24.24 40.53
CA ALA A 400 -9.08 22.97 41.19
C ALA A 400 -8.89 23.09 42.69
N ASN A 401 -7.82 23.75 43.13
CA ASN A 401 -7.60 23.91 44.56
C ASN A 401 -8.74 24.68 45.21
N PHE A 402 -9.17 25.78 44.57
CA PHE A 402 -10.29 26.54 45.11
C PHE A 402 -11.57 25.73 45.07
N LEU A 403 -11.79 24.97 43.99
CA LEU A 403 -12.97 24.15 43.85
C LEU A 403 -12.71 22.79 44.48
N PHE A 404 -13.57 21.82 44.21
CA PHE A 404 -13.49 20.51 44.85
C PHE A 404 -12.05 19.99 44.88
N GLY A 405 -11.60 19.65 46.08
CA GLY A 405 -10.29 19.06 46.25
C GLY A 405 -9.16 20.08 46.21
N ASP A 406 -7.95 19.57 46.42
CA ASP A 406 -6.74 20.36 46.31
C ASP A 406 -6.15 20.25 44.91
N ASP A 407 -4.93 20.75 44.72
CA ASP A 407 -4.29 20.70 43.41
C ASP A 407 -4.18 19.29 42.85
N ASP A 408 -4.35 18.27 43.70
CA ASP A 408 -4.36 16.89 43.24
C ASP A 408 -5.62 16.55 42.44
N ALA A 409 -6.66 17.38 42.53
CA ALA A 409 -7.87 17.14 41.75
C ALA A 409 -7.65 17.27 40.26
N LEU A 410 -6.59 17.97 39.85
CA LEU A 410 -6.30 18.12 38.43
C LEU A 410 -5.91 16.77 37.81
N ILE A 411 -6.38 16.54 36.60
CA ILE A 411 -6.06 15.33 35.84
C ILE A 411 -5.50 15.81 34.50
N GLN A 412 -4.18 15.69 34.34
CA GLN A 412 -3.52 16.12 33.11
C GLN A 412 -3.49 14.97 32.12
N ILE A 413 -3.92 15.25 30.89
CA ILE A 413 -3.89 14.27 29.81
C ILE A 413 -3.11 14.88 28.65
N ASP A 414 -1.98 14.25 28.31
CA ASP A 414 -1.17 14.69 27.18
C ASP A 414 -1.81 14.16 25.89
N MET A 415 -2.37 15.07 25.10
CA MET A 415 -3.03 14.70 23.85
C MET A 415 -2.09 14.67 22.67
N GLY A 416 -0.81 15.01 22.87
CA GLY A 416 0.13 14.98 21.76
C GLY A 416 0.43 13.57 21.28
N GLU A 417 0.59 12.63 22.21
CA GLU A 417 1.02 11.28 21.84
C GLU A 417 -0.07 10.48 21.14
N PHE A 418 -1.31 10.98 21.11
CA PHE A 418 -2.41 10.27 20.49
C PHE A 418 -2.60 10.64 19.03
N HIS A 419 -1.68 11.43 18.46
CA HIS A 419 -1.78 11.81 17.06
C HIS A 419 -1.81 10.58 16.17
N THR A 423 -4.38 4.87 19.97
CA THR A 423 -5.25 6.00 20.24
C THR A 423 -6.48 5.55 21.04
N ALA A 424 -6.91 4.31 20.80
CA ALA A 424 -8.04 3.77 21.55
C ALA A 424 -7.73 3.62 23.04
N SER A 425 -6.45 3.65 23.42
CA SER A 425 -6.11 3.50 24.82
C SER A 425 -6.71 4.63 25.66
N ARG A 426 -6.62 5.87 25.18
CA ARG A 426 -7.12 7.00 25.96
C ARG A 426 -8.64 6.98 26.03
N LEU A 427 -9.31 6.70 24.92
CA LEU A 427 -10.77 6.80 24.89
C LEU A 427 -11.41 5.77 25.80
N PHE A 428 -11.21 4.49 25.48
CA PHE A 428 -11.84 3.41 26.22
C PHE A 428 -10.88 2.29 26.57
N GLY A 429 -9.59 2.45 26.31
CA GLY A 429 -8.65 1.36 26.49
C GLY A 429 -8.60 0.49 25.27
N ALA A 430 -9.31 -0.63 25.30
CA ALA A 430 -9.39 -1.53 24.17
C ALA A 430 -10.62 -2.41 24.33
N PRO A 431 -11.14 -2.97 23.24
CA PRO A 431 -12.29 -3.86 23.36
C PRO A 431 -11.89 -5.18 24.00
N PRO A 432 -12.87 -5.98 24.43
CA PRO A 432 -12.51 -7.29 25.00
C PRO A 432 -11.74 -8.13 24.00
N GLY A 433 -10.78 -8.89 24.51
CA GLY A 433 -9.97 -9.75 23.68
C GLY A 433 -8.81 -9.08 22.99
N TYR A 434 -8.48 -7.84 23.36
CA TYR A 434 -7.38 -7.10 22.75
C TYR A 434 -6.49 -6.52 23.84
N VAL A 435 -5.22 -6.33 23.49
CA VAL A 435 -4.25 -5.82 24.46
C VAL A 435 -4.73 -4.49 25.02
N GLY A 436 -4.60 -4.33 26.33
CA GLY A 436 -5.05 -3.14 27.00
C GLY A 436 -6.45 -3.21 27.57
N TYR A 437 -7.08 -4.39 27.56
CA TYR A 437 -8.40 -4.52 28.17
C TYR A 437 -8.31 -4.53 29.69
N GLU A 438 -7.26 -5.15 30.25
CA GLU A 438 -7.17 -5.29 31.69
C GLU A 438 -7.10 -3.94 32.38
N GLU A 439 -6.30 -3.02 31.85
CA GLU A 439 -6.20 -1.69 32.44
C GLU A 439 -7.54 -0.97 32.37
N THR A 444 -11.58 8.37 31.73
CA THR A 444 -12.29 7.14 32.04
C THR A 444 -11.59 6.38 33.15
N GLU A 445 -10.32 6.03 32.93
CA GLU A 445 -9.56 5.30 33.95
C GLU A 445 -9.40 6.15 35.20
N LYS A 446 -9.11 7.44 35.04
CA LYS A 446 -8.92 8.33 36.18
C LYS A 446 -10.21 9.02 36.60
N VAL A 447 -11.10 9.31 35.65
CA VAL A 447 -12.32 10.03 35.99
C VAL A 447 -13.23 9.18 36.87
N ARG A 448 -13.30 7.87 36.61
CA ARG A 448 -14.21 7.02 37.37
C ARG A 448 -13.86 7.04 38.86
N ARG A 449 -12.58 6.93 39.19
CA ARG A 449 -12.17 6.91 40.59
C ARG A 449 -12.29 8.28 41.25
N LYS A 450 -12.24 9.36 40.47
CA LYS A 450 -12.30 10.73 40.98
C LYS A 450 -13.38 11.48 40.23
N PRO A 451 -14.66 11.25 40.57
CA PRO A 451 -15.74 11.93 39.85
C PRO A 451 -15.66 13.45 39.92
N PHE A 452 -15.21 14.00 41.04
CA PHE A 452 -15.04 15.44 41.20
C PHE A 452 -13.60 15.79 40.87
N SER A 453 -13.36 16.26 39.65
CA SER A 453 -12.00 16.56 39.22
C SER A 453 -12.06 17.59 38.09
N VAL A 454 -10.91 18.21 37.83
CA VAL A 454 -10.74 19.14 36.72
C VAL A 454 -9.86 18.45 35.70
N VAL A 455 -10.41 18.18 34.53
CA VAL A 455 -9.73 17.41 33.49
C VAL A 455 -9.10 18.40 32.52
N LEU A 456 -7.77 18.45 32.49
CA LEU A 456 -7.03 19.34 31.62
C LEU A 456 -6.42 18.52 30.49
N PHE A 457 -6.64 18.97 29.26
CA PHE A 457 -6.07 18.35 28.07
C PHE A 457 -4.97 19.25 27.53
N ASP A 458 -3.79 18.67 27.30
CA ASP A 458 -2.62 19.43 26.86
C ASP A 458 -2.41 19.24 25.37
N GLU A 459 -2.15 20.34 24.66
CA GLU A 459 -1.77 20.38 23.26
C GLU A 459 -2.92 20.03 22.31
N ILE A 460 -4.09 19.64 22.83
CA ILE A 460 -5.21 19.29 21.98
C ILE A 460 -5.46 20.36 20.93
N ILE A 467 -11.46 10.22 18.02
CA ILE A 467 -11.24 10.87 19.32
C ILE A 467 -12.31 11.90 19.56
N TYR A 468 -12.47 12.82 18.61
CA TYR A 468 -13.35 13.97 18.82
C TYR A 468 -14.79 13.54 19.08
N ASN A 469 -15.20 12.37 18.57
CA ASN A 469 -16.57 11.93 18.79
C ASN A 469 -16.85 11.71 20.28
N SER A 470 -15.90 11.08 20.98
CA SER A 470 -16.09 10.84 22.41
C SER A 470 -16.12 12.15 23.18
N LEU A 471 -15.25 13.11 22.82
CA LEU A 471 -15.27 14.40 23.48
C LEU A 471 -16.60 15.11 23.25
N LEU A 472 -17.12 15.03 22.03
CA LEU A 472 -18.41 15.65 21.75
C LEU A 472 -19.51 14.98 22.56
N GLN A 473 -19.49 13.65 22.67
CA GLN A 473 -20.49 12.97 23.49
C GLN A 473 -20.40 13.42 24.93
N VAL A 474 -19.17 13.54 25.46
CA VAL A 474 -18.99 13.98 26.83
C VAL A 474 -19.56 15.38 27.02
N LEU A 475 -19.24 16.28 26.10
CA LEU A 475 -19.67 17.67 26.23
C LEU A 475 -21.18 17.80 26.14
N GLU A 476 -21.81 17.03 25.24
CA GLU A 476 -23.23 17.21 24.97
C GLU A 476 -24.12 16.47 25.97
N ASP A 477 -23.69 15.28 26.39
CA ASP A 477 -24.49 14.46 27.31
C ASP A 477 -23.87 14.28 28.67
N GLY A 478 -22.56 14.47 28.81
CA GLY A 478 -21.93 14.37 30.11
C GLY A 478 -21.77 12.95 30.62
N ARG A 479 -21.53 11.99 29.73
CA ARG A 479 -21.27 10.62 30.13
C ARG A 479 -20.46 9.94 29.04
N LEU A 480 -19.78 8.85 29.42
CA LEU A 480 -19.03 8.08 28.45
C LEU A 480 -18.98 6.63 28.92
N THR A 481 -18.69 5.73 27.98
CA THR A 481 -18.62 4.31 28.25
C THR A 481 -17.26 3.79 27.81
N ASP A 482 -16.53 3.17 28.72
CA ASP A 482 -15.21 2.63 28.41
C ASP A 482 -15.38 1.26 27.75
N GLY A 483 -14.28 0.54 27.57
CA GLY A 483 -14.33 -0.76 26.92
C GLY A 483 -14.92 -1.85 27.77
N GLN A 484 -14.96 -1.67 29.08
CA GLN A 484 -15.50 -2.67 30.00
C GLN A 484 -16.98 -2.48 30.29
N GLY A 485 -17.63 -1.49 29.67
CA GLY A 485 -19.04 -1.27 29.82
C GLY A 485 -19.43 -0.28 30.90
N ARG A 486 -18.65 -0.21 31.98
CA ARG A 486 -18.97 0.71 33.06
C ARG A 486 -19.04 2.15 32.54
N THR A 487 -20.08 2.86 32.98
CA THR A 487 -20.28 4.24 32.56
C THR A 487 -19.58 5.20 33.52
N VAL A 488 -18.91 6.20 32.96
CA VAL A 488 -18.20 7.22 33.73
C VAL A 488 -18.86 8.57 33.44
N ASP A 489 -19.15 9.32 34.51
CA ASP A 489 -19.93 10.53 34.44
C ASP A 489 -19.03 11.77 34.46
N PHE A 490 -19.51 12.83 33.80
CA PHE A 490 -18.84 14.13 33.82
C PHE A 490 -19.77 15.25 34.26
N LYS A 491 -20.90 14.92 34.90
CA LYS A 491 -21.90 15.95 35.19
C LYS A 491 -21.35 17.03 36.10
N ASN A 492 -20.35 16.69 36.93
CA ASN A 492 -19.80 17.64 37.90
C ASN A 492 -18.36 18.06 37.61
N THR A 493 -17.64 17.32 36.78
CA THR A 493 -16.27 17.68 36.47
C THR A 493 -16.24 18.93 35.59
N VAL A 494 -15.06 19.55 35.54
CA VAL A 494 -14.82 20.75 34.74
C VAL A 494 -13.73 20.45 33.73
N LEU A 495 -13.99 20.72 32.46
CA LEU A 495 -13.07 20.37 31.38
C LEU A 495 -12.34 21.61 30.90
N ILE A 496 -11.03 21.49 30.70
CA ILE A 496 -10.19 22.56 30.20
C ILE A 496 -9.38 22.03 29.03
N PHE A 497 -9.38 22.76 27.93
CA PHE A 497 -8.62 22.43 26.74
C PHE A 497 -7.59 23.52 26.49
N THR A 498 -6.34 23.13 26.28
CA THR A 498 -5.26 24.06 26.00
C THR A 498 -4.83 23.92 24.55
N SER A 499 -4.28 25.01 24.01
CA SER A 499 -3.84 25.05 22.63
C SER A 499 -2.66 26.01 22.50
N ASN A 500 -1.94 25.88 21.39
CA ASN A 500 -0.81 26.76 21.13
C ASN A 500 -1.31 28.15 20.80
N GLY A 511 4.94 36.61 9.92
CA GLY A 511 6.03 37.33 9.30
C GLY A 511 6.76 36.52 8.26
N LEU A 512 6.05 36.15 7.19
CA LEU A 512 6.61 35.33 6.13
C LEU A 512 7.31 36.18 5.08
N GLY A 513 6.58 37.09 4.45
CA GLY A 513 7.06 37.81 3.29
C GLY A 513 7.71 39.13 3.62
N PHE A 514 7.63 40.05 2.67
CA PHE A 514 8.24 41.36 2.85
C PHE A 514 7.40 42.22 3.78
N SER A 515 8.08 43.03 4.57
CA SER A 515 7.42 43.94 5.50
C SER A 515 8.26 45.19 5.68
N PHE A 538 -11.18 22.69 14.57
CA PHE A 538 -12.23 22.27 15.51
C PHE A 538 -13.60 22.31 14.83
N ARG A 539 -14.29 21.17 14.86
CA ARG A 539 -15.60 21.10 14.24
C ARG A 539 -16.53 22.11 14.90
N PRO A 540 -17.38 22.81 14.13
CA PRO A 540 -18.16 23.89 14.74
C PRO A 540 -18.95 23.48 15.97
N GLU A 541 -19.58 22.29 15.95
CA GLU A 541 -20.34 21.86 17.12
C GLU A 541 -19.44 21.77 18.35
N PHE A 542 -18.21 21.29 18.18
CA PHE A 542 -17.28 21.22 19.29
C PHE A 542 -17.04 22.61 19.87
N LEU A 543 -16.85 23.62 19.02
CA LEU A 543 -16.59 24.96 19.50
C LEU A 543 -17.82 25.58 20.16
N ASN A 544 -19.02 25.20 19.71
CA ASN A 544 -20.23 25.73 20.32
C ASN A 544 -20.51 25.11 21.68
N ARG A 545 -20.24 23.81 21.84
CA ARG A 545 -20.58 23.15 23.09
C ARG A 545 -19.77 23.68 24.27
N ILE A 546 -18.52 24.10 24.04
CA ILE A 546 -17.70 24.61 25.13
C ILE A 546 -18.36 25.83 25.74
N ASP A 547 -18.37 25.89 27.07
CA ASP A 547 -19.08 26.97 27.76
C ASP A 547 -18.49 28.33 27.41
N ASP A 548 -17.17 28.44 27.41
CA ASP A 548 -16.53 29.73 27.19
C ASP A 548 -15.12 29.52 26.67
N ILE A 549 -14.54 30.60 26.13
CA ILE A 549 -13.18 30.60 25.63
C ILE A 549 -12.40 31.66 26.39
N ILE A 550 -11.20 31.30 26.84
CA ILE A 550 -10.33 32.20 27.59
C ILE A 550 -9.02 32.33 26.83
N VAL A 551 -8.49 33.54 26.77
CA VAL A 551 -7.23 33.80 26.08
C VAL A 551 -6.34 34.69 26.92
N ARG A 557 5.42 44.72 32.26
CA ARG A 557 6.73 44.24 32.70
C ARG A 557 6.73 43.97 34.20
N GLU A 558 5.91 44.73 34.94
CA GLU A 558 5.81 44.53 36.37
C GLU A 558 5.26 43.15 36.73
N GLU A 559 4.55 42.50 35.82
CA GLU A 559 4.03 41.17 36.11
C GLU A 559 5.16 40.18 36.38
N ILE A 560 6.23 40.25 35.59
CA ILE A 560 7.38 39.38 35.82
C ILE A 560 8.06 39.74 37.13
N ILE A 561 8.09 41.04 37.46
CA ILE A 561 8.67 41.47 38.73
C ILE A 561 7.93 40.83 39.89
N ARG A 562 6.60 40.83 39.82
CA ARG A 562 5.80 40.15 40.84
C ARG A 562 6.06 38.65 40.83
N MET A 563 6.18 38.07 39.64
CA MET A 563 6.37 36.62 39.55
C MET A 563 7.67 36.18 40.22
N VAL A 564 8.75 36.93 40.00
CA VAL A 564 10.05 36.51 40.51
C VAL A 564 10.03 36.45 42.03
N ASP A 565 9.46 37.48 42.67
CA ASP A 565 9.42 37.48 44.13
C ASP A 565 8.37 36.52 44.66
N LEU A 566 7.33 36.22 43.87
CA LEU A 566 6.39 35.19 44.27
C LEU A 566 7.06 33.82 44.33
N MET A 567 7.89 33.52 43.33
CA MET A 567 8.53 32.21 43.29
C MET A 567 9.67 32.08 44.29
N ILE A 568 10.17 33.18 44.84
CA ILE A 568 11.25 33.14 45.80
C ILE A 568 10.69 32.88 47.20
N THR A 585 17.57 42.48 45.02
CA THR A 585 17.41 43.90 44.76
C THR A 585 16.70 44.14 43.43
N ASP A 586 16.36 45.40 43.17
CA ASP A 586 15.63 45.72 41.95
C ASP A 586 16.41 45.33 40.70
N ALA A 587 17.71 45.62 40.67
CA ALA A 587 18.53 45.22 39.53
C ALA A 587 18.57 43.69 39.42
N ALA A 588 18.73 43.00 40.54
CA ALA A 588 18.74 41.54 40.51
C ALA A 588 17.40 40.99 40.04
N LYS A 589 16.30 41.59 40.50
CA LYS A 589 14.98 41.13 40.07
C LYS A 589 14.80 41.33 38.58
N ALA A 590 15.23 42.48 38.06
CA ALA A 590 15.13 42.74 36.62
C ALA A 590 15.98 41.75 35.83
N LEU A 591 17.19 41.45 36.33
CA LEU A 591 18.04 40.49 35.66
C LEU A 591 17.40 39.10 35.63
N LEU A 592 16.82 38.68 36.75
CA LEU A 592 16.13 37.39 36.80
C LEU A 592 14.97 37.37 35.82
N ALA A 593 14.21 38.47 35.76
CA ALA A 593 13.07 38.54 34.84
C ALA A 593 13.53 38.44 33.40
N LYS A 594 14.59 39.16 33.03
CA LYS A 594 15.05 39.11 31.65
C LYS A 594 15.65 37.76 31.31
N ARG A 595 16.26 37.09 32.29
CA ARG A 595 16.85 35.78 32.03
C ARG A 595 15.78 34.71 31.84
N GLY A 596 14.77 34.70 32.72
CA GLY A 596 13.80 33.63 32.72
C GLY A 596 12.51 33.92 31.95
N PHE A 597 12.34 35.16 31.51
CA PHE A 597 11.15 35.56 30.78
C PHE A 597 11.55 36.36 29.54
N ASP A 598 10.71 36.32 28.52
CA ASP A 598 10.93 37.09 27.31
C ASP A 598 9.66 37.83 26.90
N ARG A 604 8.43 29.53 31.84
CA ARG A 604 8.79 28.27 32.47
C ARG A 604 10.25 28.25 32.93
N PRO A 605 11.17 28.77 32.11
CA PRO A 605 12.59 28.75 32.49
C PRO A 605 12.92 29.56 33.73
N LEU A 606 12.01 30.41 34.21
CA LEU A 606 12.34 31.30 35.31
C LEU A 606 12.73 30.53 36.56
N ARG A 607 11.99 29.47 36.90
CA ARG A 607 12.31 28.68 38.08
C ARG A 607 13.69 28.03 37.94
N ARG A 608 13.99 27.48 36.77
CA ARG A 608 15.29 26.85 36.57
C ARG A 608 16.41 27.87 36.69
N THR A 609 16.21 29.07 36.13
CA THR A 609 17.23 30.10 36.25
C THR A 609 17.44 30.52 37.70
N ILE A 610 16.35 30.69 38.44
CA ILE A 610 16.47 31.06 39.84
C ILE A 610 17.24 29.99 40.60
N GLN A 611 16.90 28.73 40.36
CA GLN A 611 17.61 27.64 41.03
C GLN A 611 19.08 27.64 40.64
N ARG A 612 19.39 27.85 39.36
CA ARG A 612 20.77 27.75 38.91
C ARG A 612 21.63 28.88 39.49
N GLU A 613 21.06 30.08 39.62
CA GLU A 613 21.85 31.22 40.09
C GLU A 613 21.72 31.45 41.59
N ILE A 614 20.53 31.81 42.06
CA ILE A 614 20.39 32.35 43.41
C ILE A 614 20.52 31.25 44.45
N GLU A 615 19.70 30.21 44.33
CA GLU A 615 19.76 29.11 45.28
C GLU A 615 21.14 28.45 45.25
N ASP A 616 21.70 28.26 44.06
CA ASP A 616 23.01 27.62 43.95
C ASP A 616 24.06 28.43 44.69
N GLN A 617 24.15 29.74 44.39
CA GLN A 617 25.20 30.54 45.01
C GLN A 617 24.99 30.72 46.50
N LEU A 618 23.73 30.81 46.95
CA LEU A 618 23.49 30.95 48.37
C LEU A 618 23.77 29.66 49.14
N SER A 619 23.55 28.51 48.52
CA SER A 619 23.87 27.25 49.18
C SER A 619 25.36 27.17 49.48
N GLU A 620 26.20 27.59 48.53
CA GLU A 620 27.64 27.61 48.74
C GLU A 620 28.08 28.96 49.29
N SER B 1 -30.07 -51.14 59.24
CA SER B 1 -30.89 -49.96 59.36
C SER B 1 -30.42 -49.10 60.53
N LEU B 2 -29.96 -49.76 61.59
CA LEU B 2 -29.49 -49.02 62.76
C LEU B 2 -28.26 -48.19 62.41
N VAL B 3 -27.32 -48.76 61.66
CA VAL B 3 -26.13 -48.01 61.26
C VAL B 3 -26.41 -47.15 60.04
N LEU B 4 -27.25 -47.66 59.12
CA LEU B 4 -27.55 -46.88 57.91
C LEU B 4 -28.25 -45.58 58.25
N ASP B 5 -29.17 -45.61 59.21
CA ASP B 5 -29.92 -44.41 59.55
C ASP B 5 -29.01 -43.28 60.01
N GLN B 6 -27.86 -43.61 60.59
CA GLN B 6 -26.93 -42.58 61.02
C GLN B 6 -26.42 -41.77 59.84
N PHE B 7 -26.08 -42.45 58.74
CA PHE B 7 -25.49 -41.80 57.57
C PHE B 7 -26.45 -41.70 56.39
N GLY B 8 -27.70 -42.13 56.54
CA GLY B 8 -28.62 -42.14 55.43
C GLY B 8 -30.05 -41.88 55.88
N ARG B 9 -30.91 -41.65 54.89
CA ARG B 9 -32.32 -41.39 55.10
C ARG B 9 -33.13 -42.37 54.28
N ASN B 10 -34.10 -43.02 54.90
CA ASN B 10 -34.87 -44.07 54.23
C ASN B 10 -35.97 -43.42 53.39
N LEU B 11 -35.74 -43.34 52.09
CA LEU B 11 -36.75 -42.76 51.20
C LEU B 11 -38.01 -43.60 51.17
N THR B 12 -37.87 -44.92 51.19
CA THR B 12 -39.05 -45.78 51.13
C THR B 12 -39.94 -45.58 52.34
N ALA B 13 -39.35 -45.42 53.52
CA ALA B 13 -40.16 -45.15 54.71
C ALA B 13 -40.89 -43.82 54.57
N ALA B 14 -40.21 -42.80 54.04
CA ALA B 14 -40.87 -41.52 53.84
C ALA B 14 -42.05 -41.65 52.88
N ALA B 15 -41.87 -42.41 51.80
CA ALA B 15 -42.97 -42.63 50.88
C ALA B 15 -44.11 -43.39 51.55
N MET B 16 -43.77 -44.36 52.39
CA MET B 16 -44.81 -45.08 53.13
C MET B 16 -45.62 -44.12 54.00
N GLU B 17 -44.93 -43.21 54.68
CA GLU B 17 -45.62 -42.20 55.48
C GLU B 17 -46.22 -41.09 54.64
N GLY B 18 -45.93 -41.05 53.35
CA GLY B 18 -46.52 -40.05 52.48
C GLY B 18 -45.89 -38.67 52.58
N LYS B 19 -44.61 -38.60 52.90
CA LYS B 19 -43.92 -37.32 53.04
C LYS B 19 -43.35 -36.81 51.72
N LEU B 20 -43.36 -37.62 50.66
CA LEU B 20 -42.81 -37.22 49.37
C LEU B 20 -43.91 -36.63 48.49
N ASP B 21 -43.50 -35.76 47.57
CA ASP B 21 -44.44 -35.15 46.65
C ASP B 21 -44.79 -36.11 45.52
N PRO B 22 -45.95 -35.96 44.89
CA PRO B 22 -46.31 -36.83 43.78
C PRO B 22 -45.38 -36.65 42.60
N VAL B 23 -45.21 -37.72 41.83
CA VAL B 23 -44.43 -37.70 40.60
C VAL B 23 -45.37 -38.10 39.46
N ILE B 24 -45.45 -37.24 38.45
CA ILE B 24 -46.40 -37.40 37.36
C ILE B 24 -45.64 -37.40 36.04
N GLY B 25 -45.92 -38.39 35.19
CA GLY B 25 -45.43 -38.40 33.83
C GLY B 25 -44.03 -38.97 33.65
N ARG B 26 -43.36 -39.37 34.73
CA ARG B 26 -42.00 -39.90 34.64
C ARG B 26 -41.99 -41.42 34.60
N GLU B 27 -43.02 -42.03 34.00
CA GLU B 27 -43.06 -43.49 33.93
C GLU B 27 -41.92 -44.04 33.10
N LYS B 28 -41.58 -43.36 32.00
CA LYS B 28 -40.51 -43.85 31.13
C LYS B 28 -39.16 -43.86 31.85
N GLU B 29 -38.84 -42.75 32.53
CA GLU B 29 -37.55 -42.68 33.22
C GLU B 29 -37.49 -43.68 34.37
N ILE B 30 -38.57 -43.82 35.12
CA ILE B 30 -38.58 -44.79 36.22
C ILE B 30 -38.43 -46.20 35.68
N GLU B 31 -39.11 -46.50 34.56
CA GLU B 31 -38.96 -47.81 33.95
C GLU B 31 -37.52 -48.06 33.53
N ARG B 32 -36.89 -47.06 32.93
CA ARG B 32 -35.50 -47.21 32.51
C ARG B 32 -34.58 -47.42 33.71
N VAL B 33 -34.82 -46.68 34.79
CA VAL B 33 -34.00 -46.84 35.99
C VAL B 33 -34.14 -48.26 36.54
N MET B 34 -35.36 -48.77 36.60
CA MET B 34 -35.57 -50.14 37.07
C MET B 34 -34.89 -51.14 36.14
N GLN B 35 -35.01 -50.91 34.84
CA GLN B 35 -34.39 -51.80 33.86
C GLN B 35 -32.87 -51.84 34.03
N VAL B 36 -32.25 -50.70 34.30
CA VAL B 36 -30.81 -50.70 34.54
C VAL B 36 -30.49 -51.37 35.87
N LEU B 37 -31.32 -51.13 36.89
CA LEU B 37 -31.08 -51.75 38.19
C LEU B 37 -31.21 -53.26 38.14
N SER B 38 -31.88 -53.81 37.13
CA SER B 38 -32.05 -55.25 37.02
C SER B 38 -30.90 -55.93 36.31
N ARG B 39 -29.86 -55.20 35.92
CA ARG B 39 -28.75 -55.79 35.18
C ARG B 39 -27.96 -56.75 36.05
N ARG B 40 -27.27 -57.70 35.39
CA ARG B 40 -26.43 -58.64 36.11
C ARG B 40 -25.23 -57.94 36.74
N THR B 41 -24.56 -57.08 35.97
CA THR B 41 -23.39 -56.37 36.46
C THR B 41 -23.46 -54.91 36.02
N LYS B 42 -22.79 -54.05 36.78
CA LYS B 42 -22.75 -52.62 36.48
C LYS B 42 -24.15 -52.01 36.52
N ASN B 43 -24.97 -52.49 37.46
CA ASN B 43 -26.34 -52.02 37.60
C ASN B 43 -26.37 -50.77 38.49
N ASN B 44 -25.79 -49.69 37.97
CA ASN B 44 -25.69 -48.42 38.68
C ASN B 44 -26.14 -47.29 37.77
N PRO B 45 -27.45 -47.07 37.64
CA PRO B 45 -27.91 -45.96 36.81
C PRO B 45 -27.52 -44.61 37.40
N VAL B 46 -27.29 -43.65 36.52
CA VAL B 46 -27.03 -42.27 36.92
C VAL B 46 -27.96 -41.37 36.13
N LEU B 47 -28.71 -40.54 36.83
CA LEU B 47 -29.65 -39.62 36.21
C LEU B 47 -28.92 -38.34 35.82
N ILE B 48 -28.89 -38.05 34.53
CA ILE B 48 -28.18 -36.90 33.99
C ILE B 48 -29.22 -35.92 33.44
N GLY B 49 -29.18 -34.70 33.91
CA GLY B 49 -30.11 -33.69 33.44
C GLY B 49 -29.80 -32.34 34.04
N GLU B 50 -30.34 -31.31 33.39
CA GLU B 50 -30.11 -29.95 33.83
C GLU B 50 -30.84 -29.69 35.15
N PRO B 51 -30.39 -28.71 35.93
CA PRO B 51 -31.03 -28.49 37.23
C PRO B 51 -32.50 -28.14 37.08
N GLY B 52 -33.32 -28.72 37.96
CA GLY B 52 -34.74 -28.45 37.98
C GLY B 52 -35.59 -29.33 37.07
N VAL B 53 -34.99 -30.24 36.31
CA VAL B 53 -35.78 -31.10 35.45
C VAL B 53 -36.45 -32.22 36.23
N GLY B 54 -36.05 -32.46 37.47
CA GLY B 54 -36.71 -33.44 38.31
C GLY B 54 -35.92 -34.72 38.49
N LYS B 55 -34.61 -34.61 38.62
CA LYS B 55 -33.77 -35.79 38.81
C LYS B 55 -34.07 -36.47 40.14
N THR B 56 -34.16 -35.69 41.22
CA THR B 56 -34.52 -36.26 42.51
C THR B 56 -35.98 -36.72 42.53
N ALA B 57 -36.83 -36.04 41.75
CA ALA B 57 -38.22 -36.47 41.66
C ALA B 57 -38.34 -37.86 41.07
N VAL B 58 -37.44 -38.23 40.15
CA VAL B 58 -37.49 -39.56 39.56
C VAL B 58 -37.24 -40.61 40.64
N VAL B 59 -36.24 -40.39 41.50
CA VAL B 59 -35.96 -41.35 42.56
C VAL B 59 -37.09 -41.37 43.58
N GLU B 60 -37.68 -40.22 43.86
CA GLU B 60 -38.83 -40.20 44.76
C GLU B 60 -39.99 -41.00 44.17
N GLY B 61 -40.21 -40.88 42.86
CA GLY B 61 -41.23 -41.67 42.22
C GLY B 61 -40.92 -43.16 42.25
N LEU B 62 -39.64 -43.51 42.13
CA LEU B 62 -39.24 -44.91 42.24
C LEU B 62 -39.54 -45.44 43.64
N ALA B 63 -39.27 -44.63 44.67
CA ALA B 63 -39.60 -45.03 46.03
C ALA B 63 -41.11 -45.19 46.19
N GLN B 64 -41.88 -44.28 45.61
CA GLN B 64 -43.34 -44.40 45.65
C GLN B 64 -43.80 -45.69 44.99
N ALA B 65 -43.22 -46.02 43.84
CA ALA B 65 -43.58 -47.26 43.17
C ALA B 65 -43.24 -48.47 44.02
N ILE B 66 -42.05 -48.47 44.63
CA ILE B 66 -41.68 -49.58 45.50
C ILE B 66 -42.69 -49.73 46.62
N VAL B 67 -43.12 -48.61 47.20
CA VAL B 67 -44.12 -48.67 48.27
C VAL B 67 -45.42 -49.26 47.75
N HIS B 68 -45.85 -48.84 46.56
CA HIS B 68 -47.11 -49.30 46.01
C HIS B 68 -47.04 -50.69 45.40
N GLY B 69 -45.85 -51.25 45.25
CA GLY B 69 -45.71 -52.59 44.70
C GLY B 69 -45.76 -52.67 43.20
N GLU B 70 -45.78 -51.53 42.49
CA GLU B 70 -45.78 -51.55 41.04
C GLU B 70 -44.46 -51.98 40.45
N VAL B 71 -43.42 -52.12 41.27
CA VAL B 71 -42.07 -52.44 40.79
C VAL B 71 -42.03 -53.90 40.36
N PRO B 72 -41.05 -54.31 39.57
CA PRO B 72 -40.93 -55.72 39.17
C PRO B 72 -40.46 -56.61 40.31
N GLU B 73 -40.24 -57.88 40.03
CA GLU B 73 -39.80 -58.82 41.06
C GLU B 73 -38.44 -58.42 41.63
N THR B 74 -37.52 -58.02 40.77
CA THR B 74 -36.15 -57.75 41.22
C THR B 74 -36.08 -56.58 42.18
N LEU B 75 -37.13 -55.75 42.26
CA LEU B 75 -37.13 -54.57 43.13
C LEU B 75 -38.27 -54.61 44.14
N LYS B 76 -38.87 -55.77 44.37
CA LYS B 76 -39.99 -55.85 45.29
C LYS B 76 -39.50 -55.78 46.73
N ASP B 77 -40.09 -54.87 47.50
CA ASP B 77 -39.77 -54.70 48.92
C ASP B 77 -38.26 -54.50 49.11
N LYS B 78 -37.75 -53.48 48.44
CA LYS B 78 -36.35 -53.08 48.57
C LYS B 78 -36.29 -51.66 49.10
N GLN B 79 -35.65 -51.47 50.24
CA GLN B 79 -35.58 -50.15 50.85
C GLN B 79 -34.59 -49.27 50.09
N LEU B 80 -35.00 -48.06 49.76
CA LEU B 80 -34.17 -47.11 49.04
C LEU B 80 -33.61 -46.12 50.05
N TYR B 81 -32.29 -46.13 50.22
CA TYR B 81 -31.62 -45.31 51.22
C TYR B 81 -30.82 -44.22 50.53
N THR B 82 -31.14 -42.97 50.80
CA THR B 82 -30.34 -41.87 50.28
C THR B 82 -29.16 -41.65 51.21
N LEU B 83 -27.95 -41.62 50.63
CA LEU B 83 -26.72 -41.59 51.38
C LEU B 83 -26.20 -40.15 51.45
N ASP B 84 -25.99 -39.65 52.66
CA ASP B 84 -25.48 -38.31 52.89
C ASP B 84 -23.98 -38.42 53.16
N LEU B 85 -23.17 -38.12 52.13
CA LEU B 85 -21.73 -38.23 52.28
C LEU B 85 -21.19 -37.29 53.34
N GLY B 86 -21.89 -36.20 53.63
CA GLY B 86 -21.45 -35.31 54.69
C GLY B 86 -21.40 -35.99 56.04
N SER B 87 -22.40 -36.83 56.33
CA SER B 87 -22.41 -37.55 57.59
C SER B 87 -21.24 -38.51 57.70
N LEU B 88 -20.89 -39.18 56.60
CA LEU B 88 -19.81 -40.15 56.64
C LEU B 88 -18.49 -39.48 57.02
N VAL B 89 -18.19 -38.33 56.41
CA VAL B 89 -16.92 -37.66 56.64
C VAL B 89 -17.07 -36.63 57.75
N ALA B 90 -18.17 -36.70 58.50
CA ALA B 90 -18.44 -35.72 59.53
C ALA B 90 -17.38 -35.75 60.63
N GLY B 91 -17.33 -36.84 61.39
CA GLY B 91 -16.45 -36.94 62.53
C GLY B 91 -15.11 -37.58 62.25
N SER B 92 -14.82 -37.91 61.00
CA SER B 92 -13.58 -38.60 60.65
C SER B 92 -12.43 -37.63 60.77
N ARG B 93 -11.67 -37.74 61.86
CA ARG B 93 -10.52 -36.88 62.11
C ARG B 93 -9.19 -37.58 61.91
N TYR B 94 -9.12 -38.88 62.22
CA TYR B 94 -7.90 -39.66 62.05
C TYR B 94 -7.94 -40.42 60.74
N ARG B 95 -6.82 -41.05 60.40
CA ARG B 95 -6.65 -41.59 59.05
C ARG B 95 -7.56 -42.78 58.77
N GLY B 96 -7.99 -43.51 59.79
CA GLY B 96 -8.81 -44.68 59.58
C GLY B 96 -10.30 -44.51 59.80
N ASP B 97 -10.76 -43.29 60.09
CA ASP B 97 -12.14 -43.11 60.50
C ASP B 97 -13.10 -43.25 59.31
N PHE B 98 -12.91 -42.43 58.28
CA PHE B 98 -13.86 -42.42 57.17
C PHE B 98 -13.89 -43.77 56.46
N GLU B 99 -12.73 -44.37 56.22
CA GLU B 99 -12.70 -45.67 55.57
C GLU B 99 -13.43 -46.71 56.41
N GLU B 100 -13.25 -46.67 57.73
CA GLU B 100 -13.94 -47.61 58.60
C GLU B 100 -15.45 -47.42 58.52
N ARG B 101 -15.90 -46.17 58.53
CA ARG B 101 -17.34 -45.91 58.45
C ARG B 101 -17.92 -46.43 57.14
N LEU B 102 -17.23 -46.15 56.03
CA LEU B 102 -17.74 -46.60 54.74
C LEU B 102 -17.75 -48.11 54.65
N LYS B 103 -16.70 -48.77 55.16
CA LYS B 103 -16.68 -50.23 55.15
C LYS B 103 -17.81 -50.80 55.99
N LYS B 104 -18.08 -50.21 57.15
CA LYS B 104 -19.19 -50.68 57.98
C LYS B 104 -20.51 -50.52 57.27
N VAL B 105 -20.71 -49.38 56.62
CA VAL B 105 -21.97 -49.16 55.89
C VAL B 105 -22.12 -50.20 54.79
N LEU B 106 -21.05 -50.46 54.04
CA LEU B 106 -21.13 -51.44 52.96
C LEU B 106 -21.40 -52.84 53.52
N LYS B 107 -20.79 -53.17 54.65
CA LYS B 107 -21.04 -54.48 55.25
C LYS B 107 -22.50 -54.62 55.67
N GLU B 108 -23.08 -53.57 56.27
CA GLU B 108 -24.48 -53.63 56.62
C GLU B 108 -25.36 -53.78 55.38
N ILE B 109 -25.05 -53.01 54.32
CA ILE B 109 -25.82 -53.13 53.09
C ILE B 109 -25.77 -54.56 52.56
N ASN B 110 -24.58 -55.15 52.54
CA ASN B 110 -24.43 -56.50 52.02
C ASN B 110 -25.19 -57.51 52.88
N THR B 111 -25.11 -57.37 54.20
CA THR B 111 -25.71 -58.37 55.08
C THR B 111 -27.24 -58.27 55.04
N ARG B 112 -27.79 -57.06 54.92
CA ARG B 112 -29.24 -56.93 54.80
C ARG B 112 -29.73 -57.43 53.45
N GLY B 113 -29.05 -57.03 52.37
CA GLY B 113 -29.33 -57.58 51.06
C GLY B 113 -30.59 -57.09 50.39
N ASP B 114 -31.19 -56.00 50.88
CA ASP B 114 -32.40 -55.47 50.27
C ASP B 114 -32.38 -53.94 50.21
N ILE B 115 -31.20 -53.35 50.05
CA ILE B 115 -31.04 -51.91 50.12
C ILE B 115 -30.50 -51.41 48.78
N ILE B 116 -31.13 -50.37 48.26
CA ILE B 116 -30.69 -49.68 47.05
C ILE B 116 -30.20 -48.31 47.48
N LEU B 117 -28.92 -48.04 47.26
CA LEU B 117 -28.35 -46.75 47.63
C LEU B 117 -28.73 -45.69 46.62
N PHE B 118 -28.85 -44.45 47.09
CA PHE B 118 -29.08 -43.30 46.24
C PHE B 118 -28.08 -42.23 46.65
N ILE B 119 -27.10 -41.98 45.79
CA ILE B 119 -26.05 -41.02 46.05
C ILE B 119 -26.40 -39.77 45.26
N ASP B 120 -27.17 -38.88 45.86
CA ASP B 120 -27.50 -37.62 45.22
C ASP B 120 -26.25 -36.77 45.06
N GLU B 121 -26.18 -36.02 43.97
CA GLU B 121 -25.00 -35.23 43.64
C GLU B 121 -23.77 -36.15 43.57
N LEU B 122 -23.82 -37.07 42.60
CA LEU B 122 -22.77 -38.08 42.48
C LEU B 122 -21.41 -37.45 42.26
N HIS B 123 -21.34 -36.24 41.73
CA HIS B 123 -20.05 -35.62 41.45
C HIS B 123 -19.24 -35.39 42.72
N THR B 124 -19.87 -35.42 43.89
CA THR B 124 -19.16 -35.29 45.15
C THR B 124 -18.55 -36.61 45.61
N LEU B 125 -18.86 -37.71 44.93
CA LEU B 125 -18.26 -38.99 45.31
C LEU B 125 -16.76 -39.00 45.11
N VAL B 126 -16.30 -38.37 44.01
CA VAL B 126 -14.87 -38.30 43.76
C VAL B 126 -14.22 -37.35 44.76
N GLY B 127 -13.20 -37.83 45.46
CA GLY B 127 -12.53 -37.03 46.45
C GLY B 127 -13.21 -36.94 47.79
N ALA B 128 -14.29 -37.68 48.01
CA ALA B 128 -14.97 -37.65 49.29
C ALA B 128 -14.12 -38.36 50.34
N GLY B 129 -13.68 -37.62 51.36
CA GLY B 129 -12.84 -38.19 52.39
C GLY B 129 -11.37 -38.26 52.06
N ALA B 130 -10.95 -37.68 50.93
CA ALA B 130 -9.54 -37.71 50.57
C ALA B 130 -8.74 -36.81 51.51
N ALA B 131 -7.59 -37.31 51.92
CA ALA B 131 -6.67 -36.56 52.76
C ALA B 131 -5.26 -36.92 52.31
N GLU B 132 -4.27 -36.42 53.05
CA GLU B 132 -2.88 -36.72 52.76
C GLU B 132 -2.69 -38.22 52.54
N GLY B 133 -3.00 -39.02 53.55
CA GLY B 133 -3.06 -40.46 53.37
C GLY B 133 -4.43 -40.98 53.76
N ALA B 134 -5.23 -41.36 52.76
CA ALA B 134 -6.60 -41.79 53.00
C ALA B 134 -7.18 -42.32 51.70
N ILE B 135 -7.87 -43.45 51.78
CA ILE B 135 -8.56 -44.00 50.62
C ILE B 135 -9.96 -43.40 50.54
N ASP B 136 -10.23 -42.64 49.49
CA ASP B 136 -11.51 -41.96 49.36
C ASP B 136 -12.62 -42.98 49.06
N ALA B 137 -13.85 -42.47 48.95
CA ALA B 137 -14.99 -43.35 48.75
C ALA B 137 -14.96 -44.00 47.37
N ALA B 138 -14.48 -43.27 46.35
CA ALA B 138 -14.49 -43.82 45.00
C ALA B 138 -13.66 -45.10 44.92
N SER B 139 -12.48 -45.09 45.53
CA SER B 139 -11.62 -46.28 45.48
C SER B 139 -12.24 -47.44 46.23
N ILE B 140 -12.89 -47.17 47.36
CA ILE B 140 -13.52 -48.25 48.12
C ILE B 140 -14.69 -48.84 47.37
N LEU B 141 -15.45 -48.00 46.66
CA LEU B 141 -16.64 -48.46 45.97
C LEU B 141 -16.36 -49.09 44.62
N LYS B 142 -15.25 -48.73 43.97
CA LYS B 142 -15.01 -49.24 42.61
C LYS B 142 -15.04 -50.75 42.53
N PRO B 143 -14.35 -51.51 43.39
CA PRO B 143 -14.41 -52.97 43.27
C PRO B 143 -15.81 -53.54 43.47
N LYS B 144 -16.72 -52.80 44.11
CA LYS B 144 -18.07 -53.29 44.34
C LYS B 144 -19.03 -52.91 43.21
N LEU B 145 -18.93 -51.67 42.71
CA LEU B 145 -19.87 -51.22 41.70
C LEU B 145 -19.73 -52.04 40.41
N ALA B 146 -18.50 -52.35 40.01
CA ALA B 146 -18.30 -53.01 38.72
C ALA B 146 -18.95 -54.38 38.68
N ARG B 147 -18.83 -55.16 39.76
CA ARG B 147 -19.35 -56.53 39.76
C ARG B 147 -20.83 -56.60 40.02
N GLY B 148 -21.49 -55.49 40.35
CA GLY B 148 -22.91 -55.49 40.59
C GLY B 148 -23.33 -55.91 41.99
N GLU B 149 -22.38 -56.14 42.90
CA GLU B 149 -22.74 -56.49 44.26
C GLU B 149 -23.33 -55.31 45.03
N LEU B 150 -23.25 -54.10 44.49
CA LEU B 150 -23.77 -52.90 45.15
C LEU B 150 -24.62 -52.13 44.16
N GLN B 151 -25.92 -52.07 44.41
CA GLN B 151 -26.85 -51.33 43.57
C GLN B 151 -26.94 -49.89 44.07
N THR B 152 -26.61 -48.94 43.21
CA THR B 152 -26.67 -47.53 43.57
C THR B 152 -27.29 -46.75 42.44
N ILE B 153 -27.89 -45.61 42.78
CA ILE B 153 -28.47 -44.69 41.82
C ILE B 153 -27.81 -43.35 42.04
N GLY B 154 -27.11 -42.87 41.02
CA GLY B 154 -26.56 -41.53 41.08
C GLY B 154 -27.47 -40.53 40.42
N ALA B 155 -27.25 -39.26 40.71
CA ALA B 155 -28.02 -38.19 40.09
C ALA B 155 -27.16 -36.95 40.06
N THR B 156 -26.75 -36.53 38.86
CA THR B 156 -25.84 -35.39 38.75
C THR B 156 -26.19 -34.57 37.53
N THR B 157 -25.84 -33.29 37.59
CA THR B 157 -26.07 -32.37 36.49
C THR B 157 -25.14 -32.71 35.33
N LEU B 158 -25.54 -32.29 34.13
CA LEU B 158 -24.71 -32.54 32.95
C LEU B 158 -23.33 -31.91 33.11
N ASP B 159 -23.29 -30.63 33.48
CA ASP B 159 -22.01 -29.93 33.61
C ASP B 159 -21.18 -30.55 34.73
N GLU B 160 -21.80 -30.88 35.86
CA GLU B 160 -21.07 -31.53 36.93
C GLU B 160 -20.58 -32.90 36.51
N TYR B 161 -21.37 -33.61 35.71
CA TYR B 161 -20.94 -34.91 35.19
C TYR B 161 -19.70 -34.76 34.33
N ARG B 162 -19.68 -33.74 33.46
CA ARG B 162 -18.51 -33.54 32.60
C ARG B 162 -17.30 -33.10 33.41
N LYS B 163 -17.49 -32.21 34.38
CA LYS B 163 -16.37 -31.62 35.09
C LYS B 163 -15.69 -32.63 35.99
N TYR B 164 -16.46 -33.38 36.77
CA TYR B 164 -15.91 -34.23 37.82
C TYR B 164 -15.95 -35.71 37.46
N ILE B 165 -17.12 -36.25 37.13
CA ILE B 165 -17.23 -37.69 36.92
C ILE B 165 -16.45 -38.12 35.69
N GLU B 166 -16.54 -37.37 34.60
CA GLU B 166 -15.88 -37.78 33.37
C GLU B 166 -14.36 -37.67 33.45
N LYS B 167 -13.84 -36.95 34.43
CA LYS B 167 -12.39 -36.91 34.62
C LYS B 167 -11.86 -38.20 35.25
N ASP B 168 -12.71 -38.94 35.95
CA ASP B 168 -12.34 -40.23 36.55
C ASP B 168 -12.95 -41.32 35.67
N ALA B 169 -12.24 -41.69 34.62
CA ALA B 169 -12.81 -42.61 33.63
C ALA B 169 -13.16 -43.95 34.26
N ALA B 170 -12.36 -44.42 35.21
CA ALA B 170 -12.66 -45.70 35.85
C ALA B 170 -14.00 -45.65 36.57
N LEU B 171 -14.30 -44.53 37.23
CA LEU B 171 -15.59 -44.40 37.91
C LEU B 171 -16.71 -44.17 36.91
N GLU B 172 -16.47 -43.33 35.89
CA GLU B 172 -17.51 -43.07 34.90
C GLU B 172 -17.89 -44.34 34.15
N ARG B 173 -16.98 -45.31 34.08
CA ARG B 173 -17.28 -46.52 33.32
C ARG B 173 -18.46 -47.28 33.92
N ARG B 174 -18.52 -47.36 35.24
CA ARG B 174 -19.49 -48.22 35.92
C ARG B 174 -20.76 -47.49 36.33
N PHE B 175 -21.14 -46.45 35.60
CA PHE B 175 -22.42 -45.77 35.80
C PHE B 175 -23.09 -45.61 34.46
N GLN B 176 -24.37 -45.99 34.39
CA GLN B 176 -25.10 -45.98 33.13
C GLN B 176 -25.91 -44.69 33.03
N PRO B 177 -25.59 -43.78 32.11
CA PRO B 177 -26.38 -42.56 32.00
C PRO B 177 -27.84 -42.86 31.71
N VAL B 178 -28.72 -42.09 32.36
CA VAL B 178 -30.16 -42.18 32.14
C VAL B 178 -30.64 -40.73 31.96
N GLN B 179 -30.73 -40.28 30.72
CA GLN B 179 -31.08 -38.90 30.45
C GLN B 179 -32.47 -38.58 30.98
N VAL B 180 -32.60 -37.42 31.60
CA VAL B 180 -33.89 -36.91 32.08
C VAL B 180 -34.11 -35.57 31.38
N GLY B 181 -34.94 -35.57 30.34
CA GLY B 181 -35.15 -34.36 29.57
C GLY B 181 -36.10 -33.39 30.25
N GLU B 182 -36.05 -32.15 29.78
CA GLU B 182 -36.93 -31.13 30.30
C GLU B 182 -38.37 -31.40 29.89
N PRO B 183 -39.32 -31.42 30.82
CA PRO B 183 -40.70 -31.69 30.43
C PRO B 183 -41.24 -30.65 29.47
N THR B 184 -42.16 -31.09 28.61
CA THR B 184 -42.84 -30.19 27.69
C THR B 184 -43.91 -29.39 28.44
N VAL B 185 -44.54 -28.45 27.74
CA VAL B 185 -45.52 -27.58 28.39
C VAL B 185 -46.70 -28.40 28.89
N GLU B 186 -47.20 -29.34 28.08
CA GLU B 186 -48.31 -30.16 28.53
C GLU B 186 -47.91 -31.02 29.72
N HIS B 187 -46.70 -31.58 29.68
CA HIS B 187 -46.20 -32.33 30.83
C HIS B 187 -46.13 -31.45 32.06
N THR B 188 -45.68 -30.20 31.89
CA THR B 188 -45.62 -29.29 33.02
C THR B 188 -47.02 -29.01 33.57
N ILE B 189 -48.01 -28.87 32.70
CA ILE B 189 -49.37 -28.62 33.17
C ILE B 189 -49.88 -29.81 33.95
N GLU B 190 -49.59 -31.03 33.48
CA GLU B 190 -49.96 -32.21 34.23
C GLU B 190 -49.29 -32.23 35.61
N ILE B 191 -48.01 -31.89 35.66
CA ILE B 191 -47.30 -31.84 36.92
C ILE B 191 -47.95 -30.84 37.87
N LEU B 192 -48.30 -29.66 37.35
CA LEU B 192 -48.92 -28.65 38.18
C LEU B 192 -50.27 -29.12 38.70
N LYS B 193 -51.06 -29.78 37.85
CA LYS B 193 -52.32 -30.32 38.33
C LYS B 193 -52.09 -31.35 39.42
N GLY B 194 -51.03 -32.14 39.31
CA GLY B 194 -50.71 -33.09 40.36
C GLY B 194 -50.35 -32.43 41.67
N LEU B 195 -49.56 -31.35 41.61
CA LEU B 195 -49.12 -30.65 42.82
C LEU B 195 -50.14 -29.65 43.34
N ARG B 196 -51.25 -29.48 42.62
CA ARG B 196 -52.30 -28.56 43.06
C ARG B 196 -52.69 -28.80 44.51
N ASP B 197 -52.95 -30.06 44.86
CA ASP B 197 -53.46 -30.36 46.19
C ASP B 197 -52.50 -29.87 47.26
N ARG B 198 -51.23 -30.24 47.15
CA ARG B 198 -50.27 -29.88 48.18
C ARG B 198 -50.07 -28.37 48.25
N TYR B 199 -50.00 -27.71 47.09
CA TYR B 199 -49.75 -26.27 47.14
C TYR B 199 -50.95 -25.50 47.68
N GLU B 200 -52.16 -25.94 47.34
CA GLU B 200 -53.35 -25.33 47.94
C GLU B 200 -53.36 -25.55 49.44
N ALA B 201 -53.04 -26.77 49.89
CA ALA B 201 -53.05 -27.04 51.31
C ALA B 201 -52.03 -26.17 52.05
N HIS B 202 -50.84 -26.01 51.50
CA HIS B 202 -49.83 -25.20 52.15
C HIS B 202 -50.24 -23.73 52.18
N HIS B 203 -50.63 -23.18 51.03
CA HIS B 203 -50.98 -21.77 50.95
C HIS B 203 -52.42 -21.49 51.35
N ARG B 204 -53.26 -22.52 51.48
CA ARG B 204 -54.66 -22.34 51.86
C ARG B 204 -55.38 -21.42 50.88
N VAL B 205 -55.22 -21.70 49.59
CA VAL B 205 -55.86 -20.96 48.52
C VAL B 205 -56.43 -21.96 47.52
N SER B 206 -57.00 -21.43 46.44
CA SER B 206 -57.55 -22.25 45.36
C SER B 206 -56.88 -21.83 44.06
N ILE B 207 -56.44 -22.81 43.27
CA ILE B 207 -55.74 -22.57 42.01
C ILE B 207 -56.58 -23.17 40.89
N THR B 208 -56.87 -22.34 39.89
CA THR B 208 -57.71 -22.76 38.77
C THR B 208 -56.86 -23.37 37.67
N ASP B 209 -57.51 -24.17 36.82
CA ASP B 209 -56.79 -24.80 35.71
C ASP B 209 -56.23 -23.76 34.75
N ALA B 210 -57.00 -22.72 34.46
CA ALA B 210 -56.49 -21.65 33.61
C ALA B 210 -55.25 -21.02 34.21
N ALA B 211 -55.22 -20.88 35.54
CA ALA B 211 -54.05 -20.31 36.20
C ALA B 211 -52.81 -21.16 35.95
N MET B 212 -52.94 -22.49 36.06
CA MET B 212 -51.77 -23.34 35.87
C MET B 212 -51.36 -23.39 34.40
N VAL B 213 -52.32 -23.40 33.49
CA VAL B 213 -51.98 -23.34 32.07
C VAL B 213 -51.20 -22.06 31.78
N ALA B 214 -51.69 -20.93 32.31
CA ALA B 214 -50.98 -19.67 32.12
C ALA B 214 -49.59 -19.72 32.73
N ALA B 215 -49.47 -20.30 33.92
CA ALA B 215 -48.16 -20.38 34.56
C ALA B 215 -47.18 -21.14 33.69
N ALA B 216 -47.57 -22.33 33.24
CA ALA B 216 -46.67 -23.14 32.42
C ALA B 216 -46.31 -22.43 31.13
N THR B 217 -47.31 -21.90 30.43
CA THR B 217 -47.05 -21.28 29.13
C THR B 217 -46.16 -20.04 29.27
N LEU B 218 -46.48 -19.16 30.22
CA LEU B 218 -45.70 -17.95 30.40
C LEU B 218 -44.29 -18.27 30.87
N ALA B 219 -44.14 -19.23 31.78
CA ALA B 219 -42.81 -19.62 32.23
C ALA B 219 -41.98 -20.13 31.07
N ASP B 220 -42.57 -20.95 30.20
CA ASP B 220 -41.84 -21.42 29.02
C ASP B 220 -41.46 -20.25 28.12
N ARG B 221 -42.38 -19.31 27.93
CA ARG B 221 -42.15 -18.24 26.96
C ARG B 221 -41.08 -17.26 27.42
N TYR B 222 -41.18 -16.79 28.67
CA TYR B 222 -40.44 -15.60 29.09
C TYR B 222 -39.19 -15.94 29.91
N ILE B 223 -39.31 -16.81 30.90
CA ILE B 223 -38.19 -17.12 31.77
C ILE B 223 -37.26 -18.09 31.04
N ASN B 224 -35.99 -17.72 30.92
CA ASN B 224 -35.03 -18.48 30.14
C ASN B 224 -34.01 -19.23 30.97
N ASP B 225 -33.50 -18.61 32.05
CA ASP B 225 -32.48 -19.28 32.83
C ASP B 225 -32.98 -20.59 33.41
N ARG B 226 -34.21 -20.61 33.94
CA ARG B 226 -34.65 -21.76 34.69
C ARG B 226 -35.01 -22.90 33.74
N PHE B 227 -35.64 -23.94 34.29
CA PHE B 227 -36.14 -25.05 33.50
C PHE B 227 -37.59 -25.33 33.86
N LEU B 228 -38.39 -25.71 32.87
CA LEU B 228 -39.84 -25.52 32.92
C LEU B 228 -40.49 -25.94 34.24
N PRO B 229 -40.16 -27.11 34.79
CA PRO B 229 -40.84 -27.52 36.02
C PRO B 229 -40.62 -26.53 37.16
N ASP B 230 -39.37 -26.13 37.40
CA ASP B 230 -39.13 -25.22 38.51
C ASP B 230 -39.68 -23.83 38.22
N LYS B 231 -39.56 -23.34 36.98
CA LYS B 231 -40.08 -22.01 36.73
C LYS B 231 -41.61 -21.96 36.88
N ALA B 232 -42.31 -22.96 36.37
CA ALA B 232 -43.76 -22.99 36.51
C ALA B 232 -44.17 -23.12 37.98
N ILE B 233 -43.56 -24.07 38.69
CA ILE B 233 -43.93 -24.27 40.08
C ILE B 233 -43.55 -23.06 40.91
N ASP B 234 -42.45 -22.38 40.56
CA ASP B 234 -42.06 -21.17 41.27
C ASP B 234 -43.08 -20.07 41.05
N LEU B 235 -43.57 -19.91 39.82
CA LEU B 235 -44.60 -18.91 39.57
C LEU B 235 -45.83 -19.19 40.43
N ILE B 236 -46.28 -20.44 40.44
CA ILE B 236 -47.47 -20.78 41.21
C ILE B 236 -47.23 -20.55 42.70
N ASP B 237 -46.09 -21.00 43.21
CA ASP B 237 -45.77 -20.87 44.62
C ASP B 237 -45.65 -19.41 45.04
N GLU B 238 -45.00 -18.59 44.21
CA GLU B 238 -44.86 -17.18 44.52
C GLU B 238 -46.19 -16.47 44.48
N ALA B 239 -47.06 -16.81 43.52
CA ALA B 239 -48.39 -16.22 43.51
C ALA B 239 -49.15 -16.59 44.77
N GLY B 240 -49.07 -17.85 45.19
CA GLY B 240 -49.73 -18.26 46.41
C GLY B 240 -49.20 -17.53 47.63
N ALA B 241 -47.88 -17.38 47.72
CA ALA B 241 -47.28 -16.68 48.86
C ALA B 241 -47.69 -15.22 48.87
N ARG B 242 -47.73 -14.57 47.71
CA ARG B 242 -48.17 -13.18 47.65
C ARG B 242 -49.63 -13.05 48.09
N MET B 243 -50.49 -13.97 47.64
CA MET B 243 -51.88 -13.94 48.08
C MET B 243 -51.96 -14.13 49.60
N ARG B 244 -51.16 -15.05 50.13
CA ARG B 244 -51.18 -15.28 51.58
C ARG B 244 -50.75 -14.03 52.34
N ILE B 245 -49.71 -13.35 51.86
CA ILE B 245 -49.22 -12.17 52.56
C ILE B 245 -50.24 -11.03 52.46
N ARG B 246 -50.87 -10.88 51.29
CA ARG B 246 -51.84 -9.81 51.12
C ARG B 246 -52.99 -9.95 52.11
N ARG B 247 -53.49 -11.18 52.28
CA ARG B 247 -54.55 -11.44 53.23
C ARG B 247 -54.06 -11.22 54.67
N ALA B 310 -59.94 -17.14 49.26
CA ALA B 310 -58.74 -16.80 48.50
C ALA B 310 -58.64 -17.68 47.26
N GLU B 311 -58.44 -17.05 46.10
CA GLU B 311 -58.33 -17.75 44.84
C GLU B 311 -57.15 -17.18 44.05
N VAL B 312 -56.45 -18.05 43.35
CA VAL B 312 -55.33 -17.68 42.49
C VAL B 312 -55.75 -17.91 41.05
N ASP B 313 -55.70 -16.85 40.23
CA ASP B 313 -56.15 -16.93 38.86
C ASP B 313 -55.05 -16.46 37.91
N ASP B 314 -55.37 -16.32 36.62
CA ASP B 314 -54.37 -15.86 35.67
C ASP B 314 -53.80 -14.51 36.07
N GLU B 315 -54.59 -13.68 36.74
CA GLU B 315 -54.12 -12.35 37.10
C GLU B 315 -52.93 -12.43 38.06
N GLN B 316 -53.01 -13.30 39.07
CA GLN B 316 -51.92 -13.39 40.03
C GLN B 316 -50.64 -13.90 39.37
N ILE B 317 -50.75 -14.91 38.50
CA ILE B 317 -49.57 -15.43 37.82
C ILE B 317 -48.97 -14.36 36.93
N ALA B 318 -49.81 -13.62 36.21
CA ALA B 318 -49.32 -12.56 35.35
C ALA B 318 -48.60 -11.48 36.15
N GLU B 319 -49.18 -11.10 37.30
CA GLU B 319 -48.53 -10.10 38.15
C GLU B 319 -47.19 -10.60 38.65
N VAL B 320 -47.12 -11.86 39.08
CA VAL B 320 -45.88 -12.40 39.59
C VAL B 320 -44.81 -12.40 38.51
N LEU B 321 -45.18 -12.84 37.31
CA LEU B 321 -44.21 -12.86 36.22
C LEU B 321 -43.76 -11.46 35.85
N GLY B 322 -44.69 -10.50 35.82
CA GLY B 322 -44.31 -9.14 35.53
C GLY B 322 -43.33 -8.59 36.54
N ASN B 323 -43.56 -8.86 37.83
CA ASN B 323 -42.60 -8.44 38.84
C ASN B 323 -41.25 -9.12 38.64
N TRP B 324 -41.27 -10.43 38.36
CA TRP B 324 -40.03 -11.18 38.25
C TRP B 324 -39.18 -10.67 37.09
N THR B 325 -39.77 -10.57 35.89
CA THR B 325 -39.01 -10.22 34.70
C THR B 325 -39.16 -8.77 34.30
N GLY B 326 -40.22 -8.10 34.71
CA GLY B 326 -40.48 -6.74 34.30
C GLY B 326 -41.21 -6.60 32.99
N ILE B 327 -41.49 -7.70 32.29
CA ILE B 327 -42.20 -7.65 31.03
C ILE B 327 -43.68 -7.45 31.33
N PRO B 328 -44.29 -6.36 30.84
CA PRO B 328 -45.67 -6.07 31.24
C PRO B 328 -46.71 -6.94 30.55
N VAL B 329 -46.98 -8.12 31.11
CA VAL B 329 -47.92 -9.06 30.53
C VAL B 329 -49.09 -9.24 31.49
N PHE B 330 -49.42 -8.19 32.24
CA PHE B 330 -50.51 -8.26 33.21
C PHE B 330 -51.84 -8.26 32.49
N LYS B 331 -52.92 -8.17 33.26
CA LYS B 331 -54.24 -7.94 32.68
C LYS B 331 -54.41 -6.47 32.37
N LEU B 332 -54.99 -6.17 31.21
CA LEU B 332 -55.10 -4.80 30.74
C LEU B 332 -56.21 -4.09 31.51
N THR B 333 -55.83 -3.11 32.33
CA THR B 333 -56.80 -2.31 33.06
C THR B 333 -57.34 -1.19 32.16
N GLU B 334 -58.41 -0.56 32.63
CA GLU B 334 -59.01 0.54 31.86
C GLU B 334 -58.02 1.70 31.71
N ALA B 335 -57.35 2.06 32.81
CA ALA B 335 -56.39 3.15 32.74
C ALA B 335 -55.24 2.81 31.79
N GLU B 336 -54.70 1.60 31.92
CA GLU B 336 -53.62 1.18 31.04
C GLU B 336 -54.07 1.10 29.59
N THR B 337 -55.29 0.59 29.36
CA THR B 337 -55.79 0.49 28.00
C THR B 337 -55.97 1.87 27.38
N THR B 338 -56.50 2.83 28.14
CA THR B 338 -56.62 4.19 27.62
C THR B 338 -55.25 4.80 27.37
N ARG B 339 -54.29 4.52 28.24
CA ARG B 339 -52.93 5.00 28.02
C ARG B 339 -52.38 4.46 26.70
N LEU B 340 -52.58 3.18 26.44
CA LEU B 340 -52.12 2.59 25.19
C LEU B 340 -52.81 3.22 23.99
N LEU B 341 -54.14 3.30 24.04
CA LEU B 341 -54.88 3.85 22.91
C LEU B 341 -54.59 5.33 22.69
N ARG B 342 -54.09 6.03 23.70
CA ARG B 342 -53.70 7.42 23.59
C ARG B 342 -52.19 7.60 23.53
N MET B 343 -51.46 6.52 23.21
CA MET B 343 -50.00 6.57 23.24
C MET B 343 -49.46 7.69 22.35
N GLU B 344 -50.14 7.98 21.24
CA GLU B 344 -49.66 9.03 20.34
C GLU B 344 -49.59 10.37 21.06
N GLU B 345 -50.64 10.70 21.81
CA GLU B 345 -50.65 11.98 22.53
C GLU B 345 -49.59 11.99 23.63
N GLU B 346 -49.46 10.90 24.38
CA GLU B 346 -48.47 10.87 25.45
C GLU B 346 -47.07 11.05 24.89
N LEU B 347 -46.75 10.39 23.79
CA LEU B 347 -45.45 10.60 23.16
C LEU B 347 -45.33 11.99 22.57
N HIS B 348 -46.44 12.59 22.17
CA HIS B 348 -46.40 13.93 21.59
C HIS B 348 -46.21 15.03 22.62
N LYS B 349 -46.27 14.70 23.91
CA LYS B 349 -45.96 15.70 24.93
C LYS B 349 -44.50 16.12 24.87
N ARG B 350 -43.63 15.31 24.26
CA ARG B 350 -42.22 15.61 24.15
C ARG B 350 -41.71 15.66 22.72
N ILE B 351 -42.47 15.16 21.75
CA ILE B 351 -42.06 15.12 20.36
C ILE B 351 -42.99 16.03 19.56
N ILE B 352 -42.40 16.97 18.83
CA ILE B 352 -43.14 17.89 17.98
C ILE B 352 -42.97 17.43 16.53
N GLY B 353 -44.08 17.29 15.83
CA GLY B 353 -44.02 16.75 14.48
C GLY B 353 -43.64 15.28 14.49
N GLN B 354 -42.92 14.86 13.46
CA GLN B 354 -42.51 13.47 13.31
C GLN B 354 -43.68 12.54 13.57
N GLU B 355 -44.83 12.86 12.97
CA GLU B 355 -46.05 12.13 13.31
C GLU B 355 -46.00 10.68 12.84
N ASP B 356 -45.32 10.40 11.72
CA ASP B 356 -45.26 9.04 11.22
C ASP B 356 -44.45 8.12 12.12
N ALA B 357 -43.38 8.63 12.72
CA ALA B 357 -42.56 7.80 13.59
C ALA B 357 -43.25 7.51 14.91
N VAL B 358 -43.95 8.50 15.46
CA VAL B 358 -44.73 8.28 16.67
C VAL B 358 -45.85 7.28 16.40
N LYS B 359 -46.54 7.41 15.27
CA LYS B 359 -47.61 6.47 14.96
C LYS B 359 -47.06 5.06 14.79
N ALA B 360 -45.93 4.91 14.10
CA ALA B 360 -45.36 3.59 13.89
C ALA B 360 -44.95 2.94 15.21
N VAL B 361 -44.27 3.70 16.06
CA VAL B 361 -43.82 3.17 17.35
C VAL B 361 -45.03 2.77 18.20
N SER B 362 -46.05 3.64 18.23
CA SER B 362 -47.23 3.34 19.03
C SER B 362 -47.95 2.11 18.51
N LYS B 363 -48.05 1.96 17.19
CA LYS B 363 -48.68 0.79 16.62
C LYS B 363 -47.94 -0.47 17.01
N ALA B 364 -46.60 -0.44 16.92
CA ALA B 364 -45.83 -1.63 17.31
C ALA B 364 -46.04 -1.97 18.77
N ILE B 365 -46.01 -0.97 19.65
CA ILE B 365 -46.17 -1.25 21.08
C ILE B 365 -47.56 -1.80 21.36
N ARG B 366 -48.59 -1.19 20.76
CA ARG B 366 -49.95 -1.67 20.99
C ARG B 366 -50.14 -3.08 20.46
N ARG B 367 -49.57 -3.39 19.30
CA ARG B 367 -49.65 -4.76 18.80
C ARG B 367 -48.97 -5.74 19.74
N THR B 368 -47.82 -5.34 20.30
CA THR B 368 -47.15 -6.22 21.25
C THR B 368 -48.00 -6.43 22.49
N ARG B 369 -48.61 -5.37 23.01
CA ARG B 369 -49.38 -5.49 24.25
C ARG B 369 -50.69 -6.21 24.04
N ALA B 370 -51.24 -6.18 22.83
CA ALA B 370 -52.49 -6.89 22.55
C ALA B 370 -52.27 -8.39 22.44
N GLY B 371 -51.03 -8.86 22.45
CA GLY B 371 -50.76 -10.28 22.35
C GLY B 371 -50.71 -10.82 20.95
N LEU B 372 -50.44 -9.97 19.96
CA LEU B 372 -50.42 -10.38 18.56
C LEU B 372 -49.02 -10.43 17.96
N LYS B 373 -47.99 -10.09 18.72
CA LYS B 373 -46.64 -10.08 18.16
C LYS B 373 -46.19 -11.50 17.82
N ASP B 374 -45.33 -11.59 16.82
CA ASP B 374 -44.75 -12.88 16.45
C ASP B 374 -43.79 -13.33 17.54
N PRO B 375 -44.00 -14.49 18.17
CA PRO B 375 -43.10 -14.89 19.26
C PRO B 375 -41.65 -15.01 18.84
N LYS B 376 -41.37 -15.33 17.58
CA LYS B 376 -40.00 -15.57 17.16
C LYS B 376 -39.20 -14.28 17.12
N ARG B 377 -39.75 -13.22 16.58
CA ARG B 377 -39.00 -12.02 16.28
C ARG B 377 -39.11 -11.00 17.41
N PRO B 378 -38.20 -10.03 17.45
CA PRO B 378 -38.27 -8.99 18.48
C PRO B 378 -39.61 -8.26 18.44
N SER B 379 -39.84 -7.44 19.48
CA SER B 379 -41.10 -6.71 19.57
C SER B 379 -41.27 -5.77 18.39
N GLY B 380 -40.20 -5.11 17.97
CA GLY B 380 -40.25 -4.24 16.81
C GLY B 380 -38.89 -3.70 16.45
N SER B 381 -38.55 -3.76 15.16
CA SER B 381 -37.29 -3.25 14.64
C SER B 381 -37.57 -2.05 13.74
N PHE B 382 -37.09 -0.89 14.13
CA PHE B 382 -37.27 0.33 13.37
C PHE B 382 -35.92 0.89 12.97
N ILE B 383 -35.88 1.59 11.85
CA ILE B 383 -34.71 2.34 11.43
C ILE B 383 -35.16 3.75 11.08
N PHE B 384 -34.65 4.72 11.84
CA PHE B 384 -34.99 6.13 11.66
C PHE B 384 -33.90 6.81 10.86
N ALA B 385 -34.28 7.48 9.78
CA ALA B 385 -33.33 8.19 8.94
C ALA B 385 -33.88 9.58 8.65
N GLY B 386 -32.98 10.54 8.48
CA GLY B 386 -33.38 11.89 8.15
C GLY B 386 -32.40 12.93 8.66
N PRO B 387 -32.73 14.20 8.45
CA PRO B 387 -31.81 15.27 8.86
C PRO B 387 -31.63 15.31 10.36
N SER B 388 -30.48 15.83 10.78
CA SER B 388 -30.12 15.85 12.19
C SER B 388 -30.98 16.86 12.96
N GLY B 389 -30.94 16.74 14.28
CA GLY B 389 -31.65 17.66 15.15
C GLY B 389 -33.15 17.64 14.97
N VAL B 390 -33.72 16.49 14.65
CA VAL B 390 -35.15 16.39 14.38
C VAL B 390 -35.90 15.59 15.44
N GLY B 391 -35.23 14.69 16.15
CA GLY B 391 -35.90 13.89 17.16
C GLY B 391 -35.73 12.40 16.94
N LYS B 392 -34.68 12.01 16.23
CA LYS B 392 -34.43 10.59 16.00
C LYS B 392 -34.11 9.87 17.30
N THR B 393 -33.20 10.43 18.10
CA THR B 393 -32.89 9.86 19.40
C THR B 393 -33.84 10.34 20.49
N GLU B 394 -34.39 11.55 20.33
CA GLU B 394 -35.37 12.03 21.30
C GLU B 394 -36.61 11.14 21.29
N LEU B 395 -37.01 10.64 20.13
CA LEU B 395 -38.16 9.76 20.08
C LEU B 395 -37.88 8.46 20.81
N SER B 396 -36.68 7.90 20.66
CA SER B 396 -36.34 6.69 21.39
C SER B 396 -36.32 6.94 22.88
N LYS B 397 -35.77 8.07 23.30
CA LYS B 397 -35.77 8.40 24.72
C LYS B 397 -37.19 8.57 25.24
N ALA B 398 -38.06 9.21 24.47
CA ALA B 398 -39.45 9.38 24.89
C ALA B 398 -40.17 8.04 24.98
N LEU B 399 -39.88 7.13 24.04
CA LEU B 399 -40.47 5.79 24.11
C LEU B 399 -40.00 5.05 25.35
N ALA B 400 -38.70 5.14 25.67
CA ALA B 400 -38.20 4.51 26.87
C ALA B 400 -38.86 5.11 28.11
N ASN B 401 -39.04 6.42 28.13
CA ASN B 401 -39.72 7.07 29.25
C ASN B 401 -41.16 6.58 29.37
N PHE B 402 -41.85 6.45 28.23
CA PHE B 402 -43.23 5.98 28.26
C PHE B 402 -43.31 4.56 28.80
N LEU B 403 -42.40 3.69 28.38
CA LEU B 403 -42.47 2.29 28.79
C LEU B 403 -41.97 2.07 30.21
N PHE B 404 -41.06 2.91 30.70
CA PHE B 404 -40.46 2.71 32.02
C PHE B 404 -40.46 3.94 32.92
N GLY B 405 -40.69 5.14 32.38
CA GLY B 405 -40.68 6.34 33.19
C GLY B 405 -39.32 6.93 33.44
N ASP B 406 -38.26 6.42 32.81
CA ASP B 406 -36.90 6.90 33.04
C ASP B 406 -36.17 6.91 31.71
N ASP B 407 -35.74 8.09 31.26
CA ASP B 407 -35.00 8.18 30.01
C ASP B 407 -33.69 7.40 30.05
N ASP B 408 -33.13 7.17 31.24
CA ASP B 408 -31.88 6.43 31.35
C ASP B 408 -32.09 4.93 31.30
N ALA B 409 -33.33 4.43 31.40
CA ALA B 409 -33.58 3.02 31.21
C ALA B 409 -33.33 2.57 29.77
N LEU B 410 -33.18 3.51 28.84
CA LEU B 410 -32.85 3.18 27.47
C LEU B 410 -31.44 2.62 27.40
N ILE B 411 -31.27 1.57 26.59
CA ILE B 411 -29.96 0.99 26.34
C ILE B 411 -29.43 1.62 25.06
N GLN B 412 -28.36 2.39 25.18
CA GLN B 412 -27.81 3.15 24.07
C GLN B 412 -26.42 2.64 23.73
N ILE B 413 -26.20 2.33 22.45
CA ILE B 413 -24.91 1.86 21.96
C ILE B 413 -24.50 2.81 20.84
N ASP B 414 -23.71 3.84 21.18
CA ASP B 414 -23.28 4.80 20.18
C ASP B 414 -22.35 4.11 19.19
N MET B 415 -22.86 3.84 17.99
CA MET B 415 -22.09 3.09 17.00
C MET B 415 -20.93 3.89 16.43
N GLY B 416 -20.83 5.17 16.73
CA GLY B 416 -19.72 5.95 16.21
C GLY B 416 -18.36 5.41 16.63
N GLU B 417 -18.31 4.72 17.76
CA GLU B 417 -17.07 4.15 18.27
C GLU B 417 -16.80 2.75 17.74
N PHE B 418 -17.61 2.26 16.82
CA PHE B 418 -17.41 0.95 16.21
C PHE B 418 -16.87 1.06 14.78
N HIS B 419 -16.10 2.11 14.50
CA HIS B 419 -15.56 2.28 13.15
C HIS B 419 -14.59 1.16 12.80
N ASP B 420 -13.69 0.83 13.72
CA ASP B 420 -12.75 -0.25 13.47
C ASP B 420 -13.47 -1.59 13.52
N ARG B 421 -13.22 -2.44 12.53
CA ARG B 421 -13.92 -3.71 12.42
C ARG B 421 -13.56 -4.68 13.54
N PHE B 422 -12.53 -4.39 14.32
CA PHE B 422 -12.04 -5.29 15.35
C PHE B 422 -12.69 -5.06 16.71
N THR B 423 -13.67 -4.17 16.78
CA THR B 423 -14.31 -3.81 18.05
C THR B 423 -15.67 -4.48 18.25
N ALA B 424 -16.01 -5.48 17.43
CA ALA B 424 -17.28 -6.15 17.60
C ALA B 424 -17.35 -6.92 18.91
N SER B 425 -16.20 -7.33 19.44
CA SER B 425 -16.19 -8.15 20.64
C SER B 425 -16.77 -7.42 21.84
N ARG B 426 -16.92 -6.10 21.77
CA ARG B 426 -17.59 -5.38 22.84
C ARG B 426 -19.05 -5.80 22.94
N LEU B 427 -19.71 -5.99 21.80
CA LEU B 427 -21.13 -6.30 21.82
C LEU B 427 -21.42 -7.65 22.48
N PHE B 428 -20.61 -8.67 22.16
CA PHE B 428 -20.90 -10.02 22.62
C PHE B 428 -19.65 -10.71 23.13
N GLY B 429 -18.82 -9.99 23.86
CA GLY B 429 -17.72 -10.62 24.56
C GLY B 429 -16.61 -11.11 23.63
N ALA B 430 -15.74 -11.94 24.21
CA ALA B 430 -14.57 -12.47 23.53
C ALA B 430 -14.57 -13.98 23.66
N PRO B 431 -13.88 -14.68 22.75
CA PRO B 431 -13.94 -16.14 22.73
C PRO B 431 -13.17 -16.74 23.88
N PRO B 432 -13.23 -18.06 24.05
CA PRO B 432 -12.41 -18.71 25.07
C PRO B 432 -10.92 -18.49 24.83
N GLY B 433 -10.18 -18.34 25.92
CA GLY B 433 -8.74 -18.20 25.85
C GLY B 433 -8.23 -16.79 25.61
N TYR B 434 -9.11 -15.80 25.54
CA TYR B 434 -8.70 -14.43 25.25
C TYR B 434 -9.07 -13.51 26.40
N VAL B 435 -8.25 -12.46 26.57
CA VAL B 435 -8.45 -11.54 27.68
C VAL B 435 -9.83 -10.93 27.60
N GLY B 436 -10.49 -10.83 28.75
CA GLY B 436 -11.85 -10.37 28.81
C GLY B 436 -12.90 -11.43 28.55
N TYR B 437 -12.48 -12.68 28.37
CA TYR B 437 -13.45 -13.73 28.08
C TYR B 437 -14.42 -13.92 29.24
N GLU B 438 -13.92 -13.90 30.47
CA GLU B 438 -14.79 -14.16 31.62
C GLU B 438 -15.83 -13.06 31.78
N GLU B 439 -15.45 -11.80 31.58
CA GLU B 439 -16.39 -10.71 31.79
C GLU B 439 -17.57 -10.80 30.82
N GLY B 440 -17.30 -11.11 29.56
CA GLY B 440 -18.35 -11.23 28.58
C GLY B 440 -18.66 -9.92 27.88
N GLY B 441 -19.72 -9.96 27.08
CA GLY B 441 -20.11 -8.80 26.31
C GLY B 441 -20.87 -7.77 27.12
N GLN B 442 -21.07 -6.61 26.51
CA GLN B 442 -21.80 -5.52 27.15
C GLN B 442 -23.29 -5.58 26.79
N LEU B 443 -23.60 -5.52 25.50
CA LEU B 443 -24.99 -5.56 25.07
C LEU B 443 -25.66 -6.85 25.53
N THR B 444 -24.98 -7.98 25.35
CA THR B 444 -25.58 -9.27 25.68
C THR B 444 -25.93 -9.34 27.16
N GLU B 445 -24.99 -8.95 28.03
CA GLU B 445 -25.21 -9.09 29.45
C GLU B 445 -26.36 -8.18 29.92
N LYS B 446 -26.35 -6.93 29.48
CA LYS B 446 -27.36 -5.98 29.95
C LYS B 446 -28.71 -6.18 29.30
N VAL B 447 -28.79 -6.92 28.20
CA VAL B 447 -30.09 -7.36 27.70
C VAL B 447 -30.53 -8.65 28.38
N ARG B 448 -29.59 -9.46 28.86
CA ARG B 448 -29.95 -10.62 29.67
C ARG B 448 -30.54 -10.19 31.01
N ARG B 449 -29.96 -9.15 31.61
CA ARG B 449 -30.47 -8.68 32.90
C ARG B 449 -31.90 -8.16 32.77
N LYS B 450 -32.18 -7.42 31.68
CA LYS B 450 -33.49 -6.78 31.48
C LYS B 450 -34.02 -7.19 30.12
N PRO B 451 -34.73 -8.32 30.05
CA PRO B 451 -35.18 -8.81 28.72
C PRO B 451 -36.01 -7.81 27.95
N PHE B 452 -36.87 -7.06 28.62
CA PHE B 452 -37.80 -6.13 27.97
C PHE B 452 -37.22 -4.72 28.09
N SER B 453 -36.56 -4.25 27.04
CA SER B 453 -35.94 -2.93 27.06
C SER B 453 -35.81 -2.42 25.64
N VAL B 454 -35.58 -1.12 25.52
CA VAL B 454 -35.41 -0.46 24.23
C VAL B 454 -33.91 -0.33 23.97
N VAL B 455 -33.45 -0.91 22.88
CA VAL B 455 -32.04 -0.88 22.50
C VAL B 455 -31.89 0.06 21.32
N LEU B 456 -31.10 1.12 21.50
CA LEU B 456 -30.92 2.16 20.50
C LEU B 456 -29.51 2.06 19.95
N PHE B 457 -29.39 1.67 18.68
CA PHE B 457 -28.12 1.68 17.97
C PHE B 457 -27.99 3.02 17.29
N ASP B 458 -27.26 3.94 17.91
CA ASP B 458 -27.18 5.31 17.44
C ASP B 458 -26.14 5.45 16.34
N GLU B 459 -26.49 6.21 15.30
CA GLU B 459 -25.57 6.51 14.21
C GLU B 459 -25.00 5.22 13.59
N ILE B 460 -25.91 4.42 13.04
CA ILE B 460 -25.52 3.11 12.53
C ILE B 460 -24.63 3.24 11.30
N GLU B 461 -24.86 4.26 10.46
CA GLU B 461 -24.14 4.33 9.19
C GLU B 461 -22.64 4.46 9.39
N LYS B 462 -22.19 4.94 10.56
CA LYS B 462 -20.77 5.15 10.84
C LYS B 462 -20.19 3.99 11.63
N ALA B 463 -20.64 2.77 11.35
CA ALA B 463 -20.07 1.56 11.92
C ALA B 463 -19.70 0.62 10.79
N HIS B 464 -18.68 -0.20 11.02
CA HIS B 464 -18.18 -1.08 9.98
C HIS B 464 -19.27 -2.06 9.56
N GLN B 465 -19.22 -2.48 8.30
CA GLN B 465 -20.22 -3.41 7.78
C GLN B 465 -20.27 -4.68 8.60
N GLU B 466 -19.10 -5.20 9.01
CA GLU B 466 -19.08 -6.43 9.79
C GLU B 466 -19.76 -6.25 11.15
N ILE B 467 -19.88 -5.02 11.64
CA ILE B 467 -20.55 -4.82 12.92
C ILE B 467 -22.04 -5.08 12.79
N TYR B 468 -22.68 -4.53 11.77
CA TYR B 468 -24.11 -4.73 11.60
C TYR B 468 -24.45 -6.03 10.89
N ASN B 469 -23.47 -6.68 10.27
CA ASN B 469 -23.72 -8.00 9.70
C ASN B 469 -23.83 -9.08 10.75
N SER B 470 -23.48 -8.79 12.00
CA SER B 470 -23.59 -9.75 13.09
C SER B 470 -24.85 -9.55 13.91
N LEU B 471 -25.74 -8.67 13.48
CA LEU B 471 -27.00 -8.42 14.17
C LEU B 471 -28.20 -8.90 13.38
N LEU B 472 -28.00 -9.69 12.34
CA LEU B 472 -29.13 -10.23 11.59
C LEU B 472 -29.86 -11.31 12.38
N GLN B 473 -29.13 -12.09 13.17
CA GLN B 473 -29.77 -13.13 13.96
C GLN B 473 -30.75 -12.54 14.96
N VAL B 474 -30.37 -11.43 15.59
CA VAL B 474 -31.25 -10.79 16.56
C VAL B 474 -32.48 -10.21 15.88
N LEU B 475 -32.30 -9.64 14.68
CA LEU B 475 -33.44 -9.07 13.97
C LEU B 475 -34.41 -10.16 13.52
N GLU B 476 -33.89 -11.30 13.08
CA GLU B 476 -34.74 -12.36 12.53
C GLU B 476 -35.21 -13.33 13.60
N ASP B 477 -34.27 -13.98 14.30
CA ASP B 477 -34.61 -14.98 15.29
C ASP B 477 -34.69 -14.45 16.70
N GLY B 478 -34.27 -13.22 16.94
CA GLY B 478 -34.34 -12.64 18.27
C GLY B 478 -33.49 -13.37 19.29
N ARG B 479 -32.24 -13.68 18.94
CA ARG B 479 -31.32 -14.31 19.87
C ARG B 479 -29.89 -13.95 19.47
N LEU B 480 -29.04 -13.75 20.47
CA LEU B 480 -27.64 -13.44 20.26
C LEU B 480 -26.81 -14.26 21.23
N THR B 481 -25.67 -14.76 20.76
CA THR B 481 -24.79 -15.61 21.55
C THR B 481 -23.48 -14.88 21.81
N ASP B 482 -23.03 -14.93 23.05
CA ASP B 482 -21.78 -14.29 23.45
C ASP B 482 -20.65 -15.31 23.44
N GLY B 483 -19.43 -14.79 23.60
CA GLY B 483 -18.26 -15.65 23.51
C GLY B 483 -18.31 -16.82 24.47
N GLN B 484 -18.93 -16.64 25.63
CA GLN B 484 -19.08 -17.74 26.56
C GLN B 484 -20.08 -18.78 26.08
N GLY B 485 -20.81 -18.50 25.00
CA GLY B 485 -21.63 -19.50 24.36
C GLY B 485 -23.03 -19.63 24.89
N ARG B 486 -23.51 -18.70 25.70
CA ARG B 486 -24.86 -18.76 26.25
C ARG B 486 -25.74 -17.75 25.52
N THR B 487 -26.85 -18.23 24.97
CA THR B 487 -27.70 -17.41 24.13
C THR B 487 -28.67 -16.59 24.97
N VAL B 488 -28.80 -15.31 24.63
CA VAL B 488 -29.74 -14.40 25.26
C VAL B 488 -30.74 -13.96 24.21
N ASP B 489 -32.02 -14.01 24.55
CA ASP B 489 -33.08 -13.74 23.59
C ASP B 489 -33.47 -12.26 23.60
N PHE B 490 -33.69 -11.73 22.40
CA PHE B 490 -34.15 -10.36 22.21
C PHE B 490 -35.61 -10.30 21.80
N LYS B 491 -36.34 -11.39 21.98
CA LYS B 491 -37.69 -11.49 21.44
C LYS B 491 -38.65 -10.48 22.08
N ASN B 492 -38.26 -9.84 23.18
CA ASN B 492 -39.11 -8.87 23.85
C ASN B 492 -38.59 -7.44 23.72
N THR B 493 -37.38 -7.23 23.23
CA THR B 493 -36.82 -5.90 23.14
C THR B 493 -37.37 -5.14 21.94
N VAL B 494 -37.19 -3.83 21.95
CA VAL B 494 -37.53 -2.95 20.83
C VAL B 494 -36.23 -2.37 20.31
N LEU B 495 -35.88 -2.72 19.08
CA LEU B 495 -34.61 -2.33 18.49
C LEU B 495 -34.83 -1.13 17.58
N ILE B 496 -34.09 -0.05 17.83
CA ILE B 496 -34.21 1.19 17.07
C ILE B 496 -32.82 1.55 16.57
N PHE B 497 -32.64 1.48 15.26
CA PHE B 497 -31.41 1.96 14.64
C PHE B 497 -31.63 3.40 14.20
N THR B 498 -30.63 4.24 14.40
CA THR B 498 -30.69 5.64 14.02
C THR B 498 -29.67 5.89 12.91
N SER B 499 -30.11 6.55 11.85
CA SER B 499 -29.27 6.82 10.70
C SER B 499 -29.41 8.28 10.30
N ASN B 500 -28.42 8.78 9.58
CA ASN B 500 -28.34 10.19 9.23
C ASN B 500 -28.27 10.43 7.73
N LEU B 501 -27.57 9.57 7.00
CA LEU B 501 -27.46 9.71 5.55
C LEU B 501 -28.83 9.79 4.88
N GLY B 511 -34.40 14.37 -10.71
CA GLY B 511 -34.81 15.61 -11.35
C GLY B 511 -33.88 16.77 -11.01
N LEU B 512 -32.58 16.52 -11.11
CA LEU B 512 -31.61 17.58 -10.86
C LEU B 512 -31.71 18.68 -11.91
N GLY B 513 -31.88 18.30 -13.17
CA GLY B 513 -31.80 19.25 -14.26
C GLY B 513 -33.12 19.59 -14.90
N PHE B 514 -33.09 19.86 -16.19
CA PHE B 514 -34.28 20.30 -16.90
C PHE B 514 -35.38 19.27 -16.80
N SER B 515 -36.61 19.73 -16.55
CA SER B 515 -37.74 18.83 -16.40
C SER B 515 -39.01 19.58 -16.71
N LYS B 516 -40.04 18.82 -17.10
CA LYS B 516 -41.36 19.38 -17.36
C LYS B 516 -41.91 20.07 -16.12
N LYS B 527 -37.84 11.86 0.73
CA LYS B 527 -38.09 10.47 1.08
C LYS B 527 -37.44 9.51 0.10
N GLN B 528 -37.36 9.92 -1.16
CA GLN B 528 -36.75 9.06 -2.18
C GLN B 528 -35.25 8.99 -2.01
N LYS B 529 -34.60 10.14 -1.80
CA LYS B 529 -33.15 10.14 -1.68
C LYS B 529 -32.69 9.43 -0.42
N VAL B 530 -33.38 9.64 0.70
CA VAL B 530 -33.00 8.96 1.94
C VAL B 530 -33.14 7.46 1.78
N ASN B 531 -34.24 7.01 1.18
CA ASN B 531 -34.43 5.58 0.98
C ASN B 531 -33.38 5.01 0.04
N ASP B 532 -33.04 5.74 -1.02
CA ASP B 532 -32.01 5.25 -1.94
C ASP B 532 -30.66 5.14 -1.26
N GLU B 533 -30.28 6.14 -0.46
CA GLU B 533 -29.03 6.07 0.28
C GLU B 533 -29.04 4.90 1.25
N LEU B 534 -30.17 4.71 1.93
CA LEU B 534 -30.28 3.59 2.87
C LEU B 534 -30.12 2.26 2.15
N LYS B 535 -30.69 2.13 0.97
CA LYS B 535 -30.62 0.87 0.23
C LYS B 535 -29.24 0.65 -0.38
N LYS B 536 -28.53 1.71 -0.76
CA LYS B 536 -27.19 1.56 -1.30
C LYS B 536 -26.13 1.44 -0.22
N HIS B 537 -26.44 1.77 1.03
CA HIS B 537 -25.46 1.66 2.11
C HIS B 537 -25.54 0.32 2.84
N PHE B 538 -26.76 -0.16 3.11
CA PHE B 538 -26.97 -1.38 3.87
C PHE B 538 -27.30 -2.54 2.94
N ARG B 539 -26.88 -3.74 3.34
CA ARG B 539 -27.16 -4.92 2.53
C ARG B 539 -28.66 -5.17 2.46
N PRO B 540 -29.17 -5.66 1.33
CA PRO B 540 -30.62 -5.88 1.23
C PRO B 540 -31.15 -6.82 2.29
N GLU B 541 -30.38 -7.83 2.67
CA GLU B 541 -30.85 -8.77 3.69
C GLU B 541 -30.98 -8.11 5.05
N PHE B 542 -30.23 -7.02 5.29
CA PHE B 542 -30.37 -6.30 6.54
C PHE B 542 -31.65 -5.47 6.56
N LEU B 543 -31.95 -4.78 5.46
CA LEU B 543 -33.15 -3.96 5.40
C LEU B 543 -34.41 -4.79 5.21
N ASN B 544 -34.29 -6.04 4.78
CA ASN B 544 -35.48 -6.87 4.59
C ASN B 544 -36.09 -7.27 5.92
N ARG B 545 -35.27 -7.55 6.92
CA ARG B 545 -35.76 -8.01 8.21
C ARG B 545 -36.02 -6.87 9.18
N ILE B 546 -35.84 -5.62 8.76
CA ILE B 546 -36.22 -4.48 9.57
C ILE B 546 -37.72 -4.25 9.42
N ASP B 547 -38.42 -4.21 10.55
CA ASP B 547 -39.88 -4.13 10.50
C ASP B 547 -40.33 -2.82 9.84
N ASP B 548 -39.73 -1.69 10.22
CA ASP B 548 -40.16 -0.41 9.69
C ASP B 548 -38.98 0.49 9.38
N ILE B 549 -39.09 1.22 8.28
CA ILE B 549 -38.15 2.27 7.91
C ILE B 549 -38.90 3.59 7.94
N ILE B 550 -38.43 4.52 8.77
CA ILE B 550 -39.10 5.79 9.00
C ILE B 550 -38.18 6.91 8.56
N VAL B 551 -38.76 7.91 7.89
CA VAL B 551 -38.04 9.10 7.46
C VAL B 551 -38.58 10.26 8.28
N PHE B 552 -37.68 10.96 8.96
CA PHE B 552 -38.05 12.07 9.84
C PHE B 552 -38.06 13.36 9.05
N HIS B 553 -39.24 13.85 8.73
CA HIS B 553 -39.36 15.07 7.95
C HIS B 553 -38.85 16.27 8.73
N GLN B 554 -38.32 17.24 8.00
CA GLN B 554 -37.69 18.39 8.63
C GLN B 554 -38.71 19.24 9.37
N LEU B 555 -38.22 19.99 10.35
CA LEU B 555 -39.09 20.82 11.18
C LEU B 555 -39.43 22.13 10.46
N THR B 556 -40.66 22.58 10.66
CA THR B 556 -41.14 23.83 10.09
C THR B 556 -41.15 24.92 11.15
N ARG B 557 -41.41 26.15 10.71
CA ARG B 557 -41.34 27.30 11.61
C ARG B 557 -42.41 27.20 12.70
N GLU B 558 -43.61 26.75 12.35
CA GLU B 558 -44.64 26.57 13.36
C GLU B 558 -44.20 25.53 14.39
N GLU B 559 -43.69 24.39 13.92
CA GLU B 559 -43.14 23.40 14.83
C GLU B 559 -41.96 23.98 15.60
N ILE B 560 -41.19 24.87 14.98
CA ILE B 560 -40.05 25.46 15.67
C ILE B 560 -40.52 26.28 16.86
N ILE B 561 -41.56 27.10 16.66
CA ILE B 561 -42.05 27.92 17.78
C ILE B 561 -42.72 27.06 18.84
N ARG B 562 -43.42 26.00 18.42
CA ARG B 562 -44.00 25.09 19.39
C ARG B 562 -42.91 24.46 20.25
N MET B 563 -41.81 24.05 19.62
CA MET B 563 -40.69 23.49 20.37
C MET B 563 -40.02 24.55 21.24
N VAL B 564 -40.00 25.80 20.79
CA VAL B 564 -39.48 26.89 21.61
C VAL B 564 -40.28 26.99 22.91
N ASP B 565 -41.60 27.00 22.78
CA ASP B 565 -42.45 27.07 23.97
C ASP B 565 -42.22 25.85 24.86
N LEU B 566 -42.15 24.66 24.25
CA LEU B 566 -41.94 23.45 25.05
C LEU B 566 -40.63 23.52 25.81
N MET B 567 -39.56 23.94 25.14
CA MET B 567 -38.25 24.02 25.79
C MET B 567 -38.26 25.05 26.90
N ILE B 568 -38.88 26.21 26.66
CA ILE B 568 -38.97 27.23 27.71
C ILE B 568 -39.77 26.71 28.89
N SER B 569 -40.66 25.74 28.65
CA SER B 569 -41.46 25.20 29.75
C SER B 569 -40.56 24.60 30.83
N ARG B 570 -39.46 23.98 30.44
CA ARG B 570 -38.57 23.36 31.43
C ARG B 570 -37.96 24.40 32.35
N VAL B 571 -37.43 25.48 31.77
CA VAL B 571 -36.84 26.53 32.60
C VAL B 571 -37.92 27.22 33.43
N ALA B 572 -39.12 27.38 32.88
CA ALA B 572 -40.20 27.97 33.66
C ALA B 572 -40.54 27.11 34.87
N GLY B 573 -40.60 25.79 34.67
CA GLY B 573 -40.87 24.90 35.78
C GLY B 573 -39.75 24.93 36.81
N GLN B 574 -38.50 24.98 36.35
CA GLN B 574 -37.38 25.06 37.28
C GLN B 574 -37.46 26.33 38.10
N LEU B 575 -37.76 27.46 37.46
CA LEU B 575 -37.87 28.72 38.20
C LEU B 575 -39.04 28.68 39.18
N LYS B 576 -40.15 28.06 38.78
CA LYS B 576 -41.26 27.91 39.71
C LYS B 576 -40.84 27.08 40.92
N SER B 577 -40.05 26.04 40.69
CA SER B 577 -39.46 25.32 41.81
C SER B 577 -38.57 26.23 42.64
N LYS B 578 -38.01 27.27 42.03
CA LYS B 578 -37.24 28.28 42.74
C LYS B 578 -38.10 29.40 43.29
N ASP B 579 -39.43 29.24 43.23
CA ASP B 579 -40.37 30.22 43.78
C ASP B 579 -40.40 31.51 42.96
N MET B 580 -40.20 31.41 41.66
CA MET B 580 -40.26 32.56 40.77
C MET B 580 -40.92 32.14 39.46
N ALA B 581 -41.75 33.03 38.92
CA ALA B 581 -42.44 32.79 37.66
C ALA B 581 -41.65 33.40 36.51
N LEU B 582 -41.96 32.92 35.30
CA LEU B 582 -41.31 33.40 34.09
C LEU B 582 -42.36 33.59 33.01
N VAL B 583 -42.08 34.52 32.10
CA VAL B 583 -42.95 34.78 30.95
C VAL B 583 -42.13 35.43 29.86
N LEU B 584 -42.44 35.10 28.61
CA LEU B 584 -41.79 35.68 27.45
C LEU B 584 -42.83 36.33 26.54
N THR B 585 -42.42 37.39 25.86
CA THR B 585 -43.29 38.05 24.91
C THR B 585 -43.20 37.38 23.54
N ASP B 586 -44.16 37.72 22.68
CA ASP B 586 -44.20 37.11 21.35
C ASP B 586 -42.95 37.46 20.55
N ALA B 587 -42.48 38.70 20.66
CA ALA B 587 -41.28 39.11 19.93
C ALA B 587 -40.09 38.28 20.36
N ALA B 588 -39.98 37.99 21.66
CA ALA B 588 -38.87 37.17 22.14
C ALA B 588 -38.91 35.79 21.52
N LYS B 589 -40.10 35.17 21.47
CA LYS B 589 -40.22 33.85 20.85
C LYS B 589 -39.88 33.90 19.37
N ALA B 590 -40.33 34.95 18.67
CA ALA B 590 -40.00 35.08 17.26
C ALA B 590 -38.49 35.20 17.07
N LEU B 591 -37.83 36.01 17.90
CA LEU B 591 -36.38 36.15 17.80
C LEU B 591 -35.69 34.81 18.07
N LEU B 592 -36.16 34.08 19.08
CA LEU B 592 -35.57 32.78 19.38
C LEU B 592 -35.73 31.83 18.19
N ALA B 593 -36.89 31.87 17.54
CA ALA B 593 -37.07 31.07 16.34
C ALA B 593 -36.09 31.48 15.26
N LYS B 594 -35.89 32.79 15.09
CA LYS B 594 -34.94 33.26 14.08
C LYS B 594 -33.53 32.77 14.37
N ARG B 595 -33.13 32.81 15.64
CA ARG B 595 -31.81 32.33 16.03
C ARG B 595 -31.80 30.82 16.21
N PRO B 599 -31.37 24.89 9.38
CA PRO B 599 -31.70 23.97 8.29
C PRO B 599 -30.61 22.94 8.02
N VAL B 600 -29.59 22.92 8.88
CA VAL B 600 -28.50 21.95 8.79
C VAL B 600 -28.38 21.13 10.07
N LEU B 601 -28.45 21.77 11.23
CA LEU B 601 -28.34 21.08 12.52
C LEU B 601 -29.66 21.07 13.29
N GLY B 602 -30.77 21.31 12.60
CA GLY B 602 -32.07 21.14 13.24
C GLY B 602 -32.24 22.04 14.44
N ALA B 603 -32.64 21.45 15.57
CA ALA B 603 -33.02 22.19 16.75
C ALA B 603 -31.90 22.34 17.77
N ARG B 604 -30.69 21.83 17.48
CA ARG B 604 -29.59 22.02 18.42
C ARG B 604 -29.29 23.49 18.65
N PRO B 605 -29.23 24.35 17.63
CA PRO B 605 -29.04 25.79 17.92
C PRO B 605 -30.09 26.37 18.84
N LEU B 606 -31.35 25.94 18.71
CA LEU B 606 -32.39 26.49 19.57
C LEU B 606 -32.14 26.13 21.03
N ARG B 607 -31.80 24.86 21.29
CA ARG B 607 -31.51 24.45 22.65
C ARG B 607 -30.31 25.19 23.21
N ARG B 608 -29.25 25.34 22.40
CA ARG B 608 -28.07 26.05 22.86
C ARG B 608 -28.40 27.51 23.18
N THR B 609 -29.17 28.16 22.32
CA THR B 609 -29.54 29.55 22.56
C THR B 609 -30.38 29.69 23.82
N ILE B 610 -31.31 28.76 24.04
CA ILE B 610 -32.10 28.82 25.28
C ILE B 610 -31.19 28.65 26.49
N GLN B 611 -30.24 27.71 26.42
CA GLN B 611 -29.39 27.45 27.57
C GLN B 611 -28.43 28.61 27.85
N ARG B 612 -27.98 29.31 26.82
CA ARG B 612 -26.94 30.33 26.97
C ARG B 612 -27.50 31.75 27.04
N GLU B 613 -28.26 32.16 26.02
CA GLU B 613 -28.70 33.54 25.89
C GLU B 613 -29.84 33.90 26.82
N ILE B 614 -30.46 32.93 27.49
CA ILE B 614 -31.55 33.23 28.42
C ILE B 614 -31.23 32.67 29.81
N GLU B 615 -31.06 31.35 29.89
CA GLU B 615 -30.90 30.72 31.19
C GLU B 615 -29.67 31.23 31.91
N ASP B 616 -28.55 31.36 31.20
CA ASP B 616 -27.33 31.84 31.84
C ASP B 616 -27.50 33.28 32.33
N GLN B 617 -28.09 34.13 31.49
CA GLN B 617 -28.26 35.53 31.87
C GLN B 617 -29.21 35.66 33.05
N LEU B 618 -30.31 34.91 33.04
CA LEU B 618 -31.22 34.93 34.18
C LEU B 618 -30.55 34.44 35.45
N SER B 619 -29.74 33.39 35.34
CA SER B 619 -29.05 32.87 36.52
C SER B 619 -28.12 33.91 37.10
N GLU B 620 -27.29 34.52 36.25
CA GLU B 620 -26.35 35.52 36.76
C GLU B 620 -27.07 36.75 37.29
N LYS B 621 -28.20 37.12 36.69
CA LYS B 621 -28.95 38.27 37.17
C LYS B 621 -29.55 37.99 38.55
N ILE B 622 -30.24 36.86 38.70
CA ILE B 622 -30.91 36.60 39.96
C ILE B 622 -29.90 36.34 41.07
N LEU B 623 -28.83 35.60 40.77
CA LEU B 623 -27.85 35.30 41.80
C LEU B 623 -27.19 36.57 42.32
N PHE B 624 -26.84 37.48 41.43
CA PHE B 624 -26.18 38.73 41.81
C PHE B 624 -26.12 39.70 40.64
N VAL B 633 -40.84 37.96 35.85
CA VAL B 633 -39.70 38.21 34.98
C VAL B 633 -40.12 38.12 33.52
N THR B 634 -40.34 39.28 32.91
CA THR B 634 -40.72 39.36 31.51
C THR B 634 -39.50 39.53 30.64
N VAL B 635 -39.55 38.95 29.45
CA VAL B 635 -38.45 38.98 28.49
C VAL B 635 -38.97 39.57 27.19
N ASP B 636 -38.22 40.51 26.63
CA ASP B 636 -38.54 41.12 25.35
C ASP B 636 -37.24 41.53 24.68
N VAL B 637 -37.34 42.35 23.64
CA VAL B 637 -36.17 42.83 22.92
C VAL B 637 -36.24 44.34 22.78
N PHE B 651 -31.95 41.03 23.83
CA PHE B 651 -32.75 40.46 24.90
C PHE B 651 -32.75 41.36 26.13
N THR B 652 -33.93 41.60 26.69
CA THR B 652 -34.08 42.42 27.88
C THR B 652 -35.02 41.74 28.85
N PHE B 653 -34.67 41.79 30.13
CA PHE B 653 -35.43 41.13 31.18
C PHE B 653 -36.17 42.14 32.05
N SER C 1 -3.24 -67.78 57.58
CA SER C 1 -4.21 -67.43 56.55
C SER C 1 -5.25 -66.45 57.07
N LEU C 2 -5.45 -66.44 58.39
CA LEU C 2 -6.45 -65.56 58.97
C LEU C 2 -6.12 -64.10 58.71
N VAL C 3 -4.85 -63.72 58.89
CA VAL C 3 -4.47 -62.32 58.70
C VAL C 3 -4.68 -61.91 57.24
N LEU C 4 -4.42 -62.82 56.31
CA LEU C 4 -4.62 -62.50 54.90
C LEU C 4 -6.11 -62.43 54.56
N ASP C 5 -6.91 -63.33 55.13
CA ASP C 5 -8.33 -63.38 54.78
C ASP C 5 -9.08 -62.15 55.27
N GLN C 6 -8.59 -61.46 56.29
CA GLN C 6 -9.25 -60.26 56.78
C GLN C 6 -8.75 -58.99 56.12
N PHE C 7 -7.71 -59.06 55.29
CA PHE C 7 -7.21 -57.91 54.55
C PHE C 7 -7.19 -58.16 53.04
N GLY C 8 -7.82 -59.23 52.58
CA GLY C 8 -7.83 -59.53 51.16
C GLY C 8 -8.82 -60.62 50.85
N ARG C 9 -8.92 -60.95 49.57
CA ARG C 9 -9.84 -61.96 49.08
C ARG C 9 -9.07 -62.98 48.26
N ASN C 10 -9.31 -64.26 48.54
CA ASN C 10 -8.62 -65.34 47.84
C ASN C 10 -9.28 -65.51 46.47
N LEU C 11 -8.58 -65.09 45.41
CA LEU C 11 -9.14 -65.22 44.07
C LEU C 11 -9.08 -66.65 43.56
N THR C 12 -8.05 -67.41 43.93
CA THR C 12 -7.97 -68.80 43.50
C THR C 12 -9.10 -69.62 44.08
N ALA C 13 -9.44 -69.38 45.36
CA ALA C 13 -10.56 -70.09 45.95
C ALA C 13 -11.86 -69.76 45.24
N ALA C 14 -12.07 -68.48 44.90
CA ALA C 14 -13.26 -68.10 44.17
C ALA C 14 -13.31 -68.77 42.80
N ALA C 15 -12.18 -68.81 42.10
CA ALA C 15 -12.15 -69.47 40.81
C ALA C 15 -12.48 -70.95 40.94
N MET C 16 -11.96 -71.60 41.99
CA MET C 16 -12.30 -72.99 42.23
C MET C 16 -13.80 -73.14 42.47
N GLU C 17 -14.39 -72.23 43.23
CA GLU C 17 -15.84 -72.25 43.45
C GLU C 17 -16.63 -71.81 42.23
N GLY C 18 -15.98 -71.29 41.20
CA GLY C 18 -16.67 -70.89 39.99
C GLY C 18 -17.34 -69.54 40.06
N LYS C 19 -16.86 -68.63 40.89
CA LYS C 19 -17.46 -67.32 41.05
C LYS C 19 -16.96 -66.31 40.02
N LEU C 20 -15.95 -66.64 39.23
CA LEU C 20 -15.35 -65.71 38.29
C LEU C 20 -15.82 -66.03 36.87
N ASP C 21 -16.10 -64.98 36.11
CA ASP C 21 -16.57 -65.16 34.74
C ASP C 21 -15.47 -65.77 33.88
N PRO C 22 -15.83 -66.52 32.84
CA PRO C 22 -14.81 -67.05 31.93
C PRO C 22 -14.05 -65.93 31.23
N VAL C 23 -12.79 -66.19 30.93
CA VAL C 23 -11.93 -65.25 30.22
C VAL C 23 -11.52 -65.90 28.91
N ILE C 24 -11.82 -65.23 27.80
CA ILE C 24 -11.65 -65.80 26.46
C ILE C 24 -10.74 -64.88 25.66
N GLY C 25 -9.77 -65.48 24.98
CA GLY C 25 -8.93 -64.76 24.05
C GLY C 25 -7.77 -64.01 24.65
N ARG C 26 -7.56 -64.11 25.97
CA ARG C 26 -6.44 -63.45 26.63
C ARG C 26 -5.30 -64.41 26.90
N GLU C 27 -5.08 -65.38 26.00
CA GLU C 27 -4.00 -66.33 26.20
C GLU C 27 -2.65 -65.64 26.17
N LYS C 28 -2.45 -64.72 25.23
CA LYS C 28 -1.16 -64.06 25.12
C LYS C 28 -0.87 -63.19 26.35
N GLU C 29 -1.85 -62.42 26.80
CA GLU C 29 -1.64 -61.58 27.97
C GLU C 29 -1.34 -62.39 29.21
N ILE C 30 -2.07 -63.49 29.40
CA ILE C 30 -1.82 -64.34 30.57
C ILE C 30 -0.45 -64.99 30.47
N GLU C 31 -0.06 -65.42 29.27
CA GLU C 31 1.26 -65.99 29.09
C GLU C 31 2.36 -64.98 29.40
N ARG C 32 2.16 -63.74 28.98
CA ARG C 32 3.14 -62.69 29.25
C ARG C 32 3.22 -62.39 30.74
N VAL C 33 2.07 -62.38 31.42
CA VAL C 33 2.05 -62.20 32.87
C VAL C 33 2.82 -63.33 33.56
N MET C 34 2.56 -64.58 33.15
CA MET C 34 3.28 -65.69 33.75
C MET C 34 4.77 -65.60 33.49
N GLN C 35 5.14 -65.17 32.28
CA GLN C 35 6.56 -64.99 31.96
C GLN C 35 7.21 -63.97 32.88
N VAL C 36 6.53 -62.86 33.14
CA VAL C 36 7.09 -61.85 34.03
C VAL C 36 7.14 -62.37 35.46
N LEU C 37 6.14 -63.13 35.88
CA LEU C 37 6.10 -63.63 37.24
C LEU C 37 7.18 -64.68 37.52
N SER C 38 7.69 -65.34 36.49
CA SER C 38 8.72 -66.34 36.66
C SER C 38 10.12 -65.76 36.68
N ARG C 39 10.25 -64.45 36.52
CA ARG C 39 11.55 -63.80 36.55
C ARG C 39 12.26 -64.07 37.88
N ARG C 40 13.55 -63.73 37.92
CA ARG C 40 14.32 -63.91 39.14
C ARG C 40 14.18 -62.72 40.07
N THR C 41 14.27 -61.50 39.54
CA THR C 41 14.11 -60.28 40.31
C THR C 41 13.17 -59.33 39.58
N LYS C 42 12.47 -58.51 40.35
CA LYS C 42 11.53 -57.54 39.81
C LYS C 42 10.41 -58.25 39.05
N ASN C 43 9.99 -59.40 39.57
CA ASN C 43 8.92 -60.18 38.95
C ASN C 43 7.56 -59.67 39.42
N ASN C 44 7.25 -58.44 38.99
CA ASN C 44 6.01 -57.76 39.35
C ASN C 44 5.37 -57.17 38.11
N PRO C 45 4.55 -57.94 37.40
CA PRO C 45 3.85 -57.36 36.24
C PRO C 45 2.80 -56.37 36.68
N VAL C 46 2.55 -55.38 35.81
CA VAL C 46 1.49 -54.41 36.01
C VAL C 46 0.69 -54.33 34.73
N LEU C 47 -0.60 -54.60 34.81
CA LEU C 47 -1.49 -54.59 33.66
C LEU C 47 -1.97 -53.17 33.42
N ILE C 48 -1.66 -52.64 32.24
CA ILE C 48 -1.94 -51.26 31.86
C ILE C 48 -2.86 -51.27 30.65
N GLY C 49 -3.89 -50.45 30.67
CA GLY C 49 -4.78 -50.36 29.54
C GLY C 49 -5.89 -49.38 29.81
N GLU C 50 -6.73 -49.19 28.80
CA GLU C 50 -7.88 -48.31 28.91
C GLU C 50 -8.91 -48.92 29.85
N PRO C 51 -9.78 -48.10 30.43
CA PRO C 51 -10.79 -48.64 31.36
C PRO C 51 -11.83 -49.48 30.62
N GLY C 52 -12.02 -50.71 31.09
CA GLY C 52 -13.02 -51.58 30.54
C GLY C 52 -12.52 -52.61 29.55
N VAL C 53 -11.21 -52.69 29.33
CA VAL C 53 -10.67 -53.58 28.31
C VAL C 53 -10.33 -54.98 28.84
N GLY C 54 -10.42 -55.20 30.14
CA GLY C 54 -10.23 -56.54 30.67
C GLY C 54 -8.99 -56.71 31.53
N LYS C 55 -8.60 -55.67 32.26
CA LYS C 55 -7.42 -55.77 33.12
C LYS C 55 -7.65 -56.73 34.27
N THR C 56 -8.79 -56.60 34.96
CA THR C 56 -9.09 -57.52 36.06
C THR C 56 -9.50 -58.88 35.54
N ALA C 57 -10.15 -58.93 34.37
CA ALA C 57 -10.49 -60.22 33.79
C ALA C 57 -9.25 -61.04 33.48
N VAL C 58 -8.14 -60.39 33.14
CA VAL C 58 -6.92 -61.12 32.88
C VAL C 58 -6.45 -61.84 34.14
N VAL C 59 -6.49 -61.15 35.28
CA VAL C 59 -6.06 -61.76 36.53
C VAL C 59 -7.03 -62.86 36.94
N GLU C 60 -8.32 -62.64 36.71
CA GLU C 60 -9.30 -63.70 37.01
C GLU C 60 -9.05 -64.93 36.15
N GLY C 61 -8.71 -64.72 34.87
CA GLY C 61 -8.36 -65.84 34.02
C GLY C 61 -7.09 -66.54 34.47
N LEU C 62 -6.11 -65.78 34.97
CA LEU C 62 -4.92 -66.40 35.53
C LEU C 62 -5.26 -67.26 36.73
N ALA C 63 -6.15 -66.78 37.59
CA ALA C 63 -6.57 -67.57 38.73
C ALA C 63 -7.26 -68.86 38.28
N GLN C 64 -8.13 -68.75 37.27
CA GLN C 64 -8.78 -69.94 36.74
C GLN C 64 -7.76 -70.92 36.18
N ALA C 65 -6.77 -70.42 35.45
CA ALA C 65 -5.73 -71.29 34.91
C ALA C 65 -4.95 -71.98 36.02
N ILE C 66 -4.62 -71.24 37.08
CA ILE C 66 -3.92 -71.84 38.21
C ILE C 66 -4.76 -72.96 38.81
N VAL C 67 -6.06 -72.72 38.97
CA VAL C 67 -6.93 -73.74 39.52
C VAL C 67 -6.94 -74.98 38.63
N HIS C 68 -7.07 -74.77 37.31
CA HIS C 68 -7.09 -75.89 36.39
C HIS C 68 -5.74 -76.59 36.29
N GLY C 69 -4.68 -75.96 36.78
CA GLY C 69 -3.36 -76.57 36.74
C GLY C 69 -2.64 -76.44 35.42
N GLU C 70 -3.08 -75.54 34.54
CA GLU C 70 -2.42 -75.36 33.25
C GLU C 70 -1.19 -74.46 33.33
N VAL C 71 -0.92 -73.85 34.48
CA VAL C 71 0.19 -72.91 34.63
C VAL C 71 1.50 -73.69 34.67
N PRO C 72 2.65 -73.05 34.42
CA PRO C 72 3.92 -73.76 34.54
C PRO C 72 4.20 -74.20 35.97
N GLU C 73 5.30 -74.92 36.18
CA GLU C 73 5.59 -75.47 37.50
C GLU C 73 5.80 -74.36 38.52
N THR C 74 6.40 -73.25 38.12
CA THR C 74 6.71 -72.19 39.07
C THR C 74 5.45 -71.63 39.72
N LEU C 75 4.41 -71.41 38.94
CA LEU C 75 3.15 -70.85 39.44
C LEU C 75 2.16 -71.93 39.87
N LYS C 76 2.55 -73.19 39.85
CA LYS C 76 1.63 -74.27 40.18
C LYS C 76 1.10 -74.09 41.60
N ASP C 77 -0.21 -74.29 41.75
CA ASP C 77 -0.91 -74.30 43.04
C ASP C 77 -0.64 -73.06 43.88
N LYS C 78 -0.21 -71.96 43.26
CA LYS C 78 -0.06 -70.72 43.99
C LYS C 78 -1.43 -70.10 44.25
N GLN C 79 -1.57 -69.46 45.40
CA GLN C 79 -2.83 -68.83 45.80
C GLN C 79 -2.76 -67.34 45.46
N LEU C 80 -3.71 -66.88 44.67
CA LEU C 80 -3.74 -65.48 44.23
C LEU C 80 -4.66 -64.71 45.16
N TYR C 81 -4.08 -63.84 45.98
CA TYR C 81 -4.82 -63.06 46.96
C TYR C 81 -4.89 -61.61 46.48
N THR C 82 -6.10 -61.08 46.33
CA THR C 82 -6.26 -59.68 45.97
C THR C 82 -6.31 -58.86 47.25
N LEU C 83 -5.43 -57.87 47.35
CA LEU C 83 -5.29 -57.06 48.54
C LEU C 83 -6.19 -55.83 48.46
N ASP C 84 -6.86 -55.51 49.56
CA ASP C 84 -7.76 -54.37 49.64
C ASP C 84 -7.15 -53.37 50.63
N LEU C 85 -6.65 -52.25 50.10
CA LEU C 85 -6.02 -51.26 50.96
C LEU C 85 -7.02 -50.64 51.92
N GLY C 86 -8.30 -50.60 51.55
CA GLY C 86 -9.30 -50.07 52.45
C GLY C 86 -9.33 -50.81 53.77
N SER C 87 -9.25 -52.14 53.72
CA SER C 87 -9.23 -52.92 54.95
C SER C 87 -8.00 -52.60 55.78
N LEU C 88 -6.84 -52.45 55.14
CA LEU C 88 -5.62 -52.16 55.87
C LEU C 88 -5.71 -50.81 56.56
N VAL C 89 -6.24 -49.79 55.88
CA VAL C 89 -6.28 -48.44 56.43
C VAL C 89 -7.53 -48.17 57.25
N ALA C 90 -8.45 -49.13 57.35
CA ALA C 90 -9.69 -48.90 58.07
C ALA C 90 -9.46 -48.57 59.54
N GLY C 91 -8.95 -49.53 60.31
CA GLY C 91 -8.81 -49.34 61.74
C GLY C 91 -7.57 -48.62 62.18
N SER C 92 -6.67 -48.25 61.27
CA SER C 92 -5.40 -47.64 61.64
C SER C 92 -5.66 -46.21 62.10
N ARG C 93 -5.79 -46.03 63.40
CA ARG C 93 -6.03 -44.71 63.99
C ARG C 93 -4.79 -44.11 64.62
N TYR C 94 -4.06 -44.89 65.41
CA TYR C 94 -2.86 -44.42 66.09
C TYR C 94 -1.64 -44.61 65.21
N ARG C 95 -0.53 -44.04 65.66
CA ARG C 95 0.72 -44.15 64.92
C ARG C 95 1.19 -45.60 64.91
N GLY C 96 1.62 -46.08 63.75
CA GLY C 96 2.17 -47.40 63.62
C GLY C 96 1.16 -48.51 63.37
N ASP C 97 -0.13 -48.21 63.40
CA ASP C 97 -1.13 -49.26 63.18
C ASP C 97 -1.09 -49.77 61.75
N PHE C 98 -1.12 -48.86 60.77
CA PHE C 98 -1.11 -49.27 59.38
C PHE C 98 0.19 -49.99 59.03
N GLU C 99 1.32 -49.47 59.49
CA GLU C 99 2.60 -50.12 59.24
C GLU C 99 2.63 -51.50 59.89
N GLU C 100 2.09 -51.62 61.11
CA GLU C 100 2.06 -52.92 61.76
C GLU C 100 1.24 -53.91 60.96
N ARG C 101 0.07 -53.49 60.46
CA ARG C 101 -0.76 -54.39 59.67
C ARG C 101 -0.05 -54.82 58.39
N LEU C 102 0.57 -53.87 57.70
CA LEU C 102 1.24 -54.20 56.45
C LEU C 102 2.42 -55.14 56.69
N LYS C 103 3.19 -54.88 57.75
CA LYS C 103 4.31 -55.76 58.08
C LYS C 103 3.82 -57.15 58.44
N LYS C 104 2.72 -57.24 59.18
CA LYS C 104 2.16 -58.56 59.49
C LYS C 104 1.73 -59.29 58.24
N VAL C 105 1.09 -58.60 57.31
CA VAL C 105 0.67 -59.23 56.06
C VAL C 105 1.88 -59.75 55.29
N LEU C 106 2.91 -58.92 55.19
CA LEU C 106 4.11 -59.34 54.45
C LEU C 106 4.78 -60.52 55.12
N LYS C 107 4.86 -60.51 56.46
CA LYS C 107 5.47 -61.62 57.18
C LYS C 107 4.68 -62.90 56.96
N GLU C 108 3.35 -62.82 56.98
CA GLU C 108 2.53 -64.00 56.72
C GLU C 108 2.75 -64.52 55.30
N ILE C 109 2.79 -63.60 54.33
CA ILE C 109 3.02 -64.03 52.95
C ILE C 109 4.37 -64.75 52.84
N ASN C 110 5.40 -64.18 53.45
CA ASN C 110 6.73 -64.79 53.39
C ASN C 110 6.73 -66.14 54.06
N THR C 111 6.08 -66.26 55.22
CA THR C 111 6.07 -67.54 55.93
C THR C 111 5.36 -68.61 55.11
N ARG C 112 4.21 -68.29 54.52
CA ARG C 112 3.51 -69.26 53.70
C ARG C 112 4.28 -69.54 52.41
N GLY C 113 4.69 -68.49 51.71
CA GLY C 113 5.58 -68.62 50.57
C GLY C 113 4.93 -69.05 49.28
N ASP C 114 3.61 -69.26 49.26
CA ASP C 114 2.90 -69.71 48.07
C ASP C 114 1.73 -68.77 47.79
N ILE C 115 1.99 -67.47 47.82
CA ILE C 115 0.96 -66.46 47.68
C ILE C 115 1.42 -65.42 46.66
N ILE C 116 0.53 -65.05 45.75
CA ILE C 116 0.77 -63.99 44.79
C ILE C 116 -0.22 -62.87 45.08
N LEU C 117 0.30 -61.70 45.41
CA LEU C 117 -0.57 -60.56 45.69
C LEU C 117 -1.07 -59.94 44.40
N PHE C 118 -2.28 -59.43 44.43
CA PHE C 118 -2.87 -58.71 43.32
C PHE C 118 -3.39 -57.38 43.83
N ILE C 119 -3.02 -56.29 43.16
CA ILE C 119 -3.38 -54.94 43.58
C ILE C 119 -4.02 -54.27 42.38
N ASP C 120 -5.34 -54.33 42.28
CA ASP C 120 -6.05 -53.55 41.29
C ASP C 120 -6.10 -52.10 41.77
N GLU C 121 -6.04 -51.17 40.82
CA GLU C 121 -5.89 -49.75 41.14
C GLU C 121 -4.62 -49.54 41.97
N LEU C 122 -3.49 -49.90 41.36
CA LEU C 122 -2.20 -49.78 42.02
C LEU C 122 -1.85 -48.35 42.35
N HIS C 123 -2.46 -47.37 41.67
CA HIS C 123 -2.16 -45.98 41.97
C HIS C 123 -2.56 -45.60 43.39
N THR C 124 -3.48 -46.34 44.00
CA THR C 124 -3.85 -46.10 45.40
C THR C 124 -2.75 -46.55 46.35
N LEU C 125 -1.78 -47.34 45.90
CA LEU C 125 -0.69 -47.78 46.75
C LEU C 125 0.30 -46.66 47.04
N VAL C 126 0.32 -45.61 46.22
CA VAL C 126 1.25 -44.50 46.41
C VAL C 126 0.65 -43.54 47.43
N GLY C 127 1.33 -43.38 48.56
CA GLY C 127 0.86 -42.50 49.61
C GLY C 127 -0.45 -42.98 50.22
N ALA C 128 -0.52 -44.28 50.54
CA ALA C 128 -1.73 -44.84 51.14
C ALA C 128 -1.83 -44.48 52.61
N GLY C 129 -0.87 -44.93 53.41
CA GLY C 129 -0.90 -44.68 54.84
C GLY C 129 -0.33 -43.35 55.27
N ALA C 130 0.26 -42.59 54.35
CA ALA C 130 0.83 -41.29 54.67
C ALA C 130 1.04 -40.52 53.37
N ALA C 131 1.38 -39.24 53.53
CA ALA C 131 1.58 -38.36 52.38
C ALA C 131 2.68 -38.89 51.46
N ALA C 134 7.34 -39.61 52.60
CA ALA C 134 6.94 -40.16 53.88
C ALA C 134 6.88 -41.68 53.82
N ILE C 135 6.49 -42.31 54.93
CA ILE C 135 6.42 -43.76 55.02
C ILE C 135 4.98 -44.19 54.75
N ASP C 136 4.80 -44.99 53.71
CA ASP C 136 3.48 -45.46 53.30
C ASP C 136 3.63 -46.88 52.80
N ALA C 137 2.58 -47.40 52.15
CA ALA C 137 2.64 -48.76 51.64
C ALA C 137 3.74 -48.92 50.62
N ALA C 138 3.89 -47.94 49.73
CA ALA C 138 4.89 -48.05 48.67
C ALA C 138 6.30 -48.14 49.26
N SER C 139 6.60 -47.29 50.24
CA SER C 139 7.95 -47.29 50.81
C SER C 139 8.23 -48.59 51.54
N ILE C 140 7.23 -49.15 52.24
CA ILE C 140 7.44 -50.42 52.92
C ILE C 140 7.67 -51.53 51.91
N LEU C 141 6.91 -51.51 50.81
CA LEU C 141 6.99 -52.61 49.85
C LEU C 141 8.23 -52.53 48.97
N LYS C 142 8.79 -51.34 48.76
CA LYS C 142 9.88 -51.20 47.80
C LYS C 142 11.02 -52.18 48.00
N PRO C 143 11.59 -52.33 49.19
CA PRO C 143 12.68 -53.31 49.34
C PRO C 143 12.27 -54.73 48.98
N LYS C 144 11.04 -55.13 49.31
CA LYS C 144 10.59 -56.47 48.98
C LYS C 144 10.39 -56.62 47.48
N LEU C 145 9.78 -55.63 46.83
CA LEU C 145 9.51 -55.73 45.40
C LEU C 145 10.81 -55.74 44.60
N ALA C 146 11.78 -54.91 44.98
CA ALA C 146 12.99 -54.80 44.18
C ALA C 146 13.74 -56.12 44.09
N ARG C 147 13.84 -56.85 45.20
CA ARG C 147 14.63 -58.07 45.24
C ARG C 147 13.89 -59.28 44.68
N GLY C 148 12.62 -59.14 44.33
CA GLY C 148 11.87 -60.27 43.82
C GLY C 148 11.40 -61.25 44.88
N GLU C 149 11.45 -60.87 46.15
CA GLU C 149 10.99 -61.74 47.22
C GLU C 149 9.48 -61.72 47.38
N LEU C 150 8.77 -60.82 46.70
CA LEU C 150 7.34 -60.66 46.87
C LEU C 150 6.72 -60.50 45.49
N GLN C 151 6.14 -61.58 44.98
CA GLN C 151 5.45 -61.51 43.70
C GLN C 151 4.18 -60.68 43.84
N THR C 152 3.97 -59.76 42.92
CA THR C 152 2.79 -58.89 42.96
C THR C 152 2.36 -58.59 41.54
N ILE C 153 1.05 -58.49 41.33
CA ILE C 153 0.46 -58.19 40.05
C ILE C 153 -0.35 -56.90 40.23
N GLY C 154 0.17 -55.80 39.72
CA GLY C 154 -0.55 -54.57 39.77
C GLY C 154 -1.47 -54.40 38.58
N ALA C 155 -2.45 -53.50 38.71
CA ALA C 155 -3.31 -53.18 37.58
C ALA C 155 -3.74 -51.73 37.67
N THR C 156 -3.57 -50.99 36.58
CA THR C 156 -3.98 -49.59 36.54
C THR C 156 -4.35 -49.23 35.11
N THR C 157 -4.98 -48.07 34.97
CA THR C 157 -5.26 -47.51 33.66
C THR C 157 -4.10 -46.65 33.20
N LEU C 158 -4.15 -46.26 31.92
CA LEU C 158 -3.06 -45.46 31.37
C LEU C 158 -2.95 -44.11 32.07
N ASP C 159 -4.07 -43.39 32.18
CA ASP C 159 -4.04 -42.06 32.77
C ASP C 159 -3.66 -42.11 34.24
N GLU C 160 -4.23 -43.06 34.99
CA GLU C 160 -3.87 -43.19 36.40
C GLU C 160 -2.41 -43.58 36.56
N TYR C 161 -1.91 -44.47 35.69
CA TYR C 161 -0.50 -44.83 35.73
C TYR C 161 0.39 -43.61 35.50
N ARG C 162 0.05 -42.79 34.51
CA ARG C 162 0.85 -41.62 34.22
C ARG C 162 0.79 -40.59 35.35
N LYS C 163 -0.39 -40.40 35.94
CA LYS C 163 -0.56 -39.34 36.93
C LYS C 163 0.11 -39.70 38.25
N TYR C 164 -0.08 -40.92 38.73
CA TYR C 164 0.36 -41.31 40.06
C TYR C 164 1.61 -42.16 40.05
N ILE C 165 1.60 -43.28 39.33
CA ILE C 165 2.71 -44.22 39.40
C ILE C 165 3.98 -43.58 38.85
N GLU C 166 3.88 -42.88 37.73
CA GLU C 166 5.08 -42.32 37.10
C GLU C 166 5.64 -41.13 37.87
N LYS C 167 4.85 -40.52 38.75
CA LYS C 167 5.37 -39.46 39.60
C LYS C 167 6.24 -40.00 40.73
N ASP C 168 6.28 -41.32 40.91
CA ASP C 168 7.15 -41.97 41.89
C ASP C 168 8.03 -42.95 41.10
N ALA C 169 9.17 -42.45 40.61
CA ALA C 169 10.00 -43.26 39.74
C ALA C 169 10.52 -44.51 40.44
N ALA C 170 10.83 -44.41 41.73
CA ALA C 170 11.38 -45.54 42.45
C ALA C 170 10.41 -46.72 42.45
N LEU C 171 9.12 -46.45 42.68
CA LEU C 171 8.13 -47.51 42.65
C LEU C 171 7.85 -47.97 41.23
N GLU C 172 7.73 -47.02 40.30
CA GLU C 172 7.42 -47.37 38.92
C GLU C 172 8.51 -48.23 38.29
N ARG C 173 9.74 -48.15 38.79
CA ARG C 173 10.82 -48.98 38.26
C ARG C 173 10.64 -50.45 38.58
N ARG C 174 9.87 -50.78 39.62
CA ARG C 174 9.78 -52.16 40.10
C ARG C 174 8.63 -52.94 39.47
N PHE C 175 7.91 -52.36 38.53
CA PHE C 175 6.77 -53.02 37.89
C PHE C 175 6.99 -53.07 36.39
N GLN C 176 6.72 -54.23 35.80
CA GLN C 176 6.90 -54.42 34.37
C GLN C 176 5.58 -54.16 33.65
N PRO C 177 5.47 -53.12 32.83
CA PRO C 177 4.20 -52.90 32.13
C PRO C 177 3.84 -54.08 31.25
N VAL C 178 2.55 -54.43 31.26
CA VAL C 178 2.01 -55.50 30.43
C VAL C 178 0.76 -54.94 29.77
N GLN C 179 0.91 -54.42 28.56
CA GLN C 179 -0.20 -53.77 27.87
C GLN C 179 -1.32 -54.75 27.59
N VAL C 180 -2.56 -54.33 27.87
CA VAL C 180 -3.75 -55.03 27.42
C VAL C 180 -4.54 -54.07 26.53
N GLY C 181 -4.84 -54.51 25.32
CA GLY C 181 -5.47 -53.66 24.34
C GLY C 181 -6.95 -53.93 24.19
N GLU C 182 -7.64 -52.95 23.62
CA GLU C 182 -9.06 -53.09 23.34
C GLU C 182 -9.25 -54.17 22.29
N PRO C 183 -10.01 -55.23 22.56
CA PRO C 183 -10.15 -56.30 21.58
C PRO C 183 -10.91 -55.84 20.33
N THR C 184 -10.61 -56.48 19.22
CA THR C 184 -11.29 -56.20 17.97
C THR C 184 -12.74 -56.66 18.07
N VAL C 185 -13.51 -56.42 17.01
CA VAL C 185 -14.91 -56.80 17.02
C VAL C 185 -15.07 -58.31 17.00
N GLU C 186 -14.21 -59.02 16.27
CA GLU C 186 -14.28 -60.48 16.26
C GLU C 186 -13.95 -61.04 17.64
N HIS C 187 -12.92 -60.50 18.29
CA HIS C 187 -12.60 -60.94 19.64
C HIS C 187 -13.73 -60.62 20.60
N THR C 188 -14.38 -59.47 20.42
CA THR C 188 -15.52 -59.14 21.27
C THR C 188 -16.66 -60.13 21.05
N ILE C 189 -16.87 -60.55 19.80
CA ILE C 189 -17.92 -61.52 19.52
C ILE C 189 -17.60 -62.85 20.18
N GLU C 190 -16.33 -63.26 20.14
CA GLU C 190 -15.94 -64.48 20.83
C GLU C 190 -16.16 -64.36 22.34
N ILE C 191 -15.82 -63.21 22.91
CA ILE C 191 -16.02 -62.99 24.34
C ILE C 191 -17.50 -63.08 24.68
N LEU C 192 -18.36 -62.46 23.88
CA LEU C 192 -19.78 -62.52 24.14
C LEU C 192 -20.30 -63.95 24.03
N LYS C 193 -19.83 -64.70 23.03
CA LYS C 193 -20.25 -66.08 22.91
C LYS C 193 -19.84 -66.88 24.13
N GLY C 194 -18.65 -66.62 24.66
CA GLY C 194 -18.22 -67.28 25.88
C GLY C 194 -19.06 -66.91 27.08
N LEU C 195 -19.40 -65.63 27.21
CA LEU C 195 -20.18 -65.16 28.37
C LEU C 195 -21.66 -65.44 28.26
N ARG C 196 -22.14 -65.87 27.09
CA ARG C 196 -23.58 -66.01 26.87
C ARG C 196 -24.26 -66.82 27.98
N ASP C 197 -23.62 -67.90 28.43
CA ASP C 197 -24.30 -68.83 29.33
C ASP C 197 -24.67 -68.17 30.65
N ARG C 198 -23.75 -67.41 31.23
CA ARG C 198 -24.01 -66.79 32.52
C ARG C 198 -25.15 -65.78 32.43
N TYR C 199 -25.14 -64.95 31.39
CA TYR C 199 -26.19 -63.95 31.26
C TYR C 199 -27.54 -64.58 30.95
N GLU C 200 -27.55 -65.64 30.14
CA GLU C 200 -28.79 -66.37 29.91
C GLU C 200 -29.34 -66.93 31.21
N ALA C 201 -28.46 -67.53 32.02
CA ALA C 201 -28.91 -68.09 33.29
C ALA C 201 -29.44 -67.01 34.21
N HIS C 202 -28.76 -65.86 34.27
CA HIS C 202 -29.20 -64.81 35.18
C HIS C 202 -30.54 -64.23 34.74
N HIS C 203 -30.67 -63.86 33.47
CA HIS C 203 -31.90 -63.24 32.99
C HIS C 203 -32.93 -64.26 32.51
N ARG C 204 -32.58 -65.54 32.50
CA ARG C 204 -33.51 -66.58 32.06
C ARG C 204 -34.06 -66.25 30.67
N VAL C 205 -33.18 -65.82 29.78
CA VAL C 205 -33.53 -65.47 28.41
C VAL C 205 -32.54 -66.16 27.48
N SER C 206 -32.91 -66.22 26.20
CA SER C 206 -32.07 -66.81 25.16
C SER C 206 -31.52 -65.70 24.27
N ILE C 207 -30.21 -65.71 24.07
CA ILE C 207 -29.53 -64.69 23.28
C ILE C 207 -28.99 -65.37 22.02
N THR C 208 -29.38 -64.86 20.86
CA THR C 208 -29.00 -65.48 19.60
C THR C 208 -27.62 -65.01 19.17
N ASP C 209 -27.00 -65.78 18.27
CA ASP C 209 -25.71 -65.40 17.73
C ASP C 209 -25.80 -64.06 17.00
N ALA C 210 -26.87 -63.86 16.24
CA ALA C 210 -27.08 -62.57 15.60
C ALA C 210 -27.12 -61.45 16.63
N ALA C 211 -27.69 -61.74 17.82
CA ALA C 211 -27.73 -60.73 18.87
C ALA C 211 -26.32 -60.34 19.30
N MET C 212 -25.44 -61.32 19.50
CA MET C 212 -24.08 -61.02 19.91
C MET C 212 -23.34 -60.24 18.83
N VAL C 213 -23.50 -60.65 17.57
CA VAL C 213 -22.82 -59.94 16.48
C VAL C 213 -23.30 -58.51 16.42
N ALA C 214 -24.63 -58.31 16.52
CA ALA C 214 -25.18 -56.96 16.47
C ALA C 214 -24.69 -56.13 17.65
N ALA C 215 -24.66 -56.72 18.84
CA ALA C 215 -24.19 -55.97 20.00
C ALA C 215 -22.76 -55.50 19.80
N ALA C 216 -21.87 -56.41 19.42
CA ALA C 216 -20.48 -56.03 19.20
C ALA C 216 -20.36 -54.93 18.14
N THR C 217 -20.99 -55.14 16.98
CA THR C 217 -20.83 -54.20 15.89
C THR C 217 -21.41 -52.83 16.24
N LEU C 218 -22.64 -52.80 16.75
CA LEU C 218 -23.26 -51.53 17.07
C LEU C 218 -22.51 -50.81 18.18
N ALA C 219 -22.09 -51.53 19.22
CA ALA C 219 -21.33 -50.90 20.29
C ALA C 219 -20.05 -50.29 19.75
N ASP C 220 -19.35 -51.00 18.88
CA ASP C 220 -18.14 -50.44 18.29
C ASP C 220 -18.47 -49.20 17.47
N ARG C 221 -19.57 -49.24 16.72
CA ARG C 221 -19.85 -48.21 15.72
C ARG C 221 -20.33 -46.91 16.35
N TYR C 222 -21.22 -46.98 17.35
CA TYR C 222 -21.95 -45.81 17.81
C TYR C 222 -21.45 -45.29 19.15
N ILE C 223 -21.42 -46.12 20.19
CA ILE C 223 -20.97 -45.65 21.50
C ILE C 223 -19.51 -45.26 21.41
N ASN C 224 -19.18 -44.08 21.89
CA ASN C 224 -17.90 -43.45 21.61
C ASN C 224 -16.96 -43.36 22.80
N ASP C 225 -17.46 -43.09 24.00
CA ASP C 225 -16.60 -42.87 25.16
C ASP C 225 -16.27 -44.15 25.92
N ARG C 226 -16.78 -45.30 25.49
CA ARG C 226 -16.58 -46.57 26.18
C ARG C 226 -15.68 -47.48 25.36
N PHE C 227 -15.32 -48.62 25.94
CA PHE C 227 -14.39 -49.55 25.33
C PHE C 227 -15.02 -50.92 25.18
N LEU C 228 -14.71 -51.59 24.07
CA LEU C 228 -15.61 -52.59 23.48
C LEU C 228 -16.09 -53.69 24.42
N PRO C 229 -15.25 -54.36 25.18
CA PRO C 229 -15.74 -55.52 25.94
C PRO C 229 -16.96 -55.18 26.77
N ASP C 230 -16.82 -54.21 27.68
CA ASP C 230 -17.96 -53.79 28.48
C ASP C 230 -18.93 -52.97 27.66
N LYS C 231 -18.45 -52.26 26.64
CA LYS C 231 -19.34 -51.45 25.81
C LYS C 231 -20.41 -52.31 25.15
N ALA C 232 -20.11 -53.58 24.86
CA ALA C 232 -21.05 -54.51 24.25
C ALA C 232 -21.73 -55.41 25.27
N ILE C 233 -21.01 -55.82 26.32
CA ILE C 233 -21.66 -56.57 27.39
C ILE C 233 -22.77 -55.74 28.01
N ASP C 234 -22.63 -54.42 28.01
CA ASP C 234 -23.69 -53.56 28.53
C ASP C 234 -24.97 -53.71 27.72
N LEU C 235 -24.85 -53.66 26.39
CA LEU C 235 -26.02 -53.82 25.54
C LEU C 235 -26.65 -55.19 25.76
N ILE C 236 -25.83 -56.24 25.80
CA ILE C 236 -26.39 -57.57 25.98
C ILE C 236 -27.13 -57.68 27.32
N ASP C 237 -26.48 -57.22 28.39
CA ASP C 237 -27.07 -57.34 29.72
C ASP C 237 -28.34 -56.51 29.85
N GLU C 238 -28.33 -55.30 29.29
CA GLU C 238 -29.52 -54.46 29.40
C GLU C 238 -30.67 -54.99 28.56
N ALA C 239 -30.38 -55.56 27.39
CA ALA C 239 -31.44 -56.19 26.62
C ALA C 239 -32.03 -57.38 27.38
N GLY C 240 -31.17 -58.19 27.99
CA GLY C 240 -31.68 -59.27 28.81
C GLY C 240 -32.55 -58.76 29.96
N ALA C 241 -32.11 -57.69 30.61
CA ALA C 241 -32.88 -57.12 31.71
C ALA C 241 -34.23 -56.63 31.23
N ARG C 242 -34.27 -55.96 30.09
CA ARG C 242 -35.55 -55.52 29.51
C ARG C 242 -36.47 -56.71 29.29
N MET C 243 -35.95 -57.76 28.64
CA MET C 243 -36.78 -58.90 28.32
C MET C 243 -37.32 -59.57 29.58
N ARG C 244 -36.48 -59.70 30.61
CA ARG C 244 -36.95 -60.31 31.85
C ARG C 244 -37.98 -59.42 32.53
N ILE C 245 -37.77 -58.11 32.52
CA ILE C 245 -38.73 -57.20 33.15
C ILE C 245 -40.08 -57.30 32.47
N ARG C 246 -40.09 -57.32 31.14
CA ARG C 246 -41.36 -57.37 30.42
C ARG C 246 -42.11 -58.65 30.71
N ARG C 247 -41.40 -59.78 30.72
CA ARG C 247 -42.04 -61.08 30.97
C ARG C 247 -42.13 -61.35 32.47
N ALA C 310 -39.31 -64.99 25.35
CA ALA C 310 -38.15 -64.87 26.23
C ALA C 310 -36.86 -65.02 25.43
N GLU C 311 -36.72 -64.24 24.36
CA GLU C 311 -35.56 -64.27 23.51
C GLU C 311 -35.06 -62.85 23.26
N VAL C 312 -33.74 -62.73 23.08
CA VAL C 312 -33.10 -61.47 22.78
C VAL C 312 -32.55 -61.55 21.36
N ASP C 313 -32.93 -60.61 20.52
CA ASP C 313 -32.52 -60.58 19.12
C ASP C 313 -31.88 -59.22 18.81
N ASP C 314 -31.40 -59.09 17.58
CA ASP C 314 -30.72 -57.85 17.19
C ASP C 314 -31.64 -56.65 17.35
N GLU C 315 -32.95 -56.82 17.19
CA GLU C 315 -33.87 -55.71 17.35
C GLU C 315 -33.84 -55.17 18.78
N GLN C 316 -33.79 -56.06 19.77
CA GLN C 316 -33.72 -55.61 21.15
C GLN C 316 -32.43 -54.85 21.43
N ILE C 317 -31.32 -55.33 20.88
CA ILE C 317 -30.05 -54.63 21.05
C ILE C 317 -30.13 -53.25 20.41
N ALA C 318 -30.75 -53.16 19.23
CA ALA C 318 -30.89 -51.87 18.58
C ALA C 318 -31.74 -50.92 19.41
N GLU C 319 -32.83 -51.43 20.00
CA GLU C 319 -33.65 -50.60 20.87
C GLU C 319 -32.85 -50.10 22.07
N VAL C 320 -32.05 -50.97 22.68
CA VAL C 320 -31.24 -50.58 23.83
C VAL C 320 -30.27 -49.48 23.42
N LEU C 321 -29.61 -49.65 22.27
CA LEU C 321 -28.66 -48.65 21.81
C LEU C 321 -29.36 -47.33 21.51
N GLY C 322 -30.55 -47.39 20.92
CA GLY C 322 -31.29 -46.17 20.65
C GLY C 322 -31.64 -45.42 21.91
N ASN C 323 -32.10 -46.14 22.94
CA ASN C 323 -32.36 -45.49 24.21
C ASN C 323 -31.07 -44.89 24.78
N TRP C 324 -29.97 -45.63 24.70
CA TRP C 324 -28.70 -45.15 25.26
C TRP C 324 -28.25 -43.86 24.58
N THR C 325 -27.95 -43.93 23.28
CA THR C 325 -27.35 -42.81 22.58
C THR C 325 -28.35 -41.89 21.91
N GLY C 326 -29.58 -42.37 21.69
CA GLY C 326 -30.58 -41.59 21.00
C GLY C 326 -30.54 -41.69 19.49
N ILE C 327 -29.54 -42.36 18.94
CA ILE C 327 -29.46 -42.50 17.48
C ILE C 327 -30.53 -43.47 17.00
N PRO C 328 -31.39 -43.09 16.07
CA PRO C 328 -32.44 -44.02 15.63
C PRO C 328 -31.90 -45.13 14.75
N VAL C 329 -31.38 -46.18 15.36
CA VAL C 329 -30.85 -47.33 14.61
C VAL C 329 -31.80 -48.52 14.65
N PHE C 330 -32.78 -48.53 15.55
CA PHE C 330 -33.72 -49.64 15.62
C PHE C 330 -34.43 -49.84 14.28
N LYS C 331 -35.05 -51.01 14.13
CA LYS C 331 -35.77 -51.33 12.91
C LYS C 331 -36.97 -50.41 12.74
N LEU C 332 -37.33 -50.17 11.48
CA LEU C 332 -38.44 -49.29 11.17
C LEU C 332 -39.77 -50.03 11.31
N THR C 333 -40.74 -49.37 11.94
CA THR C 333 -42.09 -49.91 11.99
C THR C 333 -42.85 -49.51 10.73
N GLU C 334 -44.04 -50.10 10.57
CA GLU C 334 -44.84 -49.81 9.38
C GLU C 334 -45.20 -48.33 9.32
N ALA C 335 -45.65 -47.77 10.44
CA ALA C 335 -45.99 -46.34 10.45
C ALA C 335 -44.75 -45.49 10.19
N GLU C 336 -43.63 -45.83 10.82
CA GLU C 336 -42.41 -45.07 10.60
C GLU C 336 -41.94 -45.20 9.16
N THR C 337 -42.05 -46.39 8.58
CA THR C 337 -41.63 -46.57 7.19
C THR C 337 -42.51 -45.74 6.26
N THR C 338 -43.82 -45.72 6.49
CA THR C 338 -44.70 -44.90 5.68
C THR C 338 -44.37 -43.42 5.83
N ARG C 339 -44.09 -42.98 7.07
CA ARG C 339 -43.72 -41.59 7.28
C ARG C 339 -42.45 -41.24 6.53
N LEU C 340 -41.45 -42.13 6.55
CA LEU C 340 -40.23 -41.88 5.79
C LEU C 340 -40.52 -41.83 4.30
N LEU C 341 -41.39 -42.71 3.81
CA LEU C 341 -41.64 -42.75 2.36
C LEU C 341 -42.27 -41.45 1.88
N ARG C 342 -43.20 -40.88 2.66
CA ARG C 342 -43.85 -39.62 2.31
C ARG C 342 -43.21 -38.45 3.03
N MET C 343 -41.88 -38.48 3.19
CA MET C 343 -41.19 -37.38 3.86
C MET C 343 -41.40 -36.06 3.12
N GLU C 344 -41.44 -36.11 1.78
CA GLU C 344 -41.58 -34.88 1.01
C GLU C 344 -42.89 -34.18 1.34
N GLU C 345 -43.98 -34.93 1.42
CA GLU C 345 -45.27 -34.34 1.75
C GLU C 345 -45.26 -33.76 3.16
N GLU C 346 -44.66 -34.49 4.12
CA GLU C 346 -44.62 -34.00 5.48
C GLU C 346 -43.84 -32.70 5.59
N LEU C 347 -42.70 -32.62 4.90
CA LEU C 347 -41.92 -31.37 4.94
C LEU C 347 -42.65 -30.26 4.21
N HIS C 348 -43.32 -30.57 3.09
CA HIS C 348 -44.01 -29.54 2.33
C HIS C 348 -45.18 -28.93 3.08
N LYS C 349 -45.62 -29.55 4.18
CA LYS C 349 -46.66 -28.94 5.00
C LYS C 349 -46.20 -27.60 5.55
N ARG C 350 -44.91 -27.49 5.90
CA ARG C 350 -44.35 -26.29 6.49
C ARG C 350 -43.61 -25.42 5.49
N ILE C 351 -42.90 -26.02 4.53
CA ILE C 351 -42.15 -25.29 3.52
C ILE C 351 -42.87 -25.40 2.19
N ILE C 352 -42.99 -24.28 1.49
CA ILE C 352 -43.74 -24.19 0.25
C ILE C 352 -42.75 -24.02 -0.90
N GLY C 353 -42.90 -24.84 -1.94
CA GLY C 353 -41.97 -24.79 -3.05
C GLY C 353 -40.67 -25.49 -2.71
N GLN C 354 -39.64 -25.15 -3.47
CA GLN C 354 -38.30 -25.70 -3.27
C GLN C 354 -38.35 -27.23 -3.23
N GLU C 355 -38.92 -27.83 -4.27
CA GLU C 355 -39.02 -29.28 -4.31
C GLU C 355 -37.65 -29.93 -4.35
N ASP C 356 -36.66 -29.26 -4.96
CA ASP C 356 -35.34 -29.87 -5.12
C ASP C 356 -34.64 -30.03 -3.76
N ALA C 357 -34.65 -28.97 -2.95
CA ALA C 357 -34.00 -29.04 -1.65
C ALA C 357 -34.68 -30.06 -0.75
N VAL C 358 -36.01 -30.08 -0.76
CA VAL C 358 -36.74 -31.06 0.03
C VAL C 358 -36.41 -32.47 -0.43
N LYS C 359 -36.35 -32.69 -1.74
CA LYS C 359 -36.00 -34.01 -2.25
C LYS C 359 -34.61 -34.41 -1.80
N ALA C 360 -33.64 -33.50 -1.87
CA ALA C 360 -32.27 -33.83 -1.48
C ALA C 360 -32.20 -34.19 0.00
N VAL C 361 -32.85 -33.39 0.85
CA VAL C 361 -32.83 -33.67 2.28
C VAL C 361 -33.51 -35.00 2.57
N SER C 362 -34.65 -35.26 1.94
CA SER C 362 -35.36 -36.50 2.14
C SER C 362 -34.52 -37.69 1.69
N LYS C 363 -33.84 -37.56 0.55
CA LYS C 363 -32.99 -38.64 0.08
C LYS C 363 -31.88 -38.93 1.08
N ALA C 364 -31.25 -37.88 1.62
CA ALA C 364 -30.19 -38.10 2.60
C ALA C 364 -30.72 -38.83 3.83
N ILE C 365 -31.85 -38.38 4.37
CA ILE C 365 -32.37 -39.00 5.59
C ILE C 365 -32.82 -40.43 5.31
N ARG C 366 -33.46 -40.66 4.17
CA ARG C 366 -33.91 -42.01 3.83
C ARG C 366 -32.73 -42.96 3.65
N ARG C 367 -31.67 -42.48 2.98
CA ARG C 367 -30.48 -43.30 2.84
C ARG C 367 -29.88 -43.63 4.21
N THR C 368 -29.85 -42.64 5.12
CA THR C 368 -29.32 -42.90 6.44
C THR C 368 -30.15 -43.95 7.18
N ARG C 369 -31.47 -43.85 7.10
CA ARG C 369 -32.31 -44.77 7.86
C ARG C 369 -32.34 -46.16 7.23
N ALA C 370 -32.18 -46.26 5.91
CA ALA C 370 -32.17 -47.55 5.26
C ALA C 370 -30.89 -48.33 5.53
N GLY C 371 -29.88 -47.71 6.14
CA GLY C 371 -28.65 -48.39 6.45
C GLY C 371 -27.63 -48.42 5.33
N LEU C 372 -27.60 -47.40 4.48
CA LEU C 372 -26.66 -47.34 3.37
C LEU C 372 -25.73 -46.14 3.43
N LYS C 373 -25.72 -45.40 4.54
CA LYS C 373 -24.82 -44.26 4.65
C LYS C 373 -23.38 -44.75 4.84
N ASP C 374 -22.45 -43.87 4.52
CA ASP C 374 -21.03 -44.18 4.72
C ASP C 374 -20.71 -44.15 6.21
N PRO C 375 -20.16 -45.22 6.79
CA PRO C 375 -19.86 -45.18 8.22
C PRO C 375 -18.86 -44.12 8.61
N LYS C 376 -18.09 -43.60 7.66
CA LYS C 376 -17.02 -42.65 7.97
C LYS C 376 -17.46 -41.20 7.92
N ARG C 377 -18.51 -40.87 7.17
CA ARG C 377 -18.89 -39.49 6.93
C ARG C 377 -20.25 -39.17 7.54
N PRO C 378 -20.56 -37.90 7.75
CA PRO C 378 -21.86 -37.52 8.30
C PRO C 378 -23.00 -38.02 7.42
N SER C 379 -24.22 -37.84 7.93
CA SER C 379 -25.39 -38.25 7.16
C SER C 379 -25.48 -37.49 5.85
N GLY C 380 -25.19 -36.19 5.88
CA GLY C 380 -25.22 -35.40 4.67
C GLY C 380 -24.78 -33.97 4.89
N SER C 381 -24.03 -33.41 3.95
CA SER C 381 -23.60 -32.03 3.98
C SER C 381 -24.23 -31.29 2.81
N PHE C 382 -24.99 -30.24 3.12
CA PHE C 382 -25.70 -29.47 2.12
C PHE C 382 -25.28 -28.01 2.20
N ILE C 383 -25.24 -27.35 1.05
CA ILE C 383 -25.07 -25.91 0.97
C ILE C 383 -26.31 -25.36 0.29
N PHE C 384 -27.14 -24.66 1.05
CA PHE C 384 -28.35 -24.03 0.53
C PHE C 384 -28.00 -22.60 0.13
N ALA C 385 -27.86 -22.37 -1.16
CA ALA C 385 -27.63 -21.03 -1.70
C ALA C 385 -28.86 -20.58 -2.47
N GLY C 386 -28.83 -19.33 -2.92
CA GLY C 386 -29.90 -18.79 -3.70
C GLY C 386 -30.40 -17.46 -3.19
N PRO C 387 -31.57 -17.03 -3.66
CA PRO C 387 -32.10 -15.72 -3.27
C PRO C 387 -32.49 -15.70 -1.80
N SER C 388 -32.78 -14.50 -1.32
CA SER C 388 -33.12 -14.29 0.08
C SER C 388 -34.63 -14.35 0.29
N GLY C 389 -35.01 -14.83 1.47
CA GLY C 389 -36.42 -14.89 1.82
C GLY C 389 -37.18 -16.01 1.16
N VAL C 390 -36.49 -17.04 0.67
CA VAL C 390 -37.14 -18.14 -0.04
C VAL C 390 -37.22 -19.42 0.78
N GLY C 391 -36.62 -19.46 1.96
CA GLY C 391 -36.79 -20.59 2.85
C GLY C 391 -35.56 -21.46 2.99
N LYS C 392 -34.37 -20.86 2.98
CA LYS C 392 -33.16 -21.63 3.20
C LYS C 392 -33.02 -22.05 4.65
N THR C 393 -33.23 -21.12 5.59
CA THR C 393 -33.21 -21.46 7.01
C THR C 393 -34.50 -22.13 7.44
N GLU C 394 -35.62 -21.78 6.82
CA GLU C 394 -36.88 -22.40 7.16
C GLU C 394 -36.85 -23.90 6.84
N LEU C 395 -36.17 -24.29 5.77
CA LEU C 395 -36.05 -25.70 5.46
C LEU C 395 -35.25 -26.44 6.54
N SER C 396 -34.17 -25.84 7.02
CA SER C 396 -33.42 -26.45 8.10
C SER C 396 -34.29 -26.62 9.35
N LYS C 397 -35.04 -25.58 9.69
CA LYS C 397 -35.89 -25.67 10.87
C LYS C 397 -36.98 -26.71 10.70
N ALA C 398 -37.57 -26.79 9.49
CA ALA C 398 -38.59 -27.79 9.22
C ALA C 398 -38.03 -29.20 9.30
N LEU C 399 -36.82 -29.40 8.79
CA LEU C 399 -36.19 -30.71 8.89
C LEU C 399 -35.93 -31.09 10.34
N ALA C 400 -35.44 -30.14 11.14
CA ALA C 400 -35.22 -30.42 12.55
C ALA C 400 -36.53 -30.77 13.24
N ASN C 401 -37.59 -30.02 12.95
CA ASN C 401 -38.89 -30.31 13.55
C ASN C 401 -39.39 -31.69 13.13
N PHE C 402 -39.22 -32.04 11.86
CA PHE C 402 -39.67 -33.35 11.39
C PHE C 402 -38.90 -34.47 12.09
N LEU C 403 -37.58 -34.33 12.20
CA LEU C 403 -36.76 -35.40 12.75
C LEU C 403 -36.98 -35.56 14.25
N PHE C 404 -37.04 -34.45 14.98
CA PHE C 404 -37.06 -34.48 16.44
C PHE C 404 -38.40 -34.07 17.04
N GLY C 405 -39.35 -33.64 16.23
CA GLY C 405 -40.65 -33.24 16.74
C GLY C 405 -40.68 -31.87 17.38
N ASP C 406 -39.55 -31.20 17.51
CA ASP C 406 -39.48 -29.88 18.10
C ASP C 406 -38.59 -28.99 17.25
N ASP C 407 -39.06 -27.79 16.95
CA ASP C 407 -38.31 -26.86 16.12
C ASP C 407 -37.02 -26.41 16.78
N ASP C 408 -36.93 -26.53 18.11
CA ASP C 408 -35.77 -26.06 18.86
C ASP C 408 -34.70 -27.12 19.04
N ALA C 409 -34.87 -28.29 18.45
CA ALA C 409 -33.81 -29.30 18.48
C ALA C 409 -32.67 -28.98 17.54
N LEU C 410 -32.82 -27.96 16.70
CA LEU C 410 -31.75 -27.57 15.78
C LEU C 410 -30.59 -26.96 16.54
N ILE C 411 -29.38 -27.32 16.13
CA ILE C 411 -28.16 -26.74 16.69
C ILE C 411 -27.76 -25.61 15.74
N GLN C 412 -28.26 -24.41 16.00
CA GLN C 412 -28.07 -23.29 15.10
C GLN C 412 -26.84 -22.50 15.50
N ILE C 413 -25.96 -22.24 14.53
CA ILE C 413 -24.77 -21.44 14.72
C ILE C 413 -24.85 -20.25 13.78
N ASP C 414 -24.91 -19.05 14.33
CA ASP C 414 -24.99 -17.83 13.54
C ASP C 414 -23.58 -17.42 13.19
N MET C 415 -23.14 -17.76 11.97
CA MET C 415 -21.77 -17.51 11.58
C MET C 415 -21.46 -16.02 11.42
N GLY C 416 -22.47 -15.16 11.45
CA GLY C 416 -22.20 -13.74 11.38
C GLY C 416 -21.29 -13.27 12.49
N GLU C 417 -21.42 -13.86 13.67
CA GLU C 417 -20.57 -13.50 14.80
C GLU C 417 -19.14 -13.98 14.65
N PHE C 418 -18.85 -14.84 13.66
CA PHE C 418 -17.50 -15.35 13.43
C PHE C 418 -16.75 -14.53 12.39
N HIS C 419 -17.06 -13.24 12.27
CA HIS C 419 -16.37 -12.41 11.28
C HIS C 419 -14.89 -12.25 11.60
N ASP C 420 -14.48 -12.55 12.82
CA ASP C 420 -13.08 -12.44 13.23
C ASP C 420 -12.47 -13.83 13.38
N ARG C 421 -11.26 -14.00 12.84
CA ARG C 421 -10.66 -15.33 12.81
C ARG C 421 -10.48 -15.89 14.20
N PHE C 422 -10.01 -15.06 15.14
CA PHE C 422 -9.72 -15.52 16.49
C PHE C 422 -10.96 -15.99 17.25
N THR C 423 -12.15 -15.92 16.67
CA THR C 423 -13.33 -16.50 17.30
C THR C 423 -13.44 -18.00 17.05
N ALA C 424 -12.56 -18.58 16.23
CA ALA C 424 -12.66 -20.00 15.94
C ALA C 424 -12.60 -20.84 17.21
N SER C 425 -11.96 -20.34 18.25
CA SER C 425 -11.83 -21.11 19.47
C SER C 425 -13.18 -21.40 20.11
N ARG C 426 -14.23 -20.69 19.70
CA ARG C 426 -15.55 -20.99 20.22
C ARG C 426 -16.03 -22.37 19.78
N LEU C 427 -15.56 -22.86 18.64
CA LEU C 427 -16.04 -24.14 18.13
C LEU C 427 -15.44 -25.32 18.87
N PHE C 428 -14.16 -25.22 19.27
CA PHE C 428 -13.49 -26.32 19.95
C PHE C 428 -12.82 -25.90 21.25
N GLY C 429 -13.05 -24.68 21.72
CA GLY C 429 -12.55 -24.27 23.01
C GLY C 429 -11.09 -23.84 22.97
N ALA C 430 -10.61 -23.37 24.11
CA ALA C 430 -9.26 -22.88 24.23
C ALA C 430 -8.28 -24.04 24.46
N PRO C 431 -7.00 -23.84 24.13
CA PRO C 431 -6.02 -24.90 24.32
C PRO C 431 -5.60 -24.99 25.76
N PRO C 432 -4.77 -25.99 26.11
CA PRO C 432 -4.32 -26.11 27.50
C PRO C 432 -3.55 -24.88 27.95
N GLY C 433 -3.74 -24.52 29.21
CA GLY C 433 -3.03 -23.40 29.80
C GLY C 433 -3.66 -22.05 29.57
N TYR C 434 -4.89 -21.99 29.07
CA TYR C 434 -5.55 -20.73 28.79
C TYR C 434 -6.94 -20.72 29.43
N VAL C 435 -7.43 -19.51 29.70
CA VAL C 435 -8.72 -19.36 30.35
C VAL C 435 -9.81 -19.93 29.46
N GLY C 436 -10.79 -20.57 30.08
CA GLY C 436 -11.82 -21.27 29.34
C GLY C 436 -11.41 -22.65 28.86
N TYR C 437 -10.21 -23.12 29.21
CA TYR C 437 -9.78 -24.44 28.79
C TYR C 437 -10.64 -25.52 29.44
N GLU C 438 -10.99 -25.33 30.71
CA GLU C 438 -11.76 -26.36 31.41
C GLU C 438 -13.14 -26.56 30.79
N GLU C 439 -13.79 -25.47 30.39
CA GLU C 439 -15.17 -25.58 29.92
C GLU C 439 -15.27 -26.38 28.63
N GLY C 440 -14.21 -26.39 27.82
CA GLY C 440 -14.24 -27.13 26.58
C GLY C 440 -14.98 -26.39 25.49
N GLY C 441 -15.07 -27.04 24.33
CA GLY C 441 -15.70 -26.43 23.19
C GLY C 441 -17.20 -26.31 23.35
N GLN C 442 -17.78 -25.41 22.55
CA GLN C 442 -19.22 -25.19 22.58
C GLN C 442 -19.95 -26.05 21.56
N LEU C 443 -19.54 -26.00 20.30
CA LEU C 443 -20.14 -26.88 19.30
C LEU C 443 -19.87 -28.35 19.63
N THR C 444 -18.63 -28.66 20.01
CA THR C 444 -18.29 -30.05 20.28
C THR C 444 -19.13 -30.61 21.43
N GLU C 445 -19.30 -29.84 22.50
CA GLU C 445 -20.09 -30.32 23.62
C GLU C 445 -21.55 -30.50 23.22
N LYS C 446 -22.10 -29.58 22.45
CA LYS C 446 -23.48 -29.69 22.01
C LYS C 446 -23.69 -30.95 21.18
N VAL C 447 -22.75 -31.24 20.27
CA VAL C 447 -22.87 -32.45 19.46
C VAL C 447 -22.68 -33.70 20.31
N ARG C 448 -21.77 -33.65 21.29
CA ARG C 448 -21.58 -34.79 22.17
C ARG C 448 -22.85 -35.10 22.95
N ARG C 449 -23.55 -34.07 23.42
CA ARG C 449 -24.72 -34.30 24.24
C ARG C 449 -25.77 -35.11 23.49
N LYS C 450 -25.77 -35.03 22.16
CA LYS C 450 -26.72 -35.78 21.32
C LYS C 450 -26.08 -35.99 19.97
N PRO C 451 -25.50 -37.17 19.72
CA PRO C 451 -24.80 -37.38 18.44
C PRO C 451 -25.66 -37.14 17.22
N PHE C 452 -26.93 -37.54 17.25
CA PHE C 452 -27.82 -37.40 16.10
C PHE C 452 -28.48 -36.03 16.19
N SER C 453 -28.01 -35.09 15.38
CA SER C 453 -28.50 -33.72 15.41
C SER C 453 -28.52 -33.17 13.99
N VAL C 454 -29.01 -31.94 13.87
CA VAL C 454 -28.95 -31.17 12.63
C VAL C 454 -28.19 -29.89 12.96
N VAL C 455 -27.00 -29.75 12.41
CA VAL C 455 -26.14 -28.60 12.69
C VAL C 455 -26.27 -27.63 11.53
N LEU C 456 -26.74 -26.42 11.83
CA LEU C 456 -26.96 -25.39 10.83
C LEU C 456 -25.92 -24.30 11.02
N PHE C 457 -25.13 -24.04 9.98
CA PHE C 457 -24.20 -22.92 9.93
C PHE C 457 -24.86 -21.85 9.08
N ASP C 458 -25.41 -20.83 9.73
CA ASP C 458 -26.22 -19.82 9.08
C ASP C 458 -25.32 -18.71 8.54
N GLU C 459 -25.49 -18.38 7.27
CA GLU C 459 -24.69 -17.34 6.62
C GLU C 459 -23.21 -17.67 6.74
N ILE C 460 -22.83 -18.82 6.20
CA ILE C 460 -21.46 -19.29 6.31
C ILE C 460 -20.50 -18.37 5.57
N GLU C 461 -20.98 -17.57 4.63
CA GLU C 461 -20.10 -16.68 3.90
C GLU C 461 -19.75 -15.42 4.68
N LYS C 462 -20.36 -15.20 5.83
CA LYS C 462 -20.01 -14.07 6.68
C LYS C 462 -18.87 -14.38 7.64
N ALA C 463 -18.49 -15.65 7.78
CA ALA C 463 -17.42 -16.02 8.67
C ALA C 463 -16.06 -15.77 8.01
N HIS C 464 -15.03 -15.74 8.84
CA HIS C 464 -13.68 -15.56 8.33
C HIS C 464 -13.25 -16.78 7.52
N GLN C 465 -12.33 -16.56 6.59
CA GLN C 465 -11.86 -17.66 5.75
C GLN C 465 -11.24 -18.78 6.55
N GLU C 466 -10.79 -18.50 7.77
CA GLU C 466 -10.17 -19.50 8.62
C GLU C 466 -11.17 -20.24 9.49
N ILE C 467 -12.45 -19.93 9.39
CA ILE C 467 -13.47 -20.60 10.20
C ILE C 467 -13.95 -21.86 9.51
N TYR C 468 -14.24 -21.79 8.21
CA TYR C 468 -14.67 -22.98 7.49
C TYR C 468 -13.51 -23.88 7.11
N ASN C 469 -12.27 -23.43 7.29
CA ASN C 469 -11.12 -24.29 7.05
C ASN C 469 -10.80 -25.17 8.23
N SER C 470 -11.45 -24.98 9.37
CA SER C 470 -11.31 -25.86 10.52
C SER C 470 -12.42 -26.90 10.60
N LEU C 471 -13.32 -26.94 9.63
CA LEU C 471 -14.42 -27.90 9.60
C LEU C 471 -14.24 -28.95 8.52
N LEU C 472 -13.09 -28.99 7.85
CA LEU C 472 -12.89 -29.96 6.78
C LEU C 472 -12.91 -31.39 7.31
N GLN C 473 -12.28 -31.62 8.46
CA GLN C 473 -12.30 -32.96 9.03
C GLN C 473 -13.71 -33.39 9.39
N VAL C 474 -14.56 -32.43 9.79
CA VAL C 474 -15.95 -32.76 10.09
C VAL C 474 -16.67 -33.23 8.84
N LEU C 475 -16.47 -32.54 7.72
CA LEU C 475 -17.16 -32.89 6.49
C LEU C 475 -16.66 -34.21 5.93
N GLU C 476 -15.35 -34.44 5.98
CA GLU C 476 -14.77 -35.63 5.37
C GLU C 476 -14.64 -36.77 6.38
N ASP C 477 -13.86 -36.56 7.45
CA ASP C 477 -13.62 -37.61 8.41
C ASP C 477 -14.72 -37.74 9.45
N GLY C 478 -15.60 -36.76 9.56
CA GLY C 478 -16.67 -36.83 10.55
C GLY C 478 -16.18 -36.87 11.98
N ARG C 479 -15.20 -36.05 12.31
CA ARG C 479 -14.67 -35.99 13.67
C ARG C 479 -14.22 -34.57 13.96
N LEU C 480 -14.24 -34.20 15.23
CA LEU C 480 -13.78 -32.88 15.64
C LEU C 480 -13.18 -32.97 17.03
N THR C 481 -11.96 -32.49 17.19
CA THR C 481 -11.25 -32.57 18.46
C THR C 481 -11.25 -31.22 19.15
N ASP C 482 -11.69 -31.18 20.40
CA ASP C 482 -11.73 -29.94 21.15
C ASP C 482 -10.35 -29.65 21.73
N GLY C 483 -10.26 -28.58 22.52
CA GLY C 483 -8.98 -28.18 23.08
C GLY C 483 -8.43 -29.15 24.11
N GLN C 484 -9.28 -30.01 24.67
CA GLN C 484 -8.86 -30.96 25.68
C GLN C 484 -8.42 -32.30 25.10
N GLY C 485 -8.38 -32.42 23.78
CA GLY C 485 -7.96 -33.65 23.14
C GLY C 485 -9.04 -34.68 22.96
N ARG C 486 -10.26 -34.42 23.43
CA ARG C 486 -11.36 -35.36 23.24
C ARG C 486 -11.94 -35.19 21.84
N THR C 487 -12.13 -36.30 21.15
CA THR C 487 -12.65 -36.30 19.79
C THR C 487 -14.13 -36.65 19.82
N VAL C 488 -14.96 -35.78 19.25
CA VAL C 488 -16.40 -35.97 19.17
C VAL C 488 -16.72 -36.37 17.74
N ASP C 489 -17.66 -37.30 17.59
CA ASP C 489 -18.00 -37.85 16.28
C ASP C 489 -19.16 -37.07 15.66
N PHE C 490 -18.98 -36.66 14.41
CA PHE C 490 -20.03 -36.05 13.61
C PHE C 490 -20.60 -37.03 12.59
N LYS C 491 -20.33 -38.32 12.76
CA LYS C 491 -20.69 -39.30 11.75
C LYS C 491 -22.18 -39.41 11.55
N ASN C 492 -22.99 -38.90 12.48
CA ASN C 492 -24.44 -39.06 12.43
C ASN C 492 -25.19 -37.75 12.21
N THR C 493 -24.53 -36.61 12.35
CA THR C 493 -25.22 -35.34 12.21
C THR C 493 -25.47 -35.02 10.74
N VAL C 494 -26.35 -34.04 10.51
CA VAL C 494 -26.63 -33.51 9.18
C VAL C 494 -26.18 -32.06 9.18
N LEU C 495 -25.22 -31.72 8.34
CA LEU C 495 -24.62 -30.40 8.32
C LEU C 495 -25.23 -29.60 7.18
N ILE C 496 -25.74 -28.41 7.50
CA ILE C 496 -26.40 -27.56 6.52
C ILE C 496 -25.79 -26.16 6.62
N PHE C 497 -25.13 -25.72 5.56
CA PHE C 497 -24.57 -24.38 5.49
C PHE C 497 -25.47 -23.54 4.61
N THR C 498 -26.02 -22.46 5.16
CA THR C 498 -26.89 -21.58 4.39
C THR C 498 -26.12 -20.31 4.08
N SER C 499 -26.02 -19.98 2.79
CA SER C 499 -25.28 -18.83 2.33
C SER C 499 -26.13 -18.05 1.33
N ASN C 500 -25.78 -16.77 1.18
CA ASN C 500 -26.51 -15.86 0.30
C ASN C 500 -25.63 -15.31 -0.81
N LEU C 501 -24.56 -16.03 -1.17
CA LEU C 501 -23.66 -15.54 -2.20
C LEU C 501 -24.33 -15.55 -3.56
N GLY C 502 -23.96 -14.59 -4.40
CA GLY C 502 -24.47 -14.53 -5.75
C GLY C 502 -25.81 -13.85 -5.90
N THR C 503 -26.21 -13.01 -4.95
CA THR C 503 -27.47 -12.28 -5.05
C THR C 503 -27.29 -10.83 -4.63
N GLY C 511 -28.04 -7.74 -17.56
CA GLY C 511 -26.69 -7.65 -18.06
C GLY C 511 -26.28 -6.21 -18.33
N LEU C 512 -24.99 -6.01 -18.63
CA LEU C 512 -24.46 -4.67 -18.86
C LEU C 512 -24.49 -4.29 -20.34
N GLY C 513 -23.86 -5.10 -21.18
CA GLY C 513 -23.64 -4.76 -22.56
C GLY C 513 -24.72 -5.30 -23.48
N PHE C 514 -24.36 -5.45 -24.75
CA PHE C 514 -25.25 -6.02 -25.73
C PHE C 514 -25.25 -7.54 -25.63
N SER C 515 -26.40 -8.13 -25.93
CA SER C 515 -26.57 -9.58 -25.84
C SER C 515 -27.75 -9.99 -26.70
N LYS C 516 -27.90 -11.30 -26.87
CA LYS C 516 -29.03 -11.87 -27.60
C LYS C 516 -30.26 -11.93 -26.70
N ASN C 521 -32.42 -19.33 -19.63
CA ASN C 521 -33.46 -19.25 -18.61
C ASN C 521 -32.97 -18.42 -17.43
N ASP C 522 -33.90 -17.72 -16.78
CA ASP C 522 -33.51 -16.87 -15.66
C ASP C 522 -32.95 -17.70 -14.50
N TYR C 523 -33.62 -18.81 -14.18
CA TYR C 523 -33.14 -19.63 -13.07
C TYR C 523 -31.77 -20.21 -13.38
N GLU C 524 -31.54 -20.61 -14.63
CA GLU C 524 -30.23 -21.16 -14.98
C GLU C 524 -29.14 -20.10 -14.85
N ARG C 525 -29.43 -18.86 -15.26
CA ARG C 525 -28.47 -17.78 -15.07
C ARG C 525 -28.17 -17.56 -13.60
N MET C 526 -29.21 -17.55 -12.76
CA MET C 526 -28.99 -17.38 -11.33
C MET C 526 -28.16 -18.52 -10.77
N LYS C 527 -28.44 -19.74 -11.20
CA LYS C 527 -27.69 -20.90 -10.72
C LYS C 527 -26.22 -20.80 -11.12
N GLN C 528 -25.95 -20.40 -12.35
CA GLN C 528 -24.57 -20.22 -12.78
C GLN C 528 -23.87 -19.15 -11.96
N LYS C 529 -24.54 -18.02 -11.74
CA LYS C 529 -23.92 -16.96 -10.96
C LYS C 529 -23.61 -17.42 -9.54
N VAL C 530 -24.56 -18.12 -8.92
CA VAL C 530 -24.36 -18.58 -7.55
C VAL C 530 -23.23 -19.59 -7.48
N ASN C 531 -23.19 -20.53 -8.42
CA ASN C 531 -22.12 -21.53 -8.41
C ASN C 531 -20.76 -20.87 -8.60
N ASP C 532 -20.67 -19.91 -9.52
CA ASP C 532 -19.39 -19.23 -9.74
C ASP C 532 -18.97 -18.44 -8.51
N GLU C 533 -19.91 -17.75 -7.87
CA GLU C 533 -19.57 -17.01 -6.66
C GLU C 533 -19.11 -17.95 -5.55
N LEU C 534 -19.78 -19.09 -5.41
CA LEU C 534 -19.37 -20.06 -4.39
C LEU C 534 -17.95 -20.55 -4.68
N LYS C 535 -17.67 -20.90 -5.94
CA LYS C 535 -16.33 -21.37 -6.27
C LYS C 535 -15.29 -20.28 -6.00
N LYS C 536 -15.62 -19.03 -6.28
CA LYS C 536 -14.69 -17.94 -6.02
C LYS C 536 -14.43 -17.78 -4.53
N HIS C 537 -15.47 -17.91 -3.70
CA HIS C 537 -15.32 -17.65 -2.28
C HIS C 537 -14.67 -18.83 -1.55
N PHE C 538 -15.32 -19.99 -1.61
CA PHE C 538 -14.84 -21.15 -0.86
C PHE C 538 -13.74 -21.88 -1.62
N ARG C 539 -12.79 -22.42 -0.86
CA ARG C 539 -11.70 -23.16 -1.47
C ARG C 539 -12.22 -24.44 -2.13
N PRO C 540 -11.56 -24.91 -3.18
CA PRO C 540 -12.04 -26.14 -3.84
C PRO C 540 -12.08 -27.33 -2.91
N GLU C 541 -11.14 -27.43 -1.96
CA GLU C 541 -11.11 -28.56 -1.05
C GLU C 541 -12.32 -28.57 -0.13
N PHE C 542 -12.92 -27.41 0.13
CA PHE C 542 -14.11 -27.36 0.97
C PHE C 542 -15.36 -27.76 0.19
N LEU C 543 -15.53 -27.21 -1.01
CA LEU C 543 -16.68 -27.55 -1.82
C LEU C 543 -16.63 -28.99 -2.33
N ASN C 544 -15.44 -29.59 -2.40
CA ASN C 544 -15.36 -30.96 -2.87
C ASN C 544 -16.01 -31.92 -1.88
N ARG C 545 -15.86 -31.65 -0.58
CA ARG C 545 -16.40 -32.53 0.45
C ARG C 545 -17.90 -32.38 0.63
N ILE C 546 -18.49 -31.28 0.18
CA ILE C 546 -19.93 -31.05 0.38
C ILE C 546 -20.72 -32.03 -0.47
N ASP C 547 -21.67 -32.72 0.15
CA ASP C 547 -22.46 -33.71 -0.56
C ASP C 547 -23.33 -33.06 -1.63
N ASP C 548 -24.01 -31.97 -1.28
CA ASP C 548 -24.96 -31.35 -2.19
C ASP C 548 -24.85 -29.83 -2.15
N ILE C 549 -24.93 -29.20 -3.32
CA ILE C 549 -25.08 -27.76 -3.44
C ILE C 549 -26.43 -27.52 -4.09
N ILE C 550 -27.35 -26.89 -3.37
CA ILE C 550 -28.72 -26.69 -3.83
C ILE C 550 -28.97 -25.19 -3.92
N VAL C 551 -29.40 -24.75 -5.10
CA VAL C 551 -29.75 -23.35 -5.33
C VAL C 551 -31.26 -23.25 -5.33
N PHE C 552 -31.80 -22.51 -4.35
CA PHE C 552 -33.24 -22.40 -4.17
C PHE C 552 -33.84 -21.52 -5.26
N HIS C 553 -35.09 -21.83 -5.62
CA HIS C 553 -35.80 -21.06 -6.62
C HIS C 553 -36.43 -19.82 -5.98
N GLN C 554 -36.77 -18.87 -6.84
CA GLN C 554 -37.57 -17.74 -6.40
C GLN C 554 -39.01 -18.18 -6.17
N LEU C 555 -39.72 -17.43 -5.33
CA LEU C 555 -41.10 -17.76 -5.01
C LEU C 555 -42.02 -17.22 -6.09
N THR C 556 -42.72 -18.12 -6.78
CA THR C 556 -43.65 -17.72 -7.81
C THR C 556 -44.97 -17.26 -7.18
N ARG C 557 -45.84 -16.70 -8.02
CA ARG C 557 -47.09 -16.15 -7.52
C ARG C 557 -47.94 -17.21 -6.84
N GLU C 558 -48.04 -18.40 -7.44
CA GLU C 558 -48.86 -19.46 -6.85
C GLU C 558 -48.34 -19.85 -5.48
N GLU C 559 -47.01 -19.92 -5.34
CA GLU C 559 -46.44 -20.21 -4.03
C GLU C 559 -46.80 -19.14 -3.02
N ILE C 560 -46.91 -17.88 -3.45
CA ILE C 560 -47.33 -16.83 -2.55
C ILE C 560 -48.80 -16.99 -2.16
N ILE C 561 -49.65 -17.36 -3.11
CA ILE C 561 -51.04 -17.66 -2.78
C ILE C 561 -51.08 -18.73 -1.70
N ARG C 562 -50.30 -19.80 -1.88
CA ARG C 562 -50.30 -20.88 -0.90
C ARG C 562 -49.78 -20.41 0.45
N MET C 563 -48.75 -19.56 0.44
CA MET C 563 -48.13 -19.12 1.68
C MET C 563 -48.96 -18.10 2.43
N VAL C 564 -49.94 -17.46 1.78
CA VAL C 564 -50.80 -16.54 2.51
C VAL C 564 -51.51 -17.27 3.64
N ASP C 565 -52.06 -18.45 3.36
CA ASP C 565 -52.72 -19.23 4.40
C ASP C 565 -51.73 -19.67 5.47
N LEU C 566 -50.52 -20.05 5.04
CA LEU C 566 -49.50 -20.49 5.99
C LEU C 566 -49.16 -19.38 6.98
N MET C 567 -49.02 -18.15 6.48
CA MET C 567 -48.68 -17.03 7.34
C MET C 567 -49.87 -16.55 8.16
N ILE C 568 -51.09 -16.72 7.66
CA ILE C 568 -52.27 -16.34 8.43
C ILE C 568 -52.60 -17.38 9.50
N SER C 569 -52.09 -18.61 9.36
CA SER C 569 -52.37 -19.63 10.37
C SER C 569 -51.80 -19.23 11.72
N ARG C 570 -50.61 -18.62 11.73
CA ARG C 570 -50.03 -18.18 12.99
C ARG C 570 -50.93 -17.17 13.70
N VAL C 571 -51.40 -16.17 12.95
CA VAL C 571 -52.28 -15.16 13.53
C VAL C 571 -53.56 -15.80 14.01
N ALA C 572 -54.11 -16.74 13.23
CA ALA C 572 -55.35 -17.39 13.62
C ALA C 572 -55.16 -18.16 14.92
N GLY C 573 -54.03 -18.84 15.07
CA GLY C 573 -53.77 -19.56 16.31
C GLY C 573 -53.61 -18.63 17.50
N GLN C 574 -52.85 -17.55 17.32
CA GLN C 574 -52.70 -16.59 18.41
C GLN C 574 -54.04 -16.01 18.81
N LEU C 575 -54.91 -15.75 17.83
CA LEU C 575 -56.22 -15.18 18.14
C LEU C 575 -57.12 -16.20 18.82
N LYS C 576 -57.08 -17.46 18.37
CA LYS C 576 -57.89 -18.50 18.98
C LYS C 576 -57.43 -18.79 20.41
N SER C 577 -56.17 -18.51 20.72
CA SER C 577 -55.72 -18.67 22.09
C SER C 577 -56.51 -17.79 23.05
N LYS C 578 -57.16 -16.75 22.55
CA LYS C 578 -58.05 -15.91 23.34
C LYS C 578 -59.51 -16.31 23.18
N ASP C 579 -59.78 -17.52 22.71
CA ASP C 579 -61.12 -18.06 22.46
C ASP C 579 -61.84 -17.33 21.33
N MET C 580 -61.12 -16.56 20.52
CA MET C 580 -61.70 -15.94 19.35
C MET C 580 -61.51 -16.85 18.14
N ALA C 581 -61.78 -16.34 16.94
CA ALA C 581 -61.50 -17.06 15.72
C ALA C 581 -61.31 -16.06 14.60
N LEU C 582 -60.50 -16.42 13.61
CA LEU C 582 -60.22 -15.55 12.48
C LEU C 582 -60.54 -16.28 11.19
N VAL C 583 -61.33 -15.64 10.33
CA VAL C 583 -61.66 -16.18 9.01
C VAL C 583 -61.44 -15.08 7.98
N LEU C 584 -60.76 -15.44 6.89
CA LEU C 584 -60.48 -14.52 5.80
C LEU C 584 -61.24 -14.97 4.57
N THR C 585 -61.93 -14.04 3.92
CA THR C 585 -62.62 -14.38 2.68
C THR C 585 -61.60 -14.55 1.55
N ASP C 586 -62.06 -15.11 0.44
CA ASP C 586 -61.17 -15.32 -0.70
C ASP C 586 -60.63 -14.00 -1.22
N ALA C 587 -61.45 -12.95 -1.22
CA ALA C 587 -61.00 -11.66 -1.71
C ALA C 587 -59.88 -11.11 -0.84
N ALA C 588 -59.97 -11.28 0.47
CA ALA C 588 -58.92 -10.81 1.36
C ALA C 588 -57.59 -11.50 1.05
N LYS C 589 -57.62 -12.82 0.88
CA LYS C 589 -56.39 -13.54 0.56
C LYS C 589 -55.85 -13.10 -0.79
N ALA C 590 -56.73 -12.92 -1.78
CA ALA C 590 -56.27 -12.50 -3.10
C ALA C 590 -55.59 -11.13 -3.02
N LEU C 591 -56.17 -10.19 -2.28
CA LEU C 591 -55.57 -8.88 -2.14
C LEU C 591 -54.24 -8.96 -1.41
N LEU C 592 -54.18 -9.74 -0.33
CA LEU C 592 -52.93 -9.87 0.42
C LEU C 592 -51.83 -10.41 -0.46
N ALA C 593 -52.13 -11.43 -1.27
CA ALA C 593 -51.13 -11.95 -2.19
C ALA C 593 -50.76 -10.93 -3.24
N LYS C 594 -51.74 -10.17 -3.75
CA LYS C 594 -51.47 -9.22 -4.82
C LYS C 594 -50.54 -8.12 -4.36
N ARG C 595 -50.75 -7.59 -3.16
CA ARG C 595 -49.98 -6.46 -2.67
C ARG C 595 -48.83 -6.87 -1.77
N GLY C 596 -48.54 -8.16 -1.66
CA GLY C 596 -47.41 -8.63 -0.87
C GLY C 596 -46.43 -9.47 -1.67
N PHE C 597 -46.55 -9.42 -2.99
CA PHE C 597 -45.74 -10.27 -3.87
C PHE C 597 -44.67 -9.42 -4.54
N ASP C 598 -43.42 -9.88 -4.44
CA ASP C 598 -42.30 -9.25 -5.12
C ASP C 598 -41.21 -10.30 -5.38
N PRO C 599 -40.95 -10.66 -6.64
CA PRO C 599 -40.01 -11.76 -6.89
C PRO C 599 -38.63 -11.53 -6.31
N VAL C 600 -38.14 -10.29 -6.35
CA VAL C 600 -36.76 -10.02 -5.97
C VAL C 600 -36.53 -10.32 -4.50
N LEU C 601 -37.45 -9.92 -3.64
CA LEU C 601 -37.22 -9.90 -2.20
C LEU C 601 -37.83 -11.11 -1.50
N GLY C 602 -38.23 -12.13 -2.23
CA GLY C 602 -38.71 -13.33 -1.59
C GLY C 602 -39.99 -13.09 -0.82
N ALA C 603 -40.14 -13.86 0.27
CA ALA C 603 -41.34 -13.81 1.10
C ALA C 603 -41.21 -12.87 2.28
N ARG C 604 -40.14 -12.10 2.39
CA ARG C 604 -40.05 -11.14 3.48
C ARG C 604 -41.16 -10.10 3.39
N PRO C 605 -41.42 -9.49 2.24
CA PRO C 605 -42.73 -8.87 2.02
C PRO C 605 -43.81 -9.94 2.05
N LEU C 606 -45.04 -9.51 2.35
CA LEU C 606 -46.15 -10.42 2.66
C LEU C 606 -45.99 -10.92 4.09
N ARG C 607 -44.90 -10.53 4.75
CA ARG C 607 -44.76 -10.74 6.18
C ARG C 607 -44.97 -9.41 6.90
N ARG C 608 -44.46 -8.34 6.29
CA ARG C 608 -44.74 -6.99 6.75
C ARG C 608 -46.14 -6.56 6.34
N THR C 609 -46.63 -7.03 5.20
CA THR C 609 -47.98 -6.67 4.77
C THR C 609 -49.02 -7.28 5.69
N ILE C 610 -48.86 -8.56 6.05
CA ILE C 610 -49.85 -9.21 6.91
C ILE C 610 -49.98 -8.47 8.23
N GLN C 611 -48.85 -8.12 8.84
CA GLN C 611 -48.91 -7.43 10.12
C GLN C 611 -49.31 -5.97 9.97
N ARG C 612 -48.97 -5.36 8.84
CA ARG C 612 -49.28 -3.96 8.63
C ARG C 612 -50.75 -3.74 8.35
N GLU C 613 -51.44 -4.73 7.79
CA GLU C 613 -52.82 -4.57 7.39
C GLU C 613 -53.81 -5.46 8.13
N ILE C 614 -53.33 -6.42 8.92
CA ILE C 614 -54.21 -7.30 9.68
C ILE C 614 -53.89 -7.19 11.16
N GLU C 615 -52.64 -7.52 11.53
CA GLU C 615 -52.31 -7.60 12.94
C GLU C 615 -52.47 -6.25 13.63
N ASP C 616 -52.08 -5.16 12.96
CA ASP C 616 -52.22 -3.85 13.55
C ASP C 616 -53.69 -3.50 13.78
N GLN C 617 -54.52 -3.66 12.75
CA GLN C 617 -55.93 -3.36 12.88
C GLN C 617 -56.59 -4.27 13.92
N LEU C 618 -56.25 -5.56 13.90
CA LEU C 618 -56.85 -6.48 14.85
C LEU C 618 -56.47 -6.12 16.28
N SER C 619 -55.21 -5.76 16.50
CA SER C 619 -54.78 -5.36 17.84
C SER C 619 -55.48 -4.09 18.28
N GLU C 620 -55.61 -3.11 17.39
CA GLU C 620 -56.32 -1.89 17.74
C GLU C 620 -57.75 -2.20 18.13
N LYS C 621 -58.42 -3.06 17.36
CA LYS C 621 -59.81 -3.39 17.67
C LYS C 621 -59.91 -4.15 18.99
N ILE C 622 -58.99 -5.09 19.23
CA ILE C 622 -59.04 -5.86 20.47
C ILE C 622 -58.87 -4.96 21.67
N LEU C 623 -57.90 -4.02 21.62
CA LEU C 623 -57.74 -3.08 22.71
C LEU C 623 -58.98 -2.21 22.87
N PHE C 624 -59.55 -1.77 21.74
CA PHE C 624 -60.76 -0.95 21.77
C PHE C 624 -61.99 -1.75 22.18
N GLU C 625 -61.89 -3.07 22.27
CA GLU C 625 -62.97 -3.96 22.69
C GLU C 625 -64.10 -4.02 21.67
N GLU C 626 -63.84 -3.67 20.41
CA GLU C 626 -64.84 -3.87 19.37
C GLU C 626 -65.13 -5.35 19.18
N VAL C 627 -64.08 -6.18 19.16
CA VAL C 627 -64.20 -7.62 19.06
C VAL C 627 -63.47 -8.24 20.23
N GLY C 628 -64.11 -9.20 20.90
CA GLY C 628 -63.56 -9.80 22.08
C GLY C 628 -63.68 -11.31 22.08
N PRO C 629 -63.41 -11.93 23.23
CA PRO C 629 -63.48 -13.40 23.31
C PRO C 629 -64.87 -13.91 22.94
N GLY C 630 -64.88 -15.08 22.30
CA GLY C 630 -66.14 -15.70 21.92
C GLY C 630 -66.72 -15.18 20.62
N GLN C 631 -65.88 -14.67 19.72
CA GLN C 631 -66.35 -14.13 18.46
C GLN C 631 -65.47 -14.64 17.32
N VAL C 632 -66.05 -14.65 16.13
CA VAL C 632 -65.33 -14.94 14.89
C VAL C 632 -65.23 -13.62 14.12
N VAL C 633 -64.00 -13.29 13.70
CA VAL C 633 -63.72 -12.07 12.98
C VAL C 633 -63.53 -12.42 11.51
N THR C 634 -64.43 -11.92 10.67
CA THR C 634 -64.35 -12.11 9.24
C THR C 634 -63.68 -10.89 8.61
N VAL C 635 -62.67 -11.13 7.79
CA VAL C 635 -61.92 -10.09 7.11
C VAL C 635 -62.31 -10.11 5.64
N ASP C 636 -62.72 -8.96 5.12
CA ASP C 636 -63.15 -8.89 3.72
C ASP C 636 -62.80 -7.53 3.15
N VAL C 637 -62.57 -7.50 1.85
CA VAL C 637 -62.23 -6.29 1.11
C VAL C 637 -63.44 -5.86 0.31
N ASP C 638 -63.81 -4.59 0.40
CA ASP C 638 -65.09 -4.10 -0.12
C ASP C 638 -64.92 -2.86 -0.98
N ASN C 639 -63.79 -2.71 -1.67
CA ASN C 639 -63.60 -1.56 -2.54
C ASN C 639 -62.86 -1.92 -3.82
N TRP C 640 -62.97 -3.17 -4.27
CA TRP C 640 -62.36 -3.57 -5.52
C TRP C 640 -63.03 -4.84 -6.01
N ASP C 641 -62.78 -5.18 -7.27
CA ASP C 641 -63.33 -6.38 -7.89
C ASP C 641 -62.30 -7.49 -8.08
N GLY C 642 -61.09 -7.15 -8.51
CA GLY C 642 -60.06 -8.14 -8.74
C GLY C 642 -58.95 -7.65 -9.65
N PRO C 645 -56.10 -4.55 -9.65
CA PRO C 645 -55.27 -3.71 -8.79
C PRO C 645 -56.02 -3.26 -7.54
N GLY C 646 -55.46 -3.57 -6.37
CA GLY C 646 -56.13 -3.25 -5.12
C GLY C 646 -55.60 -2.01 -4.45
N GLU C 647 -55.23 -1.01 -5.25
CA GLU C 647 -54.67 0.21 -4.67
C GLU C 647 -55.67 0.89 -3.75
N ASP C 648 -56.93 0.95 -4.16
CA ASP C 648 -57.98 1.56 -3.36
C ASP C 648 -58.72 0.55 -2.49
N ALA C 649 -58.39 -0.74 -2.59
CA ALA C 649 -59.06 -1.75 -1.79
C ALA C 649 -58.79 -1.50 -0.31
N VAL C 650 -59.82 -1.71 0.51
CA VAL C 650 -59.75 -1.47 1.94
C VAL C 650 -60.25 -2.71 2.67
N PHE C 651 -59.50 -3.15 3.67
CA PHE C 651 -59.91 -4.28 4.49
C PHE C 651 -60.95 -3.85 5.51
N THR C 652 -61.79 -4.80 5.92
CA THR C 652 -62.82 -4.56 6.91
C THR C 652 -62.99 -5.82 7.76
N PHE C 653 -63.06 -5.63 9.07
CA PHE C 653 -63.18 -6.72 10.03
C PHE C 653 -64.55 -6.64 10.68
N THR C 654 -65.28 -7.76 10.65
CA THR C 654 -66.60 -7.83 11.27
C THR C 654 -66.62 -8.96 12.29
N GLY C 655 -67.03 -8.65 13.52
CA GLY C 655 -67.11 -9.63 14.58
C GLY C 655 -68.52 -10.16 14.71
N THR C 656 -68.63 -11.49 14.76
CA THR C 656 -69.93 -12.15 14.84
C THR C 656 -69.84 -13.24 15.89
N ARG C 657 -70.99 -13.59 16.47
CA ARG C 657 -71.03 -14.66 17.46
C ARG C 657 -70.71 -15.99 16.79
N LYS C 658 -70.03 -16.86 17.54
CA LYS C 658 -69.64 -18.17 17.03
C LYS C 658 -70.79 -19.16 17.12
N SER D 1 23.27 -57.13 67.01
CA SER D 1 22.65 -57.11 68.33
C SER D 1 21.17 -57.44 68.23
N LEU D 2 20.53 -57.62 69.38
CA LEU D 2 19.12 -57.99 69.40
C LEU D 2 18.25 -56.85 68.86
N VAL D 3 18.45 -55.63 69.37
CA VAL D 3 17.67 -54.50 68.89
C VAL D 3 17.96 -54.22 67.43
N LEU D 4 19.24 -54.26 67.05
CA LEU D 4 19.60 -54.00 65.66
C LEU D 4 19.01 -55.04 64.73
N ASP D 5 19.06 -56.32 65.14
CA ASP D 5 18.45 -57.36 64.33
C ASP D 5 16.94 -57.15 64.21
N GLN D 6 16.30 -56.74 65.31
CA GLN D 6 14.87 -56.53 65.28
C GLN D 6 14.49 -55.39 64.33
N PHE D 7 15.24 -54.30 64.36
CA PHE D 7 14.92 -53.10 63.58
C PHE D 7 15.77 -52.95 62.33
N GLY D 8 16.59 -53.94 62.00
CA GLY D 8 17.47 -53.80 60.85
C GLY D 8 17.89 -55.15 60.30
N ARG D 9 18.51 -55.09 59.12
CA ARG D 9 18.99 -56.27 58.41
C ARG D 9 20.50 -56.19 58.28
N ASN D 10 21.19 -57.24 58.73
CA ASN D 10 22.65 -57.26 58.70
C ASN D 10 23.11 -57.58 57.28
N LEU D 11 23.70 -56.59 56.61
CA LEU D 11 24.16 -56.81 55.24
C LEU D 11 25.47 -57.59 55.21
N THR D 12 26.36 -57.40 56.18
CA THR D 12 27.60 -58.16 56.18
C THR D 12 27.33 -59.64 56.36
N ALA D 13 26.36 -60.00 57.20
CA ALA D 13 26.01 -61.41 57.35
C ALA D 13 25.49 -61.98 56.04
N ALA D 14 24.65 -61.22 55.32
CA ALA D 14 24.16 -61.69 54.04
C ALA D 14 25.29 -61.87 53.05
N ALA D 15 26.22 -60.91 53.00
CA ALA D 15 27.35 -61.02 52.07
C ALA D 15 28.20 -62.24 52.40
N MET D 16 28.42 -62.50 53.69
CA MET D 16 29.13 -63.70 54.09
C MET D 16 28.40 -64.95 53.65
N GLU D 17 27.07 -64.96 53.78
CA GLU D 17 26.28 -66.09 53.32
C GLU D 17 26.16 -66.14 51.81
N GLY D 18 26.61 -65.11 51.11
CA GLY D 18 26.54 -65.11 49.66
C GLY D 18 25.18 -64.79 49.08
N LYS D 19 24.33 -64.08 49.83
CA LYS D 19 22.99 -63.76 49.38
C LYS D 19 22.93 -62.47 48.56
N LEU D 20 24.05 -61.76 48.42
CA LEU D 20 24.07 -60.51 47.67
C LEU D 20 24.65 -60.75 46.29
N ASP D 21 24.13 -60.01 45.31
CA ASP D 21 24.61 -60.16 43.94
C ASP D 21 25.99 -59.50 43.79
N PRO D 22 26.81 -60.00 42.88
CA PRO D 22 28.11 -59.36 42.65
C PRO D 22 27.95 -57.94 42.13
N VAL D 23 28.93 -57.11 42.45
CA VAL D 23 28.98 -55.71 42.02
C VAL D 23 30.24 -55.54 41.16
N ILE D 24 30.05 -54.99 39.96
CA ILE D 24 31.12 -54.90 38.98
C ILE D 24 31.28 -53.45 38.55
N GLY D 25 32.53 -52.98 38.52
CA GLY D 25 32.85 -51.71 37.92
C GLY D 25 32.61 -50.49 38.78
N ARG D 26 32.17 -50.66 40.02
CA ARG D 26 31.91 -49.54 40.92
C ARG D 26 33.05 -49.34 41.91
N GLU D 27 34.29 -49.56 41.46
CA GLU D 27 35.44 -49.36 42.34
C GLU D 27 35.56 -47.91 42.77
N LYS D 28 35.33 -46.97 41.85
CA LYS D 28 35.45 -45.55 42.20
C LYS D 28 34.40 -45.15 43.23
N GLU D 29 33.15 -45.57 43.04
CA GLU D 29 32.10 -45.19 43.98
C GLU D 29 32.35 -45.79 45.36
N ILE D 30 32.75 -47.06 45.42
CA ILE D 30 33.04 -47.68 46.70
C ILE D 30 34.22 -47.00 47.37
N GLU D 31 35.24 -46.66 46.58
CA GLU D 31 36.40 -45.97 47.14
C GLU D 31 35.99 -44.62 47.72
N ARG D 32 35.16 -43.86 47.01
CA ARG D 32 34.74 -42.56 47.51
C ARG D 32 33.87 -42.70 48.76
N VAL D 33 33.02 -43.72 48.79
CA VAL D 33 32.23 -43.98 49.99
C VAL D 33 33.15 -44.28 51.17
N MET D 34 34.20 -45.08 50.93
CA MET D 34 35.15 -45.36 51.99
C MET D 34 35.86 -44.10 52.44
N GLN D 35 36.25 -43.24 51.49
CA GLN D 35 36.91 -41.99 51.85
C GLN D 35 36.02 -41.15 52.75
N VAL D 36 34.75 -40.99 52.37
CA VAL D 36 33.86 -40.14 53.14
C VAL D 36 33.57 -40.76 54.50
N LEU D 37 33.44 -42.10 54.56
CA LEU D 37 33.14 -42.75 55.82
C LEU D 37 34.27 -42.60 56.83
N SER D 38 35.50 -42.42 56.35
CA SER D 38 36.66 -42.35 57.23
C SER D 38 36.98 -40.94 57.70
N ARG D 39 36.20 -39.95 57.29
CA ARG D 39 36.46 -38.57 57.69
C ARG D 39 36.37 -38.42 59.20
N ARG D 40 36.91 -37.31 59.70
CA ARG D 40 36.85 -37.05 61.13
C ARG D 40 35.46 -36.61 61.55
N THR D 41 34.82 -35.75 60.78
CA THR D 41 33.48 -35.27 61.08
C THR D 41 32.65 -35.26 59.80
N LYS D 42 31.33 -35.39 59.97
CA LYS D 42 30.42 -35.40 58.83
C LYS D 42 30.68 -36.58 57.90
N ASN D 43 31.17 -37.69 58.46
CA ASN D 43 31.41 -38.90 57.70
C ASN D 43 30.10 -39.63 57.43
N ASN D 44 29.24 -38.98 56.65
CA ASN D 44 27.91 -39.50 56.32
C ASN D 44 27.67 -39.35 54.83
N PRO D 45 28.17 -40.27 54.01
CA PRO D 45 27.94 -40.18 52.57
C PRO D 45 26.50 -40.47 52.22
N VAL D 46 26.02 -39.85 51.14
CA VAL D 46 24.70 -40.14 50.59
C VAL D 46 24.86 -40.31 49.09
N LEU D 47 24.41 -41.45 48.58
CA LEU D 47 24.48 -41.75 47.16
C LEU D 47 23.22 -41.24 46.49
N ILE D 48 23.37 -40.30 45.56
CA ILE D 48 22.25 -39.70 44.84
C ILE D 48 22.44 -40.00 43.36
N GLY D 49 21.40 -40.55 42.74
CA GLY D 49 21.43 -40.88 41.34
C GLY D 49 20.08 -41.36 40.88
N GLU D 50 19.94 -41.49 39.57
CA GLU D 50 18.66 -41.85 39.00
C GLU D 50 18.27 -43.26 39.41
N PRO D 51 16.98 -43.59 39.37
CA PRO D 51 16.55 -44.93 39.80
C PRO D 51 17.18 -46.02 38.94
N GLY D 52 17.55 -47.12 39.58
CA GLY D 52 18.04 -48.28 38.88
C GLY D 52 19.50 -48.24 38.47
N VAL D 53 20.22 -47.16 38.80
CA VAL D 53 21.62 -47.05 38.38
C VAL D 53 22.57 -47.83 39.26
N GLY D 54 22.13 -48.29 40.42
CA GLY D 54 22.96 -49.13 41.27
C GLY D 54 23.41 -48.47 42.56
N LYS D 55 22.55 -47.64 43.15
CA LYS D 55 22.90 -47.01 44.42
C LYS D 55 22.93 -48.02 45.55
N THR D 56 21.90 -48.87 45.64
CA THR D 56 21.90 -49.92 46.65
C THR D 56 22.94 -50.99 46.33
N ALA D 57 23.17 -51.24 45.04
CA ALA D 57 24.20 -52.20 44.65
C ALA D 57 25.57 -51.75 45.11
N VAL D 58 25.83 -50.45 45.14
CA VAL D 58 27.12 -49.95 45.62
C VAL D 58 27.32 -50.32 47.07
N VAL D 59 26.28 -50.14 47.89
CA VAL D 59 26.41 -50.48 49.31
C VAL D 59 26.52 -51.99 49.49
N GLU D 60 25.81 -52.76 48.68
CA GLU D 60 25.96 -54.21 48.76
C GLU D 60 27.37 -54.64 48.41
N GLY D 61 27.96 -54.02 47.38
CA GLY D 61 29.34 -54.32 47.05
C GLY D 61 30.29 -53.89 48.14
N LEU D 62 30.00 -52.78 48.80
CA LEU D 62 30.83 -52.37 49.93
C LEU D 62 30.78 -53.40 51.05
N ALA D 63 29.59 -53.91 51.34
CA ALA D 63 29.47 -54.96 52.36
C ALA D 63 30.24 -56.20 51.96
N GLN D 64 30.16 -56.59 50.68
CA GLN D 64 30.91 -57.75 50.21
C GLN D 64 32.41 -57.51 50.36
N ALA D 65 32.88 -56.31 50.01
CA ALA D 65 34.30 -56.01 50.16
C ALA D 65 34.72 -56.06 51.62
N ILE D 66 33.90 -55.52 52.53
CA ILE D 66 34.22 -55.58 53.95
C ILE D 66 34.30 -57.03 54.41
N VAL D 67 33.39 -57.87 53.93
CA VAL D 67 33.43 -59.28 54.30
C VAL D 67 34.72 -59.92 53.80
N HIS D 68 35.09 -59.64 52.56
CA HIS D 68 36.30 -60.24 51.99
C HIS D 68 37.55 -59.69 52.68
N GLY D 69 37.64 -58.36 52.80
CA GLY D 69 38.75 -57.75 53.50
C GLY D 69 39.57 -56.79 52.66
N GLU D 70 39.02 -56.36 51.52
CA GLU D 70 39.71 -55.41 50.64
C GLU D 70 39.28 -53.98 50.97
N VAL D 71 39.47 -53.61 52.23
CA VAL D 71 39.05 -52.30 52.73
C VAL D 71 40.15 -51.74 53.61
N PRO D 72 40.19 -50.42 53.76
CA PRO D 72 41.17 -49.82 54.67
C PRO D 72 41.03 -50.35 56.08
N GLU D 73 42.03 -50.03 56.91
CA GLU D 73 42.00 -50.50 58.29
C GLU D 73 40.89 -49.87 59.11
N THR D 74 40.33 -48.74 58.65
CA THR D 74 39.23 -48.13 59.37
C THR D 74 38.00 -49.02 59.40
N LEU D 75 37.68 -49.65 58.27
CA LEU D 75 36.50 -50.49 58.12
C LEU D 75 36.87 -51.96 57.99
N LYS D 76 37.88 -52.40 58.74
CA LYS D 76 38.36 -53.77 58.56
C LYS D 76 37.30 -54.79 58.95
N ASP D 77 36.57 -54.55 60.03
CA ASP D 77 35.62 -55.53 60.55
C ASP D 77 34.28 -54.88 60.88
N LYS D 78 33.92 -53.82 60.19
CA LYS D 78 32.65 -53.15 60.45
C LYS D 78 31.49 -53.99 59.96
N GLN D 79 30.37 -53.91 60.68
CA GLN D 79 29.15 -54.61 60.32
C GLN D 79 28.17 -53.59 59.74
N LEU D 80 27.73 -53.82 58.51
CA LEU D 80 26.87 -52.88 57.80
C LEU D 80 25.42 -53.29 57.99
N TYR D 81 24.64 -52.44 58.66
CA TYR D 81 23.26 -52.74 59.01
C TYR D 81 22.33 -51.81 58.23
N THR D 82 21.43 -52.39 57.45
CA THR D 82 20.40 -51.61 56.76
C THR D 82 19.24 -51.36 57.71
N LEU D 83 18.89 -50.09 57.89
CA LEU D 83 17.86 -49.70 58.85
C LEU D 83 16.49 -49.71 58.19
N ASP D 84 15.50 -50.20 58.93
CA ASP D 84 14.12 -50.30 58.46
C ASP D 84 13.27 -49.29 59.24
N LEU D 85 12.92 -48.18 58.59
CA LEU D 85 12.10 -47.18 59.26
C LEU D 85 10.71 -47.73 59.57
N GLY D 86 10.18 -48.59 58.70
CA GLY D 86 8.88 -49.18 58.97
C GLY D 86 8.87 -49.99 60.25
N SER D 87 9.94 -50.76 60.48
CA SER D 87 10.01 -51.54 61.70
C SER D 87 10.05 -50.64 62.93
N LEU D 88 10.76 -49.51 62.84
CA LEU D 88 10.79 -48.58 63.97
C LEU D 88 9.42 -47.98 64.23
N VAL D 89 8.74 -47.52 63.17
CA VAL D 89 7.47 -46.84 63.35
C VAL D 89 6.39 -47.82 63.78
N ALA D 90 6.34 -48.99 63.15
CA ALA D 90 5.28 -49.94 63.43
C ALA D 90 5.25 -50.29 64.91
N GLY D 91 4.06 -50.23 65.50
CA GLY D 91 3.88 -50.56 66.90
C GLY D 91 4.14 -49.42 67.86
N SER D 92 4.55 -48.26 67.39
CA SER D 92 4.82 -47.11 68.24
C SER D 92 3.51 -46.37 68.55
N ARG D 93 2.60 -47.11 69.18
CA ARG D 93 1.26 -46.57 69.44
C ARG D 93 1.31 -45.40 70.42
N TYR D 94 2.16 -45.48 71.43
CA TYR D 94 2.16 -44.50 72.50
C TYR D 94 3.04 -43.30 72.14
N ARG D 95 3.18 -42.37 73.08
CA ARG D 95 3.84 -41.11 72.79
C ARG D 95 5.34 -41.29 72.64
N GLY D 96 5.97 -42.05 73.54
CA GLY D 96 7.41 -42.20 73.56
C GLY D 96 7.94 -43.51 73.00
N ASP D 97 7.13 -44.29 72.30
CA ASP D 97 7.60 -45.58 71.81
C ASP D 97 8.62 -45.39 70.69
N PHE D 98 8.32 -44.55 69.70
CA PHE D 98 9.21 -44.40 68.56
C PHE D 98 10.54 -43.78 68.97
N GLU D 99 10.49 -42.70 69.76
CA GLU D 99 11.71 -42.06 70.22
C GLU D 99 12.52 -42.99 71.11
N GLU D 100 11.83 -43.76 71.97
CA GLU D 100 12.53 -44.74 72.79
C GLU D 100 13.25 -45.76 71.92
N ARG D 101 12.57 -46.27 70.88
CA ARG D 101 13.19 -47.25 70.01
C ARG D 101 14.41 -46.68 69.31
N LEU D 102 14.28 -45.47 68.76
CA LEU D 102 15.41 -44.87 68.05
C LEU D 102 16.58 -44.62 68.99
N LYS D 103 16.29 -44.14 70.20
CA LYS D 103 17.37 -43.91 71.17
C LYS D 103 18.05 -45.21 71.54
N LYS D 104 17.27 -46.28 71.72
CA LYS D 104 17.87 -47.58 72.03
C LYS D 104 18.77 -48.04 70.90
N VAL D 105 18.33 -47.87 69.65
CA VAL D 105 19.14 -48.30 68.52
C VAL D 105 20.44 -47.52 68.46
N LEU D 106 20.36 -46.20 68.64
CA LEU D 106 21.57 -45.38 68.60
C LEU D 106 22.51 -45.72 69.74
N LYS D 107 21.97 -45.97 70.94
CA LYS D 107 22.81 -46.36 72.05
C LYS D 107 23.50 -47.70 71.78
N GLU D 108 22.78 -48.65 71.19
CA GLU D 108 23.40 -49.93 70.85
C GLU D 108 24.51 -49.74 69.82
N ILE D 109 24.28 -48.91 68.81
CA ILE D 109 25.32 -48.65 67.82
C ILE D 109 26.54 -48.03 68.48
N ASN D 110 26.32 -47.05 69.37
CA ASN D 110 27.44 -46.41 70.05
C ASN D 110 28.21 -47.40 70.91
N THR D 111 27.50 -48.27 71.62
CA THR D 111 28.17 -49.22 72.50
C THR D 111 28.99 -50.22 71.70
N ARG D 112 28.38 -50.86 70.70
CA ARG D 112 29.12 -51.84 69.92
C ARG D 112 30.24 -51.18 69.12
N GLY D 113 29.97 -50.01 68.56
CA GLY D 113 30.99 -49.19 67.93
C GLY D 113 31.41 -49.61 66.54
N ASP D 114 31.16 -50.85 66.14
CA ASP D 114 31.62 -51.35 64.85
C ASP D 114 30.52 -51.40 63.80
N ILE D 115 29.37 -50.76 64.05
CA ILE D 115 28.23 -50.82 63.15
C ILE D 115 28.23 -49.58 62.26
N ILE D 116 27.87 -49.78 60.99
CA ILE D 116 27.66 -48.70 60.05
C ILE D 116 26.22 -48.78 59.57
N LEU D 117 25.45 -47.74 59.83
CA LEU D 117 24.06 -47.72 59.41
C LEU D 117 23.94 -47.43 57.93
N PHE D 118 22.89 -47.95 57.32
CA PHE D 118 22.54 -47.68 55.94
C PHE D 118 21.06 -47.35 55.90
N ILE D 119 20.73 -46.08 55.69
CA ILE D 119 19.35 -45.62 55.68
C ILE D 119 18.93 -45.58 54.21
N ASP D 120 18.42 -46.69 53.73
CA ASP D 120 17.91 -46.75 52.37
C ASP D 120 16.68 -45.88 52.24
N GLU D 121 16.57 -45.15 51.12
CA GLU D 121 15.52 -44.17 50.93
C GLU D 121 15.57 -43.12 52.04
N LEU D 122 16.68 -42.38 52.05
CA LEU D 122 16.92 -41.41 53.12
C LEU D 122 15.82 -40.37 53.21
N HIS D 123 15.17 -40.04 52.10
CA HIS D 123 14.15 -38.99 52.12
C HIS D 123 13.02 -39.34 53.06
N THR D 124 12.75 -40.64 53.26
CA THR D 124 11.68 -41.05 54.16
C THR D 124 12.00 -40.77 55.62
N LEU D 125 13.24 -40.40 55.94
CA LEU D 125 13.63 -40.13 57.31
C LEU D 125 13.16 -38.78 57.82
N VAL D 126 12.70 -37.90 56.94
CA VAL D 126 12.36 -36.53 57.35
C VAL D 126 11.25 -36.53 58.38
N GLY D 127 10.20 -37.31 58.14
CA GLY D 127 9.03 -37.29 59.01
C GLY D 127 8.63 -38.67 59.48
N ALA D 128 9.61 -39.51 59.80
CA ALA D 128 9.31 -40.89 60.18
C ALA D 128 8.41 -40.94 61.42
N GLY D 129 8.83 -40.27 62.49
CA GLY D 129 8.08 -40.36 63.73
C GLY D 129 6.88 -39.46 63.83
N ALA D 130 6.74 -38.49 62.93
CA ALA D 130 5.63 -37.57 62.96
C ALA D 130 4.52 -38.03 62.02
N ILE D 135 8.57 -36.64 68.02
CA ILE D 135 9.60 -35.98 67.23
C ILE D 135 10.06 -36.92 66.13
N ASP D 136 10.24 -36.38 64.92
CA ASP D 136 10.64 -37.20 63.79
C ASP D 136 12.07 -37.69 63.96
N ALA D 137 12.42 -38.71 63.18
CA ALA D 137 13.75 -39.30 63.29
C ALA D 137 14.84 -38.34 62.84
N ALA D 138 14.53 -37.47 61.87
CA ALA D 138 15.55 -36.54 61.39
C ALA D 138 16.05 -35.63 62.50
N SER D 139 15.13 -35.09 63.30
CA SER D 139 15.52 -34.21 64.39
C SER D 139 16.36 -34.94 65.42
N ILE D 140 15.99 -36.19 65.74
CA ILE D 140 16.75 -36.97 66.71
C ILE D 140 18.16 -37.24 66.20
N LEU D 141 18.27 -37.59 64.91
CA LEU D 141 19.57 -37.98 64.37
C LEU D 141 20.47 -36.78 64.11
N LYS D 142 19.91 -35.61 63.84
CA LYS D 142 20.72 -34.46 63.44
C LYS D 142 21.92 -34.20 64.35
N PRO D 143 21.77 -34.17 65.67
CA PRO D 143 22.96 -33.91 66.51
C PRO D 143 24.06 -34.94 66.33
N LYS D 144 23.71 -36.20 66.07
CA LYS D 144 24.74 -37.23 65.94
C LYS D 144 25.48 -37.13 64.62
N LEU D 145 24.78 -36.76 63.55
CA LEU D 145 25.39 -36.76 62.22
C LEU D 145 26.51 -35.73 62.11
N ALA D 146 26.30 -34.53 62.66
CA ALA D 146 27.24 -33.44 62.44
C ALA D 146 28.60 -33.75 63.03
N ARG D 147 28.63 -34.31 64.23
CA ARG D 147 29.88 -34.49 64.96
C ARG D 147 30.63 -35.76 64.59
N GLY D 148 30.09 -36.56 63.68
CA GLY D 148 30.79 -37.77 63.28
C GLY D 148 30.75 -38.88 64.30
N GLU D 149 29.79 -38.86 65.22
CA GLU D 149 29.65 -39.92 66.20
C GLU D 149 28.84 -41.10 65.68
N LEU D 150 28.34 -41.01 64.44
CA LEU D 150 27.53 -42.08 63.85
C LEU D 150 27.85 -42.15 62.37
N GLN D 151 28.55 -43.20 61.96
CA GLN D 151 28.84 -43.43 60.55
C GLN D 151 27.60 -43.98 59.88
N THR D 152 27.06 -43.25 58.91
CA THR D 152 25.83 -43.66 58.24
C THR D 152 25.94 -43.38 56.76
N ILE D 153 25.46 -44.32 55.97
CA ILE D 153 25.33 -44.16 54.52
C ILE D 153 23.86 -43.92 54.21
N GLY D 154 23.60 -43.10 53.20
CA GLY D 154 22.25 -42.88 52.73
C GLY D 154 22.18 -43.09 51.23
N ALA D 155 20.95 -43.23 50.73
CA ALA D 155 20.74 -43.42 49.31
C ALA D 155 19.40 -42.82 48.92
N THR D 156 19.39 -41.95 47.92
CA THR D 156 18.15 -41.35 47.46
C THR D 156 18.24 -41.01 45.99
N THR D 157 17.08 -40.91 45.35
CA THR D 157 17.01 -40.40 43.99
C THR D 157 17.24 -38.90 44.01
N LEU D 158 17.66 -38.37 42.85
CA LEU D 158 17.88 -36.94 42.75
C LEU D 158 16.59 -36.16 43.03
N ASP D 159 15.47 -36.61 42.45
CA ASP D 159 14.21 -35.90 42.63
C ASP D 159 13.77 -35.93 44.08
N GLU D 160 13.82 -37.11 44.71
CA GLU D 160 13.43 -37.20 46.12
C GLU D 160 14.37 -36.39 47.00
N TYR D 161 15.67 -36.44 46.71
CA TYR D 161 16.62 -35.63 47.45
C TYR D 161 16.24 -34.15 47.39
N ARG D 162 16.00 -33.64 46.18
CA ARG D 162 15.64 -32.24 46.05
C ARG D 162 14.33 -31.92 46.76
N LYS D 163 13.34 -32.80 46.62
CA LYS D 163 12.01 -32.48 47.13
C LYS D 163 11.96 -32.51 48.65
N TYR D 164 12.67 -33.45 49.28
CA TYR D 164 12.54 -33.68 50.72
C TYR D 164 13.77 -33.26 51.50
N ILE D 165 14.94 -33.78 51.14
CA ILE D 165 16.13 -33.52 51.96
C ILE D 165 16.51 -32.06 51.92
N GLU D 166 16.53 -31.47 50.72
CA GLU D 166 16.97 -30.08 50.59
C GLU D 166 16.03 -29.11 51.29
N LYS D 167 14.82 -29.53 51.66
CA LYS D 167 13.94 -28.64 52.41
C LYS D 167 14.54 -28.29 53.76
N ASP D 168 15.13 -29.27 54.45
CA ASP D 168 15.76 -29.06 55.74
C ASP D 168 17.24 -28.82 55.50
N ALA D 169 17.63 -27.54 55.43
CA ALA D 169 19.01 -27.21 55.11
C ALA D 169 19.98 -27.77 56.14
N ALA D 170 19.59 -27.73 57.42
CA ALA D 170 20.47 -28.24 58.46
C ALA D 170 20.76 -29.72 58.24
N LEU D 171 19.72 -30.50 57.94
CA LEU D 171 19.91 -31.93 57.68
C LEU D 171 20.74 -32.15 56.42
N GLU D 172 20.48 -31.36 55.38
CA GLU D 172 21.21 -31.53 54.13
C GLU D 172 22.70 -31.27 54.33
N ARG D 173 23.04 -30.28 55.14
CA ARG D 173 24.45 -29.92 55.32
C ARG D 173 25.26 -31.09 55.88
N ARG D 174 24.62 -32.00 56.60
CA ARG D 174 25.33 -33.05 57.32
C ARG D 174 25.55 -34.30 56.49
N PHE D 175 25.14 -34.32 55.24
CA PHE D 175 25.29 -35.48 54.37
C PHE D 175 26.16 -35.11 53.18
N GLN D 176 27.13 -35.98 52.88
CA GLN D 176 28.06 -35.73 51.78
C GLN D 176 27.53 -36.40 50.52
N PRO D 177 27.16 -35.63 49.49
CA PRO D 177 26.59 -36.26 48.29
C PRO D 177 27.64 -36.99 47.48
N VAL D 178 27.33 -38.23 47.12
CA VAL D 178 28.17 -39.03 46.23
C VAL D 178 27.33 -39.36 45.00
N GLN D 179 27.84 -38.97 43.82
CA GLN D 179 27.08 -39.10 42.60
C GLN D 179 27.34 -40.48 41.98
N VAL D 180 26.26 -41.21 41.74
CA VAL D 180 26.31 -42.50 41.04
C VAL D 180 25.66 -42.29 39.69
N GLY D 181 26.45 -42.45 38.62
CA GLY D 181 25.98 -42.18 37.29
C GLY D 181 25.52 -43.44 36.58
N GLU D 182 24.67 -43.25 35.58
CA GLU D 182 24.19 -44.36 34.79
C GLU D 182 25.35 -45.00 34.05
N PRO D 183 25.59 -46.30 34.19
CA PRO D 183 26.73 -46.91 33.49
C PRO D 183 26.55 -46.86 31.99
N THR D 184 27.67 -46.85 31.29
CA THR D 184 27.66 -46.87 29.83
C THR D 184 27.33 -48.27 29.33
N VAL D 185 27.28 -48.41 28.00
CA VAL D 185 26.92 -49.71 27.41
C VAL D 185 28.00 -50.74 27.72
N GLU D 186 29.26 -50.37 27.62
CA GLU D 186 30.33 -51.33 27.91
C GLU D 186 30.31 -51.74 29.38
N HIS D 187 30.11 -50.79 30.28
CA HIS D 187 30.00 -51.12 31.69
C HIS D 187 28.83 -52.07 31.92
N THR D 188 27.71 -51.84 31.23
CA THR D 188 26.55 -52.71 31.39
C THR D 188 26.84 -54.11 30.85
N ILE D 189 27.60 -54.20 29.76
CA ILE D 189 27.98 -55.50 29.24
C ILE D 189 28.82 -56.26 30.26
N GLU D 190 29.75 -55.55 30.90
CA GLU D 190 30.55 -56.18 31.95
C GLU D 190 29.66 -56.63 33.11
N ILE D 191 28.69 -55.80 33.49
CA ILE D 191 27.80 -56.16 34.59
C ILE D 191 27.01 -57.41 34.24
N LEU D 192 26.49 -57.48 33.01
CA LEU D 192 25.72 -58.65 32.59
C LEU D 192 26.60 -59.89 32.57
N LYS D 193 27.84 -59.76 32.10
CA LYS D 193 28.76 -60.88 32.16
C LYS D 193 28.96 -61.36 33.58
N GLY D 194 29.04 -60.42 34.53
CA GLY D 194 29.19 -60.80 35.92
C GLY D 194 27.97 -61.51 36.47
N LEU D 195 26.77 -61.02 36.15
CA LEU D 195 25.54 -61.55 36.72
C LEU D 195 25.04 -62.82 36.03
N ARG D 196 25.58 -63.13 34.85
CA ARG D 196 25.13 -64.32 34.13
C ARG D 196 25.25 -65.57 34.98
N ASP D 197 26.36 -65.71 35.72
CA ASP D 197 26.61 -66.93 36.47
C ASP D 197 25.43 -67.27 37.37
N ARG D 198 24.79 -66.25 37.94
CA ARG D 198 23.64 -66.47 38.83
C ARG D 198 22.33 -66.51 38.08
N TYR D 199 22.15 -65.65 37.07
CA TYR D 199 20.86 -65.61 36.38
C TYR D 199 20.61 -66.90 35.60
N GLU D 200 21.60 -67.37 34.86
CA GLU D 200 21.42 -68.61 34.12
C GLU D 200 21.27 -69.80 35.05
N ALA D 201 21.96 -69.79 36.19
CA ALA D 201 21.79 -70.86 37.16
C ALA D 201 20.38 -70.89 37.71
N HIS D 202 19.81 -69.73 38.02
CA HIS D 202 18.43 -69.69 38.51
C HIS D 202 17.46 -70.15 37.43
N HIS D 203 17.64 -69.68 36.20
CA HIS D 203 16.72 -70.04 35.13
C HIS D 203 17.03 -71.38 34.48
N ARG D 204 18.17 -71.98 34.80
CA ARG D 204 18.60 -73.24 34.18
C ARG D 204 18.59 -73.12 32.66
N VAL D 205 19.32 -72.12 32.17
CA VAL D 205 19.49 -71.87 30.75
C VAL D 205 20.93 -71.49 30.50
N SER D 206 21.24 -71.17 29.24
CA SER D 206 22.56 -70.72 28.83
C SER D 206 22.41 -69.39 28.11
N ILE D 207 23.23 -68.41 28.51
CA ILE D 207 23.19 -67.07 27.95
C ILE D 207 24.51 -66.83 27.25
N THR D 208 24.44 -66.45 25.98
CA THR D 208 25.63 -66.24 25.17
C THR D 208 26.08 -64.78 25.25
N ASP D 209 27.35 -64.56 24.91
CA ASP D 209 27.89 -63.20 24.92
C ASP D 209 27.12 -62.31 23.96
N ALA D 210 26.76 -62.85 22.80
CA ALA D 210 25.95 -62.08 21.85
C ALA D 210 24.63 -61.67 22.49
N ALA D 211 24.03 -62.56 23.28
CA ALA D 211 22.77 -62.22 23.94
C ALA D 211 22.94 -61.04 24.87
N MET D 212 24.02 -61.02 25.65
CA MET D 212 24.21 -59.92 26.60
C MET D 212 24.53 -58.62 25.88
N VAL D 213 25.36 -58.68 24.84
CA VAL D 213 25.64 -57.47 24.07
C VAL D 213 24.37 -56.92 23.46
N ALA D 214 23.54 -57.80 22.88
CA ALA D 214 22.28 -57.36 22.29
C ALA D 214 21.36 -56.78 23.35
N ALA D 215 21.29 -57.42 24.52
CA ALA D 215 20.44 -56.90 25.59
C ALA D 215 20.86 -55.48 25.96
N ALA D 216 22.14 -55.28 26.22
CA ALA D 216 22.61 -53.95 26.59
C ALA D 216 22.30 -52.92 25.49
N THR D 217 22.66 -53.24 24.25
CA THR D 217 22.52 -52.26 23.17
C THR D 217 21.04 -51.95 22.91
N LEU D 218 20.20 -52.98 22.81
CA LEU D 218 18.79 -52.76 22.53
C LEU D 218 18.12 -52.02 23.67
N ALA D 219 18.41 -52.39 24.92
CA ALA D 219 17.81 -51.69 26.05
C ALA D 219 18.21 -50.23 26.05
N ASP D 220 19.48 -49.94 25.75
CA ASP D 220 19.91 -48.55 25.68
C ASP D 220 19.17 -47.81 24.58
N ARG D 221 19.03 -48.43 23.40
CA ARG D 221 18.52 -47.72 22.24
C ARG D 221 17.01 -47.49 22.32
N TYR D 222 16.25 -48.51 22.71
CA TYR D 222 14.80 -48.51 22.50
C TYR D 222 13.99 -48.12 23.73
N ILE D 223 14.39 -48.56 24.91
CA ILE D 223 13.68 -48.22 26.14
C ILE D 223 14.24 -46.92 26.67
N ASN D 224 13.41 -45.87 26.74
CA ASN D 224 13.87 -44.54 27.07
C ASN D 224 13.48 -44.06 28.46
N ASP D 225 12.47 -44.66 29.08
CA ASP D 225 12.04 -44.24 30.41
C ASP D 225 12.78 -44.95 31.53
N ARG D 226 13.57 -45.97 31.23
CA ARG D 226 14.31 -46.72 32.23
C ARG D 226 15.76 -46.28 32.23
N PHE D 227 16.58 -46.94 33.06
CA PHE D 227 17.99 -46.65 33.15
C PHE D 227 18.80 -47.93 32.97
N LEU D 228 19.88 -47.82 32.20
CA LEU D 228 20.51 -48.91 31.45
C LEU D 228 20.75 -50.18 32.26
N PRO D 229 21.47 -50.11 33.39
CA PRO D 229 21.89 -51.35 34.06
C PRO D 229 20.73 -52.19 34.52
N ASP D 230 19.55 -51.59 34.68
CA ASP D 230 18.36 -52.32 35.11
C ASP D 230 17.51 -52.78 33.94
N LYS D 231 17.35 -51.96 32.91
CA LYS D 231 16.59 -52.38 31.75
C LYS D 231 17.25 -53.55 31.05
N ALA D 232 18.59 -53.53 30.94
CA ALA D 232 19.27 -54.66 30.32
C ALA D 232 19.05 -55.94 31.11
N ILE D 233 19.14 -55.86 32.43
CA ILE D 233 18.94 -57.04 33.26
C ILE D 233 17.51 -57.52 33.15
N ASP D 234 16.56 -56.60 33.02
CA ASP D 234 15.18 -57.00 32.81
C ASP D 234 15.02 -57.79 31.51
N LEU D 235 15.67 -57.32 30.44
CA LEU D 235 15.60 -58.04 29.18
C LEU D 235 16.15 -59.44 29.33
N ILE D 236 17.32 -59.56 29.97
CA ILE D 236 17.95 -60.87 30.14
C ILE D 236 17.06 -61.78 30.99
N ASP D 237 16.51 -61.25 32.07
CA ASP D 237 15.69 -62.05 32.96
C ASP D 237 14.41 -62.53 32.27
N GLU D 238 13.77 -61.66 31.49
CA GLU D 238 12.57 -62.06 30.77
C GLU D 238 12.89 -63.13 29.74
N ALA D 239 14.01 -62.98 29.02
CA ALA D 239 14.38 -64.01 28.05
C ALA D 239 14.60 -65.35 28.74
N GLY D 240 15.33 -65.33 29.87
CA GLY D 240 15.56 -66.57 30.60
C GLY D 240 14.26 -67.19 31.09
N ALA D 241 13.35 -66.37 31.60
CA ALA D 241 12.08 -66.88 32.09
C ALA D 241 11.26 -67.48 30.95
N ARG D 242 11.27 -66.84 29.78
CA ARG D 242 10.56 -67.40 28.64
C ARG D 242 11.13 -68.77 28.26
N MET D 243 12.46 -68.89 28.22
CA MET D 243 13.06 -70.17 27.90
C MET D 243 12.72 -71.22 28.93
N ARG D 244 12.73 -70.85 30.21
CA ARG D 244 12.37 -71.82 31.24
C ARG D 244 10.91 -72.25 31.13
N ILE D 245 10.01 -71.31 30.82
CA ILE D 245 8.59 -71.62 30.78
C ILE D 245 8.27 -72.49 29.58
N ARG D 246 8.85 -72.18 28.43
CA ARG D 246 8.45 -72.88 27.21
C ARG D 246 8.71 -74.37 27.30
N ARG D 247 9.83 -74.76 27.92
CA ARG D 247 10.18 -76.18 27.99
C ARG D 247 9.54 -76.77 29.24
N ALA D 310 18.74 -75.71 26.73
CA ALA D 310 18.08 -74.43 26.53
C ALA D 310 19.11 -73.31 26.44
N GLU D 311 18.98 -72.46 25.43
CA GLU D 311 19.91 -71.36 25.20
C GLU D 311 19.14 -70.07 24.97
N VAL D 312 19.76 -68.97 25.36
CA VAL D 312 19.22 -67.63 25.12
C VAL D 312 20.19 -66.90 24.21
N ASP D 313 19.69 -66.42 23.08
CA ASP D 313 20.50 -65.72 22.09
C ASP D 313 19.92 -64.31 21.88
N ASP D 314 20.53 -63.58 20.96
CA ASP D 314 20.07 -62.22 20.70
C ASP D 314 18.64 -62.20 20.16
N GLU D 315 18.22 -63.26 19.48
CA GLU D 315 16.86 -63.29 18.95
C GLU D 315 15.84 -63.27 20.08
N GLN D 316 16.11 -63.99 21.15
CA GLN D 316 15.20 -63.99 22.29
C GLN D 316 15.09 -62.60 22.90
N ILE D 317 16.22 -61.90 23.05
CA ILE D 317 16.19 -60.57 23.61
C ILE D 317 15.41 -59.62 22.71
N ALA D 318 15.61 -59.76 21.39
CA ALA D 318 14.86 -58.92 20.45
C ALA D 318 13.36 -59.18 20.56
N GLU D 319 12.96 -60.44 20.68
CA GLU D 319 11.55 -60.76 20.84
C GLU D 319 11.00 -60.17 22.13
N VAL D 320 11.76 -60.28 23.22
CA VAL D 320 11.30 -59.74 24.50
C VAL D 320 11.12 -58.23 24.39
N LEU D 321 12.07 -57.54 23.75
CA LEU D 321 11.95 -56.10 23.58
C LEU D 321 10.76 -55.75 22.71
N GLY D 322 10.53 -56.51 21.65
CA GLY D 322 9.38 -56.26 20.80
C GLY D 322 8.07 -56.39 21.54
N ASN D 323 7.96 -57.41 22.38
CA ASN D 323 6.77 -57.53 23.23
C ASN D 323 6.68 -56.35 24.19
N TRP D 324 7.79 -55.96 24.79
CA TRP D 324 7.79 -54.89 25.78
C TRP D 324 7.30 -53.58 25.18
N THR D 325 8.04 -53.06 24.20
CA THR D 325 7.76 -51.73 23.68
C THR D 325 6.84 -51.74 22.46
N GLY D 326 6.70 -52.88 21.79
CA GLY D 326 5.89 -52.96 20.58
C GLY D 326 6.64 -52.66 19.30
N ILE D 327 7.90 -52.25 19.39
CA ILE D 327 8.71 -51.94 18.21
C ILE D 327 9.16 -53.25 17.58
N PRO D 328 8.89 -53.50 16.31
CA PRO D 328 9.22 -54.82 15.72
C PRO D 328 10.71 -55.00 15.41
N VAL D 329 11.45 -55.41 16.44
CA VAL D 329 12.88 -55.67 16.28
C VAL D 329 13.20 -57.14 16.11
N PHE D 330 12.27 -58.04 16.45
CA PHE D 330 12.52 -59.47 16.34
C PHE D 330 12.84 -59.85 14.90
N LYS D 331 13.32 -61.07 14.73
CA LYS D 331 13.71 -61.55 13.41
C LYS D 331 12.49 -61.70 12.50
N LEU D 332 12.73 -61.59 11.20
CA LEU D 332 11.67 -61.67 10.20
C LEU D 332 11.43 -63.13 9.83
N THR D 333 10.17 -63.56 9.93
CA THR D 333 9.80 -64.90 9.50
C THR D 333 9.63 -64.92 7.98
N GLU D 334 9.48 -66.13 7.42
CA GLU D 334 9.34 -66.26 5.98
C GLU D 334 8.09 -65.53 5.49
N ALA D 335 6.98 -65.69 6.20
CA ALA D 335 5.76 -64.99 5.80
C ALA D 335 5.93 -63.49 5.90
N GLU D 336 6.56 -63.02 6.97
CA GLU D 336 6.72 -61.58 7.14
C GLU D 336 7.63 -60.99 6.08
N THR D 337 8.75 -61.65 5.78
CA THR D 337 9.65 -61.12 4.76
C THR D 337 8.99 -61.15 3.38
N THR D 338 8.25 -62.23 3.08
CA THR D 338 7.54 -62.27 1.80
C THR D 338 6.52 -61.14 1.71
N ARG D 339 5.78 -60.89 2.80
CA ARG D 339 4.81 -59.80 2.80
C ARG D 339 5.49 -58.46 2.61
N LEU D 340 6.64 -58.27 3.26
CA LEU D 340 7.37 -57.01 3.09
C LEU D 340 7.81 -56.82 1.65
N LEU D 341 8.28 -57.89 1.01
CA LEU D 341 8.77 -57.76 -0.37
C LEU D 341 7.64 -57.35 -1.31
N ARG D 342 6.43 -57.88 -1.11
CA ARG D 342 5.27 -57.53 -1.91
C ARG D 342 4.48 -56.38 -1.29
N MET D 343 5.13 -55.49 -0.55
CA MET D 343 4.41 -54.45 0.17
C MET D 343 3.67 -53.53 -0.79
N GLU D 344 4.28 -53.23 -1.94
CA GLU D 344 3.62 -52.35 -2.90
C GLU D 344 2.30 -52.97 -3.37
N GLU D 345 2.31 -54.27 -3.66
CA GLU D 345 1.07 -54.93 -4.07
C GLU D 345 0.04 -54.91 -2.97
N GLU D 346 0.47 -55.11 -1.72
CA GLU D 346 -0.48 -55.08 -0.61
C GLU D 346 -1.11 -53.70 -0.45
N LEU D 347 -0.31 -52.64 -0.59
CA LEU D 347 -0.86 -51.30 -0.47
C LEU D 347 -1.73 -50.94 -1.68
N HIS D 348 -1.43 -51.50 -2.85
CA HIS D 348 -2.22 -51.23 -4.04
C HIS D 348 -3.58 -51.91 -4.02
N LYS D 349 -3.80 -52.84 -3.08
CA LYS D 349 -5.12 -53.42 -2.92
C LYS D 349 -6.14 -52.40 -2.44
N ARG D 350 -5.67 -51.30 -1.86
CA ARG D 350 -6.53 -50.22 -1.39
C ARG D 350 -6.27 -48.90 -2.08
N ILE D 351 -5.04 -48.64 -2.52
CA ILE D 351 -4.68 -47.40 -3.19
C ILE D 351 -4.51 -47.70 -4.67
N ILE D 352 -5.22 -46.97 -5.51
CA ILE D 352 -5.18 -47.12 -6.96
C ILE D 352 -4.34 -46.00 -7.53
N GLY D 353 -3.35 -46.35 -8.34
CA GLY D 353 -2.44 -45.36 -8.86
C GLY D 353 -1.42 -44.95 -7.81
N GLN D 354 -0.87 -43.75 -7.99
CA GLN D 354 0.12 -43.20 -7.06
C GLN D 354 1.22 -44.21 -6.80
N GLU D 355 1.86 -44.67 -7.88
CA GLU D 355 2.93 -45.65 -7.75
C GLU D 355 4.11 -45.09 -6.97
N ASP D 356 4.47 -43.83 -7.24
CA ASP D 356 5.66 -43.26 -6.63
C ASP D 356 5.52 -43.16 -5.12
N ALA D 357 4.37 -42.70 -4.63
CA ALA D 357 4.19 -42.56 -3.19
C ALA D 357 4.21 -43.91 -2.49
N VAL D 358 3.54 -44.91 -3.08
CA VAL D 358 3.55 -46.24 -2.49
C VAL D 358 4.96 -46.79 -2.46
N LYS D 359 5.72 -46.60 -3.55
CA LYS D 359 7.10 -47.07 -3.57
C LYS D 359 7.94 -46.39 -2.50
N ALA D 360 7.76 -45.08 -2.32
CA ALA D 360 8.55 -44.37 -1.33
C ALA D 360 8.24 -44.87 0.08
N VAL D 361 6.96 -45.01 0.40
CA VAL D 361 6.56 -45.48 1.73
C VAL D 361 7.10 -46.89 1.96
N SER D 362 6.97 -47.76 0.97
CA SER D 362 7.44 -49.13 1.12
C SER D 362 8.96 -49.16 1.30
N LYS D 363 9.68 -48.33 0.57
CA LYS D 363 11.12 -48.27 0.73
C LYS D 363 11.50 -47.85 2.14
N ALA D 364 10.80 -46.84 2.67
CA ALA D 364 11.09 -46.40 4.04
C ALA D 364 10.86 -47.54 5.03
N ILE D 365 9.74 -48.25 4.90
CA ILE D 365 9.44 -49.30 5.85
C ILE D 365 10.43 -50.45 5.72
N ARG D 366 10.81 -50.80 4.49
CA ARG D 366 11.79 -51.86 4.30
C ARG D 366 13.14 -51.47 4.89
N ARG D 367 13.55 -50.21 4.73
CA ARG D 367 14.80 -49.76 5.34
C ARG D 367 14.72 -49.88 6.85
N THR D 368 13.59 -49.47 7.44
CA THR D 368 13.46 -49.58 8.89
C THR D 368 13.55 -51.03 9.34
N ARG D 369 12.89 -51.95 8.64
CA ARG D 369 12.84 -53.34 9.07
C ARG D 369 14.13 -54.10 8.78
N ALA D 370 14.88 -53.69 7.75
CA ALA D 370 16.10 -54.38 7.38
C ALA D 370 17.27 -54.02 8.28
N GLY D 371 17.15 -52.97 9.10
CA GLY D 371 18.20 -52.59 10.01
C GLY D 371 19.15 -51.52 9.50
N LEU D 372 18.82 -50.86 8.39
CA LEU D 372 19.64 -49.81 7.82
C LEU D 372 19.14 -48.42 8.22
N LYS D 373 18.20 -48.33 9.14
CA LYS D 373 17.67 -47.05 9.55
C LYS D 373 18.73 -46.21 10.26
N ASP D 374 18.61 -44.91 10.12
CA ASP D 374 19.46 -43.99 10.88
C ASP D 374 19.01 -43.98 12.33
N PRO D 375 19.86 -44.35 13.29
CA PRO D 375 19.39 -44.43 14.69
C PRO D 375 18.90 -43.11 15.24
N LYS D 376 19.27 -41.98 14.63
CA LYS D 376 18.90 -40.67 15.16
C LYS D 376 17.53 -40.21 14.64
N ARG D 377 17.39 -40.12 13.33
CA ARG D 377 16.20 -39.56 12.73
C ARG D 377 15.03 -40.53 12.80
N PRO D 378 13.80 -40.02 12.66
CA PRO D 378 12.64 -40.91 12.62
C PRO D 378 12.70 -41.87 11.44
N SER D 379 11.73 -42.80 11.41
CA SER D 379 11.75 -43.86 10.41
C SER D 379 11.55 -43.31 9.01
N GLY D 380 10.92 -42.14 8.88
CA GLY D 380 10.72 -41.54 7.58
C GLY D 380 9.75 -40.38 7.64
N SER D 381 10.06 -39.30 6.93
CA SER D 381 9.25 -38.10 6.90
C SER D 381 8.88 -37.76 5.46
N PHE D 382 7.58 -37.63 5.22
CA PHE D 382 7.07 -37.40 3.87
C PHE D 382 6.13 -36.20 3.86
N ILE D 383 6.10 -35.51 2.73
CA ILE D 383 5.09 -34.50 2.44
C ILE D 383 4.33 -34.99 1.22
N PHE D 384 3.06 -35.36 1.41
CA PHE D 384 2.20 -35.78 0.32
C PHE D 384 1.45 -34.55 -0.17
N ALA D 385 1.85 -34.02 -1.33
CA ALA D 385 1.19 -32.87 -1.93
C ALA D 385 0.60 -33.29 -3.26
N GLY D 386 -0.14 -32.37 -3.89
CA GLY D 386 -0.71 -32.61 -5.18
C GLY D 386 -2.16 -32.19 -5.29
N PRO D 387 -2.88 -32.75 -6.27
CA PRO D 387 -4.30 -32.39 -6.43
C PRO D 387 -5.15 -32.87 -5.27
N SER D 388 -6.46 -32.62 -5.37
CA SER D 388 -7.40 -33.00 -4.32
C SER D 388 -8.18 -34.24 -4.75
N GLY D 389 -8.42 -35.12 -3.78
CA GLY D 389 -9.17 -36.34 -4.06
C GLY D 389 -8.37 -37.45 -4.68
N VAL D 390 -7.05 -37.37 -4.65
CA VAL D 390 -6.20 -38.37 -5.32
C VAL D 390 -5.71 -39.46 -4.37
N GLY D 391 -5.82 -39.27 -3.06
CA GLY D 391 -5.46 -40.32 -2.13
C GLY D 391 -4.32 -39.99 -1.20
N LYS D 392 -4.17 -38.70 -0.86
CA LYS D 392 -3.09 -38.30 0.04
C LYS D 392 -3.32 -38.82 1.45
N THR D 393 -4.53 -38.62 1.99
CA THR D 393 -4.85 -39.16 3.30
C THR D 393 -5.16 -40.66 3.24
N GLU D 394 -5.74 -41.12 2.14
CA GLU D 394 -6.04 -42.53 2.00
C GLU D 394 -4.78 -43.37 2.02
N LEU D 395 -3.69 -42.85 1.45
CA LEU D 395 -2.43 -43.60 1.46
C LEU D 395 -1.92 -43.77 2.88
N SER D 396 -1.98 -42.72 3.69
CA SER D 396 -1.55 -42.85 5.08
C SER D 396 -2.45 -43.82 5.85
N LYS D 397 -3.75 -43.76 5.61
CA LYS D 397 -4.65 -44.71 6.27
C LYS D 397 -4.34 -46.14 5.86
N ALA D 398 -4.07 -46.36 4.57
CA ALA D 398 -3.74 -47.71 4.10
C ALA D 398 -2.41 -48.18 4.66
N LEU D 399 -1.45 -47.27 4.81
CA LEU D 399 -0.17 -47.64 5.43
C LEU D 399 -0.38 -48.05 6.88
N ALA D 400 -1.19 -47.29 7.61
CA ALA D 400 -1.48 -47.66 8.99
C ALA D 400 -2.17 -49.03 9.05
N ASN D 401 -3.10 -49.27 8.13
CA ASN D 401 -3.77 -50.57 8.10
C ASN D 401 -2.79 -51.69 7.81
N PHE D 402 -1.87 -51.48 6.86
CA PHE D 402 -0.90 -52.51 6.53
C PHE D 402 0.00 -52.80 7.72
N LEU D 403 0.46 -51.76 8.41
CA LEU D 403 1.43 -51.97 9.49
C LEU D 403 0.76 -52.57 10.73
N PHE D 404 -0.42 -52.07 11.10
CA PHE D 404 -1.06 -52.47 12.34
C PHE D 404 -2.37 -53.21 12.17
N GLY D 405 -2.93 -53.27 10.95
CA GLY D 405 -4.15 -54.01 10.73
C GLY D 405 -5.42 -53.27 11.04
N ASP D 406 -5.36 -51.94 11.22
CA ASP D 406 -6.57 -51.18 11.50
C ASP D 406 -6.28 -49.70 11.23
N ASP D 407 -7.21 -49.04 10.53
CA ASP D 407 -7.03 -47.64 10.20
C ASP D 407 -6.97 -46.76 11.45
N ASP D 408 -7.64 -47.18 12.53
CA ASP D 408 -7.65 -46.40 13.75
C ASP D 408 -6.30 -46.40 14.46
N ALA D 409 -5.36 -47.24 14.04
CA ALA D 409 -4.01 -47.19 14.60
C ALA D 409 -3.25 -45.95 14.16
N LEU D 410 -3.78 -45.18 13.23
CA LEU D 410 -3.14 -43.97 12.76
C LEU D 410 -3.34 -42.84 13.78
N ILE D 411 -2.25 -42.16 14.12
CA ILE D 411 -2.31 -41.00 15.00
C ILE D 411 -2.54 -39.78 14.11
N GLN D 412 -3.80 -39.38 13.99
CA GLN D 412 -4.18 -38.32 13.06
C GLN D 412 -4.35 -37.01 13.82
N ILE D 413 -3.64 -35.98 13.37
CA ILE D 413 -3.79 -34.63 13.89
C ILE D 413 -4.31 -33.77 12.75
N ASP D 414 -5.50 -33.21 12.92
CA ASP D 414 -6.11 -32.35 11.91
C ASP D 414 -5.61 -30.93 12.14
N MET D 415 -4.59 -30.55 11.38
CA MET D 415 -3.94 -29.26 11.61
C MET D 415 -4.84 -28.08 11.28
N GLY D 416 -5.98 -28.30 10.64
CA GLY D 416 -6.88 -27.21 10.35
C GLY D 416 -7.33 -26.48 11.61
N GLU D 417 -7.40 -27.19 12.73
CA GLU D 417 -7.80 -26.59 14.00
C GLU D 417 -6.69 -25.80 14.66
N PHE D 418 -5.48 -25.83 14.10
CA PHE D 418 -4.32 -25.16 14.67
C PHE D 418 -4.04 -23.82 13.98
N HIS D 419 -5.09 -23.11 13.58
CA HIS D 419 -4.90 -21.83 12.89
C HIS D 419 -4.24 -20.81 13.81
N ASP D 420 -4.70 -20.74 15.06
CA ASP D 420 -4.17 -19.77 16.00
C ASP D 420 -2.90 -20.31 16.65
N ARG D 421 -1.94 -19.42 16.89
CA ARG D 421 -0.65 -19.88 17.39
C ARG D 421 -0.74 -20.41 18.81
N PHE D 422 -1.60 -19.82 19.65
CA PHE D 422 -1.65 -20.24 21.03
C PHE D 422 -2.18 -21.66 21.20
N THR D 423 -2.58 -22.32 20.12
CA THR D 423 -2.96 -23.73 20.16
C THR D 423 -1.75 -24.66 20.09
N ALA D 424 -0.55 -24.13 19.95
CA ALA D 424 0.64 -24.99 19.95
C ALA D 424 0.77 -25.76 21.24
N SER D 425 0.31 -25.18 22.35
CA SER D 425 0.36 -25.88 23.63
C SER D 425 -0.50 -27.13 23.62
N ARG D 426 -1.39 -27.26 22.65
CA ARG D 426 -2.17 -28.48 22.51
C ARG D 426 -1.30 -29.67 22.15
N LEU D 427 -0.11 -29.44 21.60
CA LEU D 427 0.76 -30.54 21.18
C LEU D 427 1.63 -31.05 22.33
N PHE D 428 2.25 -30.14 23.08
CA PHE D 428 3.15 -30.53 24.17
C PHE D 428 2.69 -30.00 25.52
N GLY D 429 1.41 -29.71 25.67
CA GLY D 429 0.86 -29.37 26.97
C GLY D 429 1.21 -27.96 27.40
N ALA D 430 0.70 -27.60 28.58
CA ALA D 430 0.91 -26.26 29.12
C ALA D 430 2.14 -26.22 30.03
N PRO D 431 2.78 -25.07 30.17
CA PRO D 431 3.99 -25.00 30.98
C PRO D 431 3.67 -25.21 32.45
N PRO D 432 4.69 -25.26 33.30
CA PRO D 432 4.43 -25.40 34.74
C PRO D 432 3.64 -24.21 35.28
N GLY D 433 2.78 -24.50 36.24
CA GLY D 433 2.02 -23.45 36.90
C GLY D 433 0.80 -22.96 36.15
N TYR D 434 0.30 -23.73 35.19
CA TYR D 434 -0.85 -23.33 34.41
C TYR D 434 -1.86 -24.46 34.34
N VAL D 435 -3.13 -24.08 34.13
CA VAL D 435 -4.20 -25.07 34.11
C VAL D 435 -3.99 -26.03 32.95
N GLY D 436 -4.23 -27.31 33.21
CA GLY D 436 -3.95 -28.33 32.22
C GLY D 436 -2.50 -28.75 32.17
N TYR D 437 -1.67 -28.29 33.10
CA TYR D 437 -0.26 -28.68 33.11
C TYR D 437 -0.10 -30.16 33.39
N GLU D 438 -0.91 -30.72 34.28
CA GLU D 438 -0.78 -32.12 34.64
C GLU D 438 -1.28 -33.07 33.56
N GLU D 439 -1.99 -32.57 32.55
CA GLU D 439 -2.58 -33.42 31.53
C GLU D 439 -1.63 -33.73 30.39
N GLY D 440 -0.44 -33.15 30.38
CA GLY D 440 0.50 -33.43 29.30
C GLY D 440 0.00 -32.89 27.97
N GLY D 441 0.42 -33.55 26.89
CA GLY D 441 0.06 -33.13 25.56
C GLY D 441 -0.74 -34.17 24.80
N GLN D 442 -1.45 -33.73 23.77
CA GLN D 442 -2.24 -34.66 22.96
C GLN D 442 -1.35 -35.56 22.11
N LEU D 443 -0.22 -35.04 21.63
CA LEU D 443 0.64 -35.78 20.73
C LEU D 443 1.73 -36.56 21.48
N THR D 444 2.35 -35.94 22.47
CA THR D 444 3.45 -36.57 23.16
C THR D 444 3.01 -37.85 23.86
N GLU D 445 1.87 -37.79 24.55
CA GLU D 445 1.40 -38.98 25.27
C GLU D 445 1.00 -40.08 24.30
N LYS D 446 0.34 -39.73 23.20
CA LYS D 446 -0.06 -40.74 22.23
C LYS D 446 1.16 -41.43 21.63
N VAL D 447 2.21 -40.66 21.32
CA VAL D 447 3.43 -41.27 20.79
C VAL D 447 4.13 -42.09 21.86
N ARG D 448 4.10 -41.64 23.11
CA ARG D 448 4.74 -42.38 24.19
C ARG D 448 4.10 -43.75 24.38
N ARG D 449 2.76 -43.80 24.35
CA ARG D 449 2.09 -45.07 24.56
C ARG D 449 2.36 -46.04 23.41
N LYS D 450 2.52 -45.53 22.20
CA LYS D 450 2.79 -46.34 21.01
C LYS D 450 4.03 -45.78 20.33
N PRO D 451 5.22 -46.19 20.79
CA PRO D 451 6.45 -45.61 20.20
C PRO D 451 6.55 -45.81 18.70
N PHE D 452 6.13 -46.97 18.20
CA PHE D 452 6.15 -47.26 16.77
C PHE D 452 4.75 -47.02 16.24
N SER D 453 4.57 -45.90 15.54
CA SER D 453 3.25 -45.50 15.07
C SER D 453 3.41 -44.60 13.85
N VAL D 454 2.31 -44.40 13.14
CA VAL D 454 2.27 -43.53 11.98
C VAL D 454 1.54 -42.25 12.40
N VAL D 455 2.24 -41.12 12.32
CA VAL D 455 1.69 -39.82 12.67
C VAL D 455 1.34 -39.08 11.39
N LEU D 456 0.12 -38.57 11.30
CA LEU D 456 -0.39 -37.90 10.12
C LEU D 456 -0.79 -36.48 10.50
N PHE D 457 -0.07 -35.50 9.96
CA PHE D 457 -0.44 -34.10 10.10
C PHE D 457 -1.24 -33.71 8.86
N ASP D 458 -2.55 -33.61 9.03
CA ASP D 458 -3.46 -33.42 7.92
C ASP D 458 -3.55 -31.93 7.58
N GLU D 459 -3.25 -31.59 6.33
CA GLU D 459 -3.32 -30.22 5.86
C GLU D 459 -2.49 -29.30 6.75
N ILE D 460 -1.19 -29.59 6.80
CA ILE D 460 -0.27 -28.84 7.63
C ILE D 460 -0.20 -27.37 7.20
N GLU D 461 -0.52 -27.08 5.94
CA GLU D 461 -0.40 -25.70 5.47
C GLU D 461 -1.35 -24.76 6.20
N LYS D 462 -2.40 -25.28 6.83
CA LYS D 462 -3.36 -24.44 7.53
C LYS D 462 -2.93 -24.11 8.95
N ALA D 463 -1.96 -24.81 9.50
CA ALA D 463 -1.49 -24.51 10.85
C ALA D 463 -0.73 -23.18 10.85
N HIS D 464 -0.66 -22.57 12.02
CA HIS D 464 0.07 -21.32 12.16
C HIS D 464 1.54 -21.53 11.85
N GLN D 465 2.17 -20.50 11.29
CA GLN D 465 3.58 -20.60 10.94
C GLN D 465 4.43 -20.95 12.15
N GLU D 466 3.97 -20.60 13.35
CA GLU D 466 4.71 -20.86 14.57
C GLU D 466 4.48 -22.26 15.12
N ILE D 467 3.64 -23.07 14.49
CA ILE D 467 3.38 -24.42 14.95
C ILE D 467 4.20 -25.44 14.18
N TYR D 468 4.34 -25.27 12.87
CA TYR D 468 5.23 -26.16 12.13
C TYR D 468 6.70 -25.85 12.40
N ASN D 469 6.99 -24.72 13.05
CA ASN D 469 8.36 -24.44 13.50
C ASN D 469 8.71 -25.13 14.80
N SER D 470 7.74 -25.75 15.47
CA SER D 470 7.99 -26.47 16.70
C SER D 470 8.34 -27.93 16.47
N LEU D 471 8.25 -28.42 15.23
CA LEU D 471 8.49 -29.82 14.92
C LEU D 471 9.84 -30.06 14.28
N LEU D 472 10.71 -29.04 14.21
CA LEU D 472 12.00 -29.22 13.57
C LEU D 472 12.83 -30.25 14.32
N GLN D 473 12.83 -30.19 15.66
CA GLN D 473 13.57 -31.18 16.43
C GLN D 473 12.97 -32.56 16.26
N VAL D 474 11.65 -32.65 16.04
CA VAL D 474 11.03 -33.94 15.78
C VAL D 474 11.54 -34.52 14.48
N LEU D 475 11.65 -33.69 13.44
CA LEU D 475 12.07 -34.18 12.13
C LEU D 475 13.54 -34.55 12.13
N GLU D 476 14.39 -33.72 12.73
CA GLU D 476 15.83 -33.93 12.66
C GLU D 476 16.33 -34.84 13.79
N ASP D 477 16.10 -34.43 15.03
CA ASP D 477 16.62 -35.18 16.18
C ASP D 477 15.66 -36.25 16.67
N GLY D 478 14.42 -36.26 16.21
CA GLY D 478 13.47 -37.27 16.65
C GLY D 478 13.15 -37.21 18.12
N ARG D 479 12.88 -36.01 18.63
CA ARG D 479 12.57 -35.84 20.04
C ARG D 479 11.63 -34.65 20.19
N LEU D 480 10.75 -34.73 21.19
CA LEU D 480 9.85 -33.64 21.52
C LEU D 480 9.67 -33.59 23.03
N THR D 481 9.87 -32.42 23.62
CA THR D 481 9.78 -32.26 25.07
C THR D 481 8.44 -31.64 25.42
N ASP D 482 7.66 -32.33 26.24
CA ASP D 482 6.37 -31.81 26.65
C ASP D 482 6.54 -30.79 27.77
N GLY D 483 5.43 -30.19 28.19
CA GLY D 483 5.51 -29.15 29.21
C GLY D 483 6.08 -29.63 30.51
N GLN D 484 5.97 -30.92 30.80
CA GLN D 484 6.47 -31.47 32.05
C GLN D 484 7.97 -31.78 32.01
N GLY D 485 8.63 -31.56 30.88
CA GLY D 485 10.04 -31.81 30.74
C GLY D 485 10.38 -33.20 30.25
N ARG D 486 9.42 -34.09 30.11
CA ARG D 486 9.69 -35.42 29.58
C ARG D 486 10.02 -35.33 28.10
N THR D 487 11.08 -36.03 27.69
CA THR D 487 11.49 -36.08 26.30
C THR D 487 10.94 -37.35 25.67
N VAL D 488 10.08 -37.19 24.68
CA VAL D 488 9.43 -38.29 23.98
C VAL D 488 10.14 -38.48 22.65
N ASP D 489 10.59 -39.70 22.39
CA ASP D 489 11.34 -39.97 21.17
C ASP D 489 10.39 -40.30 20.03
N PHE D 490 10.72 -39.78 18.85
CA PHE D 490 9.98 -40.04 17.62
C PHE D 490 10.80 -40.85 16.63
N LYS D 491 11.89 -41.46 17.10
CA LYS D 491 12.86 -42.09 16.21
C LYS D 491 12.31 -43.34 15.52
N ASN D 492 11.16 -43.85 15.95
CA ASN D 492 10.58 -45.04 15.36
C ASN D 492 9.27 -44.78 14.62
N THR D 493 8.79 -43.54 14.61
CA THR D 493 7.53 -43.21 13.99
C THR D 493 7.75 -42.85 12.52
N VAL D 494 6.64 -42.82 11.77
CA VAL D 494 6.62 -42.39 10.38
C VAL D 494 5.74 -41.16 10.30
N LEU D 495 6.33 -40.02 9.93
CA LEU D 495 5.63 -38.75 9.91
C LEU D 495 5.21 -38.42 8.48
N ILE D 496 3.92 -38.13 8.30
CA ILE D 496 3.37 -37.83 6.99
C ILE D 496 2.60 -36.53 7.11
N PHE D 497 3.07 -35.49 6.43
CA PHE D 497 2.35 -34.22 6.35
C PHE D 497 1.63 -34.19 5.02
N THR D 498 0.31 -34.09 5.05
CA THR D 498 -0.47 -33.98 3.83
C THR D 498 -0.82 -32.52 3.63
N SER D 499 -0.44 -31.97 2.48
CA SER D 499 -0.69 -30.57 2.16
C SER D 499 -1.40 -30.49 0.82
N ASN D 500 -2.20 -29.45 0.66
CA ASN D 500 -2.92 -29.20 -0.58
C ASN D 500 -2.44 -27.93 -1.27
N LEU D 501 -1.25 -27.45 -0.92
CA LEU D 501 -0.74 -26.22 -1.51
C LEU D 501 -0.55 -26.39 -3.01
N GLY D 502 -0.73 -25.28 -3.74
CA GLY D 502 -0.60 -25.31 -5.18
C GLY D 502 -1.66 -26.11 -5.88
N THR D 503 -2.89 -26.14 -5.33
CA THR D 503 -4.01 -26.82 -5.96
C THR D 503 -5.08 -25.87 -6.46
N SER D 504 -5.28 -24.73 -5.79
CA SER D 504 -6.23 -23.76 -6.29
C SER D 504 -5.83 -23.26 -7.67
N ASP D 505 -4.55 -23.01 -7.87
CA ASP D 505 -4.04 -22.55 -9.17
C ASP D 505 -4.69 -21.23 -9.56
N GLY D 511 -1.03 -20.06 -15.52
CA GLY D 511 -0.51 -19.54 -16.78
C GLY D 511 -1.35 -18.41 -17.33
N LEU D 512 -0.75 -17.23 -17.45
CA LEU D 512 -1.43 -16.04 -17.94
C LEU D 512 -1.15 -15.74 -19.41
N GLY D 513 0.09 -15.88 -19.87
CA GLY D 513 0.47 -15.48 -21.20
C GLY D 513 0.49 -16.64 -22.18
N PHE D 514 1.23 -16.44 -23.26
CA PHE D 514 1.39 -17.48 -24.28
C PHE D 514 2.33 -18.57 -23.77
N SER D 515 1.90 -19.81 -23.89
CA SER D 515 2.63 -20.95 -23.34
C SER D 515 2.74 -22.06 -24.37
N LYS D 516 3.83 -22.82 -24.28
CA LYS D 516 4.10 -23.88 -25.24
C LYS D 516 3.20 -25.09 -24.98
N ASN D 521 5.05 -32.12 -20.07
CA ASN D 521 3.79 -32.69 -19.64
C ASN D 521 3.06 -31.72 -18.72
N ASP D 522 1.78 -32.02 -18.46
CA ASP D 522 1.04 -31.26 -17.45
C ASP D 522 1.45 -31.65 -16.04
N TYR D 523 1.81 -32.92 -15.84
CA TYR D 523 2.23 -33.36 -14.52
C TYR D 523 3.50 -32.65 -14.07
N GLU D 524 4.45 -32.45 -14.97
CA GLU D 524 5.67 -31.76 -14.60
C GLU D 524 5.40 -30.31 -14.22
N ARG D 525 4.51 -29.63 -14.96
CA ARG D 525 4.15 -28.28 -14.59
C ARG D 525 3.47 -28.23 -13.22
N MET D 526 2.57 -29.19 -12.97
CA MET D 526 1.92 -29.24 -11.67
C MET D 526 2.94 -29.49 -10.56
N LYS D 527 3.91 -30.38 -10.80
CA LYS D 527 4.93 -30.66 -9.80
C LYS D 527 5.75 -29.42 -9.51
N GLN D 528 6.13 -28.68 -10.56
CA GLN D 528 6.90 -27.47 -10.35
C GLN D 528 6.10 -26.44 -9.55
N LYS D 529 4.82 -26.28 -9.89
CA LYS D 529 4.00 -25.32 -9.16
C LYS D 529 3.86 -25.71 -7.69
N VAL D 530 3.64 -27.00 -7.43
CA VAL D 530 3.49 -27.46 -6.05
C VAL D 530 4.78 -27.25 -5.28
N ASN D 531 5.93 -27.59 -5.88
CA ASN D 531 7.19 -27.41 -5.19
C ASN D 531 7.45 -25.94 -4.90
N ASP D 532 7.14 -25.05 -5.86
CA ASP D 532 7.32 -23.63 -5.62
C ASP D 532 6.43 -23.15 -4.48
N GLU D 533 5.18 -23.60 -4.44
CA GLU D 533 4.30 -23.20 -3.34
C GLU D 533 4.82 -23.70 -2.01
N LEU D 534 5.31 -24.95 -1.96
CA LEU D 534 5.86 -25.47 -0.72
C LEU D 534 7.06 -24.64 -0.27
N LYS D 535 7.95 -24.29 -1.19
CA LYS D 535 9.08 -23.44 -0.82
C LYS D 535 8.60 -22.09 -0.32
N LYS D 536 7.56 -21.55 -0.93
CA LYS D 536 7.06 -20.24 -0.54
C LYS D 536 6.47 -20.27 0.86
N HIS D 537 5.77 -21.35 1.22
CA HIS D 537 5.09 -21.40 2.52
C HIS D 537 6.06 -21.78 3.64
N PHE D 538 6.67 -22.95 3.53
CA PHE D 538 7.55 -23.45 4.58
C PHE D 538 8.95 -22.87 4.44
N ARG D 539 9.60 -22.66 5.58
CA ARG D 539 10.96 -22.17 5.58
C ARG D 539 11.92 -23.26 5.11
N PRO D 540 13.08 -22.87 4.59
CA PRO D 540 14.01 -23.90 4.07
C PRO D 540 14.42 -24.94 5.11
N GLU D 541 14.62 -24.53 6.36
CA GLU D 541 15.09 -25.46 7.37
C GLU D 541 14.04 -26.52 7.69
N PHE D 542 12.79 -26.32 7.29
CA PHE D 542 11.76 -27.33 7.49
C PHE D 542 11.71 -28.33 6.33
N LEU D 543 11.72 -27.84 5.09
CA LEU D 543 11.74 -28.74 3.95
C LEU D 543 13.04 -29.50 3.82
N ASN D 544 14.13 -28.98 4.39
CA ASN D 544 15.42 -29.67 4.29
C ASN D 544 15.41 -30.97 5.09
N ARG D 545 14.68 -31.00 6.20
CA ARG D 545 14.73 -32.14 7.12
C ARG D 545 13.81 -33.29 6.70
N ILE D 546 13.04 -33.13 5.63
CA ILE D 546 12.00 -34.08 5.26
C ILE D 546 12.56 -35.07 4.25
N ASP D 547 12.36 -36.35 4.53
CA ASP D 547 12.96 -37.38 3.69
C ASP D 547 12.48 -37.30 2.26
N ASP D 548 11.18 -37.09 2.06
CA ASP D 548 10.66 -37.09 0.70
C ASP D 548 9.49 -36.12 0.57
N ILE D 549 9.39 -35.50 -0.60
CA ILE D 549 8.26 -34.66 -0.97
C ILE D 549 7.67 -35.27 -2.23
N ILE D 550 6.50 -35.88 -2.11
CA ILE D 550 5.88 -36.66 -3.18
C ILE D 550 4.65 -35.91 -3.67
N VAL D 551 4.61 -35.65 -4.97
CA VAL D 551 3.47 -35.00 -5.61
C VAL D 551 2.65 -36.06 -6.32
N PHE D 552 1.35 -36.12 -5.99
CA PHE D 552 0.47 -37.16 -6.49
C PHE D 552 -0.04 -36.81 -7.87
N HIS D 553 -0.16 -37.83 -8.73
CA HIS D 553 -0.72 -37.64 -10.05
C HIS D 553 -2.23 -37.49 -9.98
N GLN D 554 -2.81 -36.98 -11.05
CA GLN D 554 -4.25 -37.00 -11.22
C GLN D 554 -4.70 -38.37 -11.68
N LEU D 555 -5.92 -38.75 -11.30
CA LEU D 555 -6.44 -40.06 -11.61
C LEU D 555 -6.85 -40.14 -13.06
N THR D 556 -6.48 -41.23 -13.73
CA THR D 556 -6.85 -41.44 -15.12
C THR D 556 -8.16 -42.22 -15.22
N ARG D 557 -8.66 -42.36 -16.44
CA ARG D 557 -9.93 -43.05 -16.64
C ARG D 557 -9.85 -44.50 -16.19
N GLU D 558 -8.73 -45.16 -16.48
CA GLU D 558 -8.58 -46.56 -16.07
C GLU D 558 -8.60 -46.70 -14.56
N GLU D 559 -7.93 -45.78 -13.86
CA GLU D 559 -7.94 -45.83 -12.40
C GLU D 559 -9.33 -45.60 -11.85
N ILE D 560 -10.10 -44.70 -12.47
CA ILE D 560 -11.47 -44.47 -12.04
C ILE D 560 -12.30 -45.73 -12.25
N ILE D 561 -12.11 -46.40 -13.39
CA ILE D 561 -12.83 -47.63 -13.65
C ILE D 561 -12.50 -48.67 -12.58
N ARG D 562 -11.22 -48.76 -12.20
CA ARG D 562 -10.83 -49.71 -11.17
C ARG D 562 -11.44 -49.35 -9.81
N MET D 563 -11.49 -48.06 -9.49
CA MET D 563 -11.97 -47.61 -8.19
C MET D 563 -13.48 -47.72 -8.07
N VAL D 564 -14.19 -47.76 -9.19
CA VAL D 564 -15.62 -48.05 -9.13
C VAL D 564 -15.84 -49.38 -8.43
N ASP D 565 -14.97 -50.36 -8.68
CA ASP D 565 -15.11 -51.65 -8.01
C ASP D 565 -14.95 -51.51 -6.50
N LEU D 566 -13.98 -50.72 -6.05
CA LEU D 566 -13.81 -50.52 -4.61
C LEU D 566 -15.05 -49.91 -3.98
N MET D 567 -15.57 -48.84 -4.59
CA MET D 567 -16.73 -48.19 -4.00
C MET D 567 -17.95 -49.11 -4.01
N ILE D 568 -18.15 -49.85 -5.10
CA ILE D 568 -19.27 -50.77 -5.15
C ILE D 568 -19.11 -51.88 -4.14
N SER D 569 -17.87 -52.33 -3.88
CA SER D 569 -17.66 -53.32 -2.83
C SER D 569 -18.00 -52.75 -1.46
N ARG D 570 -17.65 -51.48 -1.24
CA ARG D 570 -18.04 -50.83 0.00
C ARG D 570 -19.55 -50.87 0.19
N VAL D 571 -20.30 -50.57 -0.87
CA VAL D 571 -21.76 -50.61 -0.77
C VAL D 571 -22.25 -52.05 -0.59
N ALA D 572 -21.64 -52.99 -1.30
CA ALA D 572 -22.09 -54.38 -1.26
C ALA D 572 -21.87 -54.99 0.11
N GLY D 573 -20.84 -54.56 0.83
CA GLY D 573 -20.67 -55.05 2.20
C GLY D 573 -21.85 -54.69 3.07
N GLN D 574 -22.28 -53.43 3.01
CA GLN D 574 -23.45 -53.00 3.77
C GLN D 574 -24.68 -53.78 3.34
N LEU D 575 -24.87 -53.96 2.03
CA LEU D 575 -26.03 -54.72 1.58
C LEU D 575 -25.99 -56.16 2.07
N LYS D 576 -24.82 -56.79 2.02
CA LYS D 576 -24.68 -58.17 2.47
C LYS D 576 -24.91 -58.29 3.97
N SER D 577 -24.64 -57.22 4.72
CA SER D 577 -25.03 -57.23 6.13
C SER D 577 -26.53 -57.41 6.29
N LYS D 578 -27.32 -57.10 5.26
CA LYS D 578 -28.76 -57.30 5.27
C LYS D 578 -29.18 -58.58 4.55
N ASP D 579 -28.23 -59.45 4.21
CA ASP D 579 -28.52 -60.69 3.51
C ASP D 579 -28.95 -60.42 2.06
N MET D 580 -28.33 -59.42 1.45
CA MET D 580 -28.57 -59.09 0.05
C MET D 580 -27.24 -59.01 -0.68
N ALA D 581 -27.21 -59.55 -1.89
CA ALA D 581 -26.00 -59.57 -2.70
C ALA D 581 -26.18 -58.62 -3.88
N LEU D 582 -25.25 -57.68 -4.02
CA LEU D 582 -25.31 -56.68 -5.08
C LEU D 582 -24.37 -57.06 -6.20
N VAL D 583 -24.90 -57.11 -7.42
CA VAL D 583 -24.11 -57.42 -8.61
C VAL D 583 -24.34 -56.31 -9.63
N LEU D 584 -23.27 -55.79 -10.20
CA LEU D 584 -23.32 -54.75 -11.21
C LEU D 584 -22.81 -55.31 -12.53
N THR D 585 -23.62 -55.19 -13.58
CA THR D 585 -23.18 -55.59 -14.90
C THR D 585 -22.08 -54.64 -15.39
N ASP D 586 -21.22 -55.16 -16.25
CA ASP D 586 -20.11 -54.34 -16.74
C ASP D 586 -20.60 -53.06 -17.38
N ALA D 587 -21.80 -53.07 -17.98
CA ALA D 587 -22.36 -51.85 -18.52
C ALA D 587 -22.62 -50.82 -17.43
N ALA D 588 -23.13 -51.27 -16.28
CA ALA D 588 -23.36 -50.35 -15.17
C ALA D 588 -22.05 -49.74 -14.69
N LYS D 589 -21.00 -50.56 -14.57
CA LYS D 589 -19.71 -50.03 -14.14
C LYS D 589 -19.17 -49.03 -15.14
N ALA D 590 -19.29 -49.33 -16.44
CA ALA D 590 -18.80 -48.40 -17.44
C ALA D 590 -19.56 -47.08 -17.38
N LEU D 591 -20.88 -47.13 -17.22
CA LEU D 591 -21.65 -45.91 -17.13
C LEU D 591 -21.30 -45.12 -15.88
N LEU D 592 -21.12 -45.80 -14.75
CA LEU D 592 -20.73 -45.11 -13.52
C LEU D 592 -19.38 -44.42 -13.69
N ALA D 593 -18.42 -45.11 -14.30
CA ALA D 593 -17.12 -44.50 -14.55
C ALA D 593 -17.25 -43.30 -15.48
N LYS D 594 -18.09 -43.41 -16.51
CA LYS D 594 -18.26 -42.31 -17.45
C LYS D 594 -18.86 -41.10 -16.78
N ARG D 595 -19.87 -41.30 -15.93
CA ARG D 595 -20.57 -40.17 -15.33
C ARG D 595 -19.75 -39.54 -14.20
N GLY D 596 -18.92 -40.31 -13.50
CA GLY D 596 -18.24 -39.81 -12.34
C GLY D 596 -16.78 -39.47 -12.57
N PHE D 597 -16.36 -39.29 -13.81
CA PHE D 597 -14.98 -39.01 -14.14
C PHE D 597 -14.82 -37.52 -14.40
N ASP D 598 -14.17 -36.82 -13.48
CA ASP D 598 -13.75 -35.44 -13.72
C ASP D 598 -12.32 -35.30 -13.23
N PRO D 599 -11.33 -35.20 -14.13
CA PRO D 599 -9.94 -35.26 -13.69
C PRO D 599 -9.57 -34.20 -12.68
N VAL D 600 -10.17 -33.01 -12.77
CA VAL D 600 -9.77 -31.92 -11.89
C VAL D 600 -10.17 -32.20 -10.45
N LEU D 601 -11.38 -32.73 -10.24
CA LEU D 601 -11.94 -32.88 -8.91
C LEU D 601 -11.56 -34.18 -8.23
N GLY D 602 -10.77 -35.04 -8.87
CA GLY D 602 -10.33 -36.25 -8.21
C GLY D 602 -11.42 -37.32 -8.18
N ALA D 603 -11.39 -38.12 -7.11
CA ALA D 603 -12.25 -39.29 -7.00
C ALA D 603 -13.53 -39.03 -6.22
N ARG D 604 -13.70 -37.85 -5.63
CA ARG D 604 -14.94 -37.56 -4.91
C ARG D 604 -16.15 -37.51 -5.83
N PRO D 605 -16.09 -36.91 -7.02
CA PRO D 605 -17.27 -36.94 -7.90
C PRO D 605 -17.77 -38.34 -8.19
N LEU D 606 -16.87 -39.31 -8.32
CA LEU D 606 -17.31 -40.69 -8.51
C LEU D 606 -18.08 -41.18 -7.30
N ARG D 607 -17.62 -40.84 -6.10
CA ARG D 607 -18.34 -41.23 -4.89
C ARG D 607 -19.73 -40.61 -4.87
N ARG D 608 -19.84 -39.32 -5.21
CA ARG D 608 -21.15 -38.68 -5.24
C ARG D 608 -22.05 -39.32 -6.27
N THR D 609 -21.50 -39.67 -7.44
CA THR D 609 -22.32 -40.30 -8.47
C THR D 609 -22.82 -41.67 -8.02
N ILE D 610 -21.95 -42.47 -7.41
CA ILE D 610 -22.39 -43.77 -6.92
C ILE D 610 -23.44 -43.60 -5.83
N GLN D 611 -23.28 -42.57 -5.00
CA GLN D 611 -24.24 -42.30 -3.94
C GLN D 611 -25.61 -41.93 -4.51
N ARG D 612 -25.63 -41.09 -5.55
CA ARG D 612 -26.89 -40.61 -6.08
C ARG D 612 -27.58 -41.65 -6.96
N GLU D 613 -26.80 -42.44 -7.70
CA GLU D 613 -27.37 -43.36 -8.67
C GLU D 613 -27.69 -44.74 -8.09
N ILE D 614 -26.97 -45.16 -7.06
CA ILE D 614 -27.11 -46.50 -6.48
C ILE D 614 -27.68 -46.44 -5.07
N GLU D 615 -26.99 -45.76 -4.16
CA GLU D 615 -27.38 -45.79 -2.75
C GLU D 615 -28.78 -45.24 -2.56
N ASP D 616 -29.10 -44.11 -3.19
CA ASP D 616 -30.43 -43.52 -3.02
C ASP D 616 -31.50 -44.44 -3.59
N GLN D 617 -31.29 -44.95 -4.79
CA GLN D 617 -32.27 -45.85 -5.40
C GLN D 617 -32.42 -47.13 -4.58
N LEU D 618 -31.30 -47.68 -4.11
CA LEU D 618 -31.37 -48.89 -3.30
C LEU D 618 -32.12 -48.65 -2.00
N SER D 619 -31.91 -47.49 -1.37
CA SER D 619 -32.64 -47.18 -0.15
C SER D 619 -34.13 -47.03 -0.41
N GLU D 620 -34.49 -46.35 -1.50
CA GLU D 620 -35.90 -46.27 -1.87
C GLU D 620 -36.48 -47.66 -2.06
N LYS D 621 -35.76 -48.54 -2.75
CA LYS D 621 -36.26 -49.88 -3.00
C LYS D 621 -36.43 -50.66 -1.70
N ILE D 622 -35.45 -50.57 -0.81
CA ILE D 622 -35.49 -51.34 0.43
C ILE D 622 -36.63 -50.88 1.31
N LEU D 623 -36.75 -49.57 1.53
CA LEU D 623 -37.82 -49.07 2.40
C LEU D 623 -39.20 -49.35 1.81
N PHE D 624 -39.30 -49.49 0.50
CA PHE D 624 -40.57 -49.79 -0.16
C PHE D 624 -40.83 -51.28 -0.26
N GLU D 625 -39.94 -52.12 0.27
CA GLU D 625 -40.05 -53.57 0.25
C GLU D 625 -39.93 -54.16 -1.14
N GLU D 626 -39.49 -53.37 -2.13
CA GLU D 626 -39.36 -53.91 -3.48
C GLU D 626 -38.33 -55.04 -3.51
N VAL D 627 -37.22 -54.87 -2.82
CA VAL D 627 -36.18 -55.89 -2.71
C VAL D 627 -35.89 -56.10 -1.23
N GLY D 628 -35.93 -57.36 -0.80
CA GLY D 628 -35.74 -57.69 0.59
C GLY D 628 -34.62 -58.69 0.81
N PRO D 629 -34.41 -59.09 2.05
CA PRO D 629 -33.32 -60.03 2.34
C PRO D 629 -33.46 -61.31 1.54
N GLY D 630 -32.32 -61.85 1.11
CA GLY D 630 -32.28 -63.06 0.32
C GLY D 630 -32.33 -62.84 -1.18
N GLN D 631 -32.59 -61.62 -1.63
CA GLN D 631 -32.64 -61.33 -3.06
C GLN D 631 -31.26 -60.94 -3.56
N VAL D 632 -30.95 -61.36 -4.78
CA VAL D 632 -29.70 -61.00 -5.45
C VAL D 632 -30.01 -59.79 -6.33
N VAL D 633 -29.76 -58.61 -5.79
CA VAL D 633 -30.02 -57.38 -6.55
C VAL D 633 -28.99 -57.27 -7.66
N THR D 634 -29.48 -57.00 -8.88
CA THR D 634 -28.64 -56.82 -10.05
C THR D 634 -28.95 -55.47 -10.67
N VAL D 635 -27.90 -54.73 -11.01
CA VAL D 635 -28.02 -53.39 -11.58
C VAL D 635 -27.59 -53.45 -13.03
N ASP D 636 -28.44 -52.93 -13.92
CA ASP D 636 -28.17 -52.92 -15.35
C ASP D 636 -28.48 -51.55 -15.92
N VAL D 637 -28.03 -51.32 -17.15
CA VAL D 637 -28.33 -50.10 -17.89
C VAL D 637 -29.15 -50.48 -19.11
N ASP D 638 -30.24 -49.77 -19.34
CA ASP D 638 -31.24 -50.14 -20.34
C ASP D 638 -31.15 -49.30 -21.62
N ASN D 639 -31.12 -47.97 -21.49
CA ASN D 639 -31.21 -47.08 -22.63
C ASN D 639 -29.84 -46.61 -23.11
N TRP D 640 -28.82 -47.45 -22.98
CA TRP D 640 -27.45 -47.08 -23.30
C TRP D 640 -26.82 -48.16 -24.16
N ASP D 641 -25.80 -47.76 -24.91
CA ASP D 641 -25.11 -48.67 -25.82
C ASP D 641 -23.60 -48.72 -25.58
N GLY D 642 -22.98 -47.59 -25.26
CA GLY D 642 -21.55 -47.55 -25.03
C GLY D 642 -20.95 -46.20 -25.36
N PRO D 645 -21.47 -41.54 -24.26
CA PRO D 645 -22.09 -40.53 -23.40
C PRO D 645 -23.59 -40.74 -23.24
N GLY D 646 -23.97 -41.54 -22.25
CA GLY D 646 -25.36 -41.87 -22.05
C GLY D 646 -26.08 -40.95 -21.09
N GLU D 647 -26.30 -39.70 -21.50
CA GLU D 647 -27.06 -38.78 -20.66
C GLU D 647 -28.47 -39.29 -20.43
N ASP D 648 -29.00 -40.09 -21.35
CA ASP D 648 -30.34 -40.66 -21.21
C ASP D 648 -30.32 -42.05 -20.58
N ALA D 649 -29.15 -42.58 -20.24
CA ALA D 649 -29.08 -43.91 -19.67
C ALA D 649 -29.77 -43.94 -18.30
N VAL D 650 -30.40 -45.07 -18.00
CA VAL D 650 -31.13 -45.24 -16.75
C VAL D 650 -30.74 -46.57 -16.14
N PHE D 651 -30.59 -46.60 -14.82
CA PHE D 651 -30.24 -47.82 -14.10
C PHE D 651 -31.50 -48.58 -13.70
N THR D 652 -31.44 -49.90 -13.83
CA THR D 652 -32.55 -50.77 -13.47
C THR D 652 -32.06 -51.78 -12.43
N PHE D 653 -32.78 -51.86 -11.31
CA PHE D 653 -32.47 -52.77 -10.22
C PHE D 653 -33.49 -53.89 -10.21
N THR D 654 -33.03 -55.12 -10.36
CA THR D 654 -33.90 -56.29 -10.41
C THR D 654 -33.45 -57.31 -9.37
N GLY D 655 -34.39 -57.83 -8.60
CA GLY D 655 -34.09 -58.75 -7.52
C GLY D 655 -34.61 -60.14 -7.81
N THR D 656 -33.81 -61.15 -7.50
CA THR D 656 -34.17 -62.54 -7.65
C THR D 656 -33.68 -63.34 -6.46
N ARG D 657 -34.38 -64.42 -6.14
CA ARG D 657 -34.02 -65.25 -5.01
C ARG D 657 -32.81 -66.10 -5.32
N VAL E 3 20.12 -34.59 87.14
CA VAL E 3 18.96 -34.77 86.27
C VAL E 3 19.15 -34.02 84.96
N LEU E 4 19.81 -32.88 85.03
CA LEU E 4 19.99 -32.07 83.82
C LEU E 4 20.79 -32.84 82.77
N ASP E 5 21.85 -33.52 83.19
CA ASP E 5 22.65 -34.29 82.25
C ASP E 5 21.88 -35.46 81.66
N GLN E 6 20.78 -35.87 82.27
CA GLN E 6 19.97 -36.93 81.69
C GLN E 6 19.20 -36.45 80.46
N PHE E 7 18.63 -35.25 80.54
CA PHE E 7 17.87 -34.68 79.43
C PHE E 7 18.67 -33.65 78.65
N GLY E 8 19.96 -33.51 78.95
CA GLY E 8 20.82 -32.57 78.24
C GLY E 8 22.26 -32.96 78.43
N ARG E 9 23.15 -32.15 77.88
CA ARG E 9 24.58 -32.42 77.96
C ARG E 9 25.33 -31.18 78.43
N ASN E 10 26.34 -31.40 79.26
CA ASN E 10 27.13 -30.30 79.83
C ASN E 10 28.20 -29.87 78.83
N LEU E 11 28.04 -28.66 78.28
CA LEU E 11 29.05 -28.15 77.36
C LEU E 11 30.28 -27.64 78.10
N THR E 12 30.09 -27.06 79.30
CA THR E 12 31.24 -26.59 80.06
C THR E 12 32.14 -27.75 80.48
N ALA E 13 31.55 -28.86 80.91
CA ALA E 13 32.35 -30.02 81.28
C ALA E 13 33.10 -30.57 80.08
N ALA E 14 32.44 -30.64 78.93
CA ALA E 14 33.11 -31.12 77.73
C ALA E 14 34.26 -30.20 77.34
N ALA E 15 34.06 -28.88 77.43
CA ALA E 15 35.14 -27.95 77.14
C ALA E 15 36.30 -28.14 78.10
N MET E 16 36.01 -28.37 79.38
CA MET E 16 37.07 -28.62 80.35
C MET E 16 37.82 -29.89 80.01
N GLU E 17 37.11 -30.93 79.59
CA GLU E 17 37.75 -32.19 79.22
C GLU E 17 38.42 -32.14 77.86
N GLY E 18 38.18 -31.09 77.06
CA GLY E 18 38.82 -30.95 75.77
C GLY E 18 38.10 -31.61 74.63
N LYS E 19 36.80 -31.93 74.79
CA LYS E 19 36.04 -32.58 73.73
C LYS E 19 35.52 -31.60 72.68
N LEU E 20 35.67 -30.30 72.90
CA LEU E 20 35.18 -29.29 71.97
C LEU E 20 36.35 -28.74 71.16
N ASP E 21 36.18 -28.63 69.86
CA ASP E 21 37.25 -28.15 69.01
C ASP E 21 37.45 -26.64 69.17
N PRO E 22 38.62 -26.12 68.82
CA PRO E 22 38.87 -24.68 68.99
C PRO E 22 37.94 -23.84 68.13
N VAL E 23 37.65 -22.64 68.62
CA VAL E 23 36.88 -21.65 67.89
C VAL E 23 37.79 -20.44 67.66
N ILE E 24 37.97 -20.07 66.40
CA ILE E 24 38.95 -19.06 66.00
C ILE E 24 38.22 -17.88 65.39
N GLY E 25 38.49 -16.69 65.90
CA GLY E 25 37.97 -15.47 65.31
C GLY E 25 36.56 -15.11 65.68
N ARG E 26 35.93 -15.83 66.62
CA ARG E 26 34.57 -15.56 67.04
C ARG E 26 34.53 -14.83 68.39
N GLU E 27 35.57 -14.07 68.71
CA GLU E 27 35.53 -13.30 69.96
C GLU E 27 34.43 -12.25 69.92
N LYS E 28 34.23 -11.63 68.76
CA LYS E 28 33.21 -10.59 68.64
C LYS E 28 31.82 -11.15 68.91
N GLU E 29 31.50 -12.30 68.31
CA GLU E 29 30.17 -12.88 68.50
C GLU E 29 29.97 -13.35 69.94
N ILE E 30 31.01 -13.92 70.55
CA ILE E 30 30.89 -14.35 71.94
C ILE E 30 30.67 -13.15 72.85
N GLU E 31 31.39 -12.06 72.59
CA GLU E 31 31.18 -10.84 73.36
C GLU E 31 29.75 -10.34 73.18
N ARG E 32 29.24 -10.38 71.96
CA ARG E 32 27.87 -9.94 71.70
C ARG E 32 26.88 -10.79 72.48
N VAL E 33 27.08 -12.11 72.49
CA VAL E 33 26.18 -13.00 73.22
C VAL E 33 26.22 -12.68 74.71
N MET E 34 27.43 -12.50 75.25
CA MET E 34 27.56 -12.20 76.67
C MET E 34 26.90 -10.87 77.02
N GLN E 35 27.07 -9.86 76.17
CA GLN E 35 26.43 -8.58 76.41
C GLN E 35 24.92 -8.72 76.41
N VAL E 36 24.38 -9.41 75.40
CA VAL E 36 22.93 -9.58 75.33
C VAL E 36 22.43 -10.33 76.54
N LEU E 37 23.24 -11.21 77.10
CA LEU E 37 22.81 -11.96 78.28
C LEU E 37 22.61 -11.07 79.50
N SER E 38 23.11 -9.84 79.49
CA SER E 38 23.05 -8.96 80.65
C SER E 38 22.11 -7.78 80.44
N ARG E 39 21.24 -7.85 79.45
CA ARG E 39 20.35 -6.74 79.14
C ARG E 39 19.13 -6.74 80.07
N ARG E 40 18.48 -5.58 80.16
CA ARG E 40 17.24 -5.48 80.92
C ARG E 40 16.08 -6.10 80.15
N THR E 41 16.02 -5.85 78.84
CA THR E 41 14.98 -6.40 77.97
C THR E 41 15.64 -7.10 76.79
N LYS E 42 14.91 -8.04 76.20
CA LYS E 42 15.46 -8.89 75.15
C LYS E 42 16.71 -9.59 75.66
N ASN E 43 16.60 -10.13 76.87
CA ASN E 43 17.75 -10.71 77.55
C ASN E 43 18.30 -11.92 76.79
N ASN E 44 17.42 -12.77 76.27
CA ASN E 44 17.85 -14.02 75.68
C ASN E 44 18.35 -13.82 74.26
N PRO E 45 19.61 -14.13 73.95
CA PRO E 45 20.06 -14.05 72.56
C PRO E 45 19.66 -15.28 71.76
N VAL E 46 19.60 -15.09 70.44
CA VAL E 46 19.28 -16.17 69.51
C VAL E 46 20.23 -16.02 68.32
N LEU E 47 21.16 -16.96 68.17
CA LEU E 47 22.14 -16.90 67.10
C LEU E 47 21.49 -17.35 65.80
N ILE E 48 21.37 -16.44 64.84
CA ILE E 48 20.76 -16.73 63.56
C ILE E 48 21.78 -16.51 62.45
N GLY E 49 21.82 -17.43 61.51
CA GLY E 49 22.73 -17.31 60.38
C GLY E 49 22.51 -18.45 59.42
N GLU E 50 23.21 -18.38 58.29
CA GLU E 50 23.10 -19.43 57.29
C GLU E 50 23.61 -20.74 57.86
N PRO E 51 23.12 -21.87 57.37
CA PRO E 51 23.58 -23.16 57.91
C PRO E 51 25.06 -23.36 57.68
N GLY E 52 25.73 -23.91 58.70
CA GLY E 52 27.13 -24.25 58.59
C GLY E 52 28.09 -23.12 58.85
N VAL E 53 27.62 -21.94 59.25
CA VAL E 53 28.50 -20.80 59.44
C VAL E 53 29.16 -20.76 60.82
N GLY E 54 28.70 -21.57 61.77
CA GLY E 54 29.32 -21.62 63.07
C GLY E 54 28.41 -21.20 64.21
N LYS E 55 27.11 -21.45 64.09
CA LYS E 55 26.19 -21.09 65.16
C LYS E 55 26.50 -21.86 66.44
N THR E 56 26.58 -23.19 66.34
CA THR E 56 26.94 -23.98 67.51
C THR E 56 28.39 -23.75 67.91
N ALA E 57 29.23 -23.40 66.94
CA ALA E 57 30.63 -23.10 67.26
C ALA E 57 30.74 -21.90 68.17
N VAL E 58 29.86 -20.92 68.03
CA VAL E 58 29.91 -19.74 68.90
C VAL E 58 29.62 -20.15 70.34
N VAL E 59 28.63 -21.01 70.55
CA VAL E 59 28.33 -21.47 71.90
C VAL E 59 29.46 -22.33 72.45
N GLU E 60 30.07 -23.14 71.59
CA GLU E 60 31.22 -23.92 72.04
C GLU E 60 32.35 -23.01 72.47
N GLY E 61 32.62 -21.95 71.71
CA GLY E 61 33.65 -21.01 72.10
C GLY E 61 33.31 -20.28 73.39
N LEU E 62 32.03 -19.96 73.58
CA LEU E 62 31.60 -19.37 74.84
C LEU E 62 31.87 -20.31 76.01
N ALA E 63 31.57 -21.59 75.83
CA ALA E 63 31.82 -22.57 76.89
C ALA E 63 33.31 -22.68 77.18
N GLN E 64 34.14 -22.69 76.13
CA GLN E 64 35.58 -22.76 76.34
C GLN E 64 36.08 -21.52 77.06
N ALA E 65 35.56 -20.35 76.71
CA ALA E 65 35.95 -19.13 77.42
C ALA E 65 35.54 -19.20 78.89
N ILE E 66 34.35 -19.71 79.17
CA ILE E 66 33.91 -19.86 80.55
C ILE E 66 34.87 -20.78 81.30
N VAL E 67 35.23 -21.90 80.69
CA VAL E 67 36.11 -22.85 81.34
C VAL E 67 37.47 -22.22 81.63
N HIS E 68 38.04 -21.54 80.63
CA HIS E 68 39.37 -20.97 80.81
C HIS E 68 39.38 -19.93 81.92
N GLY E 69 38.35 -19.10 81.98
CA GLY E 69 38.24 -18.07 83.00
C GLY E 69 38.25 -16.65 82.49
N GLU E 70 38.37 -16.42 81.18
CA GLU E 70 38.36 -15.06 80.63
C GLU E 70 36.91 -14.63 80.38
N VAL E 71 36.18 -14.49 81.48
CA VAL E 71 34.75 -14.18 81.43
C VAL E 71 34.41 -13.21 82.54
N PRO E 72 33.41 -12.36 82.31
CA PRO E 72 32.93 -11.49 83.38
C PRO E 72 32.41 -12.29 84.57
N GLU E 73 32.36 -11.63 85.73
CA GLU E 73 31.95 -12.32 86.95
C GLU E 73 30.56 -12.94 86.82
N THR E 74 29.72 -12.38 85.95
CA THR E 74 28.36 -12.91 85.81
C THR E 74 28.38 -14.37 85.38
N LEU E 75 29.25 -14.73 84.46
CA LEU E 75 29.39 -16.09 83.95
C LEU E 75 30.67 -16.73 84.44
N LYS E 76 31.04 -16.46 85.70
CA LYS E 76 32.35 -16.90 86.19
C LYS E 76 32.50 -18.41 86.11
N ASP E 77 31.52 -19.16 86.60
CA ASP E 77 31.61 -20.61 86.64
C ASP E 77 30.29 -21.27 86.29
N LYS E 78 29.46 -20.60 85.49
CA LYS E 78 28.15 -21.14 85.15
C LYS E 78 28.29 -22.29 84.17
N GLN E 79 27.65 -23.42 84.47
CA GLN E 79 27.66 -24.57 83.60
C GLN E 79 26.70 -24.34 82.43
N LEU E 80 27.17 -24.58 81.22
CA LEU E 80 26.39 -24.37 80.01
C LEU E 80 25.82 -25.70 79.56
N TYR E 81 24.52 -25.90 79.78
CA TYR E 81 23.86 -27.17 79.50
C TYR E 81 23.02 -27.03 78.24
N THR E 82 23.23 -27.93 77.29
CA THR E 82 22.49 -27.96 76.03
C THR E 82 21.31 -28.92 76.20
N LEU E 83 20.11 -28.43 75.92
CA LEU E 83 18.90 -29.23 76.07
C LEU E 83 18.73 -30.20 74.91
N ASP E 84 18.08 -31.33 75.22
CA ASP E 84 17.77 -32.36 74.22
C ASP E 84 16.30 -32.74 74.38
N LEU E 85 15.50 -32.42 73.36
CA LEU E 85 14.08 -32.72 73.43
C LEU E 85 13.79 -34.20 73.21
N GLY E 86 14.66 -34.90 72.48
CA GLY E 86 14.44 -36.31 72.25
C GLY E 86 14.43 -37.11 73.55
N SER E 87 15.35 -36.79 74.47
CA SER E 87 15.39 -37.49 75.73
C SER E 87 14.15 -37.18 76.58
N LEU E 88 13.66 -35.94 76.51
CA LEU E 88 12.45 -35.59 77.26
C LEU E 88 11.24 -36.35 76.73
N VAL E 89 11.04 -36.32 75.41
CA VAL E 89 9.87 -36.95 74.83
C VAL E 89 9.94 -38.47 74.95
N ALA E 90 11.10 -39.04 74.69
CA ALA E 90 11.24 -40.49 74.71
C ALA E 90 10.83 -41.04 76.07
N GLY E 91 10.01 -42.10 76.05
CA GLY E 91 9.56 -42.72 77.27
C GLY E 91 8.45 -42.01 77.98
N SER E 92 7.89 -40.95 77.39
CA SER E 92 6.81 -40.19 78.02
C SER E 92 5.45 -40.73 77.60
N ARG E 93 5.24 -42.03 77.81
CA ARG E 93 3.99 -42.65 77.39
C ARG E 93 2.80 -42.06 78.14
N TYR E 94 2.96 -41.82 79.44
CA TYR E 94 1.86 -41.34 80.26
C TYR E 94 1.60 -39.86 80.03
N ARG E 95 0.41 -39.42 80.45
CA ARG E 95 -0.06 -38.10 80.06
C ARG E 95 0.84 -36.99 80.59
N GLY E 96 1.24 -37.07 81.87
CA GLY E 96 2.01 -36.03 82.49
C GLY E 96 3.51 -36.21 82.46
N ASP E 97 4.01 -37.21 81.73
CA ASP E 97 5.44 -37.49 81.76
C ASP E 97 6.26 -36.35 81.17
N PHE E 98 5.88 -35.87 79.99
CA PHE E 98 6.67 -34.83 79.33
C PHE E 98 6.63 -33.53 80.12
N GLU E 99 5.44 -33.09 80.51
CA GLU E 99 5.33 -31.87 81.29
C GLU E 99 6.06 -32.01 82.61
N GLU E 100 5.92 -33.15 83.28
CA GLU E 100 6.62 -33.37 84.54
C GLU E 100 8.12 -33.28 84.37
N ARG E 101 8.65 -33.92 83.33
CA ARG E 101 10.09 -33.89 83.09
C ARG E 101 10.58 -32.48 82.82
N LEU E 102 9.87 -31.75 81.97
CA LEU E 102 10.32 -30.40 81.65
C LEU E 102 10.24 -29.50 82.87
N LYS E 103 9.17 -29.61 83.66
CA LYS E 103 9.08 -28.80 84.87
C LYS E 103 10.18 -29.15 85.85
N LYS E 104 10.50 -30.44 85.99
CA LYS E 104 11.59 -30.84 86.88
C LYS E 104 12.91 -30.25 86.41
N VAL E 105 13.16 -30.27 85.10
CA VAL E 105 14.39 -29.71 84.57
C VAL E 105 14.46 -28.21 84.88
N LEU E 106 13.36 -27.50 84.62
CA LEU E 106 13.36 -26.06 84.87
C LEU E 106 13.57 -25.76 86.36
N LYS E 107 12.93 -26.53 87.23
CA LYS E 107 13.11 -26.32 88.66
C LYS E 107 14.55 -26.58 89.07
N GLU E 108 15.17 -27.63 88.52
CA GLU E 108 16.57 -27.89 88.83
C GLU E 108 17.45 -26.73 88.38
N ILE E 109 17.19 -26.21 87.18
CA ILE E 109 17.96 -25.07 86.68
C ILE E 109 17.83 -23.89 87.64
N ASN E 110 16.59 -23.59 88.04
CA ASN E 110 16.35 -22.43 88.90
C ASN E 110 17.01 -22.62 90.26
N THR E 111 16.90 -23.81 90.86
CA THR E 111 17.48 -24.03 92.17
C THR E 111 19.00 -23.95 92.12
N ARG E 112 19.62 -24.56 91.12
CA ARG E 112 21.07 -24.51 91.02
C ARG E 112 21.56 -23.08 90.85
N GLY E 113 20.91 -22.32 89.98
CA GLY E 113 21.23 -20.92 89.81
C GLY E 113 22.53 -20.63 89.11
N ASP E 114 23.26 -21.66 88.66
CA ASP E 114 24.54 -21.47 87.98
C ASP E 114 24.55 -22.20 86.64
N ILE E 115 23.39 -22.35 86.02
CA ILE E 115 23.24 -23.11 84.78
C ILE E 115 22.65 -22.19 83.72
N ILE E 116 23.30 -22.14 82.57
CA ILE E 116 22.81 -21.42 81.40
C ILE E 116 22.34 -22.45 80.38
N LEU E 117 21.11 -22.29 79.90
CA LEU E 117 20.47 -23.28 79.05
C LEU E 117 20.61 -22.89 77.58
N PHE E 118 21.11 -23.81 76.77
CA PHE E 118 21.25 -23.62 75.34
C PHE E 118 20.22 -24.51 74.65
N ILE E 119 19.28 -23.88 73.96
CA ILE E 119 18.22 -24.59 73.24
C ILE E 119 18.58 -24.48 71.76
N ASP E 120 19.30 -25.48 71.25
CA ASP E 120 19.66 -25.48 69.84
C ASP E 120 18.44 -25.75 68.99
N GLU E 121 18.36 -25.07 67.85
CA GLU E 121 17.22 -25.19 66.94
C GLU E 121 15.90 -24.91 67.68
N LEU E 122 15.77 -23.64 68.10
CA LEU E 122 14.57 -23.21 68.80
C LEU E 122 13.30 -23.56 68.05
N HIS E 123 13.34 -23.51 66.71
CA HIS E 123 12.13 -23.72 65.94
C HIS E 123 11.52 -25.10 66.18
N THR E 124 12.29 -26.04 66.73
CA THR E 124 11.77 -27.35 67.05
C THR E 124 10.96 -27.38 68.34
N LEU E 125 10.96 -26.30 69.12
CA LEU E 125 10.14 -26.27 70.33
C LEU E 125 8.67 -26.37 70.01
N VAL E 126 8.21 -25.65 68.99
CA VAL E 126 6.80 -25.63 68.63
C VAL E 126 6.37 -27.00 68.12
N ASP E 136 3.73 -29.02 73.70
CA ASP E 136 3.44 -27.89 74.56
C ASP E 136 4.71 -27.28 75.14
N ALA E 137 5.87 -27.67 74.59
CA ALA E 137 7.13 -27.16 75.12
C ALA E 137 7.20 -25.65 74.99
N ALA E 138 6.80 -25.11 73.84
CA ALA E 138 6.82 -23.66 73.67
C ALA E 138 5.90 -22.98 74.68
N SER E 139 4.72 -23.55 74.91
CA SER E 139 3.82 -22.98 75.91
C SER E 139 4.43 -23.05 77.30
N ILE E 140 5.08 -24.17 77.63
CA ILE E 140 5.67 -24.31 78.96
C ILE E 140 6.77 -23.29 79.19
N LEU E 141 7.63 -23.09 78.19
CA LEU E 141 8.75 -22.17 78.34
C LEU E 141 8.38 -20.72 78.03
N LYS E 142 7.16 -20.46 77.56
CA LYS E 142 6.78 -19.09 77.25
C LYS E 142 6.79 -18.19 78.48
N PRO E 143 6.14 -18.52 79.60
CA PRO E 143 6.12 -17.58 80.72
C PRO E 143 7.43 -17.48 81.46
N LYS E 144 8.14 -18.60 81.62
CA LYS E 144 9.37 -18.62 82.39
C LYS E 144 10.38 -17.60 81.85
N LEU E 150 14.63 -16.70 83.24
CA LEU E 150 15.23 -17.90 82.71
C LEU E 150 16.18 -17.58 81.57
N GLN E 151 17.45 -17.37 81.90
CA GLN E 151 18.46 -17.10 80.89
C GLN E 151 18.57 -18.28 79.93
N THR E 152 18.59 -17.98 78.63
CA THR E 152 18.69 -19.03 77.63
C THR E 152 19.38 -18.47 76.39
N ILE E 153 19.96 -19.37 75.61
CA ILE E 153 20.62 -19.05 74.35
C ILE E 153 19.97 -19.88 73.26
N GLY E 154 19.48 -19.21 72.22
CA GLY E 154 18.87 -19.89 71.10
C GLY E 154 19.79 -19.95 69.90
N ALA E 155 19.49 -20.89 69.00
CA ALA E 155 20.25 -21.03 67.76
C ALA E 155 19.33 -21.59 66.70
N THR E 156 19.21 -20.88 65.58
CA THR E 156 18.37 -21.32 64.48
C THR E 156 18.90 -20.75 63.19
N THR E 157 18.52 -21.36 62.07
CA THR E 157 18.79 -20.77 60.78
C THR E 157 17.91 -19.54 60.58
N LEU E 158 18.43 -18.56 59.84
CA LEU E 158 17.71 -17.31 59.69
C LEU E 158 16.36 -17.53 59.00
N ASP E 159 16.32 -18.40 58.00
CA ASP E 159 15.06 -18.67 57.31
C ASP E 159 14.05 -19.33 58.24
N GLU E 160 14.49 -20.29 59.04
CA GLU E 160 13.59 -20.91 60.00
C GLU E 160 13.16 -19.93 61.07
N TYR E 161 14.07 -19.06 61.51
CA TYR E 161 13.72 -18.05 62.50
C TYR E 161 12.65 -17.10 61.95
N ARG E 162 12.78 -16.71 60.68
CA ARG E 162 11.87 -15.72 60.12
C ARG E 162 10.43 -16.21 60.09
N LYS E 163 10.20 -17.52 60.10
CA LYS E 163 8.86 -18.05 59.99
C LYS E 163 8.40 -18.86 61.21
N TYR E 164 9.28 -19.12 62.17
CA TYR E 164 8.90 -19.81 63.39
C TYR E 164 8.92 -18.92 64.62
N ILE E 165 9.76 -17.89 64.64
CA ILE E 165 9.87 -16.99 65.79
C ILE E 165 9.25 -15.64 65.49
N GLU E 166 9.41 -15.14 64.27
CA GLU E 166 8.84 -13.86 63.90
C GLU E 166 7.37 -14.02 63.54
N ALA E 170 4.92 -11.53 70.67
CA ALA E 170 4.83 -12.69 71.56
C ALA E 170 6.20 -13.03 72.13
N LEU E 171 7.01 -13.71 71.31
CA LEU E 171 8.37 -14.07 71.69
C LEU E 171 9.42 -13.12 71.16
N GLU E 172 9.14 -12.44 70.04
CA GLU E 172 10.12 -11.51 69.49
C GLU E 172 10.50 -10.43 70.50
N ARG E 173 9.59 -10.11 71.42
CA ARG E 173 9.90 -9.13 72.46
C ARG E 173 10.89 -9.67 73.49
N ARG E 174 11.11 -10.98 73.52
CA ARG E 174 11.98 -11.60 74.51
C ARG E 174 13.29 -12.11 73.94
N PHE E 175 13.42 -12.23 72.62
CA PHE E 175 14.61 -12.79 71.99
C PHE E 175 15.31 -11.74 71.15
N GLN E 176 16.62 -11.64 71.31
CA GLN E 176 17.43 -10.70 70.54
C GLN E 176 18.19 -11.47 69.47
N PRO E 177 17.93 -11.24 68.18
CA PRO E 177 18.66 -11.98 67.14
C PRO E 177 20.09 -11.48 67.01
N VAL E 178 21.04 -12.38 67.19
CA VAL E 178 22.46 -12.11 66.99
C VAL E 178 22.88 -12.78 65.71
N GLN E 179 23.36 -12.01 64.75
CA GLN E 179 23.69 -12.53 63.43
C GLN E 179 25.14 -12.97 63.39
N VAL E 180 25.36 -14.24 63.03
CA VAL E 180 26.69 -14.77 62.78
C VAL E 180 26.84 -14.89 61.27
N GLY E 181 27.73 -14.09 60.71
CA GLY E 181 27.89 -14.07 59.28
C GLY E 181 28.78 -15.17 58.77
N GLU E 182 28.76 -15.34 57.45
CA GLU E 182 29.63 -16.30 56.81
C GLU E 182 31.07 -15.79 56.87
N PRO E 183 32.00 -16.53 57.45
CA PRO E 183 33.39 -16.05 57.48
C PRO E 183 33.91 -15.74 56.09
N THR E 184 34.83 -14.80 56.02
CA THR E 184 35.50 -14.49 54.76
C THR E 184 36.57 -15.53 54.47
N VAL E 185 37.26 -15.37 53.34
CA VAL E 185 38.31 -16.32 52.97
C VAL E 185 39.44 -16.28 53.98
N GLU E 186 39.83 -15.08 54.43
CA GLU E 186 40.92 -14.98 55.40
C GLU E 186 40.52 -15.60 56.73
N HIS E 187 39.30 -15.32 57.20
CA HIS E 187 38.83 -15.94 58.43
C HIS E 187 38.82 -17.45 58.32
N THR E 188 38.43 -17.97 57.16
CA THR E 188 38.39 -19.42 56.98
C THR E 188 39.79 -20.01 56.95
N ILE E 189 40.74 -19.29 56.36
CA ILE E 189 42.12 -19.75 56.39
C ILE E 189 42.61 -19.82 57.83
N GLU E 190 42.27 -18.81 58.64
CA GLU E 190 42.64 -18.84 60.05
C GLU E 190 41.99 -20.02 60.76
N ILE E 191 40.72 -20.28 60.47
CA ILE E 191 40.02 -21.40 61.11
C ILE E 191 40.69 -22.72 60.73
N LEU E 192 41.03 -22.88 59.46
CA LEU E 192 41.70 -24.10 59.01
C LEU E 192 43.04 -24.26 59.70
N LYS E 193 43.78 -23.16 59.86
CA LYS E 193 45.05 -23.23 60.60
C LYS E 193 44.81 -23.65 62.04
N GLY E 194 43.72 -23.18 62.63
CA GLY E 194 43.41 -23.58 64.00
C GLY E 194 43.08 -25.06 64.12
N LEU E 195 42.30 -25.60 63.19
CA LEU E 195 41.88 -26.99 63.23
C LEU E 195 42.89 -27.96 62.62
N ARG E 196 43.97 -27.43 62.03
CA ARG E 196 44.95 -28.30 61.39
C ARG E 196 45.56 -29.29 62.37
N ASP E 197 45.85 -28.85 63.59
CA ASP E 197 46.42 -29.77 64.56
C ASP E 197 45.53 -30.98 64.78
N ARG E 198 44.24 -30.73 65.06
CA ARG E 198 43.33 -31.84 65.34
C ARG E 198 43.17 -32.74 64.12
N TYR E 199 43.01 -32.15 62.93
CA TYR E 199 42.77 -32.98 61.77
C TYR E 199 43.99 -33.81 61.40
N GLU E 200 45.19 -33.22 61.49
CA GLU E 200 46.41 -33.98 61.26
C GLU E 200 46.56 -35.10 62.28
N ALA E 201 46.25 -34.81 63.55
CA ALA E 201 46.35 -35.85 64.57
C ALA E 201 45.41 -37.00 64.27
N HIS E 202 44.18 -36.70 63.84
CA HIS E 202 43.23 -37.77 63.55
C HIS E 202 43.65 -38.58 62.33
N HIS E 203 44.03 -37.90 61.25
CA HIS E 203 44.34 -38.58 60.00
C HIS E 203 45.79 -39.05 59.90
N ARG E 204 46.65 -38.67 60.85
CA ARG E 204 48.05 -39.08 60.82
C ARG E 204 48.73 -38.63 59.54
N VAL E 205 48.46 -37.40 59.12
CA VAL E 205 49.03 -36.80 57.93
C VAL E 205 49.46 -35.38 58.25
N SER E 206 49.91 -34.66 57.22
CA SER E 206 50.33 -33.28 57.35
C SER E 206 49.64 -32.43 56.29
N ILE E 207 49.33 -31.19 56.64
CA ILE E 207 48.64 -30.26 55.75
C ILE E 207 49.47 -28.99 55.64
N THR E 208 49.67 -28.52 54.42
CA THR E 208 50.51 -27.36 54.16
C THR E 208 49.67 -26.09 54.12
N ASP E 209 50.34 -24.95 54.29
CA ASP E 209 49.63 -23.67 54.26
C ASP E 209 49.02 -23.43 52.88
N ALA E 210 49.75 -23.74 51.82
CA ALA E 210 49.19 -23.65 50.49
C ALA E 210 47.96 -24.53 50.36
N ALA E 211 47.97 -25.70 51.02
CA ALA E 211 46.83 -26.59 50.94
C ALA E 211 45.57 -25.94 51.52
N MET E 212 45.69 -25.31 52.69
CA MET E 212 44.52 -24.69 53.30
C MET E 212 44.09 -23.44 52.53
N VAL E 213 45.05 -22.67 52.02
CA VAL E 213 44.69 -21.51 51.20
C VAL E 213 43.90 -21.96 49.98
N ALA E 214 44.38 -23.01 49.31
CA ALA E 214 43.69 -23.54 48.15
C ALA E 214 42.31 -24.07 48.53
N ALA E 215 42.22 -24.77 49.66
CA ALA E 215 40.93 -25.30 50.09
C ALA E 215 39.92 -24.17 50.27
N ALA E 216 40.29 -23.13 51.02
CA ALA E 216 39.36 -22.03 51.25
C ALA E 216 38.98 -21.35 49.95
N THR E 217 39.97 -21.04 49.10
CA THR E 217 39.69 -20.31 47.87
C THR E 217 38.80 -21.12 46.94
N LEU E 218 39.16 -22.38 46.69
CA LEU E 218 38.38 -23.22 45.79
C LEU E 218 36.97 -23.44 46.34
N ALA E 219 36.85 -23.73 47.64
CA ALA E 219 35.53 -23.95 48.21
C ALA E 219 34.66 -22.71 48.05
N ASP E 220 35.22 -21.53 48.28
CA ASP E 220 34.45 -20.31 48.07
C ASP E 220 34.04 -20.17 46.61
N ARG E 221 34.95 -20.48 45.68
CA ARG E 221 34.71 -20.19 44.28
C ARG E 221 33.72 -21.16 43.65
N TYR E 222 33.85 -22.46 43.93
CA TYR E 222 33.17 -23.49 43.15
C TYR E 222 31.95 -24.08 43.85
N ILE E 223 32.09 -24.52 45.10
CA ILE E 223 30.95 -25.08 45.81
C ILE E 223 29.97 -23.95 46.14
N ASN E 224 28.71 -24.14 45.75
CA ASN E 224 27.74 -23.05 45.75
C ASN E 224 26.72 -23.15 46.87
N ASP E 225 26.15 -24.32 47.09
CA ASP E 225 25.07 -24.47 48.07
C ASP E 225 25.55 -24.57 49.51
N ARG E 226 26.86 -24.70 49.73
CA ARG E 226 27.43 -24.81 51.06
C ARG E 226 27.84 -23.43 51.56
N PHE E 227 28.51 -23.39 52.71
CA PHE E 227 28.96 -22.13 53.29
C PHE E 227 30.39 -22.28 53.81
N LEU E 228 31.21 -21.28 53.50
CA LEU E 228 32.66 -21.35 53.43
C LEU E 228 33.30 -22.11 54.58
N PRO E 229 33.06 -21.74 55.84
CA PRO E 229 33.77 -22.40 56.95
C PRO E 229 33.56 -23.90 56.95
N ASP E 230 32.38 -24.36 56.52
CA ASP E 230 32.08 -25.78 56.50
C ASP E 230 32.69 -26.47 55.29
N LYS E 231 32.54 -25.87 54.10
CA LYS E 231 32.99 -26.54 52.89
C LYS E 231 34.52 -26.62 52.84
N ALA E 232 35.21 -25.59 53.32
CA ALA E 232 36.67 -25.65 53.34
C ALA E 232 37.15 -26.77 54.24
N ILE E 233 36.56 -26.88 55.43
CA ILE E 233 36.92 -27.95 56.35
C ILE E 233 36.58 -29.30 55.73
N ASP E 234 35.48 -29.37 54.99
CA ASP E 234 35.11 -30.60 54.31
C ASP E 234 36.19 -31.02 53.32
N LEU E 235 36.66 -30.06 52.53
CA LEU E 235 37.70 -30.37 51.55
C LEU E 235 38.96 -30.88 52.24
N ILE E 236 39.39 -30.18 53.30
CA ILE E 236 40.60 -30.59 54.00
C ILE E 236 40.43 -31.99 54.59
N ASP E 237 39.29 -32.23 55.24
CA ASP E 237 39.06 -33.51 55.90
C ASP E 237 39.00 -34.65 54.88
N GLU E 238 38.34 -34.42 53.74
CA GLU E 238 38.25 -35.46 52.73
C GLU E 238 39.60 -35.75 52.11
N ALA E 239 40.42 -34.71 51.89
CA ALA E 239 41.76 -34.95 51.37
C ALA E 239 42.58 -35.77 52.36
N GLY E 240 42.51 -35.43 53.65
CA GLY E 240 43.21 -36.21 54.63
C GLY E 240 42.73 -37.65 54.68
N ALA E 241 41.42 -37.85 54.56
CA ALA E 241 40.88 -39.21 54.56
C ALA E 241 41.39 -39.99 53.35
N ARG E 242 41.43 -39.36 52.18
CA ARG E 242 41.96 -40.02 50.99
C ARG E 242 43.40 -40.44 51.20
N MET E 243 44.22 -39.52 51.74
CA MET E 243 45.62 -39.86 51.99
C MET E 243 45.75 -41.02 52.97
N ARG E 244 44.96 -41.01 54.04
CA ARG E 244 45.03 -42.11 55.00
C ARG E 244 44.62 -43.42 54.35
N ILE E 245 43.57 -43.40 53.53
CA ILE E 245 43.05 -44.63 52.96
C ILE E 245 44.05 -45.21 51.96
N ARG E 246 44.61 -44.37 51.09
CA ARG E 246 45.48 -44.90 50.04
C ARG E 246 46.75 -45.51 50.62
N ARG E 247 47.19 -45.06 51.79
CA ARG E 247 48.31 -45.71 52.48
C ARG E 247 47.94 -47.12 52.89
N ALA E 310 52.47 -38.90 52.71
CA ALA E 310 51.87 -38.53 53.98
C ALA E 310 51.77 -37.02 54.12
N GLU E 311 51.25 -36.36 53.08
CA GLU E 311 51.08 -34.92 53.10
C GLU E 311 49.93 -34.54 52.18
N VAL E 312 49.36 -33.37 52.44
CA VAL E 312 48.24 -32.84 51.67
C VAL E 312 48.67 -31.52 51.06
N ASP E 313 48.51 -31.40 49.74
CA ASP E 313 48.91 -30.21 49.00
C ASP E 313 47.76 -29.73 48.13
N ASP E 314 48.02 -28.69 47.35
CA ASP E 314 46.96 -28.08 46.55
C ASP E 314 46.38 -29.06 45.55
N GLU E 315 47.23 -29.93 44.99
CA GLU E 315 46.74 -30.88 44.00
C GLU E 315 45.67 -31.79 44.60
N GLN E 316 45.88 -32.26 45.83
CA GLN E 316 44.90 -33.14 46.46
C GLN E 316 43.58 -32.43 46.71
N ILE E 317 43.64 -31.18 47.18
CA ILE E 317 42.41 -30.43 47.42
C ILE E 317 41.67 -30.22 46.11
N ALA E 318 42.40 -29.90 45.05
CA ALA E 318 41.77 -29.72 43.75
C ALA E 318 41.12 -31.01 43.27
N GLU E 319 41.80 -32.15 43.47
CA GLU E 319 41.22 -33.44 43.08
C GLU E 319 39.94 -33.72 43.85
N VAL E 320 39.95 -33.46 45.16
CA VAL E 320 38.77 -33.70 45.97
C VAL E 320 37.61 -32.82 45.48
N LEU E 321 37.90 -31.54 45.21
CA LEU E 321 36.85 -30.64 44.74
C LEU E 321 36.31 -31.10 43.39
N GLY E 322 37.20 -31.56 42.51
CA GLY E 322 36.75 -32.06 41.22
C GLY E 322 35.84 -33.27 41.35
N ASN E 323 36.21 -34.22 42.22
CA ASN E 323 35.36 -35.38 42.44
C ASN E 323 34.04 -34.98 43.08
N TRP E 324 34.04 -33.92 43.89
CA TRP E 324 32.82 -33.48 44.56
C TRP E 324 31.86 -32.82 43.57
N THR E 325 32.29 -31.72 42.96
CA THR E 325 31.41 -30.96 42.09
C THR E 325 31.48 -31.38 40.63
N GLY E 326 32.51 -32.13 40.24
CA GLY E 326 32.67 -32.53 38.85
C GLY E 326 33.36 -31.50 37.99
N ILE E 327 33.66 -30.32 38.51
CA ILE E 327 34.39 -29.30 37.74
C ILE E 327 35.84 -29.75 37.60
N PRO E 328 36.41 -29.76 36.39
CA PRO E 328 37.78 -30.28 36.23
C PRO E 328 38.88 -29.29 36.60
N VAL E 329 39.20 -29.24 37.89
CA VAL E 329 40.37 -28.52 38.36
C VAL E 329 41.35 -29.55 38.90
N PHE E 330 42.23 -30.04 38.04
CA PHE E 330 43.20 -31.08 38.39
C PHE E 330 44.60 -30.59 38.05
N LYS E 331 45.56 -31.48 38.20
CA LYS E 331 46.89 -31.31 37.63
C LYS E 331 46.87 -31.94 36.24
N LEU E 332 46.87 -31.11 35.20
CA LEU E 332 46.76 -31.62 33.84
C LEU E 332 47.87 -32.62 33.56
N THR E 333 47.49 -33.88 33.35
CA THR E 333 48.46 -34.92 33.05
C THR E 333 48.99 -34.75 31.63
N GLU E 334 50.09 -35.45 31.33
CA GLU E 334 50.68 -35.35 30.01
C GLU E 334 49.71 -35.81 28.93
N ALA E 335 49.01 -36.93 29.17
CA ALA E 335 48.04 -37.41 28.19
C ALA E 335 46.90 -36.42 28.01
N GLU E 336 46.36 -35.91 29.11
CA GLU E 336 45.28 -34.93 29.01
C GLU E 336 45.77 -33.64 28.37
N THR E 337 46.99 -33.22 28.72
CA THR E 337 47.53 -32.00 28.14
C THR E 337 47.69 -32.13 26.63
N THR E 338 48.23 -33.26 26.16
CA THR E 338 48.39 -33.44 24.72
C THR E 338 47.04 -33.60 24.03
N ARG E 339 46.07 -34.24 24.68
CA ARG E 339 44.73 -34.30 24.11
C ARG E 339 44.14 -32.90 23.93
N LEU E 340 44.32 -32.05 24.94
CA LEU E 340 43.84 -30.68 24.83
C LEU E 340 44.57 -29.91 23.74
N LEU E 341 45.88 -30.15 23.60
CA LEU E 341 46.66 -29.39 22.63
C LEU E 341 46.17 -29.65 21.20
N ARG E 342 45.85 -30.90 20.88
CA ARG E 342 45.35 -31.26 19.56
C ARG E 342 43.83 -31.37 19.55
N MET E 343 43.15 -30.51 20.31
CA MET E 343 41.70 -30.56 20.37
C MET E 343 41.07 -30.36 19.01
N GLU E 344 41.69 -29.51 18.18
CA GLU E 344 41.14 -29.26 16.85
C GLU E 344 41.12 -30.54 16.02
N GLU E 345 42.19 -31.34 16.11
CA GLU E 345 42.22 -32.59 15.37
C GLU E 345 41.11 -33.52 15.84
N GLU E 346 40.91 -33.62 17.16
CA GLU E 346 39.87 -34.50 17.67
C GLU E 346 38.49 -34.05 17.21
N LEU E 347 38.22 -32.74 17.26
CA LEU E 347 36.93 -32.25 16.84
C LEU E 347 36.72 -32.41 15.34
N HIS E 348 37.79 -32.28 14.54
CA HIS E 348 37.65 -32.38 13.10
C HIS E 348 37.47 -33.81 12.63
N LYS E 349 37.74 -34.80 13.49
CA LYS E 349 37.45 -36.17 13.12
C LYS E 349 35.96 -36.36 12.87
N ARG E 350 35.12 -35.57 13.53
CA ARG E 350 33.68 -35.62 13.34
C ARG E 350 33.11 -34.42 12.61
N ILE E 351 33.86 -33.32 12.54
CA ILE E 351 33.42 -32.11 11.86
C ILE E 351 34.33 -31.90 10.65
N ILE E 352 33.73 -31.69 9.49
CA ILE E 352 34.45 -31.47 8.24
C ILE E 352 34.39 -29.98 7.93
N GLY E 353 35.55 -29.34 7.83
CA GLY E 353 35.57 -27.91 7.61
C GLY E 353 35.27 -27.13 8.88
N GLN E 354 34.73 -25.93 8.70
CA GLN E 354 34.40 -25.05 9.81
C GLN E 354 35.59 -24.87 10.73
N GLU E 355 36.74 -24.52 10.15
CA GLU E 355 37.96 -24.38 10.93
C GLU E 355 37.82 -23.28 11.97
N ASP E 356 37.18 -22.17 11.61
CA ASP E 356 37.11 -21.04 12.53
C ASP E 356 36.31 -21.38 13.78
N ALA E 357 35.16 -22.05 13.61
CA ALA E 357 34.34 -22.39 14.77
C ALA E 357 35.06 -23.38 15.68
N VAL E 358 35.69 -24.40 15.10
CA VAL E 358 36.43 -25.37 15.90
C VAL E 358 37.57 -24.68 16.64
N LYS E 359 38.28 -23.79 15.96
CA LYS E 359 39.36 -23.06 16.61
C LYS E 359 38.85 -22.23 17.77
N ALA E 360 37.72 -21.54 17.59
CA ALA E 360 37.17 -20.72 18.66
C ALA E 360 36.79 -21.57 19.85
N VAL E 361 36.10 -22.68 19.62
CA VAL E 361 35.68 -23.55 20.71
C VAL E 361 36.89 -24.11 21.44
N SER E 362 37.89 -24.58 20.69
CA SER E 362 39.09 -25.13 21.31
C SER E 362 39.83 -24.08 22.12
N LYS E 363 39.91 -22.85 21.59
CA LYS E 363 40.58 -21.79 22.32
C LYS E 363 39.87 -21.48 23.63
N ALA E 364 38.53 -21.44 23.59
CA ALA E 364 37.78 -21.20 24.82
C ALA E 364 38.05 -22.30 25.84
N ILE E 365 38.02 -23.56 25.40
CA ILE E 365 38.22 -24.67 26.34
C ILE E 365 39.63 -24.64 26.91
N ARG E 366 40.63 -24.40 26.06
CA ARG E 366 42.01 -24.37 26.53
C ARG E 366 42.23 -23.21 27.50
N ARG E 367 41.66 -22.04 27.20
CA ARG E 367 41.77 -20.92 28.10
C ARG E 367 41.13 -21.24 29.45
N THR E 368 39.97 -21.90 29.43
CA THR E 368 39.34 -22.28 30.69
C THR E 368 40.21 -23.25 31.47
N ARG E 369 40.79 -24.24 30.79
CA ARG E 369 41.55 -25.27 31.49
C ARG E 369 42.86 -24.73 32.04
N ALA E 370 43.49 -23.81 31.31
CA ALA E 370 44.76 -23.24 31.77
C ALA E 370 44.60 -22.39 33.02
N GLY E 371 43.37 -22.04 33.39
CA GLY E 371 43.14 -21.22 34.57
C GLY E 371 43.16 -19.74 34.33
N LEU E 372 42.99 -19.28 33.10
CA LEU E 372 43.00 -17.87 32.77
C LEU E 372 41.60 -17.33 32.45
N LYS E 373 40.55 -18.11 32.66
CA LYS E 373 39.22 -17.65 32.34
C LYS E 373 38.77 -16.57 33.31
N ASP E 374 37.90 -15.69 32.84
CA ASP E 374 37.36 -14.64 33.69
C ASP E 374 36.53 -15.28 34.80
N PRO E 375 36.85 -15.04 36.08
CA PRO E 375 36.14 -15.76 37.15
C PRO E 375 34.66 -15.44 37.22
N LYS E 376 34.20 -14.32 36.68
CA LYS E 376 32.82 -13.88 36.84
C LYS E 376 32.05 -13.90 35.52
N ARG E 377 32.35 -14.85 34.64
CA ARG E 377 31.62 -15.00 33.40
C ARG E 377 31.65 -16.48 33.02
N PRO E 378 30.67 -16.95 32.24
CA PRO E 378 30.68 -18.35 31.83
C PRO E 378 31.97 -18.72 31.12
N SER E 379 32.22 -20.02 31.02
CA SER E 379 33.43 -20.52 30.38
C SER E 379 33.49 -20.20 28.90
N GLY E 380 32.38 -19.77 28.31
CA GLY E 380 32.35 -19.41 26.90
C GLY E 380 30.92 -19.23 26.43
N SER E 381 30.69 -18.24 25.56
CA SER E 381 29.37 -17.98 25.02
C SER E 381 29.51 -17.72 23.53
N PHE E 382 28.91 -18.59 22.72
CA PHE E 382 29.05 -18.51 21.28
C PHE E 382 27.68 -18.42 20.61
N ILE E 383 27.66 -17.71 19.49
CA ILE E 383 26.49 -17.67 18.61
C ILE E 383 26.92 -18.24 17.27
N PHE E 384 26.46 -19.44 16.97
CA PHE E 384 26.70 -20.06 15.67
C PHE E 384 25.58 -19.65 14.73
N ALA E 385 25.93 -19.07 13.59
CA ALA E 385 24.95 -18.68 12.59
C ALA E 385 25.50 -19.08 11.22
N GLY E 386 24.68 -18.92 10.19
CA GLY E 386 25.10 -19.20 8.84
C GLY E 386 24.11 -20.05 8.08
N PRO E 387 24.59 -20.71 7.02
CA PRO E 387 23.68 -21.50 6.18
C PRO E 387 23.17 -22.73 6.90
N SER E 388 22.09 -23.29 6.36
CA SER E 388 21.47 -24.46 6.93
C SER E 388 22.22 -25.73 6.54
N GLY E 389 22.18 -26.72 7.43
CA GLY E 389 22.79 -28.01 7.15
C GLY E 389 24.29 -27.94 6.97
N VAL E 390 24.97 -27.14 7.78
CA VAL E 390 26.41 -26.95 7.65
C VAL E 390 27.19 -27.37 8.90
N GLY E 391 26.51 -27.66 10.01
CA GLY E 391 27.19 -28.17 11.19
C GLY E 391 27.19 -27.24 12.37
N LYS E 392 26.12 -26.45 12.53
CA LYS E 392 26.03 -25.59 13.70
C LYS E 392 25.73 -26.38 14.96
N THR E 393 24.79 -27.33 14.90
CA THR E 393 24.49 -28.19 16.04
C THR E 393 25.39 -29.41 16.08
N GLU E 394 25.90 -29.85 14.92
CA GLU E 394 26.85 -30.94 14.90
C GLU E 394 28.10 -30.59 15.68
N LEU E 395 28.55 -29.34 15.57
CA LEU E 395 29.73 -28.91 16.33
C LEU E 395 29.46 -28.94 17.82
N SER E 396 28.27 -28.51 18.25
CA SER E 396 27.93 -28.59 19.67
C SER E 396 27.94 -30.04 20.14
N LYS E 397 27.35 -30.93 19.36
CA LYS E 397 27.33 -32.34 19.77
C LYS E 397 28.74 -32.91 19.81
N ALA E 398 29.59 -32.56 18.84
CA ALA E 398 30.96 -33.04 18.84
C ALA E 398 31.74 -32.51 20.04
N LEU E 399 31.53 -31.25 20.40
CA LEU E 399 32.20 -30.69 21.56
C LEU E 399 31.76 -31.40 22.84
N ALA E 400 30.46 -31.66 22.98
CA ALA E 400 29.98 -32.39 24.15
C ALA E 400 30.57 -33.79 24.19
N ASN E 401 30.64 -34.46 23.03
CA ASN E 401 31.22 -35.80 22.98
C ASN E 401 32.68 -35.77 23.40
N PHE E 402 33.43 -34.78 22.91
CA PHE E 402 34.85 -34.69 23.29
C PHE E 402 34.99 -34.47 24.78
N LEU E 403 34.27 -33.48 25.32
CA LEU E 403 34.46 -33.13 26.72
C LEU E 403 34.04 -34.27 27.64
N PHE E 404 32.91 -34.92 27.35
CA PHE E 404 32.31 -35.89 28.26
C PHE E 404 32.25 -37.30 27.71
N GLY E 405 32.61 -37.52 26.45
CA GLY E 405 32.62 -38.86 25.91
C GLY E 405 31.27 -39.39 25.47
N ASP E 406 30.25 -38.55 25.39
CA ASP E 406 28.93 -38.98 24.95
C ASP E 406 28.15 -37.76 24.49
N ASP E 407 27.49 -37.87 23.34
CA ASP E 407 26.68 -36.76 22.84
C ASP E 407 25.53 -36.45 23.77
N ASP E 408 25.07 -37.41 24.57
CA ASP E 408 23.94 -37.20 25.45
C ASP E 408 24.28 -36.32 26.65
N ALA E 409 25.57 -36.08 26.91
CA ALA E 409 25.95 -35.16 27.98
C ALA E 409 25.59 -33.72 27.67
N LEU E 410 25.25 -33.41 26.43
CA LEU E 410 24.84 -32.06 26.06
C LEU E 410 23.45 -31.77 26.64
N ILE E 411 23.23 -30.51 26.98
CA ILE E 411 21.93 -30.03 27.45
C ILE E 411 21.32 -29.23 26.31
N GLN E 412 20.37 -29.84 25.59
CA GLN E 412 19.74 -29.23 24.45
C GLN E 412 18.34 -28.74 24.83
N ILE E 413 18.03 -27.51 24.45
CA ILE E 413 16.79 -26.88 24.90
C ILE E 413 15.74 -26.89 23.80
N ASP E 414 16.16 -26.85 22.54
CA ASP E 414 15.24 -26.85 21.41
C ASP E 414 14.26 -25.68 21.50
N MET E 415 14.83 -24.47 21.40
CA MET E 415 14.07 -23.24 21.59
C MET E 415 12.90 -23.10 20.63
N GLY E 416 12.74 -24.01 19.66
CA GLY E 416 11.65 -23.89 18.72
C GLY E 416 10.27 -23.95 19.35
N GLU E 417 10.15 -24.58 20.51
CA GLU E 417 8.86 -24.74 21.17
C GLU E 417 8.63 -23.72 22.27
N PHE E 418 9.45 -22.67 22.32
CA PHE E 418 9.31 -21.61 23.30
C PHE E 418 8.72 -20.34 22.69
N HIS E 419 7.89 -20.48 21.66
CA HIS E 419 7.31 -19.32 21.01
C HIS E 419 6.44 -18.53 21.97
N ASP E 420 5.63 -19.22 22.78
CA ASP E 420 4.67 -18.56 23.64
C ASP E 420 5.38 -17.79 24.76
N ARG E 421 4.78 -16.67 25.16
CA ARG E 421 5.36 -15.86 26.22
C ARG E 421 5.40 -16.62 27.54
N PHE E 422 4.31 -17.29 27.89
CA PHE E 422 4.17 -17.92 29.20
C PHE E 422 4.96 -19.20 29.33
N THR E 423 5.65 -19.64 28.28
CA THR E 423 6.37 -20.90 28.30
C THR E 423 7.76 -20.78 28.90
N ALA E 424 8.17 -19.60 29.34
CA ALA E 424 9.47 -19.47 30.00
C ALA E 424 9.49 -20.16 31.36
N SER E 425 8.32 -20.43 31.94
CA SER E 425 8.27 -21.00 33.28
C SER E 425 8.86 -22.40 33.33
N ARG E 426 9.06 -23.05 32.18
CA ARG E 426 9.70 -24.36 32.18
C ARG E 426 11.21 -24.28 32.08
N LEU E 427 11.77 -23.10 31.83
CA LEU E 427 13.21 -22.94 31.93
C LEU E 427 13.64 -22.65 33.36
N PHE E 428 12.80 -21.95 34.13
CA PHE E 428 13.12 -21.57 35.49
C PHE E 428 12.15 -22.13 36.53
N GLY E 429 11.07 -22.77 36.12
CA GLY E 429 10.11 -23.33 37.05
C GLY E 429 9.01 -22.36 37.40
N ALA E 430 7.90 -22.91 37.89
CA ALA E 430 6.78 -22.09 38.29
C ALA E 430 7.05 -21.42 39.64
N PRO E 431 6.45 -20.28 39.90
CA PRO E 431 6.66 -19.60 41.18
C PRO E 431 6.08 -20.40 42.32
N PRO E 432 6.54 -20.17 43.55
CA PRO E 432 6.05 -20.99 44.67
C PRO E 432 4.55 -20.87 44.83
N GLY E 433 3.93 -21.99 45.24
CA GLY E 433 2.51 -22.03 45.48
C GLY E 433 1.67 -22.42 44.29
N TYR E 434 2.25 -22.55 43.11
CA TYR E 434 1.52 -22.93 41.91
C TYR E 434 1.85 -24.36 41.53
N VAL E 435 0.98 -24.95 40.70
CA VAL E 435 1.13 -26.35 40.35
C VAL E 435 2.44 -26.56 39.61
N GLY E 436 3.16 -27.61 39.99
CA GLY E 436 4.41 -27.95 39.33
C GLY E 436 5.61 -27.19 39.82
N TYR E 437 5.49 -26.42 40.91
CA TYR E 437 6.64 -25.69 41.42
C TYR E 437 7.63 -26.60 42.13
N GLU E 438 7.15 -27.73 42.67
CA GLU E 438 8.07 -28.65 43.35
C GLU E 438 9.11 -29.21 42.41
N GLU E 439 8.80 -29.30 41.11
CA GLU E 439 9.73 -29.87 40.15
C GLU E 439 10.81 -28.89 39.69
N GLY E 440 10.71 -27.62 40.06
CA GLY E 440 11.72 -26.67 39.64
C GLY E 440 11.68 -26.46 38.14
N GLY E 441 12.81 -25.97 37.62
CA GLY E 441 12.96 -25.74 36.20
C GLY E 441 13.69 -26.87 35.52
N GLN E 442 13.48 -26.99 34.22
CA GLN E 442 14.12 -28.03 33.42
C GLN E 442 15.45 -27.59 32.84
N LEU E 443 15.88 -26.36 33.08
CA LEU E 443 17.22 -25.89 32.75
C LEU E 443 18.06 -25.61 33.97
N THR E 444 17.52 -24.85 34.92
CA THR E 444 18.29 -24.50 36.11
C THR E 444 18.66 -25.75 36.91
N GLU E 445 17.73 -26.69 37.02
CA GLU E 445 18.04 -27.92 37.76
C GLU E 445 19.15 -28.71 37.07
N LYS E 446 19.11 -28.81 35.75
CA LYS E 446 20.13 -29.56 35.03
C LYS E 446 21.51 -28.93 35.21
N VAL E 447 21.60 -27.61 35.11
CA VAL E 447 22.89 -26.95 35.28
C VAL E 447 23.35 -27.07 36.74
N ARG E 448 22.42 -26.94 37.68
CA ARG E 448 22.80 -27.05 39.09
C ARG E 448 23.35 -28.42 39.40
N ARG E 449 22.74 -29.48 38.84
CA ARG E 449 23.25 -30.83 39.10
C ARG E 449 24.67 -30.99 38.56
N LYS E 450 24.93 -30.48 37.35
CA LYS E 450 26.24 -30.59 36.70
C LYS E 450 26.72 -29.18 36.37
N PRO E 451 27.45 -28.52 37.28
CA PRO E 451 27.87 -27.14 37.00
C PRO E 451 28.67 -27.00 35.72
N PHE E 452 29.52 -27.98 35.40
CA PHE E 452 30.34 -27.95 34.19
C PHE E 452 29.63 -28.76 33.12
N SER E 453 28.93 -28.08 32.22
CA SER E 453 28.21 -28.75 31.16
C SER E 453 28.03 -27.78 30.00
N VAL E 454 27.76 -28.34 28.83
CA VAL E 454 27.55 -27.57 27.60
C VAL E 454 26.04 -27.43 27.40
N VAL E 455 25.58 -26.20 27.23
CA VAL E 455 24.17 -25.91 27.00
C VAL E 455 24.01 -25.41 25.58
N LEU E 456 22.99 -25.92 24.90
CA LEU E 456 22.74 -25.61 23.49
C LEU E 456 21.35 -25.03 23.35
N PHE E 457 21.26 -23.74 23.05
CA PHE E 457 19.99 -23.07 22.78
C PHE E 457 19.77 -22.98 21.26
N ASP E 458 19.62 -24.13 20.63
CA ASP E 458 19.51 -24.16 19.17
C ASP E 458 18.23 -23.47 18.72
N GLU E 459 18.32 -22.80 17.57
CA GLU E 459 17.20 -22.04 17.02
C GLU E 459 16.71 -20.99 18.03
N ILE E 460 17.65 -20.18 18.51
CA ILE E 460 17.32 -19.19 19.52
C ILE E 460 16.40 -18.12 18.96
N GLU E 461 16.48 -17.84 17.67
CA GLU E 461 15.73 -16.72 17.11
C GLU E 461 14.22 -16.90 17.23
N LYS E 462 13.75 -18.14 17.40
CA LYS E 462 12.32 -18.41 17.42
C LYS E 462 11.77 -18.58 18.83
N ALA E 463 12.51 -18.13 19.84
CA ALA E 463 11.98 -18.03 21.19
C ALA E 463 11.44 -16.62 21.42
N HIS E 464 10.63 -16.48 22.45
CA HIS E 464 10.07 -15.17 22.77
C HIS E 464 11.14 -14.26 23.37
N GLN E 465 10.89 -12.96 23.30
CA GLN E 465 11.87 -11.98 23.78
C GLN E 465 12.10 -12.10 25.29
N GLU E 466 11.08 -12.55 26.03
CA GLU E 466 11.26 -12.67 27.47
C GLU E 466 12.38 -13.65 27.81
N ILE E 467 12.53 -14.70 27.00
CA ILE E 467 13.62 -15.65 27.24
C ILE E 467 14.96 -14.97 27.04
N TYR E 468 15.08 -14.13 26.02
CA TYR E 468 16.32 -13.39 25.80
C TYR E 468 16.62 -12.48 26.99
N ASN E 469 15.59 -11.78 27.48
CA ASN E 469 15.79 -10.92 28.64
C ASN E 469 16.26 -11.73 29.85
N SER E 470 15.70 -12.92 30.05
CA SER E 470 16.11 -13.75 31.17
C SER E 470 17.56 -14.21 31.01
N LEU E 471 17.94 -14.65 29.81
CA LEU E 471 19.31 -15.14 29.60
C LEU E 471 20.34 -14.02 29.60
N LEU E 472 19.90 -12.78 29.43
CA LEU E 472 20.83 -11.65 29.58
C LEU E 472 21.54 -11.70 30.92
N GLN E 473 20.81 -12.07 31.98
CA GLN E 473 21.42 -12.15 33.30
C GLN E 473 22.51 -13.23 33.33
N VAL E 474 22.24 -14.39 32.74
CA VAL E 474 23.25 -15.44 32.68
C VAL E 474 24.49 -14.94 31.97
N LEU E 475 24.30 -14.27 30.84
CA LEU E 475 25.44 -13.80 30.06
C LEU E 475 26.25 -12.77 30.84
N GLU E 476 25.58 -11.86 31.55
CA GLU E 476 26.29 -10.75 32.16
C GLU E 476 26.93 -11.12 33.50
N ASP E 477 26.23 -11.90 34.33
CA ASP E 477 26.68 -12.18 35.67
C ASP E 477 27.08 -13.63 35.91
N GLY E 478 26.59 -14.56 35.10
CA GLY E 478 26.90 -15.96 35.28
C GLY E 478 26.03 -16.69 36.28
N ARG E 479 24.96 -16.05 36.76
CA ARG E 479 24.03 -16.70 37.68
C ARG E 479 22.60 -16.39 37.25
N LEU E 480 21.70 -17.33 37.50
CA LEU E 480 20.31 -17.23 37.10
C LEU E 480 19.42 -17.59 38.28
N THR E 481 18.31 -16.88 38.41
CA THR E 481 17.37 -17.07 39.50
C THR E 481 16.15 -17.85 39.01
N ASP E 482 15.83 -18.94 39.69
CA ASP E 482 14.71 -19.78 39.31
C ASP E 482 13.46 -19.35 40.07
N GLY E 483 12.37 -20.11 39.88
CA GLY E 483 11.12 -19.76 40.51
C GLY E 483 11.19 -19.78 42.02
N GLN E 484 11.87 -20.78 42.58
CA GLN E 484 11.99 -20.89 44.02
C GLN E 484 12.79 -19.74 44.62
N GLY E 485 13.51 -18.96 43.81
CA GLY E 485 14.34 -17.90 44.29
C GLY E 485 15.81 -18.24 44.38
N ARG E 486 16.17 -19.51 44.24
CA ARG E 486 17.57 -19.92 44.30
C ARG E 486 18.33 -19.35 43.11
N THR E 487 19.63 -19.17 43.31
CA THR E 487 20.53 -18.72 42.24
C THR E 487 21.44 -19.88 41.87
N VAL E 488 21.46 -20.22 40.58
CA VAL E 488 22.32 -21.28 40.04
C VAL E 488 23.37 -20.62 39.16
N ASP E 489 24.62 -20.98 39.37
CA ASP E 489 25.74 -20.32 38.71
C ASP E 489 26.08 -21.02 37.40
N PHE E 490 26.18 -20.23 36.33
CA PHE E 490 26.60 -20.70 35.03
C PHE E 490 28.06 -20.38 34.73
N LYS E 491 28.84 -20.07 35.76
CA LYS E 491 30.20 -19.59 35.54
C LYS E 491 31.08 -20.66 34.91
N ASN E 492 30.78 -21.93 35.12
CA ASN E 492 31.58 -23.03 34.61
C ASN E 492 30.94 -23.70 33.40
N THR E 493 30.05 -23.00 32.69
CA THR E 493 29.24 -23.57 31.63
C THR E 493 29.61 -22.96 30.29
N VAL E 494 29.46 -23.74 29.23
CA VAL E 494 29.70 -23.30 27.86
C VAL E 494 28.35 -23.19 27.18
N LEU E 495 27.96 -21.97 26.82
CA LEU E 495 26.65 -21.71 26.22
C LEU E 495 26.80 -21.50 24.73
N ILE E 496 25.96 -22.18 23.94
CA ILE E 496 25.98 -22.09 22.49
C ILE E 496 24.57 -21.80 22.02
N PHE E 497 24.40 -20.71 21.28
CA PHE E 497 23.13 -20.36 20.66
C PHE E 497 23.30 -20.54 19.16
N THR E 498 22.59 -21.49 18.57
CA THR E 498 22.64 -21.72 17.13
C THR E 498 21.40 -21.09 16.52
N SER E 499 21.61 -20.20 15.54
CA SER E 499 20.53 -19.46 14.92
C SER E 499 20.63 -19.56 13.41
N ASN E 500 19.47 -19.57 12.76
CA ASN E 500 19.40 -19.58 11.30
C ASN E 500 19.11 -18.20 10.74
N LEU E 501 19.26 -17.15 11.53
CA LEU E 501 18.97 -15.80 11.06
C LEU E 501 19.88 -15.44 9.89
N GLY E 502 19.32 -14.69 8.95
CA GLY E 502 20.08 -14.24 7.80
C GLY E 502 20.08 -15.19 6.63
N THR E 503 19.16 -16.15 6.58
CA THR E 503 19.08 -17.07 5.45
C THR E 503 17.63 -17.48 5.21
N GLY E 511 21.31 -8.14 -4.37
CA GLY E 511 22.12 -8.08 -5.56
C GLY E 511 21.34 -7.70 -6.80
N LEU E 512 21.11 -6.40 -6.96
CA LEU E 512 20.39 -5.85 -8.10
C LEU E 512 21.36 -5.08 -8.99
N GLY E 513 21.49 -5.50 -10.24
CA GLY E 513 22.23 -4.75 -11.23
C GLY E 513 23.47 -5.50 -11.72
N PHE E 514 24.17 -4.84 -12.63
CA PHE E 514 25.40 -5.39 -13.19
C PHE E 514 26.52 -5.30 -12.17
N SER E 515 27.28 -6.39 -12.03
CA SER E 515 28.39 -6.43 -11.10
C SER E 515 29.45 -7.38 -11.64
N LYS E 516 30.67 -7.21 -11.16
CA LYS E 516 31.79 -8.01 -11.63
C LYS E 516 31.98 -9.27 -10.78
N TYR E 523 31.27 -14.81 0.49
CA TYR E 523 31.06 -15.19 1.88
C TYR E 523 30.95 -13.98 2.78
N GLU E 524 31.85 -13.01 2.58
CA GLU E 524 31.84 -11.81 3.42
C GLU E 524 30.48 -11.12 3.35
N ARG E 525 29.84 -11.16 2.17
CA ARG E 525 28.48 -10.63 2.06
C ARG E 525 27.53 -11.38 2.97
N MET E 526 27.63 -12.71 2.99
CA MET E 526 26.79 -13.52 3.87
C MET E 526 27.09 -13.19 5.33
N LYS E 527 28.36 -13.02 5.69
CA LYS E 527 28.69 -12.68 7.06
C LYS E 527 28.06 -11.35 7.45
N GLN E 528 28.15 -10.35 6.57
CA GLN E 528 27.58 -9.04 6.90
C GLN E 528 26.07 -9.12 7.03
N LYS E 529 25.42 -9.87 6.13
CA LYS E 529 23.96 -10.02 6.22
C LYS E 529 23.57 -10.70 7.53
N VAL E 530 24.28 -11.76 7.91
CA VAL E 530 23.96 -12.46 9.14
C VAL E 530 24.15 -11.54 10.34
N ASN E 531 25.25 -10.78 10.36
CA ASN E 531 25.48 -9.86 11.47
C ASN E 531 24.39 -8.81 11.54
N ASP E 532 23.96 -8.28 10.39
CA ASP E 532 22.90 -7.28 10.39
C ASP E 532 21.61 -7.87 10.94
N GLU E 533 21.26 -9.08 10.53
CA GLU E 533 20.05 -9.72 11.05
C GLU E 533 20.14 -9.94 12.54
N LEU E 534 21.31 -10.40 13.01
CA LEU E 534 21.48 -10.63 14.45
C LEU E 534 21.30 -9.33 15.22
N LYS E 535 21.91 -8.25 14.75
CA LYS E 535 21.77 -6.96 15.44
C LYS E 535 20.32 -6.50 15.43
N LYS E 536 19.61 -6.69 14.31
CA LYS E 536 18.22 -6.29 14.24
C LYS E 536 17.38 -7.08 15.24
N HIS E 537 17.61 -8.39 15.35
CA HIS E 537 16.75 -9.22 16.19
C HIS E 537 17.07 -9.06 17.66
N PHE E 538 18.34 -9.20 18.03
CA PHE E 538 18.73 -9.21 19.44
C PHE E 538 19.10 -7.81 19.91
N ARG E 539 18.99 -7.59 21.21
CA ARG E 539 19.35 -6.32 21.78
C ARG E 539 20.87 -6.12 21.74
N PRO E 540 21.34 -4.89 21.56
CA PRO E 540 22.79 -4.68 21.45
C PRO E 540 23.58 -5.21 22.63
N GLU E 541 23.06 -5.07 23.86
CA GLU E 541 23.80 -5.53 25.02
C GLU E 541 23.82 -7.05 25.11
N PHE E 542 22.77 -7.72 24.65
CA PHE E 542 22.78 -9.18 24.64
C PHE E 542 23.91 -9.69 23.76
N LEU E 543 24.08 -9.11 22.57
CA LEU E 543 25.17 -9.52 21.70
C LEU E 543 26.52 -9.07 22.24
N ASN E 544 26.56 -7.92 22.91
CA ASN E 544 27.83 -7.45 23.46
C ASN E 544 28.40 -8.43 24.46
N ARG E 545 27.54 -9.16 25.18
CA ARG E 545 27.99 -10.08 26.21
C ARG E 545 28.43 -11.43 25.64
N ILE E 546 28.14 -11.70 24.37
CA ILE E 546 28.51 -12.98 23.77
C ILE E 546 30.00 -13.00 23.50
N ASP E 547 30.67 -14.08 23.93
CA ASP E 547 32.11 -14.16 23.73
C ASP E 547 32.47 -14.16 22.26
N ASP E 548 31.71 -14.88 21.43
CA ASP E 548 32.06 -14.98 20.02
C ASP E 548 30.80 -15.16 19.18
N ILE E 549 30.83 -14.59 17.98
CA ILE E 549 29.78 -14.76 16.99
C ILE E 549 30.45 -15.32 15.74
N ILE E 550 30.12 -16.56 15.38
CA ILE E 550 30.79 -17.27 14.31
C ILE E 550 29.77 -17.59 13.22
N VAL E 551 30.10 -17.25 11.99
CA VAL E 551 29.28 -17.57 10.82
C VAL E 551 29.95 -18.70 10.07
N PHE E 552 29.21 -19.78 9.85
CA PHE E 552 29.77 -21.00 9.28
C PHE E 552 29.86 -20.91 7.76
N HIS E 553 30.96 -21.38 7.21
CA HIS E 553 31.13 -21.40 5.77
C HIS E 553 30.27 -22.51 5.15
N GLN E 554 29.77 -22.23 3.95
CA GLN E 554 29.09 -23.26 3.18
C GLN E 554 30.09 -24.35 2.78
N LEU E 555 29.63 -25.58 2.74
CA LEU E 555 30.50 -26.70 2.41
C LEU E 555 30.91 -26.65 0.94
N THR E 556 32.18 -26.94 0.69
CA THR E 556 32.72 -26.95 -0.66
C THR E 556 32.75 -28.37 -1.20
N ARG E 557 33.14 -28.51 -2.46
CA ARG E 557 33.14 -29.82 -3.10
C ARG E 557 34.10 -30.79 -2.41
N GLU E 558 35.29 -30.30 -2.06
CA GLU E 558 36.26 -31.17 -1.38
C GLU E 558 35.73 -31.62 -0.02
N GLU E 559 35.07 -30.72 0.70
CA GLU E 559 34.50 -31.10 1.99
C GLU E 559 33.42 -32.16 1.81
N ILE E 560 32.61 -32.05 0.76
CA ILE E 560 31.61 -33.07 0.50
C ILE E 560 32.27 -34.41 0.16
N ILE E 561 33.36 -34.36 -0.61
CA ILE E 561 34.08 -35.59 -0.91
C ILE E 561 34.57 -36.25 0.37
N ARG E 562 35.12 -35.45 1.29
CA ARG E 562 35.56 -36.00 2.56
C ARG E 562 34.39 -36.54 3.37
N MET E 563 33.25 -35.85 3.36
CA MET E 563 32.12 -36.21 4.19
C MET E 563 31.39 -37.44 3.66
N VAL E 564 31.59 -37.79 2.39
CA VAL E 564 31.00 -39.02 1.88
C VAL E 564 31.48 -40.21 2.70
N ASP E 565 32.78 -40.27 2.98
CA ASP E 565 33.31 -41.36 3.78
C ASP E 565 32.73 -41.35 5.20
N LEU E 566 32.60 -40.16 5.78
CA LEU E 566 32.05 -40.06 7.14
C LEU E 566 30.63 -40.56 7.19
N MET E 567 29.83 -40.24 6.18
CA MET E 567 28.44 -40.70 6.17
C MET E 567 28.35 -42.20 5.88
N ILE E 568 29.21 -42.71 5.00
CA ILE E 568 29.20 -44.14 4.70
C ILE E 568 29.71 -44.95 5.88
N SER E 569 30.50 -44.36 6.76
CA SER E 569 31.00 -45.10 7.92
C SER E 569 29.85 -45.59 8.79
N ARG E 570 28.80 -44.78 8.93
CA ARG E 570 27.65 -45.19 9.73
C ARG E 570 27.01 -46.44 9.13
N VAL E 571 26.80 -46.45 7.81
CA VAL E 571 26.18 -47.60 7.16
C VAL E 571 27.08 -48.82 7.27
N ALA E 572 28.40 -48.62 7.10
CA ALA E 572 29.32 -49.75 7.21
C ALA E 572 29.28 -50.35 8.61
N GLY E 573 29.29 -49.49 9.63
CA GLY E 573 29.19 -50.00 11.00
C GLY E 573 27.88 -50.71 11.25
N GLN E 574 26.79 -50.18 10.72
CA GLN E 574 25.50 -50.82 10.92
C GLN E 574 25.47 -52.20 10.27
N LEU E 575 26.04 -52.32 9.07
CA LEU E 575 26.12 -53.62 8.43
C LEU E 575 27.04 -54.57 9.18
N LYS E 576 28.08 -54.04 9.83
CA LYS E 576 29.02 -54.90 10.54
C LYS E 576 28.30 -55.75 11.59
N SER E 577 27.26 -55.21 12.22
CA SER E 577 26.52 -55.99 13.20
C SER E 577 25.88 -57.23 12.59
N LYS E 578 25.65 -57.23 11.28
CA LYS E 578 25.10 -58.37 10.58
C LYS E 578 26.18 -59.30 10.05
N ASP E 579 27.44 -59.05 10.38
CA ASP E 579 28.56 -59.85 9.87
C ASP E 579 28.73 -59.65 8.37
N MET E 580 28.56 -58.42 7.91
CA MET E 580 28.77 -58.04 6.53
C MET E 580 29.56 -56.74 6.48
N ALA E 581 30.52 -56.66 5.57
CA ALA E 581 31.35 -55.48 5.41
C ALA E 581 31.01 -54.79 4.10
N LEU E 582 31.04 -53.46 4.11
CA LEU E 582 30.72 -52.65 2.95
C LEU E 582 31.96 -51.88 2.53
N VAL E 583 32.31 -51.99 1.26
CA VAL E 583 33.44 -51.26 0.69
C VAL E 583 32.99 -50.59 -0.60
N LEU E 584 33.19 -49.28 -0.69
CA LEU E 584 32.85 -48.53 -1.88
C LEU E 584 34.12 -48.20 -2.65
N THR E 585 34.13 -48.54 -3.94
CA THR E 585 35.26 -48.17 -4.76
C THR E 585 35.28 -46.65 -4.97
N ASP E 586 36.44 -46.16 -5.40
CA ASP E 586 36.60 -44.71 -5.56
C ASP E 586 35.59 -44.15 -6.55
N ALA E 587 35.18 -44.95 -7.54
CA ALA E 587 34.14 -44.50 -8.46
C ALA E 587 32.83 -44.25 -7.72
N ALA E 588 32.45 -45.14 -6.81
CA ALA E 588 31.20 -44.99 -6.09
C ALA E 588 31.23 -43.73 -5.22
N LYS E 589 32.33 -43.51 -4.50
CA LYS E 589 32.44 -42.31 -3.69
C LYS E 589 32.42 -41.05 -4.54
N ALA E 590 33.13 -41.06 -5.67
CA ALA E 590 33.13 -39.89 -6.54
C ALA E 590 31.72 -39.59 -7.04
N LEU E 591 30.99 -40.63 -7.46
CA LEU E 591 29.63 -40.40 -7.96
C LEU E 591 28.70 -39.92 -6.86
N LEU E 592 28.83 -40.49 -5.66
CA LEU E 592 28.00 -40.04 -4.55
C LEU E 592 28.25 -38.56 -4.25
N ALA E 593 29.51 -38.15 -4.24
CA ALA E 593 29.83 -36.74 -4.02
C ALA E 593 29.27 -35.88 -5.14
N LYS E 594 29.37 -36.36 -6.38
CA LYS E 594 28.89 -35.58 -7.52
C LYS E 594 27.39 -35.36 -7.45
N ARG E 595 26.63 -36.40 -7.10
CA ARG E 595 25.18 -36.29 -7.09
C ARG E 595 24.68 -35.52 -5.87
N GLY E 596 25.36 -35.65 -4.74
CA GLY E 596 24.92 -35.05 -3.50
C GLY E 596 25.44 -33.65 -3.22
N PHE E 597 26.20 -33.06 -4.13
CA PHE E 597 26.78 -31.75 -3.89
C PHE E 597 25.83 -30.67 -4.40
N ASP E 598 25.39 -29.81 -3.50
CA ASP E 598 24.60 -28.64 -3.85
C ASP E 598 24.83 -27.58 -2.77
N PRO E 599 25.61 -26.53 -3.05
CA PRO E 599 26.12 -25.69 -1.96
C PRO E 599 25.06 -25.09 -1.07
N VAL E 600 23.92 -24.71 -1.62
CA VAL E 600 22.97 -23.88 -0.86
C VAL E 600 22.37 -24.67 0.30
N LEU E 601 22.02 -25.93 0.07
CA LEU E 601 21.28 -26.72 1.05
C LEU E 601 22.19 -27.52 1.99
N GLY E 602 23.50 -27.41 1.86
CA GLY E 602 24.38 -28.04 2.84
C GLY E 602 24.58 -29.52 2.58
N ALA E 603 24.73 -30.27 3.67
CA ALA E 603 25.07 -31.68 3.62
C ALA E 603 23.87 -32.61 3.65
N ARG E 604 22.68 -32.10 3.96
CA ARG E 604 21.51 -32.98 3.99
C ARG E 604 21.23 -33.62 2.64
N PRO E 605 21.32 -32.91 1.51
CA PRO E 605 21.12 -33.59 0.22
C PRO E 605 22.02 -34.79 0.04
N LEU E 606 23.28 -34.70 0.50
CA LEU E 606 24.15 -35.86 0.44
C LEU E 606 23.63 -36.99 1.31
N ARG E 607 23.08 -36.66 2.47
CA ARG E 607 22.55 -37.70 3.35
C ARG E 607 21.40 -38.44 2.67
N ARG E 608 20.46 -37.70 2.08
CA ARG E 608 19.34 -38.38 1.43
C ARG E 608 19.79 -39.11 0.16
N THR E 609 20.84 -38.61 -0.50
CA THR E 609 21.39 -39.34 -1.64
C THR E 609 21.96 -40.68 -1.21
N ILE E 610 22.73 -40.68 -0.12
CA ILE E 610 23.23 -41.95 0.42
C ILE E 610 22.06 -42.85 0.78
N GLN E 611 21.01 -42.26 1.35
CA GLN E 611 19.85 -43.05 1.77
C GLN E 611 19.18 -43.74 0.59
N ARG E 612 18.89 -42.98 -0.47
CA ARG E 612 18.11 -43.51 -1.57
C ARG E 612 18.94 -44.20 -2.64
N GLU E 613 20.26 -44.12 -2.58
CA GLU E 613 21.13 -44.70 -3.61
C GLU E 613 21.70 -46.05 -3.22
N ILE E 614 22.16 -46.21 -1.99
CA ILE E 614 22.76 -47.46 -1.53
C ILE E 614 22.01 -48.07 -0.35
N GLU E 615 21.55 -47.23 0.58
CA GLU E 615 20.94 -47.75 1.80
C GLU E 615 19.68 -48.54 1.49
N ASP E 616 18.80 -48.00 0.66
CA ASP E 616 17.55 -48.69 0.35
C ASP E 616 17.79 -49.91 -0.52
N GLN E 617 18.71 -49.81 -1.49
CA GLN E 617 19.04 -50.97 -2.30
C GLN E 617 19.64 -52.07 -1.45
N LEU E 618 20.52 -51.71 -0.51
CA LEU E 618 21.07 -52.71 0.40
C LEU E 618 19.98 -53.34 1.24
N SER E 619 19.02 -52.54 1.70
CA SER E 619 17.92 -53.09 2.49
C SER E 619 17.13 -54.09 1.68
N GLU E 620 16.81 -53.75 0.44
CA GLU E 620 16.06 -54.66 -0.41
C GLU E 620 16.84 -55.96 -0.63
N LYS E 621 18.13 -55.84 -0.93
CA LYS E 621 18.93 -57.04 -1.19
C LYS E 621 19.05 -57.90 0.05
N ILE E 622 19.22 -57.28 1.23
CA ILE E 622 19.30 -58.05 2.46
C ILE E 622 18.00 -58.78 2.71
N LEU E 623 16.87 -58.12 2.50
CA LEU E 623 15.59 -58.80 2.70
C LEU E 623 15.42 -59.95 1.73
N PHE E 624 15.79 -59.75 0.47
CA PHE E 624 15.70 -60.82 -0.52
C PHE E 624 16.78 -61.87 -0.33
N GLU E 625 17.83 -61.56 0.43
CA GLU E 625 18.93 -62.48 0.73
C GLU E 625 19.90 -62.63 -0.43
N GLU E 626 19.98 -61.65 -1.33
CA GLU E 626 21.02 -61.68 -2.35
C GLU E 626 22.40 -61.51 -1.72
N VAL E 627 22.48 -60.77 -0.61
CA VAL E 627 23.71 -60.62 0.17
C VAL E 627 23.38 -60.99 1.61
N GLY E 628 24.22 -61.81 2.21
CA GLY E 628 23.96 -62.31 3.54
C GLY E 628 25.17 -62.24 4.44
N PRO E 629 25.01 -62.66 5.69
CA PRO E 629 26.14 -62.61 6.63
C PRO E 629 27.31 -63.44 6.13
N GLY E 630 28.51 -62.96 6.43
CA GLY E 630 29.73 -63.67 6.10
C GLY E 630 30.38 -63.27 4.80
N GLN E 631 29.84 -62.29 4.08
CA GLN E 631 30.40 -61.86 2.81
C GLN E 631 30.48 -60.34 2.78
N VAL E 632 31.42 -59.84 1.98
CA VAL E 632 31.67 -58.41 1.83
C VAL E 632 30.92 -57.91 0.61
N VAL E 633 30.28 -56.76 0.75
CA VAL E 633 29.49 -56.15 -0.32
C VAL E 633 30.31 -55.01 -0.90
N THR E 634 30.67 -55.14 -2.17
CA THR E 634 31.42 -54.11 -2.89
C THR E 634 30.47 -53.35 -3.80
N VAL E 635 30.36 -52.07 -3.58
CA VAL E 635 29.59 -51.19 -4.45
C VAL E 635 30.53 -50.61 -5.51
N ASP E 636 30.05 -50.57 -6.74
CA ASP E 636 30.82 -50.07 -7.87
C ASP E 636 29.89 -49.29 -8.77
N VAL E 637 30.45 -48.65 -9.79
CA VAL E 637 29.69 -47.82 -10.72
C VAL E 637 30.08 -48.20 -12.14
N ASP E 638 29.09 -48.27 -13.02
CA ASP E 638 29.30 -48.59 -14.42
C ASP E 638 28.55 -47.59 -15.28
N ASN E 639 28.86 -47.61 -16.58
CA ASN E 639 28.29 -46.64 -17.53
C ASN E 639 28.60 -45.21 -17.11
N TRP E 640 29.80 -45.00 -16.57
CA TRP E 640 30.25 -43.68 -16.17
C TRP E 640 31.66 -43.46 -16.70
N ASP E 641 31.88 -42.34 -17.38
CA ASP E 641 33.19 -42.01 -17.89
C ASP E 641 34.16 -41.59 -16.79
N GLY E 642 33.67 -41.35 -15.59
CA GLY E 642 34.50 -40.93 -14.48
C GLY E 642 34.57 -39.43 -14.27
N GLU E 643 34.19 -38.64 -15.27
CA GLU E 643 34.23 -37.19 -15.17
C GLU E 643 32.87 -36.56 -15.39
N GLY E 644 32.13 -36.98 -16.42
CA GLY E 644 30.86 -36.38 -16.72
C GLY E 644 29.80 -36.74 -15.71
N PRO E 645 28.75 -35.93 -15.60
CA PRO E 645 27.65 -36.26 -14.69
C PRO E 645 27.07 -37.63 -15.01
N GLY E 646 26.73 -38.37 -13.97
CA GLY E 646 26.25 -39.73 -14.14
C GLY E 646 24.74 -39.82 -14.27
N GLU E 647 24.17 -39.10 -15.22
CA GLU E 647 22.73 -39.20 -15.45
C GLU E 647 22.33 -40.60 -15.89
N ASP E 648 23.29 -41.41 -16.36
CA ASP E 648 23.04 -42.78 -16.74
C ASP E 648 23.74 -43.80 -15.85
N ALA E 649 24.77 -43.39 -15.11
CA ALA E 649 25.49 -44.32 -14.26
C ALA E 649 24.58 -44.89 -13.18
N VAL E 650 24.80 -46.16 -12.84
CA VAL E 650 24.00 -46.85 -11.83
C VAL E 650 24.93 -47.67 -10.94
N PHE E 651 24.66 -47.67 -9.64
CA PHE E 651 25.46 -48.44 -8.71
C PHE E 651 25.16 -49.92 -8.85
N THR E 652 26.20 -50.73 -8.66
CA THR E 652 26.09 -52.19 -8.73
C THR E 652 26.73 -52.78 -7.48
N PHE E 653 26.03 -53.72 -6.86
CA PHE E 653 26.48 -54.35 -5.63
C PHE E 653 26.91 -55.78 -5.92
N THR E 654 28.07 -56.17 -5.41
CA THR E 654 28.59 -57.52 -5.59
C THR E 654 28.94 -58.11 -4.23
N GLY E 655 28.40 -59.29 -3.94
CA GLY E 655 28.68 -59.94 -2.68
C GLY E 655 29.67 -61.07 -2.82
N THR E 656 30.86 -60.91 -2.24
CA THR E 656 31.92 -61.91 -2.33
C THR E 656 32.27 -62.42 -0.95
N ARG E 657 32.36 -63.74 -0.81
CA ARG E 657 32.65 -64.36 0.47
C ARG E 657 33.89 -63.78 1.12
N LEU F 4 -10.78 -12.61 87.24
CA LEU F 4 -10.11 -13.54 88.15
C LEU F 4 -8.65 -13.18 88.32
N ASP F 5 -8.05 -12.64 87.26
CA ASP F 5 -6.67 -12.17 87.18
C ASP F 5 -5.71 -13.37 87.04
N GLN F 6 -6.18 -14.60 87.21
CA GLN F 6 -5.31 -15.75 86.99
C GLN F 6 -5.11 -16.06 85.52
N PHE F 7 -6.01 -15.59 84.65
CA PHE F 7 -5.83 -15.71 83.21
C PHE F 7 -5.10 -14.52 82.60
N GLY F 8 -4.91 -13.44 83.34
CA GLY F 8 -4.28 -12.27 82.79
C GLY F 8 -3.90 -11.21 83.80
N ARG F 9 -2.88 -10.42 83.48
CA ARG F 9 -2.39 -9.37 84.37
C ARG F 9 -3.33 -8.16 84.33
N ASN F 10 -3.32 -7.41 85.42
CA ASN F 10 -4.09 -6.17 85.52
C ASN F 10 -3.14 -5.00 85.29
N LEU F 11 -3.26 -4.35 84.13
CA LEU F 11 -2.34 -3.27 83.78
C LEU F 11 -2.50 -2.09 84.74
N THR F 12 -3.73 -1.76 85.13
CA THR F 12 -3.93 -0.60 85.98
C THR F 12 -3.28 -0.78 87.35
N ALA F 13 -3.33 -1.99 87.90
CA ALA F 13 -2.67 -2.25 89.17
C ALA F 13 -1.16 -2.03 89.05
N ALA F 14 -0.56 -2.51 87.96
CA ALA F 14 0.86 -2.28 87.75
C ALA F 14 1.17 -0.80 87.58
N ALA F 15 0.33 -0.08 86.85
CA ALA F 15 0.55 1.35 86.67
C ALA F 15 0.51 2.08 88.01
N MET F 16 -0.48 1.76 88.84
CA MET F 16 -0.54 2.37 90.16
C MET F 16 0.69 2.01 90.98
N GLU F 17 1.11 0.75 90.94
CA GLU F 17 2.34 0.35 91.60
C GLU F 17 3.57 1.03 91.00
N GLY F 18 3.46 1.53 89.78
CA GLY F 18 4.57 2.18 89.11
C GLY F 18 5.48 1.24 88.34
N LYS F 19 5.10 -0.02 88.19
CA LYS F 19 5.96 -0.96 87.46
C LYS F 19 6.05 -0.63 85.99
N LEU F 20 4.97 -0.12 85.40
CA LEU F 20 4.97 0.16 83.96
C LEU F 20 5.88 1.33 83.64
N ASP F 21 6.61 1.21 82.53
CA ASP F 21 7.51 2.27 82.11
C ASP F 21 6.71 3.47 81.59
N PRO F 22 7.18 4.68 81.83
CA PRO F 22 6.45 5.87 81.36
C PRO F 22 6.42 5.94 79.84
N VAL F 23 5.33 6.50 79.31
CA VAL F 23 5.17 6.72 77.88
C VAL F 23 4.89 8.19 77.66
N ILE F 24 5.61 8.80 76.73
CA ILE F 24 5.52 10.23 76.47
C ILE F 24 5.45 10.47 74.97
N GLY F 25 4.82 11.59 74.60
CA GLY F 25 4.72 11.98 73.21
C GLY F 25 3.61 11.32 72.44
N ARG F 26 2.75 10.53 73.08
CA ARG F 26 1.67 9.82 72.41
C ARG F 26 0.33 10.21 73.02
N GLU F 27 0.13 11.51 73.26
CA GLU F 27 -1.15 11.98 73.79
C GLU F 27 -2.25 11.86 72.76
N LYS F 28 -1.95 12.14 71.49
CA LYS F 28 -2.98 12.11 70.46
C LYS F 28 -3.49 10.69 70.23
N GLU F 29 -2.61 9.70 70.23
CA GLU F 29 -3.05 8.33 70.04
C GLU F 29 -3.91 7.87 71.20
N ILE F 30 -3.54 8.23 72.44
CA ILE F 30 -4.35 7.87 73.60
C ILE F 30 -5.71 8.55 73.52
N GLU F 31 -5.73 9.80 73.07
CA GLU F 31 -7.00 10.50 72.91
C GLU F 31 -7.88 9.81 71.88
N ARG F 32 -7.30 9.40 70.76
CA ARG F 32 -8.06 8.69 69.73
C ARG F 32 -8.62 7.38 70.29
N VAL F 33 -7.80 6.65 71.03
CA VAL F 33 -8.25 5.38 71.61
C VAL F 33 -9.42 5.63 72.56
N MET F 34 -9.32 6.66 73.38
CA MET F 34 -10.40 6.97 74.31
C MET F 34 -11.67 7.35 73.54
N GLN F 35 -11.52 8.17 72.51
CA GLN F 35 -12.68 8.52 71.68
C GLN F 35 -13.37 7.28 71.14
N VAL F 36 -12.59 6.38 70.53
CA VAL F 36 -13.19 5.19 69.95
C VAL F 36 -13.85 4.34 71.03
N LEU F 37 -13.21 4.22 72.19
CA LEU F 37 -13.83 3.49 73.29
C LEU F 37 -15.11 4.16 73.77
N SER F 38 -15.29 5.43 73.47
CA SER F 38 -16.50 6.17 73.85
C SER F 38 -17.49 6.30 72.70
N ARG F 39 -17.60 5.27 71.86
CA ARG F 39 -18.50 5.27 70.72
C ARG F 39 -19.57 4.20 70.89
N ARG F 40 -20.79 4.52 70.45
CA ARG F 40 -21.88 3.55 70.53
C ARG F 40 -21.58 2.32 69.69
N THR F 41 -21.11 2.52 68.46
CA THR F 41 -20.81 1.44 67.53
C THR F 41 -19.34 1.51 67.13
N LYS F 42 -18.78 0.36 66.77
CA LYS F 42 -17.34 0.25 66.55
C LYS F 42 -16.57 0.71 67.78
N ASN F 43 -17.08 0.32 68.96
CA ASN F 43 -16.52 0.80 70.22
C ASN F 43 -15.09 0.33 70.42
N ASN F 44 -14.72 -0.81 69.84
CA ASN F 44 -13.42 -1.42 70.13
C ASN F 44 -12.35 -0.89 69.19
N PRO F 45 -11.33 -0.21 69.69
CA PRO F 45 -10.22 0.21 68.83
C PRO F 45 -9.12 -0.84 68.75
N VAL F 46 -8.60 -1.03 67.54
CA VAL F 46 -7.48 -1.93 67.30
C VAL F 46 -6.32 -1.11 66.77
N LEU F 47 -5.18 -1.17 67.46
CA LEU F 47 -4.03 -0.35 67.10
C LEU F 47 -3.25 -1.00 65.97
N ILE F 48 -3.01 -0.24 64.91
CA ILE F 48 -2.28 -0.71 63.73
C ILE F 48 -0.96 0.03 63.66
N GLY F 49 0.13 -0.72 63.52
CA GLY F 49 1.43 -0.11 63.41
C GLY F 49 2.50 -1.17 63.25
N GLU F 50 3.64 -0.74 62.75
CA GLU F 50 4.75 -1.64 62.50
C GLU F 50 5.33 -2.14 63.83
N PRO F 51 5.97 -3.30 63.82
CA PRO F 51 6.48 -3.86 65.08
C PRO F 51 7.47 -2.92 65.75
N GLY F 52 7.38 -2.85 67.08
CA GLY F 52 8.26 -2.02 67.87
C GLY F 52 7.86 -0.56 67.93
N VAL F 53 6.80 -0.15 67.22
CA VAL F 53 6.45 1.26 67.18
C VAL F 53 5.96 1.76 68.53
N GLY F 54 5.38 0.88 69.34
CA GLY F 54 4.84 1.29 70.63
C GLY F 54 3.35 1.04 70.74
N LYS F 55 2.87 0.01 70.06
CA LYS F 55 1.43 -0.29 70.10
C LYS F 55 0.98 -0.61 71.51
N THR F 56 1.79 -1.35 72.28
CA THR F 56 1.48 -1.57 73.68
C THR F 56 1.80 -0.34 74.53
N ALA F 57 2.65 0.55 74.04
CA ALA F 57 2.97 1.77 74.80
C ALA F 57 1.75 2.66 74.96
N VAL F 58 0.92 2.75 73.93
CA VAL F 58 -0.27 3.60 74.03
C VAL F 58 -1.27 3.00 75.01
N VAL F 59 -1.39 1.68 75.05
CA VAL F 59 -2.26 1.04 76.04
C VAL F 59 -1.72 1.30 77.44
N GLU F 60 -0.40 1.21 77.61
CA GLU F 60 0.20 1.52 78.90
C GLU F 60 -0.09 2.96 79.31
N GLY F 61 0.00 3.88 78.34
CA GLY F 61 -0.33 5.26 78.63
C GLY F 61 -1.79 5.45 78.99
N LEU F 62 -2.67 4.70 78.35
CA LEU F 62 -4.09 4.73 78.71
C LEU F 62 -4.27 4.27 80.16
N ALA F 63 -3.58 3.20 80.54
CA ALA F 63 -3.65 2.74 81.93
C ALA F 63 -3.14 3.82 82.88
N GLN F 64 -2.03 4.46 82.53
CA GLN F 64 -1.49 5.52 83.38
C GLN F 64 -2.48 6.68 83.50
N ALA F 65 -3.12 7.05 82.39
CA ALA F 65 -4.10 8.13 82.44
C ALA F 65 -5.27 7.78 83.33
N ILE F 66 -5.81 6.57 83.20
CA ILE F 66 -6.97 6.20 83.99
C ILE F 66 -6.62 6.19 85.47
N VAL F 67 -5.45 5.64 85.82
CA VAL F 67 -5.06 5.64 87.23
C VAL F 67 -4.85 7.05 87.73
N HIS F 68 -4.31 7.94 86.88
CA HIS F 68 -4.16 9.33 87.26
C HIS F 68 -5.47 10.13 87.15
N GLY F 69 -6.44 9.62 86.40
CA GLY F 69 -7.75 10.24 86.34
C GLY F 69 -7.97 11.22 85.19
N GLU F 70 -7.08 11.25 84.20
CA GLU F 70 -7.25 12.15 83.07
C GLU F 70 -8.32 11.69 82.09
N VAL F 71 -8.77 10.44 82.18
CA VAL F 71 -9.73 9.88 81.24
C VAL F 71 -11.13 10.44 81.53
N PRO F 72 -12.07 10.38 80.58
CA PRO F 72 -13.43 10.84 80.87
C PRO F 72 -14.07 10.08 82.01
N GLU F 73 -15.28 10.50 82.40
CA GLU F 73 -15.96 9.87 83.52
C GLU F 73 -16.24 8.40 83.24
N THR F 74 -16.62 8.06 82.01
CA THR F 74 -17.01 6.70 81.69
C THR F 74 -15.87 5.70 81.79
N LEU F 75 -14.62 6.17 81.86
CA LEU F 75 -13.47 5.29 81.91
C LEU F 75 -12.65 5.38 83.19
N LYS F 76 -12.92 6.37 84.05
CA LYS F 76 -12.07 6.57 85.21
C LYS F 76 -12.12 5.38 86.17
N ASP F 77 -13.29 4.74 86.28
CA ASP F 77 -13.48 3.66 87.24
C ASP F 77 -13.17 2.29 86.68
N LYS F 78 -12.69 2.21 85.44
CA LYS F 78 -12.40 0.93 84.81
C LYS F 78 -11.07 0.38 85.32
N GLN F 79 -10.73 -0.83 84.88
CA GLN F 79 -9.46 -1.45 85.25
C GLN F 79 -9.04 -2.36 84.10
N LEU F 80 -8.03 -1.93 83.35
CA LEU F 80 -7.57 -2.70 82.20
C LEU F 80 -7.05 -4.06 82.63
N TYR F 81 -7.32 -5.07 81.81
CA TYR F 81 -6.78 -6.41 81.99
C TYR F 81 -6.19 -6.88 80.68
N THR F 82 -5.01 -7.50 80.76
CA THR F 82 -4.34 -8.05 79.58
C THR F 82 -4.44 -9.56 79.63
N LEU F 83 -4.90 -10.15 78.54
CA LEU F 83 -5.11 -11.60 78.47
C LEU F 83 -3.83 -12.30 78.01
N PHE F 98 -10.68 -25.98 77.74
CA PHE F 98 -10.18 -24.66 77.38
C PHE F 98 -11.33 -23.67 77.21
N GLU F 99 -12.36 -24.10 76.46
CA GLU F 99 -13.50 -23.23 76.23
C GLU F 99 -14.22 -22.91 77.53
N GLU F 100 -14.29 -23.87 78.45
CA GLU F 100 -15.00 -23.65 79.71
C GLU F 100 -14.35 -22.54 80.53
N ARG F 101 -13.02 -22.53 80.61
CA ARG F 101 -12.33 -21.51 81.38
C ARG F 101 -12.51 -20.14 80.74
N LEU F 102 -12.40 -20.06 79.41
CA LEU F 102 -12.61 -18.79 78.72
C LEU F 102 -14.03 -18.28 78.96
N LYS F 103 -15.01 -19.19 78.90
CA LYS F 103 -16.39 -18.80 79.15
C LYS F 103 -16.57 -18.28 80.57
N LYS F 104 -15.95 -18.95 81.55
CA LYS F 104 -16.08 -18.51 82.94
C LYS F 104 -15.46 -17.13 83.13
N VAL F 105 -14.29 -16.90 82.56
CA VAL F 105 -13.65 -15.59 82.72
C VAL F 105 -14.47 -14.52 82.00
N LEU F 106 -15.05 -14.84 80.84
CA LEU F 106 -15.89 -13.88 80.16
C LEU F 106 -17.13 -13.54 80.98
N LYS F 107 -17.74 -14.54 81.61
CA LYS F 107 -18.88 -14.29 82.48
C LYS F 107 -18.48 -13.39 83.65
N GLU F 108 -17.30 -13.65 84.23
CA GLU F 108 -16.82 -12.81 85.32
C GLU F 108 -16.64 -11.38 84.85
N ILE F 109 -16.07 -11.19 83.66
CA ILE F 109 -15.87 -9.85 83.12
C ILE F 109 -17.21 -9.16 82.94
N ASN F 110 -18.18 -9.87 82.35
CA ASN F 110 -19.49 -9.27 82.09
C ASN F 110 -20.17 -8.87 83.38
N THR F 111 -20.15 -9.75 84.39
CA THR F 111 -20.84 -9.42 85.64
C THR F 111 -20.13 -8.30 86.38
N ARG F 112 -18.80 -8.22 86.27
CA ARG F 112 -18.07 -7.10 86.89
C ARG F 112 -18.30 -5.83 86.09
N GLY F 113 -17.93 -5.83 84.81
CA GLY F 113 -18.24 -4.74 83.91
C GLY F 113 -17.36 -3.53 84.03
N ASP F 114 -16.42 -3.50 84.95
CA ASP F 114 -15.52 -2.38 85.15
C ASP F 114 -14.13 -2.65 84.60
N ILE F 115 -14.05 -3.47 83.54
CA ILE F 115 -12.78 -3.91 82.97
C ILE F 115 -12.85 -3.77 81.47
N ILE F 116 -11.75 -3.30 80.87
CA ILE F 116 -11.57 -3.26 79.43
C ILE F 116 -10.44 -4.23 79.10
N LEU F 117 -10.74 -5.21 78.25
CA LEU F 117 -9.79 -6.26 77.93
C LEU F 117 -8.87 -5.81 76.81
N PHE F 118 -7.56 -5.80 77.07
CA PHE F 118 -6.55 -5.54 76.06
C PHE F 118 -5.96 -6.87 75.61
N ILE F 119 -6.15 -7.20 74.35
CA ILE F 119 -5.68 -8.46 73.79
C ILE F 119 -4.50 -8.13 72.87
N ASP F 120 -3.29 -8.33 73.38
CA ASP F 120 -2.11 -8.11 72.57
C ASP F 120 -2.03 -9.14 71.45
N GLU F 121 -1.68 -8.67 70.26
CA GLU F 121 -1.60 -9.53 69.08
C GLU F 121 -2.95 -10.23 68.84
N LEU F 122 -3.96 -9.41 68.54
CA LEU F 122 -5.31 -9.91 68.40
C LEU F 122 -5.45 -10.92 67.27
N HIS F 123 -4.53 -10.93 66.31
CA HIS F 123 -4.65 -11.84 65.18
C HIS F 123 -4.62 -13.30 65.61
N THR F 124 -4.12 -13.60 66.81
CA THR F 124 -4.13 -14.97 67.29
C THR F 124 -5.55 -15.44 67.59
N LEU F 125 -6.41 -14.54 68.05
CA LEU F 125 -7.79 -14.90 68.35
C LEU F 125 -8.50 -15.36 67.08
N GLN F 151 -16.38 -4.38 74.63
CA GLN F 151 -15.32 -3.43 74.93
C GLN F 151 -13.98 -4.14 75.07
N THR F 152 -13.07 -3.87 74.13
CA THR F 152 -11.75 -4.47 74.17
C THR F 152 -10.83 -3.63 73.28
N ILE F 153 -9.53 -3.87 73.43
CA ILE F 153 -8.49 -3.18 72.66
C ILE F 153 -7.56 -4.23 72.08
N GLY F 154 -7.16 -4.03 70.82
CA GLY F 154 -6.26 -4.94 70.16
C GLY F 154 -5.10 -4.20 69.53
N ALA F 155 -4.04 -4.96 69.25
CA ALA F 155 -2.83 -4.40 68.66
C ALA F 155 -2.23 -5.42 67.72
N THR F 156 -2.13 -5.06 66.44
CA THR F 156 -1.56 -5.93 65.43
C THR F 156 -0.93 -5.09 64.34
N THR F 157 -0.02 -5.71 63.59
CA THR F 157 0.62 -5.01 62.49
C THR F 157 -0.36 -4.84 61.34
N LEU F 158 -0.02 -3.94 60.42
CA LEU F 158 -0.88 -3.69 59.28
C LEU F 158 -1.08 -4.95 58.44
N ASP F 159 0.00 -5.69 58.23
CA ASP F 159 -0.09 -6.90 57.40
C ASP F 159 -0.97 -7.96 58.06
N GLU F 160 -0.71 -8.26 59.34
CA GLU F 160 -1.54 -9.25 60.02
C GLU F 160 -2.96 -8.73 60.20
N TYR F 161 -3.13 -7.43 60.39
CA TYR F 161 -4.48 -6.88 60.48
C TYR F 161 -5.26 -7.12 59.19
N ARG F 162 -4.62 -6.88 58.04
CA ARG F 162 -5.28 -7.15 56.77
C ARG F 162 -5.54 -8.64 56.59
N LYS F 163 -4.60 -9.48 56.97
CA LYS F 163 -4.71 -10.91 56.69
C LYS F 163 -5.79 -11.56 57.54
N TYR F 164 -5.81 -11.28 58.84
CA TYR F 164 -6.65 -12.02 59.78
C TYR F 164 -7.94 -11.31 60.12
N ILE F 165 -7.90 -9.99 60.35
CA ILE F 165 -9.07 -9.28 60.83
C ILE F 165 -9.89 -8.70 59.69
N GLU F 166 -9.23 -8.02 58.76
CA GLU F 166 -9.94 -7.42 57.63
C GLU F 166 -10.36 -8.49 56.64
N ALA F 169 -14.64 -10.64 58.42
CA ALA F 169 -15.62 -9.63 58.07
C ALA F 169 -16.58 -9.39 59.22
N ALA F 170 -16.81 -10.42 60.02
CA ALA F 170 -17.69 -10.27 61.19
C ALA F 170 -17.04 -9.39 62.26
N LEU F 171 -15.72 -9.44 62.38
CA LEU F 171 -15.03 -8.60 63.36
C LEU F 171 -14.98 -7.14 62.91
N GLU F 172 -14.91 -6.90 61.60
CA GLU F 172 -14.80 -5.53 61.12
C GLU F 172 -15.92 -4.65 61.65
N ARG F 173 -17.12 -5.22 61.84
CA ARG F 173 -18.24 -4.44 62.33
C ARG F 173 -18.01 -3.93 63.75
N ARG F 174 -17.11 -4.56 64.51
CA ARG F 174 -16.91 -4.23 65.91
C ARG F 174 -15.52 -3.69 66.22
N PHE F 175 -14.66 -3.51 65.22
CA PHE F 175 -13.29 -3.05 65.44
C PHE F 175 -13.02 -1.83 64.58
N GLN F 176 -12.43 -0.81 65.19
CA GLN F 176 -12.11 0.45 64.51
C GLN F 176 -10.60 0.66 64.50
N PRO F 177 -9.92 0.54 63.37
CA PRO F 177 -8.46 0.66 63.36
C PRO F 177 -8.00 2.03 63.82
N VAL F 178 -6.90 2.05 64.56
CA VAL F 178 -6.25 3.28 65.01
C VAL F 178 -4.79 3.19 64.64
N GLN F 179 -4.31 4.15 63.84
CA GLN F 179 -2.94 4.14 63.37
C GLN F 179 -2.00 4.68 64.44
N VAL F 180 -0.87 4.01 64.62
CA VAL F 180 0.16 4.43 65.56
C VAL F 180 1.42 4.68 64.73
N GLY F 181 1.71 5.96 64.45
CA GLY F 181 2.80 6.29 63.57
C GLY F 181 4.15 6.06 64.20
N GLU F 182 5.15 5.93 63.33
CA GLU F 182 6.52 5.69 63.79
C GLU F 182 7.11 6.98 64.37
N PRO F 183 7.64 6.96 65.59
CA PRO F 183 8.26 8.18 66.14
C PRO F 183 9.42 8.66 65.29
N THR F 184 9.61 9.97 65.26
CA THR F 184 10.72 10.57 64.55
C THR F 184 11.96 10.56 65.45
N VAL F 185 13.03 11.20 64.98
CA VAL F 185 14.28 11.23 65.76
C VAL F 185 14.10 12.01 67.04
N GLU F 186 13.32 13.10 66.99
CA GLU F 186 13.14 13.93 68.18
C GLU F 186 12.21 13.25 69.18
N HIS F 187 11.14 12.62 68.69
CA HIS F 187 10.28 11.84 69.56
C HIS F 187 11.05 10.70 70.21
N THR F 188 11.91 10.03 69.43
CA THR F 188 12.72 8.96 70.01
C THR F 188 13.68 9.51 71.05
N ILE F 189 14.25 10.69 70.79
CA ILE F 189 15.14 11.30 71.78
C ILE F 189 14.37 11.56 73.07
N GLU F 190 13.14 12.07 72.96
CA GLU F 190 12.34 12.32 74.16
C GLU F 190 12.06 11.03 74.91
N ILE F 191 11.73 9.96 74.19
CA ILE F 191 11.47 8.68 74.84
C ILE F 191 12.73 8.18 75.55
N LEU F 192 13.88 8.33 74.89
CA LEU F 192 15.14 7.93 75.51
C LEU F 192 15.41 8.73 76.77
N LYS F 193 15.15 10.02 76.74
CA LYS F 193 15.28 10.84 77.94
C LYS F 193 14.37 10.32 79.05
N GLY F 194 13.14 9.95 78.69
CA GLY F 194 12.23 9.43 79.70
C GLY F 194 12.71 8.14 80.32
N LEU F 195 13.28 7.25 79.53
CA LEU F 195 13.73 5.95 79.99
C LEU F 195 15.15 5.96 80.55
N ARG F 196 15.84 7.10 80.46
CA ARG F 196 17.21 7.19 80.93
C ARG F 196 17.33 6.76 82.38
N ASP F 197 16.45 7.25 83.24
CA ASP F 197 16.57 6.97 84.67
C ASP F 197 16.43 5.48 84.93
N ARG F 198 15.43 4.84 84.31
CA ARG F 198 15.21 3.42 84.53
C ARG F 198 16.41 2.60 84.05
N TYR F 199 16.92 2.92 82.86
CA TYR F 199 18.03 2.13 82.33
C TYR F 199 19.31 2.35 83.14
N GLU F 200 19.56 3.58 83.56
CA GLU F 200 20.71 3.84 84.43
C GLU F 200 20.59 3.07 85.73
N ALA F 201 19.41 3.08 86.34
CA ALA F 201 19.23 2.33 87.58
C ALA F 201 19.46 0.85 87.37
N HIS F 202 18.95 0.30 86.26
CA HIS F 202 19.13 -1.13 86.02
C HIS F 202 20.60 -1.49 85.81
N HIS F 203 21.31 -0.72 84.98
CA HIS F 203 22.67 -1.05 84.60
C HIS F 203 23.71 -0.38 85.50
N ARG F 204 23.30 0.48 86.43
CA ARG F 204 24.24 1.17 87.31
C ARG F 204 25.27 1.95 86.50
N VAL F 205 24.81 2.64 85.46
CA VAL F 205 25.67 3.47 84.61
C VAL F 205 24.99 4.81 84.42
N SER F 206 25.71 5.72 83.78
CA SER F 206 25.23 7.07 83.48
C SER F 206 25.26 7.29 81.98
N ILE F 207 24.19 7.86 81.44
CA ILE F 207 24.04 8.10 80.02
C ILE F 207 23.86 9.59 79.79
N THR F 208 24.62 10.14 78.85
CA THR F 208 24.58 11.57 78.54
C THR F 208 23.57 11.85 77.45
N ASP F 209 23.11 13.10 77.39
CA ASP F 209 22.14 13.50 76.37
C ASP F 209 22.75 13.36 74.98
N ALA F 210 24.01 13.75 74.82
CA ALA F 210 24.69 13.54 73.55
C ALA F 210 24.66 12.07 73.15
N ALA F 211 24.78 11.17 74.14
CA ALA F 211 24.67 9.75 73.85
C ALA F 211 23.29 9.40 73.31
N MET F 212 22.24 9.99 73.88
CA MET F 212 20.89 9.73 73.37
C MET F 212 20.74 10.22 71.94
N VAL F 213 21.23 11.43 71.66
CA VAL F 213 21.13 11.96 70.30
C VAL F 213 21.86 11.07 69.32
N ALA F 214 23.08 10.66 69.69
CA ALA F 214 23.86 9.79 68.81
C ALA F 214 23.15 8.46 68.60
N ALA F 215 22.60 7.88 69.66
CA ALA F 215 21.90 6.60 69.53
C ALA F 215 20.74 6.73 68.57
N ALA F 216 19.90 7.74 68.77
CA ALA F 216 18.74 7.91 67.90
C ALA F 216 19.17 8.09 66.45
N THR F 217 20.10 9.02 66.20
CA THR F 217 20.49 9.31 64.83
C THR F 217 21.11 8.09 64.16
N LEU F 218 22.06 7.44 64.83
CA LEU F 218 22.75 6.30 64.23
C LEU F 218 21.80 5.14 63.99
N ALA F 219 20.92 4.85 64.96
CA ALA F 219 19.96 3.77 64.78
C ALA F 219 19.04 4.06 63.60
N ASP F 220 18.58 5.30 63.48
CA ASP F 220 17.72 5.64 62.35
C ASP F 220 18.46 5.47 61.04
N ARG F 221 19.73 5.89 60.99
CA ARG F 221 20.45 5.91 59.73
C ARG F 221 20.84 4.51 59.28
N TYR F 222 21.42 3.71 60.18
CA TYR F 222 22.05 2.45 59.79
C TYR F 222 21.19 1.22 60.05
N ILE F 223 20.28 1.28 61.03
CA ILE F 223 19.58 0.09 61.48
C ILE F 223 18.18 0.11 60.85
N ASN F 224 18.07 0.81 59.73
CA ASN F 224 16.79 1.07 59.05
C ASN F 224 15.83 -0.12 59.03
N ASP F 225 16.35 -1.35 58.99
CA ASP F 225 15.47 -2.52 59.02
C ASP F 225 14.52 -2.48 60.22
N ARG F 226 15.07 -2.27 61.41
CA ARG F 226 14.29 -2.07 62.63
C ARG F 226 13.60 -0.71 62.63
N PHE F 227 12.81 -0.47 63.67
CA PHE F 227 12.03 0.76 63.81
C PHE F 227 12.49 1.55 65.04
N LEU F 228 12.55 2.87 64.88
CA LEU F 228 13.33 3.72 65.78
C LEU F 228 13.03 3.54 67.26
N PRO F 229 11.77 3.59 67.72
CA PRO F 229 11.54 3.52 69.17
C PRO F 229 12.17 2.31 69.82
N ASP F 230 12.16 1.17 69.15
CA ASP F 230 12.73 -0.04 69.73
C ASP F 230 14.24 -0.13 69.51
N LYS F 231 14.72 0.27 68.33
CA LYS F 231 16.13 0.07 68.02
C LYS F 231 17.02 1.05 68.80
N ALA F 232 16.55 2.28 69.01
CA ALA F 232 17.33 3.21 69.84
C ALA F 232 17.45 2.68 71.26
N ILE F 233 16.35 2.19 71.81
CA ILE F 233 16.37 1.60 73.15
C ILE F 233 17.30 0.40 73.17
N ASP F 234 17.28 -0.41 72.11
CA ASP F 234 18.17 -1.55 72.02
C ASP F 234 19.62 -1.12 72.11
N LEU F 235 19.98 -0.10 71.33
CA LEU F 235 21.36 0.39 71.34
C LEU F 235 21.76 0.87 72.71
N ILE F 236 20.89 1.65 73.37
CA ILE F 236 21.23 2.18 74.68
C ILE F 236 21.40 1.05 75.69
N ASP F 237 20.48 0.08 75.68
CA ASP F 237 20.57 -1.02 76.63
C ASP F 237 21.83 -1.85 76.40
N GLU F 238 22.19 -2.07 75.13
CA GLU F 238 23.39 -2.84 74.84
C GLU F 238 24.65 -2.10 75.24
N ALA F 239 24.69 -0.77 75.05
CA ALA F 239 25.83 -0.01 75.53
C ALA F 239 25.95 -0.10 77.05
N GLY F 240 24.82 -0.01 77.75
CA GLY F 240 24.85 -0.17 79.19
C GLY F 240 25.35 -1.55 79.61
N ALA F 241 24.91 -2.59 78.90
CA ALA F 241 25.37 -3.94 79.20
C ALA F 241 26.87 -4.07 78.95
N ARG F 242 27.37 -3.47 77.87
CA ARG F 242 28.80 -3.47 77.61
C ARG F 242 29.56 -2.82 78.76
N MET F 243 29.09 -1.65 79.21
CA MET F 243 29.76 -0.98 80.32
C MET F 243 29.73 -1.84 81.58
N ARG F 244 28.59 -2.47 81.86
CA ARG F 244 28.49 -3.34 83.03
C ARG F 244 29.48 -4.50 82.93
N ILE F 245 29.60 -5.08 81.74
CA ILE F 245 30.52 -6.20 81.55
C ILE F 245 31.95 -5.75 81.78
N ARG F 246 32.29 -4.55 81.29
CA ARG F 246 33.68 -4.08 81.39
C ARG F 246 34.11 -3.97 82.84
N ARG F 247 33.25 -3.45 83.71
CA ARG F 247 33.58 -3.33 85.12
C ARG F 247 33.17 -4.59 85.88
N ALA F 310 31.14 4.99 86.22
CA ALA F 310 30.63 4.42 84.98
C ALA F 310 29.83 5.46 84.21
N GLU F 311 30.09 5.57 82.90
CA GLU F 311 29.40 6.52 82.06
C GLU F 311 29.31 5.98 80.65
N VAL F 312 28.39 6.54 79.88
CA VAL F 312 28.16 6.16 78.49
C VAL F 312 28.26 7.42 77.64
N ASP F 313 28.97 7.33 76.52
CA ASP F 313 29.19 8.44 75.63
C ASP F 313 28.84 8.04 74.20
N ASP F 314 28.81 9.02 73.30
CA ASP F 314 28.45 8.75 71.92
C ASP F 314 29.40 7.74 71.28
N GLU F 315 30.68 7.76 71.66
CA GLU F 315 31.63 6.82 71.08
C GLU F 315 31.26 5.38 71.43
N GLN F 316 30.77 5.15 72.65
CA GLN F 316 30.36 3.81 73.03
C GLN F 316 29.20 3.32 72.17
N ILE F 317 28.22 4.19 71.92
CA ILE F 317 27.11 3.81 71.05
C ILE F 317 27.61 3.54 69.65
N ALA F 318 28.54 4.37 69.16
CA ALA F 318 29.07 4.18 67.82
C ALA F 318 29.77 2.83 67.70
N GLU F 319 30.59 2.47 68.69
CA GLU F 319 31.28 1.20 68.60
C GLU F 319 30.32 0.03 68.75
N VAL F 320 29.27 0.18 69.56
CA VAL F 320 28.27 -0.89 69.68
C VAL F 320 27.60 -1.11 68.33
N LEU F 321 27.21 -0.02 67.67
CA LEU F 321 26.58 -0.16 66.35
C LEU F 321 27.55 -0.75 65.34
N GLY F 322 28.81 -0.33 65.38
CA GLY F 322 29.80 -0.90 64.47
C GLY F 322 29.98 -2.38 64.68
N ASN F 323 30.01 -2.82 65.94
CA ASN F 323 30.06 -4.25 66.23
C ASN F 323 28.83 -4.95 65.67
N TRP F 324 27.67 -4.34 65.83
CA TRP F 324 26.45 -4.96 65.32
C TRP F 324 26.51 -5.16 63.81
N THR F 325 26.81 -4.08 63.08
CA THR F 325 26.73 -4.09 61.63
C THR F 325 28.08 -4.31 60.95
N GLY F 326 29.17 -4.30 61.69
CA GLY F 326 30.48 -4.50 61.11
C GLY F 326 31.07 -3.26 60.46
N ILE F 327 30.35 -2.16 60.42
CA ILE F 327 30.89 -0.92 59.85
C ILE F 327 32.00 -0.42 60.75
N PRO F 328 33.10 0.11 60.20
CA PRO F 328 34.14 0.66 61.07
C PRO F 328 33.61 1.81 61.93
N VAL F 329 34.10 1.88 63.16
CA VAL F 329 33.66 2.93 64.08
C VAL F 329 33.99 4.31 63.51
N PHE F 330 35.01 4.39 62.67
CA PHE F 330 35.42 5.68 62.13
C PHE F 330 34.29 6.31 61.32
N LYS F 331 33.64 5.52 60.46
CA LYS F 331 32.54 6.05 59.66
C LYS F 331 31.39 6.51 60.53
N LEU F 332 31.04 5.73 61.55
CA LEU F 332 29.92 6.08 62.41
C LEU F 332 30.19 7.36 63.18
N THR F 333 31.38 7.48 63.78
CA THR F 333 31.68 8.64 64.60
C THR F 333 31.98 9.87 63.75
N GLU F 334 32.64 9.69 62.61
CA GLU F 334 32.98 10.80 61.73
C GLU F 334 31.73 11.48 61.20
N THR F 337 30.10 17.64 57.19
CA THR F 337 30.54 17.57 55.79
C THR F 337 31.87 16.83 55.68
N THR F 338 32.20 16.08 56.73
CA THR F 338 33.43 15.28 56.69
C THR F 338 33.36 14.22 55.60
N ARG F 339 32.20 13.58 55.46
CA ARG F 339 32.01 12.56 54.43
C ARG F 339 31.98 13.15 53.02
N LEU F 340 31.89 14.46 52.88
CA LEU F 340 31.78 15.09 51.57
C LEU F 340 33.08 15.72 51.09
N LEU F 341 33.96 16.14 51.99
CA LEU F 341 35.21 16.74 51.56
C LEU F 341 36.21 15.70 51.05
N ARG F 342 35.96 14.42 51.28
CA ARG F 342 36.83 13.35 50.82
C ARG F 342 36.32 12.69 49.55
N MET F 343 35.28 13.25 48.92
CA MET F 343 34.71 12.62 47.74
C MET F 343 35.70 12.57 46.58
N GLU F 344 36.45 13.66 46.38
CA GLU F 344 37.30 13.76 45.20
C GLU F 344 38.36 12.65 45.18
N GLU F 345 39.12 12.53 46.28
CA GLU F 345 40.18 11.53 46.31
C GLU F 345 39.62 10.12 46.23
N GLU F 346 38.54 9.84 46.97
CA GLU F 346 37.97 8.51 46.99
C GLU F 346 37.25 8.16 45.69
N LEU F 347 36.99 9.14 44.83
CA LEU F 347 36.42 8.86 43.52
C LEU F 347 37.51 8.69 42.46
N HIS F 348 38.53 9.55 42.46
CA HIS F 348 39.62 9.38 41.51
C HIS F 348 40.43 8.12 41.76
N LYS F 349 40.26 7.47 42.91
CA LYS F 349 40.96 6.22 43.18
C LYS F 349 40.48 5.07 42.31
N ARG F 350 39.32 5.21 41.67
CA ARG F 350 38.74 4.12 40.89
C ARG F 350 38.41 4.52 39.46
N ILE F 351 38.01 5.75 39.23
CA ILE F 351 37.67 6.22 37.89
C ILE F 351 38.93 6.72 37.21
N ILE F 352 39.06 6.42 35.92
CA ILE F 352 40.20 6.85 35.11
C ILE F 352 39.72 7.96 34.19
N GLY F 353 40.35 9.12 34.28
CA GLY F 353 39.94 10.25 33.48
C GLY F 353 38.62 10.82 33.97
N GLN F 354 38.02 11.64 33.11
CA GLN F 354 36.73 12.26 33.40
C GLN F 354 36.77 12.99 34.74
N GLU F 355 37.89 13.66 35.01
CA GLU F 355 38.06 14.33 36.30
C GLU F 355 37.12 15.52 36.44
N ASP F 356 36.86 16.24 35.34
CA ASP F 356 35.96 17.38 35.41
C ASP F 356 34.55 16.95 35.81
N ALA F 357 34.07 15.85 35.23
CA ALA F 357 32.75 15.34 35.61
C ALA F 357 32.73 14.93 37.08
N VAL F 358 33.82 14.31 37.54
CA VAL F 358 33.89 13.90 38.95
C VAL F 358 33.79 15.12 39.85
N LYS F 359 34.53 16.17 39.53
CA LYS F 359 34.50 17.38 40.34
C LYS F 359 33.11 18.00 40.33
N ALA F 360 32.50 18.10 39.15
CA ALA F 360 31.17 18.70 39.06
C ALA F 360 30.15 17.91 39.87
N VAL F 361 30.18 16.58 39.77
CA VAL F 361 29.23 15.75 40.51
C VAL F 361 29.47 15.89 42.01
N SER F 362 30.74 15.89 42.42
CA SER F 362 31.04 16.01 43.85
C SER F 362 30.51 17.33 44.39
N LYS F 363 30.72 18.42 43.67
CA LYS F 363 30.22 19.72 44.12
C LYS F 363 28.69 19.71 44.18
N ALA F 364 28.05 19.21 43.12
CA ALA F 364 26.60 19.25 43.02
C ALA F 364 25.95 18.46 44.15
N ILE F 365 26.49 17.28 44.46
CA ILE F 365 25.96 16.51 45.58
C ILE F 365 26.38 17.08 46.92
N ARG F 366 27.50 17.80 46.99
CA ARG F 366 27.88 18.45 48.23
C ARG F 366 26.87 19.54 48.61
N ARG F 367 26.40 20.31 47.62
CA ARG F 367 25.40 21.31 47.94
C ARG F 367 24.15 20.69 48.55
N THR F 368 23.68 19.59 47.99
CA THR F 368 22.50 18.92 48.50
C THR F 368 22.87 17.87 49.54
N SER F 379 16.85 13.30 47.62
CA SER F 379 18.21 13.82 47.57
C SER F 379 18.50 14.38 46.17
N GLY F 380 19.78 14.45 45.82
CA GLY F 380 20.17 15.02 44.55
C GLY F 380 19.76 14.16 43.37
N SER F 381 19.82 14.77 42.19
CA SER F 381 19.49 14.09 40.94
C SER F 381 20.52 14.49 39.88
N PHE F 382 20.69 13.62 38.89
CA PHE F 382 21.67 13.85 37.83
C PHE F 382 21.16 13.25 36.54
N ILE F 383 21.77 13.70 35.44
CA ILE F 383 21.44 13.19 34.12
C ILE F 383 22.70 13.15 33.26
N GLY F 389 29.51 6.60 26.87
CA GLY F 389 29.87 5.19 26.95
C GLY F 389 31.16 4.97 27.70
N VAL F 390 31.60 5.96 28.47
CA VAL F 390 32.83 5.90 29.24
C VAL F 390 32.58 6.44 30.63
N GLY F 391 32.84 5.63 31.65
CA GLY F 391 32.88 6.10 33.02
C GLY F 391 31.55 6.18 33.75
N LYS F 392 30.45 6.38 33.02
CA LYS F 392 29.18 6.70 33.68
C LYS F 392 28.81 5.63 34.69
N THR F 393 28.76 4.37 34.27
CA THR F 393 28.43 3.29 35.20
C THR F 393 29.50 3.15 36.28
N GLU F 394 30.77 3.26 35.90
CA GLU F 394 31.83 3.19 36.89
C GLU F 394 31.73 4.34 37.88
N LEU F 395 31.43 5.55 37.38
CA LEU F 395 31.29 6.69 38.28
C LEU F 395 30.14 6.49 39.25
N SER F 396 29.01 5.97 38.76
CA SER F 396 27.88 5.72 39.66
C SER F 396 28.24 4.66 40.70
N LYS F 397 28.94 3.61 40.28
CA LYS F 397 29.34 2.58 41.23
C LYS F 397 30.28 3.14 42.29
N ALA F 398 31.24 3.96 41.88
CA ALA F 398 32.16 4.57 42.84
C ALA F 398 31.41 5.48 43.81
N LEU F 399 30.45 6.25 43.29
CA LEU F 399 29.65 7.12 44.16
C LEU F 399 28.88 6.30 45.18
N ALA F 400 28.26 5.21 44.73
CA ALA F 400 27.49 4.36 45.64
C ALA F 400 28.40 3.76 46.71
N ASN F 401 29.58 3.29 46.31
CA ASN F 401 30.50 2.71 47.28
C ASN F 401 30.96 3.75 48.30
N PHE F 402 31.28 4.95 47.84
CA PHE F 402 31.80 5.97 48.73
C PHE F 402 30.73 6.47 49.70
N LEU F 403 29.55 6.82 49.19
CA LEU F 403 28.52 7.42 50.02
C LEU F 403 27.86 6.40 50.93
N PHE F 404 27.76 5.14 50.51
CA PHE F 404 27.03 4.12 51.26
C PHE F 404 27.92 2.95 51.66
N GLY F 405 28.69 2.39 50.74
CA GLY F 405 29.62 1.34 51.07
C GLY F 405 29.67 0.18 50.09
N ASP F 406 28.54 -0.16 49.49
CA ASP F 406 28.51 -1.26 48.53
C ASP F 406 28.78 -0.75 47.12
N ASP F 407 29.24 -1.66 46.26
CA ASP F 407 29.58 -1.31 44.90
C ASP F 407 28.34 -0.80 44.15
N LEU F 410 23.45 0.11 45.43
CA LEU F 410 23.20 0.64 44.09
C LEU F 410 22.22 -0.24 43.34
N ILE F 411 21.41 0.37 42.49
CA ILE F 411 20.42 -0.32 41.68
C ILE F 411 20.60 0.10 40.22
N GLN F 412 20.61 -0.86 39.32
CA GLN F 412 20.72 -0.61 37.89
C GLN F 412 19.45 -1.11 37.20
N ILE F 413 18.88 -0.27 36.35
CA ILE F 413 17.69 -0.62 35.58
C ILE F 413 17.92 -0.24 34.12
N ASP F 414 17.14 -0.85 33.24
CA ASP F 414 17.24 -0.58 31.82
C ASP F 414 15.90 -0.80 31.12
N LEU F 443 10.65 -2.07 41.57
CA LEU F 443 11.69 -1.16 42.05
C LEU F 443 11.35 -0.63 43.43
N THR F 444 10.06 -0.43 43.70
CA THR F 444 9.66 0.14 44.98
C THR F 444 10.12 -0.73 46.13
N GLU F 445 10.00 -2.05 46.01
CA GLU F 445 10.43 -2.93 47.09
C GLU F 445 11.92 -2.78 47.35
N LYS F 446 12.73 -2.74 46.29
CA LYS F 446 14.17 -2.66 46.48
C LYS F 446 14.57 -1.38 47.19
N VAL F 447 14.08 -0.24 46.71
CA VAL F 447 14.47 1.04 47.30
C VAL F 447 13.93 1.17 48.71
N ARG F 448 12.69 0.72 48.95
CA ARG F 448 12.11 0.84 50.27
C ARG F 448 12.90 0.03 51.29
N ARG F 449 13.31 -1.18 50.93
CA ARG F 449 14.07 -2.03 51.84
C ARG F 449 15.53 -1.58 51.88
N PHE F 452 18.66 4.76 50.98
CA PHE F 452 20.10 4.99 50.96
C PHE F 452 20.77 4.16 49.87
N SER F 453 20.50 4.50 48.62
CA SER F 453 21.08 3.79 47.49
C SER F 453 21.08 4.70 46.27
N VAL F 454 21.91 4.35 45.30
CA VAL F 454 22.02 5.10 44.05
C VAL F 454 21.28 4.31 42.98
N VAL F 455 20.32 4.96 42.32
CA VAL F 455 19.50 4.34 41.28
C VAL F 455 19.99 4.86 39.94
N LEU F 456 20.39 3.95 39.07
CA LEU F 456 20.91 4.29 37.75
C LEU F 456 19.95 3.80 36.67
N PHE F 457 19.69 4.64 35.68
CA PHE F 457 18.80 4.34 34.58
C PHE F 457 19.57 4.40 33.27
N ASP F 458 18.88 4.10 32.17
CA ASP F 458 19.45 4.20 30.84
C ASP F 458 18.36 4.09 29.78
N PHE F 490 12.06 7.61 49.52
CA PHE F 490 12.99 8.09 48.50
C PHE F 490 13.70 9.35 48.97
N LYS F 491 13.61 9.65 50.26
CA LYS F 491 14.20 10.87 50.78
C LYS F 491 15.71 10.87 50.60
N ASN F 492 16.36 9.76 50.95
CA ASN F 492 17.81 9.66 50.89
C ASN F 492 18.32 9.05 49.59
N THR F 493 17.43 8.55 48.73
CA THR F 493 17.86 7.92 47.50
C THR F 493 18.46 8.95 46.55
N VAL F 494 19.45 8.51 45.78
CA VAL F 494 20.09 9.33 44.76
C VAL F 494 19.71 8.76 43.40
N LEU F 495 19.18 9.62 42.53
CA LEU F 495 18.71 9.22 41.21
C LEU F 495 19.70 9.68 40.15
N ILE F 496 20.11 8.76 39.28
CA ILE F 496 21.06 9.06 38.21
C ILE F 496 20.47 8.56 36.90
N PHE F 497 20.53 9.40 35.88
CA PHE F 497 20.04 9.06 34.55
C PHE F 497 21.15 9.24 33.53
N THR F 498 21.09 8.45 32.46
CA THR F 498 22.09 8.49 31.42
C THR F 498 21.42 8.43 30.05
N SER F 499 22.11 8.95 29.05
CA SER F 499 21.61 8.92 27.68
C SER F 499 22.70 9.32 26.69
N GLY F 511 25.20 17.43 6.82
CA GLY F 511 24.84 18.17 5.64
C GLY F 511 24.38 17.28 4.50
N LEU F 512 23.79 17.89 3.48
CA LEU F 512 23.33 17.16 2.30
C LEU F 512 24.38 17.17 1.20
N GLY F 513 24.93 18.34 0.86
CA GLY F 513 25.94 18.39 -0.18
C GLY F 513 26.66 19.72 -0.21
N PHE F 514 27.87 19.67 -0.76
CA PHE F 514 28.67 20.86 -1.03
C PHE F 514 28.69 21.79 0.19
N SER F 515 29.36 21.29 1.23
CA SER F 515 29.38 21.98 2.51
C SER F 515 30.68 22.75 2.74
N LYS F 516 31.81 22.06 2.70
CA LYS F 516 33.06 22.63 3.21
C LYS F 516 33.42 23.92 2.48
N GLY F 517 33.83 24.92 3.25
CA GLY F 517 34.23 26.19 2.69
C GLY F 517 33.91 27.37 3.58
N GLU F 559 45.48 8.38 29.15
CA GLU F 559 44.67 7.70 30.15
C GLU F 559 44.24 6.32 29.66
N ILE F 560 44.23 6.14 28.34
CA ILE F 560 43.85 4.84 27.78
C ILE F 560 44.84 3.78 28.20
N ILE F 561 46.12 4.13 28.31
CA ILE F 561 47.11 3.18 28.78
C ILE F 561 46.83 2.79 30.23
N ARG F 562 46.35 3.73 31.03
CA ARG F 562 45.92 3.39 32.39
C ARG F 562 44.77 2.39 32.36
N MET F 563 43.82 2.58 31.44
CA MET F 563 42.72 1.65 31.33
C MET F 563 43.21 0.26 30.92
N VAL F 564 44.16 0.21 29.99
CA VAL F 564 44.71 -1.08 29.57
C VAL F 564 45.42 -1.75 30.74
N ASP F 565 46.18 -0.98 31.51
CA ASP F 565 46.86 -1.54 32.67
C ASP F 565 45.85 -2.09 33.67
N LEU F 566 44.77 -1.36 33.92
CA LEU F 566 43.75 -1.83 34.85
C LEU F 566 43.13 -3.13 34.34
N MET F 567 42.79 -3.18 33.05
CA MET F 567 42.14 -4.35 32.50
C MET F 567 43.06 -5.56 32.53
N ILE F 568 44.34 -5.39 32.20
CA ILE F 568 45.29 -6.49 32.26
C ILE F 568 45.74 -6.80 33.67
N SER F 569 45.33 -5.97 34.65
CA SER F 569 45.64 -6.28 36.04
C SER F 569 45.08 -7.63 36.44
N ARG F 570 43.88 -7.97 35.98
CA ARG F 570 43.29 -9.25 36.35
C ARG F 570 44.13 -10.41 35.83
N VAL F 571 44.56 -10.33 34.56
CA VAL F 571 45.39 -11.38 34.00
C VAL F 571 46.72 -11.46 34.74
N ALA F 572 47.30 -10.31 35.05
CA ALA F 572 48.57 -10.30 35.78
C ALA F 572 48.41 -10.96 37.14
N GLY F 573 47.32 -10.67 37.85
CA GLY F 573 47.10 -11.28 39.15
C GLY F 573 46.90 -12.79 39.05
N GLN F 574 46.10 -13.23 38.08
CA GLN F 574 45.91 -14.67 37.91
C GLN F 574 47.22 -15.36 37.58
N LEU F 575 48.06 -14.73 36.75
CA LEU F 575 49.38 -15.29 36.48
C LEU F 575 50.22 -15.33 37.74
N LYS F 576 50.16 -14.29 38.56
CA LYS F 576 50.92 -14.27 39.80
C LYS F 576 50.51 -15.43 40.69
N SER F 577 49.20 -15.70 40.79
CA SER F 577 48.75 -16.88 41.52
C SER F 577 49.37 -18.14 40.93
N LYS F 578 49.71 -18.13 39.65
CA LYS F 578 50.39 -19.23 38.98
C LYS F 578 51.90 -19.08 39.03
N ASP F 579 52.41 -18.17 39.85
CA ASP F 579 53.85 -17.89 39.92
C ASP F 579 54.38 -17.41 38.57
N MET F 580 53.81 -16.29 38.12
CA MET F 580 54.17 -15.70 36.84
C MET F 580 54.01 -14.20 36.94
N ALA F 581 54.86 -13.47 36.22
CA ALA F 581 54.86 -12.02 36.24
C ALA F 581 54.71 -11.53 34.80
N LEU F 582 53.58 -10.88 34.52
CA LEU F 582 53.29 -10.37 33.18
C LEU F 582 53.77 -8.93 33.07
N VAL F 583 54.53 -8.65 32.01
CA VAL F 583 54.99 -7.29 31.72
C VAL F 583 54.61 -6.97 30.28
N LEU F 584 54.07 -5.78 30.06
CA LEU F 584 53.68 -5.32 28.74
C LEU F 584 54.49 -4.06 28.39
N THR F 585 55.06 -4.05 27.19
CA THR F 585 55.82 -2.90 26.74
C THR F 585 54.90 -1.76 26.35
N ASP F 586 55.47 -0.56 26.25
CA ASP F 586 54.68 0.61 25.89
C ASP F 586 54.06 0.44 24.50
N ALA F 587 54.83 -0.08 23.55
CA ALA F 587 54.29 -0.31 22.22
C ALA F 587 53.17 -1.34 22.26
N ALA F 588 53.33 -2.38 23.08
CA ALA F 588 52.29 -3.39 23.21
C ALA F 588 50.99 -2.78 23.73
N LYS F 589 51.09 -1.94 24.77
CA LYS F 589 49.90 -1.27 25.29
C LYS F 589 49.29 -0.35 24.25
N ALA F 590 50.12 0.37 23.50
CA ALA F 590 49.61 1.25 22.47
C ALA F 590 48.85 0.47 21.41
N LEU F 591 49.39 -0.66 20.96
CA LEU F 591 48.71 -1.47 19.97
C LEU F 591 47.41 -2.04 20.53
N LEU F 592 47.43 -2.48 21.79
CA LEU F 592 46.22 -3.03 22.39
C LEU F 592 45.13 -1.98 22.47
N ALA F 593 45.49 -0.75 22.87
CA ALA F 593 44.51 0.33 22.92
C ALA F 593 44.00 0.68 21.53
N LYS F 594 44.90 0.71 20.54
CA LYS F 594 44.48 1.02 19.18
C LYS F 594 43.48 0.00 18.66
N ARG F 595 43.77 -1.29 18.90
CA ARG F 595 42.91 -2.34 18.35
C ARG F 595 41.60 -2.46 19.10
N GLY F 596 41.64 -2.37 20.44
CA GLY F 596 40.49 -2.67 21.26
C GLY F 596 39.69 -1.48 21.76
N PHE F 597 40.11 -0.26 21.47
CA PHE F 597 39.42 0.92 21.94
C PHE F 597 38.61 1.52 20.79
N ASP F 598 37.30 1.67 21.01
CA ASP F 598 36.41 2.26 20.01
C ASP F 598 35.99 3.65 20.48
N PRO F 599 36.43 4.71 19.81
CA PRO F 599 35.99 6.05 20.23
C PRO F 599 34.48 6.21 20.23
N VAL F 600 33.78 5.55 19.31
CA VAL F 600 32.32 5.63 19.29
C VAL F 600 31.72 4.90 20.48
N LEU F 601 32.21 3.71 20.78
CA LEU F 601 31.68 2.87 21.84
C LEU F 601 32.54 2.88 23.10
N GLY F 602 33.51 3.78 23.19
CA GLY F 602 34.35 3.84 24.37
C GLY F 602 35.21 2.60 24.49
N ALA F 603 35.52 2.23 25.73
CA ALA F 603 36.36 1.08 26.03
C ALA F 603 35.58 -0.22 26.10
N ARG F 604 34.36 -0.26 25.56
CA ARG F 604 33.55 -1.46 25.64
C ARG F 604 34.23 -2.66 25.00
N PRO F 605 34.73 -2.59 23.77
CA PRO F 605 35.37 -3.76 23.15
C PRO F 605 36.80 -4.01 23.60
N LEU F 606 37.26 -3.36 24.66
CA LEU F 606 38.66 -3.53 25.08
C LEU F 606 38.87 -4.88 25.75
N ARG F 607 37.94 -5.28 26.62
CA ARG F 607 38.11 -6.54 27.36
C ARG F 607 38.22 -7.72 26.41
N ARG F 608 37.31 -7.81 25.44
CA ARG F 608 37.36 -8.90 24.48
C ARG F 608 38.64 -8.86 23.66
N THR F 609 39.12 -7.65 23.34
CA THR F 609 40.37 -7.53 22.59
C THR F 609 41.54 -8.08 23.39
N ILE F 610 41.64 -7.70 24.67
CA ILE F 610 42.70 -8.24 25.50
C ILE F 610 42.59 -9.75 25.58
N GLN F 611 41.38 -10.27 25.74
CA GLN F 611 41.19 -11.71 25.79
C GLN F 611 41.67 -12.38 24.52
N ARG F 612 41.39 -11.77 23.36
CA ARG F 612 41.77 -12.36 22.09
C ARG F 612 43.28 -12.36 21.91
N GLU F 613 43.94 -11.25 22.24
CA GLU F 613 45.34 -11.09 21.88
C GLU F 613 46.30 -11.67 22.90
N ILE F 614 45.92 -11.72 24.18
CA ILE F 614 46.83 -12.09 25.26
C ILE F 614 46.38 -13.38 25.95
N GLU F 615 45.15 -13.41 26.43
CA GLU F 615 44.70 -14.56 27.21
C GLU F 615 44.77 -15.84 26.39
N ASP F 616 44.31 -15.80 25.14
CA ASP F 616 44.31 -17.00 24.32
C ASP F 616 45.73 -17.45 24.00
N GLN F 617 46.57 -16.51 23.53
CA GLN F 617 47.96 -16.87 23.21
C GLN F 617 48.69 -17.32 24.47
N LEU F 618 48.49 -16.62 25.57
CA LEU F 618 49.18 -16.98 26.80
C LEU F 618 48.76 -18.35 27.29
N SER F 619 47.46 -18.67 27.23
CA SER F 619 46.99 -19.98 27.63
C SER F 619 47.57 -21.07 26.73
N GLU F 620 47.59 -20.82 25.43
CA GLU F 620 48.19 -21.78 24.51
C GLU F 620 49.64 -22.03 24.87
N LYS F 621 50.41 -20.97 25.12
CA LYS F 621 51.82 -21.13 25.44
C LYS F 621 52.01 -21.84 26.77
N ILE F 622 51.15 -21.56 27.75
CA ILE F 622 51.23 -22.25 29.04
C ILE F 622 51.01 -23.74 28.83
N LEU F 623 50.03 -24.11 28.01
CA LEU F 623 49.76 -25.52 27.76
C LEU F 623 50.90 -26.19 27.00
N PHE F 624 51.54 -25.46 26.08
CA PHE F 624 52.70 -25.99 25.38
C PHE F 624 53.90 -26.18 26.29
N GLU F 625 53.86 -25.65 27.51
CA GLU F 625 54.94 -25.72 28.49
C GLU F 625 56.13 -24.85 28.13
N GLU F 626 56.03 -24.06 27.06
CA GLU F 626 57.13 -23.18 26.70
C GLU F 626 57.31 -22.02 27.68
N VAL F 627 56.35 -21.81 28.58
CA VAL F 627 56.47 -20.82 29.64
C VAL F 627 56.17 -21.53 30.95
N GLY F 628 57.15 -21.59 31.84
CA GLY F 628 57.03 -22.31 33.09
C GLY F 628 56.91 -21.40 34.29
N PRO F 629 56.45 -21.94 35.41
CA PRO F 629 56.30 -21.12 36.62
C PRO F 629 57.63 -20.51 37.05
N GLY F 630 57.55 -19.29 37.57
CA GLY F 630 58.72 -18.54 37.98
C GLY F 630 59.36 -17.71 36.89
N GLN F 631 58.88 -17.81 35.65
CA GLN F 631 59.42 -17.04 34.54
C GLN F 631 58.62 -15.76 34.35
N VAL F 632 59.31 -14.71 33.90
CA VAL F 632 58.68 -13.43 33.61
C VAL F 632 58.22 -13.45 32.15
N VAL F 633 56.93 -13.25 31.94
CA VAL F 633 56.34 -13.26 30.61
C VAL F 633 56.31 -11.82 30.11
N THR F 634 57.14 -11.52 29.13
CA THR F 634 57.23 -10.20 28.53
C THR F 634 56.51 -10.19 27.20
N VAL F 635 55.64 -9.21 27.00
CA VAL F 635 54.85 -9.09 25.78
C VAL F 635 55.40 -7.92 25.00
N ASP F 636 55.77 -8.18 23.74
CA ASP F 636 56.29 -7.16 22.85
C ASP F 636 55.48 -7.19 21.56
N VAL F 637 55.63 -6.13 20.75
CA VAL F 637 54.96 -6.02 19.47
C VAL F 637 56.01 -5.84 18.39
N ASP F 638 55.80 -6.48 17.24
CA ASP F 638 56.68 -6.33 16.10
C ASP F 638 55.86 -6.08 14.85
N ASN F 639 56.43 -5.29 13.95
CA ASN F 639 55.75 -4.89 12.72
C ASN F 639 54.43 -4.18 13.03
N ASP F 648 47.99 -5.75 11.31
CA ASP F 648 49.22 -5.43 10.59
C ASP F 648 50.44 -5.84 11.39
N ALA F 649 50.46 -5.49 12.67
CA ALA F 649 51.53 -5.86 13.57
C ALA F 649 51.22 -7.24 14.18
N VAL F 650 52.02 -7.67 15.15
CA VAL F 650 51.73 -8.92 15.84
C VAL F 650 52.48 -8.94 17.16
N PHE F 651 51.88 -9.54 18.17
CA PHE F 651 52.47 -9.67 19.49
C PHE F 651 53.45 -10.84 19.53
N THR F 652 54.27 -10.86 20.58
CA THR F 652 55.23 -11.92 20.81
C THR F 652 55.51 -12.01 22.30
N PHE F 653 55.72 -13.23 22.78
CA PHE F 653 55.91 -13.50 24.19
C PHE F 653 57.28 -14.13 24.42
N THR F 654 57.96 -13.68 25.47
CA THR F 654 59.29 -14.17 25.79
C THR F 654 59.25 -15.04 27.04
N ILE G 1 -12.38 26.92 -16.79
CA ILE G 1 -12.01 26.39 -15.48
C ILE G 1 -13.25 25.94 -14.72
N LEU G 2 -13.56 24.64 -14.82
CA LEU G 2 -14.68 24.05 -14.11
C LEU G 2 -14.32 23.83 -12.63
N PRO G 3 -15.25 24.09 -11.70
CA PRO G 3 -14.94 23.94 -10.28
C PRO G 3 -15.15 22.51 -9.81
N SER G 4 -14.08 21.87 -9.36
CA SER G 4 -14.16 20.52 -8.81
C SER G 4 -13.02 20.30 -7.83
N PHE G 5 -13.16 19.29 -6.99
CA PHE G 5 -12.18 18.98 -5.96
C PHE G 5 -12.01 17.47 -5.85
N ILE G 6 -10.79 17.06 -5.48
CA ILE G 6 -10.47 15.65 -5.32
C ILE G 6 -10.63 15.26 -3.85
N GLU G 15 -13.52 13.56 -6.71
CA GLU G 15 -13.92 14.37 -7.87
C GLU G 15 -15.41 14.65 -7.85
N SER G 16 -15.79 15.86 -7.45
CA SER G 16 -17.17 16.29 -7.43
C SER G 16 -17.54 17.10 -8.67
N ASN G 17 -16.81 16.92 -9.76
CA ASN G 17 -17.07 17.57 -11.04
C ASN G 17 -18.57 17.63 -11.29
N PRO G 18 -19.11 18.76 -11.74
CA PRO G 18 -20.56 18.82 -11.99
C PRO G 18 -21.05 17.77 -12.96
N TYR G 19 -20.23 17.37 -13.92
CA TYR G 19 -20.64 16.29 -14.82
C TYR G 19 -20.78 14.97 -14.09
N ASN G 20 -19.98 14.73 -13.06
CA ASN G 20 -20.19 13.55 -12.23
C ASN G 20 -21.55 13.62 -11.54
N LYS G 21 -21.92 14.81 -11.04
CA LYS G 21 -23.21 14.95 -10.40
C LYS G 21 -24.35 14.73 -11.39
N LEU G 22 -24.21 15.22 -12.62
CA LEU G 22 -25.23 14.99 -13.62
C LEU G 22 -25.35 13.50 -13.94
N PHE G 23 -24.22 12.83 -14.15
CA PHE G 23 -24.24 11.41 -14.49
C PHE G 23 -24.86 10.59 -13.35
N GLU G 24 -24.57 10.97 -12.11
CA GLU G 24 -25.15 10.27 -10.97
C GLU G 24 -26.67 10.40 -10.94
N GLU G 25 -27.24 11.35 -11.69
CA GLU G 25 -28.68 11.48 -11.86
C GLU G 25 -29.14 11.00 -13.23
N ARG G 26 -28.34 10.18 -13.91
CA ARG G 26 -28.72 9.57 -15.18
C ARG G 26 -28.87 10.64 -16.27
N ILE G 27 -27.88 11.52 -16.38
CA ILE G 27 -27.82 12.53 -17.42
C ILE G 27 -26.52 12.37 -18.18
N ILE G 28 -26.62 12.23 -19.49
CA ILE G 28 -25.48 12.17 -20.38
C ILE G 28 -25.45 13.46 -21.19
N PHE G 29 -24.28 14.03 -21.32
CA PHE G 29 -24.11 15.34 -21.95
C PHE G 29 -23.40 15.15 -23.28
N LEU G 30 -24.12 15.38 -24.37
CA LEU G 30 -23.54 15.41 -25.71
C LEU G 30 -23.34 16.86 -26.10
N GLY G 31 -22.29 17.45 -25.56
CA GLY G 31 -21.98 18.84 -25.80
C GLY G 31 -20.84 19.09 -26.76
N VAL G 32 -20.41 18.10 -27.52
CA VAL G 32 -19.28 18.22 -28.42
C VAL G 32 -19.66 17.61 -29.76
N GLN G 33 -18.69 17.56 -30.67
CA GLN G 33 -18.91 16.96 -31.97
C GLN G 33 -19.16 15.47 -31.84
N VAL G 34 -19.95 14.93 -32.76
CA VAL G 34 -20.32 13.51 -32.73
C VAL G 34 -19.28 12.77 -33.55
N ASP G 35 -18.25 12.27 -32.88
CA ASP G 35 -17.19 11.51 -33.52
C ASP G 35 -17.02 10.16 -32.83
N ASP G 36 -15.98 9.41 -33.21
CA ASP G 36 -15.81 8.07 -32.67
C ASP G 36 -15.57 8.10 -31.17
N ALA G 37 -14.70 9.01 -30.70
CA ALA G 37 -14.38 9.04 -29.28
C ALA G 37 -15.61 9.38 -28.45
N SER G 38 -16.27 10.48 -28.79
CA SER G 38 -17.46 10.87 -28.04
C SER G 38 -18.56 9.83 -28.19
N ALA G 39 -18.68 9.25 -29.38
CA ALA G 39 -19.67 8.20 -29.58
C ALA G 39 -19.45 7.06 -28.61
N ASN G 40 -18.21 6.56 -28.54
CA ASN G 40 -17.91 5.43 -27.66
C ASN G 40 -18.18 5.78 -26.21
N ASP G 41 -17.80 6.99 -25.80
CA ASP G 41 -18.11 7.43 -24.44
C ASP G 41 -19.62 7.38 -24.18
N ILE G 42 -20.41 7.88 -25.13
CA ILE G 42 -21.85 7.92 -24.95
C ILE G 42 -22.42 6.53 -24.82
N MET G 43 -21.96 5.59 -25.65
CA MET G 43 -22.50 4.24 -25.57
C MET G 43 -22.11 3.57 -24.26
N ALA G 44 -20.87 3.78 -23.82
CA ALA G 44 -20.46 3.23 -22.53
C ALA G 44 -21.36 3.75 -21.43
N GLN G 45 -21.64 5.06 -21.44
CA GLN G 45 -22.49 5.64 -20.39
C GLN G 45 -23.91 5.12 -20.47
N LEU G 46 -24.48 5.00 -21.66
CA LEU G 46 -25.83 4.47 -21.79
C LEU G 46 -25.92 3.05 -21.26
N LEU G 47 -24.95 2.21 -21.62
CA LEU G 47 -24.96 0.83 -21.14
C LEU G 47 -24.81 0.78 -19.62
N VAL G 48 -23.90 1.58 -19.08
CA VAL G 48 -23.68 1.58 -17.64
C VAL G 48 -24.96 1.98 -16.92
N LEU G 49 -25.62 3.04 -17.39
CA LEU G 49 -26.83 3.49 -16.72
C LEU G 49 -27.97 2.49 -16.88
N GLU G 50 -28.07 1.84 -18.03
CA GLU G 50 -29.08 0.82 -18.20
C GLU G 50 -28.88 -0.32 -17.21
N SER G 51 -27.62 -0.74 -17.03
CA SER G 51 -27.34 -1.79 -16.06
C SER G 51 -27.66 -1.34 -14.64
N LEU G 52 -27.34 -0.08 -14.31
CA LEU G 52 -27.55 0.40 -12.95
C LEU G 52 -29.03 0.41 -12.58
N ASP G 53 -29.88 0.87 -13.49
CA ASP G 53 -31.33 0.88 -13.25
C ASP G 53 -32.03 0.81 -14.60
N PRO G 54 -32.32 -0.40 -15.08
CA PRO G 54 -32.86 -0.51 -16.45
C PRO G 54 -34.19 0.18 -16.65
N ASP G 55 -35.00 0.30 -15.60
CA ASP G 55 -36.35 0.84 -15.70
C ASP G 55 -36.45 2.29 -15.25
N ARG G 56 -35.35 3.04 -15.27
CA ARG G 56 -35.35 4.46 -14.99
C ARG G 56 -34.83 5.21 -16.20
N ASP G 57 -35.53 6.26 -16.60
CA ASP G 57 -35.21 6.95 -17.84
C ASP G 57 -33.82 7.56 -17.80
N ILE G 58 -33.13 7.52 -18.92
CA ILE G 58 -31.82 8.12 -19.11
C ILE G 58 -32.02 9.43 -19.85
N THR G 59 -31.46 10.50 -19.33
CA THR G 59 -31.60 11.81 -19.95
C THR G 59 -30.34 12.16 -20.72
N MET G 60 -30.54 12.75 -21.90
CA MET G 60 -29.46 13.18 -22.76
C MET G 60 -29.63 14.66 -23.03
N TYR G 61 -28.53 15.40 -22.96
CA TYR G 61 -28.51 16.82 -23.27
C TYR G 61 -27.73 17.01 -24.55
N ILE G 62 -28.32 17.71 -25.51
CA ILE G 62 -27.77 17.80 -26.85
C ILE G 62 -27.49 19.27 -27.14
N ASN G 63 -26.23 19.67 -27.03
CA ASN G 63 -25.73 20.94 -27.55
C ASN G 63 -24.53 20.57 -28.40
N SER G 64 -24.78 20.19 -29.65
CA SER G 64 -23.73 19.69 -30.52
C SER G 64 -23.94 20.21 -31.93
N PRO G 65 -22.86 20.48 -32.67
CA PRO G 65 -22.99 20.80 -34.09
C PRO G 65 -23.01 19.60 -35.02
N GLY G 66 -23.21 18.39 -34.50
CA GLY G 66 -23.28 17.22 -35.33
C GLY G 66 -21.90 16.73 -35.73
N GLY G 67 -21.91 15.73 -36.60
CA GLY G 67 -20.65 15.14 -37.04
C GLY G 67 -20.88 13.88 -37.84
N GLY G 68 -19.91 12.98 -37.77
CA GLY G 68 -19.88 11.82 -38.61
C GLY G 68 -21.19 11.08 -38.64
N PHE G 69 -21.36 10.20 -39.63
CA PHE G 69 -22.60 9.45 -39.78
C PHE G 69 -22.56 8.10 -39.06
N THR G 70 -21.45 7.38 -39.15
CA THR G 70 -21.35 6.10 -38.47
C THR G 70 -21.39 6.28 -36.96
N SER G 71 -20.79 7.35 -36.45
CA SER G 71 -20.87 7.64 -35.02
C SER G 71 -22.30 7.95 -34.61
N LEU G 72 -23.01 8.74 -35.42
CA LEU G 72 -24.42 8.98 -35.18
C LEU G 72 -25.18 7.67 -35.08
N MET G 73 -24.93 6.75 -36.01
CA MET G 73 -25.68 5.50 -36.03
C MET G 73 -25.31 4.61 -34.87
N ALA G 74 -24.06 4.63 -34.42
CA ALA G 74 -23.70 3.94 -33.20
C ALA G 74 -24.52 4.44 -32.02
N ILE G 75 -24.51 5.76 -31.82
CA ILE G 75 -25.25 6.34 -30.70
C ILE G 75 -26.73 6.04 -30.82
N TYR G 76 -27.27 6.11 -32.02
CA TYR G 76 -28.69 5.89 -32.24
C TYR G 76 -29.08 4.45 -31.92
N ASP G 77 -28.29 3.49 -32.38
CA ASP G 77 -28.56 2.10 -32.06
C ASP G 77 -28.49 1.83 -30.57
N THR G 78 -27.50 2.42 -29.90
CA THR G 78 -27.42 2.21 -28.46
C THR G 78 -28.62 2.83 -27.75
N MET G 79 -29.05 4.00 -28.17
CA MET G 79 -30.20 4.63 -27.56
C MET G 79 -31.45 3.78 -27.73
N GLN G 80 -31.61 3.20 -28.91
CA GLN G 80 -32.78 2.37 -29.16
C GLN G 80 -32.69 1.01 -28.48
N TYR G 81 -31.49 0.50 -28.27
CA TYR G 81 -31.33 -0.83 -27.72
C TYR G 81 -31.64 -0.88 -26.23
N VAL G 82 -31.14 0.10 -25.48
CA VAL G 82 -31.17 0.01 -24.03
C VAL G 82 -32.60 -0.13 -23.54
N ARG G 83 -32.76 -0.80 -22.40
CA ARG G 83 -34.07 -1.07 -21.84
C ARG G 83 -34.77 0.18 -21.33
N ALA G 84 -34.03 1.22 -20.99
CA ALA G 84 -34.59 2.43 -20.39
C ALA G 84 -35.01 3.42 -21.46
N ASP G 85 -36.00 4.23 -21.12
CA ASP G 85 -36.45 5.28 -22.02
C ASP G 85 -35.44 6.42 -22.03
N ILE G 86 -35.22 7.01 -23.20
CA ILE G 86 -34.27 8.09 -23.39
C ILE G 86 -35.06 9.39 -23.55
N GLN G 87 -34.75 10.36 -22.72
CA GLN G 87 -35.35 11.69 -22.76
C GLN G 87 -34.29 12.65 -23.25
N THR G 88 -34.51 13.22 -24.43
CA THR G 88 -33.56 14.12 -25.04
C THR G 88 -34.00 15.56 -24.84
N VAL G 89 -33.03 16.42 -24.48
CA VAL G 89 -33.26 17.84 -24.26
C VAL G 89 -32.27 18.60 -25.14
N CYS G 90 -32.78 19.37 -26.09
CA CYS G 90 -31.94 20.20 -26.95
C CYS G 90 -31.79 21.57 -26.31
N LEU G 91 -30.56 21.93 -26.00
CA LEU G 91 -30.24 23.16 -25.29
C LEU G 91 -29.09 23.81 -26.03
N GLY G 92 -29.31 25.01 -26.56
CA GLY G 92 -28.34 25.60 -27.46
C GLY G 92 -28.68 25.30 -28.89
N GLN G 93 -28.07 24.26 -29.47
CA GLN G 93 -28.41 23.83 -30.80
C GLN G 93 -28.25 22.32 -30.90
N ALA G 94 -28.96 21.74 -31.87
CA ALA G 94 -28.80 20.34 -32.26
C ALA G 94 -28.78 20.35 -33.78
N ALA G 95 -27.58 20.37 -34.36
CA ALA G 95 -27.39 20.55 -35.78
C ALA G 95 -26.86 19.29 -36.43
N SER G 96 -27.41 18.97 -37.60
CA SER G 96 -26.98 17.82 -38.41
C SER G 96 -27.23 16.55 -37.62
N ALA G 97 -26.21 15.71 -37.36
CA ALA G 97 -26.46 14.42 -36.74
C ALA G 97 -27.21 14.57 -35.43
N ALA G 98 -26.82 15.54 -34.61
CA ALA G 98 -27.44 15.69 -33.31
C ALA G 98 -28.95 15.82 -33.42
N ALA G 99 -29.43 16.46 -34.49
CA ALA G 99 -30.87 16.60 -34.66
C ALA G 99 -31.56 15.25 -34.61
N VAL G 100 -31.01 14.28 -35.34
CA VAL G 100 -31.58 12.92 -35.31
C VAL G 100 -31.59 12.40 -33.89
N LEU G 101 -30.48 12.57 -33.17
CA LEU G 101 -30.44 12.12 -31.79
C LEU G 101 -31.51 12.81 -30.96
N LEU G 102 -31.79 14.08 -31.24
CA LEU G 102 -32.87 14.76 -30.54
C LEU G 102 -34.21 14.13 -30.87
N ALA G 103 -34.42 13.79 -32.14
CA ALA G 103 -35.68 13.19 -32.55
C ALA G 103 -35.76 11.72 -32.20
N ALA G 104 -34.66 11.10 -31.80
CA ALA G 104 -34.65 9.68 -31.47
C ALA G 104 -35.03 9.39 -30.04
N GLY G 105 -35.27 10.41 -29.23
CA GLY G 105 -35.70 10.18 -27.87
C GLY G 105 -37.06 9.54 -27.83
N THR G 106 -37.42 9.03 -26.66
CA THR G 106 -38.68 8.34 -26.52
C THR G 106 -39.82 9.31 -26.83
N PRO G 107 -40.79 8.92 -27.66
CA PRO G 107 -41.86 9.86 -27.99
C PRO G 107 -42.55 10.39 -26.75
N GLY G 108 -42.72 11.70 -26.71
CA GLY G 108 -43.23 12.37 -25.54
C GLY G 108 -42.13 13.04 -24.75
N LYS G 109 -41.01 12.35 -24.57
CA LYS G 109 -39.91 12.84 -23.76
C LYS G 109 -38.82 13.51 -24.59
N ARG G 110 -39.21 14.23 -25.63
CA ARG G 110 -38.28 15.03 -26.42
C ARG G 110 -38.61 16.49 -26.20
N MET G 111 -37.63 17.27 -25.75
CA MET G 111 -37.88 18.63 -25.29
C MET G 111 -36.77 19.55 -25.79
N ALA G 112 -37.04 20.84 -25.73
CA ALA G 112 -36.04 21.83 -26.11
C ALA G 112 -36.36 23.14 -25.43
N LEU G 113 -35.33 23.87 -25.04
CA LEU G 113 -35.53 25.18 -24.44
C LEU G 113 -36.04 26.16 -25.50
N PRO G 114 -36.67 27.24 -25.06
CA PRO G 114 -37.37 28.10 -26.03
C PRO G 114 -36.49 28.68 -27.11
N ASN G 115 -35.23 28.96 -26.82
CA ASN G 115 -34.33 29.63 -27.76
C ASN G 115 -33.37 28.67 -28.45
N ALA G 116 -33.61 27.38 -28.36
CA ALA G 116 -32.80 26.41 -29.09
C ALA G 116 -33.15 26.43 -30.57
N ARG G 117 -32.21 25.98 -31.39
CA ARG G 117 -32.42 25.84 -32.82
C ARG G 117 -31.99 24.45 -33.26
N VAL G 118 -32.76 23.89 -34.18
CA VAL G 118 -32.52 22.56 -34.72
C VAL G 118 -32.24 22.72 -36.20
N LEU G 119 -31.09 22.24 -36.66
CA LEU G 119 -30.71 22.32 -38.06
C LEU G 119 -30.74 20.93 -38.65
N ILE G 120 -31.55 20.74 -39.69
CA ILE G 120 -31.62 19.48 -40.42
C ILE G 120 -31.20 19.75 -41.85
N HIS G 121 -30.26 18.93 -42.33
CA HIS G 121 -29.75 19.05 -43.69
C HIS G 121 -29.13 17.71 -44.08
N GLN G 122 -28.97 17.52 -45.38
CA GLN G 122 -28.57 16.22 -45.90
C GLN G 122 -27.08 15.98 -45.70
N PRO G 123 -26.67 14.72 -45.69
CA PRO G 123 -25.25 14.42 -45.49
C PRO G 123 -24.38 15.04 -46.57
N SER G 124 -23.21 15.52 -46.17
CA SER G 124 -22.28 16.17 -47.06
C SER G 124 -20.89 15.61 -46.80
N LEU G 125 -20.03 15.74 -47.80
CA LEU G 125 -18.71 15.12 -47.76
C LEU G 125 -17.69 16.08 -47.16
N SER G 126 -16.91 15.59 -46.21
CA SER G 126 -15.83 16.38 -45.60
C SER G 126 -14.58 16.20 -46.46
N GLY G 127 -14.46 17.02 -47.48
CA GLY G 127 -13.34 16.95 -48.39
C GLY G 127 -13.69 16.25 -49.69
N VAL G 128 -12.65 15.78 -50.36
CA VAL G 128 -12.76 15.16 -51.68
C VAL G 128 -12.21 13.74 -51.59
N ILE G 129 -13.01 12.78 -52.06
CA ILE G 129 -12.56 11.41 -52.22
C ILE G 129 -12.11 11.24 -53.66
N GLN G 130 -10.88 10.79 -53.86
CA GLN G 130 -10.27 10.70 -55.17
C GLN G 130 -9.97 9.25 -55.50
N GLY G 131 -10.04 8.92 -56.79
CA GLY G 131 -9.75 7.58 -57.23
C GLY G 131 -10.32 7.35 -58.61
N GLN G 132 -10.19 6.11 -59.06
CA GLN G 132 -10.76 5.74 -60.34
C GLN G 132 -12.26 5.92 -60.33
N PHE G 133 -12.84 6.03 -61.51
CA PHE G 133 -14.28 6.27 -61.60
C PHE G 133 -15.07 5.15 -60.94
N SER G 134 -14.54 3.92 -60.93
CA SER G 134 -15.25 2.82 -60.29
C SER G 134 -15.33 3.02 -58.78
N ASP G 135 -14.21 3.39 -58.17
CA ASP G 135 -14.21 3.67 -56.73
C ASP G 135 -15.21 4.78 -56.43
N LEU G 136 -15.34 5.75 -57.33
CA LEU G 136 -16.28 6.84 -57.11
C LEU G 136 -17.71 6.39 -57.29
N GLU G 137 -17.99 5.43 -58.18
CA GLU G 137 -19.33 4.86 -58.23
C GLU G 137 -19.67 4.20 -56.91
N ILE G 138 -18.74 3.44 -56.35
CA ILE G 138 -19.00 2.79 -55.06
C ILE G 138 -19.25 3.82 -53.98
N GLN G 139 -18.41 4.85 -53.92
CA GLN G 139 -18.54 5.86 -52.87
C GLN G 139 -19.83 6.66 -53.01
N ALA G 140 -20.20 7.03 -54.24
CA ALA G 140 -21.44 7.76 -54.45
C ALA G 140 -22.65 6.91 -54.08
N ALA G 141 -22.61 5.63 -54.42
CA ALA G 141 -23.70 4.75 -53.99
C ALA G 141 -23.79 4.70 -52.48
N GLU G 142 -22.65 4.61 -51.80
CA GLU G 142 -22.67 4.59 -50.34
C GLU G 142 -23.24 5.88 -49.77
N ILE G 143 -22.88 7.02 -50.36
CA ILE G 143 -23.39 8.29 -49.84
C ILE G 143 -24.90 8.39 -50.04
N GLU G 144 -25.39 7.93 -51.18
CA GLU G 144 -26.83 7.92 -51.39
C GLU G 144 -27.52 7.02 -50.39
N ARG G 145 -26.92 5.87 -50.10
CA ARG G 145 -27.48 4.97 -49.09
C ARG G 145 -27.55 5.65 -47.74
N MET G 146 -26.49 6.35 -47.36
CA MET G 146 -26.48 7.06 -46.08
C MET G 146 -27.56 8.13 -46.03
N ARG G 147 -27.71 8.89 -47.11
CA ARG G 147 -28.73 9.94 -47.14
C ARG G 147 -30.12 9.34 -47.01
N THR G 148 -30.41 8.27 -47.75
CA THR G 148 -31.71 7.64 -47.65
C THR G 148 -31.94 7.09 -46.25
N LEU G 149 -30.90 6.57 -45.62
CA LEU G 149 -31.04 6.09 -44.24
C LEU G 149 -31.40 7.22 -43.30
N MET G 150 -30.79 8.39 -43.49
CA MET G 150 -31.15 9.55 -42.68
C MET G 150 -32.61 9.94 -42.88
N GLU G 151 -33.06 9.99 -44.13
CA GLU G 151 -34.45 10.33 -44.38
C GLU G 151 -35.37 9.33 -43.71
N THR G 152 -35.05 8.05 -43.80
CA THR G 152 -35.90 7.02 -43.21
C THR G 152 -35.95 7.14 -41.69
N THR G 153 -34.81 7.38 -41.05
CA THR G 153 -34.80 7.53 -39.61
C THR G 153 -35.66 8.70 -39.17
N LEU G 154 -35.49 9.86 -39.82
CA LEU G 154 -36.29 11.02 -39.44
C LEU G 154 -37.77 10.79 -39.73
N ALA G 155 -38.08 10.09 -40.83
CA ALA G 155 -39.47 9.79 -41.13
C ALA G 155 -40.08 8.89 -40.06
N ARG G 156 -39.28 7.95 -39.56
CA ARG G 156 -39.78 7.06 -38.52
C ARG G 156 -40.00 7.79 -37.21
N HIS G 157 -39.16 8.79 -36.90
CA HIS G 157 -39.22 9.45 -35.61
C HIS G 157 -39.91 10.81 -35.65
N THR G 158 -40.49 11.19 -36.78
CA THR G 158 -41.26 12.42 -36.86
C THR G 158 -42.67 12.22 -37.41
N GLY G 159 -42.94 11.10 -38.06
CA GLY G 159 -44.27 10.86 -38.60
C GLY G 159 -44.49 11.40 -39.99
N LYS G 160 -43.43 11.71 -40.73
CA LYS G 160 -43.53 12.30 -42.05
C LYS G 160 -42.94 11.35 -43.09
N ASP G 161 -43.45 11.45 -44.32
CA ASP G 161 -42.95 10.62 -45.40
C ASP G 161 -41.51 10.96 -45.72
N ALA G 162 -40.75 9.93 -46.12
CA ALA G 162 -39.35 10.15 -46.47
C ALA G 162 -39.21 11.12 -47.62
N GLY G 163 -40.20 11.19 -48.50
CA GLY G 163 -40.15 12.17 -49.58
C GLY G 163 -40.17 13.59 -49.07
N VAL G 164 -41.02 13.86 -48.08
CA VAL G 164 -41.08 15.20 -47.49
C VAL G 164 -39.75 15.54 -46.84
N ILE G 165 -39.16 14.59 -46.12
CA ILE G 165 -37.88 14.85 -45.47
C ILE G 165 -36.81 15.12 -46.51
N ARG G 166 -36.81 14.37 -47.60
CA ARG G 166 -35.82 14.60 -48.65
C ARG G 166 -35.99 15.96 -49.27
N LYS G 167 -37.23 16.38 -49.54
CA LYS G 167 -37.46 17.71 -50.08
C LYS G 167 -37.01 18.79 -49.11
N ASP G 168 -37.29 18.60 -47.82
CA ASP G 168 -37.02 19.67 -46.85
C ASP G 168 -35.54 19.80 -46.53
N THR G 169 -34.83 18.68 -46.46
CA THR G 169 -33.43 18.71 -46.07
C THR G 169 -32.48 18.88 -47.24
N ASP G 170 -33.00 19.05 -48.46
CA ASP G 170 -32.12 19.23 -49.60
C ASP G 170 -31.21 20.43 -49.40
N ARG G 171 -31.66 21.43 -48.65
CA ARG G 171 -30.82 22.54 -48.25
C ARG G 171 -31.10 22.86 -46.78
N ASP G 172 -30.10 23.43 -46.12
CA ASP G 172 -30.17 23.68 -44.68
C ASP G 172 -31.55 24.16 -44.27
N LYS G 173 -32.14 23.49 -43.30
CA LYS G 173 -33.41 23.91 -42.71
C LYS G 173 -33.21 24.14 -41.23
N ILE G 174 -33.44 25.37 -40.78
CA ILE G 174 -33.26 25.77 -39.39
C ILE G 174 -34.63 26.00 -38.79
N LEU G 175 -34.89 25.38 -37.64
CA LEU G 175 -36.18 25.42 -36.98
C LEU G 175 -35.99 25.89 -35.55
N THR G 176 -36.78 26.85 -35.12
CA THR G 176 -36.81 27.20 -33.71
C THR G 176 -37.41 26.03 -32.93
N ALA G 177 -37.51 26.19 -31.61
CA ALA G 177 -38.09 25.13 -30.80
C ALA G 177 -39.54 24.87 -31.18
N GLU G 178 -40.32 25.93 -31.38
CA GLU G 178 -41.72 25.74 -31.71
C GLU G 178 -41.89 25.11 -33.09
N GLU G 179 -41.10 25.57 -34.06
CA GLU G 179 -41.16 24.97 -35.38
C GLU G 179 -40.70 23.51 -35.34
N ALA G 180 -39.76 23.19 -34.45
CA ALA G 180 -39.35 21.80 -34.29
C ALA G 180 -40.46 20.96 -33.68
N LYS G 181 -41.21 21.53 -32.74
CA LYS G 181 -42.34 20.83 -32.16
C LYS G 181 -43.40 20.55 -33.22
N ASP G 182 -43.71 21.55 -34.05
CA ASP G 182 -44.66 21.34 -35.12
C ASP G 182 -44.14 20.32 -36.14
N TYR G 183 -42.85 20.37 -36.44
CA TYR G 183 -42.26 19.44 -37.39
C TYR G 183 -42.24 18.02 -36.87
N GLY G 184 -42.30 17.83 -35.57
CA GLY G 184 -42.28 16.51 -34.97
C GLY G 184 -40.95 16.13 -34.35
N ILE G 185 -39.93 16.98 -34.44
CA ILE G 185 -38.62 16.61 -33.92
C ILE G 185 -38.64 16.56 -32.40
N ILE G 186 -39.38 17.46 -31.76
CA ILE G 186 -39.52 17.46 -30.31
C ILE G 186 -41.00 17.51 -29.98
N ASP G 187 -41.30 17.30 -28.70
CA ASP G 187 -42.67 17.23 -28.23
C ASP G 187 -43.08 18.40 -27.36
N THR G 188 -42.19 18.93 -26.54
CA THR G 188 -42.49 20.05 -25.66
C THR G 188 -41.40 21.11 -25.77
N VAL G 189 -41.77 22.34 -25.44
CA VAL G 189 -40.83 23.43 -25.29
C VAL G 189 -40.84 23.80 -23.82
N LEU G 190 -39.70 23.64 -23.16
CA LEU G 190 -39.65 23.85 -21.73
C LEU G 190 -40.07 25.27 -21.38
N GLU G 191 -40.82 25.39 -20.31
CA GLU G 191 -41.21 26.69 -19.78
C GLU G 191 -40.34 27.01 -18.58
N TYR G 192 -39.82 28.23 -18.56
CA TYR G 192 -38.95 28.66 -17.48
C TYR G 192 -39.65 28.48 -16.15
N ARG G 193 -38.91 27.98 -15.16
CA ARG G 193 -39.47 27.67 -13.86
C ARG G 193 -38.97 28.60 -12.76
N LYS G 194 -38.39 29.74 -13.13
CA LYS G 194 -37.90 30.68 -12.13
C LYS G 194 -39.02 31.07 -11.19
N LEU G 195 -38.70 31.13 -9.89
CA LEU G 195 -39.73 31.36 -8.88
C LEU G 195 -40.10 32.82 -8.79
N SER G 196 -39.12 33.72 -8.71
CA SER G 196 -39.42 35.13 -8.59
C SER G 196 -40.28 35.62 -9.76
N ALA G 197 -40.19 34.96 -10.90
CA ALA G 197 -40.95 35.36 -12.08
C ALA G 197 -42.45 35.14 -11.91
N GLN G 198 -42.86 34.42 -10.87
CA GLN G 198 -44.28 34.15 -10.65
C GLN G 198 -44.61 34.19 -9.16
N ILE H 1 -15.02 14.69 -21.70
CA ILE H 1 -15.57 14.65 -20.34
C ILE H 1 -16.31 13.34 -20.12
N LEU H 2 -15.59 12.34 -19.60
CA LEU H 2 -16.17 11.05 -19.30
C LEU H 2 -16.35 10.94 -17.79
N PRO H 3 -17.58 10.94 -17.27
CA PRO H 3 -17.75 10.95 -15.82
C PRO H 3 -17.32 9.63 -15.19
N SER H 4 -17.12 9.70 -13.87
CA SER H 4 -16.85 8.55 -13.03
C SER H 4 -18.01 8.35 -12.06
N PHE H 5 -17.92 7.30 -11.26
CA PHE H 5 -18.99 6.98 -10.32
C PHE H 5 -18.57 5.89 -9.35
N LYS H 14 -16.18 2.37 -4.23
CA LYS H 14 -15.14 2.39 -5.26
C LYS H 14 -15.53 3.30 -6.41
N GLU H 15 -14.56 4.04 -6.94
CA GLU H 15 -14.77 4.95 -8.05
C GLU H 15 -14.26 4.31 -9.34
N SER H 16 -15.07 4.38 -10.39
CA SER H 16 -14.75 3.70 -11.64
C SER H 16 -15.29 4.50 -12.82
N ASN H 17 -14.76 4.19 -14.00
CA ASN H 17 -15.21 4.74 -15.26
C ASN H 17 -16.07 3.74 -16.00
N PRO H 18 -16.80 4.18 -17.03
CA PRO H 18 -17.57 3.23 -17.82
C PRO H 18 -16.72 2.12 -18.43
N TYR H 19 -15.52 2.43 -18.88
CA TYR H 19 -14.67 1.43 -19.50
C TYR H 19 -14.18 0.41 -18.48
N ASN H 20 -13.84 0.85 -17.28
CA ASN H 20 -13.46 -0.10 -16.23
C ASN H 20 -14.60 -1.03 -15.91
N LYS H 21 -15.82 -0.50 -15.81
CA LYS H 21 -16.98 -1.35 -15.54
C LYS H 21 -17.20 -2.34 -16.66
N LEU H 22 -17.08 -1.90 -17.91
CA LEU H 22 -17.21 -2.81 -19.03
C LEU H 22 -16.16 -3.92 -18.96
N PHE H 23 -14.93 -3.56 -18.63
CA PHE H 23 -13.88 -4.57 -18.50
C PHE H 23 -14.20 -5.56 -17.39
N GLU H 24 -14.76 -5.07 -16.28
CA GLU H 24 -15.14 -5.98 -15.20
C GLU H 24 -16.17 -7.00 -15.66
N GLU H 25 -17.01 -6.65 -16.63
CA GLU H 25 -17.97 -7.56 -17.21
C GLU H 25 -17.41 -8.30 -18.42
N ARG H 26 -16.09 -8.28 -18.60
CA ARG H 26 -15.42 -9.01 -19.67
C ARG H 26 -15.82 -8.46 -21.04
N ILE H 27 -15.62 -7.16 -21.20
CA ILE H 27 -15.91 -6.48 -22.46
C ILE H 27 -14.68 -5.67 -22.84
N ILE H 28 -14.23 -5.83 -24.08
CA ILE H 28 -13.07 -5.12 -24.61
C ILE H 28 -13.57 -4.23 -25.72
N PHE H 29 -13.20 -2.96 -25.67
CA PHE H 29 -13.63 -1.97 -26.63
C PHE H 29 -12.50 -1.72 -27.61
N LEU H 30 -12.70 -2.13 -28.86
CA LEU H 30 -11.80 -1.79 -29.95
C LEU H 30 -12.46 -0.66 -30.74
N GLY H 31 -12.39 0.53 -30.17
CA GLY H 31 -13.02 1.70 -30.75
C GLY H 31 -12.10 2.66 -31.47
N VAL H 32 -10.86 2.27 -31.73
CA VAL H 32 -9.86 3.13 -32.34
C VAL H 32 -9.27 2.41 -33.54
N GLN H 33 -8.37 3.10 -34.23
CA GLN H 33 -7.70 2.52 -35.39
C GLN H 33 -6.74 1.43 -34.93
N VAL H 34 -6.79 0.28 -35.60
CA VAL H 34 -5.87 -0.80 -35.27
C VAL H 34 -4.46 -0.36 -35.59
N ASP H 35 -3.56 -0.57 -34.65
CA ASP H 35 -2.14 -0.25 -34.80
C ASP H 35 -1.40 -0.95 -33.67
N ASP H 36 -0.12 -0.64 -33.51
CA ASP H 36 0.68 -1.34 -32.51
C ASP H 36 0.17 -1.08 -31.11
N ALA H 37 -0.14 0.18 -30.79
CA ALA H 37 -0.56 0.51 -29.43
C ALA H 37 -1.86 -0.20 -29.06
N SER H 38 -2.89 -0.04 -29.90
CA SER H 38 -4.17 -0.66 -29.61
C SER H 38 -4.06 -2.18 -29.66
N ALA H 39 -3.25 -2.70 -30.58
CA ALA H 39 -3.06 -4.15 -30.64
C ALA H 39 -2.46 -4.68 -29.35
N ASN H 40 -1.44 -4.00 -28.82
CA ASN H 40 -0.85 -4.44 -27.57
C ASN H 40 -1.83 -4.36 -26.43
N ASP H 41 -2.61 -3.27 -26.36
CA ASP H 41 -3.57 -3.15 -25.28
C ASP H 41 -4.62 -4.25 -25.35
N ILE H 42 -5.12 -4.55 -26.55
CA ILE H 42 -6.13 -5.57 -26.71
C ILE H 42 -5.56 -6.94 -26.35
N MET H 43 -4.31 -7.21 -26.75
CA MET H 43 -3.70 -8.49 -26.40
C MET H 43 -3.54 -8.62 -24.89
N ALA H 44 -3.08 -7.55 -24.23
CA ALA H 44 -2.94 -7.60 -22.78
C ALA H 44 -4.28 -7.85 -22.11
N GLN H 45 -5.33 -7.16 -22.56
CA GLN H 45 -6.65 -7.34 -21.96
C GLN H 45 -7.16 -8.75 -22.19
N LEU H 46 -6.97 -9.29 -23.39
CA LEU H 46 -7.43 -10.64 -23.67
C LEU H 46 -6.73 -11.65 -22.78
N LEU H 47 -5.41 -11.53 -22.64
CA LEU H 47 -4.67 -12.45 -21.79
C LEU H 47 -5.13 -12.35 -20.35
N VAL H 48 -5.33 -11.13 -19.86
CA VAL H 48 -5.73 -10.93 -18.47
C VAL H 48 -7.09 -11.57 -18.22
N LEU H 49 -8.06 -11.28 -19.09
CA LEU H 49 -9.39 -11.83 -18.88
C LEU H 49 -9.38 -13.35 -18.99
N GLU H 50 -8.63 -13.89 -19.94
CA GLU H 50 -8.57 -15.34 -20.07
C GLU H 50 -7.99 -15.99 -18.82
N SER H 51 -6.95 -15.38 -18.25
CA SER H 51 -6.39 -15.91 -17.01
C SER H 51 -7.41 -15.83 -15.88
N LEU H 52 -8.16 -14.73 -15.81
CA LEU H 52 -9.11 -14.56 -14.71
C LEU H 52 -10.16 -15.67 -14.70
N ASP H 53 -10.71 -16.00 -15.87
CA ASP H 53 -11.73 -17.03 -15.98
C ASP H 53 -11.64 -17.65 -17.37
N PRO H 54 -10.85 -18.72 -17.53
CA PRO H 54 -10.60 -19.24 -18.88
C PRO H 54 -11.85 -19.69 -19.62
N ASP H 55 -12.84 -20.23 -18.93
CA ASP H 55 -14.00 -20.85 -19.59
C ASP H 55 -15.16 -19.89 -19.80
N ARG H 56 -14.97 -18.60 -19.54
CA ARG H 56 -16.01 -17.60 -19.72
C ARG H 56 -15.68 -16.72 -20.92
N ASP H 57 -16.72 -16.39 -21.70
CA ASP H 57 -16.53 -15.69 -22.96
C ASP H 57 -16.03 -14.27 -22.75
N ILE H 58 -15.33 -13.76 -23.75
CA ILE H 58 -14.82 -12.40 -23.76
C ILE H 58 -15.50 -11.66 -24.91
N THR H 59 -16.04 -10.49 -24.63
CA THR H 59 -16.81 -9.74 -25.61
C THR H 59 -15.99 -8.59 -26.15
N MET H 60 -16.00 -8.43 -27.47
CA MET H 60 -15.20 -7.43 -28.16
C MET H 60 -16.13 -6.51 -28.94
N TYR H 61 -16.21 -5.26 -28.52
CA TYR H 61 -16.99 -4.26 -29.22
C TYR H 61 -16.11 -3.60 -30.27
N ILE H 62 -16.59 -3.56 -31.51
CA ILE H 62 -15.80 -3.10 -32.63
C ILE H 62 -16.50 -1.89 -33.23
N ASN H 63 -15.87 -0.72 -33.14
CA ASN H 63 -16.23 0.47 -33.89
C ASN H 63 -14.92 1.09 -34.33
N SER H 64 -14.39 0.63 -35.46
CA SER H 64 -13.05 1.00 -35.86
C SER H 64 -13.00 1.24 -37.35
N PRO H 65 -12.16 2.18 -37.80
CA PRO H 65 -12.00 2.43 -39.24
C PRO H 65 -10.97 1.55 -39.94
N GLY H 66 -10.46 0.52 -39.27
CA GLY H 66 -9.44 -0.33 -39.87
C GLY H 66 -8.10 -0.16 -39.21
N GLY H 67 -7.03 -0.40 -39.95
CA GLY H 67 -5.71 -0.20 -39.43
C GLY H 67 -4.71 -1.08 -40.15
N GLY H 68 -3.60 -1.34 -39.48
CA GLY H 68 -2.52 -2.11 -40.06
C GLY H 68 -2.84 -3.57 -40.18
N PHE H 69 -1.92 -4.30 -40.81
CA PHE H 69 -2.08 -5.73 -41.04
C PHE H 69 -1.39 -6.58 -40.00
N THR H 70 -0.16 -6.22 -39.62
CA THR H 70 0.53 -6.96 -38.57
C THR H 70 -0.20 -6.84 -37.25
N SER H 71 -0.71 -5.65 -36.93
CA SER H 71 -1.48 -5.47 -35.71
C SER H 71 -2.77 -6.28 -35.75
N LEU H 72 -3.46 -6.26 -36.89
CA LEU H 72 -4.64 -7.08 -37.06
C LEU H 72 -4.32 -8.55 -36.80
N MET H 73 -3.19 -9.02 -37.31
CA MET H 73 -2.86 -10.43 -37.15
C MET H 73 -2.46 -10.75 -35.73
N ALA H 74 -1.81 -9.82 -35.03
CA ALA H 74 -1.55 -10.00 -33.61
C ALA H 74 -2.86 -10.19 -32.85
N ILE H 75 -3.80 -9.27 -33.05
CA ILE H 75 -5.08 -9.35 -32.35
C ILE H 75 -5.81 -10.64 -32.72
N TYR H 76 -5.78 -10.99 -34.00
CA TYR H 76 -6.47 -12.18 -34.47
C TYR H 76 -5.91 -13.43 -33.82
N ASP H 77 -4.58 -13.56 -33.81
CA ASP H 77 -3.97 -14.73 -33.18
C ASP H 77 -4.29 -14.79 -31.71
N THR H 78 -4.26 -13.66 -31.02
CA THR H 78 -4.59 -13.67 -29.60
C THR H 78 -6.03 -14.10 -29.37
N MET H 79 -6.96 -13.60 -30.19
CA MET H 79 -8.35 -13.99 -30.05
C MET H 79 -8.52 -15.48 -30.26
N GLN H 80 -7.88 -16.02 -31.30
CA GLN H 80 -8.02 -17.43 -31.61
C GLN H 80 -7.22 -18.32 -30.69
N TYR H 81 -6.33 -17.75 -29.88
CA TYR H 81 -5.45 -18.52 -29.01
C TYR H 81 -6.06 -18.76 -27.64
N VAL H 82 -6.75 -17.76 -27.09
CA VAL H 82 -7.18 -17.83 -25.72
C VAL H 82 -8.18 -18.97 -25.52
N ARG H 83 -8.17 -19.53 -24.30
CA ARG H 83 -9.07 -20.61 -23.96
C ARG H 83 -10.52 -20.17 -24.12
N ALA H 84 -10.83 -18.95 -23.73
CA ALA H 84 -12.19 -18.45 -23.74
C ALA H 84 -12.67 -18.15 -25.15
N ASP H 85 -13.97 -18.28 -25.36
CA ASP H 85 -14.58 -17.88 -26.61
C ASP H 85 -14.62 -16.37 -26.71
N ILE H 86 -14.74 -15.88 -27.93
CA ILE H 86 -14.83 -14.45 -28.22
C ILE H 86 -16.16 -14.19 -28.89
N GLN H 87 -16.87 -13.19 -28.38
CA GLN H 87 -18.14 -12.74 -28.94
C GLN H 87 -17.94 -11.32 -29.45
N THR H 88 -17.97 -11.14 -30.76
CA THR H 88 -17.72 -9.84 -31.37
C THR H 88 -19.03 -9.14 -31.67
N VAL H 89 -19.11 -7.86 -31.35
CA VAL H 89 -20.28 -7.03 -31.62
C VAL H 89 -19.84 -5.81 -32.39
N CYS H 90 -20.35 -5.65 -33.60
CA CYS H 90 -20.08 -4.46 -34.40
C CYS H 90 -21.03 -3.35 -33.97
N LEU H 91 -20.48 -2.20 -33.59
CA LEU H 91 -21.27 -1.16 -32.95
C LEU H 91 -21.77 -0.15 -33.97
N GLY H 92 -20.85 0.58 -34.60
CA GLY H 92 -21.21 1.58 -35.57
C GLY H 92 -20.62 1.32 -36.93
N GLN H 93 -19.45 0.71 -36.97
CA GLN H 93 -18.86 0.27 -38.24
C GLN H 93 -17.71 -0.66 -37.93
N ALA H 94 -17.30 -1.38 -38.97
CA ALA H 94 -16.13 -2.26 -38.88
C ALA H 94 -15.53 -2.32 -40.28
N ALA H 95 -14.47 -1.55 -40.49
CA ALA H 95 -13.89 -1.37 -41.81
C ALA H 95 -12.50 -1.97 -41.89
N SER H 96 -12.15 -2.44 -43.09
CA SER H 96 -10.82 -2.94 -43.38
C SER H 96 -10.46 -4.10 -42.47
N ALA H 97 -9.58 -3.87 -41.49
CA ALA H 97 -9.12 -4.94 -40.61
C ALA H 97 -10.17 -5.29 -39.58
N ALA H 98 -10.91 -4.30 -39.10
CA ALA H 98 -11.93 -4.57 -38.11
C ALA H 98 -12.96 -5.55 -38.63
N ALA H 99 -13.18 -5.59 -39.95
CA ALA H 99 -14.08 -6.59 -40.51
C ALA H 99 -13.55 -7.99 -40.32
N VAL H 100 -12.25 -8.19 -40.54
CA VAL H 100 -11.63 -9.48 -40.28
C VAL H 100 -11.76 -9.85 -38.82
N LEU H 101 -11.51 -8.88 -37.92
CA LEU H 101 -11.68 -9.16 -36.50
C LEU H 101 -13.11 -9.53 -36.18
N LEU H 102 -14.07 -8.84 -36.78
CA LEU H 102 -15.48 -9.16 -36.54
C LEU H 102 -15.79 -10.59 -36.98
N ALA H 103 -15.29 -10.98 -38.14
CA ALA H 103 -15.51 -12.35 -38.61
C ALA H 103 -14.71 -13.37 -37.81
N ALA H 104 -13.72 -12.94 -37.03
CA ALA H 104 -12.88 -13.87 -36.31
C ALA H 104 -13.48 -14.35 -35.00
N GLY H 105 -14.59 -13.77 -34.55
CA GLY H 105 -15.24 -14.24 -33.36
C GLY H 105 -15.76 -15.64 -33.51
N THR H 106 -16.17 -16.23 -32.39
CA THR H 106 -16.62 -17.61 -32.43
C THR H 106 -17.90 -17.72 -33.25
N PRO H 107 -18.05 -18.76 -34.06
CA PRO H 107 -19.28 -18.91 -34.82
C PRO H 107 -20.48 -18.98 -33.90
N GLY H 108 -21.55 -18.29 -34.30
CA GLY H 108 -22.72 -18.17 -33.47
C GLY H 108 -22.68 -17.01 -32.50
N LYS H 109 -21.51 -16.43 -32.28
CA LYS H 109 -21.34 -15.36 -31.30
C LYS H 109 -20.84 -14.07 -31.93
N ARG H 110 -21.04 -13.88 -33.22
CA ARG H 110 -20.69 -12.65 -33.90
C ARG H 110 -21.97 -11.95 -34.31
N MET H 111 -22.11 -10.68 -33.93
CA MET H 111 -23.36 -9.98 -34.16
C MET H 111 -23.07 -8.52 -34.43
N ALA H 112 -24.06 -7.83 -34.99
CA ALA H 112 -23.96 -6.43 -35.30
C ALA H 112 -25.28 -5.77 -34.98
N LEU H 113 -25.21 -4.47 -34.71
CA LEU H 113 -26.43 -3.73 -34.48
C LEU H 113 -27.10 -3.42 -35.80
N PRO H 114 -28.40 -3.16 -35.80
CA PRO H 114 -29.12 -3.12 -37.08
C PRO H 114 -28.55 -2.13 -38.07
N ASN H 115 -28.04 -0.98 -37.61
CA ASN H 115 -27.55 0.07 -38.49
C ASN H 115 -26.03 0.08 -38.60
N ALA H 116 -25.37 -0.99 -38.21
CA ALA H 116 -23.92 -1.06 -38.36
C ALA H 116 -23.55 -1.23 -39.82
N ARG H 117 -22.26 -1.02 -40.09
CA ARG H 117 -21.73 -1.09 -41.44
C ARG H 117 -20.43 -1.86 -41.43
N VAL H 118 -20.28 -2.80 -42.36
CA VAL H 118 -19.05 -3.55 -42.54
C VAL H 118 -18.46 -3.14 -43.87
N LEU H 119 -17.13 -3.05 -43.93
CA LEU H 119 -16.45 -2.61 -45.14
C LEU H 119 -15.23 -3.49 -45.34
N ILE H 120 -15.28 -4.38 -46.32
CA ILE H 120 -14.18 -5.28 -46.63
C ILE H 120 -13.56 -4.87 -47.95
N HIS H 121 -12.23 -4.75 -47.97
CA HIS H 121 -11.51 -4.41 -49.17
C HIS H 121 -10.07 -4.87 -49.01
N GLN H 122 -9.36 -4.93 -50.13
CA GLN H 122 -8.03 -5.50 -50.14
C GLN H 122 -7.01 -4.55 -49.55
N PRO H 123 -5.88 -5.06 -49.08
CA PRO H 123 -4.87 -4.18 -48.49
C PRO H 123 -4.43 -3.11 -49.47
N SER H 124 -4.27 -1.90 -48.96
CA SER H 124 -3.85 -0.75 -49.74
C SER H 124 -2.64 -0.13 -49.08
N LEU H 125 -1.61 0.11 -49.88
CA LEU H 125 -0.40 0.73 -49.38
C LEU H 125 -0.65 2.19 -49.05
N SER H 126 -0.21 2.61 -47.86
CA SER H 126 -0.32 4.01 -47.44
C SER H 126 0.96 4.72 -47.84
N GLY H 127 0.88 5.52 -48.90
CA GLY H 127 2.01 6.34 -49.31
C GLY H 127 2.78 5.77 -50.48
N VAL H 128 4.06 5.49 -50.27
CA VAL H 128 4.92 4.99 -51.33
C VAL H 128 6.21 4.48 -50.71
N ILE H 129 6.78 3.41 -51.28
CA ILE H 129 8.13 2.99 -50.94
C ILE H 129 8.97 3.16 -52.19
N GLN H 130 10.04 3.93 -52.07
CA GLN H 130 10.97 4.16 -53.17
C GLN H 130 12.23 3.35 -52.94
N GLY H 131 12.77 2.80 -54.02
CA GLY H 131 13.98 2.02 -53.92
C GLY H 131 14.30 1.36 -55.24
N GLN H 132 15.32 0.52 -55.22
CA GLN H 132 15.71 -0.20 -56.41
C GLN H 132 14.67 -1.24 -56.77
N PHE H 133 14.62 -1.60 -58.05
CA PHE H 133 13.63 -2.57 -58.50
C PHE H 133 13.76 -3.88 -57.74
N SER H 134 14.98 -4.24 -57.34
CA SER H 134 15.19 -5.49 -56.60
C SER H 134 14.59 -5.46 -55.21
N ASP H 135 14.39 -4.27 -54.64
CA ASP H 135 13.68 -4.15 -53.37
C ASP H 135 12.18 -4.01 -53.56
N LEU H 136 11.77 -3.37 -54.65
CA LEU H 136 10.34 -3.24 -54.92
C LEU H 136 9.72 -4.58 -55.25
N GLU H 137 10.46 -5.48 -55.90
CA GLU H 137 9.93 -6.83 -56.11
C GLU H 137 9.67 -7.53 -54.79
N ILE H 138 10.59 -7.40 -53.83
CA ILE H 138 10.41 -8.00 -52.52
C ILE H 138 9.18 -7.42 -51.83
N GLN H 139 9.07 -6.09 -51.88
CA GLN H 139 7.92 -5.45 -51.23
C GLN H 139 6.61 -5.89 -51.85
N ALA H 140 6.56 -5.97 -53.18
CA ALA H 140 5.34 -6.39 -53.86
C ALA H 140 5.00 -7.83 -53.51
N ALA H 141 6.01 -8.70 -53.42
CA ALA H 141 5.75 -10.08 -53.04
C ALA H 141 5.16 -10.15 -51.65
N GLU H 142 5.69 -9.37 -50.71
CA GLU H 142 5.15 -9.36 -49.35
C GLU H 142 3.71 -8.83 -49.35
N ILE H 143 3.44 -7.80 -50.12
CA ILE H 143 2.08 -7.24 -50.16
C ILE H 143 1.11 -8.26 -50.71
N GLU H 144 1.51 -8.99 -51.75
CA GLU H 144 0.65 -10.04 -52.29
C GLU H 144 0.45 -11.14 -51.26
N ARG H 145 1.50 -11.49 -50.53
CA ARG H 145 1.36 -12.50 -49.48
C ARG H 145 0.32 -12.07 -48.46
N MET H 146 0.36 -10.80 -48.06
CA MET H 146 -0.58 -10.32 -47.06
C MET H 146 -2.00 -10.26 -47.59
N ARG H 147 -2.16 -9.88 -48.85
CA ARG H 147 -3.48 -9.91 -49.46
C ARG H 147 -4.05 -11.33 -49.47
N THR H 148 -3.23 -12.30 -49.88
CA THR H 148 -3.69 -13.69 -49.90
C THR H 148 -4.01 -14.19 -48.51
N LEU H 149 -3.23 -13.78 -47.52
CA LEU H 149 -3.50 -14.19 -46.14
C LEU H 149 -4.82 -13.63 -45.65
N MET H 150 -5.11 -12.37 -45.99
CA MET H 150 -6.41 -11.80 -45.63
C MET H 150 -7.54 -12.57 -46.27
N GLU H 151 -7.40 -12.90 -47.56
CA GLU H 151 -8.45 -13.65 -48.23
C GLU H 151 -8.64 -15.02 -47.61
N THR H 152 -7.54 -15.70 -47.27
CA THR H 152 -7.64 -17.01 -46.65
C THR H 152 -8.34 -16.93 -45.28
N THR H 153 -7.99 -15.93 -44.48
CA THR H 153 -8.63 -15.80 -43.17
C THR H 153 -10.13 -15.56 -43.32
N LEU H 154 -10.52 -14.64 -44.19
CA LEU H 154 -11.93 -14.36 -44.36
C LEU H 154 -12.67 -15.57 -44.93
N ALA H 155 -12.01 -16.31 -45.82
CA ALA H 155 -12.62 -17.53 -46.34
C ALA H 155 -12.85 -18.54 -45.24
N ARG H 156 -11.87 -18.70 -44.35
CA ARG H 156 -12.01 -19.66 -43.26
C ARG H 156 -13.15 -19.27 -42.35
N HIS H 157 -13.31 -17.98 -42.08
CA HIS H 157 -14.28 -17.53 -41.09
C HIS H 157 -15.63 -17.14 -41.68
N THR H 158 -15.81 -17.21 -42.98
CA THR H 158 -17.11 -16.93 -43.59
C THR H 158 -17.67 -18.09 -44.39
N GLY H 159 -16.90 -19.14 -44.62
CA GLY H 159 -17.38 -20.28 -45.36
C GLY H 159 -17.36 -20.13 -46.86
N LYS H 160 -16.76 -19.05 -47.36
CA LYS H 160 -16.66 -18.80 -48.79
C LYS H 160 -15.27 -19.16 -49.29
N ASP H 161 -15.18 -19.37 -50.59
CA ASP H 161 -13.90 -19.71 -51.19
C ASP H 161 -12.99 -18.49 -51.21
N ALA H 162 -11.69 -18.75 -51.29
CA ALA H 162 -10.72 -17.66 -51.39
C ALA H 162 -10.91 -16.87 -52.67
N GLY H 163 -11.30 -17.53 -53.75
CA GLY H 163 -11.56 -16.82 -54.99
C GLY H 163 -12.73 -15.86 -54.89
N VAL H 164 -13.80 -16.29 -54.23
CA VAL H 164 -14.96 -15.42 -54.07
C VAL H 164 -14.59 -14.20 -53.23
N ILE H 165 -13.85 -14.41 -52.16
CA ILE H 165 -13.43 -13.28 -51.33
C ILE H 165 -12.55 -12.35 -52.14
N ARG H 166 -11.63 -12.90 -52.92
CA ARG H 166 -10.76 -12.06 -53.74
C ARG H 166 -11.57 -11.23 -54.73
N LYS H 167 -12.55 -11.85 -55.36
CA LYS H 167 -13.39 -11.13 -56.32
C LYS H 167 -14.19 -10.03 -55.62
N ASP H 168 -14.68 -10.32 -54.41
CA ASP H 168 -15.56 -9.38 -53.73
C ASP H 168 -14.80 -8.20 -53.17
N THR H 169 -13.59 -8.42 -52.67
CA THR H 169 -12.80 -7.39 -52.03
C THR H 169 -11.92 -6.62 -53.02
N ASP H 170 -12.01 -6.92 -54.31
CA ASP H 170 -11.23 -6.19 -55.29
C ASP H 170 -11.41 -4.70 -55.12
N ARG H 171 -12.64 -4.26 -54.93
CA ARG H 171 -12.95 -2.87 -54.62
C ARG H 171 -13.86 -2.83 -53.41
N ASP H 172 -13.86 -1.69 -52.73
CA ASP H 172 -14.55 -1.54 -51.47
C ASP H 172 -15.92 -2.19 -51.53
N LYS H 173 -16.16 -3.13 -50.62
CA LYS H 173 -17.47 -3.75 -50.48
C LYS H 173 -18.06 -3.30 -49.15
N ILE H 174 -19.13 -2.52 -49.23
CA ILE H 174 -19.86 -2.06 -48.06
C ILE H 174 -21.08 -2.95 -47.89
N LEU H 175 -21.27 -3.44 -46.68
CA LEU H 175 -22.38 -4.33 -46.34
C LEU H 175 -23.11 -3.75 -45.14
N THR H 176 -24.42 -3.91 -45.12
CA THR H 176 -25.20 -3.63 -43.94
C THR H 176 -25.12 -4.83 -43.00
N ALA H 177 -25.78 -4.75 -41.85
CA ALA H 177 -25.77 -5.87 -40.92
C ALA H 177 -26.44 -7.09 -41.54
N GLU H 178 -27.54 -6.88 -42.27
CA GLU H 178 -28.23 -8.01 -42.89
C GLU H 178 -27.42 -8.58 -44.05
N GLU H 179 -26.85 -7.71 -44.87
CA GLU H 179 -25.99 -8.19 -45.96
C GLU H 179 -24.76 -8.87 -45.42
N ALA H 180 -24.24 -8.41 -44.28
CA ALA H 180 -23.10 -9.09 -43.66
C ALA H 180 -23.49 -10.44 -43.13
N LYS H 181 -24.68 -10.56 -42.54
CA LYS H 181 -25.15 -11.85 -42.06
C LYS H 181 -25.32 -12.82 -43.22
N ASP H 182 -25.86 -12.35 -44.33
CA ASP H 182 -25.95 -13.21 -45.52
C ASP H 182 -24.57 -13.60 -46.02
N TYR H 183 -23.65 -12.64 -46.06
CA TYR H 183 -22.30 -12.92 -46.53
C TYR H 183 -21.63 -13.97 -45.66
N GLY H 184 -21.77 -13.86 -44.35
CA GLY H 184 -21.20 -14.82 -43.43
C GLY H 184 -20.31 -14.18 -42.39
N ILE H 185 -20.29 -12.85 -42.34
CA ILE H 185 -19.36 -12.17 -41.44
C ILE H 185 -19.92 -12.09 -40.03
N ILE H 186 -21.24 -12.11 -39.88
CA ILE H 186 -21.88 -12.13 -38.57
C ILE H 186 -22.97 -13.19 -38.59
N ASP H 187 -23.41 -13.56 -37.40
CA ASP H 187 -24.42 -14.60 -37.26
C ASP H 187 -25.80 -14.08 -36.90
N THR H 188 -25.88 -12.97 -36.16
CA THR H 188 -27.15 -12.41 -35.76
C THR H 188 -27.10 -10.90 -35.86
N VAL H 189 -28.25 -10.30 -36.13
CA VAL H 189 -28.43 -8.85 -36.15
C VAL H 189 -29.18 -8.49 -34.88
N LEU H 190 -28.58 -7.67 -34.04
CA LEU H 190 -29.10 -7.47 -32.70
C LEU H 190 -30.49 -6.84 -32.75
N GLU H 191 -31.33 -7.25 -31.83
CA GLU H 191 -32.69 -6.74 -31.71
C GLU H 191 -32.75 -5.78 -30.54
N TYR H 192 -33.55 -4.73 -30.69
CA TYR H 192 -33.71 -3.75 -29.63
C TYR H 192 -34.45 -4.37 -28.45
N ARG H 193 -34.11 -3.94 -27.24
CA ARG H 193 -34.72 -4.46 -26.03
C ARG H 193 -35.36 -3.36 -25.19
N LYS H 194 -35.90 -2.33 -25.83
CA LYS H 194 -36.60 -1.29 -25.10
C LYS H 194 -37.96 -1.81 -24.66
N LEU H 195 -38.28 -1.62 -23.38
CA LEU H 195 -39.53 -2.15 -22.85
C LEU H 195 -40.74 -1.42 -23.44
N SER H 196 -40.67 -0.09 -23.52
CA SER H 196 -41.78 0.66 -24.09
C SER H 196 -42.02 0.29 -25.54
N ALA H 197 -40.94 0.15 -26.32
CA ALA H 197 -41.09 -0.15 -27.73
C ALA H 197 -41.77 -1.50 -27.94
N GLN H 198 -41.38 -2.51 -27.16
CA GLN H 198 -42.01 -3.82 -27.28
C GLN H 198 -43.48 -3.74 -26.93
N THR H 199 -43.82 -3.01 -25.87
CA THR H 199 -45.21 -2.84 -25.45
C THR H 199 -45.85 -1.69 -26.23
N ALA H 200 -45.87 -1.87 -27.55
CA ALA H 200 -46.47 -0.90 -28.46
C ALA H 200 -46.42 -1.44 -29.88
N ILE I 1 -7.32 3.86 -24.79
CA ILE I 1 -7.66 3.81 -23.37
C ILE I 1 -7.56 2.38 -22.86
N LEU I 2 -6.70 2.17 -21.87
CA LEU I 2 -6.44 0.85 -21.30
C LEU I 2 -7.11 0.77 -19.94
N PRO I 3 -8.11 -0.09 -19.75
CA PRO I 3 -8.90 -0.05 -18.52
C PRO I 3 -8.22 -0.81 -17.40
N SER I 4 -8.14 -0.18 -16.24
CA SER I 4 -7.54 -0.79 -15.06
C SER I 4 -8.58 -1.66 -14.37
N PHE I 5 -8.27 -2.11 -13.15
CA PHE I 5 -9.21 -2.91 -12.38
C PHE I 5 -8.67 -3.04 -10.97
N ILE I 6 -9.44 -3.73 -10.13
CA ILE I 6 -9.10 -3.92 -8.72
C ILE I 6 -8.90 -5.39 -8.41
N GLU I 15 -6.05 -1.45 -8.49
CA GLU I 15 -5.37 -0.39 -9.23
C GLU I 15 -4.22 -0.95 -10.05
N SER I 16 -4.44 -2.11 -10.66
CA SER I 16 -3.46 -2.74 -11.55
C SER I 16 -4.01 -2.77 -12.96
N ASN I 17 -3.24 -2.25 -13.90
CA ASN I 17 -3.60 -2.32 -15.30
C ASN I 17 -2.97 -3.55 -15.93
N PRO I 18 -3.40 -3.93 -17.13
CA PRO I 18 -2.92 -5.18 -17.72
C PRO I 18 -1.41 -5.30 -17.80
N TYR I 19 -0.70 -4.22 -18.09
CA TYR I 19 0.75 -4.31 -18.23
C TYR I 19 1.41 -4.62 -16.89
N ASN I 20 0.96 -3.97 -15.81
CA ASN I 20 1.49 -4.29 -14.50
C ASN I 20 1.21 -5.73 -14.15
N LYS I 21 0.03 -6.23 -14.49
CA LYS I 21 -0.31 -7.61 -14.23
C LYS I 21 0.65 -8.55 -14.95
N LEU I 22 0.86 -8.30 -16.24
CA LEU I 22 1.84 -9.11 -16.98
C LEU I 22 3.19 -9.07 -16.30
N PHE I 23 3.60 -7.89 -15.85
CA PHE I 23 4.90 -7.76 -15.18
C PHE I 23 4.96 -8.58 -13.91
N GLU I 24 3.84 -8.72 -13.20
CA GLU I 24 3.85 -9.55 -11.99
C GLU I 24 4.23 -10.99 -12.33
N GLU I 25 3.78 -11.49 -13.48
CA GLU I 25 4.15 -12.82 -13.95
C GLU I 25 5.35 -12.80 -14.89
N ARG I 26 6.19 -11.79 -14.77
CA ARG I 26 7.52 -11.80 -15.39
C ARG I 26 7.42 -11.79 -16.92
N ILE I 27 6.64 -10.87 -17.45
CA ILE I 27 6.49 -10.67 -18.89
C ILE I 27 6.89 -9.25 -19.21
N ILE I 28 7.79 -9.08 -20.16
CA ILE I 28 8.25 -7.77 -20.60
C ILE I 28 7.78 -7.58 -22.03
N PHE I 29 7.16 -6.43 -22.29
CA PHE I 29 6.51 -6.15 -23.55
C PHE I 29 7.36 -5.17 -24.33
N LEU I 30 7.99 -5.64 -25.40
CA LEU I 30 8.71 -4.79 -26.34
C LEU I 30 7.82 -4.54 -27.54
N GLY I 31 6.83 -3.67 -27.35
CA GLY I 31 5.86 -3.40 -28.39
C GLY I 31 6.03 -2.07 -29.09
N VAL I 32 7.21 -1.48 -28.99
CA VAL I 32 7.49 -0.18 -29.56
C VAL I 32 8.81 -0.23 -30.32
N GLN I 33 9.22 0.93 -30.82
CA GLN I 33 10.51 1.07 -31.48
C GLN I 33 11.63 0.81 -30.48
N VAL I 34 12.72 0.20 -30.96
CA VAL I 34 13.88 -0.07 -30.12
C VAL I 34 14.75 1.19 -30.17
N ASP I 35 14.68 1.98 -29.10
CA ASP I 35 15.46 3.21 -29.00
C ASP I 35 15.97 3.31 -27.57
N ASP I 36 16.50 4.48 -27.21
CA ASP I 36 17.12 4.63 -25.91
C ASP I 36 16.12 4.44 -24.77
N ALA I 37 14.96 5.07 -24.87
CA ALA I 37 13.99 5.01 -23.79
C ALA I 37 13.52 3.58 -23.56
N SER I 38 13.11 2.90 -24.63
CA SER I 38 12.65 1.53 -24.49
C SER I 38 13.76 0.61 -24.01
N ALA I 39 14.98 0.83 -24.49
CA ALA I 39 16.09 -0.01 -24.05
C ALA I 39 16.33 0.16 -22.55
N ASN I 40 16.33 1.39 -22.06
CA ASN I 40 16.55 1.62 -20.64
C ASN I 40 15.44 1.01 -19.81
N ASP I 41 14.19 1.17 -20.25
CA ASP I 41 13.08 0.56 -19.52
C ASP I 41 13.22 -0.95 -19.47
N ILE I 42 13.61 -1.56 -20.59
CA ILE I 42 13.69 -3.01 -20.64
C ILE I 42 14.84 -3.52 -19.79
N MET I 43 15.98 -2.82 -19.79
CA MET I 43 17.05 -3.19 -18.88
C MET I 43 16.57 -3.13 -17.43
N ALA I 44 15.91 -2.03 -17.07
CA ALA I 44 15.45 -1.90 -15.69
C ALA I 44 14.52 -3.03 -15.32
N GLN I 45 13.59 -3.37 -16.22
CA GLN I 45 12.65 -4.43 -15.94
C GLN I 45 13.33 -5.78 -15.82
N LEU I 46 14.28 -6.06 -16.71
CA LEU I 46 15.00 -7.32 -16.65
C LEU I 46 15.80 -7.44 -15.36
N LEU I 47 16.45 -6.36 -14.95
CA LEU I 47 17.23 -6.39 -13.72
C LEU I 47 16.34 -6.58 -12.50
N VAL I 48 15.21 -5.87 -12.45
CA VAL I 48 14.29 -6.06 -11.33
C VAL I 48 13.79 -7.49 -11.29
N LEU I 49 13.41 -8.04 -12.45
CA LEU I 49 12.89 -9.40 -12.48
C LEU I 49 13.95 -10.40 -12.04
N GLU I 50 15.19 -10.21 -12.50
CA GLU I 50 16.28 -11.07 -12.07
C GLU I 50 16.46 -11.00 -10.56
N SER I 51 16.39 -9.80 -10.00
CA SER I 51 16.55 -9.65 -8.56
C SER I 51 15.46 -10.38 -7.80
N LEU I 52 14.22 -10.27 -8.25
CA LEU I 52 13.11 -10.86 -7.52
C LEU I 52 13.24 -12.38 -7.45
N ASP I 53 13.60 -13.01 -8.56
CA ASP I 53 13.80 -14.46 -8.59
C ASP I 53 14.73 -14.84 -9.74
N PRO I 54 16.03 -14.98 -9.48
CA PRO I 54 16.95 -15.30 -10.58
C PRO I 54 16.65 -16.62 -11.27
N ASP I 55 16.05 -17.58 -10.56
CA ASP I 55 15.86 -18.93 -11.07
C ASP I 55 14.52 -19.13 -11.77
N ARG I 56 13.85 -18.05 -12.16
CA ARG I 56 12.59 -18.13 -12.89
C ARG I 56 12.74 -17.44 -14.24
N ASP I 57 12.21 -18.07 -15.27
CA ASP I 57 12.35 -17.55 -16.63
C ASP I 57 11.61 -16.21 -16.77
N ILE I 58 12.09 -15.41 -17.69
CA ILE I 58 11.52 -14.10 -18.00
C ILE I 58 11.04 -14.12 -19.43
N THR I 59 9.79 -13.74 -19.64
CA THR I 59 9.20 -13.75 -20.97
C THR I 59 9.28 -12.36 -21.59
N MET I 60 9.47 -12.33 -22.90
CA MET I 60 9.62 -11.09 -23.66
C MET I 60 8.71 -11.16 -24.87
N TYR I 61 7.62 -10.39 -24.84
CA TYR I 61 6.73 -10.30 -25.98
C TYR I 61 7.24 -9.22 -26.91
N ILE I 62 7.40 -9.56 -28.18
CA ILE I 62 8.00 -8.68 -29.17
C ILE I 62 6.97 -8.40 -30.24
N ASN I 63 6.66 -7.12 -30.45
CA ASN I 63 5.77 -6.67 -31.51
C ASN I 63 6.29 -5.39 -32.13
N SER I 64 7.59 -5.33 -32.37
CA SER I 64 8.25 -4.08 -32.65
C SER I 64 8.76 -4.02 -34.07
N PRO I 65 8.77 -2.83 -34.68
CA PRO I 65 9.37 -2.67 -36.01
C PRO I 65 10.88 -2.47 -35.99
N GLY I 66 11.54 -2.73 -34.88
CA GLY I 66 12.98 -2.57 -34.81
C GLY I 66 13.37 -1.13 -34.56
N GLY I 67 14.68 -0.90 -34.55
CA GLY I 67 15.18 0.44 -34.32
C GLY I 67 16.69 0.51 -34.19
N GLY I 68 17.16 1.37 -33.30
CA GLY I 68 18.58 1.62 -33.16
C GLY I 68 19.41 0.36 -33.03
N PHE I 69 20.71 0.48 -33.25
CA PHE I 69 21.63 -0.64 -33.14
C PHE I 69 22.26 -0.72 -31.75
N THR I 70 22.67 0.41 -31.20
CA THR I 70 23.23 0.43 -29.86
C THR I 70 22.20 0.00 -28.83
N SER I 71 20.96 0.46 -28.99
CA SER I 71 19.89 0.01 -28.11
C SER I 71 19.65 -1.48 -28.24
N LEU I 72 19.66 -1.98 -29.48
CA LEU I 72 19.57 -3.43 -29.70
C LEU I 72 20.62 -4.15 -28.88
N MET I 73 21.88 -3.74 -29.02
CA MET I 73 22.97 -4.47 -28.38
C MET I 73 22.92 -4.32 -26.87
N ALA I 74 22.42 -3.19 -26.38
CA ALA I 74 22.26 -3.03 -24.94
C ALA I 74 21.21 -3.98 -24.39
N ILE I 75 20.04 -4.04 -25.01
CA ILE I 75 19.02 -5.00 -24.57
C ILE I 75 19.56 -6.42 -24.71
N TYR I 76 20.32 -6.68 -25.77
CA TYR I 76 20.82 -8.02 -26.02
C TYR I 76 21.80 -8.45 -24.92
N ASP I 77 22.70 -7.55 -24.54
CA ASP I 77 23.64 -7.85 -23.46
C ASP I 77 22.91 -8.07 -22.16
N THR I 78 21.93 -7.22 -21.85
CA THR I 78 21.20 -7.41 -20.60
C THR I 78 20.46 -8.74 -20.60
N MET I 79 19.88 -9.12 -21.73
CA MET I 79 19.20 -10.41 -21.82
C MET I 79 20.17 -11.55 -21.59
N GLN I 80 21.36 -11.46 -22.19
CA GLN I 80 22.33 -12.53 -22.10
C GLN I 80 23.06 -12.57 -20.77
N TYR I 81 22.96 -11.50 -19.97
CA TYR I 81 23.66 -11.37 -18.71
C TYR I 81 22.82 -11.81 -17.53
N VAL I 82 21.51 -11.53 -17.58
CA VAL I 82 20.62 -11.89 -16.49
C VAL I 82 20.76 -13.36 -16.17
N ARG I 83 20.68 -13.70 -14.89
CA ARG I 83 20.81 -15.09 -14.47
C ARG I 83 19.62 -15.93 -14.92
N ALA I 84 18.43 -15.33 -15.01
CA ALA I 84 17.26 -16.02 -15.49
C ALA I 84 17.31 -16.22 -16.99
N ASP I 85 16.55 -17.20 -17.47
CA ASP I 85 16.52 -17.55 -18.88
C ASP I 85 15.37 -16.83 -19.56
N ILE I 86 15.64 -16.24 -20.72
CA ILE I 86 14.66 -15.41 -21.42
C ILE I 86 13.95 -16.26 -22.47
N GLN I 87 12.64 -16.11 -22.53
CA GLN I 87 11.80 -16.77 -23.52
C GLN I 87 11.11 -15.70 -24.34
N THR I 88 11.37 -15.67 -25.62
CA THR I 88 10.91 -14.59 -26.49
C THR I 88 9.74 -15.08 -27.34
N VAL I 89 8.61 -14.36 -27.27
CA VAL I 89 7.42 -14.68 -28.03
C VAL I 89 7.16 -13.53 -28.99
N CYS I 90 7.19 -13.83 -30.28
CA CYS I 90 6.93 -12.83 -31.32
C CYS I 90 5.44 -12.77 -31.61
N LEU I 91 4.87 -11.58 -31.48
CA LEU I 91 3.45 -11.34 -31.74
C LEU I 91 3.35 -10.25 -32.79
N GLY I 92 2.68 -10.57 -33.89
CA GLY I 92 2.50 -9.60 -34.95
C GLY I 92 3.69 -9.52 -35.87
N GLN I 93 4.78 -8.91 -35.42
CA GLN I 93 5.98 -8.84 -36.22
C GLN I 93 7.17 -8.57 -35.33
N ALA I 94 8.33 -9.09 -35.73
CA ALA I 94 9.60 -8.81 -35.10
C ALA I 94 10.56 -8.53 -36.25
N ALA I 95 10.72 -7.26 -36.58
CA ALA I 95 11.46 -6.84 -37.76
C ALA I 95 12.71 -6.07 -37.36
N SER I 96 13.76 -6.22 -38.16
CA SER I 96 15.02 -5.49 -38.01
C SER I 96 15.60 -5.87 -36.65
N ALA I 97 15.94 -4.90 -35.80
CA ALA I 97 16.62 -5.22 -34.54
C ALA I 97 15.83 -6.22 -33.73
N ALA I 98 14.51 -6.04 -33.66
CA ALA I 98 13.69 -6.93 -32.84
C ALA I 98 13.93 -8.39 -33.21
N ALA I 99 14.11 -8.67 -34.49
CA ALA I 99 14.33 -10.06 -34.90
C ALA I 99 15.49 -10.66 -34.13
N VAL I 100 16.61 -9.94 -34.07
CA VAL I 100 17.77 -10.44 -33.33
C VAL I 100 17.38 -10.75 -31.90
N LEU I 101 16.65 -9.84 -31.26
CA LEU I 101 16.23 -10.09 -29.89
C LEU I 101 15.36 -11.33 -29.79
N LEU I 102 14.49 -11.53 -30.77
CA LEU I 102 13.68 -12.75 -30.78
C LEU I 102 14.56 -13.98 -30.94
N ALA I 103 15.60 -13.86 -31.79
CA ALA I 103 16.52 -14.97 -31.98
C ALA I 103 17.41 -15.19 -30.78
N ALA I 104 17.55 -14.19 -29.92
CA ALA I 104 18.48 -14.23 -28.80
C ALA I 104 17.87 -14.81 -27.54
N GLY I 105 16.64 -15.28 -27.59
CA GLY I 105 16.06 -15.96 -26.45
C GLY I 105 16.78 -17.26 -26.18
N THR I 106 16.42 -17.87 -25.07
CA THR I 106 17.11 -19.08 -24.67
C THR I 106 16.82 -20.19 -25.67
N PRO I 107 17.82 -20.88 -26.20
CA PRO I 107 17.55 -21.96 -27.14
C PRO I 107 16.55 -22.95 -26.58
N GLY I 108 15.48 -23.16 -27.33
CA GLY I 108 14.38 -24.01 -26.92
C GLY I 108 13.19 -23.27 -26.35
N LYS I 109 13.30 -21.96 -26.14
CA LYS I 109 12.21 -21.17 -25.58
C LYS I 109 11.98 -19.91 -26.41
N ARG I 110 12.05 -20.05 -27.73
CA ARG I 110 11.70 -18.98 -28.66
C ARG I 110 10.48 -19.41 -29.45
N MET I 111 9.46 -18.55 -29.46
CA MET I 111 8.14 -18.92 -29.96
C MET I 111 7.57 -17.77 -30.78
N ALA I 112 6.67 -18.12 -31.68
CA ALA I 112 6.01 -17.13 -32.50
C ALA I 112 4.60 -17.60 -32.78
N LEU I 113 3.66 -16.67 -32.83
CA LEU I 113 2.30 -17.03 -33.15
C LEU I 113 2.20 -17.39 -34.63
N PRO I 114 1.20 -18.21 -34.99
CA PRO I 114 1.20 -18.78 -36.34
C PRO I 114 1.24 -17.76 -37.46
N ASN I 115 0.55 -16.63 -37.30
CA ASN I 115 0.46 -15.61 -38.33
C ASN I 115 1.45 -14.49 -38.12
N ALA I 116 2.48 -14.71 -37.30
CA ALA I 116 3.47 -13.68 -37.05
C ALA I 116 4.36 -13.51 -38.27
N ARG I 117 5.31 -12.60 -38.17
CA ARG I 117 6.20 -12.29 -39.27
C ARG I 117 7.54 -11.84 -38.72
N VAL I 118 8.61 -12.26 -39.38
CA VAL I 118 9.97 -11.88 -39.01
C VAL I 118 10.62 -11.25 -40.22
N LEU I 119 11.38 -10.19 -40.00
CA LEU I 119 12.06 -9.48 -41.06
C LEU I 119 13.51 -9.30 -40.67
N ILE I 120 14.41 -9.65 -41.58
CA ILE I 120 15.85 -9.51 -41.34
C ILE I 120 16.45 -8.73 -42.50
N HIS I 121 17.21 -7.70 -42.19
CA HIS I 121 17.94 -6.99 -43.22
C HIS I 121 19.12 -6.28 -42.58
N GLN I 122 20.15 -6.05 -43.39
CA GLN I 122 21.38 -5.48 -42.89
C GLN I 122 21.13 -4.06 -42.40
N PRO I 123 21.92 -3.58 -41.44
CA PRO I 123 21.72 -2.21 -40.94
C PRO I 123 21.82 -1.19 -42.06
N SER I 124 20.96 -0.18 -41.97
CA SER I 124 20.90 0.87 -42.97
C SER I 124 20.96 2.22 -42.28
N LEU I 125 21.69 3.14 -42.89
CA LEU I 125 21.84 4.48 -42.33
C LEU I 125 20.61 5.31 -42.65
N SER I 126 20.01 5.89 -41.62
CA SER I 126 18.90 6.80 -41.79
C SER I 126 19.43 8.21 -42.00
N GLY I 127 18.97 8.86 -43.07
CA GLY I 127 19.46 10.18 -43.38
C GLY I 127 20.83 10.15 -44.04
N VAL I 128 21.45 11.31 -44.08
CA VAL I 128 22.74 11.50 -44.74
C VAL I 128 23.71 12.11 -43.74
N ILE I 129 24.89 11.54 -43.63
CA ILE I 129 25.96 12.08 -42.81
C ILE I 129 26.94 12.82 -43.72
N GLN I 130 27.08 14.10 -43.49
CA GLN I 130 27.94 14.96 -44.31
C GLN I 130 29.23 15.23 -43.56
N GLY I 131 30.33 15.25 -44.29
CA GLY I 131 31.61 15.56 -43.68
C GLY I 131 32.72 15.42 -44.69
N GLN I 132 33.94 15.61 -44.21
CA GLN I 132 35.10 15.36 -45.04
C GLN I 132 35.25 13.86 -45.27
N PHE I 133 36.03 13.51 -46.27
CA PHE I 133 36.18 12.10 -46.61
C PHE I 133 36.75 11.28 -45.46
N SER I 134 37.53 11.90 -44.58
CA SER I 134 38.10 11.17 -43.46
C SER I 134 37.02 10.74 -42.47
N ASP I 135 36.15 11.68 -42.07
CA ASP I 135 35.07 11.34 -41.17
C ASP I 135 34.16 10.29 -41.78
N LEU I 136 33.90 10.40 -43.08
CA LEU I 136 33.00 9.46 -43.73
C LEU I 136 33.61 8.08 -43.85
N GLU I 137 34.92 7.99 -44.06
CA GLU I 137 35.53 6.66 -44.06
C GLU I 137 35.53 6.06 -42.67
N ILE I 138 35.70 6.88 -41.63
CA ILE I 138 35.56 6.38 -40.26
C ILE I 138 34.15 5.85 -40.05
N GLN I 139 33.15 6.61 -40.49
CA GLN I 139 31.76 6.17 -40.34
C GLN I 139 31.49 4.89 -41.09
N ALA I 140 32.01 4.77 -42.32
CA ALA I 140 31.82 3.57 -43.10
C ALA I 140 32.44 2.37 -42.41
N ALA I 141 33.63 2.54 -41.83
CA ALA I 141 34.23 1.46 -41.07
C ALA I 141 33.35 1.06 -39.90
N GLU I 142 32.79 2.04 -39.19
CA GLU I 142 31.91 1.72 -38.08
C GLU I 142 30.67 0.97 -38.55
N ILE I 143 30.11 1.37 -39.68
CA ILE I 143 28.89 0.74 -40.17
C ILE I 143 29.16 -0.69 -40.61
N GLU I 144 30.30 -0.93 -41.24
CA GLU I 144 30.68 -2.30 -41.57
C GLU I 144 30.86 -3.11 -40.29
N ARG I 145 31.43 -2.50 -39.26
CA ARG I 145 31.58 -3.18 -37.98
C ARG I 145 30.23 -3.57 -37.40
N MET I 146 29.27 -2.66 -37.45
CA MET I 146 27.93 -2.96 -36.93
C MET I 146 27.26 -4.07 -37.72
N ARG I 147 27.38 -4.03 -39.05
CA ARG I 147 26.82 -5.07 -39.89
C ARG I 147 27.43 -6.42 -39.55
N THR I 148 28.75 -6.47 -39.41
CA THR I 148 29.42 -7.72 -39.08
C THR I 148 29.02 -8.21 -37.69
N LEU I 149 28.83 -7.30 -36.75
CA LEU I 149 28.39 -7.70 -35.42
C LEU I 149 27.00 -8.31 -35.43
N MET I 150 26.08 -7.70 -36.19
CA MET I 150 24.74 -8.27 -36.31
C MET I 150 24.80 -9.66 -36.95
N GLU I 151 25.62 -9.79 -37.99
CA GLU I 151 25.77 -11.08 -38.64
C GLU I 151 26.31 -12.12 -37.68
N THR I 152 27.29 -11.76 -36.87
CA THR I 152 27.86 -12.69 -35.92
C THR I 152 26.83 -13.12 -34.88
N THR I 153 26.06 -12.18 -34.34
CA THR I 153 25.07 -12.55 -33.33
C THR I 153 24.03 -13.48 -33.93
N LEU I 154 23.52 -13.15 -35.12
CA LEU I 154 22.51 -14.00 -35.73
C LEU I 154 23.06 -15.38 -36.05
N ALA I 155 24.30 -15.46 -36.54
CA ALA I 155 24.89 -16.75 -36.84
C ALA I 155 25.07 -17.57 -35.56
N ARG I 156 25.47 -16.91 -34.48
CA ARG I 156 25.63 -17.60 -33.21
C ARG I 156 24.30 -18.18 -32.74
N HIS I 157 23.23 -17.42 -32.86
CA HIS I 157 21.97 -17.82 -32.26
C HIS I 157 21.08 -18.65 -33.16
N THR I 158 21.35 -18.69 -34.47
CA THR I 158 20.54 -19.47 -35.39
C THR I 158 21.25 -20.71 -35.90
N GLY I 159 22.54 -20.87 -35.62
CA GLY I 159 23.27 -22.02 -36.08
C GLY I 159 23.71 -21.96 -37.53
N LYS I 160 23.44 -20.86 -38.22
CA LYS I 160 23.91 -20.68 -39.58
C LYS I 160 25.37 -20.25 -39.52
N ASP I 161 25.90 -19.82 -40.66
CA ASP I 161 27.25 -19.26 -40.73
C ASP I 161 27.14 -17.79 -41.10
N ALA I 162 28.10 -17.00 -40.63
CA ALA I 162 28.04 -15.56 -40.84
C ALA I 162 27.91 -15.22 -42.32
N GLY I 163 28.54 -16.00 -43.19
CA GLY I 163 28.43 -15.74 -44.62
C GLY I 163 27.03 -15.98 -45.14
N VAL I 164 26.39 -17.05 -44.69
CA VAL I 164 25.02 -17.32 -45.11
C VAL I 164 24.10 -16.21 -44.64
N ILE I 165 24.28 -15.74 -43.41
CA ILE I 165 23.48 -14.63 -42.92
C ILE I 165 23.70 -13.40 -43.78
N ARG I 166 24.96 -13.12 -44.12
CA ARG I 166 25.25 -11.95 -44.93
C ARG I 166 24.52 -12.03 -46.27
N LYS I 167 24.61 -13.17 -46.94
CA LYS I 167 23.96 -13.30 -48.23
C LYS I 167 22.44 -13.21 -48.10
N ASP I 168 21.88 -13.83 -47.06
CA ASP I 168 20.43 -13.81 -46.87
C ASP I 168 19.92 -12.41 -46.56
N THR I 169 20.70 -11.62 -45.84
CA THR I 169 20.27 -10.30 -45.39
C THR I 169 20.65 -9.19 -46.35
N ASP I 170 21.26 -9.50 -47.49
CA ASP I 170 21.57 -8.47 -48.46
C ASP I 170 20.34 -7.64 -48.79
N ARG I 171 19.21 -8.30 -48.98
CA ARG I 171 17.94 -7.65 -49.28
C ARG I 171 16.90 -8.16 -48.30
N ASP I 172 15.99 -7.27 -47.90
CA ASP I 172 15.04 -7.59 -46.83
C ASP I 172 14.46 -8.99 -47.01
N LYS I 173 14.61 -9.81 -45.98
CA LYS I 173 14.13 -11.18 -45.98
C LYS I 173 12.98 -11.29 -45.01
N ILE I 174 11.81 -11.69 -45.51
CA ILE I 174 10.60 -11.78 -44.72
C ILE I 174 10.23 -13.25 -44.58
N LEU I 175 10.09 -13.70 -43.34
CA LEU I 175 9.86 -15.09 -43.02
C LEU I 175 8.57 -15.21 -42.23
N THR I 176 7.77 -16.20 -42.57
CA THR I 176 6.62 -16.51 -41.73
C THR I 176 7.09 -17.27 -40.50
N ALA I 177 6.18 -17.60 -39.59
CA ALA I 177 6.58 -18.28 -38.37
C ALA I 177 7.21 -19.62 -38.66
N GLU I 178 6.61 -20.41 -39.56
CA GLU I 178 7.18 -21.70 -39.91
C GLU I 178 8.52 -21.55 -40.59
N GLU I 179 8.65 -20.58 -41.49
CA GLU I 179 9.93 -20.35 -42.14
C GLU I 179 10.96 -19.87 -41.15
N ALA I 180 10.57 -19.05 -40.17
CA ALA I 180 11.51 -18.63 -39.15
C ALA I 180 11.97 -19.81 -38.31
N LYS I 181 11.07 -20.75 -38.03
CA LYS I 181 11.46 -21.96 -37.32
C LYS I 181 12.45 -22.78 -38.13
N ASP I 182 12.20 -22.90 -39.44
CA ASP I 182 13.12 -23.65 -40.29
C ASP I 182 14.39 -22.88 -40.61
N TYR I 183 14.46 -21.60 -40.28
CA TYR I 183 15.66 -20.81 -40.46
C TYR I 183 16.53 -20.83 -39.21
N GLY I 184 15.97 -21.17 -38.06
CA GLY I 184 16.70 -21.18 -36.81
C GLY I 184 16.43 -20.01 -35.90
N ILE I 185 15.46 -19.16 -36.22
CA ILE I 185 15.22 -17.97 -35.41
C ILE I 185 14.31 -18.29 -34.23
N ILE I 186 13.43 -19.28 -34.37
CA ILE I 186 12.55 -19.70 -33.30
C ILE I 186 12.54 -21.22 -33.22
N ASP I 187 12.04 -21.73 -32.12
CA ASP I 187 12.02 -23.16 -31.86
C ASP I 187 10.68 -23.80 -32.13
N THR I 188 9.58 -23.08 -31.92
CA THR I 188 8.26 -23.65 -32.11
C THR I 188 7.27 -22.55 -32.46
N VAL I 189 6.27 -22.91 -33.25
CA VAL I 189 5.15 -22.04 -33.60
C VAL I 189 3.98 -22.39 -32.70
N LEU I 190 3.45 -21.39 -32.00
CA LEU I 190 2.45 -21.65 -30.98
C LEU I 190 1.18 -22.22 -31.59
N GLU I 191 0.53 -23.09 -30.84
CA GLU I 191 -0.75 -23.67 -31.20
C GLU I 191 -1.86 -23.03 -30.37
N TYR I 192 -3.03 -22.92 -30.99
CA TYR I 192 -4.17 -22.32 -30.32
C TYR I 192 -4.66 -23.22 -29.17
N ARG I 193 -5.22 -22.57 -28.14
CA ARG I 193 -5.70 -23.27 -26.96
C ARG I 193 -7.22 -23.30 -26.86
N LYS I 194 -7.94 -22.71 -27.80
CA LYS I 194 -9.39 -22.62 -27.69
C LYS I 194 -10.00 -24.02 -27.64
N LEU I 195 -11.01 -24.19 -26.79
CA LEU I 195 -11.65 -25.49 -26.64
C LEU I 195 -12.79 -25.70 -27.64
N SER I 196 -13.54 -24.66 -27.97
CA SER I 196 -14.55 -24.79 -29.00
C SER I 196 -13.95 -25.38 -30.26
N ALA I 197 -12.72 -24.98 -30.59
CA ALA I 197 -11.98 -25.56 -31.70
C ALA I 197 -11.04 -26.66 -31.22
N GLN I 198 -11.59 -27.64 -30.51
CA GLN I 198 -10.81 -28.77 -30.05
C GLN I 198 -11.71 -29.99 -29.88
N ILE J 1 5.78 2.39 -22.20
CA ILE J 1 5.05 1.90 -21.04
C ILE J 1 5.98 1.21 -20.05
N LEU J 2 6.12 1.80 -18.88
CA LEU J 2 6.94 1.26 -17.80
C LEU J 2 6.02 0.75 -16.70
N PRO J 3 5.95 -0.55 -16.44
CA PRO J 3 4.98 -1.06 -15.47
C PRO J 3 5.49 -0.93 -14.05
N SER J 4 4.65 -0.42 -13.16
CA SER J 4 4.98 -0.33 -11.75
C SER J 4 4.66 -1.64 -11.04
N PHE J 5 5.19 -1.79 -9.83
CA PHE J 5 5.03 -3.01 -9.05
C PHE J 5 5.14 -2.68 -7.58
N ILE J 6 4.45 -3.47 -6.76
CA ILE J 6 4.51 -3.31 -5.31
C ILE J 6 3.89 -4.52 -4.63
N SER J 16 6.01 0.35 -6.93
CA SER J 16 7.01 1.32 -7.38
C SER J 16 7.52 0.99 -8.79
N ASN J 17 8.00 2.01 -9.49
CA ASN J 17 8.56 1.81 -10.81
C ASN J 17 9.95 1.18 -10.71
N PRO J 18 10.41 0.53 -11.78
CA PRO J 18 11.77 -0.03 -11.75
C PRO J 18 12.86 0.99 -11.47
N TYR J 19 12.67 2.24 -11.88
CA TYR J 19 13.71 3.23 -11.66
C TYR J 19 13.84 3.58 -10.18
N ASN J 20 12.71 3.62 -9.46
CA ASN J 20 12.77 3.79 -8.02
C ASN J 20 13.47 2.61 -7.37
N LYS J 21 13.21 1.40 -7.85
CA LYS J 21 13.86 0.23 -7.30
C LYS J 21 15.37 0.29 -7.51
N LEU J 22 15.80 0.70 -8.70
CA LEU J 22 17.23 0.85 -8.94
C LEU J 22 17.82 1.92 -8.04
N PHE J 23 17.14 3.05 -7.90
CA PHE J 23 17.67 4.14 -7.09
C PHE J 23 17.82 3.74 -5.64
N GLU J 24 16.85 2.98 -5.12
CA GLU J 24 16.99 2.47 -3.76
C GLU J 24 18.30 1.71 -3.59
N GLU J 25 18.68 0.94 -4.60
CA GLU J 25 19.92 0.17 -4.56
C GLU J 25 21.14 0.99 -4.95
N ARG J 26 21.03 2.32 -4.95
CA ARG J 26 22.15 3.20 -5.20
C ARG J 26 22.66 3.09 -6.64
N ILE J 27 21.72 3.12 -7.57
CA ILE J 27 22.03 3.08 -9.00
C ILE J 27 21.43 4.30 -9.65
N ILE J 28 22.26 5.04 -10.38
CA ILE J 28 21.85 6.22 -11.12
C ILE J 28 21.89 5.88 -12.60
N PHE J 29 20.90 6.35 -13.34
CA PHE J 29 20.73 6.01 -14.75
C PHE J 29 20.95 7.27 -15.58
N LEU J 30 22.09 7.33 -16.26
CA LEU J 30 22.37 8.41 -17.21
C LEU J 30 22.04 7.89 -18.60
N GLY J 31 20.75 7.88 -18.90
CA GLY J 31 20.25 7.31 -20.13
C GLY J 31 19.78 8.30 -21.17
N VAL J 32 20.04 9.59 -20.99
CA VAL J 32 19.60 10.63 -21.90
C VAL J 32 20.80 11.46 -22.32
N GLN J 33 20.53 12.47 -23.15
CA GLN J 33 21.57 13.40 -23.54
C GLN J 33 22.03 14.21 -22.35
N VAL J 34 23.33 14.52 -22.31
CA VAL J 34 23.92 15.25 -21.20
C VAL J 34 23.66 16.73 -21.41
N ASP J 35 22.76 17.30 -20.62
CA ASP J 35 22.44 18.72 -20.69
C ASP J 35 22.16 19.21 -19.27
N ASP J 36 21.66 20.43 -19.16
CA ASP J 36 21.49 21.05 -17.85
C ASP J 36 20.45 20.30 -17.01
N ALA J 37 19.33 19.92 -17.61
CA ALA J 37 18.30 19.22 -16.86
C ALA J 37 18.81 17.90 -16.33
N SER J 38 19.37 17.07 -17.21
CA SER J 38 19.88 15.78 -16.78
C SER J 38 21.03 15.95 -15.80
N ALA J 39 21.87 16.95 -16.01
CA ALA J 39 22.97 17.20 -15.09
C ALA J 39 22.45 17.52 -13.70
N ASN J 40 21.44 18.38 -13.60
CA ASN J 40 20.89 18.71 -12.29
C ASN J 40 20.25 17.50 -11.64
N ASP J 41 19.53 16.70 -12.41
CA ASP J 41 18.94 15.48 -11.85
C ASP J 41 20.02 14.56 -11.29
N ILE J 42 21.09 14.38 -12.05
CA ILE J 42 22.17 13.50 -11.60
C ILE J 42 22.82 14.07 -10.34
N MET J 43 23.03 15.38 -10.30
CA MET J 43 23.65 15.98 -9.13
C MET J 43 22.79 15.80 -7.88
N ALA J 44 21.48 16.05 -8.02
CA ALA J 44 20.59 15.88 -6.88
C ALA J 44 20.59 14.45 -6.39
N GLN J 45 20.52 13.48 -7.31
CA GLN J 45 20.53 12.08 -6.92
C GLN J 45 21.84 11.72 -6.24
N LEU J 46 22.96 12.19 -6.77
CA LEU J 46 24.26 11.88 -6.16
C LEU J 46 24.35 12.43 -4.74
N LEU J 47 23.92 13.67 -4.55
CA LEU J 47 23.97 14.25 -3.22
C LEU J 47 23.07 13.50 -2.25
N VAL J 48 21.87 13.16 -2.67
CA VAL J 48 20.95 12.43 -1.80
C VAL J 48 21.56 11.08 -1.40
N LEU J 49 22.08 10.35 -2.39
CA LEU J 49 22.65 9.04 -2.09
C LEU J 49 23.86 9.16 -1.18
N GLU J 50 24.68 10.19 -1.38
CA GLU J 50 25.83 10.38 -0.51
C GLU J 50 25.39 10.65 0.93
N SER J 51 24.37 11.49 1.10
CA SER J 51 23.90 11.79 2.45
C SER J 51 23.34 10.56 3.13
N LEU J 52 22.58 9.74 2.40
CA LEU J 52 21.96 8.57 3.02
C LEU J 52 23.00 7.63 3.60
N ASP J 53 24.07 7.35 2.85
CA ASP J 53 25.10 6.43 3.29
C ASP J 53 26.43 6.73 2.59
N PRO J 54 27.30 7.54 3.21
CA PRO J 54 28.53 7.92 2.51
C PRO J 54 29.44 6.76 2.15
N ASP J 55 29.52 5.74 3.00
CA ASP J 55 30.47 4.67 2.77
C ASP J 55 30.12 3.87 1.51
N ARG J 56 28.86 3.48 1.38
CA ARG J 56 28.47 2.57 0.31
C ARG J 56 28.63 3.23 -1.05
N ASP J 57 29.00 2.44 -2.04
CA ASP J 57 29.30 2.96 -3.37
C ASP J 57 28.02 3.27 -4.13
N ILE J 58 28.13 4.21 -5.06
CA ILE J 58 27.04 4.61 -5.94
C ILE J 58 27.35 4.07 -7.33
N THR J 59 26.43 3.30 -7.89
CA THR J 59 26.60 2.83 -9.25
C THR J 59 25.97 3.83 -10.21
N MET J 60 26.43 3.82 -11.45
CA MET J 60 26.01 4.80 -12.43
C MET J 60 26.02 4.14 -13.80
N TYR J 61 24.84 3.93 -14.36
CA TYR J 61 24.69 3.33 -15.68
C TYR J 61 24.67 4.42 -16.73
N ILE J 62 25.40 4.21 -17.82
CA ILE J 62 25.60 5.23 -18.85
C ILE J 62 25.18 4.63 -20.18
N ASN J 63 24.16 5.21 -20.79
CA ASN J 63 23.69 4.80 -22.11
C ASN J 63 23.36 6.04 -22.93
N SER J 64 24.22 7.04 -22.88
CA SER J 64 23.90 8.34 -23.41
C SER J 64 24.73 8.68 -24.63
N PRO J 65 24.20 9.48 -25.56
CA PRO J 65 24.98 9.92 -26.72
C PRO J 65 25.82 11.17 -26.52
N GLY J 66 26.07 11.59 -25.28
CA GLY J 66 26.91 12.74 -25.04
C GLY J 66 26.11 13.99 -24.76
N GLY J 67 26.70 15.15 -25.01
CA GLY J 67 25.98 16.39 -24.86
C GLY J 67 26.92 17.52 -24.48
N GLY J 68 26.34 18.52 -23.83
CA GLY J 68 27.07 19.74 -23.53
C GLY J 68 28.34 19.48 -22.78
N PHE J 69 29.16 20.53 -22.70
CA PHE J 69 30.45 20.45 -22.03
C PHE J 69 30.36 20.91 -20.58
N THR J 70 29.66 22.01 -20.32
CA THR J 70 29.54 22.50 -18.96
C THR J 70 28.72 21.55 -18.10
N SER J 71 27.66 20.97 -18.67
CA SER J 71 26.88 19.97 -17.94
C SER J 71 27.72 18.75 -17.63
N LEU J 72 28.53 18.31 -18.59
CA LEU J 72 29.50 17.25 -18.34
C LEU J 72 30.34 17.59 -17.13
N MET J 73 30.85 18.82 -17.06
CA MET J 73 31.76 19.19 -15.99
C MET J 73 31.05 19.30 -14.65
N ALA J 74 29.78 19.72 -14.67
CA ALA J 74 29.00 19.70 -13.44
C ALA J 74 28.87 18.28 -12.90
N ILE J 75 28.44 17.35 -13.77
CA ILE J 75 28.29 15.97 -13.33
C ILE J 75 29.63 15.42 -12.87
N TYR J 76 30.70 15.74 -13.59
CA TYR J 76 32.02 15.22 -13.26
C TYR J 76 32.47 15.71 -11.90
N ASP J 77 32.33 17.01 -11.64
CA ASP J 77 32.73 17.55 -10.34
C ASP J 77 31.90 16.93 -9.22
N THR J 78 30.60 16.76 -9.43
CA THR J 78 29.79 16.15 -8.38
C THR J 78 30.24 14.72 -8.12
N MET J 79 30.54 13.96 -9.18
CA MET J 79 30.97 12.58 -9.00
C MET J 79 32.27 12.50 -8.22
N GLN J 80 33.24 13.35 -8.57
CA GLN J 80 34.51 13.31 -7.87
C GLN J 80 34.38 13.86 -6.45
N TYR J 81 33.44 14.77 -6.23
CA TYR J 81 33.35 15.46 -4.94
C TYR J 81 32.84 14.53 -3.85
N VAL J 82 31.78 13.78 -4.14
CA VAL J 82 31.05 13.08 -3.09
C VAL J 82 31.96 12.09 -2.37
N ARG J 83 31.61 11.80 -1.12
CA ARG J 83 32.38 10.86 -0.33
C ARG J 83 32.27 9.44 -0.86
N ALA J 84 31.14 9.10 -1.46
CA ALA J 84 30.90 7.73 -1.90
C ALA J 84 31.69 7.42 -3.15
N ASP J 85 32.17 6.18 -3.23
CA ASP J 85 32.81 5.70 -4.44
C ASP J 85 31.77 5.52 -5.54
N ILE J 86 32.19 5.77 -6.77
CA ILE J 86 31.31 5.69 -7.93
C ILE J 86 31.79 4.56 -8.83
N GLN J 87 30.85 3.79 -9.35
CA GLN J 87 31.13 2.65 -10.22
C GLN J 87 30.33 2.82 -11.49
N THR J 88 31.01 2.99 -12.61
CA THR J 88 30.38 3.34 -13.88
C THR J 88 30.25 2.11 -14.77
N VAL J 89 29.07 1.91 -15.33
CA VAL J 89 28.82 0.85 -16.30
C VAL J 89 28.38 1.50 -17.60
N CYS J 90 28.71 0.86 -18.72
CA CYS J 90 28.51 1.48 -20.03
C CYS J 90 27.29 0.99 -20.79
N LEU J 91 26.77 -0.20 -20.49
CA LEU J 91 25.54 -0.66 -21.10
C LEU J 91 25.64 -0.74 -22.61
N GLY J 92 25.15 0.29 -23.31
CA GLY J 92 25.01 0.20 -24.75
C GLY J 92 25.86 1.17 -25.54
N GLN J 93 26.19 2.32 -24.94
CA GLN J 93 26.94 3.33 -25.64
C GLN J 93 27.42 4.37 -24.63
N ALA J 94 28.55 5.00 -24.94
CA ALA J 94 29.03 6.13 -24.16
C ALA J 94 29.83 7.00 -25.12
N ALA J 95 29.19 8.03 -25.66
CA ALA J 95 29.77 8.85 -26.71
C ALA J 95 30.00 10.27 -26.22
N SER J 96 31.16 10.80 -26.54
CA SER J 96 31.50 12.21 -26.28
C SER J 96 31.50 12.42 -24.78
N ALA J 97 30.67 13.32 -24.24
CA ALA J 97 30.75 13.63 -22.81
C ALA J 97 30.65 12.37 -21.97
N ALA J 98 29.72 11.49 -22.30
CA ALA J 98 29.52 10.29 -21.50
C ALA J 98 30.84 9.54 -21.34
N ALA J 99 31.63 9.46 -22.39
CA ALA J 99 32.90 8.74 -22.31
C ALA J 99 33.74 9.28 -21.16
N VAL J 100 33.89 10.60 -21.09
CA VAL J 100 34.65 11.18 -19.99
C VAL J 100 34.06 10.73 -18.66
N LEU J 101 32.74 10.84 -18.52
CA LEU J 101 32.09 10.39 -17.30
C LEU J 101 32.35 8.91 -17.07
N LEU J 102 32.32 8.10 -18.12
CA LEU J 102 32.63 6.68 -17.96
C LEU J 102 34.04 6.50 -17.45
N ALA J 103 34.98 7.28 -17.96
CA ALA J 103 36.36 7.22 -17.47
C ALA J 103 36.53 7.87 -16.12
N ALA J 104 35.52 8.57 -15.62
CA ALA J 104 35.60 9.31 -14.37
C ALA J 104 35.17 8.50 -13.17
N GLY J 105 34.82 7.24 -13.33
CA GLY J 105 34.49 6.41 -12.20
C GLY J 105 35.72 6.06 -11.40
N THR J 106 35.49 5.53 -10.22
CA THR J 106 36.60 5.18 -9.35
C THR J 106 37.44 4.10 -10.02
N PRO J 107 38.76 4.24 -10.03
CA PRO J 107 39.59 3.25 -10.71
C PRO J 107 39.36 1.86 -10.15
N GLY J 108 39.28 0.89 -11.05
CA GLY J 108 38.94 -0.47 -10.70
C GLY J 108 37.46 -0.75 -10.67
N LYS J 109 36.62 0.28 -10.79
CA LYS J 109 35.17 0.15 -10.70
C LYS J 109 34.49 0.73 -11.93
N ARG J 110 35.18 0.72 -13.07
CA ARG J 110 34.62 1.15 -14.33
C ARG J 110 34.55 -0.08 -15.23
N MET J 111 33.34 -0.50 -15.55
CA MET J 111 33.13 -1.72 -16.33
C MET J 111 32.15 -1.44 -17.45
N ALA J 112 32.08 -2.36 -18.40
CA ALA J 112 31.23 -2.18 -19.57
C ALA J 112 30.77 -3.55 -20.05
N LEU J 113 29.62 -3.57 -20.69
CA LEU J 113 29.11 -4.82 -21.23
C LEU J 113 29.88 -5.20 -22.48
N PRO J 114 29.89 -6.49 -22.84
CA PRO J 114 30.77 -6.93 -23.93
C PRO J 114 30.51 -6.21 -25.24
N ASN J 115 29.26 -5.93 -25.57
CA ASN J 115 28.90 -5.28 -26.82
C ASN J 115 28.66 -3.79 -26.65
N ALA J 116 29.18 -3.19 -25.58
CA ALA J 116 29.12 -1.76 -25.43
C ALA J 116 29.98 -1.09 -26.48
N ARG J 117 29.90 0.24 -26.52
CA ARG J 117 30.62 1.02 -27.51
C ARG J 117 30.97 2.36 -26.91
N VAL J 118 32.22 2.77 -27.07
CA VAL J 118 32.70 4.05 -26.58
C VAL J 118 33.13 4.87 -27.78
N LEU J 119 32.99 6.18 -27.67
CA LEU J 119 33.21 7.07 -28.81
C LEU J 119 33.78 8.38 -28.30
N ILE J 120 35.06 8.63 -28.55
CA ILE J 120 35.73 9.83 -28.05
C ILE J 120 36.14 10.67 -29.25
N HIS J 121 35.83 11.98 -29.17
CA HIS J 121 36.21 12.93 -30.18
C HIS J 121 36.33 14.29 -29.51
N GLN J 122 36.98 15.22 -30.21
CA GLN J 122 37.19 16.53 -29.65
C GLN J 122 35.89 17.33 -29.68
N PRO J 123 35.76 18.33 -28.80
CA PRO J 123 34.54 19.13 -28.80
C PRO J 123 34.31 19.79 -30.15
N SER J 124 33.06 19.83 -30.56
CA SER J 124 32.66 20.43 -31.82
C SER J 124 31.51 21.39 -31.58
N LEU J 125 31.55 22.53 -32.25
CA LEU J 125 30.51 23.52 -32.16
C LEU J 125 29.44 23.21 -33.19
N SER J 126 28.20 23.05 -32.74
CA SER J 126 27.06 22.83 -33.63
C SER J 126 26.38 24.17 -33.86
N GLY J 127 26.34 24.60 -35.11
CA GLY J 127 25.86 25.92 -35.44
C GLY J 127 27.00 26.89 -35.65
N VAL J 128 26.62 28.15 -35.88
CA VAL J 128 27.56 29.20 -36.20
C VAL J 128 27.40 30.32 -35.19
N ILE J 129 28.51 30.81 -34.66
CA ILE J 129 28.51 31.91 -33.71
C ILE J 129 28.96 33.16 -34.46
N GLN J 130 28.03 34.04 -34.76
CA GLN J 130 28.35 35.25 -35.49
C GLN J 130 28.92 36.31 -34.55
N GLY J 131 29.44 37.38 -35.12
CA GLY J 131 29.94 38.48 -34.34
C GLY J 131 31.21 39.07 -34.90
N GLN J 132 31.68 40.15 -34.29
CA GLN J 132 32.92 40.76 -34.72
C GLN J 132 34.09 39.82 -34.45
N PHE J 133 35.18 40.04 -35.17
CA PHE J 133 36.37 39.22 -34.96
C PHE J 133 36.86 39.31 -33.52
N SER J 134 36.67 40.46 -32.89
CA SER J 134 37.12 40.63 -31.50
C SER J 134 36.34 39.77 -30.54
N ASP J 135 35.17 39.27 -30.94
CA ASP J 135 34.41 38.34 -30.12
C ASP J 135 34.67 36.89 -30.52
N LEU J 136 34.91 36.63 -31.80
CA LEU J 136 35.24 35.30 -32.25
C LEU J 136 36.60 34.86 -31.74
N GLU J 137 37.53 35.80 -31.52
CA GLU J 137 38.77 35.44 -30.86
C GLU J 137 38.53 34.90 -29.46
N ILE J 138 37.63 35.55 -28.71
CA ILE J 138 37.30 35.08 -27.37
C ILE J 138 36.66 33.71 -27.43
N GLN J 139 35.72 33.53 -28.36
CA GLN J 139 35.07 32.23 -28.47
C GLN J 139 36.04 31.14 -28.85
N ALA J 140 36.96 31.42 -29.76
CA ALA J 140 37.96 30.44 -30.15
C ALA J 140 38.87 30.09 -28.97
N ALA J 141 39.28 31.09 -28.21
CA ALA J 141 40.11 30.81 -27.04
C ALA J 141 39.36 29.95 -26.04
N GLU J 142 38.07 30.22 -25.83
CA GLU J 142 37.28 29.40 -24.93
C GLU J 142 37.15 27.98 -25.45
N ILE J 143 36.94 27.82 -26.75
CA ILE J 143 36.79 26.48 -27.31
C ILE J 143 38.08 25.69 -27.14
N GLU J 144 39.22 26.35 -27.36
CA GLU J 144 40.49 25.67 -27.15
C GLU J 144 40.67 25.31 -25.68
N ARG J 145 40.25 26.19 -24.78
CA ARG J 145 40.35 25.87 -23.35
C ARG J 145 39.52 24.66 -22.99
N MET J 146 38.28 24.58 -23.49
CA MET J 146 37.44 23.42 -23.23
C MET J 146 38.05 22.15 -23.80
N ARG J 147 38.58 22.22 -25.01
CA ARG J 147 39.20 21.05 -25.62
C ARG J 147 40.40 20.59 -24.80
N THR J 148 41.25 21.51 -24.37
CA THR J 148 42.40 21.13 -23.55
C THR J 148 41.95 20.55 -22.23
N LEU J 149 40.85 21.07 -21.68
CA LEU J 149 40.34 20.54 -20.42
C LEU J 149 39.88 19.09 -20.58
N MET J 150 39.19 18.79 -21.68
CA MET J 150 38.82 17.41 -21.94
C MET J 150 40.05 16.53 -22.11
N GLU J 151 41.04 17.03 -22.86
CA GLU J 151 42.30 16.31 -23.01
C GLU J 151 42.88 15.97 -21.65
N THR J 152 42.93 16.95 -20.74
CA THR J 152 43.56 16.76 -19.44
C THR J 152 42.75 15.81 -18.56
N THR J 153 41.43 15.90 -18.59
CA THR J 153 40.62 14.98 -17.80
C THR J 153 40.82 13.55 -18.25
N LEU J 154 40.75 13.31 -19.57
CA LEU J 154 40.93 11.96 -20.07
C LEU J 154 42.36 11.47 -19.82
N ALA J 155 43.34 12.35 -19.89
CA ALA J 155 44.71 11.96 -19.57
C ALA J 155 44.85 11.58 -18.11
N ARG J 156 44.18 12.31 -17.22
CA ARG J 156 44.25 11.98 -15.80
C ARG J 156 43.62 10.63 -15.52
N HIS J 157 42.50 10.35 -16.16
CA HIS J 157 41.72 9.16 -15.83
C HIS J 157 42.05 7.95 -16.68
N THR J 158 42.90 8.08 -17.70
CA THR J 158 43.30 6.94 -18.52
C THR J 158 44.79 6.66 -18.45
N GLY J 159 45.56 7.49 -17.74
CA GLY J 159 46.98 7.26 -17.66
C GLY J 159 47.69 7.41 -18.98
N LYS J 160 47.25 8.34 -19.82
CA LYS J 160 47.89 8.63 -21.09
C LYS J 160 48.17 10.12 -21.17
N ASP J 161 49.24 10.48 -21.88
CA ASP J 161 49.59 11.88 -22.01
C ASP J 161 48.52 12.64 -22.77
N ALA J 162 48.38 13.92 -22.45
CA ALA J 162 47.42 14.76 -23.14
C ALA J 162 47.71 14.82 -24.63
N GLY J 163 48.98 14.72 -25.01
CA GLY J 163 49.32 14.72 -26.43
C GLY J 163 48.78 13.50 -27.14
N VAL J 164 48.92 12.33 -26.54
CA VAL J 164 48.38 11.11 -27.12
C VAL J 164 46.87 11.21 -27.22
N ILE J 165 46.22 11.67 -26.16
CA ILE J 165 44.77 11.72 -26.15
C ILE J 165 44.28 12.71 -27.21
N ARG J 166 45.00 13.81 -27.36
CA ARG J 166 44.68 14.80 -28.38
C ARG J 166 44.81 14.22 -29.78
N LYS J 167 45.92 13.53 -30.05
CA LYS J 167 46.09 12.94 -31.37
C LYS J 167 45.00 11.91 -31.65
N ASP J 168 44.66 11.11 -30.65
CA ASP J 168 43.63 10.09 -30.84
C ASP J 168 42.27 10.70 -31.08
N THR J 169 41.91 11.73 -30.32
CA THR J 169 40.61 12.36 -30.45
C THR J 169 40.57 13.40 -31.56
N ASP J 170 41.66 13.59 -32.30
CA ASP J 170 41.64 14.53 -33.41
C ASP J 170 40.49 14.25 -34.36
N ARG J 171 40.16 12.97 -34.54
CA ARG J 171 38.99 12.57 -35.31
C ARG J 171 38.27 11.46 -34.57
N ASP J 172 36.95 11.42 -34.75
CA ASP J 172 36.10 10.49 -34.03
C ASP J 172 36.73 9.11 -33.94
N LYS J 173 36.94 8.64 -32.71
CA LYS J 173 37.59 7.36 -32.45
C LYS J 173 36.61 6.47 -31.71
N ILE J 174 36.33 5.31 -32.28
CA ILE J 174 35.38 4.34 -31.73
C ILE J 174 36.15 3.20 -31.12
N LEU J 175 35.72 2.77 -29.94
CA LEU J 175 36.34 1.66 -29.23
C LEU J 175 35.27 0.67 -28.83
N THR J 176 35.55 -0.61 -28.99
CA THR J 176 34.74 -1.63 -28.37
C THR J 176 35.06 -1.67 -26.89
N ALA J 177 34.38 -2.55 -26.15
CA ALA J 177 34.65 -2.64 -24.72
C ALA J 177 36.09 -3.04 -24.46
N GLU J 178 36.60 -4.03 -25.18
CA GLU J 178 37.97 -4.48 -24.96
C GLU J 178 38.97 -3.41 -25.36
N GLU J 179 38.74 -2.73 -26.48
CA GLU J 179 39.64 -1.66 -26.89
C GLU J 179 39.61 -0.51 -25.90
N ALA J 180 38.43 -0.22 -25.33
CA ALA J 180 38.35 0.79 -24.28
C ALA J 180 39.15 0.36 -23.07
N LYS J 181 39.05 -0.92 -22.70
CA LYS J 181 39.81 -1.42 -21.56
C LYS J 181 41.30 -1.24 -21.78
N ASP J 182 41.80 -1.63 -22.96
CA ASP J 182 43.21 -1.43 -23.25
C ASP J 182 43.58 0.04 -23.29
N TYR J 183 42.59 0.92 -23.40
CA TYR J 183 42.81 2.35 -23.50
C TYR J 183 42.72 3.06 -22.16
N GLY J 184 42.33 2.35 -21.10
CA GLY J 184 42.21 2.94 -19.79
C GLY J 184 40.87 3.57 -19.49
N ILE J 185 39.90 3.45 -20.38
CA ILE J 185 38.60 4.06 -20.11
C ILE J 185 37.80 3.20 -19.15
N ILE J 186 37.96 1.88 -19.19
CA ILE J 186 37.26 0.97 -18.29
C ILE J 186 38.27 -0.02 -17.74
N ASP J 187 37.86 -0.71 -16.69
CA ASP J 187 38.70 -1.69 -16.02
C ASP J 187 38.30 -3.14 -16.28
N THR J 188 37.02 -3.42 -16.48
CA THR J 188 36.60 -4.79 -16.73
C THR J 188 35.50 -4.81 -17.78
N VAL J 189 35.40 -5.95 -18.46
CA VAL J 189 34.33 -6.22 -19.40
C VAL J 189 33.49 -7.33 -18.80
N LEU J 190 32.21 -7.05 -18.60
CA LEU J 190 31.37 -7.93 -17.82
C LEU J 190 31.16 -9.25 -18.54
N GLU J 191 31.52 -10.34 -17.87
CA GLU J 191 31.16 -11.67 -18.35
C GLU J 191 29.69 -11.93 -18.05
N TYR J 192 29.04 -12.67 -18.94
CA TYR J 192 27.64 -12.96 -18.75
C TYR J 192 27.42 -13.84 -17.52
N ARG J 193 26.29 -13.65 -16.88
CA ARG J 193 25.97 -14.28 -15.60
C ARG J 193 24.99 -15.44 -15.73
N LYS J 194 24.59 -15.79 -16.94
CA LYS J 194 23.54 -16.77 -17.11
C LYS J 194 23.98 -18.14 -16.60
N LEU J 195 23.06 -18.84 -15.94
CA LEU J 195 23.39 -20.12 -15.34
C LEU J 195 23.52 -21.23 -16.39
N SER J 196 23.15 -20.97 -17.64
CA SER J 196 23.32 -21.93 -18.71
C SER J 196 23.92 -21.26 -19.95
N ILE K 1 11.37 23.74 -12.05
CA ILE K 1 10.79 22.78 -11.12
C ILE K 1 10.71 23.39 -9.74
N LEU K 2 9.50 23.47 -9.20
CA LEU K 2 9.24 24.11 -7.92
C LEU K 2 9.15 23.04 -6.85
N PRO K 3 10.04 23.03 -5.85
CA PRO K 3 10.04 21.92 -4.89
C PRO K 3 8.91 22.06 -3.87
N SER K 4 8.13 21.00 -3.74
CA SER K 4 7.13 20.91 -2.69
C SER K 4 7.82 20.53 -1.38
N PHE K 5 7.03 20.47 -0.30
CA PHE K 5 7.58 20.14 1.00
C PHE K 5 6.46 19.64 1.89
N ILE K 6 6.84 18.95 2.95
CA ILE K 6 5.89 18.37 3.89
C ILE K 6 6.05 19.04 5.24
N GLU K 15 1.39 18.36 2.82
CA GLU K 15 2.37 19.05 1.97
C GLU K 15 1.80 20.35 1.43
N SER K 16 2.58 21.04 0.62
CA SER K 16 2.18 22.32 0.03
C SER K 16 3.19 22.71 -1.03
N ASN K 17 3.01 23.88 -1.60
CA ASN K 17 3.97 24.57 -2.44
C ASN K 17 4.32 25.90 -1.78
N PRO K 18 5.41 26.54 -2.19
CA PRO K 18 5.66 27.88 -1.70
C PRO K 18 4.51 28.83 -1.96
N TYR K 19 3.85 28.68 -3.11
CA TYR K 19 2.73 29.55 -3.43
C TYR K 19 1.54 29.29 -2.52
N ASN K 20 1.27 28.02 -2.22
CA ASN K 20 0.20 27.71 -1.27
C ASN K 20 0.52 28.27 0.10
N LYS K 21 1.77 28.18 0.52
CA LYS K 21 2.16 28.75 1.81
C LYS K 21 1.97 30.25 1.83
N LEU K 22 2.38 30.94 0.77
CA LEU K 22 2.20 32.37 0.72
C LEU K 22 0.72 32.74 0.73
N PHE K 23 -0.09 32.00 -0.02
CA PHE K 23 -1.54 32.25 -0.01
C PHE K 23 -2.12 32.08 1.38
N GLU K 24 -1.68 31.04 2.09
CA GLU K 24 -2.13 30.87 3.47
C GLU K 24 -1.77 32.07 4.33
N GLU K 25 -0.69 32.77 3.98
CA GLU K 25 -0.30 34.01 4.65
C GLU K 25 -0.88 35.24 3.96
N ARG K 26 -1.83 35.06 3.06
CA ARG K 26 -2.56 36.16 2.43
C ARG K 26 -1.65 36.98 1.52
N ILE K 27 -0.94 36.30 0.62
CA ILE K 27 0.02 36.93 -0.29
C ILE K 27 -0.33 36.49 -1.69
N ILE K 28 -1.13 37.29 -2.39
CA ILE K 28 -1.37 37.06 -3.80
C ILE K 28 -0.11 37.39 -4.57
N PHE K 29 0.03 36.79 -5.76
CA PHE K 29 1.22 36.93 -6.58
C PHE K 29 0.78 37.25 -8.00
N LEU K 30 1.14 38.43 -8.48
CA LEU K 30 0.91 38.82 -9.87
C LEU K 30 2.25 38.82 -10.57
N GLY K 31 2.67 37.65 -11.03
CA GLY K 31 3.98 37.48 -11.62
C GLY K 31 4.00 37.27 -13.12
N VAL K 32 2.88 37.45 -13.80
CA VAL K 32 2.77 37.22 -15.23
C VAL K 32 2.11 38.44 -15.86
N GLN K 33 1.92 38.38 -17.17
CA GLN K 33 1.29 39.50 -17.86
C GLN K 33 -0.18 39.58 -17.47
N VAL K 34 -0.67 40.81 -17.35
CA VAL K 34 -2.03 41.07 -16.90
C VAL K 34 -2.96 40.79 -18.06
N ASP K 35 -3.54 39.59 -18.09
CA ASP K 35 -4.55 39.25 -19.09
C ASP K 35 -5.79 38.69 -18.40
N ASP K 36 -6.74 38.18 -19.18
CA ASP K 36 -8.00 37.75 -18.60
C ASP K 36 -7.82 36.56 -17.67
N ALA K 37 -6.96 35.61 -18.03
CA ALA K 37 -6.74 34.47 -17.15
C ALA K 37 -6.16 34.90 -15.81
N SER K 38 -5.09 35.70 -15.87
CA SER K 38 -4.49 36.20 -14.64
C SER K 38 -5.46 37.05 -13.86
N ALA K 39 -6.25 37.87 -14.55
CA ALA K 39 -7.23 38.71 -13.87
C ALA K 39 -8.25 37.86 -13.14
N ASN K 40 -8.75 36.81 -13.78
CA ASN K 40 -9.73 35.95 -13.13
C ASN K 40 -9.12 35.26 -11.92
N ASP K 41 -7.90 34.77 -12.05
CA ASP K 41 -7.24 34.13 -10.91
C ASP K 41 -7.09 35.10 -9.75
N ILE K 42 -6.60 36.32 -10.02
CA ILE K 42 -6.36 37.29 -8.97
C ILE K 42 -7.67 37.70 -8.32
N MET K 43 -8.72 37.90 -9.12
CA MET K 43 -10.02 38.24 -8.59
C MET K 43 -10.58 37.14 -7.70
N ALA K 44 -10.46 35.89 -8.13
CA ALA K 44 -10.93 34.78 -7.31
C ALA K 44 -10.16 34.74 -5.99
N GLN K 45 -8.84 34.94 -6.06
CA GLN K 45 -8.04 34.92 -4.84
C GLN K 45 -8.43 36.03 -3.89
N LEU K 46 -8.63 37.24 -4.42
CA LEU K 46 -9.04 38.36 -3.57
C LEU K 46 -10.38 38.10 -2.92
N LEU K 47 -11.35 37.57 -3.69
CA LEU K 47 -12.66 37.30 -3.12
C LEU K 47 -12.57 36.24 -2.03
N VAL K 48 -11.77 35.19 -2.26
CA VAL K 48 -11.63 34.12 -1.28
C VAL K 48 -11.00 34.67 0.00
N LEU K 49 -9.93 35.45 -0.15
CA LEU K 49 -9.24 35.98 1.03
C LEU K 49 -10.11 36.96 1.79
N GLU K 50 -10.92 37.75 1.07
CA GLU K 50 -11.87 38.62 1.73
C GLU K 50 -12.90 37.80 2.50
N SER K 51 -13.35 36.70 1.93
CA SER K 51 -14.32 35.84 2.62
C SER K 51 -13.73 35.27 3.90
N LEU K 52 -12.49 34.76 3.83
CA LEU K 52 -11.92 34.07 4.99
C LEU K 52 -11.72 35.03 6.16
N ASP K 53 -11.27 36.25 5.90
CA ASP K 53 -11.03 37.23 6.96
C ASP K 53 -11.08 38.64 6.39
N PRO K 54 -12.23 39.31 6.44
CA PRO K 54 -12.32 40.65 5.83
C PRO K 54 -11.52 41.72 6.54
N ASP K 55 -11.08 41.50 7.77
CA ASP K 55 -10.42 42.52 8.57
C ASP K 55 -8.90 42.46 8.49
N ARG K 56 -8.34 41.59 7.66
CA ARG K 56 -6.90 41.40 7.56
C ARG K 56 -6.38 41.88 6.22
N ASP K 57 -5.18 42.45 6.23
CA ASP K 57 -4.56 42.97 5.02
C ASP K 57 -4.25 41.84 4.05
N ILE K 58 -4.32 42.17 2.76
CA ILE K 58 -3.99 41.25 1.68
C ILE K 58 -2.78 41.82 0.97
N THR K 59 -1.72 41.01 0.86
CA THR K 59 -0.51 41.43 0.18
C THR K 59 -0.50 40.96 -1.26
N MET K 60 0.02 41.79 -2.14
CA MET K 60 0.04 41.52 -3.57
C MET K 60 1.42 41.87 -4.10
N TYR K 61 2.15 40.86 -4.55
CA TYR K 61 3.46 41.05 -5.16
C TYR K 61 3.27 41.28 -6.64
N ILE K 62 4.00 42.25 -7.19
CA ILE K 62 3.84 42.69 -8.56
C ILE K 62 5.18 42.56 -9.26
N ASN K 63 5.31 41.56 -10.13
CA ASN K 63 6.47 41.40 -11.01
C ASN K 63 5.91 41.02 -12.37
N SER K 64 5.57 42.02 -13.17
CA SER K 64 4.86 41.78 -14.42
C SER K 64 5.20 42.86 -15.42
N PRO K 65 5.16 42.56 -16.72
CA PRO K 65 5.38 43.58 -17.75
C PRO K 65 4.15 44.38 -18.14
N GLY K 66 3.01 44.14 -17.53
CA GLY K 66 1.79 44.82 -17.86
C GLY K 66 0.83 43.94 -18.64
N GLY K 67 -0.10 44.58 -19.32
CA GLY K 67 -1.04 43.82 -20.11
C GLY K 67 -2.27 44.63 -20.45
N GLY K 68 -3.39 43.92 -20.61
CA GLY K 68 -4.58 44.53 -21.15
C GLY K 68 -5.16 45.59 -20.23
N PHE K 69 -5.90 46.52 -20.83
CA PHE K 69 -6.53 47.57 -20.05
C PHE K 69 -7.76 47.06 -19.30
N THR K 70 -8.58 46.25 -19.94
CA THR K 70 -9.79 45.77 -19.28
C THR K 70 -9.45 44.87 -18.11
N SER K 71 -8.45 44.01 -18.26
CA SER K 71 -8.00 43.20 -17.14
C SER K 71 -7.46 44.07 -16.03
N LEU K 72 -6.69 45.10 -16.38
CA LEU K 72 -6.23 46.05 -15.39
C LEU K 72 -7.39 46.61 -14.59
N MET K 73 -8.45 47.03 -15.28
CA MET K 73 -9.56 47.68 -14.59
C MET K 73 -10.37 46.69 -13.78
N ALA K 74 -10.47 45.44 -14.24
CA ALA K 74 -11.09 44.40 -13.43
C ALA K 74 -10.34 44.22 -12.11
N ILE K 75 -9.02 44.04 -12.18
CA ILE K 75 -8.24 43.85 -10.97
C ILE K 75 -8.30 45.08 -10.10
N TYR K 76 -8.28 46.25 -10.71
CA TYR K 76 -8.33 47.50 -9.97
C TYR K 76 -9.64 47.64 -9.20
N ASP K 77 -10.76 47.37 -9.85
CA ASP K 77 -12.05 47.46 -9.17
C ASP K 77 -12.12 46.44 -8.05
N THR K 78 -11.66 45.21 -8.29
CA THR K 78 -11.70 44.21 -7.24
C THR K 78 -10.84 44.62 -6.06
N MET K 79 -9.66 45.19 -6.32
CA MET K 79 -8.82 45.65 -5.23
C MET K 79 -9.50 46.75 -4.44
N GLN K 80 -10.13 47.70 -5.14
CA GLN K 80 -10.78 48.81 -4.47
C GLN K 80 -12.10 48.40 -3.82
N TYR K 81 -12.59 47.20 -4.11
CA TYR K 81 -13.91 46.75 -3.70
C TYR K 81 -13.89 45.92 -2.44
N VAL K 82 -12.97 44.97 -2.34
CA VAL K 82 -12.93 44.09 -1.19
C VAL K 82 -12.75 44.91 0.08
N ARG K 83 -13.13 44.29 1.21
CA ARG K 83 -13.04 44.98 2.49
C ARG K 83 -11.63 45.02 3.03
N ALA K 84 -10.83 43.99 2.78
CA ALA K 84 -9.47 43.95 3.27
C ALA K 84 -8.62 45.00 2.59
N ASP K 85 -7.73 45.63 3.36
CA ASP K 85 -6.76 46.55 2.79
C ASP K 85 -5.73 45.79 1.98
N ILE K 86 -5.24 46.42 0.92
CA ILE K 86 -4.29 45.82 0.00
C ILE K 86 -2.94 46.49 0.20
N GLN K 87 -1.88 45.69 0.27
CA GLN K 87 -0.52 46.17 0.32
C GLN K 87 0.24 45.61 -0.86
N THR K 88 0.73 46.49 -1.73
CA THR K 88 1.42 46.08 -2.95
C THR K 88 2.92 46.16 -2.75
N VAL K 89 3.64 45.19 -3.30
CA VAL K 89 5.10 45.16 -3.23
C VAL K 89 5.64 44.89 -4.63
N CYS K 90 6.40 45.85 -5.17
CA CYS K 90 6.98 45.70 -6.50
C CYS K 90 8.37 45.11 -6.39
N LEU K 91 8.59 43.97 -7.03
CA LEU K 91 9.84 43.23 -6.86
C LEU K 91 10.83 43.43 -7.99
N GLY K 92 10.48 43.02 -9.20
CA GLY K 92 11.40 43.14 -10.31
C GLY K 92 11.08 44.33 -11.17
N GLN K 93 9.81 44.44 -11.55
CA GLN K 93 9.34 45.58 -12.29
C GLN K 93 7.82 45.62 -12.23
N ALA K 94 7.28 46.79 -12.49
CA ALA K 94 5.84 46.98 -12.63
C ALA K 94 5.67 47.92 -13.81
N ALA K 95 5.32 47.37 -14.97
CA ALA K 95 5.27 48.11 -16.22
C ALA K 95 3.84 48.21 -16.72
N SER K 96 3.49 49.39 -17.21
CA SER K 96 2.19 49.64 -17.84
C SER K 96 1.10 49.33 -16.83
N ALA K 97 0.22 48.36 -17.06
CA ALA K 97 -0.91 48.15 -16.18
C ALA K 97 -0.46 47.90 -14.75
N ALA K 98 0.56 47.07 -14.57
CA ALA K 98 0.98 46.72 -13.22
C ALA K 98 1.50 47.92 -12.45
N ALA K 99 1.81 49.03 -13.12
CA ALA K 99 2.14 50.25 -12.39
C ALA K 99 0.90 50.83 -11.73
N VAL K 100 -0.20 50.92 -12.48
CA VAL K 100 -1.45 51.39 -11.90
C VAL K 100 -1.83 50.54 -10.70
N LEU K 101 -1.81 49.22 -10.88
CA LEU K 101 -2.07 48.32 -9.76
C LEU K 101 -1.15 48.62 -8.59
N LEU K 102 0.12 48.88 -8.87
CA LEU K 102 1.04 49.18 -7.78
C LEU K 102 0.61 50.42 -7.03
N ALA K 103 0.11 51.43 -7.74
CA ALA K 103 -0.37 52.63 -7.10
C ALA K 103 -1.73 52.44 -6.47
N ALA K 104 -2.41 51.33 -6.73
CA ALA K 104 -3.78 51.12 -6.26
C ALA K 104 -3.85 50.51 -4.87
N GLY K 105 -2.73 50.12 -4.29
CA GLY K 105 -2.74 49.64 -2.92
C GLY K 105 -3.14 50.74 -1.97
N THR K 106 -3.49 50.35 -0.76
CA THR K 106 -4.01 51.32 0.19
C THR K 106 -2.94 52.36 0.49
N PRO K 107 -3.29 53.64 0.56
CA PRO K 107 -2.28 54.66 0.82
C PRO K 107 -1.52 54.35 2.09
N GLY K 108 -0.20 54.45 2.01
CA GLY K 108 0.69 54.11 3.09
C GLY K 108 1.27 52.72 3.01
N LYS K 109 0.64 51.83 2.24
CA LYS K 109 1.02 50.42 2.20
C LYS K 109 1.42 50.00 0.80
N ARG K 110 2.19 50.84 0.12
CA ARG K 110 2.72 50.52 -1.22
C ARG K 110 4.24 50.59 -1.16
N MET K 111 4.89 49.48 -1.47
CA MET K 111 6.32 49.33 -1.24
C MET K 111 6.97 48.77 -2.49
N ALA K 112 8.27 49.02 -2.61
CA ALA K 112 9.05 48.51 -3.72
C ALA K 112 10.42 48.16 -3.22
N LEU K 113 11.01 47.11 -3.79
CA LEU K 113 12.36 46.76 -3.44
C LEU K 113 13.32 47.80 -4.02
N PRO K 114 14.52 47.92 -3.45
CA PRO K 114 15.42 49.00 -3.88
C PRO K 114 15.70 49.02 -5.37
N ASN K 115 15.82 47.86 -6.01
CA ASN K 115 16.20 47.79 -7.41
C ASN K 115 15.01 47.41 -8.31
N ALA K 116 13.81 47.78 -7.92
CA ALA K 116 12.66 47.67 -8.79
C ALA K 116 12.65 48.84 -9.77
N ARG K 117 11.86 48.70 -10.83
CA ARG K 117 11.64 49.78 -11.78
C ARG K 117 10.16 49.83 -12.13
N VAL K 118 9.64 51.05 -12.29
CA VAL K 118 8.24 51.27 -12.63
C VAL K 118 8.21 51.97 -13.98
N LEU K 119 7.56 51.34 -14.94
CA LEU K 119 7.45 51.88 -16.30
C LEU K 119 6.00 52.27 -16.53
N ILE K 120 5.74 53.56 -16.71
CA ILE K 120 4.39 54.05 -16.98
C ILE K 120 4.40 54.73 -18.34
N HIS K 121 3.44 54.36 -19.17
CA HIS K 121 3.29 54.93 -20.50
C HIS K 121 1.83 54.85 -20.90
N GLN K 122 1.46 55.65 -21.89
CA GLN K 122 0.08 55.71 -22.31
C GLN K 122 -0.32 54.44 -23.05
N PRO K 123 -1.61 54.14 -23.11
CA PRO K 123 -2.04 52.94 -23.82
C PRO K 123 -1.61 52.95 -25.27
N SER K 124 -1.20 51.79 -25.76
CA SER K 124 -0.77 51.62 -27.13
C SER K 124 -1.45 50.39 -27.71
N LEU K 125 -1.91 50.51 -28.94
CA LEU K 125 -2.66 49.47 -29.61
C LEU K 125 -1.72 48.70 -30.52
N SER K 126 -1.02 47.72 -29.95
CA SER K 126 -0.25 46.79 -30.75
C SER K 126 -1.20 46.03 -31.65
N GLY K 127 -0.86 45.94 -32.94
CA GLY K 127 -1.77 45.41 -33.92
C GLY K 127 -2.51 46.51 -34.64
N VAL K 128 -3.31 46.09 -35.62
CA VAL K 128 -4.04 47.00 -36.49
C VAL K 128 -5.52 46.64 -36.40
N ILE K 129 -6.36 47.66 -36.24
CA ILE K 129 -7.80 47.50 -36.26
C ILE K 129 -8.29 48.11 -37.57
N GLN K 130 -8.80 47.26 -38.45
CA GLN K 130 -9.33 47.67 -39.74
C GLN K 130 -10.84 47.88 -39.64
N GLY K 131 -11.37 48.58 -40.62
CA GLY K 131 -12.80 48.83 -40.67
C GLY K 131 -13.07 50.14 -41.38
N GLN K 132 -14.35 50.42 -41.54
CA GLN K 132 -14.75 51.68 -42.15
C GLN K 132 -14.35 52.83 -41.24
N PHE K 133 -14.30 54.02 -41.82
CA PHE K 133 -14.01 55.20 -41.01
C PHE K 133 -15.02 55.37 -39.90
N SER K 134 -16.27 54.95 -40.14
CA SER K 134 -17.31 55.10 -39.12
C SER K 134 -17.06 54.22 -37.92
N ASP K 135 -16.36 53.11 -38.09
CA ASP K 135 -15.99 52.27 -36.95
C ASP K 135 -14.68 52.69 -36.33
N LEU K 136 -13.75 53.20 -37.14
CA LEU K 136 -12.49 53.67 -36.59
C LEU K 136 -12.66 54.91 -35.74
N GLU K 137 -13.62 55.78 -36.07
CA GLU K 137 -13.85 56.92 -35.19
C GLU K 137 -14.36 56.47 -33.82
N ILE K 138 -15.25 55.48 -33.79
CA ILE K 138 -15.71 54.94 -32.52
C ILE K 138 -14.55 54.34 -31.75
N GLN K 139 -13.70 53.57 -32.44
CA GLN K 139 -12.56 52.96 -31.78
C GLN K 139 -11.62 54.01 -31.21
N ALA K 140 -11.34 55.05 -31.97
CA ALA K 140 -10.46 56.11 -31.50
C ALA K 140 -11.04 56.81 -30.29
N ALA K 141 -12.35 57.07 -30.29
CA ALA K 141 -12.98 57.68 -29.13
C ALA K 141 -12.84 56.77 -27.91
N GLU K 142 -13.01 55.47 -28.09
CA GLU K 142 -12.84 54.54 -26.97
C GLU K 142 -11.42 54.55 -26.45
N ILE K 143 -10.43 54.54 -27.34
CA ILE K 143 -9.03 54.55 -26.90
C ILE K 143 -8.72 55.82 -26.14
N GLU K 144 -9.19 56.96 -26.62
CA GLU K 144 -8.98 58.20 -25.88
C GLU K 144 -9.63 58.13 -24.51
N ARG K 145 -10.83 57.56 -24.43
CA ARG K 145 -11.50 57.44 -23.15
C ARG K 145 -10.69 56.60 -22.17
N MET K 146 -10.14 55.48 -22.64
CA MET K 146 -9.36 54.63 -21.74
C MET K 146 -8.07 55.30 -21.33
N ARG K 147 -7.42 56.02 -22.24
CA ARG K 147 -6.24 56.79 -21.87
C ARG K 147 -6.56 57.80 -20.78
N THR K 148 -7.64 58.56 -20.94
CA THR K 148 -8.02 59.55 -19.96
C THR K 148 -8.36 58.88 -18.63
N LEU K 149 -9.00 57.72 -18.68
CA LEU K 149 -9.33 57.01 -17.45
C LEU K 149 -8.08 56.57 -16.71
N MET K 150 -7.08 56.09 -17.43
CA MET K 150 -5.82 55.73 -16.78
C MET K 150 -5.16 56.95 -16.17
N GLU K 151 -5.19 58.08 -16.88
CA GLU K 151 -4.63 59.31 -16.32
C GLU K 151 -5.36 59.73 -15.06
N THR K 152 -6.69 59.64 -15.06
CA THR K 152 -7.46 59.99 -13.88
C THR K 152 -7.12 59.08 -12.71
N THR K 153 -7.01 57.78 -12.96
CA THR K 153 -6.66 56.85 -11.90
C THR K 153 -5.31 57.19 -11.29
N LEU K 154 -4.31 57.42 -12.14
CA LEU K 154 -2.97 57.71 -11.62
C LEU K 154 -2.95 59.06 -10.91
N ALA K 155 -3.70 60.03 -11.40
CA ALA K 155 -3.80 61.31 -10.71
C ALA K 155 -4.42 61.14 -9.34
N ARG K 156 -5.46 60.32 -9.24
CA ARG K 156 -6.10 60.09 -7.95
C ARG K 156 -5.16 59.42 -6.98
N HIS K 157 -4.38 58.45 -7.44
CA HIS K 157 -3.58 57.63 -6.56
C HIS K 157 -2.17 58.15 -6.36
N THR K 158 -1.78 59.22 -7.05
CA THR K 158 -0.45 59.81 -6.87
C THR K 158 -0.52 61.27 -6.48
N GLY K 159 -1.71 61.83 -6.30
CA GLY K 159 -1.80 63.23 -5.92
C GLY K 159 -1.18 64.17 -6.94
N LYS K 160 -1.42 63.94 -8.21
CA LYS K 160 -0.90 64.78 -9.28
C LYS K 160 -2.03 65.13 -10.23
N ASP K 161 -2.02 66.36 -10.72
CA ASP K 161 -3.02 66.78 -11.69
C ASP K 161 -2.97 65.86 -12.91
N ALA K 162 -4.15 65.50 -13.42
CA ALA K 162 -4.20 64.58 -14.55
C ALA K 162 -3.44 65.12 -15.76
N GLY K 163 -3.35 66.44 -15.90
CA GLY K 163 -2.54 67.01 -16.95
C GLY K 163 -1.07 66.69 -16.78
N VAL K 164 -0.59 66.68 -15.53
CA VAL K 164 0.79 66.32 -15.27
C VAL K 164 1.05 64.88 -15.68
N ILE K 165 0.15 63.98 -15.33
CA ILE K 165 0.32 62.57 -15.71
C ILE K 165 0.25 62.42 -17.21
N ARG K 166 -0.63 63.18 -17.87
CA ARG K 166 -0.73 63.10 -19.33
C ARG K 166 0.56 63.56 -19.99
N LYS K 167 1.14 64.64 -19.50
CA LYS K 167 2.40 65.12 -20.07
C LYS K 167 3.53 64.15 -19.78
N ASP K 168 3.52 63.51 -18.60
CA ASP K 168 4.63 62.66 -18.20
C ASP K 168 4.60 61.30 -18.89
N THR K 169 3.42 60.76 -19.17
CA THR K 169 3.29 59.46 -19.80
C THR K 169 3.22 59.54 -21.32
N ASP K 170 3.45 60.72 -21.90
CA ASP K 170 3.44 60.84 -23.35
C ASP K 170 4.44 59.89 -23.98
N ARG K 171 5.58 59.70 -23.33
CA ARG K 171 6.58 58.71 -23.72
C ARG K 171 6.87 57.84 -22.52
N ASP K 172 7.36 56.63 -22.77
CA ASP K 172 7.66 55.72 -21.68
C ASP K 172 8.47 56.43 -20.62
N LYS K 173 7.99 56.39 -19.39
CA LYS K 173 8.71 56.94 -18.25
C LYS K 173 9.13 55.82 -17.33
N ILE K 174 10.42 55.68 -17.09
CA ILE K 174 10.98 54.67 -16.20
C ILE K 174 11.44 55.36 -14.93
N LEU K 175 11.04 54.81 -13.78
CA LEU K 175 11.34 55.37 -12.48
C LEU K 175 11.96 54.30 -11.61
N THR K 176 13.07 54.62 -10.96
CA THR K 176 13.60 53.75 -9.93
C THR K 176 12.74 53.87 -8.69
N ALA K 177 12.94 52.94 -7.75
CA ALA K 177 12.10 52.93 -6.56
C ALA K 177 12.08 54.28 -5.86
N GLU K 178 13.25 54.92 -5.73
CA GLU K 178 13.30 56.23 -5.09
C GLU K 178 12.54 57.27 -5.90
N GLU K 179 12.71 57.25 -7.23
CA GLU K 179 12.01 58.20 -8.07
C GLU K 179 10.51 57.94 -8.05
N ALA K 180 10.10 56.69 -7.91
CA ALA K 180 8.68 56.39 -7.77
C ALA K 180 8.14 56.91 -6.45
N LYS K 181 8.92 56.79 -5.38
CA LYS K 181 8.51 57.34 -4.10
C LYS K 181 8.33 58.85 -4.18
N ASP K 182 9.26 59.52 -4.86
CA ASP K 182 9.09 60.96 -5.09
C ASP K 182 7.85 61.23 -5.93
N TYR K 183 7.60 60.41 -6.96
CA TYR K 183 6.44 60.61 -7.81
C TYR K 183 5.14 60.43 -7.02
N GLY K 184 5.01 59.31 -6.34
CA GLY K 184 3.80 59.04 -5.57
C GLY K 184 3.28 57.65 -5.78
N ILE K 185 3.91 56.90 -6.68
CA ILE K 185 3.44 55.55 -6.99
C ILE K 185 3.60 54.63 -5.80
N ILE K 186 4.62 54.84 -4.98
CA ILE K 186 4.85 54.04 -3.78
C ILE K 186 5.11 54.98 -2.63
N ASP K 187 5.02 54.43 -1.41
CA ASP K 187 5.19 55.21 -0.20
C ASP K 187 6.56 55.01 0.42
N THR K 188 7.02 53.76 0.55
CA THR K 188 8.32 53.48 1.14
C THR K 188 9.08 52.50 0.25
N VAL K 189 10.38 52.72 0.14
CA VAL K 189 11.26 51.80 -0.58
C VAL K 189 11.84 50.83 0.44
N LEU K 190 11.60 49.54 0.26
CA LEU K 190 11.95 48.57 1.27
C LEU K 190 13.44 48.56 1.53
N GLU K 191 13.80 48.34 2.78
CA GLU K 191 15.18 48.25 3.22
C GLU K 191 15.51 46.80 3.56
N TYR K 192 16.71 46.38 3.22
CA TYR K 192 17.13 45.02 3.50
C TYR K 192 17.09 44.76 5.00
N ARG K 193 16.68 43.55 5.38
CA ARG K 193 16.61 43.17 6.78
C ARG K 193 17.52 41.98 7.09
N LYS K 194 18.62 41.86 6.36
CA LYS K 194 19.57 40.79 6.64
C LYS K 194 20.28 41.06 7.96
N LEU K 195 20.31 40.06 8.83
CA LEU K 195 20.90 40.25 10.15
C LEU K 195 22.40 40.51 10.07
N SER K 196 23.10 39.75 9.22
CA SER K 196 24.55 39.87 9.16
C SER K 196 24.98 41.27 8.73
N ALA K 197 24.27 41.84 7.76
CA ALA K 197 24.59 43.19 7.31
C ALA K 197 24.38 44.19 8.43
N GLN K 198 23.29 44.05 9.17
CA GLN K 198 23.01 44.99 10.25
C GLN K 198 24.07 44.89 11.34
N THR K 199 24.53 43.67 11.65
CA THR K 199 25.52 43.48 12.69
C THR K 199 26.94 43.82 12.24
N ALA K 200 27.16 44.06 10.96
CA ALA K 200 28.49 44.36 10.44
C ALA K 200 28.60 45.82 10.02
N ILE L 1 -0.16 30.79 -12.24
CA ILE L 1 -0.23 29.77 -11.21
C ILE L 1 -1.30 30.16 -10.19
N LEU L 2 -2.13 29.18 -9.83
CA LEU L 2 -3.25 29.39 -8.92
C LEU L 2 -3.05 28.54 -7.68
N PRO L 3 -2.91 29.12 -6.49
CA PRO L 3 -2.68 28.30 -5.30
C PRO L 3 -3.90 27.48 -4.93
N SER L 4 -3.62 26.33 -4.31
CA SER L 4 -4.65 25.44 -3.80
C SER L 4 -4.59 25.41 -2.27
N PHE L 5 -5.48 24.64 -1.68
CA PHE L 5 -5.51 24.45 -0.24
C PHE L 5 -6.53 23.39 0.13
N LYS L 14 -9.37 17.57 1.55
CA LYS L 14 -9.73 17.70 0.14
C LYS L 14 -9.09 18.94 -0.47
N GLU L 15 -8.46 18.77 -1.64
CA GLU L 15 -7.80 19.87 -2.32
C GLU L 15 -8.84 20.75 -3.01
N SER L 16 -8.75 22.06 -2.78
CA SER L 16 -9.70 23.00 -3.34
C SER L 16 -8.97 24.26 -3.79
N ASN L 17 -9.35 24.76 -4.95
CA ASN L 17 -8.85 26.02 -5.48
C ASN L 17 -9.78 27.16 -5.11
N PRO L 18 -9.39 28.40 -5.36
CA PRO L 18 -10.32 29.50 -5.13
C PRO L 18 -11.62 29.37 -5.90
N TYR L 19 -11.56 28.86 -7.13
CA TYR L 19 -12.77 28.73 -7.92
C TYR L 19 -13.76 27.78 -7.26
N ASN L 20 -13.26 26.64 -6.76
CA ASN L 20 -14.15 25.70 -6.09
C ASN L 20 -14.71 26.30 -4.82
N LYS L 21 -13.89 27.01 -4.05
CA LYS L 21 -14.40 27.59 -2.81
C LYS L 21 -15.49 28.61 -3.09
N LEU L 22 -15.32 29.42 -4.13
CA LEU L 22 -16.37 30.34 -4.52
C LEU L 22 -17.61 29.60 -4.98
N PHE L 23 -17.43 28.50 -5.71
CA PHE L 23 -18.58 27.72 -6.14
C PHE L 23 -19.37 27.22 -4.94
N GLU L 24 -18.67 26.76 -3.89
CA GLU L 24 -19.34 26.39 -2.65
C GLU L 24 -20.06 27.57 -2.02
N GLU L 25 -19.67 28.79 -2.37
CA GLU L 25 -20.34 30.01 -1.92
C GLU L 25 -21.38 30.49 -2.92
N ARG L 26 -21.68 29.68 -3.94
CA ARG L 26 -22.69 29.99 -4.94
C ARG L 26 -22.24 31.18 -5.81
N ILE L 27 -21.03 31.09 -6.33
CA ILE L 27 -20.47 32.10 -7.22
C ILE L 27 -19.96 31.42 -8.46
N ILE L 28 -20.29 31.97 -9.62
CA ILE L 28 -19.88 31.42 -10.91
C ILE L 28 -19.08 32.50 -11.63
N PHE L 29 -18.18 32.06 -12.51
CA PHE L 29 -17.28 32.94 -13.23
C PHE L 29 -17.45 32.73 -14.73
N LEU L 30 -18.01 33.72 -15.42
CA LEU L 30 -17.96 33.75 -16.88
C LEU L 30 -16.84 34.72 -17.28
N GLY L 31 -15.61 34.23 -17.17
CA GLY L 31 -14.45 35.06 -17.43
C GLY L 31 -13.67 34.66 -18.66
N VAL L 32 -14.32 33.93 -19.57
CA VAL L 32 -13.68 33.43 -20.78
C VAL L 32 -14.63 33.67 -21.94
N GLN L 33 -14.10 33.53 -23.15
CA GLN L 33 -14.94 33.62 -24.34
C GLN L 33 -16.05 32.59 -24.27
N VAL L 34 -17.27 33.01 -24.59
CA VAL L 34 -18.44 32.14 -24.52
C VAL L 34 -18.44 31.22 -25.73
N ASP L 35 -18.53 29.93 -25.49
CA ASP L 35 -18.63 28.93 -26.54
C ASP L 35 -19.20 27.67 -25.91
N ASP L 36 -19.24 26.58 -26.69
CA ASP L 36 -19.85 25.36 -26.19
C ASP L 36 -19.11 24.84 -24.96
N ALA L 37 -17.78 24.88 -24.99
CA ALA L 37 -17.00 24.36 -23.88
C ALA L 37 -17.31 25.11 -22.60
N SER L 38 -17.37 26.44 -22.65
CA SER L 38 -17.71 27.22 -21.48
C SER L 38 -19.19 27.20 -21.16
N ALA L 39 -20.05 27.16 -22.18
CA ALA L 39 -21.48 27.16 -21.95
C ALA L 39 -21.93 25.91 -21.22
N ASN L 40 -21.42 24.74 -21.62
CA ASN L 40 -21.82 23.51 -20.96
C ASN L 40 -21.41 23.53 -19.50
N ASP L 41 -20.21 24.03 -19.20
CA ASP L 41 -19.77 24.13 -17.81
C ASP L 41 -20.64 25.08 -17.02
N ILE L 42 -20.95 26.25 -17.57
CA ILE L 42 -21.81 27.20 -16.87
C ILE L 42 -23.17 26.57 -16.60
N MET L 43 -23.72 25.85 -17.58
CA MET L 43 -25.02 25.23 -17.40
C MET L 43 -25.00 24.17 -16.32
N ALA L 44 -23.98 23.32 -16.33
CA ALA L 44 -23.88 22.30 -15.29
C ALA L 44 -23.78 22.94 -13.92
N GLN L 45 -22.98 24.00 -13.81
CA GLN L 45 -22.84 24.68 -12.53
C GLN L 45 -24.15 25.30 -12.08
N LEU L 46 -24.88 25.94 -12.99
CA LEU L 46 -26.15 26.55 -12.63
C LEU L 46 -27.14 25.49 -12.16
N LEU L 47 -27.23 24.37 -12.89
CA LEU L 47 -28.15 23.32 -12.48
C LEU L 47 -27.77 22.75 -11.13
N VAL L 48 -26.48 22.53 -10.88
CA VAL L 48 -26.06 21.98 -9.61
C VAL L 48 -26.37 22.95 -8.47
N LEU L 49 -26.11 24.24 -8.67
CA LEU L 49 -26.39 25.21 -7.62
C LEU L 49 -27.88 25.32 -7.36
N GLU L 50 -28.71 25.28 -8.40
CA GLU L 50 -30.14 25.27 -8.19
C GLU L 50 -30.57 24.05 -7.39
N SER L 51 -30.02 22.87 -7.72
CA SER L 51 -30.38 21.67 -6.99
C SER L 51 -29.98 21.78 -5.53
N LEU L 52 -28.78 22.28 -5.25
CA LEU L 52 -28.30 22.33 -3.87
C LEU L 52 -29.19 23.22 -3.00
N ASP L 53 -29.48 24.43 -3.47
CA ASP L 53 -30.42 25.31 -2.79
C ASP L 53 -31.06 26.25 -3.80
N PRO L 54 -32.32 26.03 -4.19
CA PRO L 54 -32.94 26.88 -5.21
C PRO L 54 -33.44 28.23 -4.71
N ASP L 55 -33.47 28.46 -3.40
CA ASP L 55 -33.95 29.73 -2.86
C ASP L 55 -32.82 30.69 -2.55
N ARG L 56 -31.60 30.40 -2.99
CA ARG L 56 -30.43 31.20 -2.71
C ARG L 56 -29.87 31.74 -4.01
N ASP L 57 -29.57 33.04 -4.04
CA ASP L 57 -29.13 33.69 -5.26
C ASP L 57 -27.77 33.18 -5.70
N ILE L 58 -27.60 33.05 -7.02
CA ILE L 58 -26.34 32.64 -7.62
C ILE L 58 -25.69 33.88 -8.20
N THR L 59 -24.47 34.18 -7.79
CA THR L 59 -23.74 35.33 -8.30
C THR L 59 -22.87 34.90 -9.46
N MET L 60 -23.07 35.53 -10.62
CA MET L 60 -22.29 35.26 -11.81
C MET L 60 -21.44 36.48 -12.11
N TYR L 61 -20.14 36.30 -12.14
CA TYR L 61 -19.20 37.36 -12.44
C TYR L 61 -18.85 37.29 -13.91
N ILE L 62 -18.99 38.41 -14.61
CA ILE L 62 -18.89 38.46 -16.06
C ILE L 62 -17.72 39.35 -16.43
N ASN L 63 -16.72 38.77 -17.07
CA ASN L 63 -15.57 39.49 -17.59
C ASN L 63 -15.19 38.95 -18.96
N SER L 64 -16.18 38.73 -19.79
CA SER L 64 -15.98 38.04 -21.04
C SER L 64 -15.85 39.01 -22.20
N PRO L 65 -15.14 38.62 -23.26
CA PRO L 65 -15.09 39.45 -24.47
C PRO L 65 -16.18 39.17 -25.48
N GLY L 66 -17.01 38.17 -25.26
CA GLY L 66 -18.05 37.82 -26.21
C GLY L 66 -18.07 36.34 -26.49
N GLY L 67 -18.58 35.95 -27.64
CA GLY L 67 -18.61 34.54 -28.01
C GLY L 67 -19.74 34.27 -28.99
N GLY L 68 -20.07 33.00 -29.11
CA GLY L 68 -21.05 32.57 -30.09
C GLY L 68 -22.46 32.92 -29.68
N PHE L 69 -23.39 32.63 -30.58
CA PHE L 69 -24.78 32.96 -30.36
C PHE L 69 -25.55 31.80 -29.75
N THR L 70 -25.32 30.59 -30.25
CA THR L 70 -25.99 29.43 -29.69
C THR L 70 -25.58 29.20 -28.25
N SER L 71 -24.30 29.38 -27.94
CA SER L 71 -23.84 29.27 -26.57
C SER L 71 -24.47 30.32 -25.68
N LEU L 72 -24.55 31.56 -26.18
CA LEU L 72 -25.24 32.60 -25.43
C LEU L 72 -26.67 32.20 -25.14
N MET L 73 -27.37 31.63 -26.13
CA MET L 73 -28.76 31.28 -25.91
C MET L 73 -28.91 30.11 -24.95
N ALA L 74 -27.97 29.16 -24.98
CA ALA L 74 -27.98 28.10 -23.98
C ALA L 74 -27.83 28.68 -22.57
N ILE L 75 -26.83 29.54 -22.37
CA ILE L 75 -26.62 30.12 -21.05
C ILE L 75 -27.82 30.95 -20.64
N TYR L 76 -28.40 31.69 -21.58
CA TYR L 76 -29.53 32.54 -21.27
C TYR L 76 -30.75 31.73 -20.85
N ASP L 77 -31.03 30.65 -21.57
CA ASP L 77 -32.15 29.80 -21.20
C ASP L 77 -31.93 29.16 -19.84
N THR L 78 -30.73 28.69 -19.57
CA THR L 78 -30.47 28.11 -18.26
C THR L 78 -30.62 29.15 -17.16
N MET L 79 -30.12 30.36 -17.40
CA MET L 79 -30.23 31.42 -16.40
C MET L 79 -31.70 31.72 -16.12
N GLN L 80 -32.51 31.80 -17.16
CA GLN L 80 -33.92 32.10 -16.99
C GLN L 80 -34.74 30.91 -16.54
N TYR L 81 -34.17 29.71 -16.52
CA TYR L 81 -34.90 28.51 -16.19
C TYR L 81 -34.79 28.16 -14.71
N VAL L 82 -33.57 28.17 -14.17
CA VAL L 82 -33.36 27.71 -12.81
C VAL L 82 -34.20 28.54 -11.84
N ARG L 83 -34.65 27.90 -10.77
CA ARG L 83 -35.51 28.58 -9.81
C ARG L 83 -34.76 29.69 -9.09
N ALA L 84 -33.49 29.45 -8.77
CA ALA L 84 -32.71 30.44 -8.04
C ALA L 84 -32.55 31.71 -8.85
N ASP L 85 -32.56 32.85 -8.17
CA ASP L 85 -32.29 34.12 -8.81
C ASP L 85 -30.81 34.22 -9.17
N ILE L 86 -30.52 34.82 -10.33
CA ILE L 86 -29.16 35.05 -10.77
C ILE L 86 -28.84 36.53 -10.62
N GLN L 87 -27.68 36.82 -10.06
CA GLN L 87 -27.20 38.17 -9.85
C GLN L 87 -25.92 38.33 -10.66
N THR L 88 -25.99 39.13 -11.72
CA THR L 88 -24.85 39.33 -12.59
C THR L 88 -24.04 40.53 -12.12
N VAL L 89 -22.72 40.38 -12.12
CA VAL L 89 -21.80 41.45 -11.77
C VAL L 89 -20.74 41.54 -12.84
N CYS L 90 -20.67 42.68 -13.53
CA CYS L 90 -19.67 42.90 -14.57
C CYS L 90 -18.45 43.57 -13.96
N LEU L 91 -17.27 42.97 -14.17
CA LEU L 91 -16.06 43.48 -13.55
C LEU L 91 -15.20 44.29 -14.51
N GLY L 92 -14.69 43.67 -15.55
CA GLY L 92 -13.81 44.38 -16.47
C GLY L 92 -14.51 44.80 -17.74
N GLN L 93 -15.21 43.88 -18.37
CA GLN L 93 -15.99 44.19 -19.56
C GLN L 93 -17.06 43.12 -19.73
N ALA L 94 -18.08 43.47 -20.50
CA ALA L 94 -19.12 42.55 -20.92
C ALA L 94 -19.43 42.93 -22.37
N ALA L 95 -18.76 42.25 -23.29
CA ALA L 95 -18.76 42.66 -24.69
C ALA L 95 -19.63 41.72 -25.51
N SER L 96 -20.53 42.30 -26.30
CA SER L 96 -21.36 41.54 -27.21
C SER L 96 -22.23 40.55 -26.44
N ALA L 97 -21.95 39.26 -26.59
CA ALA L 97 -22.82 38.24 -26.00
C ALA L 97 -22.96 38.44 -24.50
N ALA L 98 -21.83 38.62 -23.82
CA ALA L 98 -21.88 38.76 -22.37
C ALA L 98 -22.77 39.91 -21.95
N ALA L 99 -22.86 40.96 -22.77
CA ALA L 99 -23.74 42.07 -22.41
C ALA L 99 -25.15 41.58 -22.19
N VAL L 100 -25.66 40.77 -23.12
CA VAL L 100 -26.98 40.17 -22.93
C VAL L 100 -27.03 39.41 -21.63
N LEU L 101 -26.02 38.58 -21.37
CA LEU L 101 -26.00 37.81 -20.13
C LEU L 101 -26.04 38.73 -18.92
N LEU L 102 -25.40 39.89 -19.02
CA LEU L 102 -25.44 40.84 -17.92
C LEU L 102 -26.83 41.40 -17.73
N ALA L 103 -27.53 41.68 -18.83
CA ALA L 103 -28.89 42.18 -18.76
C ALA L 103 -29.90 41.11 -18.41
N ALA L 104 -29.52 39.84 -18.48
CA ALA L 104 -30.43 38.75 -18.23
C ALA L 104 -30.55 38.40 -16.76
N GLY L 105 -29.78 39.03 -15.89
CA GLY L 105 -29.89 38.79 -14.48
C GLY L 105 -31.24 39.22 -13.95
N THR L 106 -31.53 38.78 -12.74
CA THR L 106 -32.82 39.09 -12.16
C THR L 106 -32.98 40.59 -12.00
N PRO L 107 -34.13 41.17 -12.36
CA PRO L 107 -34.28 42.62 -12.25
C PRO L 107 -34.03 43.09 -10.83
N GLY L 108 -33.12 44.04 -10.69
CA GLY L 108 -32.70 44.54 -9.41
C GLY L 108 -31.38 43.97 -8.94
N LYS L 109 -30.94 42.87 -9.54
CA LYS L 109 -29.70 42.19 -9.16
C LYS L 109 -28.73 42.16 -10.34
N ARG L 110 -28.64 43.25 -11.07
CA ARG L 110 -27.65 43.42 -12.13
C ARG L 110 -26.75 44.57 -11.73
N MET L 111 -25.45 44.30 -11.65
CA MET L 111 -24.49 45.25 -11.13
C MET L 111 -23.26 45.28 -12.02
N ALA L 112 -22.55 46.40 -11.95
CA ALA L 112 -21.29 46.56 -12.64
C ALA L 112 -20.39 47.41 -11.77
N LEU L 113 -19.14 47.01 -11.63
CA LEU L 113 -18.22 47.82 -10.86
C LEU L 113 -17.98 49.14 -11.61
N PRO L 114 -17.58 50.19 -10.90
CA PRO L 114 -17.60 51.52 -11.52
C PRO L 114 -16.81 51.63 -12.82
N ASN L 115 -15.67 50.96 -12.93
CA ASN L 115 -14.85 51.04 -14.13
C ASN L 115 -15.18 49.95 -15.15
N ALA L 116 -16.17 49.12 -14.88
CA ALA L 116 -16.58 48.12 -15.84
C ALA L 116 -17.15 48.80 -17.07
N ARG L 117 -17.16 48.07 -18.19
CA ARG L 117 -17.72 48.58 -19.43
C ARG L 117 -18.57 47.50 -20.07
N VAL L 118 -19.52 47.95 -20.88
CA VAL L 118 -20.37 47.08 -21.67
C VAL L 118 -20.23 47.50 -23.12
N LEU L 119 -20.34 46.53 -24.02
CA LEU L 119 -20.22 46.80 -25.45
C LEU L 119 -21.29 46.00 -26.17
N ILE L 120 -22.28 46.68 -26.73
CA ILE L 120 -23.36 46.04 -27.46
C ILE L 120 -23.19 46.37 -28.94
N HIS L 121 -23.26 45.34 -29.78
CA HIS L 121 -23.12 45.48 -31.20
C HIS L 121 -23.82 44.32 -31.89
N GLN L 122 -24.26 44.54 -33.12
CA GLN L 122 -25.04 43.53 -33.82
C GLN L 122 -24.18 42.34 -34.20
N PRO L 123 -24.79 41.18 -34.38
CA PRO L 123 -24.00 39.98 -34.69
C PRO L 123 -23.19 40.16 -35.96
N SER L 124 -22.01 39.57 -35.97
CA SER L 124 -21.10 39.62 -37.09
C SER L 124 -20.63 38.22 -37.42
N LEU L 125 -20.36 37.98 -38.70
CA LEU L 125 -19.91 36.69 -39.19
C LEU L 125 -18.47 36.88 -39.68
N SER L 126 -17.52 36.73 -38.77
CA SER L 126 -16.12 36.78 -39.15
C SER L 126 -15.79 35.58 -40.03
N GLY L 127 -15.03 35.83 -41.08
CA GLY L 127 -14.81 34.83 -42.10
C GLY L 127 -15.87 34.86 -43.16
N VAL L 128 -15.69 34.00 -44.16
CA VAL L 128 -16.57 33.92 -45.32
C VAL L 128 -17.29 32.59 -45.28
N ILE L 129 -18.61 32.64 -45.41
CA ILE L 129 -19.43 31.44 -45.55
C ILE L 129 -19.75 31.33 -47.04
N GLN L 130 -19.08 30.40 -47.72
CA GLN L 130 -19.18 30.26 -49.16
C GLN L 130 -20.22 29.22 -49.53
N GLY L 131 -20.63 29.28 -50.79
CA GLY L 131 -21.64 28.37 -51.31
C GLY L 131 -22.48 29.06 -52.36
N GLN L 132 -23.35 28.28 -52.97
CA GLN L 132 -24.22 28.83 -54.01
C GLN L 132 -25.06 29.96 -53.44
N PHE L 133 -25.65 30.75 -54.34
CA PHE L 133 -26.53 31.82 -53.92
C PHE L 133 -27.70 31.29 -53.11
N SER L 134 -28.17 30.08 -53.43
CA SER L 134 -29.30 29.51 -52.72
C SER L 134 -28.93 29.03 -51.33
N ASP L 135 -27.65 28.95 -50.99
CA ASP L 135 -27.23 28.67 -49.63
C ASP L 135 -26.98 29.96 -48.86
N LEU L 136 -26.42 30.96 -49.53
CA LEU L 136 -26.22 32.25 -48.87
C LEU L 136 -27.54 32.93 -48.57
N GLU L 137 -28.56 32.69 -49.39
CA GLU L 137 -29.87 33.25 -49.10
C GLU L 137 -30.51 32.64 -47.87
N ILE L 138 -30.08 31.44 -47.48
CA ILE L 138 -30.56 30.84 -46.24
C ILE L 138 -29.70 31.31 -45.07
N GLN L 139 -28.40 31.43 -45.30
CA GLN L 139 -27.52 31.90 -44.23
C GLN L 139 -27.85 33.33 -43.82
N ALA L 140 -28.16 34.18 -44.80
CA ALA L 140 -28.54 35.55 -44.49
C ALA L 140 -29.83 35.58 -43.67
N ALA L 141 -30.80 34.74 -44.02
CA ALA L 141 -32.04 34.69 -43.25
C ALA L 141 -31.77 34.25 -41.82
N GLU L 142 -30.93 33.25 -41.62
CA GLU L 142 -30.61 32.81 -40.27
C GLU L 142 -29.92 33.91 -39.48
N ILE L 143 -28.99 34.64 -40.12
CA ILE L 143 -28.26 35.69 -39.41
C ILE L 143 -29.20 36.83 -39.04
N GLU L 144 -30.12 37.18 -39.93
CA GLU L 144 -31.11 38.19 -39.61
C GLU L 144 -31.98 37.74 -38.45
N ARG L 145 -32.38 36.47 -38.44
CA ARG L 145 -33.17 35.96 -37.32
C ARG L 145 -32.39 36.06 -36.02
N MET L 146 -31.09 35.73 -36.06
CA MET L 146 -30.27 35.81 -34.86
C MET L 146 -30.17 37.24 -34.35
N ARG L 147 -29.95 38.17 -35.26
CA ARG L 147 -29.88 39.59 -34.88
C ARG L 147 -31.19 40.06 -34.27
N THR L 148 -32.31 39.69 -34.89
CA THR L 148 -33.61 40.09 -34.36
C THR L 148 -33.85 39.50 -32.98
N LEU L 149 -33.44 38.24 -32.77
CA LEU L 149 -33.63 37.64 -31.46
C LEU L 149 -32.78 38.34 -30.41
N MET L 150 -31.55 38.71 -30.77
CA MET L 150 -30.72 39.46 -29.83
C MET L 150 -31.38 40.77 -29.46
N GLU L 151 -31.91 41.48 -30.46
CA GLU L 151 -32.59 42.74 -30.18
C GLU L 151 -33.79 42.52 -29.28
N THR L 152 -34.58 41.48 -29.55
CA THR L 152 -35.78 41.24 -28.76
C THR L 152 -35.43 40.90 -27.31
N THR L 153 -34.39 40.11 -27.09
CA THR L 153 -33.99 39.80 -25.73
C THR L 153 -33.53 41.07 -25.01
N LEU L 154 -32.69 41.86 -25.67
CA LEU L 154 -32.20 43.08 -25.03
C LEU L 154 -33.34 44.04 -24.74
N ALA L 155 -34.33 44.11 -25.62
CA ALA L 155 -35.46 45.01 -25.40
C ALA L 155 -36.37 44.48 -24.30
N ARG L 156 -36.51 43.17 -24.19
CA ARG L 156 -37.32 42.60 -23.12
C ARG L 156 -36.69 42.86 -21.76
N HIS L 157 -35.35 42.86 -21.70
CA HIS L 157 -34.67 42.99 -20.43
C HIS L 157 -34.26 44.41 -20.09
N THR L 158 -34.25 45.32 -21.06
CA THR L 158 -33.91 46.72 -20.82
C THR L 158 -35.13 47.64 -20.83
N GLY L 159 -36.26 47.19 -21.35
CA GLY L 159 -37.45 48.01 -21.39
C GLY L 159 -37.53 48.96 -22.56
N LYS L 160 -36.53 48.98 -23.42
CA LYS L 160 -36.57 49.82 -24.62
C LYS L 160 -37.41 49.13 -25.68
N ASP L 161 -37.33 49.61 -26.91
CA ASP L 161 -38.03 49.03 -28.04
C ASP L 161 -37.04 48.33 -28.95
N ALA L 162 -37.50 47.24 -29.58
CA ALA L 162 -36.64 46.51 -30.49
C ALA L 162 -36.07 47.43 -31.57
N GLY L 163 -36.87 48.41 -32.01
CA GLY L 163 -36.38 49.34 -33.00
C GLY L 163 -35.26 50.23 -32.48
N VAL L 164 -35.43 50.76 -31.27
CA VAL L 164 -34.39 51.58 -30.66
C VAL L 164 -33.12 50.77 -30.46
N ILE L 165 -33.25 49.55 -29.96
CA ILE L 165 -32.08 48.69 -29.77
C ILE L 165 -31.41 48.45 -31.11
N ARG L 166 -32.18 48.15 -32.14
CA ARG L 166 -31.61 47.88 -33.44
C ARG L 166 -30.83 49.08 -33.95
N LYS L 167 -31.38 50.28 -33.77
CA LYS L 167 -30.69 51.48 -34.21
C LYS L 167 -29.41 51.70 -33.41
N ASP L 168 -29.43 51.41 -32.11
CA ASP L 168 -28.29 51.72 -31.25
C ASP L 168 -27.15 50.73 -31.47
N THR L 169 -27.44 49.49 -31.81
CA THR L 169 -26.41 48.48 -32.03
C THR L 169 -25.93 48.44 -33.48
N ASP L 170 -26.40 49.35 -34.33
CA ASP L 170 -25.95 49.35 -35.71
C ASP L 170 -24.43 49.39 -35.80
N ARG L 171 -23.79 50.09 -34.86
CA ARG L 171 -22.34 50.10 -34.75
C ARG L 171 -21.98 49.96 -33.28
N ASP L 172 -20.77 49.48 -33.03
CA ASP L 172 -20.30 49.21 -31.69
C ASP L 172 -20.68 50.35 -30.75
N LYS L 173 -21.50 50.02 -29.74
CA LYS L 173 -21.88 50.97 -28.72
C LYS L 173 -21.18 50.59 -27.42
N ILE L 174 -20.35 51.50 -26.92
CA ILE L 174 -19.58 51.29 -25.70
C ILE L 174 -20.23 52.12 -24.60
N LEU L 175 -20.58 51.46 -23.51
CA LEU L 175 -21.25 52.09 -22.38
C LEU L 175 -20.44 51.90 -21.11
N THR L 176 -20.28 52.97 -20.35
CA THR L 176 -19.69 52.86 -19.02
C THR L 176 -20.75 52.33 -18.05
N ALA L 177 -20.35 52.12 -16.80
CA ALA L 177 -21.26 51.56 -15.82
C ALA L 177 -22.47 52.47 -15.60
N GLU L 178 -22.24 53.78 -15.47
CA GLU L 178 -23.34 54.71 -15.29
C GLU L 178 -24.21 54.75 -16.53
N GLU L 179 -23.60 54.79 -17.71
CA GLU L 179 -24.35 54.82 -18.94
C GLU L 179 -25.15 53.53 -19.13
N ALA L 180 -24.56 52.40 -18.78
CA ALA L 180 -25.30 51.14 -18.87
C ALA L 180 -26.47 51.14 -17.91
N LYS L 181 -26.26 51.63 -16.69
CA LYS L 181 -27.36 51.69 -15.73
C LYS L 181 -28.48 52.57 -16.24
N ASP L 182 -28.14 53.69 -16.87
CA ASP L 182 -29.17 54.55 -17.45
C ASP L 182 -29.84 53.88 -18.65
N TYR L 183 -29.12 52.99 -19.33
CA TYR L 183 -29.62 52.32 -20.53
C TYR L 183 -30.51 51.13 -20.21
N GLY L 184 -30.52 50.64 -18.98
CA GLY L 184 -31.32 49.51 -18.59
C GLY L 184 -30.56 48.21 -18.49
N ILE L 185 -29.31 48.17 -18.96
CA ILE L 185 -28.57 46.92 -18.96
C ILE L 185 -28.26 46.46 -17.55
N ILE L 186 -27.95 47.40 -16.66
CA ILE L 186 -27.72 47.09 -15.26
C ILE L 186 -28.63 47.97 -14.42
N ASP L 187 -28.70 47.66 -13.13
CA ASP L 187 -29.57 48.37 -12.21
C ASP L 187 -28.82 49.27 -11.24
N THR L 188 -27.73 48.78 -10.65
CA THR L 188 -26.95 49.57 -9.73
C THR L 188 -25.46 49.41 -10.04
N VAL L 189 -24.70 50.45 -9.73
CA VAL L 189 -23.25 50.44 -9.85
C VAL L 189 -22.70 50.12 -8.48
N LEU L 190 -22.00 49.00 -8.36
CA LEU L 190 -21.49 48.59 -7.06
C LEU L 190 -20.59 49.67 -6.48
N GLU L 191 -20.81 49.99 -5.22
CA GLU L 191 -19.95 50.89 -4.48
C GLU L 191 -18.96 50.08 -3.66
N TYR L 192 -17.79 50.65 -3.44
CA TYR L 192 -16.71 49.91 -2.82
C TYR L 192 -17.01 49.60 -1.36
N ARG L 193 -16.71 48.37 -0.95
CA ARG L 193 -16.96 47.89 0.40
C ARG L 193 -15.80 48.12 1.34
N LYS L 194 -14.71 48.75 0.88
CA LYS L 194 -13.52 48.88 1.71
C LYS L 194 -13.85 49.63 2.99
N LEU L 195 -13.43 49.07 4.11
CA LEU L 195 -13.73 49.67 5.41
C LEU L 195 -12.84 50.87 5.69
N SER L 196 -11.59 50.83 5.24
CA SER L 196 -10.69 51.95 5.49
C SER L 196 -11.19 53.23 4.86
N ALA L 197 -11.69 53.14 3.62
CA ALA L 197 -12.19 54.32 2.94
C ALA L 197 -13.39 54.91 3.68
N GLN L 198 -14.30 54.06 4.12
CA GLN L 198 -15.50 54.51 4.81
C GLN L 198 -15.35 54.38 6.32
N LEU M 1 12.43 34.84 -75.67
CA LEU M 1 12.63 33.78 -76.65
C LEU M 1 13.79 32.90 -76.26
N SER M 2 13.52 31.89 -75.41
CA SER M 2 14.56 30.99 -74.95
C SER M 2 14.93 30.00 -76.05
N LEU M 3 15.95 29.20 -75.77
CA LEU M 3 16.38 28.19 -76.74
C LEU M 3 15.26 27.21 -77.07
N THR M 4 14.57 26.74 -76.04
CA THR M 4 13.47 25.80 -76.26
C THR M 4 12.44 26.39 -77.21
N ASP M 5 11.98 27.61 -76.92
CA ASP M 5 10.97 28.23 -77.76
C ASP M 5 11.51 28.48 -79.16
N SER M 6 12.78 28.83 -79.28
CA SER M 6 13.35 29.07 -80.59
C SER M 6 13.30 27.81 -81.44
N VAL M 7 13.75 26.69 -80.87
CA VAL M 7 13.75 25.44 -81.63
C VAL M 7 12.32 25.02 -81.94
N TYR M 8 11.40 25.24 -81.01
CA TYR M 8 10.01 24.86 -81.27
C TYR M 8 9.40 25.69 -82.39
N GLU M 9 9.72 26.98 -82.45
CA GLU M 9 9.24 27.80 -83.56
C GLU M 9 9.86 27.34 -84.87
N ARG M 10 11.15 26.99 -84.84
CA ARG M 10 11.80 26.51 -86.05
C ARG M 10 11.13 25.24 -86.55
N LEU M 11 10.80 24.32 -85.65
CA LEU M 11 10.10 23.10 -86.04
C LEU M 11 8.69 23.41 -86.53
N LEU M 12 7.98 24.30 -85.85
CA LEU M 12 6.64 24.69 -86.30
C LEU M 12 6.68 25.24 -87.71
N SER M 13 7.77 25.90 -88.09
CA SER M 13 7.93 26.29 -89.49
C SER M 13 7.99 25.08 -90.41
N GLU M 14 8.21 23.88 -89.87
CA GLU M 14 8.21 22.65 -90.63
C GLU M 14 7.03 21.76 -90.28
N ARG M 15 6.01 22.33 -89.62
CA ARG M 15 4.75 21.62 -89.33
C ARG M 15 4.98 20.42 -88.43
N ILE M 16 5.77 20.61 -87.38
CA ILE M 16 5.96 19.63 -86.31
C ILE M 16 5.58 20.29 -85.01
N ILE M 17 4.70 19.65 -84.25
CA ILE M 17 4.24 20.18 -82.98
C ILE M 17 4.38 19.09 -81.92
N PHE M 18 4.51 19.52 -80.67
CA PHE M 18 4.87 18.64 -79.57
C PHE M 18 3.82 18.67 -78.48
N LEU M 19 3.67 17.53 -77.80
CA LEU M 19 2.83 17.40 -76.62
C LEU M 19 3.65 16.61 -75.62
N GLY M 20 4.28 17.30 -74.68
CA GLY M 20 5.25 16.66 -73.81
C GLY M 20 5.01 16.79 -72.32
N SER M 21 3.79 17.07 -71.90
CA SER M 21 3.50 17.24 -70.49
C SER M 21 2.06 16.80 -70.23
N GLU M 22 1.58 17.06 -69.03
CA GLU M 22 0.18 16.84 -68.74
C GLU M 22 -0.67 17.60 -69.76
N VAL M 23 -1.86 17.09 -70.03
CA VAL M 23 -2.81 17.79 -70.91
C VAL M 23 -3.63 18.70 -70.01
N ASN M 24 -3.07 19.87 -69.73
CA ASN M 24 -3.77 20.89 -68.98
C ASN M 24 -4.72 21.64 -69.93
N ASP M 25 -5.35 22.69 -69.41
CA ASP M 25 -6.08 23.58 -70.29
C ASP M 25 -5.15 24.47 -71.08
N GLU M 26 -4.05 24.93 -70.46
CA GLU M 26 -3.11 25.77 -71.19
C GLU M 26 -2.45 25.02 -72.34
N ILE M 27 -2.02 23.78 -72.08
CA ILE M 27 -1.36 23.01 -73.14
C ILE M 27 -2.34 22.71 -74.27
N ALA M 28 -3.58 22.38 -73.94
CA ALA M 28 -4.57 22.13 -74.98
C ALA M 28 -4.84 23.39 -75.78
N ASN M 29 -4.95 24.53 -75.12
CA ASN M 29 -5.17 25.77 -75.86
C ASN M 29 -4.01 26.07 -76.79
N ARG M 30 -2.79 25.88 -76.31
CA ARG M 30 -1.63 26.11 -77.16
C ARG M 30 -1.65 25.18 -78.37
N LEU M 31 -1.94 23.90 -78.14
CA LEU M 31 -1.96 22.95 -79.24
C LEU M 31 -3.06 23.26 -80.24
N CYS M 32 -4.24 23.65 -79.74
CA CYS M 32 -5.34 24.01 -80.63
C CYS M 32 -4.99 25.23 -81.47
N ALA M 33 -4.35 26.23 -80.86
CA ALA M 33 -3.91 27.39 -81.62
C ALA M 33 -2.90 27.00 -82.67
N GLN M 34 -1.95 26.12 -82.32
CA GLN M 34 -0.95 25.69 -83.29
C GLN M 34 -1.60 24.98 -84.46
N ILE M 35 -2.58 24.10 -84.18
CA ILE M 35 -3.24 23.38 -85.26
C ILE M 35 -4.05 24.33 -86.14
N LEU M 36 -4.77 25.28 -85.53
CA LEU M 36 -5.53 26.24 -86.31
C LEU M 36 -4.61 27.08 -87.19
N LEU M 37 -3.51 27.56 -86.63
CA LEU M 37 -2.58 28.37 -87.41
C LEU M 37 -1.98 27.58 -88.56
N LEU M 38 -1.53 26.35 -88.27
CA LEU M 38 -0.95 25.53 -89.32
C LEU M 38 -1.94 25.26 -90.43
N ALA M 39 -3.20 24.99 -90.06
CA ALA M 39 -4.23 24.78 -91.07
C ALA M 39 -4.44 26.02 -91.91
N ALA M 40 -4.46 27.19 -91.28
CA ALA M 40 -4.63 28.43 -92.04
C ALA M 40 -3.50 28.64 -93.01
N GLU M 41 -2.26 28.40 -92.58
CA GLU M 41 -1.11 28.61 -93.46
C GLU M 41 -1.17 27.67 -94.66
N ASP M 42 -1.54 26.42 -94.45
CA ASP M 42 -1.70 25.47 -95.54
C ASP M 42 -2.60 24.33 -95.08
N ALA M 43 -3.59 24.00 -95.90
CA ALA M 43 -4.56 22.96 -95.56
C ALA M 43 -4.30 21.65 -96.28
N SER M 44 -3.18 21.53 -97.01
CA SER M 44 -2.89 20.34 -97.79
C SER M 44 -1.78 19.48 -97.20
N LYS M 45 -0.78 20.08 -96.56
CA LYS M 45 0.29 19.31 -95.97
C LYS M 45 -0.12 18.69 -94.65
N ASP M 46 0.68 17.74 -94.19
CA ASP M 46 0.42 17.05 -92.95
C ASP M 46 0.96 17.82 -91.76
N ILE M 47 0.51 17.44 -90.57
CA ILE M 47 1.01 17.98 -89.31
C ILE M 47 1.41 16.80 -88.44
N SER M 48 2.65 16.81 -87.97
CA SER M 48 3.17 15.75 -87.13
C SER M 48 3.05 16.17 -85.67
N LEU M 49 2.50 15.30 -84.85
CA LEU M 49 2.32 15.54 -83.42
C LEU M 49 3.08 14.47 -82.67
N TYR M 50 4.09 14.88 -81.90
CA TYR M 50 4.90 13.98 -81.11
C TYR M 50 4.40 13.95 -79.68
N ILE M 51 4.15 12.76 -79.16
CA ILE M 51 3.45 12.59 -77.89
C ILE M 51 4.39 11.88 -76.92
N ASN M 52 4.83 12.62 -75.89
CA ASN M 52 5.53 12.06 -74.74
C ASN M 52 4.81 12.63 -73.53
N SER M 53 3.69 12.02 -73.17
CA SER M 53 2.79 12.60 -72.20
C SER M 53 2.28 11.55 -71.22
N PRO M 54 2.22 11.87 -69.93
CA PRO M 54 1.65 10.95 -68.94
C PRO M 54 0.16 11.12 -68.70
N GLY M 55 -0.53 11.94 -69.47
CA GLY M 55 -1.97 12.05 -69.36
C GLY M 55 -2.45 13.39 -68.85
N GLY M 56 -3.68 13.44 -68.40
CA GLY M 56 -4.21 14.66 -67.83
C GLY M 56 -5.71 14.72 -68.02
N SER M 57 -6.23 15.94 -68.08
CA SER M 57 -7.66 16.16 -68.09
C SER M 57 -8.28 15.60 -69.36
N ILE M 58 -9.59 15.40 -69.29
CA ILE M 58 -10.32 14.89 -70.45
C ILE M 58 -10.89 16.02 -71.29
N SER M 59 -11.30 17.13 -70.67
CA SER M 59 -11.82 18.25 -71.44
C SER M 59 -10.75 18.81 -72.37
N ALA M 60 -9.52 18.96 -71.86
CA ALA M 60 -8.42 19.41 -72.70
C ALA M 60 -8.13 18.43 -73.82
N GLY M 61 -8.08 17.14 -73.49
CA GLY M 61 -7.86 16.15 -74.52
C GLY M 61 -8.91 16.19 -75.60
N MET M 62 -10.16 16.45 -75.21
CA MET M 62 -11.25 16.51 -76.18
C MET M 62 -11.19 17.78 -77.01
N ALA M 63 -10.75 18.88 -76.42
CA ALA M 63 -10.48 20.08 -77.21
C ALA M 63 -9.46 19.78 -78.30
N ILE M 64 -8.35 19.13 -77.92
CA ILE M 64 -7.32 18.80 -78.90
C ILE M 64 -7.86 17.83 -79.93
N TYR M 65 -8.68 16.87 -79.49
CA TYR M 65 -9.20 15.86 -80.40
C TYR M 65 -10.12 16.48 -81.45
N ASP M 66 -11.02 17.35 -81.02
CA ASP M 66 -11.92 18.01 -81.95
C ASP M 66 -11.15 18.90 -82.92
N THR M 67 -10.16 19.65 -82.41
CA THR M 67 -9.37 20.48 -83.30
C THR M 67 -8.60 19.64 -84.31
N MET M 68 -8.13 18.46 -83.90
CA MET M 68 -7.44 17.57 -84.82
C MET M 68 -8.38 17.08 -85.90
N VAL M 69 -9.56 16.60 -85.50
CA VAL M 69 -10.50 16.03 -86.46
C VAL M 69 -10.96 17.09 -87.45
N LEU M 70 -11.23 18.30 -86.95
CA LEU M 70 -11.80 19.33 -87.79
C LEU M 70 -10.80 19.97 -88.74
N ALA M 71 -9.51 19.83 -88.46
CA ALA M 71 -8.51 20.45 -89.33
C ALA M 71 -8.53 19.79 -90.70
N PRO M 72 -8.47 20.57 -91.78
CA PRO M 72 -8.51 19.96 -93.11
C PRO M 72 -7.35 19.02 -93.38
N CYS M 73 -6.18 19.32 -92.82
CA CYS M 73 -4.99 18.51 -93.05
C CYS M 73 -5.11 17.17 -92.32
N ASP M 74 -4.06 16.37 -92.40
CA ASP M 74 -3.98 15.08 -91.74
C ASP M 74 -2.93 15.14 -90.64
N ILE M 75 -3.31 14.71 -89.44
CA ILE M 75 -2.43 14.74 -88.29
C ILE M 75 -1.84 13.34 -88.11
N ALA M 76 -0.51 13.26 -88.19
CA ALA M 76 0.21 12.02 -87.98
C ALA M 76 0.81 12.05 -86.58
N THR M 77 0.44 11.09 -85.76
CA THR M 77 0.82 11.08 -84.35
C THR M 77 1.91 10.06 -84.12
N TYR M 78 3.04 10.53 -83.59
CA TYR M 78 4.17 9.67 -83.23
C TYR M 78 4.24 9.56 -81.72
N ALA M 79 4.13 8.35 -81.21
CA ALA M 79 4.30 8.09 -79.78
C ALA M 79 5.78 7.87 -79.52
N MET M 80 6.41 8.83 -78.86
CA MET M 80 7.82 8.76 -78.51
C MET M 80 7.94 8.83 -77.00
N GLY M 81 8.64 7.87 -76.42
CA GLY M 81 8.87 7.87 -74.99
C GLY M 81 7.74 7.25 -74.21
N MET M 82 6.59 7.91 -74.19
CA MET M 82 5.47 7.45 -73.39
C MET M 82 4.19 8.06 -73.94
N ALA M 83 3.13 7.27 -74.00
CA ALA M 83 1.81 7.75 -74.42
C ALA M 83 0.80 7.13 -73.46
N ALA M 84 0.49 7.86 -72.39
CA ALA M 84 -0.33 7.35 -71.31
C ALA M 84 -1.62 8.15 -71.20
N SER M 85 -2.68 7.45 -70.79
CA SER M 85 -3.97 8.09 -70.55
C SER M 85 -4.43 8.92 -71.74
N MET M 86 -4.49 10.24 -71.58
CA MET M 86 -4.98 11.08 -72.67
C MET M 86 -3.99 11.13 -73.82
N GLY M 87 -2.70 11.00 -73.54
CA GLY M 87 -1.73 10.88 -74.62
C GLY M 87 -2.01 9.70 -75.51
N GLU M 88 -2.40 8.57 -74.91
CA GLU M 88 -2.80 7.41 -75.71
C GLU M 88 -4.01 7.71 -76.56
N PHE M 89 -4.99 8.41 -75.98
CA PHE M 89 -6.18 8.78 -76.73
C PHE M 89 -5.83 9.62 -77.93
N LEU M 90 -4.93 10.58 -77.77
CA LEU M 90 -4.55 11.44 -78.88
C LEU M 90 -3.67 10.70 -79.88
N LEU M 91 -2.85 9.75 -79.42
CA LEU M 91 -2.05 8.96 -80.34
C LEU M 91 -2.94 8.12 -81.24
N ALA M 92 -3.90 7.41 -80.65
CA ALA M 92 -4.81 6.59 -81.42
C ALA M 92 -5.81 7.42 -82.22
N ALA M 93 -5.86 8.73 -81.98
CA ALA M 93 -6.79 9.61 -82.68
C ALA M 93 -6.22 10.18 -83.96
N GLY M 94 -4.96 9.91 -84.28
CA GLY M 94 -4.36 10.46 -85.47
C GLY M 94 -4.95 9.84 -86.72
N THR M 95 -4.61 10.43 -87.85
CA THR M 95 -5.17 9.97 -89.11
C THR M 95 -4.82 8.51 -89.33
N LYS M 96 -5.83 7.71 -89.68
CA LYS M 96 -5.61 6.29 -89.86
C LYS M 96 -4.56 6.06 -90.92
N GLY M 97 -3.62 5.18 -90.63
CA GLY M 97 -2.47 4.97 -91.50
C GLY M 97 -1.35 5.93 -91.26
N LYS M 98 -1.51 6.89 -90.36
CA LYS M 98 -0.47 7.86 -90.03
C LYS M 98 -0.24 7.93 -88.52
N ARG M 99 -0.46 6.82 -87.83
CA ARG M 99 -0.16 6.71 -86.41
C ARG M 99 1.04 5.79 -86.25
N TYR M 100 2.09 6.30 -85.60
CA TYR M 100 3.33 5.57 -85.44
C TYR M 100 3.71 5.52 -83.97
N ALA M 101 4.45 4.48 -83.62
CA ALA M 101 5.07 4.37 -82.31
C ALA M 101 6.54 4.09 -82.50
N LEU M 102 7.39 4.88 -81.88
CA LEU M 102 8.80 4.61 -81.97
C LEU M 102 9.09 3.29 -81.24
N PRO M 103 10.15 2.58 -81.65
CA PRO M 103 10.26 1.17 -81.25
C PRO M 103 10.20 0.94 -79.75
N HIS M 104 10.74 1.84 -78.93
CA HIS M 104 10.80 1.62 -77.50
C HIS M 104 9.79 2.45 -76.73
N ALA M 105 8.84 3.08 -77.42
CA ALA M 105 7.78 3.80 -76.75
C ALA M 105 6.87 2.82 -76.01
N ARG M 106 6.23 3.32 -74.95
CA ARG M 106 5.31 2.52 -74.17
C ARG M 106 3.99 3.25 -74.06
N ILE M 107 2.91 2.49 -74.00
CA ILE M 107 1.56 3.01 -74.02
C ILE M 107 0.81 2.49 -72.81
N LEU M 108 -0.04 3.31 -72.24
CA LEU M 108 -0.77 2.96 -71.03
C LEU M 108 -2.23 3.30 -71.23
N MET M 109 -3.11 2.34 -70.96
CA MET M 109 -4.55 2.51 -71.08
C MET M 109 -5.20 2.21 -69.75
N HIS M 110 -5.99 3.13 -69.24
CA HIS M 110 -6.74 2.90 -68.02
C HIS M 110 -7.93 3.84 -67.99
N GLN M 111 -8.88 3.54 -67.10
CA GLN M 111 -10.07 4.34 -66.99
C GLN M 111 -9.75 5.67 -66.34
N PRO M 112 -10.62 6.67 -66.50
CA PRO M 112 -10.31 8.00 -65.96
C PRO M 112 -10.21 8.03 -64.45
N LEU M 113 -9.85 9.19 -63.91
CA LEU M 113 -9.83 9.44 -62.48
C LEU M 113 -10.61 10.71 -62.19
N GLY M 114 -10.89 10.95 -60.93
CA GLY M 114 -11.65 12.13 -60.55
C GLY M 114 -11.82 12.21 -59.07
N GLY M 115 -12.78 13.04 -58.65
CA GLY M 115 -13.06 13.20 -57.24
C GLY M 115 -14.48 13.66 -57.00
N VAL M 116 -15.02 13.28 -55.85
CA VAL M 116 -16.36 13.68 -55.42
C VAL M 116 -16.22 14.50 -54.15
N THR M 117 -16.85 15.68 -54.14
CA THR M 117 -16.50 16.65 -53.11
C THR M 117 -17.70 17.22 -52.34
N GLY M 118 -18.81 17.49 -53.00
CA GLY M 118 -19.84 18.31 -52.40
C GLY M 118 -20.76 17.57 -51.45
N SER M 119 -22.06 17.81 -51.58
CA SER M 119 -23.08 17.14 -50.79
C SER M 119 -23.62 15.94 -51.56
N ALA M 120 -24.56 15.23 -50.95
CA ALA M 120 -25.11 14.05 -51.59
C ALA M 120 -25.80 14.41 -52.90
N ALA M 121 -26.59 15.48 -52.90
CA ALA M 121 -27.32 15.86 -54.10
C ALA M 121 -26.39 16.28 -55.21
N ASP M 122 -25.21 16.81 -54.88
CA ASP M 122 -24.23 17.14 -55.90
C ASP M 122 -23.44 15.92 -56.34
N ILE M 123 -23.16 15.01 -55.40
CA ILE M 123 -22.41 13.82 -55.73
C ILE M 123 -23.20 12.93 -56.68
N ALA M 124 -24.53 12.94 -56.59
CA ALA M 124 -25.32 12.20 -57.55
C ALA M 124 -25.05 12.67 -58.98
N ILE M 125 -25.06 13.99 -59.18
CA ILE M 125 -24.81 14.56 -60.50
C ILE M 125 -23.41 14.24 -60.96
N GLN M 126 -22.44 14.36 -60.05
CA GLN M 126 -21.06 14.05 -60.41
C GLN M 126 -20.92 12.60 -60.86
N ALA M 127 -21.56 11.67 -60.15
CA ALA M 127 -21.48 10.27 -60.54
C ALA M 127 -22.12 10.03 -61.91
N GLU M 128 -23.26 10.67 -62.16
CA GLU M 128 -23.90 10.52 -63.46
C GLU M 128 -22.98 11.00 -64.57
N GLN M 129 -22.35 12.15 -64.38
CA GLN M 129 -21.44 12.65 -65.41
C GLN M 129 -20.22 11.75 -65.57
N PHE M 130 -19.74 11.17 -64.47
CA PHE M 130 -18.65 10.20 -64.58
C PHE M 130 -19.04 9.05 -65.47
N ALA M 131 -20.24 8.51 -65.27
CA ALA M 131 -20.69 7.40 -66.11
C ALA M 131 -20.74 7.81 -67.57
N VAL M 132 -21.27 9.00 -67.86
CA VAL M 132 -21.35 9.47 -69.24
C VAL M 132 -19.95 9.55 -69.85
N ILE M 133 -19.02 10.18 -69.13
CA ILE M 133 -17.68 10.39 -69.67
C ILE M 133 -16.98 9.06 -69.90
N LYS M 134 -17.10 8.12 -68.96
CA LYS M 134 -16.45 6.83 -69.14
C LYS M 134 -17.02 6.09 -70.34
N LYS M 135 -18.34 6.10 -70.49
CA LYS M 135 -18.94 5.44 -71.64
C LYS M 135 -18.44 6.04 -72.94
N GLU M 136 -18.37 7.37 -73.01
CA GLU M 136 -17.92 8.00 -74.25
C GLU M 136 -16.44 7.73 -74.51
N MET M 137 -15.63 7.73 -73.46
CA MET M 137 -14.21 7.40 -73.62
C MET M 137 -14.04 6.01 -74.21
N PHE M 138 -14.75 5.04 -73.67
CA PHE M 138 -14.62 3.68 -74.18
C PHE M 138 -15.17 3.58 -75.59
N ARG M 139 -16.25 4.29 -75.89
CA ARG M 139 -16.78 4.28 -77.25
C ARG M 139 -15.73 4.76 -78.24
N LEU M 140 -15.07 5.88 -77.91
CA LEU M 140 -14.12 6.45 -78.85
C LEU M 140 -12.87 5.59 -78.97
N ASN M 141 -12.41 5.02 -77.85
CA ASN M 141 -11.26 4.12 -77.92
C ASN M 141 -11.57 2.91 -78.77
N ALA M 142 -12.75 2.33 -78.60
CA ALA M 142 -13.14 1.18 -79.41
C ALA M 142 -13.23 1.56 -80.88
N GLU M 143 -13.73 2.76 -81.17
CA GLU M 143 -13.78 3.22 -82.56
C GLU M 143 -12.37 3.34 -83.13
N PHE M 144 -11.46 3.93 -82.37
CA PHE M 144 -10.10 4.13 -82.87
C PHE M 144 -9.41 2.80 -83.13
N THR M 145 -9.42 1.92 -82.13
CA THR M 145 -8.60 0.71 -82.18
C THR M 145 -9.26 -0.44 -82.92
N GLY M 146 -10.56 -0.38 -83.12
CA GLY M 146 -11.27 -1.49 -83.73
C GLY M 146 -11.62 -2.61 -82.78
N GLN M 147 -11.30 -2.49 -81.50
CA GLN M 147 -11.66 -3.51 -80.54
C GLN M 147 -13.10 -3.30 -80.06
N PRO M 148 -13.77 -4.36 -79.64
CA PRO M 148 -15.12 -4.20 -79.10
C PRO M 148 -15.11 -3.39 -77.82
N ILE M 149 -16.20 -2.66 -77.59
CA ILE M 149 -16.28 -1.81 -76.40
C ILE M 149 -16.18 -2.64 -75.14
N GLU M 150 -16.66 -3.88 -75.19
CA GLU M 150 -16.54 -4.76 -74.03
C GLU M 150 -15.08 -5.01 -73.67
N ARG M 151 -14.26 -5.29 -74.69
CA ARG M 151 -12.85 -5.56 -74.42
C ARG M 151 -12.14 -4.34 -73.88
N ILE M 152 -12.42 -3.17 -74.43
CA ILE M 152 -11.83 -1.94 -73.93
C ILE M 152 -12.23 -1.73 -72.48
N GLU M 153 -13.51 -1.94 -72.17
CA GLU M 153 -13.97 -1.73 -70.80
C GLU M 153 -13.29 -2.69 -69.84
N ALA M 154 -13.12 -3.94 -70.24
CA ALA M 154 -12.45 -4.91 -69.37
C ALA M 154 -10.99 -4.55 -69.19
N ASP M 155 -10.30 -4.16 -70.25
CA ASP M 155 -8.87 -3.92 -70.18
C ASP M 155 -8.52 -2.63 -69.46
N SER M 156 -9.38 -1.61 -69.53
CA SER M 156 -9.07 -0.34 -68.91
C SER M 156 -9.39 -0.30 -67.42
N ASP M 157 -9.93 -1.38 -66.85
CA ASP M 157 -10.29 -1.36 -65.45
C ASP M 157 -9.10 -1.02 -64.58
N ARG M 158 -7.90 -1.34 -65.04
CA ARG M 158 -6.68 -1.00 -64.33
C ARG M 158 -5.60 -0.79 -65.37
N ASP M 159 -4.51 -0.17 -64.94
CA ASP M 159 -3.43 0.15 -65.86
C ASP M 159 -3.08 -1.05 -66.72
N ARG M 160 -3.24 -0.90 -68.03
CA ARG M 160 -2.84 -1.89 -69.02
C ARG M 160 -1.68 -1.30 -69.80
N TRP M 161 -0.56 -2.00 -69.82
CA TRP M 161 0.68 -1.51 -70.40
C TRP M 161 0.95 -2.24 -71.71
N PHE M 162 1.26 -1.47 -72.75
CA PHE M 162 1.56 -2.00 -74.08
C PHE M 162 2.93 -1.55 -74.51
N THR M 163 3.65 -2.43 -75.19
CA THR M 163 4.85 -2.06 -75.91
C THR M 163 4.44 -1.63 -77.32
N ALA M 164 5.43 -1.28 -78.14
CA ALA M 164 5.11 -0.83 -79.49
C ALA M 164 4.46 -1.94 -80.31
N ALA M 165 5.01 -3.15 -80.24
CA ALA M 165 4.45 -4.26 -81.00
C ALA M 165 3.09 -4.66 -80.47
N GLU M 166 2.93 -4.70 -79.14
CA GLU M 166 1.63 -5.01 -78.56
C GLU M 166 0.61 -3.96 -78.95
N ALA M 167 1.00 -2.69 -78.91
CA ALA M 167 0.08 -1.63 -79.31
C ALA M 167 -0.31 -1.77 -80.77
N LEU M 168 0.66 -2.10 -81.63
CA LEU M 168 0.36 -2.28 -83.04
C LEU M 168 -0.64 -3.41 -83.24
N GLU M 169 -0.47 -4.51 -82.51
CA GLU M 169 -1.44 -5.61 -82.60
C GLU M 169 -2.81 -5.16 -82.11
N TYR M 170 -2.85 -4.42 -81.00
CA TYR M 170 -4.11 -3.96 -80.45
C TYR M 170 -4.84 -3.05 -81.44
N GLY M 171 -4.15 -2.02 -81.92
CA GLY M 171 -4.74 -1.11 -82.88
C GLY M 171 -4.49 0.35 -82.60
N PHE M 172 -3.71 0.65 -81.57
CA PHE M 172 -3.44 2.05 -81.24
C PHE M 172 -2.68 2.73 -82.38
N VAL M 173 -1.73 2.02 -82.97
CA VAL M 173 -0.85 2.58 -83.98
C VAL M 173 -0.89 1.69 -85.20
N ASP M 174 -0.51 2.26 -86.34
CA ASP M 174 -0.51 1.55 -87.60
C ASP M 174 0.88 1.15 -88.07
N HIS M 175 1.94 1.63 -87.42
CA HIS M 175 3.29 1.31 -87.82
C HIS M 175 4.24 1.49 -86.65
N ILE M 176 5.41 0.88 -86.78
CA ILE M 176 6.54 1.11 -85.88
C ILE M 176 7.67 1.65 -86.74
N ILE M 177 8.12 2.87 -86.43
CA ILE M 177 9.12 3.52 -87.26
C ILE M 177 10.47 2.87 -87.01
N THR M 178 11.20 2.59 -88.09
CA THR M 178 12.54 2.03 -88.00
C THR M 178 13.31 2.44 -89.24
N ARG M 179 14.48 3.04 -89.04
CA ARG M 179 15.31 3.46 -90.17
C ARG M 179 16.69 3.88 -89.67
N LEU N 1 17.39 36.46 -75.31
CA LEU N 1 18.38 35.40 -75.38
C LEU N 1 19.53 35.68 -74.43
N SER N 2 19.51 35.01 -73.28
CA SER N 2 20.56 35.19 -72.30
C SER N 2 21.90 34.68 -72.84
N LEU N 3 22.95 34.91 -72.05
CA LEU N 3 24.29 34.51 -72.46
C LEU N 3 24.38 32.99 -72.62
N THR N 4 23.85 32.24 -71.66
CA THR N 4 23.90 30.79 -71.76
C THR N 4 23.16 30.31 -73.00
N ASP N 5 21.97 30.87 -73.24
CA ASP N 5 21.19 30.44 -74.39
C ASP N 5 21.84 30.89 -75.69
N SER N 6 22.47 32.06 -75.70
CA SER N 6 23.20 32.47 -76.90
C SER N 6 24.35 31.52 -77.19
N VAL N 7 25.08 31.11 -76.16
CA VAL N 7 26.18 30.18 -76.36
C VAL N 7 25.66 28.84 -76.87
N TYR N 8 24.57 28.37 -76.29
CA TYR N 8 24.01 27.10 -76.72
C TYR N 8 23.48 27.17 -78.15
N GLU N 9 22.92 28.32 -78.53
CA GLU N 9 22.49 28.50 -79.91
C GLU N 9 23.68 28.50 -80.86
N ARG N 10 24.75 29.18 -80.50
CA ARG N 10 25.92 29.23 -81.37
C ARG N 10 26.56 27.86 -81.50
N LEU N 11 26.52 27.06 -80.44
CA LEU N 11 27.03 25.70 -80.54
C LEU N 11 26.11 24.83 -81.40
N LEU N 12 24.81 24.91 -81.17
CA LEU N 12 23.86 24.15 -81.98
C LEU N 12 24.03 24.46 -83.44
N SER N 13 24.36 25.71 -83.77
CA SER N 13 24.69 26.04 -85.15
C SER N 13 25.87 25.24 -85.67
N GLU N 14 26.70 24.71 -84.78
CA GLU N 14 27.81 23.83 -85.14
C GLU N 14 27.48 22.36 -84.91
N ARG N 15 26.22 22.03 -84.62
CA ARG N 15 25.77 20.66 -84.43
C ARG N 15 26.28 20.06 -83.11
N ILE N 16 26.46 20.90 -82.10
CA ILE N 16 26.89 20.46 -80.78
C ILE N 16 25.76 20.75 -79.81
N ILE N 17 25.30 19.72 -79.09
CA ILE N 17 24.23 19.86 -78.13
C ILE N 17 24.66 19.17 -76.84
N PHE N 18 24.04 19.59 -75.74
CA PHE N 18 24.46 19.20 -74.40
C PHE N 18 23.32 18.49 -73.68
N LEU N 19 23.69 17.52 -72.85
CA LEU N 19 22.77 16.86 -71.93
C LEU N 19 23.40 17.00 -70.55
N GLY N 20 23.09 18.08 -69.86
CA GLY N 20 23.84 18.46 -68.67
C GLY N 20 23.07 18.37 -67.37
N SER N 21 21.83 17.92 -67.42
CA SER N 21 21.00 17.86 -66.22
C SER N 21 20.39 16.47 -66.06
N GLU N 22 19.52 16.31 -65.08
CA GLU N 22 18.77 15.08 -64.97
C GLU N 22 17.84 14.92 -66.17
N VAL N 23 17.73 13.69 -66.67
CA VAL N 23 16.92 13.41 -67.84
C VAL N 23 15.47 13.34 -67.37
N ASN N 24 14.72 14.40 -67.62
CA ASN N 24 13.28 14.43 -67.40
C ASN N 24 12.59 14.74 -68.72
N ASP N 25 11.28 14.92 -68.67
CA ASP N 25 10.51 15.12 -69.90
C ASP N 25 10.91 16.41 -70.61
N GLU N 26 11.13 17.48 -69.85
CA GLU N 26 11.41 18.77 -70.47
C GLU N 26 12.71 18.71 -71.28
N ILE N 27 13.80 18.26 -70.65
CA ILE N 27 15.07 18.28 -71.34
C ILE N 27 15.12 17.20 -72.40
N ALA N 28 14.45 16.07 -72.19
CA ALA N 28 14.35 15.06 -73.23
C ALA N 28 13.65 15.59 -74.46
N ASN N 29 12.55 16.31 -74.26
CA ASN N 29 11.83 16.89 -75.39
C ASN N 29 12.68 17.94 -76.10
N ARG N 30 13.43 18.73 -75.34
CA ARG N 30 14.32 19.71 -75.97
C ARG N 30 15.37 19.01 -76.82
N LEU N 31 15.98 17.96 -76.29
CA LEU N 31 17.00 17.23 -77.04
C LEU N 31 16.42 16.59 -78.29
N CYS N 32 15.23 16.01 -78.17
CA CYS N 32 14.59 15.40 -79.34
C CYS N 32 14.28 16.43 -80.40
N ALA N 33 13.77 17.59 -80.00
CA ALA N 33 13.52 18.65 -80.97
C ALA N 33 14.81 19.09 -81.64
N GLN N 34 15.88 19.23 -80.87
CA GLN N 34 17.16 19.62 -81.45
C GLN N 34 17.65 18.59 -82.45
N ILE N 35 17.52 17.30 -82.12
CA ILE N 35 17.99 16.27 -83.03
C ILE N 35 17.17 16.27 -84.31
N LEU N 36 15.85 16.40 -84.20
CA LEU N 36 15.02 16.45 -85.39
C LEU N 36 15.40 17.64 -86.26
N LEU N 37 15.58 18.80 -85.64
CA LEU N 37 15.92 20.01 -86.37
C LEU N 37 17.26 19.87 -87.08
N LEU N 38 18.26 19.33 -86.39
CA LEU N 38 19.59 19.18 -87.00
C LEU N 38 19.56 18.15 -88.13
N ALA N 39 18.86 17.04 -87.92
CA ALA N 39 18.76 16.04 -88.97
C ALA N 39 18.09 16.61 -90.21
N ALA N 40 17.05 17.43 -90.02
CA ALA N 40 16.43 18.10 -91.15
C ALA N 40 17.41 19.04 -91.83
N GLU N 41 18.17 19.80 -91.03
CA GLU N 41 19.04 20.82 -91.61
C GLU N 41 20.10 20.21 -92.51
N ASP N 42 20.70 19.10 -92.09
CA ASP N 42 21.69 18.40 -92.91
C ASP N 42 21.80 16.98 -92.39
N ALA N 43 21.30 16.02 -93.16
CA ALA N 43 21.25 14.63 -92.74
C ALA N 43 22.50 13.85 -93.10
N SER N 44 23.60 14.55 -93.38
CA SER N 44 24.85 13.90 -93.73
C SER N 44 25.97 14.18 -92.73
N LYS N 45 25.84 15.19 -91.89
CA LYS N 45 26.84 15.52 -90.89
C LYS N 45 26.48 14.89 -89.55
N ASP N 46 27.49 14.72 -88.71
CA ASP N 46 27.29 14.11 -87.42
C ASP N 46 26.72 15.11 -86.42
N ILE N 47 26.24 14.59 -85.30
CA ILE N 47 25.74 15.39 -84.19
C ILE N 47 26.53 15.02 -82.96
N SER N 48 27.15 15.99 -82.33
CA SER N 48 27.96 15.77 -81.14
C SER N 48 27.10 16.04 -79.91
N LEU N 49 26.95 15.03 -79.06
CA LEU N 49 26.17 15.14 -77.83
C LEU N 49 27.11 14.98 -76.65
N TYR N 50 27.16 15.99 -75.79
CA TYR N 50 27.99 15.96 -74.59
C TYR N 50 27.12 15.62 -73.40
N ILE N 51 27.53 14.63 -72.62
CA ILE N 51 26.71 14.10 -71.54
C ILE N 51 27.40 14.41 -70.22
N ASN N 52 26.72 15.16 -69.36
CA ASN N 52 27.11 15.34 -67.97
C ASN N 52 25.81 15.28 -67.17
N SER N 53 25.40 14.07 -66.79
CA SER N 53 24.10 13.88 -66.16
C SER N 53 24.21 12.86 -65.03
N PRO N 54 23.42 13.03 -63.98
CA PRO N 54 23.45 12.07 -62.87
C PRO N 54 22.47 10.92 -63.04
N GLY N 55 21.48 11.09 -63.90
CA GLY N 55 20.48 10.06 -64.08
C GLY N 55 19.26 10.62 -64.77
N GLY N 56 18.12 10.01 -64.49
CA GLY N 56 16.86 10.50 -65.00
C GLY N 56 15.87 9.38 -65.21
N SER N 57 14.76 9.73 -65.82
CA SER N 57 13.67 8.80 -66.03
C SER N 57 13.92 7.93 -67.26
N ILE N 58 13.43 6.71 -67.21
CA ILE N 58 13.68 5.75 -68.28
C ILE N 58 12.92 6.12 -69.55
N SER N 59 11.67 6.58 -69.40
CA SER N 59 10.87 6.91 -70.56
C SER N 59 11.48 8.05 -71.35
N ALA N 60 11.92 9.10 -70.66
CA ALA N 60 12.57 10.21 -71.33
C ALA N 60 13.85 9.78 -72.02
N GLY N 61 14.66 8.97 -71.34
CA GLY N 61 15.87 8.48 -71.95
C GLY N 61 15.57 7.63 -73.18
N MET N 62 14.48 6.88 -73.15
CA MET N 62 14.12 6.06 -74.30
C MET N 62 13.64 6.93 -75.44
N ALA N 63 12.95 8.03 -75.14
CA ALA N 63 12.59 8.99 -76.17
C ALA N 63 13.83 9.51 -76.87
N ILE N 64 14.83 9.93 -76.09
CA ILE N 64 16.06 10.45 -76.67
C ILE N 64 16.75 9.35 -77.47
N TYR N 65 16.80 8.13 -76.94
CA TYR N 65 17.50 7.04 -77.61
C TYR N 65 16.84 6.69 -78.93
N ASP N 66 15.51 6.64 -78.96
CA ASP N 66 14.80 6.35 -80.18
C ASP N 66 15.04 7.44 -81.21
N THR N 67 15.02 8.70 -80.78
CA THR N 67 15.32 9.77 -81.72
C THR N 67 16.74 9.64 -82.27
N MET N 68 17.69 9.29 -81.41
CA MET N 68 19.06 9.12 -81.85
C MET N 68 19.17 8.00 -82.87
N VAL N 69 18.49 6.89 -82.62
CA VAL N 69 18.54 5.75 -83.53
C VAL N 69 17.91 6.10 -84.87
N LEU N 70 16.78 6.80 -84.86
CA LEU N 70 16.03 7.04 -86.08
C LEU N 70 16.70 8.08 -86.98
N ALA N 71 17.45 9.00 -86.39
CA ALA N 71 17.95 10.13 -87.15
C ALA N 71 18.90 9.66 -88.25
N PRO N 72 18.83 10.24 -89.45
CA PRO N 72 19.76 9.85 -90.51
C PRO N 72 21.21 10.26 -90.24
N CYS N 73 21.45 11.14 -89.28
CA CYS N 73 22.79 11.64 -88.99
C CYS N 73 23.40 10.86 -87.84
N ASP N 74 24.66 10.48 -88.00
CA ASP N 74 25.37 9.77 -86.94
C ASP N 74 25.53 10.67 -85.72
N ILE N 75 25.48 10.06 -84.54
CA ILE N 75 25.53 10.78 -83.27
C ILE N 75 26.73 10.28 -82.49
N ALA N 76 27.60 11.20 -82.10
CA ALA N 76 28.81 10.90 -81.34
C ALA N 76 28.64 11.45 -79.94
N THR N 77 28.76 10.59 -78.94
CA THR N 77 28.52 10.97 -77.55
C THR N 77 29.83 11.07 -76.80
N TYR N 78 30.09 12.24 -76.23
CA TYR N 78 31.25 12.47 -75.39
C TYR N 78 30.81 12.53 -73.94
N ALA N 79 31.35 11.65 -73.12
CA ALA N 79 31.07 11.67 -71.68
C ALA N 79 32.08 12.60 -71.03
N MET N 80 31.62 13.78 -70.64
CA MET N 80 32.45 14.77 -69.97
C MET N 80 31.90 14.96 -68.57
N GLY N 81 32.76 14.77 -67.57
CA GLY N 81 32.35 14.99 -66.20
C GLY N 81 31.75 13.77 -65.54
N MET N 82 30.57 13.36 -65.98
CA MET N 82 29.81 12.37 -65.25
C MET N 82 28.67 11.82 -66.09
N ALA N 83 28.63 10.50 -66.26
CA ALA N 83 27.59 9.83 -67.03
C ALA N 83 27.03 8.70 -66.17
N ALA N 84 25.95 8.97 -65.45
CA ALA N 84 25.38 8.05 -64.50
C ALA N 84 23.99 7.61 -64.94
N SER N 85 23.75 6.30 -64.89
CA SER N 85 22.44 5.77 -65.22
C SER N 85 22.05 6.15 -66.64
N MET N 86 21.05 7.01 -66.81
CA MET N 86 20.59 7.34 -68.15
C MET N 86 21.64 8.11 -68.93
N GLY N 87 22.49 8.87 -68.24
CA GLY N 87 23.62 9.48 -68.91
C GLY N 87 24.53 8.46 -69.54
N GLU N 88 24.86 7.41 -68.78
CA GLU N 88 25.68 6.33 -69.33
C GLU N 88 24.94 5.61 -70.43
N PHE N 89 23.64 5.37 -70.23
CA PHE N 89 22.85 4.67 -71.23
C PHE N 89 22.92 5.39 -72.58
N LEU N 90 22.73 6.71 -72.57
CA LEU N 90 22.85 7.46 -73.80
C LEU N 90 24.30 7.62 -74.25
N LEU N 91 25.26 7.49 -73.34
CA LEU N 91 26.66 7.51 -73.74
C LEU N 91 26.99 6.30 -74.59
N ALA N 92 26.59 5.11 -74.14
CA ALA N 92 26.83 3.90 -74.90
C ALA N 92 26.02 3.84 -76.18
N ALA N 93 24.97 4.66 -76.30
CA ALA N 93 24.01 4.54 -77.38
C ALA N 93 24.41 5.28 -78.64
N GLY N 94 25.52 5.99 -78.62
CA GLY N 94 25.96 6.68 -79.81
C GLY N 94 26.44 5.72 -80.87
N THR N 95 26.71 6.25 -82.05
CA THR N 95 27.18 5.42 -83.14
C THR N 95 28.43 4.68 -82.73
N LYS N 96 28.44 3.36 -82.91
CA LYS N 96 29.60 2.57 -82.57
C LYS N 96 30.80 3.05 -83.36
N GLY N 97 31.87 3.40 -82.66
CA GLY N 97 33.02 4.04 -83.26
C GLY N 97 33.09 5.52 -83.00
N LYS N 98 32.04 6.11 -82.43
CA LYS N 98 32.00 7.55 -82.17
C LYS N 98 31.58 7.85 -80.74
N ARG N 99 31.76 6.91 -79.83
CA ARG N 99 31.52 7.15 -78.41
C ARG N 99 32.86 7.40 -77.74
N TYR N 100 32.99 8.56 -77.09
CA TYR N 100 34.22 8.97 -76.43
C TYR N 100 33.95 9.29 -74.98
N ALA N 101 35.00 9.19 -74.17
CA ALA N 101 34.96 9.58 -72.78
C ALA N 101 36.16 10.45 -72.49
N LEU N 102 35.93 11.63 -71.93
CA LEU N 102 37.05 12.47 -71.56
C LEU N 102 37.85 11.77 -70.46
N PRO N 103 39.14 12.05 -70.35
CA PRO N 103 39.99 11.18 -69.53
C PRO N 103 39.56 11.06 -68.09
N HIS N 104 38.99 12.10 -67.50
CA HIS N 104 38.65 12.13 -66.09
C HIS N 104 37.16 12.06 -65.87
N ALA N 105 36.47 11.27 -66.67
CA ALA N 105 35.03 11.10 -66.58
C ALA N 105 34.70 9.81 -65.86
N ARG N 106 33.71 9.86 -65.00
CA ARG N 106 33.21 8.68 -64.30
C ARG N 106 31.94 8.20 -64.97
N ILE N 107 31.72 6.90 -64.93
CA ILE N 107 30.54 6.27 -65.53
C ILE N 107 29.93 5.34 -64.50
N LEU N 108 28.68 5.57 -64.15
CA LEU N 108 28.00 4.81 -63.12
C LEU N 108 26.93 3.95 -63.75
N MET N 109 26.96 2.65 -63.46
CA MET N 109 25.95 1.71 -63.92
C MET N 109 25.26 1.10 -62.71
N HIS N 110 23.94 1.18 -62.69
CA HIS N 110 23.15 0.52 -61.67
C HIS N 110 21.78 0.21 -62.24
N GLN N 111 20.99 -0.49 -61.45
CA GLN N 111 19.66 -0.88 -61.86
C GLN N 111 18.68 0.25 -61.59
N PRO N 112 17.50 0.21 -62.22
CA PRO N 112 16.56 1.32 -62.10
C PRO N 112 16.17 1.60 -60.66
N LEU N 113 15.43 2.70 -60.49
CA LEU N 113 14.83 3.07 -59.22
C LEU N 113 13.39 3.45 -59.44
N GLY N 114 12.54 3.19 -58.45
CA GLY N 114 11.13 3.49 -58.60
C GLY N 114 10.39 3.33 -57.30
N GLY N 115 9.07 3.42 -57.39
CA GLY N 115 8.23 3.34 -56.21
C GLY N 115 6.92 2.66 -56.49
N VAL N 116 6.38 2.00 -55.46
CA VAL N 116 5.07 1.36 -55.51
C VAL N 116 4.15 2.13 -54.57
N THR N 117 2.93 2.40 -55.03
CA THR N 117 2.04 3.33 -54.34
C THR N 117 0.69 2.74 -53.96
N GLY N 118 -0.03 2.16 -54.91
CA GLY N 118 -1.45 1.97 -54.77
C GLY N 118 -1.85 0.77 -53.93
N SER N 119 -2.99 0.20 -54.30
CA SER N 119 -3.49 -1.02 -53.69
C SER N 119 -2.71 -2.22 -54.20
N ALA N 120 -3.04 -3.39 -53.63
CA ALA N 120 -2.30 -4.60 -53.99
C ALA N 120 -2.50 -4.96 -55.46
N ALA N 121 -3.72 -4.81 -55.96
CA ALA N 121 -3.98 -5.11 -57.36
C ALA N 121 -3.17 -4.21 -58.27
N ASP N 122 -3.03 -2.94 -57.93
CA ASP N 122 -2.21 -2.03 -58.73
C ASP N 122 -0.73 -2.34 -58.56
N ILE N 123 -0.32 -2.74 -57.35
CA ILE N 123 1.09 -3.00 -57.11
C ILE N 123 1.55 -4.23 -57.89
N ALA N 124 0.66 -5.20 -58.10
CA ALA N 124 1.05 -6.34 -58.94
C ALA N 124 1.40 -5.89 -60.35
N ILE N 125 0.57 -5.02 -60.93
CA ILE N 125 0.86 -4.52 -62.28
C ILE N 125 2.14 -3.71 -62.29
N GLN N 126 2.35 -2.89 -61.27
CA GLN N 126 3.57 -2.11 -61.20
C GLN N 126 4.80 -3.01 -61.15
N ALA N 127 4.74 -4.08 -60.35
CA ALA N 127 5.87 -4.99 -60.24
C ALA N 127 6.13 -5.69 -61.58
N GLU N 128 5.08 -6.13 -62.26
CA GLU N 128 5.27 -6.75 -63.56
C GLU N 128 5.95 -5.80 -64.53
N GLN N 129 5.49 -4.56 -64.57
CA GLN N 129 6.11 -3.59 -65.48
C GLN N 129 7.55 -3.29 -65.08
N PHE N 130 7.83 -3.31 -63.78
CA PHE N 130 9.21 -3.17 -63.33
C PHE N 130 10.09 -4.25 -63.91
N ALA N 131 9.61 -5.50 -63.85
CA ALA N 131 10.39 -6.60 -64.41
C ALA N 131 10.62 -6.39 -65.90
N VAL N 132 9.60 -5.97 -66.62
CA VAL N 132 9.74 -5.75 -68.06
C VAL N 132 10.81 -4.71 -68.33
N ILE N 133 10.73 -3.56 -67.64
CA ILE N 133 11.66 -2.47 -67.89
C ILE N 133 13.08 -2.90 -67.56
N LYS N 134 13.25 -3.60 -66.43
CA LYS N 134 14.56 -4.07 -66.03
C LYS N 134 15.17 -4.96 -67.10
N LYS N 135 14.40 -5.96 -67.56
CA LYS N 135 14.93 -6.87 -68.55
C LYS N 135 15.30 -6.15 -69.83
N GLU N 136 14.45 -5.22 -70.28
CA GLU N 136 14.74 -4.50 -71.52
C GLU N 136 16.00 -3.64 -71.38
N MET N 137 16.14 -2.95 -70.25
CA MET N 137 17.32 -2.12 -70.03
C MET N 137 18.59 -2.96 -70.05
N PHE N 138 18.57 -4.10 -69.36
CA PHE N 138 19.76 -4.94 -69.34
C PHE N 138 20.06 -5.48 -70.73
N ARG N 139 19.02 -5.86 -71.48
CA ARG N 139 19.21 -6.31 -72.84
C ARG N 139 19.91 -5.24 -73.67
N LEU N 140 19.46 -3.99 -73.54
CA LEU N 140 20.01 -2.92 -74.37
C LEU N 140 21.43 -2.57 -73.95
N ASN N 141 21.73 -2.57 -72.64
CA ASN N 141 23.11 -2.34 -72.22
C ASN N 141 24.02 -3.43 -72.73
N ALA N 142 23.57 -4.69 -72.68
CA ALA N 142 24.37 -5.77 -73.21
C ALA N 142 24.60 -5.59 -74.71
N GLU N 143 23.59 -5.15 -75.43
CA GLU N 143 23.75 -4.89 -76.86
C GLU N 143 24.78 -3.80 -77.10
N PHE N 144 24.67 -2.69 -76.37
CA PHE N 144 25.61 -1.58 -76.55
C PHE N 144 27.03 -2.02 -76.23
N THR N 145 27.27 -2.39 -74.97
CA THR N 145 28.62 -2.67 -74.52
C THR N 145 29.21 -3.89 -75.23
N GLY N 146 28.44 -4.96 -75.33
CA GLY N 146 28.93 -6.22 -75.85
C GLY N 146 29.08 -7.30 -74.80
N GLN N 147 28.75 -7.01 -73.56
CA GLN N 147 28.85 -8.01 -72.50
C GLN N 147 27.64 -8.93 -72.52
N PRO N 148 27.75 -10.10 -71.91
CA PRO N 148 26.57 -10.94 -71.75
C PRO N 148 25.55 -10.27 -70.83
N ILE N 149 24.28 -10.59 -71.06
CA ILE N 149 23.22 -9.98 -70.27
C ILE N 149 23.38 -10.33 -68.79
N GLU N 150 23.94 -11.51 -68.50
CA GLU N 150 24.15 -11.88 -67.10
C GLU N 150 25.17 -10.98 -66.43
N ARG N 151 26.23 -10.62 -67.15
CA ARG N 151 27.24 -9.72 -66.59
C ARG N 151 26.64 -8.37 -66.26
N ILE N 152 25.80 -7.83 -67.15
CA ILE N 152 25.14 -6.57 -66.87
C ILE N 152 24.17 -6.73 -65.70
N GLU N 153 23.51 -7.89 -65.61
CA GLU N 153 22.60 -8.13 -64.51
C GLU N 153 23.33 -8.10 -63.18
N ALA N 154 24.51 -8.70 -63.12
CA ALA N 154 25.26 -8.78 -61.87
C ALA N 154 25.95 -7.46 -61.54
N ASP N 155 26.45 -6.76 -62.55
CA ASP N 155 27.20 -5.54 -62.30
C ASP N 155 26.30 -4.39 -61.89
N SER N 156 25.06 -4.41 -62.34
CA SER N 156 24.12 -3.31 -62.12
C SER N 156 23.34 -3.45 -60.84
N ASP N 157 23.63 -4.47 -60.03
CA ASP N 157 22.79 -4.77 -58.87
C ASP N 157 22.74 -3.59 -57.91
N ARG N 158 23.91 -3.08 -57.51
CA ARG N 158 23.95 -2.00 -56.53
C ARG N 158 24.54 -0.72 -57.11
N ASP N 159 25.77 -0.76 -57.60
CA ASP N 159 26.44 0.38 -58.19
C ASP N 159 27.75 -0.10 -58.76
N ARG N 160 28.13 0.44 -59.90
CA ARG N 160 29.40 0.07 -60.54
C ARG N 160 30.00 1.33 -61.12
N TRP N 161 31.14 1.74 -60.58
CA TRP N 161 31.82 2.95 -61.00
C TRP N 161 32.97 2.59 -61.93
N PHE N 162 32.98 3.17 -63.11
CA PHE N 162 34.02 2.96 -64.09
C PHE N 162 34.76 4.27 -64.31
N THR N 163 36.08 4.20 -64.35
CA THR N 163 36.87 5.30 -64.85
C THR N 163 36.77 5.31 -66.38
N ALA N 164 37.52 6.20 -67.02
CA ALA N 164 37.50 6.22 -68.47
C ALA N 164 38.10 4.95 -69.05
N ALA N 165 39.23 4.49 -68.49
CA ALA N 165 39.88 3.30 -69.02
C ALA N 165 39.07 2.04 -68.77
N GLU N 166 38.53 1.92 -67.55
CA GLU N 166 37.65 0.78 -67.26
C GLU N 166 36.43 0.81 -68.16
N ALA N 167 35.87 1.99 -68.42
CA ALA N 167 34.71 2.09 -69.29
C ALA N 167 35.04 1.66 -70.71
N LEU N 168 36.19 2.10 -71.23
CA LEU N 168 36.59 1.65 -72.55
C LEU N 168 36.76 0.14 -72.60
N GLU N 169 37.37 -0.43 -71.56
CA GLU N 169 37.52 -1.87 -71.52
C GLU N 169 36.16 -2.57 -71.50
N TYR N 170 35.21 -2.04 -70.74
CA TYR N 170 33.91 -2.68 -70.61
C TYR N 170 33.16 -2.67 -71.93
N GLY N 171 33.04 -1.50 -72.55
CA GLY N 171 32.35 -1.39 -73.82
C GLY N 171 31.50 -0.15 -73.96
N PHE N 172 31.45 0.69 -72.92
CA PHE N 172 30.65 1.90 -73.00
C PHE N 172 31.20 2.87 -74.04
N VAL N 173 32.51 2.95 -74.14
CA VAL N 173 33.18 3.97 -74.93
C VAL N 173 34.14 3.29 -75.90
N ASP N 174 34.47 4.00 -76.97
CA ASP N 174 35.38 3.49 -77.97
C ASP N 174 36.76 4.14 -77.90
N HIS N 175 36.86 5.35 -77.38
CA HIS N 175 38.15 6.00 -77.25
C HIS N 175 38.14 6.92 -76.04
N ILE N 176 39.34 7.20 -75.53
CA ILE N 176 39.55 8.24 -74.54
C ILE N 176 40.19 9.41 -75.29
N ILE N 177 39.46 10.49 -75.46
CA ILE N 177 39.90 11.57 -76.32
C ILE N 177 40.98 12.37 -75.60
N THR N 178 42.11 12.55 -76.28
CA THR N 178 43.24 13.29 -75.73
C THR N 178 43.77 14.25 -76.79
N ARG N 179 44.21 15.42 -76.34
CA ARG N 179 44.70 16.44 -77.23
C ARG N 179 45.79 17.26 -76.55
N LEU O 1 20.34 39.79 -72.58
CA LEU O 1 20.31 41.21 -72.91
C LEU O 1 20.44 42.08 -71.68
N SER O 2 20.37 41.47 -70.50
CA SER O 2 20.56 42.22 -69.28
C SER O 2 21.95 42.85 -69.27
N LEU O 3 22.16 43.78 -68.33
CA LEU O 3 23.44 44.46 -68.24
C LEU O 3 24.57 43.48 -67.95
N THR O 4 24.35 42.58 -66.98
CA THR O 4 25.39 41.60 -66.67
C THR O 4 25.68 40.71 -67.87
N ASP O 5 24.63 40.24 -68.54
CA ASP O 5 24.83 39.39 -69.71
C ASP O 5 25.48 40.16 -70.85
N SER O 6 25.11 41.43 -71.03
CA SER O 6 25.74 42.22 -72.08
C SER O 6 27.22 42.39 -71.82
N VAL O 7 27.58 42.68 -70.56
CA VAL O 7 28.99 42.85 -70.22
C VAL O 7 29.75 41.54 -70.42
N TYR O 8 29.17 40.42 -69.97
CA TYR O 8 29.85 39.15 -70.11
C TYR O 8 30.00 38.76 -71.57
N GLU O 9 28.99 39.02 -72.40
CA GLU O 9 29.10 38.74 -73.82
C GLU O 9 30.18 39.60 -74.46
N ARG O 10 30.25 40.88 -74.10
CA ARG O 10 31.28 41.73 -74.66
C ARG O 10 32.66 41.24 -74.27
N LEU O 11 32.82 40.78 -73.03
CA LEU O 11 34.10 40.21 -72.62
C LEU O 11 34.41 38.94 -73.39
N LEU O 12 33.43 38.05 -73.52
CA LEU O 12 33.62 36.81 -74.27
C LEU O 12 34.05 37.08 -75.70
N SER O 13 33.57 38.17 -76.29
CA SER O 13 34.05 38.56 -77.59
C SER O 13 35.55 38.81 -77.57
N GLU O 14 36.12 39.05 -76.39
CA GLU O 14 37.55 39.27 -76.21
C GLU O 14 38.26 38.04 -75.66
N ARG O 15 37.59 36.90 -75.59
CA ARG O 15 38.20 35.66 -75.09
C ARG O 15 38.52 35.76 -73.61
N ILE O 16 37.55 36.20 -72.82
CA ILE O 16 37.65 36.30 -71.37
C ILE O 16 36.40 35.70 -70.78
N ILE O 17 36.57 34.79 -69.83
CA ILE O 17 35.44 34.09 -69.22
C ILE O 17 35.64 34.07 -67.71
N PHE O 18 34.53 33.94 -67.00
CA PHE O 18 34.50 34.10 -65.55
C PHE O 18 33.96 32.84 -64.89
N LEU O 19 34.50 32.54 -63.72
CA LEU O 19 34.00 31.50 -62.83
C LEU O 19 33.88 32.13 -61.46
N GLY O 20 32.73 32.74 -61.20
CA GLY O 20 32.57 33.53 -60.00
C GLY O 20 31.60 32.99 -58.98
N SER O 21 31.31 31.69 -59.05
CA SER O 21 30.33 31.10 -58.14
C SER O 21 30.69 29.65 -57.88
N GLU O 22 29.85 28.99 -57.10
CA GLU O 22 30.02 27.56 -56.85
C GLU O 22 30.00 26.79 -58.15
N VAL O 23 30.86 25.78 -58.25
CA VAL O 23 30.93 24.96 -59.45
C VAL O 23 29.82 23.92 -59.42
N ASN O 24 28.69 24.23 -60.03
CA ASN O 24 27.59 23.30 -60.17
C ASN O 24 27.73 22.56 -61.50
N ASP O 25 26.71 21.81 -61.87
CA ASP O 25 26.65 21.28 -63.22
C ASP O 25 26.30 22.38 -64.23
N GLU O 26 25.46 23.33 -63.83
CA GLU O 26 25.06 24.40 -64.73
C GLU O 26 26.25 25.28 -65.09
N ILE O 27 27.00 25.73 -64.09
CA ILE O 27 28.16 26.58 -64.35
C ILE O 27 29.21 25.82 -65.13
N ALA O 28 29.39 24.53 -64.83
CA ALA O 28 30.35 23.73 -65.57
C ALA O 28 29.97 23.63 -67.05
N ASN O 29 28.70 23.35 -67.33
CA ASN O 29 28.26 23.27 -68.71
C ASN O 29 28.44 24.60 -69.42
N ARG O 30 28.10 25.70 -68.75
CA ARG O 30 28.26 27.01 -69.36
C ARG O 30 29.72 27.27 -69.70
N LEU O 31 30.62 26.97 -68.77
CA LEU O 31 32.04 27.22 -69.02
C LEU O 31 32.57 26.33 -70.14
N CYS O 32 32.16 25.06 -70.16
CA CYS O 32 32.61 24.18 -71.22
C CYS O 32 32.12 24.65 -72.57
N ALA O 33 30.86 25.09 -72.64
CA ALA O 33 30.34 25.61 -73.89
C ALA O 33 31.12 26.83 -74.36
N GLN O 34 31.43 27.74 -73.42
CA GLN O 34 32.20 28.92 -73.79
C GLN O 34 33.59 28.55 -74.30
N ILE O 35 34.26 27.61 -73.64
CA ILE O 35 35.60 27.22 -74.07
C ILE O 35 35.54 26.59 -75.45
N LEU O 36 34.57 25.70 -75.68
CA LEU O 36 34.44 25.08 -76.99
C LEU O 36 34.19 26.12 -78.07
N LEU O 37 33.28 27.06 -77.80
CA LEU O 37 32.96 28.09 -78.77
C LEU O 37 34.18 28.95 -79.08
N LEU O 38 34.92 29.36 -78.05
CA LEU O 38 36.09 30.19 -78.27
C LEU O 38 37.16 29.43 -79.05
N ALA O 39 37.40 28.18 -78.70
CA ALA O 39 38.36 27.38 -79.45
C ALA O 39 37.97 27.28 -80.91
N ALA O 40 36.68 27.10 -81.18
CA ALA O 40 36.22 27.06 -82.57
C ALA O 40 36.48 28.38 -83.27
N GLU O 41 36.23 29.50 -82.57
CA GLU O 41 36.38 30.80 -83.21
C GLU O 41 37.81 31.03 -83.67
N ASP O 42 38.79 30.66 -82.85
CA ASP O 42 40.20 30.84 -83.19
C ASP O 42 41.02 29.96 -82.28
N ALA O 43 41.80 29.05 -82.86
CA ALA O 43 42.44 27.98 -82.11
C ALA O 43 43.87 28.29 -81.73
N SER O 44 44.31 29.54 -81.88
CA SER O 44 45.69 29.91 -81.56
C SER O 44 45.73 31.18 -80.72
N LYS O 45 44.70 31.43 -79.93
CA LYS O 45 44.66 32.57 -79.04
C LYS O 45 44.25 32.11 -77.65
N ASP O 46 44.80 32.77 -76.64
CA ASP O 46 44.60 32.35 -75.27
C ASP O 46 43.20 32.71 -74.78
N ILE O 47 42.74 31.95 -73.79
CA ILE O 47 41.49 32.21 -73.10
C ILE O 47 41.82 32.54 -71.66
N SER O 48 41.33 33.68 -71.17
CA SER O 48 41.54 34.10 -69.80
C SER O 48 40.36 33.68 -68.95
N LEU O 49 40.64 32.99 -67.85
CA LEU O 49 39.62 32.51 -66.94
C LEU O 49 39.86 33.11 -65.56
N TYR O 50 38.92 33.93 -65.09
CA TYR O 50 39.03 34.59 -63.81
C TYR O 50 38.24 33.79 -62.78
N ILE O 51 38.93 33.29 -61.77
CA ILE O 51 38.34 32.43 -60.75
C ILE O 51 38.08 33.25 -59.51
N ASN O 52 36.83 33.27 -59.07
CA ASN O 52 36.43 33.88 -57.82
C ASN O 52 35.44 32.99 -57.10
N SER O 53 35.72 31.69 -57.08
CA SER O 53 34.78 30.69 -56.63
C SER O 53 35.09 30.22 -55.23
N PRO O 54 34.08 29.84 -54.45
CA PRO O 54 34.32 29.24 -53.14
C PRO O 54 34.46 27.74 -53.12
N GLY O 55 34.13 27.06 -54.22
CA GLY O 55 34.33 25.62 -54.28
C GLY O 55 33.42 24.94 -55.29
N GLY O 56 32.80 23.84 -54.90
CA GLY O 56 31.81 23.17 -55.70
C GLY O 56 32.08 21.68 -55.76
N SER O 57 31.39 21.04 -56.70
CA SER O 57 31.46 19.60 -56.85
C SER O 57 32.74 19.20 -57.57
N ILE O 58 32.95 17.89 -57.67
CA ILE O 58 34.13 17.36 -58.35
C ILE O 58 33.83 17.01 -59.80
N SER O 59 32.66 16.46 -60.08
CA SER O 59 32.34 16.06 -61.44
C SER O 59 32.32 17.27 -62.37
N ALA O 60 31.66 18.35 -61.96
CA ALA O 60 31.62 19.55 -62.77
C ALA O 60 33.00 20.15 -62.95
N GLY O 61 33.77 20.21 -61.87
CA GLY O 61 35.13 20.71 -61.97
C GLY O 61 35.97 19.89 -62.93
N MET O 62 35.76 18.57 -62.95
CA MET O 62 36.56 17.74 -63.84
C MET O 62 36.10 17.87 -65.28
N ALA O 63 34.81 18.10 -65.51
CA ALA O 63 34.36 18.48 -66.85
C ALA O 63 35.10 19.71 -67.32
N ILE O 64 35.15 20.75 -66.49
CA ILE O 64 35.84 21.98 -66.85
C ILE O 64 37.32 21.69 -67.10
N TYR O 65 37.92 20.88 -66.24
CA TYR O 65 39.35 20.64 -66.34
C TYR O 65 39.69 19.92 -67.65
N ASP O 66 38.92 18.89 -67.99
CA ASP O 66 39.15 18.21 -69.26
C ASP O 66 38.97 19.17 -70.42
N THR O 67 37.91 19.97 -70.39
CA THR O 67 37.70 20.90 -71.50
C THR O 67 38.88 21.84 -71.65
N MET O 68 39.44 22.31 -70.53
CA MET O 68 40.61 23.18 -70.58
C MET O 68 41.81 22.45 -71.17
N VAL O 69 42.01 21.20 -70.75
CA VAL O 69 43.20 20.46 -71.17
C VAL O 69 43.15 20.16 -72.67
N LEU O 70 42.00 19.73 -73.17
CA LEU O 70 41.90 19.32 -74.57
C LEU O 70 41.73 20.48 -75.53
N ALA O 71 41.51 21.69 -75.04
CA ALA O 71 41.30 22.81 -75.95
C ALA O 71 42.58 23.09 -76.73
N PRO O 72 42.47 23.50 -77.99
CA PRO O 72 43.68 23.82 -78.76
C PRO O 72 44.50 24.96 -78.15
N CYS O 73 43.86 25.93 -77.54
CA CYS O 73 44.53 27.14 -77.10
C CYS O 73 44.94 27.04 -75.64
N ASP O 74 45.82 27.94 -75.24
CA ASP O 74 46.35 27.98 -73.88
C ASP O 74 45.42 28.79 -72.99
N ILE O 75 45.01 28.20 -71.89
CA ILE O 75 44.12 28.85 -70.92
C ILE O 75 44.98 29.47 -69.83
N ALA O 76 44.83 30.76 -69.62
CA ALA O 76 45.52 31.49 -68.56
C ALA O 76 44.51 31.79 -67.48
N THR O 77 44.81 31.39 -66.25
CA THR O 77 43.87 31.48 -65.15
C THR O 77 44.35 32.53 -64.16
N TYR O 78 43.50 33.50 -63.85
CA TYR O 78 43.78 34.53 -62.87
C TYR O 78 42.87 34.31 -61.66
N ALA O 79 43.46 34.26 -60.48
CA ALA O 79 42.69 34.12 -59.25
C ALA O 79 42.42 35.50 -58.67
N MET O 80 41.19 35.96 -58.78
CA MET O 80 40.78 37.25 -58.24
C MET O 80 39.88 37.03 -57.05
N GLY O 81 40.24 37.63 -55.93
CA GLY O 81 39.41 37.53 -54.74
C GLY O 81 39.57 36.24 -53.98
N MET O 82 39.22 35.12 -54.61
CA MET O 82 39.15 33.86 -53.90
C MET O 82 39.36 32.71 -54.87
N ALA O 83 39.87 31.60 -54.34
CA ALA O 83 39.96 30.36 -55.10
C ALA O 83 40.05 29.23 -54.09
N ALA O 84 38.99 28.47 -53.93
CA ALA O 84 38.88 27.46 -52.89
C ALA O 84 38.37 26.15 -53.47
N SER O 85 38.81 25.05 -52.87
CA SER O 85 38.31 23.73 -53.22
C SER O 85 38.42 23.46 -54.72
N MET O 86 37.29 23.48 -55.44
CA MET O 86 37.33 23.17 -56.86
C MET O 86 38.01 24.29 -57.63
N GLY O 87 37.76 25.54 -57.25
CA GLY O 87 38.71 26.58 -57.55
C GLY O 87 39.98 26.32 -56.76
N GLU O 88 41.09 26.87 -57.24
CA GLU O 88 42.46 26.55 -56.87
C GLU O 88 42.89 25.24 -57.51
N PHE O 89 41.95 24.46 -58.06
CA PHE O 89 42.27 23.30 -58.86
C PHE O 89 42.19 23.61 -60.34
N LEU O 90 41.22 24.44 -60.72
CA LEU O 90 41.19 25.00 -62.07
C LEU O 90 42.20 26.12 -62.21
N LEU O 91 42.45 26.88 -61.14
CA LEU O 91 43.50 27.88 -61.18
C LEU O 91 44.87 27.25 -61.41
N ALA O 92 45.15 26.17 -60.68
CA ALA O 92 46.40 25.45 -60.86
C ALA O 92 46.44 24.65 -62.15
N ALA O 93 45.32 24.53 -62.85
CA ALA O 93 45.24 23.73 -64.06
C ALA O 93 45.42 24.54 -65.33
N GLY O 94 45.69 25.83 -65.23
CA GLY O 94 45.98 26.62 -66.41
C GLY O 94 47.36 26.29 -66.96
N THR O 95 47.61 26.77 -68.17
CA THR O 95 48.89 26.49 -68.81
C THR O 95 50.02 26.96 -67.92
N LYS O 96 51.00 26.09 -67.72
CA LYS O 96 52.15 26.45 -66.90
C LYS O 96 52.80 27.70 -67.47
N GLY O 97 53.16 28.62 -66.59
CA GLY O 97 53.64 29.92 -66.99
C GLY O 97 52.56 30.91 -67.33
N LYS O 98 51.29 30.52 -67.20
CA LYS O 98 50.17 31.40 -67.47
C LYS O 98 49.13 31.32 -66.36
N ARG O 99 49.57 31.01 -65.15
CA ARG O 99 48.73 31.03 -63.97
C ARG O 99 49.12 32.24 -63.14
N TYR O 100 48.15 33.11 -62.85
CA TYR O 100 48.40 34.34 -62.13
C TYR O 100 47.45 34.44 -60.94
N ALA O 101 47.90 35.15 -59.92
CA ALA O 101 47.08 35.49 -58.77
C ALA O 101 47.18 36.99 -58.54
N LEU O 102 46.05 37.63 -58.38
CA LEU O 102 46.06 39.04 -58.03
C LEU O 102 46.65 39.19 -56.63
N PRO O 103 47.29 40.31 -56.34
CA PRO O 103 48.12 40.38 -55.13
C PRO O 103 47.39 40.02 -53.86
N HIS O 104 46.12 40.37 -53.74
CA HIS O 104 45.36 40.17 -52.51
C HIS O 104 44.43 38.98 -52.58
N ALA O 105 44.58 38.12 -53.57
CA ALA O 105 43.79 36.90 -53.65
C ALA O 105 44.19 35.94 -52.54
N ARG O 106 43.31 35.00 -52.26
CA ARG O 106 43.55 34.00 -51.24
C ARG O 106 43.20 32.63 -51.79
N ILE O 107 44.09 31.68 -51.58
CA ILE O 107 43.89 30.31 -52.02
C ILE O 107 43.56 29.46 -50.81
N LEU O 108 42.80 28.40 -51.03
CA LEU O 108 42.42 27.48 -49.96
C LEU O 108 42.44 26.07 -50.49
N MET O 109 43.14 25.19 -49.79
CA MET O 109 43.24 23.78 -50.16
C MET O 109 42.73 22.93 -49.01
N HIS O 110 41.83 22.01 -49.32
CA HIS O 110 41.28 21.09 -48.32
C HIS O 110 40.74 19.87 -49.03
N GLN O 111 40.61 18.79 -48.27
CA GLN O 111 40.17 17.54 -48.85
C GLN O 111 38.69 17.59 -49.16
N PRO O 112 38.21 16.73 -50.07
CA PRO O 112 36.83 16.83 -50.52
C PRO O 112 35.83 16.57 -49.40
N LEU O 113 34.66 17.16 -49.55
CA LEU O 113 33.51 16.88 -48.71
C LEU O 113 32.54 15.94 -49.42
N GLY O 114 31.66 15.34 -48.65
CA GLY O 114 30.71 14.41 -49.24
C GLY O 114 29.73 13.93 -48.19
N GLY O 115 28.94 12.92 -48.58
CA GLY O 115 27.99 12.37 -47.66
C GLY O 115 27.63 10.93 -47.98
N VAL O 116 27.43 10.11 -46.96
CA VAL O 116 27.13 8.70 -47.14
C VAL O 116 25.72 8.43 -46.63
N THR O 117 24.98 7.61 -47.36
CA THR O 117 23.62 7.27 -47.00
C THR O 117 23.26 5.91 -47.57
N GLY O 118 22.22 5.32 -47.02
CA GLY O 118 21.71 4.05 -47.53
C GLY O 118 22.21 2.87 -46.74
N SER O 119 21.91 1.68 -47.27
CA SER O 119 22.29 0.44 -46.62
C SER O 119 23.80 0.35 -46.48
N ALA O 120 24.23 -0.64 -45.71
CA ALA O 120 25.65 -0.79 -45.41
C ALA O 120 26.45 -1.11 -46.67
N ALA O 121 25.91 -1.94 -47.57
CA ALA O 121 26.62 -2.26 -48.79
C ALA O 121 26.82 -1.01 -49.66
N ASP O 122 25.77 -0.19 -49.78
CA ASP O 122 25.89 1.04 -50.54
C ASP O 122 26.92 1.96 -49.91
N ILE O 123 26.96 2.02 -48.59
CA ILE O 123 27.95 2.86 -47.92
C ILE O 123 29.35 2.33 -48.18
N ALA O 124 29.50 1.02 -48.27
CA ALA O 124 30.80 0.45 -48.61
C ALA O 124 31.24 0.91 -50.00
N ILE O 125 30.33 0.85 -50.97
CA ILE O 125 30.67 1.28 -52.32
C ILE O 125 31.02 2.77 -52.34
N GLN O 126 30.24 3.57 -51.61
CA GLN O 126 30.49 5.01 -51.57
C GLN O 126 31.85 5.31 -50.95
N ALA O 127 32.21 4.59 -49.89
CA ALA O 127 33.52 4.81 -49.27
C ALA O 127 34.64 4.43 -50.22
N GLU O 128 34.47 3.33 -50.95
CA GLU O 128 35.49 2.96 -51.93
C GLU O 128 35.67 4.05 -52.97
N GLN O 129 34.57 4.57 -53.51
CA GLN O 129 34.68 5.61 -54.53
C GLN O 129 35.25 6.89 -53.95
N PHE O 130 34.94 7.18 -52.69
CA PHE O 130 35.54 8.33 -52.02
C PHE O 130 37.06 8.19 -52.00
N ALA O 131 37.55 7.00 -51.65
CA ALA O 131 38.98 6.79 -51.64
C ALA O 131 39.57 7.02 -53.03
N VAL O 132 38.90 6.51 -54.06
CA VAL O 132 39.39 6.68 -55.43
C VAL O 132 39.51 8.16 -55.76
N ILE O 133 38.45 8.93 -55.49
CA ILE O 133 38.43 10.34 -55.83
C ILE O 133 39.51 11.08 -55.06
N LYS O 134 39.67 10.79 -53.78
CA LYS O 134 40.68 11.45 -52.97
C LYS O 134 42.06 11.22 -53.55
N LYS O 135 42.38 9.96 -53.89
CA LYS O 135 43.69 9.66 -54.44
C LYS O 135 43.92 10.40 -55.74
N GLU O 136 42.92 10.41 -56.63
CA GLU O 136 43.10 11.09 -57.91
C GLU O 136 43.29 12.59 -57.73
N MET O 137 42.50 13.20 -56.85
CA MET O 137 42.62 14.64 -56.65
C MET O 137 43.98 15.01 -56.07
N PHE O 138 44.45 14.23 -55.09
CA PHE O 138 45.77 14.50 -54.53
C PHE O 138 46.86 14.34 -55.57
N ARG O 139 46.75 13.31 -56.41
CA ARG O 139 47.72 13.11 -57.48
C ARG O 139 47.75 14.30 -58.42
N LEU O 140 46.57 14.75 -58.85
CA LEU O 140 46.51 15.86 -59.80
C LEU O 140 47.04 17.15 -59.19
N ASN O 141 46.70 17.41 -57.93
CA ASN O 141 47.22 18.60 -57.27
C ASN O 141 48.74 18.54 -57.14
N ALA O 142 49.27 17.36 -56.82
CA ALA O 142 50.71 17.20 -56.76
C ALA O 142 51.35 17.48 -58.10
N GLU O 143 50.71 17.01 -59.18
CA GLU O 143 51.25 17.26 -60.51
C GLU O 143 51.24 18.74 -60.84
N PHE O 144 50.15 19.44 -60.47
CA PHE O 144 50.06 20.85 -60.78
C PHE O 144 51.10 21.66 -60.01
N THR O 145 51.16 21.46 -58.69
CA THR O 145 52.01 22.29 -57.85
C THR O 145 53.46 21.82 -57.80
N GLY O 146 53.76 20.63 -58.28
CA GLY O 146 55.11 20.11 -58.22
C GLY O 146 55.51 19.54 -56.88
N GLN O 147 54.61 19.48 -55.92
CA GLN O 147 54.93 18.95 -54.61
C GLN O 147 54.75 17.45 -54.58
N PRO O 148 55.41 16.77 -53.63
CA PRO O 148 55.16 15.34 -53.46
C PRO O 148 53.73 15.07 -53.02
N ILE O 149 53.22 13.90 -53.41
CA ILE O 149 51.84 13.54 -53.08
C ILE O 149 51.65 13.45 -51.58
N GLU O 150 52.67 13.03 -50.85
CA GLU O 150 52.56 12.96 -49.40
C GLU O 150 52.33 14.33 -48.79
N ARG O 151 53.04 15.35 -49.28
CA ARG O 151 52.85 16.70 -48.77
C ARG O 151 51.45 17.20 -49.06
N ILE O 152 50.95 16.98 -50.27
CA ILE O 152 49.62 17.43 -50.64
C ILE O 152 48.58 16.73 -49.76
N GLU O 153 48.79 15.45 -49.49
CA GLU O 153 47.87 14.72 -48.61
C GLU O 153 47.89 15.28 -47.21
N ALA O 154 49.08 15.60 -46.70
CA ALA O 154 49.19 16.09 -45.32
C ALA O 154 48.59 17.48 -45.17
N ASP O 155 48.86 18.38 -46.12
CA ASP O 155 48.42 19.75 -46.02
C ASP O 155 46.95 19.95 -46.33
N SER O 156 46.28 18.96 -46.93
CA SER O 156 44.88 19.07 -47.29
C SER O 156 43.96 18.44 -46.25
N ASP O 157 44.50 17.95 -45.14
CA ASP O 157 43.67 17.35 -44.10
C ASP O 157 42.59 18.33 -43.64
N ARG O 158 42.99 19.53 -43.25
CA ARG O 158 42.08 20.60 -42.90
C ARG O 158 42.29 21.75 -43.88
N ASP O 159 41.58 22.84 -43.64
CA ASP O 159 41.69 24.00 -44.50
C ASP O 159 43.09 24.59 -44.39
N ARG O 160 43.77 24.71 -45.52
CA ARG O 160 45.09 25.33 -45.59
C ARG O 160 44.98 26.56 -46.47
N TRP O 161 45.17 27.73 -45.89
CA TRP O 161 45.04 29.00 -46.58
C TRP O 161 46.40 29.47 -47.05
N PHE O 162 46.41 30.12 -48.21
CA PHE O 162 47.61 30.73 -48.78
C PHE O 162 47.29 32.15 -49.20
N THR O 163 48.29 33.01 -49.08
CA THR O 163 48.27 34.30 -49.73
C THR O 163 48.71 34.13 -51.18
N ALA O 164 48.82 35.25 -51.90
CA ALA O 164 49.36 35.18 -53.25
C ALA O 164 50.82 34.75 -53.24
N ALA O 165 51.62 35.30 -52.31
CA ALA O 165 53.04 34.97 -52.26
C ALA O 165 53.25 33.52 -51.84
N GLU O 166 52.52 33.07 -50.82
CA GLU O 166 52.62 31.67 -50.41
C GLU O 166 52.16 30.75 -51.53
N ALA O 167 51.12 31.16 -52.27
CA ALA O 167 50.66 30.36 -53.40
C ALA O 167 51.74 30.26 -54.47
N LEU O 168 52.43 31.36 -54.74
CA LEU O 168 53.53 31.33 -55.68
C LEU O 168 54.63 30.39 -55.20
N GLU O 169 54.94 30.44 -53.91
CA GLU O 169 55.99 29.58 -53.37
C GLU O 169 55.61 28.11 -53.46
N TYR O 170 54.36 27.79 -53.13
CA TYR O 170 53.90 26.40 -53.20
C TYR O 170 53.94 25.89 -54.63
N GLY O 171 53.32 26.62 -55.55
CA GLY O 171 53.29 26.22 -56.95
C GLY O 171 51.94 26.36 -57.61
N PHE O 172 50.95 26.90 -56.89
CA PHE O 172 49.63 27.05 -57.47
C PHE O 172 49.65 27.98 -58.67
N VAL O 173 50.42 29.06 -58.59
CA VAL O 173 50.46 30.09 -59.61
C VAL O 173 51.91 30.34 -59.99
N ASP O 174 52.09 31.02 -61.13
CA ASP O 174 53.40 31.28 -61.68
C ASP O 174 53.84 32.73 -61.57
N HIS O 175 52.91 33.68 -61.51
CA HIS O 175 53.24 35.08 -61.35
C HIS O 175 52.23 35.73 -60.43
N ILE O 176 52.43 37.01 -60.15
CA ILE O 176 51.53 37.82 -59.35
C ILE O 176 51.35 39.13 -60.11
N ILE O 177 50.19 39.31 -60.75
CA ILE O 177 49.99 40.46 -61.60
C ILE O 177 50.15 41.73 -60.79
N THR O 178 50.89 42.68 -61.34
CA THR O 178 51.02 44.00 -60.73
C THR O 178 51.42 44.95 -61.85
N ARG O 179 50.55 45.91 -62.16
CA ARG O 179 50.81 46.86 -63.25
C ARG O 179 52.10 47.63 -63.02
N LEU P 1 16.21 43.85 -70.35
CA LEU P 1 16.79 45.18 -70.42
C LEU P 1 15.81 46.22 -69.90
N SER P 2 15.50 46.14 -68.61
CA SER P 2 14.56 47.08 -68.02
C SER P 2 15.09 48.51 -68.14
N LEU P 3 14.22 49.46 -67.80
CA LEU P 3 14.63 50.86 -67.81
C LEU P 3 15.88 51.07 -66.97
N THR P 4 15.97 50.38 -65.83
CA THR P 4 17.16 50.47 -64.99
C THR P 4 18.40 50.05 -65.77
N ASP P 5 18.32 48.91 -66.46
CA ASP P 5 19.48 48.42 -67.17
C ASP P 5 19.80 49.30 -68.37
N SER P 6 18.78 49.85 -69.02
CA SER P 6 19.05 50.79 -70.10
C SER P 6 19.81 52.01 -69.59
N VAL P 7 19.38 52.55 -68.45
CA VAL P 7 20.05 53.72 -67.89
C VAL P 7 21.49 53.38 -67.50
N TYR P 8 21.68 52.23 -66.86
CA TYR P 8 23.03 51.85 -66.44
C TYR P 8 23.93 51.62 -67.64
N GLU P 9 23.41 51.00 -68.70
CA GLU P 9 24.21 50.81 -69.90
C GLU P 9 24.57 52.15 -70.53
N ARG P 10 23.61 53.07 -70.58
CA ARG P 10 23.88 54.38 -71.16
C ARG P 10 24.96 55.11 -70.37
N LEU P 11 24.91 55.01 -69.03
CA LEU P 11 25.94 55.62 -68.22
C LEU P 11 27.29 54.94 -68.45
N LEU P 12 27.30 53.61 -68.47
CA LEU P 12 28.54 52.88 -68.73
C LEU P 12 29.18 53.35 -70.02
N SER P 13 28.36 53.71 -71.01
CA SER P 13 28.90 54.30 -72.23
C SER P 13 29.65 55.59 -71.96
N GLU P 14 29.40 56.24 -70.83
CA GLU P 14 30.13 57.43 -70.42
C GLU P 14 31.18 57.11 -69.35
N ARG P 15 31.41 55.83 -69.05
CA ARG P 15 32.44 55.41 -68.09
C ARG P 15 32.06 55.77 -66.66
N ILE P 16 30.82 55.47 -66.28
CA ILE P 16 30.34 55.65 -64.92
C ILE P 16 29.80 54.31 -64.43
N ILE P 17 30.28 53.85 -63.28
CA ILE P 17 29.82 52.61 -62.70
C ILE P 17 29.11 52.95 -61.39
N PHE P 18 28.36 51.97 -60.88
CA PHE P 18 27.65 52.12 -59.63
C PHE P 18 27.88 50.89 -58.76
N LEU P 19 27.99 51.11 -57.46
CA LEU P 19 28.04 50.07 -56.44
C LEU P 19 27.01 50.47 -55.40
N GLY P 20 25.77 50.02 -55.60
CA GLY P 20 24.67 50.48 -54.78
C GLY P 20 24.02 49.40 -53.93
N SER P 21 24.75 48.33 -53.64
CA SER P 21 24.21 47.25 -52.82
C SER P 21 25.33 46.63 -52.01
N GLU P 22 24.97 45.72 -51.12
CA GLU P 22 25.96 44.95 -50.39
C GLU P 22 26.86 44.22 -51.36
N VAL P 23 28.17 44.28 -51.10
CA VAL P 23 29.14 43.68 -52.00
C VAL P 23 29.11 42.17 -51.83
N ASN P 24 28.44 41.48 -52.74
CA ASN P 24 28.44 40.04 -52.82
C ASN P 24 29.48 39.60 -53.84
N ASP P 25 29.46 38.31 -54.18
CA ASP P 25 30.30 37.83 -55.27
C ASP P 25 29.77 38.28 -56.62
N GLU P 26 28.44 38.33 -56.76
CA GLU P 26 27.86 38.71 -58.05
C GLU P 26 28.16 40.15 -58.39
N ILE P 27 27.89 41.07 -57.46
CA ILE P 27 28.12 42.48 -57.70
C ILE P 27 29.60 42.72 -57.97
N ALA P 28 30.47 42.06 -57.20
CA ALA P 28 31.90 42.26 -57.38
C ALA P 28 32.36 41.73 -58.73
N ASN P 29 31.87 40.57 -59.14
CA ASN P 29 32.25 40.03 -60.44
C ASN P 29 31.78 40.94 -61.57
N ARG P 30 30.56 41.45 -61.47
CA ARG P 30 30.06 42.35 -62.49
C ARG P 30 30.86 43.64 -62.53
N LEU P 31 31.22 44.15 -61.35
CA LEU P 31 32.04 45.35 -61.25
C LEU P 31 33.42 45.15 -61.87
N CYS P 32 34.05 44.02 -61.57
CA CYS P 32 35.35 43.74 -62.18
C CYS P 32 35.23 43.59 -63.68
N ALA P 33 34.16 42.95 -64.15
CA ALA P 33 33.96 42.83 -65.59
C ALA P 33 33.79 44.20 -66.23
N GLN P 34 33.02 45.08 -65.60
CA GLN P 34 32.83 46.42 -66.15
C GLN P 34 34.14 47.18 -66.18
N ILE P 35 34.96 47.05 -65.14
CA ILE P 35 36.24 47.75 -65.13
C ILE P 35 37.15 47.21 -66.23
N LEU P 36 37.20 45.89 -66.41
CA LEU P 36 38.00 45.32 -67.48
C LEU P 36 37.53 45.81 -68.85
N LEU P 37 36.21 45.83 -69.05
CA LEU P 37 35.65 46.29 -70.31
C LEU P 37 35.99 47.76 -70.56
N LEU P 38 35.84 48.60 -69.55
CA LEU P 38 36.15 50.01 -69.72
C LEU P 38 37.62 50.23 -69.99
N ALA P 39 38.49 49.51 -69.29
CA ALA P 39 39.92 49.62 -69.56
C ALA P 39 40.25 49.19 -70.97
N ALA P 40 39.62 48.12 -71.45
CA ALA P 40 39.84 47.68 -72.82
C ALA P 40 39.38 48.72 -73.82
N GLU P 41 38.22 49.34 -73.57
CA GLU P 41 37.70 50.32 -74.52
C GLU P 41 38.65 51.49 -74.68
N ASP P 42 39.19 51.98 -73.58
CA ASP P 42 40.18 53.05 -73.61
C ASP P 42 40.85 53.11 -72.24
N ALA P 43 42.19 53.05 -72.23
CA ALA P 43 42.96 53.00 -71.00
C ALA P 43 43.53 54.35 -70.60
N SER P 44 42.89 55.43 -71.02
CA SER P 44 43.34 56.78 -70.68
C SER P 44 42.31 57.55 -69.87
N LYS P 45 41.05 57.52 -70.28
CA LYS P 45 40.02 58.24 -69.55
C LYS P 45 39.80 57.60 -68.18
N ASP P 46 39.23 58.38 -67.27
CA ASP P 46 38.99 57.91 -65.92
C ASP P 46 37.70 57.11 -65.86
N ILE P 47 37.53 56.39 -64.75
CA ILE P 47 36.33 55.63 -64.47
C ILE P 47 35.76 56.13 -63.15
N SER P 48 34.49 56.50 -63.16
CA SER P 48 33.83 57.03 -61.97
C SER P 48 33.00 55.93 -61.32
N LEU P 49 33.27 55.66 -60.06
CA LEU P 49 32.58 54.62 -59.30
C LEU P 49 31.81 55.30 -58.17
N TYR P 50 30.49 55.24 -58.23
CA TYR P 50 29.64 55.80 -57.19
C TYR P 50 29.28 54.71 -56.20
N ILE P 51 29.49 54.98 -54.91
CA ILE P 51 29.40 53.98 -53.86
C ILE P 51 28.25 54.35 -52.94
N ASN P 52 27.31 53.42 -52.78
CA ASN P 52 26.18 53.58 -51.88
C ASN P 52 25.90 52.27 -51.16
N SER P 53 26.96 51.62 -50.66
CA SER P 53 26.83 50.27 -50.14
C SER P 53 26.78 50.25 -48.62
N PRO P 54 26.04 49.32 -48.02
CA PRO P 54 26.01 49.23 -46.55
C PRO P 54 27.11 48.37 -45.97
N GLY P 55 27.64 47.45 -46.76
CA GLY P 55 28.66 46.55 -46.27
C GLY P 55 29.16 45.63 -47.35
N GLY P 56 29.36 44.36 -47.03
CA GLY P 56 29.72 43.37 -48.02
C GLY P 56 30.74 42.41 -47.48
N SER P 57 31.26 41.58 -48.37
CA SER P 57 32.24 40.56 -48.04
C SER P 57 33.65 41.05 -48.34
N ILE P 58 34.62 40.54 -47.58
CA ILE P 58 36.00 40.98 -47.75
C ILE P 58 36.57 40.45 -49.07
N SER P 59 36.32 39.19 -49.39
CA SER P 59 36.92 38.61 -50.59
C SER P 59 36.42 39.30 -51.86
N ALA P 60 35.12 39.56 -51.93
CA ALA P 60 34.58 40.28 -53.09
C ALA P 60 35.15 41.69 -53.17
N GLY P 61 35.22 42.37 -52.03
CA GLY P 61 35.80 43.70 -52.02
C GLY P 61 37.25 43.70 -52.47
N MET P 62 37.99 42.66 -52.11
CA MET P 62 39.39 42.58 -52.51
C MET P 62 39.52 42.26 -54.00
N ALA P 63 38.62 41.45 -54.53
CA ALA P 63 38.56 41.28 -55.98
C ALA P 63 38.40 42.62 -56.66
N ILE P 64 37.42 43.40 -56.23
CA ILE P 64 37.22 44.73 -56.82
C ILE P 64 38.45 45.58 -56.63
N TYR P 65 39.05 45.53 -55.45
CA TYR P 65 40.19 46.39 -55.14
C TYR P 65 41.35 46.10 -56.07
N ASP P 66 41.66 44.82 -56.28
CA ASP P 66 42.74 44.49 -57.20
C ASP P 66 42.40 44.92 -58.61
N THR P 67 41.14 44.76 -59.02
CA THR P 67 40.78 45.19 -60.36
C THR P 67 40.99 46.69 -60.53
N MET P 68 40.60 47.50 -59.55
CA MET P 68 40.84 48.94 -59.63
C MET P 68 42.33 49.24 -59.63
N VAL P 69 43.08 48.61 -58.75
CA VAL P 69 44.50 48.92 -58.62
C VAL P 69 45.25 48.59 -59.90
N LEU P 70 44.90 47.46 -60.53
CA LEU P 70 45.66 46.95 -61.65
C LEU P 70 45.14 47.45 -62.99
N ALA P 71 44.04 48.21 -63.01
CA ALA P 71 43.56 48.76 -64.24
C ALA P 71 44.50 49.87 -64.72
N PRO P 72 44.60 50.09 -66.04
CA PRO P 72 45.51 51.11 -66.55
C PRO P 72 44.99 52.53 -66.48
N CYS P 73 43.79 52.75 -65.95
CA CYS P 73 43.19 54.07 -65.88
C CYS P 73 43.02 54.49 -64.43
N ASP P 74 42.87 55.80 -64.24
CA ASP P 74 42.67 56.36 -62.91
C ASP P 74 41.19 56.27 -62.55
N ILE P 75 40.90 55.68 -61.40
CA ILE P 75 39.53 55.42 -60.98
C ILE P 75 39.18 56.40 -59.87
N ALA P 76 38.25 57.30 -60.17
CA ALA P 76 37.69 58.22 -59.20
C ALA P 76 36.54 57.54 -58.49
N THR P 77 36.43 57.77 -57.19
CA THR P 77 35.40 57.14 -56.38
C THR P 77 34.62 58.20 -55.63
N TYR P 78 33.31 58.23 -55.82
CA TYR P 78 32.42 59.16 -55.15
C TYR P 78 31.61 58.42 -54.09
N ALA P 79 31.49 59.03 -52.92
CA ALA P 79 30.69 58.49 -51.84
C ALA P 79 29.40 59.30 -51.76
N MET P 80 28.31 58.66 -52.18
CA MET P 80 27.00 59.29 -52.19
C MET P 80 26.07 58.46 -51.33
N GLY P 81 25.39 59.10 -50.40
CA GLY P 81 24.47 58.40 -49.54
C GLY P 81 25.14 57.71 -48.38
N MET P 82 25.81 56.60 -48.65
CA MET P 82 26.40 55.80 -47.59
C MET P 82 27.60 55.06 -48.15
N ALA P 83 28.64 54.95 -47.34
CA ALA P 83 29.83 54.16 -47.68
C ALA P 83 30.27 53.50 -46.38
N ALA P 84 29.77 52.30 -46.14
CA ALA P 84 29.98 51.59 -44.89
C ALA P 84 30.74 50.31 -45.14
N SER P 85 31.71 50.02 -44.26
CA SER P 85 32.49 48.79 -44.29
C SER P 85 33.17 48.71 -45.66
N MET P 86 32.96 47.66 -46.45
CA MET P 86 33.72 47.50 -47.68
C MET P 86 33.58 48.72 -48.58
N GLY P 87 32.37 49.27 -48.67
CA GLY P 87 32.19 50.47 -49.47
C GLY P 87 33.21 51.53 -49.10
N GLU P 88 33.28 51.87 -47.82
CA GLU P 88 34.27 52.85 -47.37
C GLU P 88 35.65 52.45 -47.85
N PHE P 89 36.02 51.19 -47.62
CA PHE P 89 37.31 50.69 -48.10
C PHE P 89 37.50 51.06 -49.56
N LEU P 90 36.56 50.62 -50.41
CA LEU P 90 36.69 50.89 -51.83
C LEU P 90 36.67 52.39 -52.10
N LEU P 91 35.87 53.14 -51.36
CA LEU P 91 35.87 54.58 -51.52
C LEU P 91 37.24 55.16 -51.24
N ALA P 92 37.91 54.66 -50.20
CA ALA P 92 39.26 55.13 -49.91
C ALA P 92 40.27 54.59 -50.92
N ALA P 93 39.93 53.52 -51.64
CA ALA P 93 40.89 52.90 -52.54
C ALA P 93 41.02 53.63 -53.87
N GLY P 94 40.09 54.52 -54.21
CA GLY P 94 40.19 55.24 -55.45
C GLY P 94 41.49 55.99 -55.57
N THR P 95 41.76 56.48 -56.77
CA THR P 95 43.01 57.18 -57.00
C THR P 95 43.16 58.34 -56.03
N LYS P 96 44.30 58.41 -55.36
CA LYS P 96 44.57 59.53 -54.49
C LYS P 96 44.52 60.82 -55.30
N GLY P 97 43.81 61.81 -54.77
CA GLY P 97 43.46 63.00 -55.49
C GLY P 97 42.14 62.91 -56.22
N LYS P 98 41.53 61.72 -56.25
CA LYS P 98 40.32 61.49 -57.03
C LYS P 98 39.23 60.83 -56.20
N ARG P 99 39.33 60.87 -54.89
CA ARG P 99 38.29 60.40 -53.99
C ARG P 99 37.43 61.57 -53.55
N TYR P 100 36.12 61.46 -53.74
CA TYR P 100 35.17 62.51 -53.48
C TYR P 100 34.07 62.03 -52.57
N ALA P 101 33.51 62.94 -51.79
CA ALA P 101 32.37 62.66 -50.94
C ALA P 101 31.33 63.72 -51.17
N LEU P 102 30.10 63.31 -51.49
CA LEU P 102 29.05 64.28 -51.59
C LEU P 102 28.84 64.93 -50.22
N PRO P 103 28.35 66.16 -50.16
CA PRO P 103 28.38 66.88 -48.88
C PRO P 103 27.69 66.15 -47.75
N HIS P 104 26.64 65.39 -48.04
CA HIS P 104 25.81 64.78 -47.02
C HIS P 104 26.00 63.27 -46.94
N ALA P 105 27.11 62.74 -47.46
CA ALA P 105 27.39 61.33 -47.34
C ALA P 105 27.75 60.99 -45.89
N ARG P 106 27.74 59.70 -45.59
CA ARG P 106 28.20 59.20 -44.30
C ARG P 106 29.08 58.00 -44.52
N ILE P 107 30.15 57.91 -43.73
CA ILE P 107 31.17 56.89 -43.89
C ILE P 107 31.31 56.15 -42.58
N LEU P 108 31.18 54.83 -42.63
CA LEU P 108 31.23 54.00 -41.44
C LEU P 108 32.47 53.12 -41.50
N MET P 109 33.24 53.13 -40.41
CA MET P 109 34.42 52.28 -40.28
C MET P 109 34.24 51.37 -39.07
N HIS P 110 34.42 50.07 -39.29
CA HIS P 110 34.34 49.12 -38.20
C HIS P 110 35.12 47.87 -38.59
N GLN P 111 35.46 47.07 -37.58
CA GLN P 111 36.23 45.87 -37.80
C GLN P 111 35.36 44.83 -38.52
N PRO P 112 35.98 43.86 -39.19
CA PRO P 112 35.21 42.87 -39.93
C PRO P 112 34.26 42.09 -39.04
N LEU P 113 33.34 41.39 -39.67
CA LEU P 113 32.44 40.46 -39.03
C LEU P 113 32.66 39.07 -39.60
N GLY P 114 32.15 38.07 -38.90
CA GLY P 114 32.35 36.70 -39.33
C GLY P 114 31.60 35.73 -38.45
N GLY P 115 31.88 34.45 -38.67
CA GLY P 115 31.26 33.40 -37.90
C GLY P 115 32.23 32.25 -37.68
N VAL P 116 31.94 31.45 -36.65
CA VAL P 116 32.79 30.35 -36.24
C VAL P 116 31.92 29.12 -36.05
N THR P 117 32.33 28.01 -36.65
CA THR P 117 31.60 26.76 -36.55
C THR P 117 32.55 25.60 -36.82
N GLY P 118 32.12 24.40 -36.44
CA GLY P 118 32.88 23.20 -36.70
C GLY P 118 33.61 22.68 -35.48
N SER P 119 34.49 21.73 -35.73
CA SER P 119 35.29 21.15 -34.68
C SER P 119 36.27 22.18 -34.12
N ALA P 120 36.95 21.81 -33.04
CA ALA P 120 37.85 22.74 -32.38
C ALA P 120 39.04 23.08 -33.28
N ALA P 121 39.57 22.10 -34.00
CA ALA P 121 40.68 22.38 -34.91
C ALA P 121 40.27 23.33 -36.03
N ASP P 122 39.09 23.10 -36.59
CA ASP P 122 38.58 23.99 -37.62
C ASP P 122 38.43 25.40 -37.08
N ILE P 123 37.93 25.53 -35.86
CA ILE P 123 37.76 26.85 -35.27
C ILE P 123 39.10 27.51 -35.05
N ALA P 124 40.12 26.73 -34.67
CA ALA P 124 41.46 27.31 -34.52
C ALA P 124 41.96 27.88 -35.84
N ILE P 125 41.80 27.13 -36.92
CA ILE P 125 42.23 27.61 -38.23
C ILE P 125 41.46 28.86 -38.61
N GLN P 126 40.16 28.88 -38.35
CA GLN P 126 39.36 30.06 -38.65
C GLN P 126 39.84 31.27 -37.87
N ALA P 127 40.21 31.08 -36.60
CA ALA P 127 40.71 32.18 -35.81
C ALA P 127 42.02 32.73 -36.37
N GLU P 128 42.93 31.85 -36.77
CA GLU P 128 44.17 32.34 -37.39
C GLU P 128 43.87 33.15 -38.64
N GLN P 129 42.99 32.64 -39.49
CA GLN P 129 42.69 33.36 -40.72
C GLN P 129 42.01 34.69 -40.43
N PHE P 130 41.15 34.72 -39.42
CA PHE P 130 40.51 35.97 -39.03
C PHE P 130 41.56 37.00 -38.63
N ALA P 131 42.54 36.59 -37.83
CA ALA P 131 43.57 37.53 -37.43
C ALA P 131 44.35 38.04 -38.63
N VAL P 132 44.66 37.15 -39.58
CA VAL P 132 45.36 37.56 -40.79
C VAL P 132 44.56 38.61 -41.55
N ILE P 133 43.28 38.33 -41.77
CA ILE P 133 42.42 39.25 -42.51
C ILE P 133 42.34 40.59 -41.81
N LYS P 134 42.16 40.56 -40.50
CA LYS P 134 42.08 41.79 -39.72
C LYS P 134 43.32 42.64 -39.90
N LYS P 135 44.49 42.02 -39.77
CA LYS P 135 45.73 42.77 -39.91
C LYS P 135 45.87 43.36 -41.30
N GLU P 136 45.54 42.59 -42.33
CA GLU P 136 45.67 43.12 -43.69
C GLU P 136 44.71 44.28 -43.93
N MET P 137 43.48 44.16 -43.41
CA MET P 137 42.51 45.23 -43.57
C MET P 137 43.00 46.51 -42.92
N PHE P 138 43.49 46.41 -41.68
CA PHE P 138 43.96 47.61 -41.01
C PHE P 138 45.18 48.18 -41.73
N ARG P 139 46.07 47.32 -42.22
CA ARG P 139 47.21 47.80 -42.97
C ARG P 139 46.76 48.63 -44.16
N LEU P 140 45.80 48.13 -44.92
CA LEU P 140 45.37 48.83 -46.12
C LEU P 140 44.61 50.12 -45.78
N ASN P 141 43.74 50.09 -44.76
CA ASN P 141 43.08 51.33 -44.38
C ASN P 141 44.09 52.38 -43.94
N ALA P 142 45.09 51.97 -43.17
CA ALA P 142 46.11 52.92 -42.74
C ALA P 142 46.85 53.50 -43.93
N GLU P 143 47.17 52.65 -44.91
CA GLU P 143 47.85 53.15 -46.09
C GLU P 143 46.99 54.13 -46.87
N PHE P 144 45.70 53.84 -47.00
CA PHE P 144 44.80 54.75 -47.72
C PHE P 144 44.67 56.07 -46.99
N THR P 145 44.36 56.02 -45.70
CA THR P 145 44.06 57.22 -44.94
C THR P 145 45.30 58.03 -44.61
N GLY P 146 46.42 57.36 -44.41
CA GLY P 146 47.61 58.00 -43.89
C GLY P 146 47.72 57.98 -42.39
N GLN P 147 46.74 57.43 -41.70
CA GLN P 147 46.79 57.31 -40.26
C GLN P 147 47.62 56.11 -39.83
N PRO P 148 48.22 56.15 -38.65
CA PRO P 148 48.93 54.96 -38.16
C PRO P 148 47.98 53.82 -37.90
N ILE P 149 48.48 52.60 -38.12
CA ILE P 149 47.63 51.42 -38.02
C ILE P 149 47.08 51.27 -36.61
N GLU P 150 47.77 51.81 -35.61
CA GLU P 150 47.27 51.74 -34.24
C GLU P 150 45.97 52.52 -34.11
N ARG P 151 45.89 53.69 -34.75
CA ARG P 151 44.66 54.45 -34.72
C ARG P 151 43.52 53.68 -35.38
N ILE P 152 43.78 53.04 -36.51
CA ILE P 152 42.74 52.27 -37.18
C ILE P 152 42.26 51.14 -36.28
N GLU P 153 43.17 50.48 -35.58
CA GLU P 153 42.77 49.54 -34.54
C GLU P 153 41.85 50.20 -33.51
N ALA P 154 42.21 51.40 -33.06
CA ALA P 154 41.43 52.05 -32.02
C ALA P 154 40.01 52.36 -32.48
N ASP P 155 39.87 52.97 -33.66
CA ASP P 155 38.58 53.44 -34.13
C ASP P 155 37.79 52.42 -34.92
N SER P 156 38.36 51.25 -35.21
CA SER P 156 37.63 50.20 -35.90
C SER P 156 37.05 49.16 -34.95
N ASP P 157 37.19 49.34 -33.64
CA ASP P 157 36.69 48.37 -32.69
C ASP P 157 35.17 48.25 -32.80
N ARG P 158 34.48 49.38 -32.80
CA ARG P 158 33.04 49.43 -32.99
C ARG P 158 32.76 50.42 -34.11
N ASP P 159 31.48 50.57 -34.44
CA ASP P 159 31.10 51.45 -35.52
C ASP P 159 31.62 52.86 -35.25
N ARG P 160 32.20 53.47 -36.28
CA ARG P 160 32.68 54.83 -36.20
C ARG P 160 32.16 55.58 -37.42
N TRP P 161 31.32 56.57 -37.18
CA TRP P 161 30.63 57.30 -38.24
C TRP P 161 31.32 58.62 -38.51
N PHE P 162 31.38 58.98 -39.78
CA PHE P 162 32.00 60.20 -40.26
C PHE P 162 31.03 60.93 -41.17
N THR P 163 30.98 62.24 -41.02
CA THR P 163 30.38 63.09 -42.03
C THR P 163 31.38 63.31 -43.15
N ALA P 164 31.02 64.10 -44.15
CA ALA P 164 31.95 64.39 -45.23
C ALA P 164 33.19 65.11 -44.72
N ALA P 165 32.99 66.11 -43.85
CA ALA P 165 34.12 66.87 -43.34
C ALA P 165 35.02 66.02 -42.44
N GLU P 166 34.43 65.23 -41.57
CA GLU P 166 35.24 64.36 -40.71
C GLU P 166 36.02 63.35 -41.53
N ALA P 167 35.40 62.78 -42.56
CA ALA P 167 36.11 61.85 -43.42
C ALA P 167 37.25 62.54 -44.16
N LEU P 168 37.01 63.76 -44.63
CA LEU P 168 38.06 64.50 -45.32
C LEU P 168 39.25 64.75 -44.40
N GLU P 169 38.97 65.14 -43.15
CA GLU P 169 40.06 65.32 -42.18
C GLU P 169 40.79 64.01 -41.92
N TYR P 170 40.03 62.92 -41.71
CA TYR P 170 40.66 61.63 -41.47
C TYR P 170 41.57 61.23 -42.62
N GLY P 171 41.04 61.27 -43.84
CA GLY P 171 41.84 60.98 -45.01
C GLY P 171 41.14 60.08 -46.00
N PHE P 172 39.89 59.72 -45.73
CA PHE P 172 39.18 58.82 -46.63
C PHE P 172 39.03 59.44 -48.01
N VAL P 173 38.69 60.72 -48.07
CA VAL P 173 38.43 61.40 -49.32
C VAL P 173 39.38 62.57 -49.45
N ASP P 174 39.41 63.15 -50.65
CA ASP P 174 40.29 64.26 -50.95
C ASP P 174 39.54 65.55 -51.24
N HIS P 175 38.27 65.48 -51.61
CA HIS P 175 37.49 66.68 -51.85
C HIS P 175 36.04 66.40 -51.51
N ILE P 176 35.31 67.48 -51.27
CA ILE P 176 33.86 67.44 -51.10
C ILE P 176 33.28 68.30 -52.21
N ILE P 177 32.44 67.70 -53.04
CA ILE P 177 31.95 68.35 -54.25
C ILE P 177 30.67 69.09 -53.92
N THR P 178 30.62 70.37 -54.31
CA THR P 178 29.47 71.21 -54.02
C THR P 178 29.03 71.99 -55.25
N LEU Q 1 10.76 46.71 -74.27
CA LEU Q 1 10.54 46.74 -72.84
C LEU Q 1 9.08 46.47 -72.52
N SER Q 2 8.74 46.50 -71.24
CA SER Q 2 7.35 46.37 -70.84
C SER Q 2 6.62 47.69 -71.07
N LEU Q 3 5.29 47.63 -71.04
CA LEU Q 3 4.50 48.83 -71.28
C LEU Q 3 4.84 49.91 -70.25
N THR Q 4 4.91 49.53 -68.98
CA THR Q 4 5.28 50.50 -67.95
C THR Q 4 6.66 51.07 -68.22
N ASP Q 5 7.63 50.20 -68.49
CA ASP Q 5 8.98 50.67 -68.76
C ASP Q 5 9.03 51.48 -70.03
N SER Q 6 8.23 51.12 -71.03
CA SER Q 6 8.21 51.90 -72.26
C SER Q 6 7.70 53.32 -72.02
N VAL Q 7 6.62 53.44 -71.27
CA VAL Q 7 6.09 54.76 -70.94
C VAL Q 7 7.12 55.55 -70.15
N TYR Q 8 7.78 54.90 -69.20
CA TYR Q 8 8.75 55.60 -68.36
C TYR Q 8 9.94 56.07 -69.19
N GLU Q 9 10.41 55.24 -70.11
CA GLU Q 9 11.52 55.65 -70.97
C GLU Q 9 11.09 56.81 -71.87
N ARG Q 10 9.88 56.74 -72.42
CA ARG Q 10 9.41 57.83 -73.27
C ARG Q 10 9.35 59.13 -72.50
N LEU Q 11 8.89 59.09 -71.25
CA LEU Q 11 8.86 60.30 -70.44
C LEU Q 11 10.27 60.78 -70.11
N LEU Q 12 11.14 59.87 -69.71
CA LEU Q 12 12.52 60.23 -69.41
C LEU Q 12 13.17 60.92 -70.60
N SER Q 13 12.75 60.56 -71.81
CA SER Q 13 13.20 61.30 -72.98
C SER Q 13 12.68 62.73 -73.00
N GLU Q 14 11.71 63.06 -72.15
CA GLU Q 14 11.20 64.41 -71.99
C GLU Q 14 11.66 65.06 -70.69
N ARG Q 15 12.56 64.41 -69.96
CA ARG Q 15 13.09 64.92 -68.71
C ARG Q 15 12.05 64.87 -67.59
N ILE Q 16 11.30 63.78 -67.54
CA ILE Q 16 10.32 63.56 -66.49
C ILE Q 16 10.67 62.26 -65.79
N ILE Q 17 11.04 62.34 -64.52
CA ILE Q 17 11.31 61.18 -63.72
C ILE Q 17 10.10 60.93 -62.82
N PHE Q 18 10.10 59.79 -62.15
CA PHE Q 18 9.04 59.45 -61.23
C PHE Q 18 9.62 58.83 -59.97
N LEU Q 19 9.06 59.18 -58.83
CA LEU Q 19 9.43 58.61 -57.54
C LEU Q 19 8.13 58.14 -56.90
N GLY Q 20 7.71 56.92 -57.23
CA GLY Q 20 6.39 56.44 -56.87
C GLY Q 20 6.39 55.22 -55.97
N SER Q 21 7.32 55.15 -55.04
CA SER Q 21 7.36 54.05 -54.07
C SER Q 21 8.28 54.46 -52.94
N GLU Q 22 8.43 53.57 -51.97
CA GLU Q 22 9.28 53.86 -50.81
C GLU Q 22 10.72 54.07 -51.26
N VAL Q 23 11.34 55.14 -50.77
CA VAL Q 23 12.72 55.41 -51.12
C VAL Q 23 13.61 54.38 -50.44
N ASN Q 24 14.31 53.59 -51.24
CA ASN Q 24 15.28 52.64 -50.72
C ASN Q 24 16.56 52.76 -51.53
N ASP Q 25 17.50 51.84 -51.31
CA ASP Q 25 18.78 51.94 -52.02
C ASP Q 25 18.59 51.78 -53.52
N GLU Q 26 17.75 50.83 -53.94
CA GLU Q 26 17.60 50.56 -55.37
C GLU Q 26 16.96 51.75 -56.08
N ILE Q 27 15.84 52.26 -55.55
CA ILE Q 27 15.18 53.38 -56.20
C ILE Q 27 16.07 54.61 -56.17
N ALA Q 28 16.78 54.83 -55.07
CA ALA Q 28 17.66 55.99 -55.01
C ALA Q 28 18.75 55.90 -56.05
N ASN Q 29 19.36 54.73 -56.22
CA ASN Q 29 20.41 54.60 -57.22
C ASN Q 29 19.86 54.78 -58.62
N ARG Q 30 18.66 54.26 -58.88
CA ARG Q 30 18.04 54.47 -60.20
C ARG Q 30 17.80 55.95 -60.45
N LEU Q 31 17.24 56.65 -59.47
CA LEU Q 31 16.97 58.08 -59.62
C LEU Q 31 18.25 58.86 -59.84
N CYS Q 32 19.30 58.53 -59.09
CA CYS Q 32 20.57 59.22 -59.26
C CYS Q 32 21.16 58.97 -60.64
N ALA Q 33 21.07 57.73 -61.12
CA ALA Q 33 21.54 57.44 -62.47
C ALA Q 33 20.77 58.24 -63.51
N GLN Q 34 19.44 58.31 -63.34
CA GLN Q 34 18.62 59.05 -64.29
C GLN Q 34 18.97 60.53 -64.28
N ILE Q 35 19.20 61.11 -63.11
CA ILE Q 35 19.55 62.51 -63.04
C ILE Q 35 20.93 62.75 -63.66
N LEU Q 36 21.88 61.86 -63.39
CA LEU Q 36 23.21 62.00 -63.98
C LEU Q 36 23.12 61.95 -65.50
N LEU Q 37 22.36 61.00 -66.03
CA LEU Q 37 22.23 60.85 -67.47
C LEU Q 37 21.54 62.06 -68.09
N LEU Q 38 20.48 62.56 -67.46
CA LEU Q 38 19.78 63.71 -67.99
C LEU Q 38 20.65 64.95 -67.96
N ALA Q 39 21.42 65.13 -66.89
CA ALA Q 39 22.32 66.28 -66.81
C ALA Q 39 23.42 66.18 -67.86
N ALA Q 40 23.90 64.97 -68.13
CA ALA Q 40 24.88 64.78 -69.19
C ALA Q 40 24.29 65.11 -70.55
N GLU Q 41 23.04 64.70 -70.80
CA GLU Q 41 22.42 64.93 -72.10
C GLU Q 41 22.32 66.43 -72.40
N ASP Q 42 21.92 67.23 -71.41
CA ASP Q 42 21.80 68.67 -71.59
C ASP Q 42 21.75 69.31 -70.22
N ALA Q 43 22.55 70.35 -70.03
CA ALA Q 43 22.77 70.95 -68.71
C ALA Q 43 21.99 72.24 -68.50
N SER Q 44 21.02 72.53 -69.36
CA SER Q 44 20.22 73.74 -69.24
C SER Q 44 18.76 73.46 -68.92
N LYS Q 45 18.13 72.57 -69.66
CA LYS Q 45 16.71 72.30 -69.47
C LYS Q 45 16.45 71.73 -68.08
N ASP Q 46 15.29 72.06 -67.52
CA ASP Q 46 14.94 71.60 -66.19
C ASP Q 46 14.65 70.10 -66.20
N ILE Q 47 14.53 69.54 -65.00
CA ILE Q 47 14.15 68.16 -64.81
C ILE Q 47 12.94 68.14 -63.89
N SER Q 48 11.87 67.47 -64.32
CA SER Q 48 10.66 67.36 -63.52
C SER Q 48 10.67 66.05 -62.77
N LEU Q 49 10.55 66.12 -61.45
CA LEU Q 49 10.48 64.95 -60.60
C LEU Q 49 9.11 64.90 -59.95
N TYR Q 50 8.36 63.84 -60.20
CA TYR Q 50 7.04 63.64 -59.63
C TYR Q 50 7.15 62.68 -58.45
N ILE Q 51 6.61 63.10 -57.31
CA ILE Q 51 6.78 62.39 -56.05
C ILE Q 51 5.44 61.82 -55.63
N ASN Q 52 5.42 60.53 -55.30
CA ASN Q 52 4.25 59.88 -54.75
C ASN Q 52 4.66 58.86 -53.70
N SER Q 53 5.72 59.12 -52.99
CA SER Q 53 6.30 58.12 -52.09
C SER Q 53 5.70 58.21 -50.69
N PRO Q 54 5.66 57.09 -49.97
CA PRO Q 54 5.21 57.10 -48.58
C PRO Q 54 6.32 57.20 -47.54
N GLY Q 55 7.57 57.31 -47.95
CA GLY Q 55 8.68 57.40 -47.03
C GLY Q 55 9.82 56.55 -47.51
N GLY Q 56 10.72 56.21 -46.60
CA GLY Q 56 11.85 55.38 -46.94
C GLY Q 56 13.04 55.71 -46.07
N SER Q 57 14.20 55.30 -46.53
CA SER Q 57 15.44 55.39 -45.76
C SER Q 57 16.10 56.74 -45.96
N ILE Q 58 16.77 57.21 -44.91
CA ILE Q 58 17.37 58.53 -44.93
C ILE Q 58 18.57 58.57 -45.88
N SER Q 59 19.41 57.55 -45.85
CA SER Q 59 20.63 57.57 -46.65
C SER Q 59 20.32 57.64 -48.14
N ALA Q 60 19.35 56.85 -48.58
CA ALA Q 60 18.93 56.90 -49.98
C ALA Q 60 18.38 58.27 -50.35
N GLY Q 61 17.56 58.84 -49.48
CA GLY Q 61 17.04 60.17 -49.74
C GLY Q 61 18.13 61.21 -49.84
N MET Q 62 19.15 61.09 -49.00
CA MET Q 62 20.26 62.04 -49.03
C MET Q 62 21.12 61.85 -50.28
N ALA Q 63 21.26 60.61 -50.75
CA ALA Q 63 21.90 60.39 -52.04
C ALA Q 63 21.16 61.13 -53.14
N ILE Q 64 19.82 60.99 -53.15
CA ILE Q 64 19.03 61.67 -54.17
C ILE Q 64 19.17 63.18 -54.03
N TYR Q 65 19.16 63.67 -52.80
CA TYR Q 65 19.24 65.11 -52.58
C TYR Q 65 20.57 65.67 -53.05
N ASP Q 66 21.67 64.97 -52.76
CA ASP Q 66 22.96 65.42 -53.24
C ASP Q 66 23.00 65.43 -54.77
N THR Q 67 22.49 64.37 -55.39
CA THR Q 67 22.46 64.36 -56.86
C THR Q 67 21.66 65.54 -57.38
N MET Q 68 20.54 65.86 -56.74
CA MET Q 68 19.74 67.00 -57.18
C MET Q 68 20.51 68.30 -57.02
N VAL Q 69 21.19 68.48 -55.89
CA VAL Q 69 21.91 69.72 -55.64
C VAL Q 69 23.02 69.92 -56.65
N LEU Q 70 23.78 68.86 -56.93
CA LEU Q 70 24.94 68.99 -57.79
C LEU Q 70 24.60 69.04 -59.28
N ALA Q 71 23.37 68.79 -59.66
CA ALA Q 71 23.03 68.77 -61.07
C ALA Q 71 23.10 70.17 -61.65
N PRO Q 72 23.74 70.37 -62.82
CA PRO Q 72 23.76 71.70 -63.43
C PRO Q 72 22.38 72.20 -63.82
N CYS Q 73 21.41 71.30 -64.01
CA CYS Q 73 20.09 71.65 -64.48
C CYS Q 73 19.13 71.80 -63.31
N ASP Q 74 18.25 72.79 -63.38
CA ASP Q 74 17.28 73.01 -62.32
C ASP Q 74 16.32 71.82 -62.24
N ILE Q 75 15.80 71.59 -61.05
CA ILE Q 75 14.90 70.47 -60.79
C ILE Q 75 13.62 71.02 -60.18
N ALA Q 76 12.49 70.65 -60.76
CA ALA Q 76 11.17 71.04 -60.27
C ALA Q 76 10.46 69.82 -59.74
N THR Q 77 9.96 69.90 -58.52
CA THR Q 77 9.35 68.76 -57.83
C THR Q 77 7.85 68.97 -57.72
N TYR Q 78 7.09 67.98 -58.20
CA TYR Q 78 5.63 67.98 -58.15
C TYR Q 78 5.18 66.91 -57.17
N ALA Q 79 4.46 67.32 -56.14
CA ALA Q 79 3.86 66.38 -55.19
C ALA Q 79 2.48 66.00 -55.68
N MET Q 80 2.30 64.74 -56.05
CA MET Q 80 1.02 64.23 -56.51
C MET Q 80 0.62 63.05 -55.63
N GLY Q 81 -0.58 63.12 -55.08
CA GLY Q 81 -1.09 62.03 -54.28
C GLY Q 81 -0.57 62.06 -52.86
N MET Q 82 0.73 61.88 -52.68
CA MET Q 82 1.29 61.81 -51.34
C MET Q 82 2.76 62.18 -51.40
N ALA Q 83 3.24 62.81 -50.33
CA ALA Q 83 4.65 63.11 -50.17
C ALA Q 83 4.94 63.05 -48.67
N ALA Q 84 5.35 61.88 -48.19
CA ALA Q 84 5.50 61.61 -46.78
C ALA Q 84 6.94 61.25 -46.46
N SER Q 85 7.49 61.87 -45.42
CA SER Q 85 8.83 61.57 -44.91
C SER Q 85 9.85 61.97 -45.98
N MET Q 86 10.68 61.04 -46.47
CA MET Q 86 11.70 61.43 -47.44
C MET Q 86 11.10 62.00 -48.71
N GLY Q 87 9.89 61.57 -49.08
CA GLY Q 87 9.24 62.18 -50.22
C GLY Q 87 9.00 63.66 -50.01
N GLU Q 88 8.53 64.02 -48.82
CA GLU Q 88 8.34 65.43 -48.50
C GLU Q 88 9.67 66.15 -48.45
N PHE Q 89 10.69 65.49 -47.90
CA PHE Q 89 12.01 66.11 -47.81
C PHE Q 89 12.57 66.43 -49.19
N LEU Q 90 12.37 65.53 -50.15
CA LEU Q 90 12.84 65.75 -51.51
C LEU Q 90 11.96 66.75 -52.26
N LEU Q 91 10.66 66.78 -51.98
CA LEU Q 91 9.79 67.77 -52.59
C LEU Q 91 10.23 69.17 -52.21
N ALA Q 92 10.41 69.42 -50.92
CA ALA Q 92 10.87 70.73 -50.46
C ALA Q 92 12.28 71.04 -50.92
N ALA Q 93 13.03 70.03 -51.35
CA ALA Q 93 14.40 70.23 -51.78
C ALA Q 93 14.51 70.69 -53.22
N GLY Q 94 13.41 70.76 -53.94
CA GLY Q 94 13.45 71.20 -55.32
C GLY Q 94 13.84 72.66 -55.42
N THR Q 95 14.14 73.08 -56.64
CA THR Q 95 14.60 74.44 -56.85
C THR Q 95 13.60 75.43 -56.30
N LYS Q 96 14.09 76.39 -55.52
CA LYS Q 96 13.21 77.38 -54.90
C LYS Q 96 12.49 78.16 -55.98
N GLY Q 97 11.18 77.98 -56.07
CA GLY Q 97 10.37 78.56 -57.12
C GLY Q 97 9.80 77.54 -58.06
N LYS Q 98 10.20 76.28 -57.96
CA LYS Q 98 9.72 75.21 -58.82
C LYS Q 98 9.30 74.01 -57.99
N ARG Q 99 8.67 74.25 -56.86
CA ARG Q 99 8.10 73.18 -56.04
C ARG Q 99 6.59 73.33 -56.07
N TYR Q 100 5.92 72.43 -56.79
CA TYR Q 100 4.47 72.46 -56.95
C TYR Q 100 3.83 71.30 -56.22
N ALA Q 101 2.58 71.51 -55.83
CA ALA Q 101 1.75 70.46 -55.26
C ALA Q 101 0.45 70.43 -56.04
N LEU Q 102 0.03 69.24 -56.44
CA LEU Q 102 -1.28 69.11 -57.06
C LEU Q 102 -2.34 69.42 -56.01
N PRO Q 103 -3.50 69.94 -56.43
CA PRO Q 103 -4.42 70.54 -55.45
C PRO Q 103 -4.86 69.58 -54.37
N HIS Q 104 -4.85 68.28 -54.63
CA HIS Q 104 -5.29 67.28 -53.66
C HIS Q 104 -4.15 66.41 -53.19
N ALA Q 105 -2.93 66.94 -53.21
CA ALA Q 105 -1.79 66.25 -52.64
C ALA Q 105 -1.77 66.39 -51.13
N ARG Q 106 -1.23 65.37 -50.47
CA ARG Q 106 -1.11 65.35 -49.02
C ARG Q 106 0.36 65.23 -48.66
N ILE Q 107 0.78 66.03 -47.68
CA ILE Q 107 2.16 66.05 -47.23
C ILE Q 107 2.20 65.65 -45.76
N LEU Q 108 3.23 64.92 -45.38
CA LEU Q 108 3.40 64.48 -44.01
C LEU Q 108 4.82 64.77 -43.55
N MET Q 109 4.95 65.16 -42.29
CA MET Q 109 6.22 65.58 -41.72
C MET Q 109 6.33 64.98 -40.33
N HIS Q 110 7.15 63.94 -40.19
CA HIS Q 110 7.34 63.30 -38.90
C HIS Q 110 8.83 63.05 -38.68
N GLN Q 111 9.21 62.87 -37.43
CA GLN Q 111 10.61 62.67 -37.12
C GLN Q 111 11.07 61.28 -37.57
N PRO Q 112 12.37 61.11 -37.83
CA PRO Q 112 12.84 59.84 -38.37
C PRO Q 112 12.45 58.63 -37.54
N LEU Q 113 12.57 57.45 -38.13
CA LEU Q 113 12.27 56.18 -37.49
C LEU Q 113 13.49 55.28 -37.58
N GLY Q 114 13.54 54.29 -36.71
CA GLY Q 114 14.68 53.40 -36.70
C GLY Q 114 14.53 52.34 -35.64
N GLY Q 115 15.66 51.73 -35.27
CA GLY Q 115 15.66 50.73 -34.23
C GLY Q 115 17.07 50.42 -33.77
N VAL Q 116 17.17 49.95 -32.53
CA VAL Q 116 18.44 49.72 -31.87
C VAL Q 116 18.53 48.26 -31.48
N THR Q 117 19.70 47.67 -31.69
CA THR Q 117 19.93 46.27 -31.32
C THR Q 117 21.40 46.10 -30.99
N GLY Q 118 21.69 45.05 -30.23
CA GLY Q 118 23.07 44.71 -29.92
C GLY Q 118 23.43 44.91 -28.46
N SER Q 119 24.71 45.14 -28.19
CA SER Q 119 25.20 45.34 -26.85
C SER Q 119 25.04 46.80 -26.43
N ALA Q 120 25.29 47.06 -25.15
CA ALA Q 120 25.05 48.40 -24.61
C ALA Q 120 25.93 49.44 -25.30
N ALA Q 121 27.20 49.11 -25.56
CA ALA Q 121 28.08 50.07 -26.23
C ALA Q 121 27.59 50.36 -27.64
N ASP Q 122 27.22 49.33 -28.39
CA ASP Q 122 26.70 49.54 -29.73
C ASP Q 122 25.43 50.37 -29.69
N ILE Q 123 24.57 50.14 -28.70
CA ILE Q 123 23.34 50.93 -28.61
C ILE Q 123 23.66 52.38 -28.30
N ALA Q 124 24.69 52.63 -27.49
CA ALA Q 124 25.10 54.01 -27.24
C ALA Q 124 25.55 54.69 -28.52
N ILE Q 125 26.35 53.98 -29.31
CA ILE Q 125 26.80 54.55 -30.58
C ILE Q 125 25.61 54.84 -31.49
N GLN Q 126 24.67 53.90 -31.57
CA GLN Q 126 23.51 54.09 -32.42
C GLN Q 126 22.68 55.29 -31.96
N ALA Q 127 22.52 55.46 -30.64
CA ALA Q 127 21.74 56.59 -30.14
C ALA Q 127 22.42 57.91 -30.48
N GLU Q 128 23.74 57.97 -30.34
CA GLU Q 128 24.44 59.20 -30.72
C GLU Q 128 24.23 59.51 -32.20
N GLN Q 129 24.34 58.49 -33.05
CA GLN Q 129 24.14 58.70 -34.47
C GLN Q 129 22.71 59.12 -34.78
N PHE Q 130 21.74 58.56 -34.05
CA PHE Q 130 20.35 58.98 -34.22
C PHE Q 130 20.21 60.46 -33.93
N ALA Q 131 20.83 60.92 -32.85
CA ALA Q 131 20.75 62.35 -32.53
C ALA Q 131 21.35 63.18 -33.66
N VAL Q 132 22.50 62.77 -34.18
CA VAL Q 132 23.15 63.52 -35.25
C VAL Q 132 22.24 63.60 -36.46
N ILE Q 133 21.68 62.47 -36.87
CA ILE Q 133 20.84 62.44 -38.06
C ILE Q 133 19.60 63.30 -37.88
N LYS Q 134 18.96 63.20 -36.70
CA LYS Q 134 17.75 63.97 -36.47
C LYS Q 134 18.04 65.46 -36.54
N LYS Q 135 19.12 65.90 -35.89
CA LYS Q 135 19.46 67.31 -35.93
C LYS Q 135 19.73 67.77 -37.36
N GLU Q 136 20.45 66.96 -38.13
CA GLU Q 136 20.75 67.35 -39.51
C GLU Q 136 19.49 67.45 -40.34
N MET Q 137 18.59 66.48 -40.21
CA MET Q 137 17.36 66.50 -41.00
C MET Q 137 16.51 67.71 -40.65
N PHE Q 138 16.38 68.03 -39.37
CA PHE Q 138 15.61 69.21 -39.00
C PHE Q 138 16.26 70.48 -39.51
N ARG Q 139 17.59 70.54 -39.49
CA ARG Q 139 18.28 71.70 -40.01
C ARG Q 139 17.98 71.91 -41.49
N LEU Q 140 18.05 70.83 -42.26
CA LEU Q 140 17.76 70.93 -43.70
C LEU Q 140 16.31 71.31 -43.93
N ASN Q 141 15.39 70.72 -43.17
CA ASN Q 141 13.98 71.04 -43.34
C ASN Q 141 13.70 72.50 -43.04
N ALA Q 142 14.30 73.03 -41.97
CA ALA Q 142 14.14 74.44 -41.66
C ALA Q 142 14.71 75.30 -42.77
N GLU Q 143 15.83 74.89 -43.36
CA GLU Q 143 16.39 75.65 -44.47
C GLU Q 143 15.44 75.66 -45.66
N PHE Q 144 14.84 74.52 -45.98
CA PHE Q 144 13.94 74.44 -47.13
C PHE Q 144 12.68 75.26 -46.90
N THR Q 145 12.02 75.05 -45.76
CA THR Q 145 10.73 75.68 -45.51
C THR Q 145 10.88 77.15 -45.15
N GLY Q 146 11.93 77.50 -44.42
CA GLY Q 146 12.09 78.85 -43.91
C GLY Q 146 11.65 79.00 -42.47
N GLN Q 147 11.12 77.97 -41.85
CA GLN Q 147 10.67 78.06 -40.48
C GLN Q 147 11.84 77.90 -39.53
N PRO Q 148 11.77 78.49 -38.34
CA PRO Q 148 12.83 78.27 -37.35
C PRO Q 148 12.88 76.81 -36.93
N ILE Q 149 14.08 76.38 -36.56
CA ILE Q 149 14.31 74.97 -36.23
C ILE Q 149 13.43 74.53 -35.08
N GLU Q 150 13.06 75.46 -34.19
CA GLU Q 150 12.23 75.10 -33.05
C GLU Q 150 10.88 74.59 -33.51
N ARG Q 151 10.24 75.30 -34.45
CA ARG Q 151 8.93 74.89 -34.92
C ARG Q 151 9.01 73.56 -35.67
N ILE Q 152 10.04 73.38 -36.48
CA ILE Q 152 10.17 72.12 -37.22
C ILE Q 152 10.34 70.97 -36.26
N GLU Q 153 11.18 71.14 -35.24
CA GLU Q 153 11.37 70.08 -34.25
C GLU Q 153 10.08 69.79 -33.51
N ALA Q 154 9.34 70.83 -33.14
CA ALA Q 154 8.11 70.63 -32.38
C ALA Q 154 7.06 69.91 -33.20
N ASP Q 155 6.79 70.40 -34.41
CA ASP Q 155 5.78 69.78 -35.25
C ASP Q 155 6.19 68.38 -35.69
N SER Q 156 7.45 68.20 -36.04
CA SER Q 156 7.90 66.92 -36.59
C SER Q 156 7.69 65.77 -35.62
N ASP Q 157 7.60 66.03 -34.34
CA ASP Q 157 7.23 64.98 -33.40
C ASP Q 157 5.86 64.43 -33.79
N ARG Q 158 5.76 63.11 -33.86
CA ARG Q 158 4.58 62.47 -34.39
C ARG Q 158 4.33 62.94 -35.82
N ASP Q 159 3.11 62.78 -36.31
CA ASP Q 159 2.78 63.08 -37.69
C ASP Q 159 2.10 64.42 -37.79
N ARG Q 160 2.42 65.17 -38.84
CA ARG Q 160 1.84 66.48 -39.09
C ARG Q 160 1.38 66.52 -40.54
N TRP Q 161 0.10 66.24 -40.76
CA TRP Q 161 -0.45 66.20 -42.10
C TRP Q 161 -0.74 67.61 -42.60
N PHE Q 162 -0.35 67.87 -43.84
CA PHE Q 162 -0.66 69.12 -44.51
C PHE Q 162 -1.46 68.81 -45.76
N THR Q 163 -2.31 69.75 -46.15
CA THR Q 163 -2.89 69.73 -47.48
C THR Q 163 -2.05 70.64 -48.37
N ALA Q 164 -2.41 70.73 -49.65
CA ALA Q 164 -1.63 71.54 -50.57
C ALA Q 164 -1.61 73.00 -50.12
N ALA Q 165 -2.75 73.52 -49.66
CA ALA Q 165 -2.80 74.91 -49.22
C ALA Q 165 -1.97 75.14 -47.97
N GLU Q 166 -2.13 74.28 -46.96
CA GLU Q 166 -1.33 74.44 -45.76
C GLU Q 166 0.14 74.18 -46.03
N ALA Q 167 0.45 73.28 -46.96
CA ALA Q 167 1.84 73.10 -47.35
C ALA Q 167 2.41 74.37 -47.95
N LEU Q 168 1.64 75.03 -48.82
CA LEU Q 168 2.10 76.29 -49.38
C LEU Q 168 2.32 77.33 -48.29
N GLU Q 169 1.38 77.40 -47.35
CA GLU Q 169 1.52 78.37 -46.26
C GLU Q 169 2.77 78.09 -45.44
N TYR Q 170 3.04 76.82 -45.14
CA TYR Q 170 4.19 76.44 -44.32
C TYR Q 170 5.49 76.76 -45.04
N GLY Q 171 5.63 76.31 -46.28
CA GLY Q 171 6.81 76.61 -47.06
C GLY Q 171 7.36 75.45 -47.87
N PHE Q 172 6.69 74.30 -47.84
CA PHE Q 172 7.18 73.16 -48.59
C PHE Q 172 7.16 73.43 -50.08
N VAL Q 173 6.09 74.04 -50.57
CA VAL Q 173 5.90 74.25 -52.00
C VAL Q 173 5.76 75.75 -52.25
N ASP Q 174 5.97 76.13 -53.51
CA ASP Q 174 5.87 77.52 -53.90
C ASP Q 174 4.61 77.85 -54.68
N HIS Q 175 4.03 76.88 -55.39
CA HIS Q 175 2.80 77.08 -56.12
C HIS Q 175 1.95 75.83 -56.03
N ILE Q 176 0.65 76.02 -56.22
CA ILE Q 176 -0.29 74.93 -56.44
C ILE Q 176 -0.61 74.93 -57.92
N ILE Q 177 -0.24 73.87 -58.61
CA ILE Q 177 -0.29 73.88 -60.07
C ILE Q 177 -1.75 73.78 -60.52
N THR Q 178 -2.13 74.67 -61.43
CA THR Q 178 -3.49 74.70 -61.94
C THR Q 178 -3.57 75.64 -63.15
N LEU R 1 8.42 41.76 -74.58
CA LEU R 1 7.04 42.18 -74.70
C LEU R 1 6.11 40.97 -74.83
N SER R 2 4.99 41.02 -74.13
CA SER R 2 4.00 39.95 -74.13
C SER R 2 2.79 40.37 -74.94
N LEU R 3 1.78 39.51 -74.95
CA LEU R 3 0.55 39.80 -75.69
C LEU R 3 -0.25 40.91 -75.02
N THR R 4 -0.47 40.80 -73.71
CA THR R 4 -1.20 41.85 -73.00
C THR R 4 -0.56 43.20 -73.24
N ASP R 5 0.75 43.28 -73.07
CA ASP R 5 1.44 44.56 -73.20
C ASP R 5 1.39 45.06 -74.63
N SER R 6 1.48 44.15 -75.61
CA SER R 6 1.41 44.57 -76.99
C SER R 6 0.06 45.20 -77.32
N VAL R 7 -1.03 44.55 -76.89
CA VAL R 7 -2.34 45.09 -77.19
C VAL R 7 -2.58 46.38 -76.43
N TYR R 8 -2.08 46.47 -75.19
CA TYR R 8 -2.23 47.71 -74.44
C TYR R 8 -1.45 48.85 -75.09
N GLU R 9 -0.27 48.56 -75.65
CA GLU R 9 0.49 49.59 -76.32
C GLU R 9 -0.21 50.05 -77.60
N ARG R 10 -0.78 49.10 -78.35
CA ARG R 10 -1.54 49.48 -79.53
C ARG R 10 -2.71 50.37 -79.16
N LEU R 11 -3.41 50.03 -78.08
CA LEU R 11 -4.52 50.87 -77.64
C LEU R 11 -4.02 52.24 -77.17
N LEU R 12 -2.91 52.27 -76.45
CA LEU R 12 -2.34 53.55 -76.02
C LEU R 12 -2.04 54.43 -77.21
N SER R 13 -1.57 53.85 -78.31
CA SER R 13 -1.42 54.62 -79.53
C SER R 13 -2.76 55.10 -80.06
N GLU R 14 -3.86 54.47 -79.64
CA GLU R 14 -5.20 54.88 -80.01
C GLU R 14 -5.83 55.77 -78.94
N ARG R 15 -5.07 56.17 -77.92
CA ARG R 15 -5.55 57.05 -76.87
C ARG R 15 -6.61 56.37 -76.02
N ILE R 16 -6.46 55.08 -75.79
CA ILE R 16 -7.31 54.31 -74.92
C ILE R 16 -6.43 53.72 -73.83
N ILE R 17 -6.81 53.93 -72.58
CA ILE R 17 -6.05 53.41 -71.44
C ILE R 17 -7.03 52.73 -70.51
N PHE R 18 -6.52 51.81 -69.70
CA PHE R 18 -7.35 50.96 -68.86
C PHE R 18 -6.99 51.15 -67.40
N LEU R 19 -8.00 51.01 -66.56
CA LEU R 19 -7.84 50.95 -65.11
C LEU R 19 -8.62 49.73 -64.68
N GLY R 20 -7.99 48.57 -64.71
CA GLY R 20 -8.68 47.33 -64.51
C GLY R 20 -8.23 46.52 -63.32
N SER R 21 -7.81 47.19 -62.26
CA SER R 21 -7.37 46.49 -61.06
C SER R 21 -7.44 47.45 -59.89
N GLU R 22 -7.26 46.89 -58.69
CA GLU R 22 -7.28 47.69 -57.48
C GLU R 22 -6.31 48.85 -57.61
N VAL R 23 -6.77 50.05 -57.27
CA VAL R 23 -5.99 51.26 -57.47
C VAL R 23 -4.93 51.37 -56.38
N ASN R 24 -3.75 50.84 -56.65
CA ASN R 24 -2.62 50.94 -55.76
C ASN R 24 -1.67 52.02 -56.27
N ASP R 25 -0.49 52.12 -55.66
CA ASP R 25 0.42 53.18 -56.02
C ASP R 25 1.08 52.94 -57.38
N GLU R 26 1.46 51.69 -57.67
CA GLU R 26 2.11 51.39 -58.93
C GLU R 26 1.16 51.64 -60.10
N ILE R 27 -0.08 51.15 -59.99
CA ILE R 27 -1.05 51.35 -61.06
C ILE R 27 -1.33 52.83 -61.25
N ALA R 28 -1.43 53.58 -60.16
CA ALA R 28 -1.68 55.02 -60.28
C ALA R 28 -0.51 55.73 -60.94
N ASN R 29 0.72 55.37 -60.59
CA ASN R 29 1.87 55.97 -61.23
C ASN R 29 1.88 55.67 -62.73
N ARG R 30 1.62 54.42 -63.09
CA ARG R 30 1.59 54.05 -64.49
C ARG R 30 0.50 54.81 -65.24
N LEU R 31 -0.68 54.92 -64.65
CA LEU R 31 -1.79 55.60 -65.30
C LEU R 31 -1.50 57.08 -65.46
N CYS R 32 -0.92 57.71 -64.43
CA CYS R 32 -0.55 59.11 -64.53
C CYS R 32 0.51 59.32 -65.59
N ALA R 33 1.47 58.41 -65.69
CA ALA R 33 2.48 58.51 -66.74
C ALA R 33 1.84 58.41 -68.12
N GLN R 34 0.87 57.50 -68.28
CA GLN R 34 0.18 57.38 -69.56
C GLN R 34 -0.59 58.65 -69.90
N ILE R 35 -1.29 59.23 -68.92
CA ILE R 35 -2.04 60.45 -69.20
C ILE R 35 -1.09 61.58 -69.56
N LEU R 36 0.03 61.68 -68.86
CA LEU R 36 1.02 62.70 -69.18
C LEU R 36 1.53 62.53 -70.60
N LEU R 37 1.87 61.30 -70.97
CA LEU R 37 2.39 61.03 -72.30
C LEU R 37 1.38 61.40 -73.37
N LEU R 38 0.12 61.01 -73.17
CA LEU R 38 -0.90 61.26 -74.18
C LEU R 38 -1.22 62.74 -74.28
N ALA R 39 -1.20 63.46 -73.16
CA ALA R 39 -1.38 64.90 -73.22
C ALA R 39 -0.23 65.57 -73.96
N ALA R 40 1.00 65.08 -73.76
CA ALA R 40 2.13 65.64 -74.47
C ALA R 40 2.02 65.39 -75.97
N GLU R 41 1.63 64.17 -76.36
CA GLU R 41 1.55 63.84 -77.79
C GLU R 41 0.53 64.72 -78.50
N ASP R 42 -0.62 64.94 -77.89
CA ASP R 42 -1.65 65.82 -78.45
C ASP R 42 -2.49 66.38 -77.30
N ALA R 43 -2.75 67.68 -77.35
CA ALA R 43 -3.42 68.37 -76.26
C ALA R 43 -4.88 68.68 -76.56
N SER R 44 -5.45 68.05 -77.57
CA SER R 44 -6.84 68.29 -77.93
C SER R 44 -7.66 67.01 -78.01
N LYS R 45 -7.09 65.93 -78.50
CA LYS R 45 -7.84 64.68 -78.63
C LYS R 45 -8.16 64.10 -77.27
N ASP R 46 -9.36 63.54 -77.14
CA ASP R 46 -9.79 63.00 -75.87
C ASP R 46 -9.00 61.76 -75.51
N ILE R 47 -9.00 61.43 -74.22
CA ILE R 47 -8.41 60.20 -73.70
C ILE R 47 -9.53 59.37 -73.12
N SER R 48 -9.66 58.14 -73.59
CA SER R 48 -10.69 57.23 -73.13
C SER R 48 -10.12 56.30 -72.08
N LEU R 49 -10.77 56.23 -70.92
CA LEU R 49 -10.33 55.43 -69.80
C LEU R 49 -11.43 54.45 -69.44
N TYR R 50 -11.13 53.17 -69.50
CA TYR R 50 -12.08 52.12 -69.18
C TYR R 50 -11.81 51.61 -67.76
N ILE R 51 -12.83 51.63 -66.92
CA ILE R 51 -12.71 51.33 -65.51
C ILE R 51 -13.36 49.99 -65.24
N ASN R 52 -12.58 49.05 -64.69
CA ASN R 52 -13.07 47.77 -64.24
C ASN R 52 -12.44 47.43 -62.90
N SER R 53 -12.41 48.39 -62.01
CA SER R 53 -11.66 48.26 -60.77
C SER R 53 -12.59 48.02 -59.60
N PRO R 54 -12.13 47.30 -58.57
CA PRO R 54 -12.95 47.09 -57.37
C PRO R 54 -12.72 48.09 -56.25
N GLY R 55 -11.73 48.95 -56.36
CA GLY R 55 -11.43 49.90 -55.32
C GLY R 55 -9.94 50.15 -55.25
N GLY R 56 -9.50 50.64 -54.10
CA GLY R 56 -8.09 50.87 -53.88
C GLY R 56 -7.88 52.03 -52.92
N SER R 57 -6.64 52.49 -52.87
CA SER R 57 -6.26 53.54 -51.95
C SER R 57 -6.75 54.90 -52.42
N ILE R 58 -6.87 55.82 -51.47
CA ILE R 58 -7.39 57.15 -51.78
C ILE R 58 -6.31 58.05 -52.34
N SER R 59 -5.08 57.94 -51.82
CA SER R 59 -4.01 58.81 -52.28
C SER R 59 -3.65 58.54 -53.74
N ALA R 60 -3.58 57.26 -54.12
CA ALA R 60 -3.32 56.92 -55.51
C ALA R 60 -4.44 57.40 -56.42
N GLY R 61 -5.69 57.17 -56.01
CA GLY R 61 -6.81 57.65 -56.80
C GLY R 61 -6.81 59.15 -56.94
N MET R 62 -6.37 59.85 -55.90
CA MET R 62 -6.31 61.31 -55.98
C MET R 62 -5.19 61.77 -56.88
N ALA R 63 -4.07 61.02 -56.92
CA ALA R 63 -3.05 61.31 -57.91
C ALA R 63 -3.63 61.21 -59.32
N ILE R 64 -4.37 60.13 -59.58
CA ILE R 64 -4.95 59.95 -60.90
C ILE R 64 -5.95 61.07 -61.19
N TYR R 65 -6.78 61.41 -60.21
CA TYR R 65 -7.79 62.44 -60.43
C TYR R 65 -7.15 63.79 -60.73
N ASP R 66 -6.11 64.14 -59.98
CA ASP R 66 -5.42 65.41 -60.22
C ASP R 66 -4.80 65.42 -61.61
N THR R 67 -4.18 64.32 -62.02
CA THR R 67 -3.61 64.28 -63.35
C THR R 67 -4.69 64.44 -64.41
N MET R 68 -5.84 63.80 -64.22
CA MET R 68 -6.93 63.97 -65.17
C MET R 68 -7.35 65.43 -65.26
N VAL R 69 -7.54 66.06 -64.10
CA VAL R 69 -8.03 67.43 -64.08
C VAL R 69 -7.05 68.37 -64.76
N LEU R 70 -5.76 68.19 -64.47
CA LEU R 70 -4.74 69.10 -65.01
C LEU R 70 -4.48 68.88 -66.49
N ALA R 71 -4.83 67.71 -67.02
CA ALA R 71 -4.54 67.42 -68.41
C ALA R 71 -5.28 68.41 -69.32
N PRO R 72 -4.69 68.81 -70.45
CA PRO R 72 -5.35 69.79 -71.31
C PRO R 72 -6.40 69.21 -72.24
N CYS R 73 -6.60 67.89 -72.24
CA CYS R 73 -7.52 67.23 -73.14
C CYS R 73 -8.59 66.50 -72.34
N ASP R 74 -9.77 66.39 -72.95
CA ASP R 74 -10.93 65.82 -72.27
C ASP R 74 -10.70 64.34 -71.96
N ILE R 75 -11.11 63.92 -70.77
CA ILE R 75 -11.03 62.53 -70.36
C ILE R 75 -12.44 61.97 -70.32
N ALA R 76 -12.69 60.95 -71.12
CA ALA R 76 -13.98 60.26 -71.16
C ALA R 76 -13.81 58.91 -70.49
N THR R 77 -14.64 58.64 -69.49
CA THR R 77 -14.51 57.44 -68.67
C THR R 77 -15.68 56.51 -68.94
N TYR R 78 -15.38 55.29 -69.34
CA TYR R 78 -16.36 54.24 -69.56
C TYR R 78 -16.30 53.26 -68.41
N ALA R 79 -17.42 53.08 -67.73
CA ALA R 79 -17.51 52.12 -66.63
C ALA R 79 -17.94 50.79 -67.21
N MET R 80 -16.99 49.87 -67.34
CA MET R 80 -17.24 48.55 -67.89
C MET R 80 -16.99 47.50 -66.82
N GLY R 81 -17.94 46.58 -66.66
CA GLY R 81 -17.79 45.52 -65.70
C GLY R 81 -18.13 45.94 -64.29
N MET R 82 -17.27 46.76 -63.68
CA MET R 82 -17.53 47.25 -62.33
C MET R 82 -16.76 48.53 -62.12
N ALA R 83 -17.25 49.33 -61.18
CA ALA R 83 -16.59 50.58 -60.79
C ALA R 83 -16.94 50.82 -59.33
N ALA R 84 -16.10 50.35 -58.43
CA ALA R 84 -16.36 50.41 -57.00
C ALA R 84 -15.32 51.26 -56.30
N SER R 85 -15.74 51.91 -55.23
CA SER R 85 -14.87 52.79 -54.46
C SER R 85 -14.16 53.79 -55.36
N MET R 86 -12.82 53.78 -55.38
CA MET R 86 -12.11 54.75 -56.20
C MET R 86 -12.40 54.56 -57.68
N GLY R 87 -12.81 53.37 -58.09
CA GLY R 87 -13.22 53.20 -59.47
C GLY R 87 -14.39 54.09 -59.83
N GLU R 88 -15.42 54.10 -58.99
CA GLU R 88 -16.58 54.94 -59.26
C GLU R 88 -16.24 56.41 -59.10
N PHE R 89 -15.34 56.73 -58.19
CA PHE R 89 -14.90 58.11 -58.03
C PHE R 89 -14.21 58.61 -59.28
N LEU R 90 -13.34 57.79 -59.88
CA LEU R 90 -12.65 58.21 -61.10
C LEU R 90 -13.59 58.18 -62.30
N LEU R 91 -14.54 57.25 -62.32
CA LEU R 91 -15.55 57.23 -63.38
C LEU R 91 -16.35 58.51 -63.37
N ALA R 92 -16.84 58.92 -62.20
CA ALA R 92 -17.61 60.15 -62.08
C ALA R 92 -16.74 61.38 -62.28
N ALA R 93 -15.43 61.26 -62.08
CA ALA R 93 -14.53 62.39 -62.25
C ALA R 93 -14.24 62.72 -63.71
N GLY R 94 -14.66 61.88 -64.65
CA GLY R 94 -14.46 62.19 -66.04
C GLY R 94 -15.22 63.44 -66.45
N THR R 95 -14.83 63.99 -67.59
CA THR R 95 -15.38 65.26 -68.02
C THR R 95 -16.88 65.14 -68.23
N LYS R 96 -17.61 66.14 -67.75
CA LYS R 96 -19.05 66.11 -67.82
C LYS R 96 -19.51 65.98 -69.26
N GLY R 97 -20.47 65.09 -69.48
CA GLY R 97 -20.93 64.80 -70.82
C GLY R 97 -20.11 63.76 -71.55
N LYS R 98 -19.06 63.23 -70.93
CA LYS R 98 -18.24 62.19 -71.51
C LYS R 98 -17.99 61.08 -70.50
N ARG R 99 -18.93 60.87 -69.59
CA ARG R 99 -18.89 59.77 -68.64
C ARG R 99 -19.95 58.77 -69.07
N TYR R 100 -19.50 57.61 -69.54
CA TYR R 100 -20.39 56.58 -70.08
C TYR R 100 -20.36 55.36 -69.18
N ALA R 101 -21.43 54.59 -69.23
CA ALA R 101 -21.52 53.31 -68.54
C ALA R 101 -22.06 52.29 -69.53
N LEU R 102 -21.43 51.12 -69.57
CA LEU R 102 -21.95 50.05 -70.37
C LEU R 102 -23.21 49.49 -69.73
N PRO R 103 -24.09 48.88 -70.52
CA PRO R 103 -25.43 48.56 -69.99
C PRO R 103 -25.42 47.70 -68.73
N HIS R 104 -24.48 46.76 -68.60
CA HIS R 104 -24.49 45.80 -67.51
C HIS R 104 -23.34 46.05 -66.53
N ALA R 105 -23.03 47.31 -66.30
CA ALA R 105 -22.01 47.69 -65.33
C ALA R 105 -22.67 48.00 -63.99
N ARG R 106 -21.94 47.71 -62.92
CA ARG R 106 -22.40 47.96 -61.56
C ARG R 106 -21.46 48.95 -60.89
N ILE R 107 -22.05 49.91 -60.19
CA ILE R 107 -21.30 50.98 -59.55
C ILE R 107 -21.56 50.91 -58.05
N LEU R 108 -20.49 50.76 -57.28
CA LEU R 108 -20.60 50.67 -55.83
C LEU R 108 -20.07 51.95 -55.21
N MET R 109 -20.83 52.51 -54.27
CA MET R 109 -20.43 53.68 -53.52
C MET R 109 -20.43 53.32 -52.04
N HIS R 110 -19.30 53.49 -51.39
CA HIS R 110 -19.21 53.23 -49.96
C HIS R 110 -18.14 54.10 -49.36
N GLN R 111 -18.23 54.31 -48.05
CA GLN R 111 -17.34 55.22 -47.38
C GLN R 111 -15.94 54.62 -47.25
N PRO R 112 -14.93 55.46 -47.05
CA PRO R 112 -13.57 54.96 -47.01
C PRO R 112 -13.38 53.87 -45.96
N LEU R 113 -12.37 53.04 -46.21
CA LEU R 113 -11.93 52.02 -45.27
C LEU R 113 -10.49 52.32 -44.88
N GLY R 114 -10.14 52.03 -43.63
CA GLY R 114 -8.80 52.34 -43.16
C GLY R 114 -8.34 51.45 -42.03
N GLY R 115 -7.34 51.91 -41.28
CA GLY R 115 -6.84 51.16 -40.14
C GLY R 115 -6.21 52.08 -39.14
N VAL R 116 -6.24 51.67 -37.88
CA VAL R 116 -5.74 52.45 -36.75
C VAL R 116 -4.75 51.59 -35.99
N THR R 117 -3.57 52.13 -35.70
CA THR R 117 -2.56 51.38 -34.96
C THR R 117 -1.64 52.37 -34.25
N GLY R 118 -0.93 51.87 -33.25
CA GLY R 118 0.04 52.65 -32.52
C GLY R 118 -0.47 53.12 -31.18
N SER R 119 0.14 54.19 -30.70
CA SER R 119 -0.20 54.77 -29.41
C SER R 119 -1.45 55.63 -29.51
N ALA R 120 -1.94 56.07 -28.36
CA ALA R 120 -3.18 56.83 -28.33
C ALA R 120 -3.05 58.16 -29.08
N ALA R 121 -1.92 58.84 -28.93
CA ALA R 121 -1.73 60.11 -29.62
C ALA R 121 -1.70 59.93 -31.14
N ASP R 122 -0.96 58.92 -31.61
CA ASP R 122 -0.94 58.62 -33.03
C ASP R 122 -2.32 58.26 -33.53
N ILE R 123 -3.08 57.52 -32.72
CA ILE R 123 -4.43 57.15 -33.12
C ILE R 123 -5.31 58.37 -33.23
N ALA R 124 -5.15 59.34 -32.33
CA ALA R 124 -5.92 60.57 -32.43
C ALA R 124 -5.58 61.33 -33.71
N ILE R 125 -4.30 61.40 -34.05
CA ILE R 125 -3.89 62.07 -35.28
C ILE R 125 -4.52 61.37 -36.49
N GLN R 126 -4.47 60.04 -36.49
CA GLN R 126 -5.06 59.28 -37.59
C GLN R 126 -6.55 59.51 -37.69
N ALA R 127 -7.25 59.59 -36.55
CA ALA R 127 -8.68 59.81 -36.58
C ALA R 127 -9.02 61.17 -37.15
N GLU R 128 -8.29 62.21 -36.75
CA GLU R 128 -8.53 63.53 -37.32
C GLU R 128 -8.32 63.52 -38.83
N GLN R 129 -7.25 62.87 -39.28
CA GLN R 129 -7.03 62.82 -40.73
C GLN R 129 -8.10 62.00 -41.42
N PHE R 130 -8.63 60.96 -40.78
CA PHE R 130 -9.72 60.20 -41.36
C PHE R 130 -10.93 61.09 -41.58
N ALA R 131 -11.24 61.94 -40.59
CA ALA R 131 -12.35 62.86 -40.74
C ALA R 131 -12.13 63.79 -41.92
N VAL R 132 -10.91 64.31 -42.05
CA VAL R 132 -10.60 65.20 -43.18
C VAL R 132 -10.81 64.49 -44.50
N ILE R 133 -10.29 63.28 -44.62
CA ILE R 133 -10.38 62.53 -45.86
C ILE R 133 -11.83 62.23 -46.21
N LYS R 134 -12.61 61.80 -45.23
CA LYS R 134 -14.01 61.50 -45.48
C LYS R 134 -14.75 62.73 -45.97
N LYS R 135 -14.52 63.87 -45.31
CA LYS R 135 -15.20 65.10 -45.72
C LYS R 135 -14.83 65.47 -47.15
N GLU R 136 -13.54 65.40 -47.49
CA GLU R 136 -13.13 65.79 -48.84
C GLU R 136 -13.71 64.84 -49.88
N MET R 137 -13.71 63.55 -49.59
CA MET R 137 -14.26 62.57 -50.54
C MET R 137 -15.73 62.84 -50.79
N PHE R 138 -16.50 63.07 -49.72
CA PHE R 138 -17.92 63.34 -49.90
C PHE R 138 -18.15 64.64 -50.66
N ARG R 139 -17.36 65.68 -50.36
CA ARG R 139 -17.52 66.94 -51.07
C ARG R 139 -17.28 66.75 -52.56
N LEU R 140 -16.24 66.02 -52.92
CA LEU R 140 -15.95 65.82 -54.33
C LEU R 140 -17.02 64.98 -55.00
N ASN R 141 -17.52 63.94 -54.33
CA ASN R 141 -18.55 63.12 -54.93
C ASN R 141 -19.83 63.93 -55.15
N ALA R 142 -20.18 64.79 -54.19
CA ALA R 142 -21.32 65.67 -54.38
C ALA R 142 -21.10 66.60 -55.56
N GLU R 143 -19.87 67.10 -55.73
CA GLU R 143 -19.58 67.98 -56.85
C GLU R 143 -19.70 67.24 -58.17
N PHE R 144 -19.29 65.98 -58.21
CA PHE R 144 -19.37 65.20 -59.44
C PHE R 144 -20.81 64.86 -59.79
N THR R 145 -21.57 64.35 -58.83
CA THR R 145 -22.90 63.84 -59.10
C THR R 145 -23.98 64.90 -59.07
N GLY R 146 -23.77 66.00 -58.34
CA GLY R 146 -24.78 67.02 -58.21
C GLY R 146 -25.77 66.79 -57.09
N GLN R 147 -25.57 65.77 -56.26
CA GLN R 147 -26.40 65.55 -55.10
C GLN R 147 -25.89 66.38 -53.93
N PRO R 148 -26.75 66.69 -52.97
CA PRO R 148 -26.28 67.35 -51.75
C PRO R 148 -25.37 66.45 -50.95
N ILE R 149 -24.44 67.06 -50.22
CA ILE R 149 -23.45 66.28 -49.48
C ILE R 149 -24.13 65.40 -48.45
N GLU R 150 -25.27 65.83 -47.92
CA GLU R 150 -25.99 64.99 -46.98
C GLU R 150 -26.40 63.67 -47.62
N ARG R 151 -26.87 63.72 -48.87
CA ARG R 151 -27.29 62.49 -49.53
C ARG R 151 -26.11 61.57 -49.80
N ILE R 152 -24.96 62.13 -50.17
CA ILE R 152 -23.79 61.29 -50.41
C ILE R 152 -23.30 60.68 -49.11
N GLU R 153 -23.37 61.42 -48.01
CA GLU R 153 -22.94 60.88 -46.73
C GLU R 153 -23.90 59.81 -46.23
N ALA R 154 -25.20 59.99 -46.51
CA ALA R 154 -26.19 59.03 -46.05
C ALA R 154 -26.17 57.76 -46.90
N ASP R 155 -26.03 57.90 -48.21
CA ASP R 155 -26.07 56.76 -49.11
C ASP R 155 -24.80 55.94 -49.08
N SER R 156 -23.66 56.59 -48.87
CA SER R 156 -22.38 55.93 -48.83
C SER R 156 -22.06 55.34 -47.47
N ASP R 157 -23.07 55.16 -46.62
CA ASP R 157 -22.81 54.74 -45.25
C ASP R 157 -22.25 53.32 -45.20
N ARG R 158 -22.92 52.37 -45.86
CA ARG R 158 -22.43 50.99 -45.84
C ARG R 158 -22.02 50.51 -47.22
N ASP R 159 -22.96 50.38 -48.17
CA ASP R 159 -22.68 49.89 -49.52
C ASP R 159 -23.88 50.25 -50.37
N ARG R 160 -23.69 51.08 -51.37
CA ARG R 160 -24.76 51.47 -52.27
C ARG R 160 -24.45 50.88 -53.63
N TRP R 161 -25.25 49.91 -54.05
CA TRP R 161 -25.09 49.26 -55.34
C TRP R 161 -26.01 49.92 -56.34
N PHE R 162 -25.46 50.30 -57.49
CA PHE R 162 -26.20 50.94 -58.57
C PHE R 162 -26.06 50.12 -59.82
N THR R 163 -27.15 49.99 -60.57
CA THR R 163 -27.11 49.51 -61.93
C THR R 163 -26.68 50.68 -62.82
N ALA R 164 -26.80 50.52 -64.13
CA ALA R 164 -26.47 51.63 -65.02
C ALA R 164 -27.54 52.71 -64.99
N ALA R 165 -28.81 52.32 -64.99
CA ALA R 165 -29.89 53.30 -64.97
C ALA R 165 -29.93 54.05 -63.65
N GLU R 166 -29.75 53.35 -62.53
CA GLU R 166 -29.72 54.01 -61.25
C GLU R 166 -28.54 54.97 -61.16
N ALA R 167 -27.38 54.58 -61.70
CA ALA R 167 -26.23 55.46 -61.70
C ALA R 167 -26.47 56.69 -62.55
N LEU R 168 -27.14 56.52 -63.68
CA LEU R 168 -27.48 57.68 -64.51
C LEU R 168 -28.40 58.63 -63.77
N GLU R 169 -29.41 58.09 -63.08
CA GLU R 169 -30.31 58.94 -62.30
C GLU R 169 -29.56 59.65 -61.18
N TYR R 170 -28.69 58.94 -60.48
CA TYR R 170 -27.93 59.53 -59.38
C TYR R 170 -27.02 60.64 -59.89
N GLY R 171 -26.31 60.40 -60.99
CA GLY R 171 -25.47 61.42 -61.59
C GLY R 171 -24.05 60.98 -61.85
N PHE R 172 -23.74 59.69 -61.62
CA PHE R 172 -22.39 59.21 -61.91
C PHE R 172 -22.10 59.23 -63.40
N VAL R 173 -23.11 59.08 -64.23
CA VAL R 173 -22.95 58.84 -65.65
C VAL R 173 -23.80 59.84 -66.41
N ASP R 174 -23.36 60.18 -67.62
CA ASP R 174 -24.11 61.05 -68.51
C ASP R 174 -24.91 60.28 -69.54
N HIS R 175 -24.34 59.24 -70.14
CA HIS R 175 -25.06 58.42 -71.10
C HIS R 175 -24.71 56.96 -70.86
N ILE R 176 -25.60 56.09 -71.32
CA ILE R 176 -25.36 54.65 -71.36
C ILE R 176 -25.08 54.27 -72.80
N ILE R 177 -23.97 53.58 -73.04
CA ILE R 177 -23.59 53.21 -74.40
C ILE R 177 -24.57 52.18 -74.94
N THR R 178 -24.90 52.31 -76.22
CA THR R 178 -25.81 51.37 -76.89
C THR R 178 -25.30 51.00 -78.27
N LEU S 1 8.08 37.63 -75.69
CA LEU S 1 7.21 37.03 -76.68
C LEU S 1 7.50 35.54 -76.83
N SER S 2 6.95 34.75 -75.92
CA SER S 2 7.16 33.32 -75.94
C SER S 2 6.48 32.70 -77.16
N LEU S 3 6.63 31.39 -77.30
CA LEU S 3 6.02 30.69 -78.43
C LEU S 3 4.50 30.84 -78.40
N THR S 4 3.90 30.65 -77.23
CA THR S 4 2.45 30.78 -77.13
C THR S 4 2.01 32.20 -77.47
N ASP S 5 2.75 33.20 -77.00
CA ASP S 5 2.41 34.58 -77.32
C ASP S 5 2.52 34.84 -78.82
N SER S 6 3.57 34.32 -79.45
CA SER S 6 3.72 34.51 -80.89
C SER S 6 2.56 33.89 -81.65
N VAL S 7 2.18 32.66 -81.28
CA VAL S 7 1.07 31.99 -81.94
C VAL S 7 -0.22 32.77 -81.73
N TYR S 8 -0.46 33.24 -80.51
CA TYR S 8 -1.68 33.98 -80.23
C TYR S 8 -1.72 35.29 -81.01
N GLU S 9 -0.59 35.96 -81.12
CA GLU S 9 -0.55 37.20 -81.91
C GLU S 9 -0.85 36.90 -83.37
N ARG S 10 -0.28 35.83 -83.90
CA ARG S 10 -0.54 35.47 -85.30
C ARG S 10 -2.02 35.18 -85.52
N LEU S 11 -2.64 34.46 -84.58
CA LEU S 11 -4.07 34.22 -84.69
C LEU S 11 -4.86 35.51 -84.60
N LEU S 12 -4.49 36.39 -83.66
CA LEU S 12 -5.16 37.68 -83.56
C LEU S 12 -5.10 38.44 -84.86
N SER S 13 -4.02 38.27 -85.63
CA SER S 13 -3.99 38.84 -86.97
C SER S 13 -5.04 38.21 -87.86
N GLU S 14 -5.45 36.98 -87.55
CA GLU S 14 -6.51 36.29 -88.27
C GLU S 14 -7.89 36.51 -87.65
N ARG S 15 -7.98 37.36 -86.62
CA ARG S 15 -9.24 37.65 -85.95
C ARG S 15 -9.76 36.45 -85.19
N ILE S 16 -8.87 35.75 -84.51
CA ILE S 16 -9.22 34.62 -83.66
C ILE S 16 -8.67 34.90 -82.27
N ILE S 17 -9.55 34.90 -81.28
CA ILE S 17 -9.14 35.17 -79.91
C ILE S 17 -9.65 34.06 -79.01
N PHE S 18 -8.98 33.86 -77.90
CA PHE S 18 -9.13 32.67 -77.08
C PHE S 18 -9.53 33.04 -75.66
N LEU S 19 -10.41 32.23 -75.07
CA LEU S 19 -10.79 32.33 -73.66
C LEU S 19 -10.60 30.95 -73.06
N GLY S 20 -9.39 30.65 -72.62
CA GLY S 20 -9.05 29.31 -72.21
C GLY S 20 -8.74 29.15 -70.75
N SER S 21 -9.09 30.15 -69.95
CA SER S 21 -8.81 30.12 -68.52
C SER S 21 -10.03 30.62 -67.77
N GLU S 22 -10.01 30.44 -66.46
CA GLU S 22 -11.07 30.96 -65.61
C GLU S 22 -11.19 32.46 -65.82
N VAL S 23 -12.42 32.93 -66.04
CA VAL S 23 -12.64 34.35 -66.30
C VAL S 23 -12.40 35.13 -65.03
N ASN S 24 -11.54 36.14 -65.12
CA ASN S 24 -11.27 37.03 -64.01
C ASN S 24 -11.11 38.44 -64.57
N ASP S 25 -10.67 39.37 -63.74
CA ASP S 25 -10.53 40.74 -64.20
C ASP S 25 -9.47 40.86 -65.28
N GLU S 26 -8.35 40.16 -65.12
CA GLU S 26 -7.24 40.30 -66.07
C GLU S 26 -7.60 39.70 -67.42
N ILE S 27 -8.14 38.48 -67.43
CA ILE S 27 -8.51 37.84 -68.68
C ILE S 27 -9.58 38.66 -69.39
N ALA S 28 -10.54 39.17 -68.62
CA ALA S 28 -11.59 39.99 -69.22
C ALA S 28 -11.02 41.27 -69.80
N ASN S 29 -10.09 41.91 -69.10
CA ASN S 29 -9.51 43.14 -69.62
C ASN S 29 -8.76 42.88 -70.92
N ARG S 30 -8.01 41.78 -70.97
CA ARG S 30 -7.33 41.41 -72.20
C ARG S 30 -8.32 41.18 -73.33
N LEU S 31 -9.38 40.41 -73.06
CA LEU S 31 -10.36 40.11 -74.10
C LEU S 31 -11.04 41.37 -74.60
N CYS S 32 -11.40 42.28 -73.69
CA CYS S 32 -12.02 43.53 -74.08
C CYS S 32 -11.06 44.36 -74.94
N ALA S 33 -9.79 44.39 -74.56
CA ALA S 33 -8.81 45.12 -75.36
C ALA S 33 -8.71 44.55 -76.77
N GLN S 34 -8.66 43.22 -76.88
CA GLN S 34 -8.55 42.60 -78.20
C GLN S 34 -9.80 42.85 -79.02
N ILE S 35 -10.97 42.82 -78.40
CA ILE S 35 -12.21 43.08 -79.13
C ILE S 35 -12.23 44.51 -79.64
N LEU S 36 -11.84 45.48 -78.80
CA LEU S 36 -11.78 46.86 -79.24
C LEU S 36 -10.77 47.03 -80.37
N LEU S 37 -9.61 46.40 -80.24
CA LEU S 37 -8.57 46.52 -81.26
C LEU S 37 -9.05 45.97 -82.59
N LEU S 38 -9.63 44.77 -82.58
CA LEU S 38 -10.09 44.16 -83.82
C LEU S 38 -11.21 44.96 -84.44
N ALA S 39 -12.13 45.49 -83.62
CA ALA S 39 -13.20 46.32 -84.17
C ALA S 39 -12.64 47.58 -84.82
N ALA S 40 -11.65 48.21 -84.18
CA ALA S 40 -11.05 49.40 -84.76
C ALA S 40 -10.35 49.08 -86.07
N GLU S 41 -9.61 47.96 -86.12
CA GLU S 41 -8.87 47.62 -87.32
C GLU S 41 -9.79 47.40 -88.51
N ASP S 42 -10.91 46.71 -88.28
CA ASP S 42 -11.88 46.44 -89.35
C ASP S 42 -13.21 46.11 -88.70
N ALA S 43 -14.21 46.96 -88.94
CA ALA S 43 -15.52 46.84 -88.30
C ALA S 43 -16.53 46.08 -89.15
N SER S 44 -16.10 45.50 -90.27
CA SER S 44 -16.99 44.73 -91.14
C SER S 44 -16.74 43.24 -91.09
N LYS S 45 -15.52 42.81 -90.76
CA LYS S 45 -15.21 41.39 -90.68
C LYS S 45 -15.60 40.84 -89.31
N ASP S 46 -15.71 39.52 -89.23
CA ASP S 46 -16.12 38.87 -88.00
C ASP S 46 -14.96 38.73 -87.04
N ILE S 47 -15.29 38.27 -85.83
CA ILE S 47 -14.32 37.88 -84.82
C ILE S 47 -14.71 36.50 -84.34
N SER S 48 -13.73 35.66 -84.05
CA SER S 48 -13.96 34.30 -83.59
C SER S 48 -13.41 34.16 -82.18
N LEU S 49 -14.24 33.67 -81.28
CA LEU S 49 -13.87 33.51 -79.87
C LEU S 49 -14.02 32.04 -79.52
N TYR S 50 -12.90 31.36 -79.29
CA TYR S 50 -12.91 29.98 -78.85
C TYR S 50 -12.90 29.95 -77.33
N ILE S 51 -13.84 29.22 -76.75
CA ILE S 51 -14.08 29.21 -75.32
C ILE S 51 -13.74 27.84 -74.79
N ASN S 52 -12.86 27.80 -73.79
CA ASN S 52 -12.50 26.58 -73.09
C ASN S 52 -12.38 26.88 -71.59
N SER S 53 -13.34 27.62 -71.05
CA SER S 53 -13.22 28.15 -69.70
C SER S 53 -14.06 27.37 -68.71
N PRO S 54 -13.59 27.23 -67.47
CA PRO S 54 -14.38 26.53 -66.46
C PRO S 54 -15.35 27.42 -65.69
N GLY S 55 -15.13 28.73 -65.73
CA GLY S 55 -15.99 29.64 -65.00
C GLY S 55 -15.28 30.94 -64.74
N GLY S 56 -15.81 31.71 -63.81
CA GLY S 56 -15.17 32.94 -63.41
C GLY S 56 -16.17 33.95 -62.90
N SER S 57 -15.64 35.13 -62.61
CA SER S 57 -16.43 36.18 -61.96
C SER S 57 -17.49 36.72 -62.92
N ILE S 58 -18.64 37.09 -62.34
CA ILE S 58 -19.74 37.59 -63.15
C ILE S 58 -19.41 38.98 -63.69
N SER S 59 -18.76 39.81 -62.89
CA SER S 59 -18.47 41.18 -63.33
C SER S 59 -17.56 41.19 -64.54
N ALA S 60 -16.50 40.38 -64.50
CA ALA S 60 -15.59 40.29 -65.65
C ALA S 60 -16.31 39.74 -66.88
N GLY S 61 -17.12 38.70 -66.68
CA GLY S 61 -17.87 38.14 -67.78
C GLY S 61 -18.84 39.15 -68.39
N MET S 62 -19.43 39.99 -67.55
CA MET S 62 -20.35 41.01 -68.05
C MET S 62 -19.61 42.11 -68.79
N ALA S 63 -18.40 42.45 -68.35
CA ALA S 63 -17.57 43.35 -69.13
C ALA S 63 -17.33 42.79 -70.52
N ILE S 64 -16.94 41.52 -70.59
CA ILE S 64 -16.72 40.88 -71.89
C ILE S 64 -18.00 40.89 -72.70
N TYR S 65 -19.12 40.59 -72.07
CA TYR S 65 -20.39 40.50 -72.77
C TYR S 65 -20.80 41.84 -73.36
N ASP S 66 -20.67 42.91 -72.59
CA ASP S 66 -20.98 44.24 -73.11
C ASP S 66 -20.07 44.61 -74.27
N THR S 67 -18.79 44.31 -74.14
CA THR S 67 -17.87 44.62 -75.23
C THR S 67 -18.24 43.85 -76.49
N MET S 68 -18.60 42.58 -76.36
CA MET S 68 -19.02 41.81 -77.52
C MET S 68 -20.27 42.39 -78.14
N VAL S 69 -21.25 42.75 -77.31
CA VAL S 69 -22.51 43.28 -77.81
C VAL S 69 -22.27 44.55 -78.59
N LEU S 70 -21.45 45.45 -78.06
CA LEU S 70 -21.32 46.77 -78.66
C LEU S 70 -20.34 46.81 -79.83
N ALA S 71 -19.51 45.80 -80.00
CA ALA S 71 -18.55 45.81 -81.09
C ALA S 71 -19.30 45.77 -82.42
N PRO S 72 -18.96 46.64 -83.38
CA PRO S 72 -19.71 46.62 -84.65
C PRO S 72 -19.67 45.28 -85.37
N CYS S 73 -18.56 44.56 -85.26
CA CYS S 73 -18.43 43.28 -85.93
C CYS S 73 -19.16 42.18 -85.16
N ASP S 74 -19.36 41.06 -85.83
CA ASP S 74 -20.10 39.93 -85.27
C ASP S 74 -19.14 38.98 -84.58
N ILE S 75 -19.38 38.70 -83.31
CA ILE S 75 -18.53 37.85 -82.51
C ILE S 75 -19.12 36.45 -82.53
N ALA S 76 -18.62 35.62 -83.44
CA ALA S 76 -18.96 34.21 -83.44
C ALA S 76 -18.21 33.52 -82.31
N THR S 77 -18.86 32.56 -81.67
CA THR S 77 -18.27 31.83 -80.57
C THR S 77 -18.20 30.37 -80.91
N TYR S 78 -17.17 29.70 -80.40
CA TYR S 78 -16.98 28.27 -80.55
C TYR S 78 -16.73 27.68 -79.17
N ALA S 79 -17.41 26.59 -78.87
CA ALA S 79 -17.25 25.90 -77.59
C ALA S 79 -16.44 24.64 -77.82
N MET S 80 -15.21 24.62 -77.30
CA MET S 80 -14.33 23.47 -77.44
C MET S 80 -13.86 23.05 -76.06
N GLY S 81 -14.00 21.78 -75.75
CA GLY S 81 -13.58 21.26 -74.47
C GLY S 81 -14.61 21.45 -73.38
N MET S 82 -14.76 22.67 -72.88
CA MET S 82 -15.62 22.93 -71.74
C MET S 82 -16.03 24.39 -71.76
N ALA S 83 -17.33 24.64 -71.72
CA ALA S 83 -17.89 25.98 -71.62
C ALA S 83 -18.81 25.96 -70.40
N ALA S 84 -18.24 26.23 -69.23
CA ALA S 84 -18.93 26.07 -67.97
C ALA S 84 -19.17 27.42 -67.30
N SER S 85 -20.36 27.60 -66.76
CA SER S 85 -20.71 28.77 -65.96
C SER S 85 -20.58 30.01 -66.84
N MET S 86 -19.70 30.96 -66.53
CA MET S 86 -19.60 32.17 -67.34
C MET S 86 -19.18 31.86 -68.76
N GLY S 87 -18.39 30.81 -68.96
CA GLY S 87 -18.01 30.43 -70.30
C GLY S 87 -19.23 30.09 -71.15
N GLU S 88 -20.18 29.35 -70.57
CA GLU S 88 -21.42 29.06 -71.28
C GLU S 88 -22.20 30.32 -71.57
N PHE S 89 -22.22 31.26 -70.62
CA PHE S 89 -22.88 32.53 -70.83
C PHE S 89 -22.32 33.23 -72.05
N LEU S 90 -21.00 33.34 -72.12
CA LEU S 90 -20.37 34.02 -73.26
C LEU S 90 -20.58 33.25 -74.55
N LEU S 91 -20.54 31.92 -74.49
CA LEU S 91 -20.80 31.11 -75.68
C LEU S 91 -22.19 31.41 -76.23
N ALA S 92 -23.19 31.42 -75.36
CA ALA S 92 -24.56 31.70 -75.80
C ALA S 92 -24.73 33.16 -76.18
N ALA S 93 -23.81 34.03 -75.76
CA ALA S 93 -23.93 35.44 -76.09
C ALA S 93 -23.52 35.76 -77.53
N GLY S 94 -22.79 34.87 -78.19
CA GLY S 94 -22.35 35.12 -79.54
C GLY S 94 -23.49 35.52 -80.45
N THR S 95 -23.20 36.12 -81.60
CA THR S 95 -24.27 36.57 -82.47
C THR S 95 -25.12 35.39 -82.89
N LYS S 96 -26.44 35.56 -82.79
CA LYS S 96 -27.35 34.47 -83.10
C LYS S 96 -27.10 33.97 -84.51
N GLY S 97 -27.04 32.65 -84.64
CA GLY S 97 -26.66 32.02 -85.89
C GLY S 97 -25.19 31.74 -86.02
N LYS S 98 -24.36 32.23 -85.10
CA LYS S 98 -22.92 32.04 -85.16
C LYS S 98 -22.39 31.59 -83.81
N ARG S 99 -23.08 30.66 -83.17
CA ARG S 99 -22.65 30.07 -81.92
C ARG S 99 -22.48 28.57 -82.16
N TYR S 100 -21.25 28.14 -82.39
CA TYR S 100 -20.95 26.76 -82.70
C TYR S 100 -20.40 26.04 -81.49
N ALA S 101 -20.63 24.74 -81.44
CA ALA S 101 -20.03 23.87 -80.44
C ALA S 101 -19.35 22.74 -81.18
N LEU S 102 -18.10 22.45 -80.80
CA LEU S 102 -17.44 21.30 -81.38
C LEU S 102 -18.13 20.04 -80.91
N PRO S 103 -18.04 18.95 -81.68
CA PRO S 103 -18.92 17.80 -81.41
C PRO S 103 -18.84 17.27 -80.00
N HIS S 104 -17.65 17.27 -79.39
CA HIS S 104 -17.45 16.66 -78.09
C HIS S 104 -17.32 17.68 -76.97
N ALA S 105 -17.75 18.92 -77.22
CA ALA S 105 -17.75 19.93 -76.17
C ALA S 105 -18.84 19.63 -75.15
N ARG S 106 -18.65 20.12 -73.94
CA ARG S 106 -19.63 19.98 -72.88
C ARG S 106 -19.94 21.35 -72.31
N ILE S 107 -21.23 21.61 -72.09
CA ILE S 107 -21.69 22.85 -71.50
C ILE S 107 -22.21 22.56 -70.11
N LEU S 108 -22.02 23.50 -69.19
CA LEU S 108 -22.48 23.37 -67.82
C LEU S 108 -23.20 24.65 -67.43
N MET S 109 -24.48 24.53 -67.10
CA MET S 109 -25.26 25.66 -66.64
C MET S 109 -25.57 25.47 -65.16
N HIS S 110 -25.20 26.45 -64.35
CA HIS S 110 -25.50 26.40 -62.93
C HIS S 110 -25.55 27.82 -62.39
N GLN S 111 -26.15 27.95 -61.21
CA GLN S 111 -26.36 29.25 -60.62
C GLN S 111 -25.07 29.81 -60.05
N PRO S 112 -25.01 31.11 -59.80
CA PRO S 112 -23.77 31.72 -59.33
C PRO S 112 -23.32 31.15 -57.98
N LEU S 113 -22.11 31.53 -57.59
CA LEU S 113 -21.56 31.23 -56.29
C LEU S 113 -21.03 32.50 -55.67
N GLY S 114 -20.94 32.52 -54.35
CA GLY S 114 -20.50 33.73 -53.68
C GLY S 114 -20.10 33.47 -52.25
N GLY S 115 -19.91 34.55 -51.51
CA GLY S 115 -19.57 34.48 -50.11
C GLY S 115 -20.07 35.68 -49.35
N VAL S 116 -20.61 35.46 -48.15
CA VAL S 116 -21.16 36.52 -47.30
C VAL S 116 -20.24 36.69 -46.10
N THR S 117 -19.90 37.93 -45.78
CA THR S 117 -19.07 38.23 -44.63
C THR S 117 -19.48 39.57 -44.06
N GLY S 118 -19.15 39.79 -42.80
CA GLY S 118 -19.38 41.06 -42.15
C GLY S 118 -20.55 41.02 -41.18
N SER S 119 -20.96 42.21 -40.76
CA SER S 119 -22.05 42.35 -39.82
C SER S 119 -23.36 41.92 -40.46
N ALA S 120 -24.43 41.94 -39.68
CA ALA S 120 -25.73 41.56 -40.20
C ALA S 120 -26.21 42.51 -41.29
N ALA S 121 -25.97 43.81 -41.13
CA ALA S 121 -26.39 44.78 -42.13
C ALA S 121 -25.66 44.56 -43.46
N ASP S 122 -24.35 44.34 -43.40
CA ASP S 122 -23.60 44.08 -44.62
C ASP S 122 -24.10 42.80 -45.29
N ILE S 123 -24.43 41.78 -44.49
CA ILE S 123 -24.91 40.53 -45.07
C ILE S 123 -26.27 40.74 -45.73
N ALA S 124 -27.12 41.58 -45.14
CA ALA S 124 -28.39 41.87 -45.78
C ALA S 124 -28.18 42.55 -47.12
N ILE S 125 -27.26 43.51 -47.19
CA ILE S 125 -27.00 44.18 -48.46
C ILE S 125 -26.46 43.19 -49.47
N GLN S 126 -25.56 42.30 -49.04
CA GLN S 126 -25.01 41.31 -49.95
C GLN S 126 -26.09 40.37 -50.47
N ALA S 127 -27.00 39.95 -49.61
CA ALA S 127 -28.08 39.07 -50.05
C ALA S 127 -28.96 39.77 -51.07
N GLU S 128 -29.26 41.05 -50.85
CA GLU S 128 -30.05 41.79 -51.82
C GLU S 128 -29.35 41.83 -53.17
N GLN S 129 -28.06 42.13 -53.18
CA GLN S 129 -27.34 42.19 -54.45
C GLN S 129 -27.24 40.82 -55.10
N PHE S 130 -27.12 39.76 -54.31
CA PHE S 130 -27.13 38.41 -54.86
C PHE S 130 -28.45 38.14 -55.58
N ALA S 131 -29.56 38.53 -54.97
CA ALA S 131 -30.84 38.33 -55.61
C ALA S 131 -30.91 39.08 -56.94
N VAL S 132 -30.42 40.32 -56.96
CA VAL S 132 -30.44 41.10 -58.20
C VAL S 132 -29.61 40.41 -59.28
N ILE S 133 -28.40 39.97 -58.92
CA ILE S 133 -27.52 39.34 -59.89
C ILE S 133 -28.13 38.05 -60.43
N LYS S 134 -28.68 37.24 -59.53
CA LYS S 134 -29.30 35.99 -59.95
C LYS S 134 -30.41 36.24 -60.95
N LYS S 135 -31.29 37.20 -60.63
CA LYS S 135 -32.40 37.52 -61.52
C LYS S 135 -31.88 37.95 -62.88
N GLU S 136 -30.89 38.84 -62.91
CA GLU S 136 -30.39 39.35 -64.18
C GLU S 136 -29.76 38.24 -65.01
N MET S 137 -28.97 37.38 -64.36
CA MET S 137 -28.31 36.30 -65.08
C MET S 137 -29.34 35.34 -65.69
N PHE S 138 -30.35 34.95 -64.90
CA PHE S 138 -31.36 34.05 -65.41
C PHE S 138 -32.14 34.69 -66.56
N ARG S 139 -32.46 35.97 -66.43
CA ARG S 139 -33.16 36.64 -67.52
C ARG S 139 -32.32 36.65 -68.79
N LEU S 140 -31.04 36.95 -68.67
CA LEU S 140 -30.19 37.01 -69.86
C LEU S 140 -30.03 35.63 -70.49
N ASN S 141 -29.88 34.59 -69.68
CA ASN S 141 -29.77 33.25 -70.24
C ASN S 141 -31.06 32.83 -70.93
N ALA S 142 -32.20 33.18 -70.34
CA ALA S 142 -33.47 32.89 -70.99
C ALA S 142 -33.57 33.60 -72.32
N GLU S 143 -33.10 34.84 -72.37
CA GLU S 143 -33.12 35.58 -73.63
C GLU S 143 -32.24 34.91 -74.67
N PHE S 144 -31.03 34.50 -74.27
CA PHE S 144 -30.11 33.88 -75.22
C PHE S 144 -30.68 32.57 -75.76
N THR S 145 -31.09 31.68 -74.87
CA THR S 145 -31.49 30.34 -75.27
C THR S 145 -32.90 30.28 -75.82
N GLY S 146 -33.73 31.28 -75.55
CA GLY S 146 -35.12 31.23 -75.95
C GLY S 146 -36.02 30.44 -75.02
N GLN S 147 -35.56 30.13 -73.83
CA GLN S 147 -36.33 29.38 -72.86
C GLN S 147 -36.96 30.31 -71.84
N PRO S 148 -38.05 29.89 -71.20
CA PRO S 148 -38.64 30.72 -70.14
C PRO S 148 -37.71 30.84 -68.95
N ILE S 149 -37.86 31.96 -68.22
CA ILE S 149 -37.05 32.17 -67.03
C ILE S 149 -37.30 31.08 -66.01
N GLU S 150 -38.52 30.55 -65.96
CA GLU S 150 -38.83 29.52 -64.98
C GLU S 150 -37.97 28.28 -65.20
N ARG S 151 -37.83 27.86 -66.45
CA ARG S 151 -37.03 26.68 -66.72
C ARG S 151 -35.56 26.92 -66.40
N ILE S 152 -35.04 28.09 -66.78
CA ILE S 152 -33.65 28.39 -66.45
C ILE S 152 -33.44 28.36 -64.95
N GLU S 153 -34.42 28.86 -64.20
CA GLU S 153 -34.36 28.77 -62.74
C GLU S 153 -34.36 27.32 -62.28
N ALA S 154 -35.16 26.48 -62.92
CA ALA S 154 -35.27 25.09 -62.50
C ALA S 154 -33.97 24.33 -62.75
N ASP S 155 -33.43 24.40 -63.95
CA ASP S 155 -32.23 23.63 -64.28
C ASP S 155 -30.96 24.23 -63.68
N SER S 156 -30.92 25.54 -63.46
CA SER S 156 -29.71 26.18 -62.96
C SER S 156 -29.48 25.95 -61.47
N ASP S 157 -30.44 25.34 -60.76
CA ASP S 157 -30.30 25.20 -59.31
C ASP S 157 -29.02 24.46 -58.96
N ARG S 158 -28.80 23.30 -59.55
CA ARG S 158 -27.55 22.57 -59.44
C ARG S 158 -26.93 22.46 -60.82
N ASP S 159 -25.76 21.83 -60.88
CA ASP S 159 -25.06 21.70 -62.16
C ASP S 159 -25.93 20.98 -63.16
N ARG S 160 -26.03 21.55 -64.35
CA ARG S 160 -26.78 20.96 -65.45
C ARG S 160 -25.81 20.77 -66.60
N TRP S 161 -25.54 19.51 -66.92
CA TRP S 161 -24.55 19.16 -67.93
C TRP S 161 -25.25 18.87 -69.24
N PHE S 162 -24.83 19.55 -70.30
CA PHE S 162 -25.32 19.31 -71.64
C PHE S 162 -24.16 18.84 -72.51
N THR S 163 -24.43 17.85 -73.35
CA THR S 163 -23.54 17.54 -74.44
C THR S 163 -23.80 18.54 -75.56
N ALA S 164 -23.06 18.42 -76.66
CA ALA S 164 -23.25 19.36 -77.76
C ALA S 164 -24.67 19.28 -78.31
N ALA S 165 -25.20 18.07 -78.48
CA ALA S 165 -26.53 17.93 -79.07
C ALA S 165 -27.62 18.49 -78.15
N GLU S 166 -27.54 18.19 -76.86
CA GLU S 166 -28.52 18.73 -75.93
C GLU S 166 -28.39 20.25 -75.84
N ALA S 167 -27.17 20.77 -75.94
CA ALA S 167 -27.00 22.21 -75.95
C ALA S 167 -27.66 22.83 -77.17
N LEU S 168 -27.51 22.21 -78.33
CA LEU S 168 -28.17 22.70 -79.53
C LEU S 168 -29.67 22.67 -79.38
N GLU S 169 -30.20 21.60 -78.78
CA GLU S 169 -31.64 21.54 -78.53
C GLU S 169 -32.09 22.65 -77.58
N TYR S 170 -31.33 22.86 -76.51
CA TYR S 170 -31.70 23.86 -75.51
C TYR S 170 -31.66 25.26 -76.10
N GLY S 171 -30.56 25.62 -76.75
CA GLY S 171 -30.47 26.92 -77.38
C GLY S 171 -29.15 27.61 -77.14
N PHE S 172 -28.24 26.96 -76.41
CA PHE S 172 -26.94 27.57 -76.15
C PHE S 172 -26.18 27.85 -77.43
N VAL S 173 -26.23 26.91 -78.37
CA VAL S 173 -25.49 27.01 -79.62
C VAL S 173 -26.46 26.82 -80.76
N ASP S 174 -26.08 27.34 -81.92
CA ASP S 174 -26.93 27.26 -83.10
C ASP S 174 -26.44 26.26 -84.13
N HIS S 175 -25.28 25.65 -83.92
CA HIS S 175 -24.77 24.66 -84.86
C HIS S 175 -23.83 23.72 -84.13
N ILE S 176 -23.58 22.58 -84.76
CA ILE S 176 -22.56 21.63 -84.33
C ILE S 176 -21.55 21.53 -85.45
N ILE S 177 -20.31 21.89 -85.17
CA ILE S 177 -19.30 21.94 -86.22
C ILE S 177 -18.89 20.51 -86.58
N THR S 178 -18.89 20.22 -87.88
CA THR S 178 -18.44 18.93 -88.37
C THR S 178 -17.97 19.14 -89.81
N ARG S 179 -16.66 19.20 -90.00
CA ARG S 179 -16.09 19.41 -91.32
C ARG S 179 -15.12 18.29 -91.67
N ILE T 1 13.54 11.09 -16.41
CA ILE T 1 12.86 10.56 -15.23
C ILE T 1 13.66 10.92 -13.99
N LEU T 2 12.96 11.07 -12.87
CA LEU T 2 13.56 11.46 -11.60
C LEU T 2 12.99 10.56 -10.51
N PRO T 3 13.70 9.51 -10.09
CA PRO T 3 13.11 8.55 -9.17
C PRO T 3 12.81 9.16 -7.80
N SER T 4 11.74 8.67 -7.20
CA SER T 4 11.34 9.05 -5.85
C SER T 4 11.73 7.95 -4.87
N PHE T 5 11.71 8.29 -3.59
CA PHE T 5 12.18 7.37 -2.56
C PHE T 5 11.42 7.62 -1.27
N ILE T 6 11.40 6.61 -0.42
CA ILE T 6 10.73 6.69 0.87
C ILE T 6 11.78 6.66 1.97
N GLU T 15 7.51 9.60 1.20
CA GLU T 15 7.90 9.63 -0.20
C GLU T 15 8.37 11.01 -0.59
N SER T 16 9.36 11.09 -1.46
CA SER T 16 9.88 12.37 -1.91
C SER T 16 10.83 12.13 -3.08
N ASN T 17 11.20 13.21 -3.74
CA ASN T 17 12.15 13.19 -4.84
C ASN T 17 13.31 14.13 -4.52
N PRO T 18 14.44 13.99 -5.22
CA PRO T 18 15.67 14.64 -4.74
C PRO T 18 15.53 16.13 -4.50
N TYR T 19 14.78 16.85 -5.32
CA TYR T 19 14.67 18.29 -5.14
C TYR T 19 13.97 18.62 -3.82
N ASN T 20 12.94 17.86 -3.48
CA ASN T 20 12.27 18.09 -2.21
C ASN T 20 13.21 17.85 -1.04
N LYS T 21 14.01 16.78 -1.11
CA LYS T 21 14.99 16.52 -0.05
C LYS T 21 16.00 17.64 0.05
N LEU T 22 16.47 18.15 -1.09
CA LEU T 22 17.39 19.29 -1.07
C LEU T 22 16.74 20.48 -0.40
N PHE T 23 15.49 20.77 -0.74
CA PHE T 23 14.79 21.90 -0.14
C PHE T 23 14.67 21.73 1.36
N GLU T 24 14.37 20.51 1.82
CA GLU T 24 14.22 20.28 3.25
C GLU T 24 15.51 20.62 4.00
N GLU T 25 16.66 20.48 3.36
CA GLU T 25 17.94 20.92 3.91
C GLU T 25 18.26 22.36 3.56
N ARG T 26 17.27 23.14 3.12
CA ARG T 26 17.45 24.55 2.84
C ARG T 26 18.40 24.78 1.66
N ILE T 27 18.09 24.15 0.53
CA ILE T 27 18.86 24.30 -0.69
C ILE T 27 17.91 24.68 -1.82
N ILE T 28 18.28 25.71 -2.57
CA ILE T 28 17.53 26.16 -3.74
C ILE T 28 18.39 25.92 -4.96
N PHE T 29 17.76 25.45 -6.04
CA PHE T 29 18.45 25.07 -7.26
C PHE T 29 18.06 26.03 -8.37
N LEU T 30 18.98 26.91 -8.74
CA LEU T 30 18.80 27.81 -9.88
C LEU T 30 19.51 27.19 -11.08
N GLY T 31 18.87 26.19 -11.67
CA GLY T 31 19.43 25.44 -12.76
C GLY T 31 18.87 25.77 -14.13
N VAL T 32 18.02 26.78 -14.25
CA VAL T 32 17.43 27.15 -15.52
C VAL T 32 17.78 28.60 -15.82
N GLN T 33 17.29 29.10 -16.95
CA GLN T 33 17.52 30.49 -17.30
C GLN T 33 16.81 31.41 -16.31
N VAL T 34 17.38 32.59 -16.10
CA VAL T 34 16.83 33.57 -15.18
C VAL T 34 15.75 34.35 -15.94
N ASP T 35 14.50 34.01 -15.70
CA ASP T 35 13.36 34.73 -16.27
C ASP T 35 12.33 34.92 -15.17
N ASP T 36 11.12 35.35 -15.56
CA ASP T 36 10.12 35.71 -14.57
C ASP T 36 9.63 34.50 -13.80
N ALA T 37 9.42 33.37 -14.47
CA ALA T 37 8.93 32.18 -13.78
C ALA T 37 9.93 31.70 -12.74
N SER T 38 11.18 31.50 -13.17
CA SER T 38 12.20 31.02 -12.24
C SER T 38 12.45 32.04 -11.14
N ALA T 39 12.41 33.32 -11.48
CA ALA T 39 12.59 34.35 -10.45
C ALA T 39 11.50 34.27 -9.40
N ASN T 40 10.25 34.16 -9.83
CA ASN T 40 9.15 34.06 -8.87
C ASN T 40 9.29 32.83 -8.00
N ASP T 41 9.64 31.70 -8.61
CA ASP T 41 9.81 30.48 -7.83
C ASP T 41 10.93 30.63 -6.81
N ILE T 42 12.06 31.21 -7.22
CA ILE T 42 13.19 31.36 -6.32
C ILE T 42 12.81 32.28 -5.16
N MET T 43 12.10 33.37 -5.44
CA MET T 43 11.69 34.27 -4.37
C MET T 43 10.71 33.59 -3.42
N ALA T 44 9.77 32.83 -3.94
CA ALA T 44 8.85 32.11 -3.07
C ALA T 44 9.61 31.17 -2.16
N GLN T 45 10.56 30.42 -2.71
CA GLN T 45 11.35 29.50 -1.91
C GLN T 45 12.16 30.24 -0.86
N LEU T 46 12.77 31.35 -1.23
CA LEU T 46 13.57 32.11 -0.28
C LEU T 46 12.73 32.60 0.88
N LEU T 47 11.55 33.14 0.58
CA LEU T 47 10.70 33.65 1.65
C LEU T 47 10.22 32.53 2.56
N VAL T 48 9.82 31.39 1.98
CA VAL T 48 9.37 30.28 2.81
C VAL T 48 10.50 29.82 3.73
N LEU T 49 11.70 29.66 3.19
CA LEU T 49 12.81 29.20 4.00
C LEU T 49 13.16 30.21 5.08
N GLU T 50 13.07 31.50 4.76
CA GLU T 50 13.31 32.54 5.76
C GLU T 50 12.30 32.43 6.90
N SER T 51 11.04 32.21 6.58
CA SER T 51 10.03 32.06 7.61
C SER T 51 10.30 30.84 8.48
N LEU T 52 10.71 29.74 7.86
CA LEU T 52 10.86 28.49 8.60
C LEU T 52 11.92 28.60 9.67
N ASP T 53 13.06 29.22 9.35
CA ASP T 53 14.16 29.34 10.30
C ASP T 53 15.11 30.45 9.87
N PRO T 54 14.87 31.69 10.29
CA PRO T 54 15.68 32.80 9.77
C PRO T 54 17.17 32.67 10.03
N ASP T 55 17.57 32.15 11.19
CA ASP T 55 18.99 32.13 11.53
C ASP T 55 19.77 31.26 10.56
N ARG T 56 19.24 30.10 10.20
CA ARG T 56 19.97 29.16 9.37
C ARG T 56 20.18 29.72 7.97
N ASP T 57 21.28 29.32 7.36
CA ASP T 57 21.65 29.80 6.04
C ASP T 57 20.83 29.10 4.96
N ILE T 58 20.72 29.76 3.81
CA ILE T 58 20.05 29.23 2.64
C ILE T 58 21.08 29.06 1.54
N THR T 59 21.11 27.88 0.94
CA THR T 59 22.08 27.58 -0.10
C THR T 59 21.43 27.68 -1.47
N MET T 60 22.15 28.26 -2.42
CA MET T 60 21.68 28.42 -3.78
C MET T 60 22.69 27.78 -4.72
N TYR T 61 22.23 26.78 -5.45
CA TYR T 61 23.04 26.11 -6.44
C TYR T 61 22.78 26.75 -7.80
N ILE T 62 23.83 27.24 -8.44
CA ILE T 62 23.71 28.02 -9.66
C ILE T 62 24.34 27.23 -10.79
N ASN T 63 23.52 26.89 -11.79
CA ASN T 63 23.99 26.27 -13.02
C ASN T 63 23.03 26.75 -14.11
N SER T 64 23.34 27.89 -14.72
CA SER T 64 22.41 28.54 -15.62
C SER T 64 23.18 29.40 -16.60
N PRO T 65 22.62 29.66 -17.78
CA PRO T 65 23.30 30.50 -18.77
C PRO T 65 23.02 31.99 -18.67
N GLY T 66 22.20 32.43 -17.71
CA GLY T 66 21.90 33.83 -17.52
C GLY T 66 20.41 34.08 -17.60
N GLY T 67 20.06 35.18 -18.26
CA GLY T 67 18.68 35.50 -18.52
C GLY T 67 18.40 36.96 -18.30
N GLY T 68 17.12 37.27 -18.12
CA GLY T 68 16.66 38.64 -18.04
C GLY T 68 17.39 39.47 -17.03
N PHE T 69 17.13 40.77 -17.03
CA PHE T 69 17.78 41.70 -16.12
C PHE T 69 16.91 42.09 -14.95
N THR T 70 15.62 42.31 -15.18
CA THR T 70 14.72 42.61 -14.07
C THR T 70 14.48 41.39 -13.20
N SER T 71 14.45 40.20 -13.80
CA SER T 71 14.40 38.97 -13.01
C SER T 71 15.64 38.83 -12.15
N LEU T 72 16.80 39.12 -12.72
CA LEU T 72 18.03 39.15 -11.95
C LEU T 72 17.87 40.05 -10.73
N MET T 73 17.33 41.24 -10.93
CA MET T 73 17.25 42.21 -9.84
C MET T 73 16.21 41.79 -8.82
N ALA T 74 15.12 41.15 -9.24
CA ALA T 74 14.18 40.60 -8.28
C ALA T 74 14.85 39.56 -7.39
N ILE T 75 15.54 38.60 -8.00
CA ILE T 75 16.19 37.55 -7.21
C ILE T 75 17.25 38.16 -6.31
N TYR T 76 17.99 39.14 -6.82
CA TYR T 76 19.06 39.76 -6.05
C TYR T 76 18.52 40.52 -4.85
N ASP T 77 17.44 41.27 -5.05
CA ASP T 77 16.83 42.00 -3.94
C ASP T 77 16.29 41.05 -2.89
N THR T 78 15.64 39.96 -3.33
CA THR T 78 15.15 38.99 -2.37
C THR T 78 16.29 38.37 -1.59
N MET T 79 17.38 38.01 -2.27
CA MET T 79 18.50 37.41 -1.58
C MET T 79 19.09 38.37 -0.56
N GLN T 80 19.23 39.63 -0.93
CA GLN T 80 19.81 40.61 -0.02
C GLN T 80 18.83 41.07 1.03
N TYR T 81 17.56 40.74 0.90
CA TYR T 81 16.54 41.19 1.85
C TYR T 81 16.32 40.19 2.98
N VAL T 82 16.30 38.90 2.67
CA VAL T 82 15.91 37.91 3.66
C VAL T 82 16.83 37.99 4.86
N ARG T 83 16.30 37.54 6.01
CA ARG T 83 17.02 37.62 7.27
C ARG T 83 18.15 36.60 7.37
N ALA T 84 18.21 35.64 6.47
CA ALA T 84 19.18 34.55 6.54
C ALA T 84 20.37 34.83 5.64
N ASP T 85 21.45 34.11 5.91
CA ASP T 85 22.67 34.26 5.12
C ASP T 85 22.58 33.35 3.90
N ILE T 86 22.83 33.92 2.72
CA ILE T 86 22.71 33.19 1.47
C ILE T 86 24.11 32.74 1.05
N GLN T 87 24.30 31.43 1.03
CA GLN T 87 25.49 30.82 0.46
C GLN T 87 25.19 30.45 -0.98
N THR T 88 26.18 30.57 -1.84
CA THR T 88 26.02 30.26 -3.26
C THR T 88 27.12 29.30 -3.69
N VAL T 89 26.76 28.33 -4.54
CA VAL T 89 27.69 27.38 -5.11
C VAL T 89 27.45 27.32 -6.62
N CYS T 90 28.48 27.61 -7.39
CA CYS T 90 28.39 27.50 -8.85
C CYS T 90 28.89 26.14 -9.30
N LEU T 91 28.05 25.41 -10.04
CA LEU T 91 28.29 24.00 -10.30
C LEU T 91 28.88 23.76 -11.69
N GLY T 92 28.18 24.15 -12.73
CA GLY T 92 28.66 23.95 -14.08
C GLY T 92 29.09 25.24 -14.72
N GLN T 93 28.32 26.30 -14.48
CA GLN T 93 28.63 27.61 -15.03
C GLN T 93 27.72 28.63 -14.36
N ALA T 94 28.14 29.88 -14.40
CA ALA T 94 27.34 31.01 -13.96
C ALA T 94 27.61 32.11 -14.97
N ALA T 95 26.75 32.21 -15.98
CA ALA T 95 26.94 33.12 -17.10
C ALA T 95 25.96 34.28 -16.99
N SER T 96 26.47 35.49 -17.20
CA SER T 96 25.67 36.70 -17.27
C SER T 96 24.98 36.89 -15.92
N ALA T 97 23.65 36.99 -15.86
CA ALA T 97 22.98 37.35 -14.63
C ALA T 97 23.37 36.43 -13.49
N ALA T 98 23.47 35.13 -13.77
CA ALA T 98 23.78 34.17 -12.72
C ALA T 98 25.05 34.57 -11.98
N ALA T 99 26.07 35.03 -12.71
CA ALA T 99 27.31 35.42 -12.06
C ALA T 99 27.04 36.45 -10.98
N VAL T 100 26.24 37.47 -11.29
CA VAL T 100 25.90 38.46 -10.30
C VAL T 100 25.29 37.79 -9.08
N LEU T 101 24.31 36.91 -9.31
CA LEU T 101 23.71 36.18 -8.21
C LEU T 101 24.77 35.39 -7.45
N LEU T 102 25.73 34.79 -8.16
CA LEU T 102 26.81 34.10 -7.49
C LEU T 102 27.65 35.06 -6.66
N ALA T 103 27.94 36.23 -7.20
CA ALA T 103 28.72 37.21 -6.45
C ALA T 103 27.92 37.85 -5.34
N ALA T 104 26.61 37.68 -5.33
CA ALA T 104 25.74 38.35 -4.37
C ALA T 104 25.46 37.53 -3.13
N GLY T 105 26.04 36.34 -3.02
CA GLY T 105 25.95 35.61 -1.78
C GLY T 105 26.73 36.30 -0.68
N THR T 106 26.57 35.80 0.53
CA THR T 106 27.20 36.46 1.66
C THR T 106 28.72 36.39 1.52
N PRO T 107 29.44 37.46 1.82
CA PRO T 107 30.90 37.41 1.71
C PRO T 107 31.47 36.36 2.63
N GLY T 108 32.10 35.35 2.03
CA GLY T 108 32.64 34.20 2.74
C GLY T 108 32.00 32.89 2.33
N LYS T 109 30.77 32.94 1.84
CA LYS T 109 30.01 31.76 1.49
C LYS T 109 29.65 31.74 0.01
N ARG T 110 30.58 32.16 -0.83
CA ARG T 110 30.43 32.07 -2.27
C ARG T 110 31.50 31.12 -2.80
N MET T 111 31.06 30.02 -3.40
CA MET T 111 31.93 28.90 -3.71
C MET T 111 31.65 28.43 -5.12
N ALA T 112 32.60 27.69 -5.68
CA ALA T 112 32.45 27.14 -7.02
C ALA T 112 33.28 25.88 -7.12
N LEU T 113 32.77 24.91 -7.84
CA LEU T 113 33.48 23.67 -8.02
C LEU T 113 34.69 23.89 -8.93
N PRO T 114 35.70 23.04 -8.84
CA PRO T 114 36.97 23.35 -9.52
C PRO T 114 36.83 23.58 -11.00
N ASN T 115 35.95 22.86 -11.68
CA ASN T 115 35.78 22.98 -13.12
C ASN T 115 34.61 23.86 -13.52
N ALA T 116 34.04 24.59 -12.56
CA ALA T 116 32.98 25.53 -12.89
C ALA T 116 33.49 26.59 -13.85
N ARG T 117 32.58 27.42 -14.31
CA ARG T 117 32.88 28.53 -15.20
C ARG T 117 32.07 29.73 -14.78
N VAL T 118 32.60 30.92 -15.08
CA VAL T 118 31.95 32.17 -14.71
C VAL T 118 32.11 33.12 -15.87
N LEU T 119 31.03 33.37 -16.61
CA LEU T 119 31.04 34.29 -17.74
C LEU T 119 30.34 35.57 -17.33
N ILE T 120 31.04 36.70 -17.46
CA ILE T 120 30.48 38.01 -17.18
C ILE T 120 30.69 38.89 -18.39
N HIS T 121 29.64 39.60 -18.78
CA HIS T 121 29.69 40.47 -19.95
C HIS T 121 28.58 41.49 -19.81
N GLN T 122 28.66 42.54 -20.63
CA GLN T 122 27.73 43.65 -20.47
C GLN T 122 26.34 43.31 -21.01
N PRO T 123 25.31 43.97 -20.51
CA PRO T 123 23.95 43.69 -20.98
C PRO T 123 23.84 43.89 -22.49
N SER T 124 23.07 43.02 -23.13
CA SER T 124 22.91 43.04 -24.57
C SER T 124 21.44 42.93 -24.92
N LEU T 125 21.02 43.74 -25.89
CA LEU T 125 19.62 43.82 -26.29
C LEU T 125 19.33 42.70 -27.29
N SER T 126 18.69 41.64 -26.82
CA SER T 126 18.27 40.58 -27.72
C SER T 126 17.17 41.09 -28.64
N GLY T 127 17.25 40.73 -29.90
CA GLY T 127 16.29 41.21 -30.87
C GLY T 127 16.55 42.65 -31.27
N VAL T 128 15.52 43.28 -31.80
CA VAL T 128 15.57 44.64 -32.31
C VAL T 128 14.37 45.41 -31.77
N ILE T 129 14.63 46.59 -31.22
CA ILE T 129 13.57 47.50 -30.80
C ILE T 129 13.43 48.58 -31.86
N GLN T 130 12.20 48.80 -32.31
CA GLN T 130 11.90 49.79 -33.33
C GLN T 130 11.06 50.90 -32.74
N GLY T 131 11.02 52.02 -33.46
CA GLY T 131 10.24 53.16 -33.04
C GLY T 131 10.93 54.44 -33.47
N GLN T 132 10.26 55.54 -33.16
CA GLN T 132 10.81 56.85 -33.47
C GLN T 132 12.09 57.09 -32.71
N PHE T 133 12.84 58.09 -33.14
CA PHE T 133 14.09 58.41 -32.48
C PHE T 133 13.86 58.86 -31.04
N SER T 134 12.76 59.53 -30.77
CA SER T 134 12.47 59.98 -29.42
C SER T 134 12.14 58.84 -28.48
N ASP T 135 11.72 57.69 -29.01
CA ASP T 135 11.52 56.51 -28.18
C ASP T 135 12.82 55.74 -27.99
N LEU T 136 13.62 55.65 -29.04
CA LEU T 136 14.89 54.94 -28.95
C LEU T 136 15.87 55.67 -28.06
N GLU T 137 15.79 56.99 -27.98
CA GLU T 137 16.61 57.72 -27.02
C GLU T 137 16.32 57.25 -25.60
N ILE T 138 15.04 57.16 -25.25
CA ILE T 138 14.65 56.69 -23.93
C ILE T 138 15.11 55.26 -23.72
N GLN T 139 14.92 54.40 -24.72
CA GLN T 139 15.31 53.00 -24.58
C GLN T 139 16.81 52.87 -24.37
N ALA T 140 17.60 53.64 -25.11
CA ALA T 140 19.05 53.60 -24.96
C ALA T 140 19.48 54.11 -23.59
N ALA T 141 18.84 55.18 -23.11
CA ALA T 141 19.15 55.67 -21.77
C ALA T 141 18.85 54.60 -20.72
N GLU T 142 17.74 53.89 -20.88
CA GLU T 142 17.42 52.80 -19.97
C GLU T 142 18.45 51.69 -20.03
N ILE T 143 18.91 51.34 -21.22
CA ILE T 143 19.92 50.31 -21.36
C ILE T 143 21.21 50.73 -20.66
N GLU T 144 21.59 51.99 -20.81
CA GLU T 144 22.78 52.49 -20.13
C GLU T 144 22.60 52.44 -18.62
N ARG T 145 21.42 52.81 -18.13
CA ARG T 145 21.16 52.73 -16.70
C ARG T 145 21.29 51.29 -16.20
N MET T 146 20.76 50.34 -16.95
CA MET T 146 20.86 48.94 -16.55
C MET T 146 22.31 48.48 -16.53
N ARG T 147 23.09 48.86 -17.52
CA ARG T 147 24.50 48.48 -17.56
C ARG T 147 25.25 49.07 -16.36
N THR T 148 25.02 50.34 -16.06
CA THR T 148 25.69 50.96 -14.92
C THR T 148 25.29 50.28 -13.62
N LEU T 149 24.03 49.91 -13.49
CA LEU T 149 23.58 49.22 -12.29
C LEU T 149 24.25 47.87 -12.14
N MET T 150 24.36 47.12 -13.24
CA MET T 150 25.04 45.83 -13.19
C MET T 150 26.49 46.01 -12.74
N GLU T 151 27.19 46.99 -13.33
CA GLU T 151 28.56 47.24 -12.94
C GLU T 151 28.66 47.64 -11.48
N THR T 152 27.72 48.46 -11.02
CA THR T 152 27.74 48.92 -9.63
C THR T 152 27.58 47.76 -8.66
N THR T 153 26.62 46.87 -8.94
CA THR T 153 26.44 45.72 -8.05
C THR T 153 27.68 44.83 -8.07
N LEU T 154 28.25 44.59 -9.24
CA LEU T 154 29.44 43.75 -9.33
C LEU T 154 30.60 44.38 -8.58
N ALA T 155 30.75 45.69 -8.67
CA ALA T 155 31.83 46.36 -7.94
C ALA T 155 31.59 46.32 -6.45
N ARG T 156 30.34 46.45 -6.03
CA ARG T 156 30.03 46.41 -4.61
C ARG T 156 30.30 45.05 -4.01
N HIS T 157 30.13 43.99 -4.79
CA HIS T 157 30.25 42.65 -4.24
C HIS T 157 31.61 42.00 -4.49
N THR T 158 32.32 42.40 -5.55
CA THR T 158 33.66 41.90 -5.82
C THR T 158 34.75 42.79 -5.25
N GLY T 159 34.40 43.96 -4.72
CA GLY T 159 35.37 44.86 -4.15
C GLY T 159 36.13 45.68 -5.16
N LYS T 160 35.98 45.41 -6.44
CA LYS T 160 36.70 46.13 -7.48
C LYS T 160 36.07 47.51 -7.62
N ASP T 161 36.50 48.25 -8.64
CA ASP T 161 35.94 49.55 -8.96
C ASP T 161 35.03 49.43 -10.18
N ALA T 162 34.03 50.29 -10.24
CA ALA T 162 33.04 50.21 -11.32
C ALA T 162 33.70 50.42 -12.67
N GLY T 163 34.68 51.32 -12.75
CA GLY T 163 35.37 51.52 -14.02
C GLY T 163 36.10 50.29 -14.50
N VAL T 164 36.77 49.59 -13.58
CA VAL T 164 37.48 48.37 -13.95
C VAL T 164 36.49 47.31 -14.42
N ILE T 165 35.34 47.21 -13.77
CA ILE T 165 34.32 46.27 -14.22
C ILE T 165 33.84 46.63 -15.61
N ARG T 166 33.64 47.92 -15.86
CA ARG T 166 33.16 48.35 -17.16
C ARG T 166 34.17 48.00 -18.24
N LYS T 167 35.46 48.19 -17.96
CA LYS T 167 36.49 47.81 -18.94
C LYS T 167 36.51 46.31 -19.15
N ASP T 168 36.42 45.53 -18.06
CA ASP T 168 36.57 44.09 -18.18
C ASP T 168 35.36 43.45 -18.84
N THR T 169 34.16 43.86 -18.47
CA THR T 169 32.93 43.26 -18.98
C THR T 169 32.49 43.83 -20.31
N ASP T 170 33.35 44.61 -20.98
CA ASP T 170 33.01 45.08 -22.32
C ASP T 170 32.71 43.92 -23.25
N ARG T 171 33.62 42.95 -23.30
CA ARG T 171 33.43 41.72 -24.05
C ARG T 171 33.34 40.55 -23.08
N ASP T 172 32.84 39.43 -23.59
CA ASP T 172 32.63 38.25 -22.77
C ASP T 172 33.91 37.86 -22.05
N LYS T 173 33.90 37.96 -20.73
CA LYS T 173 35.03 37.55 -19.90
C LYS T 173 34.69 36.23 -19.24
N ILE T 174 35.48 35.20 -19.53
CA ILE T 174 35.29 33.86 -18.99
C ILE T 174 36.38 33.61 -17.97
N LEU T 175 35.98 33.42 -16.71
CA LEU T 175 36.90 33.12 -15.63
C LEU T 175 36.64 31.70 -15.14
N THR T 176 37.71 30.99 -14.82
CA THR T 176 37.59 29.68 -14.19
C THR T 176 37.30 29.89 -12.71
N ALA T 177 37.31 28.81 -11.93
CA ALA T 177 37.03 28.94 -10.51
C ALA T 177 38.09 29.78 -9.81
N GLU T 178 39.37 29.49 -10.07
CA GLU T 178 40.44 30.22 -9.40
C GLU T 178 40.53 31.65 -9.90
N GLU T 179 40.33 31.87 -11.19
CA GLU T 179 40.33 33.23 -11.70
C GLU T 179 39.16 34.02 -11.13
N ALA T 180 38.02 33.36 -10.94
CA ALA T 180 36.90 34.02 -10.28
C ALA T 180 37.24 34.39 -8.85
N LYS T 181 37.90 33.48 -8.14
CA LYS T 181 38.29 33.77 -6.77
C LYS T 181 39.24 34.96 -6.71
N ASP T 182 40.17 35.05 -7.65
CA ASP T 182 41.04 36.22 -7.73
C ASP T 182 40.23 37.47 -8.03
N TYR T 183 39.25 37.36 -8.93
CA TYR T 183 38.47 38.53 -9.32
C TYR T 183 37.56 39.00 -8.19
N GLY T 184 37.19 38.10 -7.28
CA GLY T 184 36.28 38.41 -6.22
C GLY T 184 34.88 37.88 -6.42
N ILE T 185 34.61 37.17 -7.51
CA ILE T 185 33.27 36.66 -7.74
C ILE T 185 32.94 35.59 -6.71
N ILE T 186 33.92 34.78 -6.32
CA ILE T 186 33.73 33.75 -5.32
C ILE T 186 34.81 33.89 -4.26
N ASP T 187 34.69 33.09 -3.21
CA ASP T 187 35.61 33.11 -2.09
C ASP T 187 36.44 31.84 -1.98
N THR T 188 35.86 30.69 -2.25
CA THR T 188 36.57 29.43 -2.12
C THR T 188 36.27 28.54 -3.31
N VAL T 189 37.25 27.75 -3.70
CA VAL T 189 37.09 26.72 -4.71
C VAL T 189 36.91 25.39 -3.99
N LEU T 190 35.75 24.77 -4.16
CA LEU T 190 35.46 23.57 -3.41
C LEU T 190 36.49 22.49 -3.70
N GLU T 191 36.93 21.82 -2.64
CA GLU T 191 37.84 20.69 -2.75
C GLU T 191 37.05 19.41 -2.59
N TYR T 192 37.45 18.38 -3.34
CA TYR T 192 36.73 17.12 -3.31
C TYR T 192 36.84 16.48 -1.93
N ARG T 193 35.85 15.65 -1.60
CA ARG T 193 35.76 15.03 -0.29
C ARG T 193 35.95 13.53 -0.33
N LYS T 194 36.17 12.94 -1.50
CA LYS T 194 36.09 11.50 -1.63
C LYS T 194 37.03 10.81 -0.67
N LEU T 195 36.49 9.91 0.15
CA LEU T 195 37.31 9.26 1.16
C LEU T 195 38.44 8.46 0.53
N SER T 196 38.12 7.61 -0.43
CA SER T 196 39.17 6.89 -1.15
C SER T 196 40.03 7.88 -1.92
N ALA T 197 41.33 7.62 -1.95
CA ALA T 197 42.28 8.52 -2.58
C ALA T 197 42.10 9.94 -2.04
N GLN T 198 42.00 10.03 -0.72
CA GLN T 198 41.93 11.32 -0.03
C GLN T 198 43.23 12.08 -0.23
CA S0R U 1 -21.37 14.63 -42.32
CB S0R U 1 -20.68 15.61 -41.38
CG S0R U 1 -19.22 15.84 -41.72
O1 S0R U 1 -23.83 15.77 -42.74
C5 S0R U 1 -27.36 14.73 -40.71
C6 S0R U 1 -26.20 15.19 -41.27
C2 S0R U 1 -25.19 13.06 -40.94
C4 S0R U 1 -27.44 13.43 -40.26
C S0R U 1 -23.83 14.85 -42.01
C1 S0R U 1 -25.12 14.35 -41.39
C3 S0R U 1 -26.36 12.60 -40.37
N S0R U 1 -22.60 14.17 -41.72
C7 S0R U 1 -20.55 13.38 -42.50
O S0R U 1 -20.41 12.63 -41.61
CD1 S0R U 1 -18.63 16.84 -40.73
CD2 S0R U 1 -19.08 16.31 -43.16
H1 S0R U 1 -21.58 15.10 -43.27
H2 S0R U 1 -20.75 15.22 -40.36
H3 S0R U 1 -21.21 16.56 -41.42
H4 S0R U 1 -18.68 14.91 -41.60
H5 S0R U 1 -28.22 15.40 -40.62
H6 S0R U 1 -26.13 16.21 -41.63
H7 S0R U 1 -24.33 12.40 -41.04
H8 S0R U 1 -28.36 13.08 -39.80
H9 S0R U 1 -26.42 11.57 -40.02
H10 S0R U 1 -22.60 13.38 -41.11
H12 S0R U 1 -17.57 16.96 -40.94
H13 S0R U 1 -18.77 16.48 -39.72
H14 S0R U 1 -19.13 17.80 -40.85
H15 S0R U 1 -20.02 16.72 -43.51
H16 S0R U 1 -18.32 17.09 -43.21
H17 S0R U 1 -18.78 15.48 -43.79
N LEU U 2 -19.95 13.10 -43.78
CA LEU U 2 -19.19 11.89 -43.95
C LEU U 2 -17.73 12.14 -43.57
CA S0R V 1 -3.15 -0.05 -44.26
CB S0R V 1 -3.12 1.07 -43.24
CG S0R V 1 -4.17 2.13 -43.47
O1 S0R V 1 -4.43 -1.67 -46.03
C5 S0R V 1 -5.95 -5.13 -43.34
C6 S0R V 1 -5.16 -4.02 -43.59
C2 S0R V 1 -6.60 -3.40 -45.39
C4 S0R V 1 -7.07 -5.37 -44.12
C S0R V 1 -4.62 -1.95 -44.91
C1 S0R V 1 -5.50 -3.15 -44.61
C3 S0R V 1 -7.39 -4.50 -45.14
N S0R V 1 -4.01 -1.15 -43.87
C7 S0R V 1 -1.77 -0.67 -44.33
O S0R V 1 -1.12 -0.74 -43.36
CD1 S0R V 1 -3.59 3.54 -43.53
CD2 S0R V 1 -5.25 2.06 -42.39
H1 S0R V 1 -3.44 0.33 -45.24
H2 S0R V 1 -2.14 1.53 -43.26
H3 S0R V 1 -3.27 0.64 -42.25
H4 S0R V 1 -4.66 1.93 -44.42
H5 S0R V 1 -5.70 -5.80 -42.53
H6 S0R V 1 -4.29 -3.84 -42.98
H7 S0R V 1 -6.85 -2.72 -46.20
H8 S0R V 1 -7.69 -6.23 -43.92
H9 S0R V 1 -8.26 -4.69 -45.75
H10 S0R V 1 -4.14 -1.37 -42.90
H12 S0R V 1 -3.54 3.97 -42.53
H13 S0R V 1 -4.21 4.17 -44.16
H14 S0R V 1 -2.59 3.51 -43.95
H15 S0R V 1 -5.80 1.14 -42.49
H16 S0R V 1 -4.76 2.08 -41.41
H17 S0R V 1 -5.91 2.91 -42.47
N LEU V 2 -1.28 -1.17 -45.57
CA LEU V 2 0.03 -1.77 -45.66
C LEU V 2 1.11 -0.72 -45.36
CA S0R W 1 18.34 1.77 -37.79
CB S0R W 1 17.13 2.35 -37.07
CG S0R W 1 16.44 3.51 -37.77
O1 S0R W 1 19.06 -0.33 -39.44
C5 S0R W 1 19.81 -3.56 -36.14
C6 S0R W 1 19.60 -2.27 -36.56
C2 S0R W 1 18.92 -3.08 -38.70
C4 S0R W 1 19.59 -4.61 -37.00
C S0R W 1 18.93 -0.60 -38.30
C1 S0R W 1 19.15 -2.03 -37.84
C3 S0R W 1 19.14 -4.38 -38.28
N S0R W 1 18.55 0.41 -37.36
C7 S0R W 1 19.62 2.52 -37.42
O S0R W 1 19.80 2.91 -36.32
CD1 S0R W 1 15.78 3.06 -39.07
CD2 S0R W 1 17.40 4.66 -38.01
H1 S0R W 1 18.19 1.81 -38.86
H2 S0R W 1 17.44 2.69 -36.08
H3 S0R W 1 16.40 1.55 -36.92
H4 S0R W 1 15.66 3.86 -37.12
H5 S0R W 1 20.17 -3.75 -35.14
H6 S0R W 1 19.79 -1.44 -35.89
H7 S0R W 1 18.58 -2.89 -39.71
H8 S0R W 1 19.76 -5.63 -36.67
H9 S0R W 1 18.96 -5.19 -38.96
H10 S0R W 1 18.43 0.17 -36.39
H12 S0R W 1 15.05 3.80 -39.38
H13 S0R W 1 15.29 2.10 -38.92
H14 S0R W 1 16.53 2.96 -39.85
H15 S0R W 1 18.12 4.38 -38.77
H16 S0R W 1 16.84 5.53 -38.34
H17 S0R W 1 17.91 4.90 -37.08
N LEU W 2 20.62 2.74 -38.43
CA LEU W 2 21.84 3.43 -38.09
C LEU W 2 21.65 4.93 -38.31
CA S0R X 1 28.84 20.24 -27.70
CB S0R X 1 27.33 20.03 -27.55
CG S0R X 1 26.70 19.20 -28.66
O1 S0R X 1 30.91 18.57 -28.52
C5 S0R X 1 32.14 17.04 -24.23
C6 S0R X 1 31.36 17.81 -25.08
C2 S0R X 1 32.48 16.88 -26.96
C4 S0R X 1 33.08 16.19 -24.75
C S0R X 1 30.69 18.58 -27.35
C1 S0R X 1 31.53 17.72 -26.43
C3 S0R X 1 33.25 16.11 -26.12
N S0R X 1 29.62 19.39 -26.83
C7 S0R X 1 29.14 21.67 -27.27
O S0R X 1 28.55 22.15 -26.38
CD1 S0R X 1 27.26 17.79 -28.67
CD2 S0R X 1 26.87 19.86 -30.03
H1 S0R X 1 29.13 20.10 -28.73
H2 S0R X 1 26.84 21.00 -27.54
H3 S0R X 1 27.14 19.54 -26.60
H4 S0R X 1 25.64 19.14 -28.46
H5 S0R X 1 32.00 17.10 -23.16
H6 S0R X 1 30.61 18.48 -24.66
H7 S0R X 1 32.62 16.81 -28.02
H8 S0R X 1 33.70 15.58 -24.09
H9 S0R X 1 34.00 15.44 -26.53
H10 S0R X 1 29.44 19.40 -25.85
H12 S0R X 1 28.31 17.81 -28.95
H13 S0R X 1 26.70 17.17 -29.36
H14 S0R X 1 27.18 17.37 -27.66
H15 S0R X 1 27.72 19.43 -30.55
H16 S0R X 1 25.97 19.71 -30.61
H17 S0R X 1 27.04 20.93 -29.89
N LEU X 2 30.18 22.42 -27.94
CA LEU X 2 30.46 23.78 -27.50
C LEU X 2 29.22 24.63 -27.77
CA S0R Y 1 -2.66 47.28 -24.55
CB S0R Y 1 -2.20 45.84 -24.48
CG S0R Y 1 -0.73 45.68 -24.83
O1 S0R Y 1 -0.83 49.16 -23.57
C5 S0R Y 1 -2.82 49.65 -19.32
C6 S0R Y 1 -2.70 49.04 -20.55
C2 S0R Y 1 -1.04 50.61 -21.18
C4 S0R Y 1 -2.04 50.74 -19.01
C S0R Y 1 -1.71 48.86 -22.84
C1 S0R Y 1 -1.81 49.52 -21.48
C3 S0R Y 1 -1.15 51.23 -19.95
N S0R Y 1 -2.70 47.89 -23.24
C7 S0R Y 1 -4.10 47.32 -25.03
O S0R Y 1 -4.90 46.64 -24.48
CD1 S0R Y 1 -0.51 45.80 -26.34
CD2 S0R Y 1 -0.20 44.36 -24.30
H1 S0R Y 1 -2.03 47.86 -25.22
H2 S0R Y 1 -2.78 45.24 -25.18
H3 S0R Y 1 -2.36 45.46 -23.48
H4 S0R Y 1 -0.18 46.48 -24.35
H5 S0R Y 1 -3.52 49.26 -18.58
H6 S0R Y 1 -3.33 48.18 -20.77
H7 S0R Y 1 -0.35 51.00 -21.91
H8 S0R Y 1 -2.13 51.22 -18.04
H9 S0R Y 1 -0.54 52.09 -19.72
H10 S0R Y 1 -3.45 47.67 -22.62
H12 S0R Y 1 -0.67 44.82 -26.81
H13 S0R Y 1 0.50 46.12 -26.54
H14 S0R Y 1 -1.21 46.50 -26.77
H15 S0R Y 1 -0.86 43.55 -24.62
H16 S0R Y 1 0.79 44.19 -24.70
H17 S0R Y 1 -0.16 44.40 -23.22
N LEU Y 2 -4.52 48.18 -26.10
CA LEU Y 2 -5.92 48.18 -26.48
C LEU Y 2 -6.15 47.13 -27.57
CA S0R Z 1 -19.65 36.11 -33.14
CB S0R Z 1 -18.37 35.76 -32.38
CG S0R Z 1 -17.09 35.98 -33.17
O1 S0R Z 1 -21.31 38.33 -33.44
C5 S0R Z 1 -24.23 37.55 -29.88
C6 S0R Z 1 -23.26 37.16 -30.77
C2 S0R Z 1 -22.81 39.45 -31.28
C4 S0R Z 1 -24.50 38.88 -29.68
C S0R Z 1 -21.48 37.69 -32.46
C1 S0R Z 1 -22.55 38.11 -31.47
C3 S0R Z 1 -23.78 39.83 -30.38
N S0R Z 1 -20.67 36.53 -32.20
C7 S0R Z 1 -20.17 34.89 -33.87
O S0R Z 1 -20.11 33.83 -33.36
CD1 S0R Z 1 -16.88 37.46 -33.51
CD2 S0R Z 1 -17.06 35.12 -34.42
H1 S0R Z 1 -19.45 36.90 -33.86
H2 S0R Z 1 -18.41 34.73 -32.07
H3 S0R Z 1 -18.33 36.39 -31.48
H4 S0R Z 1 -16.26 35.68 -32.54
H5 S0R Z 1 -24.78 36.79 -29.33
H6 S0R Z 1 -23.04 36.11 -30.92
H7 S0R Z 1 -22.26 40.19 -31.82
H8 S0R Z 1 -25.26 39.18 -28.98
H9 S0R Z 1 -24.00 40.89 -30.23
H10 S0R Z 1 -20.81 35.99 -31.37
H12 S0R Z 1 -15.83 37.62 -33.74
H13 S0R Z 1 -17.17 38.07 -32.66
H14 S0R Z 1 -17.48 37.73 -34.37
H15 S0R Z 1 -17.58 35.61 -35.23
H16 S0R Z 1 -16.03 34.93 -34.72
H17 S0R Z 1 -17.55 34.16 -34.21
N LEU Z 2 -20.76 35.02 -35.17
CA LEU Z 2 -21.27 33.84 -35.84
C LEU Z 2 -20.23 33.32 -36.83
CA S0R AA 1 19.36 39.74 -21.55
CB S0R AA 1 18.71 38.37 -21.46
CG S0R AA 1 18.55 37.65 -22.79
O1 S0R AA 1 22.07 40.52 -21.49
C5 S0R AA 1 22.32 40.85 -16.81
C6 S0R AA 1 21.65 40.70 -17.99
C2 S0R AA 1 23.70 40.42 -19.16
C4 S0R AA 1 23.70 40.79 -16.81
C S0R AA 1 21.55 40.32 -20.45
C1 S0R AA 1 22.33 40.48 -19.17
C3 S0R AA 1 24.39 40.57 -17.98
N S0R AA 1 20.18 39.91 -20.37
C7 S0R AA 1 18.30 40.81 -21.50
O S0R AA 1 17.52 40.83 -20.62
CD1 S0R AA 1 19.92 37.31 -23.39
CD2 S0R AA 1 17.71 38.47 -23.74
H1 S0R AA 1 19.96 39.83 -22.45
H2 S0R AA 1 17.72 38.47 -21.02
H3 S0R AA 1 19.31 37.74 -20.80
H4 S0R AA 1 18.03 36.72 -22.60
H5 S0R AA 1 21.79 41.02 -15.89
H6 S0R AA 1 20.56 40.75 -17.99
H7 S0R AA 1 24.24 40.25 -20.09
H8 S0R AA 1 24.25 40.91 -15.87
H9 S0R AA 1 25.47 40.53 -17.97
H10 S0R AA 1 19.76 39.74 -19.47
H12 S0R AA 1 19.80 36.50 -24.11
H13 S0R AA 1 20.59 36.99 -22.60
H14 S0R AA 1 20.32 38.18 -23.89
H15 S0R AA 1 18.24 39.37 -24.03
H16 S0R AA 1 17.48 37.89 -24.64
H17 S0R AA 1 16.77 38.76 -23.26
N LEU AA 2 18.25 41.84 -22.53
CA LEU AA 2 17.23 42.87 -22.46
C LEU AA 2 16.26 42.68 -23.63
N UNK BA 1 -3.83 -44.75 82.69
CA UNK BA 1 -3.56 -45.35 81.34
C UNK BA 1 -2.55 -44.50 80.57
N UNK BA 2 -1.85 -45.15 79.64
CA UNK BA 2 -0.87 -44.46 78.80
C UNK BA 2 -1.58 -43.53 77.84
N UNK BA 3 -0.84 -42.54 77.31
CA UNK BA 3 -1.40 -41.58 76.37
C UNK BA 3 -1.00 -41.92 74.94
N UNK BA 4 -1.96 -42.42 74.16
CA UNK BA 4 -1.70 -42.82 72.78
C UNK BA 4 -1.42 -41.59 71.92
N UNK BA 5 -0.73 -41.80 70.81
CA UNK BA 5 -0.42 -40.73 69.87
C UNK BA 5 -1.15 -40.95 68.57
N UNK BA 6 -2.23 -40.20 68.36
CA UNK BA 6 -3.06 -40.37 67.18
C UNK BA 6 -2.40 -39.76 65.94
N UNK BA 7 -2.68 -40.35 64.78
CA UNK BA 7 -2.16 -39.84 63.52
C UNK BA 7 -3.26 -39.16 62.73
N UNK BA 8 -3.52 -37.90 63.08
CA UNK BA 8 -4.59 -37.15 62.44
C UNK BA 8 -4.30 -36.95 60.95
N UNK BA 9 -5.32 -37.19 60.13
CA UNK BA 9 -5.19 -37.04 58.68
C UNK BA 9 -5.71 -35.67 58.24
N UNK BA 10 -4.78 -34.75 57.99
CA UNK BA 10 -5.14 -33.40 57.60
C UNK BA 10 -5.37 -33.30 56.10
N UNK BA 11 -6.38 -32.52 55.71
CA UNK BA 11 -6.71 -32.35 54.29
C UNK BA 11 -5.51 -31.78 53.54
N UNK BA 12 -5.50 -31.98 52.22
CA UNK BA 12 -4.40 -31.51 51.38
C UNK BA 12 -4.77 -30.22 50.67
N UNK BA 13 -3.89 -29.23 50.74
CA UNK BA 13 -4.13 -27.93 50.11
C UNK BA 13 -4.11 -28.05 48.60
N UNK BA 14 -4.96 -27.28 47.92
CA UNK BA 14 -5.05 -27.31 46.47
C UNK BA 14 -4.10 -26.29 45.86
N UNK BA 15 -3.18 -26.76 45.01
CA UNK BA 15 -2.20 -25.89 44.37
C UNK BA 15 -2.87 -25.01 43.33
N UNK BA 16 -2.59 -23.71 43.37
CA UNK BA 16 -3.17 -22.77 42.43
C UNK BA 16 -2.65 -23.03 41.02
N UNK BA 17 -3.48 -22.74 40.02
CA UNK BA 17 -3.13 -22.96 38.63
C UNK BA 17 -3.52 -21.77 37.78
N UNK BA 18 -2.55 -20.90 37.47
CA UNK BA 18 -2.80 -19.71 36.69
C UNK BA 18 -3.37 -20.05 35.32
N UNK BA 19 -4.00 -19.07 34.69
CA UNK BA 19 -4.58 -19.27 33.37
C UNK BA 19 -4.28 -18.07 32.48
N UNK BA 20 -3.39 -18.25 31.52
CA UNK BA 20 -2.98 -17.16 30.64
C UNK BA 20 -4.17 -16.61 29.88
N UNK BA 21 -3.93 -15.64 29.02
CA UNK BA 21 -4.97 -15.00 28.25
C UNK BA 21 -4.38 -14.22 27.09
N UNK BA 22 -4.44 -14.79 25.90
CA UNK BA 22 -3.85 -14.16 24.73
C UNK BA 22 -4.55 -12.85 24.41
N UNK BA 23 -3.86 -11.97 23.70
CA UNK BA 23 -4.40 -10.68 23.31
C UNK BA 23 -4.15 -10.44 21.83
N UNK BA 24 -5.22 -10.41 21.05
CA UNK BA 24 -5.11 -10.25 19.61
C UNK BA 24 -4.84 -8.80 19.23
N UNK BA 25 -3.64 -8.33 19.55
CA UNK BA 25 -3.27 -6.94 19.28
C UNK BA 25 -3.51 -6.57 17.83
N UNK BA 26 -4.09 -5.38 17.62
CA UNK BA 26 -4.35 -4.87 16.28
C UNK BA 26 -5.11 -5.89 15.42
PB ADP CA . -24.54 -4.73 56.13
O1B ADP CA . -23.42 -4.29 55.21
O2B ADP CA . -25.85 -4.59 55.40
O3B ADP CA . -24.33 -6.16 56.55
PA ADP CA . -25.79 -2.71 57.74
O1A ADP CA . -26.44 -2.38 56.42
O2A ADP CA . -26.82 -3.33 58.66
O3A ADP CA . -24.57 -3.76 57.46
O5' ADP CA . -25.23 -1.32 58.43
C5' ADP CA . -26.13 -0.25 58.44
C4' ADP CA . -25.96 0.60 59.69
O4' ADP CA . -27.01 1.82 59.65
C3' ADP CA . -26.25 -0.09 60.76
O3' ADP CA . -25.46 0.42 61.91
C2' ADP CA . -27.74 0.15 61.01
O2' ADP CA . -28.01 0.11 62.34
C1' ADP CA . -28.01 1.55 60.46
N9 ADP CA . -29.31 1.58 59.74
C8 ADP CA . -29.06 1.33 58.46
N7 ADP CA . -30.25 1.36 57.86
C5 ADP CA . -31.19 1.62 58.78
C6 ADP CA . -32.56 1.75 58.69
N6 ADP CA . -33.23 1.62 57.42
N1 ADP CA . -33.27 2.01 59.78
C2 ADP CA . -32.65 2.14 60.98
N3 ADP CA . -31.33 2.01 61.08
C4 ADP CA . -30.60 1.75 59.97
H5'1 ADP CA . -27.14 -0.64 58.41
H5'2 ADP CA . -25.95 0.37 57.57
H4' ADP CA . -24.94 0.97 59.75
H3' ADP CA . -26.05 -1.15 60.61
HO3' ADP CA . -25.61 -0.13 62.67
H2' ADP CA . -28.34 -0.60 60.48
HO2' ADP CA . -28.49 -0.67 62.54
H1' ADP CA . -28.03 2.26 61.27
H8 ADP CA . -28.10 1.15 57.99
HN61 ADP CA . -34.23 1.67 57.37
HN62 ADP CA . -32.69 1.48 56.58
H2 ADP CA . -33.25 2.35 61.87
PB ADP DA . 1.22 32.40 30.06
O1B ADP DA . 2.66 32.47 29.63
O2B ADP DA . 0.60 33.78 29.98
O3B ADP DA . 0.47 31.46 29.15
PA ADP DA . 2.11 32.44 32.80
O1A ADP DA . 2.99 31.33 33.32
O2A ADP DA . 2.99 33.53 32.22
O3A ADP DA . 1.13 31.87 31.61
O5' ADP DA . 1.20 33.08 34.02
C5' ADP DA . 1.84 33.50 35.18
C4' ADP DA . 1.59 32.49 36.28
O4' ADP DA . 2.25 31.09 35.87
C3' ADP DA . 2.14 32.90 37.40
O3' ADP DA . 1.07 33.38 38.32
C2' ADP DA . 2.84 31.67 38.01
O2' ADP DA . 2.16 31.26 39.10
C1' ADP DA . 2.83 30.57 36.93
N9 ADP DA . 4.20 30.15 36.61
C8 ADP DA . 4.68 31.13 35.86
N7 ADP DA . 5.94 30.74 35.57
C5 ADP DA . 6.17 29.55 36.15
C6 ADP DA . 7.27 28.73 36.15
N6 ADP DA . 8.48 29.13 35.44
N1 ADP DA . 7.24 27.58 36.80
C2 ADP DA . 6.12 27.21 37.47
N3 ADP DA . 5.03 28.00 37.46
C4 ADP DA . 5.06 29.17 36.80
H5'1 ADP DA . 1.46 34.47 35.47
H5'2 ADP DA . 2.91 33.58 34.99
H4' ADP DA . 0.52 32.36 36.42
H3' ADP DA . 2.86 33.69 37.20
HO3' ADP DA . 0.64 32.64 38.72
H2' ADP DA . 3.86 31.93 38.28
HO2' ADP DA . 2.22 31.92 39.78
H1' ADP DA . 2.24 29.72 37.28
H8 ADP DA . 4.19 32.04 35.55
HN61 ADP DA . 9.29 28.54 35.47
HN62 ADP DA . 8.49 29.99 34.94
H2 ADP DA . 6.11 26.27 38.00
PG ATP EA . -30.78 -29.91 41.29
O1G ATP EA . -29.82 -29.47 40.20
O2G ATP EA . -30.44 -31.31 41.74
O3G ATP EA . -30.68 -28.96 42.46
PB ATP EA . -33.25 -31.26 40.66
O1B ATP EA . -33.01 -31.97 39.35
O2B ATP EA . -32.87 -32.16 41.81
O3B ATP EA . -32.31 -29.91 40.71
PA ATP EA . -35.87 -31.72 41.78
O1A ATP EA . -35.51 -31.47 43.22
O2A ATP EA . -35.74 -33.19 41.45
O3A ATP EA . -34.85 -30.87 40.80
O5' ATP EA . -37.42 -31.23 41.49
C5' ATP EA . -37.67 -29.85 41.47
C4' ATP EA . -39.13 -29.61 41.62
O4' ATP EA . -39.72 -29.97 40.52
C3' ATP EA . -39.74 -30.54 42.86
O3' ATP EA . -40.55 -29.67 43.74
C2' ATP EA . -40.49 -31.40 42.36
O2' ATP EA . -41.71 -31.55 43.22
C1' ATP EA . -40.89 -30.82 40.93
N9 ATP EA . -41.08 -31.79 40.06
C8 ATP EA . -40.13 -32.00 39.15
N7 ATP EA . -40.51 -33.01 38.37
C5 ATP EA . -41.71 -33.43 38.80
C6 ATP EA . -42.54 -34.42 38.37
N6 ATP EA . -42.38 -35.36 37.27
N1 ATP EA . -43.68 -34.64 38.97
C2 ATP EA . -44.05 -33.88 40.03
N3 ATP EA . -43.23 -32.90 40.46
C4 ATP EA . -42.05 -32.68 39.84
H5'1 ATP EA . -37.33 -29.44 40.52
H5'2 ATP EA . -37.13 -29.37 42.28
H4' ATP EA . -39.32 -28.56 41.81
H3' ATP EA . -38.94 -31.01 43.41
HO3' ATP EA . -40.82 -28.91 43.26
H2' ATP EA . -39.97 -32.35 42.27
HO2' ATP EA . -42.47 -31.29 42.72
H1' ATP EA . -41.78 -30.21 41.01
H8 ATP EA . -39.20 -31.45 39.05
HN61 ATP EA . -42.80 -36.26 37.32
HN62 ATP EA . -41.85 -35.10 36.46
H2 ATP EA . -44.99 -34.07 40.53
PG ATP FA . -28.17 13.41 14.56
O1G ATP FA . -28.54 12.90 13.19
O2G ATP FA . -26.93 14.26 14.45
O3G ATP FA . -27.90 12.24 15.48
PB ATP FA . -30.48 13.74 16.28
O1B ATP FA . -31.81 13.51 15.63
O2B ATP FA . -29.95 12.45 16.85
O3B ATP FA . -29.40 14.31 15.17
PA ATP FA . -31.89 14.81 18.59
O1A ATP FA . -31.44 14.15 19.87
O2A ATP FA . -33.04 14.03 17.98
O3A ATP FA . -30.65 14.85 17.51
O5' ATP FA . -32.39 16.35 18.92
C5' ATP FA . -31.50 17.20 19.60
C4' ATP FA . -32.29 18.12 20.46
O4' ATP FA . -33.16 18.73 19.70
C3' ATP FA . -33.13 17.23 21.58
O3' ATP FA . -32.54 17.46 22.92
C2' ATP FA . -34.30 17.59 21.59
O2' ATP FA . -34.61 18.27 22.90
C1' ATP FA . -34.50 18.63 20.39
N9 ATP FA . -35.42 18.21 19.56
C8 ATP FA . -35.05 17.97 18.29
N7 ATP FA . -36.12 17.56 17.62
C5 ATP FA . -37.16 17.56 18.46
C6 ATP FA . -38.48 17.23 18.29
N6 ATP FA . -39.20 16.78 17.11
N1 ATP FA . -39.31 17.31 19.30
C2 ATP FA . -38.87 17.72 20.51
N3 ATP FA . -37.58 18.05 20.69
C4 ATP FA . -36.73 17.97 19.65
H5'1 ATP FA . -30.93 17.78 18.88
H5'2 ATP FA . -30.83 16.61 20.22
H4' ATP FA . -31.65 18.85 20.95
H3' ATP FA . -33.07 16.17 21.33
HO3' ATP FA . -32.38 18.38 23.03
H2' ATP FA . -34.96 16.74 21.45
HO2' ATP FA . -35.28 17.80 23.35
H1' ATP FA . -34.77 19.61 20.79
H8 ATP FA . -34.04 18.08 17.88
HN61 ATP FA . -40.04 17.23 16.83
HN62 ATP FA . -38.85 15.99 16.59
H2 ATP FA . -39.56 17.79 21.35
PG ATP GA . -11.18 -50.37 35.17
O1G ATP GA . -9.82 -50.73 35.71
O2G ATP GA . -12.19 -50.41 36.29
O3G ATP GA . -11.13 -48.98 34.60
PB ATP GA . -11.37 -53.07 34.20
O1B ATP GA . -10.37 -53.55 33.18
O2B ATP GA . -10.84 -53.33 35.59
O3B ATP GA . -11.62 -51.45 34.01
PA ATP GA . -12.86 -55.49 33.65
O1A ATP GA . -13.43 -56.24 34.82
O2A ATP GA . -11.45 -55.96 33.37
O3A ATP GA . -12.80 -53.88 33.99
O5' ATP GA . -13.80 -55.75 32.31
C5' ATP GA . -15.16 -55.41 32.39
C4' ATP GA . -15.96 -56.50 31.77
O4' ATP GA . -15.36 -56.90 30.69
C3' ATP GA . -16.01 -57.80 32.82
O3' ATP GA . -17.42 -58.11 33.14
C2' ATP GA . -15.51 -58.78 32.25
O2' ATP GA . -16.37 -59.98 32.48
C1' ATP GA . -15.49 -58.39 30.70
N9 ATP GA . -14.47 -58.95 30.07
C8 ATP GA . -13.45 -58.17 29.74
N7 ATP GA . -12.54 -58.92 29.10
C5 ATP GA . -13.01 -60.16 29.03
C6 ATP GA . -12.50 -61.30 28.49
N6 ATP GA . -11.24 -61.53 27.81
N1 ATP GA . -13.17 -62.43 28.56
C2 ATP GA . -14.38 -62.46 29.16
N3 ATP GA . -14.89 -61.33 29.69
C4 ATP GA . -14.20 -60.19 29.63
H5'1 ATP GA . -15.33 -54.48 31.84
H5'2 ATP GA . -15.45 -55.28 33.42
H4' ATP GA . -16.96 -56.17 31.55
H3' ATP GA . -15.46 -57.57 33.72
HO3' ATP GA . -17.97 -57.85 32.41
H2' ATP GA . -14.50 -58.95 32.62
HO2' ATP GA . -16.72 -60.28 31.66
H1' ATP GA . -16.42 -58.69 30.24
H8 ATP GA . -13.36 -57.10 29.95
HN61 ATP GA . -10.87 -62.46 27.72
HN62 ATP GA . -10.74 -60.77 27.42
H2 ATP GA . -14.93 -63.39 29.21
PG ATP HA . -31.81 -15.07 3.97
O1G ATP HA . -32.01 -13.67 4.49
O2G ATP HA . -30.90 -15.04 2.77
O3G ATP HA . -31.20 -15.93 5.05
PB ATP HA . -33.79 -17.18 4.04
O1B ATP HA . -33.41 -18.20 3.01
O2B ATP HA . -33.14 -17.51 5.37
O3B ATP HA . -33.27 -15.69 3.55
PA ATP HA . -36.13 -17.63 5.67
O1A ATP HA . -35.35 -17.06 6.82
O2A ATP HA . -36.17 -19.13 5.77
O3A ATP HA . -35.43 -17.17 4.25
O5' ATP HA . -37.67 -17.05 5.72
C5' ATP HA . -38.13 -16.47 6.92
C4' ATP HA . -39.61 -16.36 6.81
O4' ATP HA . -39.89 -16.38 5.54
C3' ATP HA . -40.32 -17.68 7.52
O3' ATP HA . -40.97 -17.25 8.77
C2' ATP HA . -41.18 -18.14 6.75
O2' ATP HA . -42.54 -17.91 7.34
C1' ATP HA . -41.05 -17.34 5.37
N9 ATP HA . -40.81 -18.16 4.37
C8 ATP HA . -39.90 -17.78 3.48
N7 ATP HA . -39.82 -18.74 2.55
C5 ATP HA . -40.69 -19.70 2.86
C6 ATP HA . -41.00 -20.89 2.26
N6 ATP HA . -40.49 -21.50 1.04
N1 ATP HA . -41.91 -21.68 2.79
C2 ATP HA . -42.53 -21.32 3.93
N3 ATP HA . -42.22 -20.15 4.53
C4 ATP HA . -41.30 -19.34 3.99
H5'1 ATP HA . -37.69 -15.49 7.05
H5'2 ATP HA . -37.86 -17.11 7.76
H4' ATP HA . -39.96 -15.44 7.26
H3' ATP HA . -39.58 -18.45 7.74
HO3' ATP HA . -41.62 -16.59 8.58
H2' ATP HA . -41.01 -19.20 6.61
HO2' ATP HA . -43.20 -18.07 6.68
H1' ATP HA . -41.96 -16.77 5.18
H8 ATP HA . -39.32 -16.87 3.50
HN61 ATP HA . -40.76 -22.42 0.80
HN62 ATP HA . -39.86 -20.98 0.46
H2 ATP HA . -43.29 -21.96 4.36
PG ATP IA . 16.01 -47.33 43.48
O1G ATP IA . 14.61 -47.69 43.03
O2G ATP IA . 16.32 -45.92 43.08
O3G ATP IA . 16.10 -47.47 44.98
PB ATP IA . 18.48 -48.82 43.50
O1B ATP IA . 19.63 -48.14 42.80
O2B ATP IA . 18.45 -48.41 44.96
O3B ATP IA . 17.07 -48.37 42.78
PA ATP IA . 19.69 -51.18 42.33
O1A ATP IA . 20.96 -51.58 43.03
O2A ATP IA . 20.01 -50.17 41.25
O3A ATP IA . 18.67 -50.46 43.40
O5' ATP IA . 18.97 -52.52 41.68
C5' ATP IA . 18.81 -52.64 40.30
C4' ATP IA . 19.75 -53.66 39.73
O4' ATP IA . 20.77 -53.06 39.23
C3' ATP IA . 20.38 -54.66 40.90
O3' ATP IA . 19.51 -55.84 41.05
C2' ATP IA . 21.49 -55.04 40.49
O2' ATP IA . 21.39 -56.49 40.09
C1' ATP IA . 21.83 -54.13 39.22
N9 ATP IA . 23.04 -53.62 39.29
C8 ATP IA . 23.14 -52.28 39.30
N7 ATP IA . 24.43 -51.98 39.37
C5 ATP IA . 25.12 -53.11 39.40
C6 ATP IA . 26.47 -53.36 39.46
N6 ATP IA . 27.59 -52.44 39.53
N1 ATP IA . 26.92 -54.60 39.48
C2 ATP IA . 26.05 -55.62 39.42
N3 ATP IA . 24.72 -55.39 39.35
C4 ATP IA . 24.27 -54.13 39.35
H5'1 ATP IA . 18.99 -51.69 39.82
H5'2 ATP IA . 17.78 -52.96 40.09
H4' ATP IA . 19.25 -54.25 38.96
H3' ATP IA . 20.50 -54.16 41.85
HO3' ATP IA . 19.22 -56.13 40.20
H2' ATP IA . 22.24 -54.90 41.26
HO2' ATP IA . 21.90 -56.63 39.31
H1' ATP IA . 21.73 -54.72 38.31
H8 ATP IA . 22.32 -51.58 39.27
HN61 ATP IA . 28.38 -52.65 40.11
HN62 ATP IA . 27.59 -51.60 38.98
H2 ATP IA . 26.41 -56.66 39.43
PG ATP JA . -7.67 -33.37 -0.06
O1G ATP JA . -7.09 -33.68 1.29
O2G ATP JA . -9.13 -32.99 0.08
O3G ATP JA . -6.93 -32.23 -0.69
PB ATP JA . -7.16 -36.19 -0.41
O1B ATP JA . -5.79 -36.59 -0.90
O2B ATP JA . -7.18 -36.15 1.09
O3B ATP JA . -7.56 -34.71 -1.01
PA ATP JA . -8.68 -38.62 -0.03
O1A ATP JA . -9.17 -38.17 1.33
O2A ATP JA . -7.48 -39.52 0.15
O3A ATP JA . -8.26 -37.31 -0.93
O5' ATP JA . -9.88 -39.45 -0.79
C5' ATP JA . -11.10 -39.64 -0.10
C4' ATP JA . -11.87 -40.68 -0.83
O4' ATP JA . -11.48 -40.68 -2.06
C3' ATP JA . -11.53 -42.18 -0.17
O3' ATP JA . -12.79 -42.76 0.36
C2' ATP JA . -11.10 -42.92 -1.06
O2' ATP JA . -11.97 -44.15 -1.17
C1' ATP JA . -11.17 -42.10 -2.44
N9 ATP JA . -10.01 -42.18 -3.06
C8 ATP JA . -9.43 -41.05 -3.46
N7 ATP JA . -8.29 -41.35 -4.07
C5 ATP JA . -8.16 -42.69 -4.04
C6 ATP JA . -7.18 -43.52 -4.52
N6 ATP JA . -5.94 -43.22 -5.22
N1 ATP JA . -7.29 -44.82 -4.37
C2 ATP JA . -8.37 -45.34 -3.74
N3 ATP JA . -9.33 -44.52 -3.27
C4 ATP JA . -9.22 -43.20 -3.42
H5'1 ATP JA . -11.66 -38.70 -0.10
H5'2 ATP JA . -10.91 -39.95 0.91
H4' ATP JA . -12.93 -40.49 -0.78
H3' ATP JA . -10.80 -42.09 0.62
HO3' ATP JA . -13.28 -43.14 -0.35
H2' ATP JA . -10.07 -43.20 -0.84
HO2' ATP JA . -12.02 -44.41 -2.07
H1' ATP JA . -11.96 -42.50 -3.06
H8 ATP JA . -9.82 -40.05 -3.31
HN61 ATP JA . -5.39 -42.44 -4.95
HN62 ATP JA . -5.64 -43.81 -5.98
H2 ATP JA . -8.45 -46.41 -3.62
PG ATP KA . 23.18 -26.31 60.95
O1G ATP KA . 22.28 -25.91 62.09
O2G ATP KA . 22.82 -27.68 60.47
O3G ATP KA . 23.04 -25.31 59.83
PB ATP KA . 25.22 -25.40 62.77
O1B ATP KA . 25.29 -23.97 62.33
O2B ATP KA . 24.23 -25.55 63.90
O3B ATP KA . 24.73 -26.32 61.49
PA ATP KA . 28.09 -25.10 62.88
O1A ATP KA . 28.68 -24.49 64.12
O2A ATP KA . 27.77 -24.02 61.88
O3A ATP KA . 26.71 -25.91 63.26
O5' ATP KA . 29.18 -26.15 62.22
C5' ATP KA . 30.26 -26.58 63.02
C4' ATP KA . 31.43 -26.85 62.14
O4' ATP KA . 31.84 -25.74 61.62
C3' ATP KA . 32.65 -27.48 63.07
O3' ATP KA . 33.31 -28.59 62.35
C2' ATP KA . 33.48 -26.58 63.27
O2' ATP KA . 34.86 -27.15 63.21
C1' ATP KA . 33.28 -25.55 62.06
N9 ATP KA . 33.50 -24.32 62.45
C8 ATP KA . 32.59 -23.39 62.11
N7 ATP KA . 33.00 -22.21 62.59
C5 ATP KA . 34.17 -22.40 63.22
C6 ATP KA . 35.00 -21.54 63.88
N6 ATP KA . 34.89 -20.11 64.11
N1 ATP KA . 36.12 -21.98 64.43
C2 ATP KA . 36.43 -23.30 64.34
N3 ATP KA . 35.60 -24.14 63.70
C4 ATP KA . 34.47 -23.69 63.14
H5'1 ATP KA . 29.99 -27.49 63.55
H5'2 ATP KA . 30.53 -25.80 63.73
H4' ATP KA . 31.17 -27.56 61.35
H3' ATP KA . 32.26 -27.83 64.03
HO3' ATP KA . 33.71 -28.25 61.57
H2' ATP KA . 33.30 -26.09 64.21
HO2' ATP KA . 35.45 -26.60 63.72
H1' ATP KA . 33.94 -25.81 61.24
H8 ATP KA . 31.68 -23.56 61.55
HN61 ATP KA . 35.47 -19.67 64.79
HN62 ATP KA . 34.23 -19.58 63.59
H2 ATP KA . 37.34 -23.66 64.80
PG ATP LA . 19.90 -25.99 10.57
O1G ATP LA . 19.66 -24.60 10.05
O2G ATP LA . 18.84 -26.93 10.05
O3G ATP LA . 19.89 -25.98 12.07
PB ATP LA . 22.55 -27.06 11.08
O1B ATP LA . 23.57 -25.97 11.27
O2B ATP LA . 21.93 -27.43 12.40
O3B ATP LA . 21.38 -26.53 10.05
PA ATP LA . 23.36 -29.83 11.21
O1A ATP LA . 22.06 -30.10 11.92
O2A ATP LA . 24.49 -29.83 12.21
O3A ATP LA . 23.28 -28.39 10.43
O5' ATP LA . 23.64 -31.02 10.09
C5' ATP LA . 22.89 -32.20 10.16
C4' ATP LA . 23.68 -33.29 9.50
O4' ATP LA . 24.38 -32.76 8.55
C3' ATP LA . 24.75 -33.91 10.60
O3' ATP LA . 24.15 -35.09 11.25
C2' ATP LA . 25.75 -34.27 9.97
O2' ATP LA . 25.66 -35.72 9.64
C1' ATP LA . 25.75 -33.40 8.62
N9 ATP LA . 26.69 -32.48 8.65
C8 ATP LA . 26.34 -31.23 8.36
N7 ATP LA . 27.42 -30.46 8.43
C5 ATP LA . 28.45 -31.24 8.76
C6 ATP LA . 29.78 -30.97 8.97
N6 ATP LA . 30.51 -29.72 8.89
N1 ATP LA . 30.60 -31.94 9.29
C2 ATP LA . 30.15 -33.21 9.44
N3 ATP LA . 28.84 -33.47 9.23
C4 ATP LA . 28.00 -32.48 8.89
H5'1 ATP LA . 21.95 -32.08 9.64
H5'2 ATP LA . 22.71 -32.47 11.20
H4' ATP LA . 23.03 -34.06 9.11
H3' ATP LA . 25.01 -33.17 11.34
HO3' ATP LA . 23.94 -35.74 10.60
H2' ATP LA . 26.64 -34.06 10.55
HO2' ATP LA . 26.27 -35.93 8.96
H1' ATP LA . 25.88 -34.05 7.77
H8 ATP LA . 25.34 -30.88 8.11
HN61 ATP LA . 31.46 -29.68 9.20
HN62 ATP LA . 30.06 -28.90 8.53
H2 ATP LA . 30.84 -34.00 9.71
PB ADP MA . 5.01 -4.23 70.08
O1B ADP MA . 4.88 -3.11 69.07
O2B ADP MA . 3.64 -4.76 70.42
O3B ADP MA . 5.85 -5.34 69.50
PA ADP MA . 5.82 -2.02 71.74
O1A ADP MA . 6.19 -1.31 70.47
O2A ADP MA . 4.48 -1.51 72.23
O3A ADP MA . 5.71 -3.63 71.44
O5' ADP MA . 6.96 -1.73 72.89
C5' ADP MA . 8.27 -2.16 72.63
C4' ADP MA . 9.27 -1.12 73.11
O4' ADP MA . 8.85 0.34 72.57
C3' ADP MA . 9.28 -1.07 74.42
O3' ADP MA . 10.61 -1.49 74.94
C2' ADP MA . 9.02 0.40 74.80
O2' ADP MA . 9.91 0.80 75.75
C1' ADP MA . 9.25 1.17 73.49
N9 ADP MA . 8.49 2.43 73.50
C8 ADP MA . 7.98 2.57 72.29
N7 ADP MA . 7.31 3.73 72.33
C5 ADP MA . 7.42 4.25 73.56
C6 ADP MA . 6.93 5.40 74.12
N6 ADP MA . 6.11 6.30 73.34
N1 ADP MA . 7.19 5.68 75.39
C2 ADP MA . 7.94 4.85 76.14
N3 ADP MA . 8.44 3.72 75.59
C4 ADP MA . 8.17 3.43 74.31
H5'1 ADP MA . 8.39 -2.30 71.56
H5'2 ADP MA . 8.45 -3.10 73.14
H4' ADP MA . 10.26 -1.37 72.75
H3' ADP MA . 8.49 -1.69 74.84
HO3' ADP MA . 11.28 -0.91 74.60
H2' ADP MA . 8.01 0.53 75.14
HO2' ADP MA . 10.30 1.61 75.49
H1' ADP MA . 10.31 1.37 73.35
H8 ADP MA . 8.09 1.92 71.43
HN61 ADP MA . 5.56 7.01 73.79
HN62 ADP MA . 6.09 6.22 72.34
H2 ADP MA . 8.16 5.08 77.17
PB ADP NA . 35.89 2.38 32.46
O1B ADP NA . 35.93 3.05 31.12
O2B ADP NA . 37.24 1.84 32.80
O3B ADP NA . 35.50 3.41 33.51
PA ADP NA . 34.64 0.11 31.17
O1A ADP NA . 34.88 0.87 29.89
O2A ADP NA . 35.65 -0.99 31.31
O3A ADP NA . 34.77 1.16 32.44
O5' ADP NA . 33.12 -0.54 31.12
C5' ADP NA . 32.56 -0.80 29.86
C4' ADP NA . 31.56 -1.95 29.97
O4' ADP NA . 30.20 -1.45 30.68
C3' ADP NA . 31.18 -2.35 28.79
O3' ADP NA . 30.62 -3.73 28.88
C2' ADP NA . 30.08 -1.37 28.39
O2' ADP NA . 29.17 -1.95 27.58
C1' ADP NA . 29.43 -0.96 29.74
N9 ADP NA . 29.36 0.50 29.83
C8 ADP NA . 28.40 0.85 28.99
N7 ADP NA . 28.34 2.18 29.08
C5 ADP NA . 29.26 2.59 29.97
C6 ADP NA . 29.61 3.84 30.44
N6 ADP NA . 28.93 5.01 29.94
N1 ADP NA . 30.56 3.97 31.35
C2 ADP NA . 31.21 2.88 31.82
N3 ADP NA . 30.88 1.66 31.37
C4 ADP NA . 29.91 1.53 30.46
H5'1 ADP NA . 33.35 -1.08 29.18
H5'2 ADP NA . 32.06 0.09 29.50
H4' ADP NA . 31.99 -2.78 30.53
H3' ADP NA . 32.00 -2.32 28.09
HO3' ADP NA . 30.75 -4.18 28.06
H2' ADP NA . 30.52 -0.50 27.91
HO2' ADP NA . 29.44 -2.84 27.38
H1' ADP NA . 28.44 -1.40 29.81
H8 ADP NA . 27.80 0.20 28.36
HN61 ADP NA . 29.33 5.93 30.08
HN62 ADP NA . 28.06 4.92 29.46
H2 ADP NA . 32.00 2.99 32.56
#